data_5IJZ
#
_entry.id   5IJZ
#
_cell.length_a   171.219
_cell.length_b   93.032
_cell.length_c   187.875
_cell.angle_alpha   90.000
_cell.angle_beta   108.160
_cell.angle_gamma   90.000
#
_symmetry.space_group_name_H-M   'P 1 21 1'
#
loop_
_entity.id
_entity.type
_entity.pdbx_description
1 polymer 'NADP-specific glutamate dehydrogenase'
2 non-polymer 'NADP NICOTINAMIDE-ADENINE-DINUCLEOTIDE PHOSPHATE'
3 non-polymer '2-OXOGLUTARIC ACID'
4 water water
#
_entity_poly.entity_id   1
_entity_poly.type   'polypeptide(L)'
_entity_poly.pdbx_seq_one_letter_code
;MTVDEQVSNYYDMLLKRNAGEPEFHQAVAEVLESLKIVLEKDPHYADYGLIQRLCEPERQLIFRVPWVDDQGQVHVNRGF
RVQFNSALGPYKGGLRFHPSVNLGIVKFLGFEQIFKNSLTGLPIGGGKGGSDFDPKGKSDLEIMRFCQSFMTELHRHIGE
YRDVPAGDIGVGGREIGYLFGHYRRMANQHESGVLTGKGLTWGGSLVRTEATGYGCVYFVSEMIKAKGESISGQKIIVSG
SGNVATYAIEKAQELGATVIGFSDSSGWVHTPNGVDVAKLREIKEVRRARVSVYADEVEGATYHTDGSIWDLKCDIALPC
ATQNELNGENAKTLADNGCRFVAEGANMPSTPEAVEVFRERDIRFGPGKAANAGGVATSALEMQQNASRDSWSFEYTDER
LQVIMKNIFKTCAETAAEYGHENDYVVGANIAGFKKVADAMLAQGVI
;
_entity_poly.pdbx_strand_id   A,B,C,D,E,F,G,H,I,J,K,L
#
# COMPACT_ATOMS: atom_id res chain seq x y z
N MET A 1 -44.33 -22.25 16.95
CA MET A 1 -43.33 -22.04 18.05
C MET A 1 -41.90 -22.27 17.50
N THR A 2 -41.67 -23.47 17.00
CA THR A 2 -40.46 -23.86 16.30
C THR A 2 -40.26 -23.02 15.02
N VAL A 3 -39.06 -22.46 14.86
CA VAL A 3 -38.54 -21.92 13.59
C VAL A 3 -39.06 -22.71 12.34
N ASP A 4 -38.80 -24.02 12.28
CA ASP A 4 -39.38 -24.93 11.24
C ASP A 4 -40.88 -24.71 10.89
N GLU A 5 -41.74 -24.63 11.92
CA GLU A 5 -43.20 -24.44 11.77
C GLU A 5 -43.50 -23.04 11.26
N GLN A 6 -42.83 -22.04 11.83
CA GLN A 6 -42.98 -20.65 11.41
C GLN A 6 -42.72 -20.46 9.91
N VAL A 7 -41.55 -20.93 9.46
CA VAL A 7 -41.16 -20.81 8.07
C VAL A 7 -42.11 -21.62 7.23
N SER A 8 -42.51 -22.80 7.72
CA SER A 8 -43.44 -23.64 6.99
C SER A 8 -44.85 -23.08 6.88
N ASN A 9 -45.28 -22.33 7.87
CA ASN A 9 -46.64 -21.77 7.84
C ASN A 9 -46.63 -20.60 6.89
N TYR A 10 -45.53 -19.86 6.91
CA TYR A 10 -45.34 -18.76 5.98
C TYR A 10 -45.31 -19.24 4.50
N TYR A 11 -44.61 -20.35 4.25
CA TYR A 11 -44.52 -20.97 2.92
C TYR A 11 -45.92 -21.39 2.46
N ASP A 12 -46.70 -21.92 3.41
CA ASP A 12 -48.11 -22.26 3.16
C ASP A 12 -48.96 -21.03 2.75
N MET A 13 -48.84 -19.89 3.44
CA MET A 13 -49.51 -18.65 3.03
C MET A 13 -49.06 -18.25 1.61
N LEU A 14 -47.77 -18.38 1.34
CA LEU A 14 -47.20 -17.99 0.06
C LEU A 14 -47.65 -18.89 -1.11
N LEU A 15 -47.94 -20.15 -0.86
CA LEU A 15 -48.62 -20.96 -1.89
C LEU A 15 -50.06 -20.53 -2.17
N LYS A 16 -50.71 -19.89 -1.20
CA LYS A 16 -52.09 -19.43 -1.35
C LYS A 16 -52.15 -18.12 -2.16
N ARG A 17 -51.40 -17.15 -1.69
CA ARG A 17 -51.23 -15.88 -2.37
C ARG A 17 -50.66 -16.03 -3.82
N ASN A 18 -49.80 -17.02 -4.08
CA ASN A 18 -49.20 -17.20 -5.41
C ASN A 18 -49.59 -18.52 -6.10
N ALA A 19 -50.84 -18.95 -5.93
CA ALA A 19 -51.32 -20.16 -6.55
C ALA A 19 -51.05 -20.21 -8.06
N GLY A 20 -50.69 -21.38 -8.57
CA GLY A 20 -50.41 -21.55 -9.98
C GLY A 20 -49.03 -21.06 -10.47
N GLU A 21 -48.08 -20.81 -9.56
CA GLU A 21 -46.71 -20.38 -9.95
C GLU A 21 -45.62 -21.36 -9.47
N PRO A 22 -45.58 -22.58 -10.01
CA PRO A 22 -44.66 -23.60 -9.48
C PRO A 22 -43.21 -23.18 -9.46
N GLU A 23 -42.73 -22.43 -10.44
CA GLU A 23 -41.29 -22.10 -10.47
C GLU A 23 -40.92 -21.09 -9.30
N PHE A 24 -41.84 -20.17 -9.01
CA PHE A 24 -41.69 -19.24 -7.92
C PHE A 24 -41.68 -19.97 -6.56
N HIS A 25 -42.61 -20.90 -6.40
CA HIS A 25 -42.63 -21.77 -5.22
C HIS A 25 -41.35 -22.55 -5.02
N GLN A 26 -40.81 -23.06 -6.10
CA GLN A 26 -39.59 -23.85 -6.10
C GLN A 26 -38.37 -23.00 -5.72
N ALA A 27 -38.22 -21.82 -6.29
CA ALA A 27 -37.10 -20.95 -5.91
C ALA A 27 -37.22 -20.52 -4.43
N VAL A 28 -38.43 -20.15 -4.01
CA VAL A 28 -38.68 -19.67 -2.68
C VAL A 28 -38.40 -20.79 -1.69
N ALA A 29 -38.83 -22.02 -1.99
CA ALA A 29 -38.68 -23.15 -1.07
C ALA A 29 -37.25 -23.46 -0.72
N GLU A 30 -36.35 -23.44 -1.72
CA GLU A 30 -34.89 -23.69 -1.53
C GLU A 30 -34.24 -22.63 -0.67
N VAL A 31 -34.60 -21.35 -0.88
CA VAL A 31 -34.04 -20.28 -0.09
C VAL A 31 -34.51 -20.46 1.37
N LEU A 32 -35.81 -20.65 1.55
CA LEU A 32 -36.42 -20.70 2.85
C LEU A 32 -35.87 -21.88 3.65
N GLU A 33 -35.48 -22.99 2.99
CA GLU A 33 -34.80 -24.10 3.66
C GLU A 33 -33.48 -23.64 4.28
N SER A 34 -32.70 -22.87 3.52
CA SER A 34 -31.47 -22.27 4.06
C SER A 34 -31.74 -21.25 5.17
N LEU A 35 -32.81 -20.47 5.04
CA LEU A 35 -33.19 -19.51 6.13
C LEU A 35 -33.54 -20.13 7.44
N LYS A 36 -34.15 -21.31 7.42
CA LYS A 36 -34.34 -22.05 8.64
C LYS A 36 -33.01 -22.14 9.44
N ILE A 37 -31.89 -22.37 8.76
CA ILE A 37 -30.59 -22.53 9.42
C ILE A 37 -30.09 -21.21 10.02
N VAL A 38 -30.31 -20.11 9.32
CA VAL A 38 -29.95 -18.79 9.82
C VAL A 38 -30.75 -18.48 11.09
N LEU A 39 -32.06 -18.70 11.04
CA LEU A 39 -32.96 -18.26 12.12
C LEU A 39 -32.86 -19.10 13.37
N GLU A 40 -32.47 -20.36 13.25
CA GLU A 40 -32.17 -21.20 14.41
C GLU A 40 -30.97 -20.67 15.24
N LYS A 41 -30.03 -19.97 14.60
CA LYS A 41 -28.89 -19.36 15.29
C LYS A 41 -29.10 -17.86 15.61
N ASP A 42 -29.80 -17.13 14.74
CA ASP A 42 -30.04 -15.69 14.86
C ASP A 42 -31.53 -15.43 14.60
N PRO A 43 -32.40 -15.66 15.61
CA PRO A 43 -33.83 -15.45 15.41
C PRO A 43 -34.29 -14.03 15.01
N HIS A 44 -33.47 -13.02 15.28
CA HIS A 44 -33.80 -11.60 14.98
C HIS A 44 -33.73 -11.20 13.50
N TYR A 45 -33.34 -12.14 12.64
CA TYR A 45 -33.48 -11.97 11.19
C TYR A 45 -34.92 -12.09 10.74
N ALA A 46 -35.80 -12.63 11.59
CA ALA A 46 -37.26 -12.65 11.36
C ALA A 46 -38.04 -11.41 11.84
N ASP A 47 -37.39 -10.49 12.55
CA ASP A 47 -38.05 -9.32 13.11
C ASP A 47 -38.52 -8.38 12.03
N TYR A 48 -39.52 -7.60 12.41
CA TYR A 48 -40.14 -6.61 11.55
C TYR A 48 -40.70 -7.12 10.22
N GLY A 49 -41.29 -8.32 10.27
CA GLY A 49 -41.88 -8.98 9.10
C GLY A 49 -40.91 -9.04 7.95
N LEU A 50 -39.65 -9.31 8.28
CA LEU A 50 -38.59 -9.09 7.32
C LEU A 50 -38.70 -10.09 6.16
N ILE A 51 -38.96 -11.35 6.47
CA ILE A 51 -39.11 -12.37 5.47
C ILE A 51 -40.40 -12.19 4.69
N GLN A 52 -41.47 -11.78 5.36
CA GLN A 52 -42.74 -11.45 4.69
C GLN A 52 -42.55 -10.31 3.66
N ARG A 53 -41.66 -9.35 3.98
CA ARG A 53 -41.33 -8.28 3.06
C ARG A 53 -40.43 -8.77 1.95
N LEU A 54 -39.48 -9.61 2.28
CA LEU A 54 -38.53 -10.09 1.30
C LEU A 54 -39.19 -10.87 0.15
N CYS A 55 -40.13 -11.74 0.49
CA CYS A 55 -40.74 -12.61 -0.48
C CYS A 55 -41.90 -11.98 -1.25
N GLU A 56 -42.29 -10.76 -0.92
CA GLU A 56 -43.27 -9.98 -1.70
C GLU A 56 -42.61 -8.87 -2.57
N PRO A 57 -42.81 -8.91 -3.90
CA PRO A 57 -42.13 -7.92 -4.75
C PRO A 57 -42.52 -6.56 -4.38
N GLU A 58 -41.55 -5.67 -4.34
CA GLU A 58 -41.90 -4.25 -4.16
C GLU A 58 -42.93 -3.85 -5.23
N ARG A 59 -42.69 -4.21 -6.48
CA ARG A 59 -43.58 -3.81 -7.58
C ARG A 59 -43.56 -4.79 -8.73
N GLN A 60 -44.71 -5.00 -9.32
CA GLN A 60 -44.83 -5.86 -10.45
C GLN A 60 -45.61 -5.09 -11.53
N LEU A 61 -45.06 -5.04 -12.75
CA LEU A 61 -45.77 -4.51 -13.88
C LEU A 61 -46.10 -5.55 -14.97
N ILE A 62 -47.36 -5.59 -15.39
CA ILE A 62 -47.75 -6.38 -16.54
C ILE A 62 -48.39 -5.43 -17.49
N PHE A 63 -48.09 -5.54 -18.78
CA PHE A 63 -48.62 -4.58 -19.76
C PHE A 63 -48.78 -5.19 -21.12
N ARG A 64 -49.72 -4.65 -21.89
CA ARG A 64 -49.96 -5.04 -23.26
C ARG A 64 -48.83 -4.56 -24.15
N VAL A 65 -48.32 -5.44 -25.00
CA VAL A 65 -47.33 -5.03 -26.02
C VAL A 65 -47.90 -5.34 -27.40
N PRO A 66 -48.58 -4.37 -27.99
CA PRO A 66 -49.05 -4.57 -29.36
C PRO A 66 -47.93 -4.28 -30.34
N TRP A 67 -47.82 -5.08 -31.40
CA TRP A 67 -46.85 -4.84 -32.47
C TRP A 67 -47.41 -5.31 -33.83
N VAL A 68 -46.86 -4.78 -34.90
CA VAL A 68 -47.30 -5.10 -36.26
C VAL A 68 -46.23 -5.92 -37.00
N ASP A 69 -46.62 -7.07 -37.53
CA ASP A 69 -45.70 -7.93 -38.28
C ASP A 69 -45.44 -7.42 -39.68
N ASP A 70 -44.65 -8.19 -40.44
CA ASP A 70 -44.25 -7.76 -41.79
C ASP A 70 -45.36 -7.84 -42.86
N GLN A 71 -46.45 -8.56 -42.56
CA GLN A 71 -47.66 -8.61 -43.40
C GLN A 71 -48.69 -7.56 -43.01
N GLY A 72 -48.32 -6.59 -42.17
CA GLY A 72 -49.26 -5.62 -41.67
C GLY A 72 -50.30 -6.16 -40.69
N GLN A 73 -50.07 -7.33 -40.09
CA GLN A 73 -51.00 -7.89 -39.10
C GLN A 73 -50.59 -7.50 -37.67
N VAL A 74 -51.59 -7.10 -36.90
CA VAL A 74 -51.39 -6.71 -35.49
C VAL A 74 -51.31 -7.96 -34.62
N HIS A 75 -50.28 -8.07 -33.79
CA HIS A 75 -50.18 -9.08 -32.73
C HIS A 75 -50.18 -8.40 -31.35
N VAL A 76 -50.46 -9.16 -30.31
CA VAL A 76 -50.49 -8.59 -28.97
C VAL A 76 -49.79 -9.54 -28.07
N ASN A 77 -48.76 -9.05 -27.42
CA ASN A 77 -48.09 -9.90 -26.44
C ASN A 77 -48.15 -9.25 -25.07
N ARG A 78 -47.71 -9.99 -24.08
CA ARG A 78 -47.80 -9.57 -22.72
C ARG A 78 -46.40 -9.20 -22.25
N GLY A 79 -46.22 -8.01 -21.64
CA GLY A 79 -44.90 -7.61 -21.11
C GLY A 79 -44.89 -7.70 -19.60
N PHE A 80 -43.70 -7.90 -19.01
CA PHE A 80 -43.58 -8.07 -17.58
C PHE A 80 -42.39 -7.35 -17.06
N ARG A 81 -42.52 -6.72 -15.89
CA ARG A 81 -41.33 -6.29 -15.15
C ARG A 81 -41.59 -6.37 -13.65
N VAL A 82 -40.80 -7.22 -12.99
CA VAL A 82 -40.83 -7.38 -11.54
C VAL A 82 -39.61 -6.73 -10.87
N GLN A 83 -39.90 -5.72 -10.05
CA GLN A 83 -38.95 -4.97 -9.31
C GLN A 83 -39.07 -5.53 -7.89
N PHE A 84 -38.17 -6.43 -7.56
CA PHE A 84 -38.40 -7.29 -6.43
C PHE A 84 -37.94 -6.61 -5.16
N ASN A 85 -36.68 -6.22 -5.17
CA ASN A 85 -36.08 -5.68 -3.96
C ASN A 85 -35.03 -4.66 -4.31
N SER A 86 -35.01 -3.53 -3.59
CA SER A 86 -34.10 -2.44 -3.90
C SER A 86 -33.28 -2.03 -2.72
N ALA A 87 -33.08 -2.91 -1.74
CA ALA A 87 -32.33 -2.47 -0.54
C ALA A 87 -30.88 -2.15 -0.83
N LEU A 88 -30.24 -2.95 -1.67
CA LEU A 88 -28.81 -2.73 -1.94
C LEU A 88 -28.48 -1.81 -3.11
N GLY A 89 -29.47 -1.41 -3.87
CA GLY A 89 -29.21 -0.67 -5.11
C GLY A 89 -30.45 -0.65 -6.00
N PRO A 90 -30.32 -0.06 -7.19
CA PRO A 90 -31.43 -0.11 -8.17
C PRO A 90 -31.81 -1.55 -8.52
N TYR A 91 -33.05 -1.78 -8.88
CA TYR A 91 -33.44 -3.14 -9.29
C TYR A 91 -32.52 -3.46 -10.48
N LYS A 92 -32.01 -4.68 -10.54
CA LYS A 92 -31.13 -5.10 -11.62
C LYS A 92 -31.48 -6.52 -12.07
N GLY A 93 -31.62 -6.71 -13.38
CA GLY A 93 -31.90 -7.99 -13.92
C GLY A 93 -32.37 -7.91 -15.35
N GLY A 94 -32.21 -9.01 -16.04
CA GLY A 94 -32.53 -9.10 -17.45
C GLY A 94 -33.99 -9.24 -17.83
N LEU A 95 -34.13 -9.31 -19.16
CA LEU A 95 -35.38 -9.46 -19.87
C LEU A 95 -35.39 -10.73 -20.66
N ARG A 96 -36.44 -11.53 -20.54
CA ARG A 96 -36.59 -12.81 -21.23
C ARG A 96 -37.73 -12.76 -22.23
N PHE A 97 -37.42 -12.94 -23.52
CA PHE A 97 -38.44 -13.06 -24.56
C PHE A 97 -38.51 -14.52 -24.98
N HIS A 98 -39.58 -15.20 -24.58
CA HIS A 98 -39.72 -16.61 -24.88
C HIS A 98 -41.19 -16.98 -24.71
N PRO A 99 -41.72 -17.94 -25.50
CA PRO A 99 -43.17 -18.11 -25.40
C PRO A 99 -43.65 -18.73 -24.09
N SER A 100 -42.75 -19.23 -23.24
CA SER A 100 -43.11 -19.85 -21.97
C SER A 100 -43.25 -18.86 -20.83
N VAL A 101 -42.89 -17.61 -21.06
CA VAL A 101 -42.81 -16.59 -20.02
C VAL A 101 -44.20 -16.26 -19.48
N ASN A 102 -44.32 -16.27 -18.16
CA ASN A 102 -45.49 -15.78 -17.41
C ASN A 102 -44.96 -15.18 -16.12
N LEU A 103 -45.87 -14.70 -15.27
CA LEU A 103 -45.56 -13.97 -14.07
C LEU A 103 -44.79 -14.78 -13.03
N GLY A 104 -45.17 -16.04 -12.89
CA GLY A 104 -44.48 -17.01 -12.05
C GLY A 104 -43.01 -17.20 -12.38
N ILE A 105 -42.74 -17.28 -13.67
CA ILE A 105 -41.37 -17.42 -14.14
C ILE A 105 -40.59 -16.12 -13.87
N VAL A 106 -41.17 -14.98 -14.19
CA VAL A 106 -40.50 -13.69 -13.95
C VAL A 106 -40.19 -13.51 -12.46
N LYS A 107 -41.12 -13.89 -11.59
CA LYS A 107 -40.88 -13.83 -10.13
C LYS A 107 -39.83 -14.78 -9.61
N PHE A 108 -39.79 -16.00 -10.09
CA PHE A 108 -38.72 -16.92 -9.67
C PHE A 108 -37.36 -16.25 -9.99
N LEU A 109 -37.25 -15.68 -11.22
CA LEU A 109 -35.98 -15.12 -11.70
C LEU A 109 -35.63 -13.84 -10.94
N GLY A 110 -36.63 -12.99 -10.74
CA GLY A 110 -36.50 -11.83 -9.87
C GLY A 110 -36.05 -12.18 -8.45
N PHE A 111 -36.71 -13.17 -7.87
CA PHE A 111 -36.36 -13.59 -6.49
C PHE A 111 -34.91 -14.06 -6.40
N GLU A 112 -34.52 -15.00 -7.27
CA GLU A 112 -33.15 -15.47 -7.30
C GLU A 112 -32.13 -14.31 -7.47
N GLN A 113 -32.54 -13.35 -8.31
CA GLN A 113 -31.73 -12.16 -8.64
C GLN A 113 -31.36 -11.33 -7.39
N ILE A 114 -32.23 -11.31 -6.39
CA ILE A 114 -31.96 -10.58 -5.18
C ILE A 114 -30.68 -11.09 -4.53
N PHE A 115 -30.59 -12.41 -4.36
CA PHE A 115 -29.51 -13.07 -3.60
C PHE A 115 -28.23 -13.14 -4.39
N LYS A 116 -28.34 -13.40 -5.69
CA LYS A 116 -27.20 -13.38 -6.60
C LYS A 116 -26.52 -12.00 -6.61
N ASN A 117 -27.33 -10.96 -6.81
CA ASN A 117 -26.86 -9.61 -6.83
C ASN A 117 -26.23 -9.22 -5.50
N SER A 118 -26.79 -9.68 -4.41
CA SER A 118 -26.22 -9.41 -3.11
C SER A 118 -24.85 -10.04 -3.00
N LEU A 119 -24.72 -11.27 -3.52
CA LEU A 119 -23.48 -12.02 -3.45
C LEU A 119 -22.33 -11.42 -4.21
N THR A 120 -22.62 -10.64 -5.24
CA THR A 120 -21.57 -10.03 -6.02
C THR A 120 -20.72 -9.06 -5.19
N GLY A 121 -21.24 -8.62 -4.05
CA GLY A 121 -20.60 -7.55 -3.30
C GLY A 121 -20.84 -6.17 -3.90
N LEU A 122 -21.53 -6.04 -5.04
CA LEU A 122 -21.78 -4.72 -5.70
C LEU A 122 -23.19 -4.18 -5.45
N PRO A 123 -23.40 -2.84 -5.56
CA PRO A 123 -24.63 -2.19 -5.10
C PRO A 123 -25.79 -2.25 -6.09
N ILE A 124 -26.46 -3.40 -6.10
CA ILE A 124 -27.56 -3.69 -7.01
C ILE A 124 -28.67 -4.52 -6.32
N GLY A 125 -29.90 -4.09 -6.53
CA GLY A 125 -31.07 -4.77 -6.09
C GLY A 125 -31.45 -5.85 -7.09
N GLY A 126 -32.64 -6.41 -6.98
CA GLY A 126 -33.08 -7.55 -7.82
C GLY A 126 -34.38 -7.26 -8.53
N GLY A 127 -34.40 -7.48 -9.83
CA GLY A 127 -35.64 -7.63 -10.59
C GLY A 127 -35.48 -8.47 -11.86
N LYS A 128 -36.57 -8.66 -12.58
CA LYS A 128 -36.51 -9.39 -13.88
C LYS A 128 -37.69 -8.95 -14.69
N GLY A 129 -37.62 -9.19 -15.99
CA GLY A 129 -38.73 -8.90 -16.89
C GLY A 129 -38.73 -9.81 -18.09
N GLY A 130 -39.63 -9.54 -19.00
CA GLY A 130 -39.69 -10.22 -20.21
C GLY A 130 -41.00 -10.10 -20.92
N SER A 131 -41.16 -10.95 -21.91
CA SER A 131 -42.43 -11.09 -22.58
C SER A 131 -42.60 -12.52 -23.10
N ASP A 132 -43.86 -12.86 -23.33
CA ASP A 132 -44.22 -14.15 -23.99
C ASP A 132 -44.05 -14.11 -25.52
N PHE A 133 -43.72 -12.94 -26.08
CA PHE A 133 -43.19 -12.81 -27.43
C PHE A 133 -42.12 -13.89 -27.75
N ASP A 134 -42.23 -14.46 -28.94
CA ASP A 134 -41.31 -15.46 -29.43
C ASP A 134 -40.45 -14.84 -30.52
N PRO A 135 -39.17 -14.54 -30.23
CA PRO A 135 -38.32 -13.97 -31.30
C PRO A 135 -37.99 -14.90 -32.48
N LYS A 136 -38.17 -16.20 -32.34
CA LYS A 136 -37.70 -17.13 -33.37
C LYS A 136 -38.49 -16.97 -34.67
N GLY A 137 -37.80 -16.83 -35.81
CA GLY A 137 -38.50 -16.63 -37.10
C GLY A 137 -39.03 -15.23 -37.38
N LYS A 138 -38.78 -14.30 -36.47
CA LYS A 138 -39.14 -12.90 -36.66
C LYS A 138 -38.01 -12.23 -37.41
N SER A 139 -38.37 -11.32 -38.29
CA SER A 139 -37.37 -10.47 -38.96
C SER A 139 -36.74 -9.39 -38.01
N ASP A 140 -35.62 -8.81 -38.42
CA ASP A 140 -35.00 -7.75 -37.64
C ASP A 140 -35.99 -6.61 -37.37
N LEU A 141 -36.70 -6.17 -38.42
CA LEU A 141 -37.72 -5.13 -38.27
C LEU A 141 -38.86 -5.51 -37.36
N GLU A 142 -39.33 -6.74 -37.44
CA GLU A 142 -40.36 -7.21 -36.50
C GLU A 142 -39.81 -7.16 -35.04
N ILE A 143 -38.58 -7.64 -34.84
CA ILE A 143 -37.95 -7.55 -33.51
C ILE A 143 -37.79 -6.09 -33.02
N MET A 144 -37.45 -5.19 -33.93
CA MET A 144 -37.23 -3.80 -33.57
C MET A 144 -38.55 -3.17 -33.14
N ARG A 145 -39.57 -3.40 -33.92
CA ARG A 145 -40.90 -2.98 -33.57
C ARG A 145 -41.41 -3.53 -32.24
N PHE A 146 -41.09 -4.80 -31.94
CA PHE A 146 -41.45 -5.38 -30.65
C PHE A 146 -40.75 -4.68 -29.51
N CYS A 147 -39.44 -4.60 -29.58
CA CYS A 147 -38.63 -3.85 -28.62
C CYS A 147 -39.08 -2.41 -28.40
N GLN A 148 -39.39 -1.71 -29.48
CA GLN A 148 -39.89 -0.35 -29.40
C GLN A 148 -41.27 -0.29 -28.73
N SER A 149 -42.18 -1.20 -29.05
CA SER A 149 -43.45 -1.19 -28.36
C SER A 149 -43.27 -1.54 -26.84
N PHE A 150 -42.42 -2.53 -26.56
CA PHE A 150 -42.16 -3.01 -25.23
C PHE A 150 -41.63 -1.88 -24.35
N MET A 151 -40.68 -1.12 -24.89
CA MET A 151 -40.02 -0.01 -24.22
C MET A 151 -40.86 1.26 -24.17
N THR A 152 -41.88 1.35 -25.00
CA THR A 152 -42.79 2.49 -24.88
C THR A 152 -43.50 2.51 -23.52
N GLU A 153 -43.90 1.35 -23.05
CA GLU A 153 -44.41 1.24 -21.69
C GLU A 153 -43.28 1.18 -20.63
N LEU A 154 -42.27 0.37 -20.85
CA LEU A 154 -41.21 0.13 -19.77
C LEU A 154 -40.37 1.34 -19.45
N HIS A 155 -40.21 2.25 -20.43
CA HIS A 155 -39.30 3.38 -20.21
C HIS A 155 -39.66 4.19 -18.95
N ARG A 156 -40.93 4.26 -18.63
CA ARG A 156 -41.30 5.07 -17.51
C ARG A 156 -41.09 4.41 -16.13
N HIS A 157 -40.77 3.14 -16.07
CA HIS A 157 -40.53 2.42 -14.83
C HIS A 157 -39.08 2.15 -14.57
N ILE A 158 -38.21 2.50 -15.52
CA ILE A 158 -36.81 2.23 -15.42
C ILE A 158 -35.94 3.50 -15.42
N GLY A 159 -34.65 3.32 -15.16
CA GLY A 159 -33.74 4.46 -15.10
C GLY A 159 -32.47 4.09 -14.41
N GLU A 160 -31.42 4.88 -14.60
CA GLU A 160 -30.07 4.58 -14.08
C GLU A 160 -29.98 4.24 -12.57
N TYR A 161 -30.85 4.84 -11.74
CA TYR A 161 -30.88 4.58 -10.29
C TYR A 161 -32.14 3.84 -9.86
N ARG A 162 -33.05 3.60 -10.79
CA ARG A 162 -34.38 3.06 -10.49
C ARG A 162 -34.40 1.56 -10.78
N ASP A 163 -34.15 1.21 -12.04
CA ASP A 163 -34.21 -0.15 -12.53
C ASP A 163 -33.41 -0.21 -13.86
N VAL A 164 -32.46 -1.13 -13.93
CA VAL A 164 -31.50 -1.24 -15.04
C VAL A 164 -31.64 -2.64 -15.64
N PRO A 165 -32.42 -2.78 -16.73
CA PRO A 165 -32.46 -4.14 -17.27
C PRO A 165 -31.18 -4.57 -18.04
N ALA A 166 -31.33 -5.69 -18.74
CA ALA A 166 -30.27 -6.34 -19.48
C ALA A 166 -30.93 -7.48 -20.29
N GLY A 167 -30.13 -8.33 -20.92
CA GLY A 167 -30.63 -9.53 -21.64
C GLY A 167 -30.80 -10.81 -20.83
N ASP A 168 -31.23 -11.87 -21.51
CA ASP A 168 -31.56 -13.19 -20.91
C ASP A 168 -31.99 -14.04 -22.07
N ILE A 169 -32.72 -15.12 -21.88
CA ILE A 169 -33.19 -15.93 -23.04
C ILE A 169 -33.98 -15.07 -24.03
N GLY A 170 -33.62 -15.17 -25.32
CA GLY A 170 -34.18 -14.29 -26.37
C GLY A 170 -33.75 -12.81 -26.44
N VAL A 171 -32.94 -12.32 -25.51
CA VAL A 171 -32.55 -10.91 -25.48
C VAL A 171 -31.03 -10.85 -25.42
N GLY A 172 -30.43 -10.42 -26.52
CA GLY A 172 -28.99 -10.36 -26.64
C GLY A 172 -28.66 -8.95 -27.14
N GLY A 173 -27.47 -8.79 -27.69
CA GLY A 173 -27.00 -7.52 -28.18
C GLY A 173 -27.97 -6.79 -29.09
N ARG A 174 -28.56 -7.53 -30.03
CA ARG A 174 -29.44 -6.93 -31.02
C ARG A 174 -30.58 -6.19 -30.35
N GLU A 175 -31.28 -6.91 -29.47
CA GLU A 175 -32.49 -6.40 -28.82
C GLU A 175 -32.14 -5.25 -27.86
N ILE A 176 -30.99 -5.34 -27.20
CA ILE A 176 -30.54 -4.29 -26.29
C ILE A 176 -30.30 -2.98 -27.00
N GLY A 177 -29.75 -3.04 -28.20
CA GLY A 177 -29.71 -1.88 -29.09
C GLY A 177 -31.02 -1.22 -29.38
N TYR A 178 -31.98 -2.04 -29.83
CA TYR A 178 -33.25 -1.50 -30.16
C TYR A 178 -33.98 -0.89 -28.90
N LEU A 179 -33.89 -1.57 -27.77
CA LEU A 179 -34.47 -1.12 -26.49
C LEU A 179 -33.80 0.16 -26.01
N PHE A 180 -32.49 0.23 -26.15
CA PHE A 180 -31.78 1.37 -25.69
C PHE A 180 -32.07 2.61 -26.56
N GLY A 181 -32.05 2.39 -27.88
CA GLY A 181 -32.30 3.44 -28.83
C GLY A 181 -33.65 4.03 -28.58
N HIS A 182 -34.63 3.17 -28.36
CA HIS A 182 -35.98 3.66 -28.10
C HIS A 182 -36.18 4.32 -26.74
N TYR A 183 -35.53 3.80 -25.71
CA TYR A 183 -35.50 4.46 -24.41
C TYR A 183 -35.02 5.91 -24.58
N ARG A 184 -33.94 6.10 -25.34
CA ARG A 184 -33.37 7.44 -25.46
C ARG A 184 -34.40 8.32 -26.12
N ARG A 185 -35.03 7.76 -27.15
CA ARG A 185 -36.05 8.50 -27.83
C ARG A 185 -37.26 8.80 -26.92
N MET A 186 -37.65 7.90 -26.05
CA MET A 186 -38.79 8.17 -25.12
C MET A 186 -38.42 9.20 -24.06
N ALA A 187 -37.21 9.04 -23.49
CA ALA A 187 -36.75 9.93 -22.45
C ALA A 187 -36.12 11.23 -22.94
N ASN A 188 -35.64 11.28 -24.19
CA ASN A 188 -34.78 12.38 -24.68
C ASN A 188 -33.58 12.60 -23.76
N GLN A 189 -32.89 11.52 -23.46
CA GLN A 189 -31.70 11.58 -22.63
C GLN A 189 -30.79 10.50 -23.15
N HIS A 190 -29.50 10.78 -23.28
CA HIS A 190 -28.58 9.71 -23.61
C HIS A 190 -28.10 9.16 -22.27
N GLU A 191 -28.96 8.38 -21.64
CA GLU A 191 -28.78 7.90 -20.25
C GLU A 191 -28.20 6.47 -20.29
N SER A 192 -26.87 6.38 -20.40
CA SER A 192 -26.20 5.11 -20.57
C SER A 192 -26.46 4.03 -19.49
N GLY A 193 -26.59 4.49 -18.24
CA GLY A 193 -26.83 3.61 -17.09
C GLY A 193 -28.19 2.93 -17.04
N VAL A 194 -29.10 3.21 -17.99
CA VAL A 194 -30.42 2.62 -17.96
C VAL A 194 -30.47 1.14 -18.36
N LEU A 195 -29.50 0.68 -19.16
CA LEU A 195 -29.42 -0.75 -19.55
C LEU A 195 -27.98 -1.16 -19.50
N THR A 196 -27.77 -2.46 -19.31
CA THR A 196 -26.46 -3.06 -19.49
C THR A 196 -26.52 -4.10 -20.59
N GLY A 197 -25.36 -4.62 -20.96
CA GLY A 197 -25.21 -5.40 -22.18
C GLY A 197 -25.22 -4.58 -23.46
N LYS A 198 -24.90 -3.28 -23.35
CA LYS A 198 -24.88 -2.41 -24.50
C LYS A 198 -23.60 -2.65 -25.30
N GLY A 199 -23.56 -2.08 -26.50
CA GLY A 199 -22.47 -2.28 -27.46
C GLY A 199 -21.32 -1.34 -27.13
N LEU A 200 -20.14 -1.72 -27.55
CA LEU A 200 -18.95 -1.02 -27.15
C LEU A 200 -18.83 0.45 -27.59
N THR A 201 -19.58 0.89 -28.61
CA THR A 201 -19.47 2.26 -29.11
C THR A 201 -20.57 3.17 -28.54
N TRP A 202 -21.45 2.63 -27.70
CA TRP A 202 -22.51 3.39 -27.09
C TRP A 202 -22.70 2.92 -25.64
N GLY A 203 -21.59 2.86 -24.92
CA GLY A 203 -21.57 2.78 -23.48
C GLY A 203 -21.46 1.40 -22.86
N GLY A 204 -21.26 0.36 -23.65
CA GLY A 204 -21.04 -0.98 -23.14
C GLY A 204 -19.68 -1.20 -22.49
N SER A 205 -19.52 -2.37 -21.91
CA SER A 205 -18.29 -2.73 -21.26
C SER A 205 -17.63 -3.89 -21.98
N LEU A 206 -16.31 -3.83 -22.09
CA LEU A 206 -15.55 -4.91 -22.70
C LEU A 206 -15.84 -6.41 -22.34
N VAL A 207 -15.99 -6.80 -21.11
CA VAL A 207 -16.04 -8.32 -20.92
C VAL A 207 -17.49 -8.89 -20.85
N ARG A 208 -18.50 -8.06 -20.97
CA ARG A 208 -19.87 -8.40 -20.62
C ARG A 208 -20.50 -9.47 -21.48
N THR A 209 -20.23 -9.43 -22.77
CA THR A 209 -20.70 -10.51 -23.65
C THR A 209 -20.23 -11.89 -23.17
N GLU A 210 -18.98 -11.96 -22.81
CA GLU A 210 -18.40 -13.21 -22.34
C GLU A 210 -18.63 -13.51 -20.86
N ALA A 211 -19.22 -12.60 -20.09
CA ALA A 211 -19.02 -12.60 -18.62
C ALA A 211 -19.64 -13.75 -17.89
N THR A 212 -20.86 -14.12 -18.27
CA THR A 212 -21.55 -15.12 -17.52
C THR A 212 -20.93 -16.50 -17.65
N GLY A 213 -20.63 -16.85 -18.88
CA GLY A 213 -20.07 -18.11 -19.25
C GLY A 213 -18.66 -18.18 -18.69
N TYR A 214 -17.89 -17.11 -18.89
CA TYR A 214 -16.52 -17.00 -18.32
C TYR A 214 -16.56 -17.17 -16.79
N GLY A 215 -17.50 -16.48 -16.18
CA GLY A 215 -17.64 -16.48 -14.73
C GLY A 215 -17.98 -17.82 -14.18
N CYS A 216 -18.86 -18.51 -14.92
CA CYS A 216 -19.26 -19.84 -14.58
C CYS A 216 -18.08 -20.75 -14.55
N VAL A 217 -17.24 -20.66 -15.55
CA VAL A 217 -16.04 -21.48 -15.55
C VAL A 217 -15.02 -21.09 -14.50
N TYR A 218 -14.88 -19.80 -14.22
CA TYR A 218 -14.02 -19.36 -13.10
C TYR A 218 -14.44 -19.94 -11.74
N PHE A 219 -15.74 -19.98 -11.52
CA PHE A 219 -16.32 -20.44 -10.29
C PHE A 219 -16.06 -21.95 -10.14
N VAL A 220 -16.33 -22.72 -11.19
CA VAL A 220 -16.18 -24.15 -11.13
C VAL A 220 -14.72 -24.54 -10.95
N SER A 221 -13.80 -23.77 -11.52
CA SER A 221 -12.38 -23.97 -11.28
C SER A 221 -11.96 -23.87 -9.81
N GLU A 222 -12.57 -22.94 -9.08
CA GLU A 222 -12.36 -22.88 -7.62
C GLU A 222 -12.92 -24.09 -6.92
N MET A 223 -14.13 -24.53 -7.30
CA MET A 223 -14.68 -25.80 -6.80
C MET A 223 -13.73 -27.00 -6.99
N ILE A 224 -13.18 -27.05 -8.18
CA ILE A 224 -12.30 -28.09 -8.61
C ILE A 224 -11.01 -28.07 -7.78
N LYS A 225 -10.37 -26.91 -7.72
CA LYS A 225 -9.16 -26.72 -6.88
C LYS A 225 -9.40 -27.06 -5.41
N ALA A 226 -10.62 -26.81 -4.92
CA ALA A 226 -10.95 -27.17 -3.52
C ALA A 226 -10.89 -28.65 -3.27
N LYS A 227 -11.01 -29.49 -4.32
CA LYS A 227 -10.86 -30.97 -4.23
C LYS A 227 -9.46 -31.50 -4.62
N GLY A 228 -8.52 -30.64 -4.88
CA GLY A 228 -7.21 -31.10 -5.30
C GLY A 228 -7.07 -31.37 -6.78
N GLU A 229 -7.95 -30.82 -7.60
CA GLU A 229 -7.91 -31.12 -9.02
C GLU A 229 -7.68 -29.86 -9.84
N SER A 230 -7.50 -30.03 -11.14
CA SER A 230 -7.42 -28.89 -12.06
C SER A 230 -8.48 -29.05 -13.10
N ILE A 231 -8.87 -27.93 -13.69
CA ILE A 231 -9.77 -28.00 -14.82
C ILE A 231 -9.08 -28.53 -16.11
N SER A 232 -7.77 -28.37 -16.24
CA SER A 232 -7.06 -28.83 -17.42
C SER A 232 -7.27 -30.33 -17.51
N GLY A 233 -7.61 -30.84 -18.70
CA GLY A 233 -7.74 -32.27 -18.92
C GLY A 233 -9.10 -32.87 -18.59
N GLN A 234 -10.05 -32.07 -18.08
CA GLN A 234 -11.40 -32.53 -17.75
C GLN A 234 -12.34 -32.51 -18.95
N LYS A 235 -13.28 -33.44 -18.93
CA LYS A 235 -14.33 -33.54 -19.94
C LYS A 235 -15.56 -32.88 -19.31
N ILE A 236 -16.18 -32.00 -20.08
CA ILE A 236 -17.21 -31.12 -19.58
C ILE A 236 -18.41 -31.12 -20.52
N ILE A 237 -19.61 -31.28 -19.97
CA ILE A 237 -20.86 -31.12 -20.71
C ILE A 237 -21.40 -29.70 -20.46
N VAL A 238 -21.74 -28.96 -21.53
CA VAL A 238 -22.38 -27.65 -21.44
C VAL A 238 -23.70 -27.61 -22.22
N SER A 239 -24.85 -27.77 -21.54
CA SER A 239 -26.13 -27.72 -22.22
C SER A 239 -26.42 -26.32 -22.69
N GLY A 240 -27.27 -26.20 -23.71
CA GLY A 240 -27.53 -24.91 -24.36
C GLY A 240 -26.45 -24.50 -25.36
N SER A 241 -26.76 -23.43 -26.10
CA SER A 241 -25.89 -22.95 -27.17
C SER A 241 -26.08 -21.44 -27.46
N GLY A 242 -26.43 -20.66 -26.42
CA GLY A 242 -26.64 -19.21 -26.53
C GLY A 242 -25.45 -18.51 -25.90
N ASN A 243 -25.71 -17.32 -25.33
CA ASN A 243 -24.73 -16.46 -24.73
C ASN A 243 -23.90 -17.12 -23.58
N VAL A 244 -24.56 -17.75 -22.65
CA VAL A 244 -23.86 -18.36 -21.51
C VAL A 244 -23.01 -19.52 -21.97
N ALA A 245 -23.63 -20.44 -22.73
CA ALA A 245 -23.03 -21.71 -23.13
C ALA A 245 -21.80 -21.45 -23.97
N THR A 246 -21.94 -20.52 -24.91
CA THR A 246 -20.86 -20.27 -25.87
C THR A 246 -19.58 -19.95 -25.15
N TYR A 247 -19.66 -19.03 -24.18
CA TYR A 247 -18.45 -18.51 -23.57
C TYR A 247 -18.01 -19.39 -22.43
N ALA A 248 -18.92 -20.15 -21.81
CA ALA A 248 -18.53 -21.23 -20.89
C ALA A 248 -17.65 -22.23 -21.67
N ILE A 249 -18.12 -22.61 -22.85
CA ILE A 249 -17.33 -23.49 -23.72
C ILE A 249 -15.98 -22.86 -24.05
N GLU A 250 -15.97 -21.58 -24.42
CA GLU A 250 -14.73 -20.89 -24.80
C GLU A 250 -13.76 -20.87 -23.65
N LYS A 251 -14.24 -20.52 -22.46
CA LYS A 251 -13.36 -20.45 -21.30
C LYS A 251 -12.79 -21.79 -20.88
N ALA A 252 -13.66 -22.77 -20.79
CA ALA A 252 -13.29 -24.10 -20.35
C ALA A 252 -12.15 -24.66 -21.22
N GLN A 253 -12.26 -24.51 -22.54
CA GLN A 253 -11.25 -25.03 -23.47
C GLN A 253 -9.98 -24.18 -23.52
N GLU A 254 -10.06 -22.87 -23.32
CA GLU A 254 -8.85 -22.05 -23.08
C GLU A 254 -8.04 -22.58 -21.86
N LEU A 255 -8.74 -22.99 -20.81
CA LEU A 255 -8.10 -23.53 -19.62
C LEU A 255 -7.77 -25.01 -19.78
N GLY A 256 -7.90 -25.58 -20.98
CA GLY A 256 -7.41 -26.92 -21.27
C GLY A 256 -8.41 -28.05 -21.07
N ALA A 257 -9.65 -27.74 -20.73
CA ALA A 257 -10.67 -28.77 -20.70
C ALA A 257 -11.21 -29.04 -22.12
N THR A 258 -12.00 -30.09 -22.25
CA THR A 258 -12.61 -30.46 -23.52
C THR A 258 -14.11 -30.49 -23.27
N VAL A 259 -14.88 -29.78 -24.06
CA VAL A 259 -16.31 -29.79 -23.94
C VAL A 259 -16.84 -30.89 -24.85
N ILE A 260 -17.45 -31.90 -24.25
CA ILE A 260 -17.82 -33.09 -25.00
C ILE A 260 -19.24 -33.09 -25.48
N GLY A 261 -19.97 -32.00 -25.25
CA GLY A 261 -21.30 -31.88 -25.82
C GLY A 261 -21.94 -30.55 -25.49
N PHE A 262 -22.93 -30.20 -26.31
CA PHE A 262 -23.76 -29.01 -26.12
C PHE A 262 -25.09 -29.26 -26.79
N SER A 263 -26.02 -28.33 -26.66
CA SER A 263 -27.41 -28.55 -27.07
C SER A 263 -28.19 -27.26 -27.38
N ASP A 264 -29.33 -27.45 -28.01
CA ASP A 264 -30.44 -26.47 -27.95
C ASP A 264 -31.72 -27.23 -27.58
N SER A 265 -32.85 -26.55 -27.64
CA SER A 265 -34.13 -27.17 -27.29
C SER A 265 -34.57 -28.32 -28.24
N SER A 266 -33.99 -28.42 -29.44
CA SER A 266 -34.40 -29.44 -30.43
C SER A 266 -33.66 -30.77 -30.26
N GLY A 267 -32.39 -30.71 -29.89
CA GLY A 267 -31.62 -31.88 -29.54
C GLY A 267 -30.23 -31.47 -29.11
N TRP A 268 -29.30 -32.40 -29.23
CA TRP A 268 -27.99 -32.29 -28.60
C TRP A 268 -26.90 -32.91 -29.45
N VAL A 269 -25.68 -32.38 -29.28
CA VAL A 269 -24.55 -32.76 -30.11
C VAL A 269 -23.47 -33.36 -29.25
N HIS A 270 -22.92 -34.51 -29.68
CA HIS A 270 -21.79 -35.13 -29.00
C HIS A 270 -20.51 -34.77 -29.77
N THR A 271 -19.58 -34.12 -29.06
CA THR A 271 -18.32 -33.57 -29.59
C THR A 271 -17.14 -34.13 -28.80
N PRO A 272 -16.71 -35.38 -29.07
CA PRO A 272 -15.69 -36.00 -28.18
C PRO A 272 -14.31 -35.40 -28.14
N ASN A 273 -13.93 -34.66 -29.18
CA ASN A 273 -12.64 -33.95 -29.16
C ASN A 273 -12.76 -32.46 -28.84
N GLY A 274 -13.95 -32.01 -28.41
CA GLY A 274 -14.17 -30.62 -28.17
C GLY A 274 -14.95 -29.95 -29.25
N VAL A 275 -15.16 -28.67 -29.03
CA VAL A 275 -16.09 -27.85 -29.69
C VAL A 275 -15.28 -26.81 -30.42
N ASP A 276 -15.64 -26.59 -31.68
CA ASP A 276 -15.12 -25.49 -32.47
C ASP A 276 -16.00 -24.25 -32.22
N VAL A 277 -15.50 -23.31 -31.42
CA VAL A 277 -16.31 -22.21 -30.96
C VAL A 277 -16.70 -21.25 -32.09
N ALA A 278 -15.73 -20.95 -32.96
CA ALA A 278 -16.01 -20.03 -34.06
C ALA A 278 -17.08 -20.57 -35.04
N LYS A 279 -17.06 -21.87 -35.33
CA LYS A 279 -18.09 -22.53 -36.13
C LYS A 279 -19.47 -22.48 -35.43
N LEU A 280 -19.51 -22.78 -34.15
CA LEU A 280 -20.77 -22.71 -33.36
C LEU A 280 -21.33 -21.26 -33.27
N ARG A 281 -20.47 -20.27 -33.04
CA ARG A 281 -20.85 -18.84 -33.17
C ARG A 281 -21.41 -18.46 -34.55
N GLU A 282 -20.79 -18.94 -35.63
CA GLU A 282 -21.31 -18.70 -36.98
C GLU A 282 -22.71 -19.32 -37.12
N ILE A 283 -22.87 -20.57 -36.69
CA ILE A 283 -24.16 -21.22 -36.78
C ILE A 283 -25.26 -20.57 -35.93
N LYS A 284 -24.92 -20.22 -34.70
CA LYS A 284 -25.90 -19.64 -33.79
C LYS A 284 -26.18 -18.16 -34.05
N GLU A 285 -25.16 -17.35 -34.29
CA GLU A 285 -25.28 -15.88 -34.35
C GLU A 285 -25.45 -15.28 -35.75
N VAL A 286 -24.85 -15.88 -36.77
CA VAL A 286 -24.99 -15.42 -38.14
C VAL A 286 -26.21 -16.13 -38.74
N ARG A 287 -26.23 -17.45 -38.68
CA ARG A 287 -27.29 -18.20 -39.36
C ARG A 287 -28.56 -18.46 -38.56
N ARG A 288 -28.49 -18.30 -37.25
CA ARG A 288 -29.62 -18.57 -36.32
C ARG A 288 -30.24 -19.94 -36.60
N ALA A 289 -29.33 -20.88 -36.85
CA ALA A 289 -29.65 -22.26 -37.18
C ALA A 289 -29.62 -23.16 -35.96
N ARG A 290 -30.13 -24.35 -36.17
CA ARG A 290 -30.11 -25.42 -35.19
C ARG A 290 -28.73 -26.01 -35.02
N VAL A 291 -28.50 -26.61 -33.84
CA VAL A 291 -27.25 -27.34 -33.59
C VAL A 291 -27.06 -28.58 -34.45
N SER A 292 -28.15 -29.12 -35.01
CA SER A 292 -28.05 -30.22 -35.95
C SER A 292 -27.17 -29.84 -37.15
N VAL A 293 -27.16 -28.56 -37.53
CA VAL A 293 -26.36 -28.05 -38.66
C VAL A 293 -24.88 -28.09 -38.32
N TYR A 294 -24.54 -27.74 -37.07
CA TYR A 294 -23.17 -27.97 -36.58
C TYR A 294 -22.71 -29.42 -36.83
N ALA A 295 -23.51 -30.41 -36.42
CA ALA A 295 -23.17 -31.83 -36.62
C ALA A 295 -23.04 -32.24 -38.10
N ASP A 296 -23.97 -31.75 -38.93
CA ASP A 296 -23.90 -31.92 -40.37
C ASP A 296 -22.56 -31.50 -40.92
N GLU A 297 -22.06 -30.35 -40.47
CA GLU A 297 -20.89 -29.69 -41.02
C GLU A 297 -19.61 -29.94 -40.28
N VAL A 298 -19.68 -30.59 -39.13
CA VAL A 298 -18.45 -30.85 -38.36
C VAL A 298 -18.22 -32.35 -38.14
N GLU A 299 -17.05 -32.78 -38.56
CA GLU A 299 -16.66 -34.17 -38.48
C GLU A 299 -16.37 -34.51 -37.02
N GLY A 300 -16.81 -35.67 -36.61
CA GLY A 300 -16.61 -36.09 -35.25
C GLY A 300 -17.81 -35.74 -34.39
N ALA A 301 -18.74 -34.94 -34.91
CA ALA A 301 -19.80 -34.43 -34.11
C ALA A 301 -21.10 -35.06 -34.52
N THR A 302 -21.79 -35.67 -33.57
CA THR A 302 -23.04 -36.38 -33.85
C THR A 302 -24.25 -35.73 -33.19
N TYR A 303 -25.29 -35.50 -33.97
CA TYR A 303 -26.59 -35.03 -33.53
C TYR A 303 -27.45 -36.15 -32.97
N HIS A 304 -28.18 -35.84 -31.89
CA HIS A 304 -29.07 -36.74 -31.18
C HIS A 304 -30.37 -36.04 -30.78
N THR A 305 -31.51 -36.67 -31.09
CA THR A 305 -32.82 -36.27 -30.53
C THR A 305 -33.34 -37.25 -29.50
N ASP A 306 -32.62 -38.31 -29.26
CA ASP A 306 -32.99 -39.42 -28.35
C ASP A 306 -32.13 -39.26 -27.11
N GLY A 307 -32.55 -39.84 -25.99
CA GLY A 307 -31.79 -39.76 -24.74
C GLY A 307 -31.66 -38.31 -24.28
N SER A 308 -30.54 -38.02 -23.62
CA SER A 308 -30.30 -36.75 -22.96
C SER A 308 -28.82 -36.43 -23.08
N ILE A 309 -28.46 -35.16 -23.17
CA ILE A 309 -27.03 -34.75 -23.14
C ILE A 309 -26.35 -35.20 -21.82
N TRP A 310 -27.16 -35.32 -20.76
CA TRP A 310 -26.69 -35.77 -19.46
C TRP A 310 -26.36 -37.29 -19.42
N ASP A 311 -26.61 -38.01 -20.51
CA ASP A 311 -26.13 -39.37 -20.68
C ASP A 311 -24.61 -39.52 -20.90
N LEU A 312 -23.91 -38.47 -21.27
CA LEU A 312 -22.47 -38.55 -21.58
C LEU A 312 -21.59 -38.67 -20.35
N LYS A 313 -20.51 -39.41 -20.44
CA LYS A 313 -19.64 -39.60 -19.30
C LYS A 313 -18.73 -38.38 -19.19
N CYS A 314 -18.87 -37.66 -18.09
CA CYS A 314 -18.12 -36.44 -17.90
C CYS A 314 -17.56 -36.35 -16.52
N ASP A 315 -16.63 -35.41 -16.34
CA ASP A 315 -16.16 -35.02 -15.01
C ASP A 315 -16.97 -33.86 -14.44
N ILE A 316 -17.45 -32.98 -15.32
CA ILE A 316 -18.06 -31.70 -14.95
C ILE A 316 -19.27 -31.44 -15.85
N ALA A 317 -20.41 -31.09 -15.27
CA ALA A 317 -21.60 -30.63 -16.02
C ALA A 317 -21.89 -29.17 -15.74
N LEU A 318 -22.10 -28.40 -16.78
CA LEU A 318 -22.48 -27.00 -16.75
C LEU A 318 -23.81 -26.79 -17.50
N PRO A 319 -24.92 -26.93 -16.78
CA PRO A 319 -26.18 -26.61 -17.42
C PRO A 319 -26.29 -25.09 -17.66
N CYS A 320 -26.48 -24.68 -18.93
CA CYS A 320 -26.44 -23.29 -19.33
C CYS A 320 -27.61 -22.94 -20.28
N ALA A 321 -28.75 -23.62 -20.18
CA ALA A 321 -29.90 -23.40 -21.04
C ALA A 321 -31.07 -22.76 -20.29
N THR A 322 -31.62 -23.47 -19.32
CA THR A 322 -32.91 -23.08 -18.76
C THR A 322 -33.20 -23.78 -17.43
N GLN A 323 -34.30 -23.35 -16.80
CA GLN A 323 -34.72 -23.99 -15.57
C GLN A 323 -35.23 -25.44 -15.74
N ASN A 324 -34.99 -26.25 -14.73
CA ASN A 324 -35.48 -27.61 -14.67
C ASN A 324 -35.15 -28.43 -15.89
N GLU A 325 -33.92 -28.25 -16.42
CA GLU A 325 -33.41 -29.00 -17.57
C GLU A 325 -32.55 -30.22 -17.13
N LEU A 326 -32.27 -30.38 -15.81
CA LEU A 326 -31.42 -31.44 -15.27
C LEU A 326 -32.18 -31.98 -14.05
N ASN A 327 -32.87 -33.11 -14.24
CA ASN A 327 -33.71 -33.74 -13.20
C ASN A 327 -33.03 -34.85 -12.39
N GLY A 328 -33.77 -35.44 -11.48
CA GLY A 328 -33.25 -36.43 -10.55
C GLY A 328 -32.64 -37.65 -11.23
N GLU A 329 -33.29 -38.15 -12.27
CA GLU A 329 -32.75 -39.26 -13.06
C GLU A 329 -31.47 -38.86 -13.80
N ASN A 330 -31.48 -37.66 -14.36
CA ASN A 330 -30.27 -37.07 -14.96
C ASN A 330 -29.13 -37.02 -13.96
N ALA A 331 -29.42 -36.54 -12.75
CA ALA A 331 -28.43 -36.47 -11.71
C ALA A 331 -27.83 -37.85 -11.31
N LYS A 332 -28.65 -38.89 -11.16
CA LYS A 332 -28.15 -40.27 -10.94
C LYS A 332 -27.20 -40.71 -12.05
N THR A 333 -27.61 -40.49 -13.28
CA THR A 333 -26.85 -40.93 -14.47
C THR A 333 -25.46 -40.29 -14.47
N LEU A 334 -25.42 -38.95 -14.37
CA LEU A 334 -24.19 -38.20 -14.18
C LEU A 334 -23.26 -38.76 -13.07
N ALA A 335 -23.83 -39.04 -11.92
CA ALA A 335 -23.07 -39.54 -10.79
C ALA A 335 -22.47 -40.94 -11.04
N ASP A 336 -23.34 -41.83 -11.52
CA ASP A 336 -22.97 -43.14 -12.04
C ASP A 336 -21.87 -43.10 -13.08
N ASN A 337 -21.97 -42.16 -14.02
CA ASN A 337 -20.98 -42.02 -15.08
C ASN A 337 -19.68 -41.26 -14.75
N GLY A 338 -19.56 -40.80 -13.51
CA GLY A 338 -18.32 -40.25 -12.97
C GLY A 338 -18.31 -38.74 -12.75
N CYS A 339 -19.43 -38.04 -13.00
CA CYS A 339 -19.49 -36.58 -12.75
C CYS A 339 -19.20 -36.21 -11.29
N ARG A 340 -18.29 -35.29 -11.07
CA ARG A 340 -17.87 -34.89 -9.71
C ARG A 340 -18.25 -33.43 -9.37
N PHE A 341 -18.52 -32.62 -10.38
CA PHE A 341 -18.80 -31.20 -10.20
C PHE A 341 -19.95 -30.83 -11.08
N VAL A 342 -20.82 -30.00 -10.53
CA VAL A 342 -21.87 -29.36 -11.29
C VAL A 342 -21.89 -27.87 -10.89
N ALA A 343 -21.82 -26.96 -11.86
CA ALA A 343 -22.05 -25.53 -11.63
C ALA A 343 -23.11 -25.04 -12.62
N GLU A 344 -24.05 -24.21 -12.14
CA GLU A 344 -25.14 -23.75 -12.93
C GLU A 344 -24.83 -22.42 -13.65
N GLY A 345 -24.66 -22.52 -14.97
CA GLY A 345 -24.61 -21.36 -15.83
C GLY A 345 -25.98 -20.73 -15.93
N ALA A 346 -26.98 -21.58 -16.13
CA ALA A 346 -28.36 -21.17 -16.15
C ALA A 346 -28.90 -20.88 -14.75
N ASN A 347 -30.07 -20.24 -14.74
CA ASN A 347 -30.90 -20.03 -13.56
C ASN A 347 -31.81 -21.23 -13.25
N MET A 348 -31.61 -21.81 -12.07
CA MET A 348 -32.34 -22.93 -11.55
C MET A 348 -32.50 -24.15 -12.51
N PRO A 349 -31.44 -24.49 -13.26
CA PRO A 349 -31.53 -25.67 -14.13
C PRO A 349 -31.74 -27.03 -13.44
N SER A 350 -31.25 -27.20 -12.20
CA SER A 350 -31.37 -28.45 -11.51
C SER A 350 -32.61 -28.49 -10.65
N THR A 351 -33.41 -29.52 -10.82
CA THR A 351 -34.65 -29.69 -10.04
C THR A 351 -34.30 -30.04 -8.58
N PRO A 352 -35.22 -29.92 -7.63
CA PRO A 352 -34.90 -30.27 -6.22
C PRO A 352 -34.46 -31.72 -5.99
N GLU A 353 -35.02 -32.67 -6.73
CA GLU A 353 -34.56 -34.06 -6.64
C GLU A 353 -33.12 -34.17 -7.16
N ALA A 354 -32.75 -33.39 -8.18
CA ALA A 354 -31.36 -33.40 -8.71
C ALA A 354 -30.35 -32.87 -7.67
N VAL A 355 -30.76 -31.78 -7.01
CA VAL A 355 -29.94 -31.16 -5.99
C VAL A 355 -29.66 -32.12 -4.81
N GLU A 356 -30.69 -32.86 -4.39
CA GLU A 356 -30.52 -33.91 -3.35
C GLU A 356 -29.67 -35.10 -3.74
N VAL A 357 -29.78 -35.55 -4.99
CA VAL A 357 -28.88 -36.58 -5.53
C VAL A 357 -27.42 -36.13 -5.47
N PHE A 358 -27.14 -34.89 -5.85
CA PHE A 358 -25.78 -34.31 -5.69
C PHE A 358 -25.29 -34.30 -4.22
N ARG A 359 -26.19 -33.89 -3.34
CA ARG A 359 -25.95 -34.02 -1.87
C ARG A 359 -25.69 -35.52 -1.47
N GLU A 360 -26.57 -36.45 -1.83
CA GLU A 360 -26.42 -37.91 -1.52
C GLU A 360 -25.11 -38.46 -2.08
N ARG A 361 -24.73 -38.07 -3.30
CA ARG A 361 -23.56 -38.62 -3.98
C ARG A 361 -22.31 -37.76 -3.85
N ASP A 362 -22.34 -36.74 -2.99
CA ASP A 362 -21.12 -35.94 -2.73
C ASP A 362 -20.51 -35.40 -4.07
N ILE A 363 -21.41 -34.91 -4.90
CA ILE A 363 -21.04 -34.16 -6.06
C ILE A 363 -20.99 -32.71 -5.63
N ARG A 364 -19.86 -32.04 -5.88
CA ARG A 364 -19.77 -30.63 -5.51
C ARG A 364 -20.68 -29.81 -6.42
N PHE A 365 -21.53 -28.97 -5.82
CA PHE A 365 -22.63 -28.31 -6.50
C PHE A 365 -22.58 -26.77 -6.34
N GLY A 366 -22.44 -26.08 -7.48
CA GLY A 366 -22.38 -24.62 -7.54
C GLY A 366 -23.70 -24.04 -8.02
N PRO A 367 -24.48 -23.50 -7.11
CA PRO A 367 -25.78 -23.03 -7.48
C PRO A 367 -25.69 -21.79 -8.36
N GLY A 368 -26.71 -21.56 -9.15
CA GLY A 368 -26.66 -20.52 -10.19
C GLY A 368 -26.48 -19.12 -9.63
N LYS A 369 -27.06 -18.86 -8.46
CA LYS A 369 -26.98 -17.52 -7.85
C LYS A 369 -25.55 -17.11 -7.47
N ALA A 370 -24.67 -18.11 -7.30
CA ALA A 370 -23.26 -17.90 -7.17
C ALA A 370 -22.51 -18.08 -8.51
N ALA A 371 -22.72 -19.21 -9.20
CA ALA A 371 -21.87 -19.58 -10.35
C ALA A 371 -22.10 -18.69 -11.55
N ASN A 372 -23.33 -18.23 -11.72
CA ASN A 372 -23.70 -17.38 -12.87
C ASN A 372 -23.73 -15.90 -12.59
N ALA A 373 -23.31 -15.51 -11.38
CA ALA A 373 -23.28 -14.11 -10.95
C ALA A 373 -22.30 -13.19 -11.67
N GLY A 374 -21.34 -13.76 -12.38
CA GLY A 374 -20.38 -13.00 -13.22
C GLY A 374 -21.02 -12.10 -14.23
N GLY A 375 -22.19 -12.51 -14.68
CA GLY A 375 -22.89 -11.74 -15.67
C GLY A 375 -23.36 -10.42 -15.11
N VAL A 376 -24.15 -10.50 -14.04
CA VAL A 376 -24.73 -9.38 -13.42
C VAL A 376 -23.59 -8.60 -12.75
N ALA A 377 -22.56 -9.27 -12.25
CA ALA A 377 -21.38 -8.56 -11.74
C ALA A 377 -20.76 -7.61 -12.78
N THR A 378 -20.52 -8.13 -13.96
CA THR A 378 -19.91 -7.38 -15.00
C THR A 378 -20.87 -6.31 -15.47
N SER A 379 -22.18 -6.60 -15.36
CA SER A 379 -23.18 -5.56 -15.59
C SER A 379 -23.03 -4.34 -14.62
N ALA A 380 -22.83 -4.63 -13.34
CA ALA A 380 -22.60 -3.62 -12.35
C ALA A 380 -21.31 -2.88 -12.67
N LEU A 381 -20.32 -3.58 -13.22
CA LEU A 381 -19.11 -2.89 -13.70
C LEU A 381 -19.42 -1.98 -14.90
N GLU A 382 -20.31 -2.42 -15.81
CA GLU A 382 -20.88 -1.52 -16.82
C GLU A 382 -21.53 -0.28 -16.21
N MET A 383 -22.30 -0.43 -15.14
CA MET A 383 -22.97 0.74 -14.55
C MET A 383 -21.98 1.69 -13.88
N GLN A 384 -20.96 1.12 -13.26
CA GLN A 384 -19.88 1.85 -12.66
C GLN A 384 -19.08 2.69 -13.65
N GLN A 385 -18.69 2.06 -14.77
CA GLN A 385 -18.07 2.76 -15.92
C GLN A 385 -18.97 3.90 -16.44
N ASN A 386 -20.25 3.61 -16.68
CA ASN A 386 -21.20 4.63 -17.13
C ASN A 386 -21.35 5.80 -16.15
N ALA A 387 -21.42 5.51 -14.86
CA ALA A 387 -21.56 6.56 -13.82
C ALA A 387 -20.36 7.49 -13.83
N SER A 388 -19.16 6.94 -14.07
CA SER A 388 -17.90 7.71 -14.13
C SER A 388 -17.57 8.27 -15.51
N ARG A 389 -18.39 8.02 -16.53
CA ARG A 389 -18.04 8.22 -17.94
C ARG A 389 -16.67 7.72 -18.34
N ASP A 390 -16.35 6.49 -17.97
CA ASP A 390 -15.05 5.90 -18.16
C ASP A 390 -15.25 4.62 -18.97
N SER A 391 -14.18 4.16 -19.58
CA SER A 391 -14.14 2.89 -20.34
C SER A 391 -12.93 2.09 -19.90
N TRP A 392 -13.15 0.86 -19.41
CA TRP A 392 -12.02 0.05 -18.90
C TRP A 392 -11.56 -0.94 -19.96
N SER A 393 -10.30 -1.37 -19.88
CA SER A 393 -9.79 -2.37 -20.83
C SER A 393 -10.40 -3.76 -20.57
N PHE A 394 -10.26 -4.64 -21.55
CA PHE A 394 -10.67 -6.03 -21.43
C PHE A 394 -9.90 -6.69 -20.27
N GLU A 395 -8.58 -6.50 -20.23
CA GLU A 395 -7.80 -7.08 -19.17
C GLU A 395 -8.19 -6.59 -17.79
N TYR A 396 -8.41 -5.29 -17.62
CA TYR A 396 -8.77 -4.79 -16.31
C TYR A 396 -10.08 -5.43 -15.79
N THR A 397 -11.10 -5.43 -16.63
CA THR A 397 -12.46 -5.89 -16.27
C THR A 397 -12.49 -7.40 -16.06
N ASP A 398 -11.73 -8.14 -16.85
CA ASP A 398 -11.62 -9.58 -16.73
C ASP A 398 -10.94 -9.94 -15.44
N GLU A 399 -9.91 -9.20 -15.04
CA GLU A 399 -9.23 -9.43 -13.80
C GLU A 399 -10.14 -9.18 -12.59
N ARG A 400 -10.93 -8.10 -12.64
CA ARG A 400 -11.97 -7.85 -11.66
C ARG A 400 -12.99 -9.01 -11.62
N LEU A 401 -13.42 -9.48 -12.79
CA LEU A 401 -14.37 -10.60 -12.84
C LEU A 401 -13.80 -11.85 -12.15
N GLN A 402 -12.50 -12.08 -12.31
CA GLN A 402 -11.86 -13.23 -11.71
C GLN A 402 -11.87 -13.17 -10.20
N VAL A 403 -11.55 -11.99 -9.67
CA VAL A 403 -11.44 -11.78 -8.25
C VAL A 403 -12.82 -11.92 -7.65
N ILE A 404 -13.81 -11.36 -8.34
CA ILE A 404 -15.17 -11.41 -7.88
C ILE A 404 -15.70 -12.84 -7.82
N MET A 405 -15.45 -13.67 -8.83
CA MET A 405 -15.88 -15.11 -8.73
C MET A 405 -15.16 -15.86 -7.64
N LYS A 406 -13.87 -15.55 -7.43
CA LYS A 406 -13.13 -16.16 -6.32
C LYS A 406 -13.69 -15.70 -5.00
N ASN A 407 -14.09 -14.42 -4.87
CA ASN A 407 -14.66 -13.94 -3.63
C ASN A 407 -16.00 -14.59 -3.37
N ILE A 408 -16.81 -14.73 -4.41
CA ILE A 408 -18.09 -15.39 -4.27
C ILE A 408 -17.94 -16.84 -3.77
N PHE A 409 -16.98 -17.57 -4.37
CA PHE A 409 -16.75 -18.94 -3.99
C PHE A 409 -16.42 -19.05 -2.48
N LYS A 410 -15.43 -18.25 -2.08
CA LYS A 410 -14.99 -18.10 -0.71
C LYS A 410 -16.13 -17.74 0.29
N THR A 411 -16.92 -16.73 -0.05
CA THR A 411 -18.09 -16.38 0.74
C THR A 411 -19.02 -17.59 0.88
N CYS A 412 -19.28 -18.32 -0.20
CA CYS A 412 -20.20 -19.48 -0.12
C CYS A 412 -19.58 -20.59 0.70
N ALA A 413 -18.29 -20.83 0.52
CA ALA A 413 -17.58 -21.87 1.29
C ALA A 413 -17.43 -21.54 2.81
N GLU A 414 -17.03 -20.34 3.14
CA GLU A 414 -16.91 -19.93 4.51
C GLU A 414 -18.26 -19.83 5.23
N THR A 415 -19.25 -19.25 4.57
CA THR A 415 -20.59 -19.16 5.14
C THR A 415 -21.22 -20.56 5.35
N ALA A 416 -21.12 -21.46 4.39
CA ALA A 416 -21.55 -22.86 4.61
C ALA A 416 -20.90 -23.47 5.86
N ALA A 417 -19.56 -23.34 5.92
CA ALA A 417 -18.74 -23.81 7.08
C ALA A 417 -19.19 -23.16 8.42
N GLU A 418 -19.40 -21.84 8.42
CA GLU A 418 -19.90 -21.07 9.54
C GLU A 418 -21.20 -21.63 10.12
N TYR A 419 -22.06 -22.14 9.24
CA TYR A 419 -23.39 -22.56 9.66
C TYR A 419 -23.50 -24.07 9.73
N GLY A 420 -22.37 -24.76 9.70
CA GLY A 420 -22.37 -26.22 9.97
C GLY A 420 -22.62 -27.14 8.78
N HIS A 421 -22.49 -26.63 7.57
CA HIS A 421 -22.79 -27.38 6.35
C HIS A 421 -21.61 -27.20 5.37
N GLU A 422 -20.41 -27.58 5.80
CA GLU A 422 -19.21 -27.42 4.98
C GLU A 422 -19.30 -28.00 3.57
N ASN A 423 -18.85 -27.21 2.60
CA ASN A 423 -18.92 -27.56 1.19
C ASN A 423 -20.33 -27.63 0.59
N ASP A 424 -21.32 -27.19 1.35
CA ASP A 424 -22.68 -26.97 0.83
C ASP A 424 -22.89 -25.51 0.42
N TYR A 425 -22.49 -25.25 -0.81
CA TYR A 425 -22.49 -23.92 -1.40
C TYR A 425 -23.89 -23.30 -1.57
N VAL A 426 -24.90 -24.13 -1.73
CA VAL A 426 -26.30 -23.67 -1.77
C VAL A 426 -26.59 -22.93 -0.47
N VAL A 427 -26.30 -23.58 0.66
CA VAL A 427 -26.54 -23.01 1.97
C VAL A 427 -25.75 -21.70 2.14
N GLY A 428 -24.45 -21.77 1.86
CA GLY A 428 -23.57 -20.60 1.98
C GLY A 428 -24.03 -19.41 1.15
N ALA A 429 -24.51 -19.69 -0.05
CA ALA A 429 -24.86 -18.64 -1.01
C ALA A 429 -26.18 -18.00 -0.62
N ASN A 430 -27.12 -18.86 -0.24
CA ASN A 430 -28.38 -18.39 0.23
C ASN A 430 -28.24 -17.57 1.45
N ILE A 431 -27.46 -18.02 2.42
CA ILE A 431 -27.33 -17.30 3.69
C ILE A 431 -26.54 -16.02 3.51
N ALA A 432 -25.41 -16.12 2.81
CA ALA A 432 -24.55 -14.94 2.62
C ALA A 432 -25.33 -13.88 1.85
N GLY A 433 -26.11 -14.34 0.85
CA GLY A 433 -26.97 -13.45 0.05
C GLY A 433 -28.01 -12.75 0.92
N PHE A 434 -28.78 -13.58 1.61
CA PHE A 434 -29.78 -13.11 2.57
C PHE A 434 -29.28 -12.09 3.58
N LYS A 435 -28.19 -12.37 4.30
CA LYS A 435 -27.79 -11.53 5.45
C LYS A 435 -27.53 -10.07 5.14
N LYS A 436 -26.89 -9.82 4.01
CA LYS A 436 -26.57 -8.47 3.58
C LYS A 436 -27.83 -7.71 3.16
N VAL A 437 -28.77 -8.37 2.48
CA VAL A 437 -30.02 -7.73 2.09
C VAL A 437 -30.85 -7.41 3.33
N ALA A 438 -30.95 -8.38 4.23
CA ALA A 438 -31.64 -8.17 5.51
C ALA A 438 -31.06 -7.07 6.35
N ASP A 439 -29.76 -7.01 6.52
CA ASP A 439 -29.18 -5.97 7.34
C ASP A 439 -29.55 -4.58 6.78
N ALA A 440 -29.48 -4.43 5.47
CA ALA A 440 -29.86 -3.18 4.81
C ALA A 440 -31.30 -2.82 4.95
N MET A 441 -32.16 -3.84 4.89
CA MET A 441 -33.58 -3.69 5.04
C MET A 441 -33.96 -3.24 6.42
N LEU A 442 -33.33 -3.83 7.44
CA LEU A 442 -33.59 -3.42 8.85
C LEU A 442 -33.18 -1.93 9.11
N ALA A 443 -32.03 -1.54 8.53
CA ALA A 443 -31.53 -0.18 8.64
C ALA A 443 -32.44 0.84 7.93
N GLN A 444 -33.12 0.46 6.86
CA GLN A 444 -33.88 1.42 6.06
C GLN A 444 -35.39 1.51 6.38
N GLY A 445 -35.84 0.72 7.34
CA GLY A 445 -37.16 0.87 7.94
C GLY A 445 -38.20 0.12 7.16
N VAL A 446 -39.45 0.30 7.53
CA VAL A 446 -40.59 -0.35 6.91
C VAL A 446 -41.01 0.49 5.70
N ILE A 447 -40.63 0.00 4.53
CA ILE A 447 -40.89 0.64 3.23
C ILE A 447 -41.20 -0.50 2.26
N MET B 1 11.46 -48.22 -7.33
CA MET B 1 11.22 -47.14 -8.34
C MET B 1 9.95 -46.33 -8.03
N THR B 2 8.96 -46.98 -7.45
CA THR B 2 7.80 -46.32 -6.84
C THR B 2 8.31 -45.31 -5.79
N VAL B 3 7.65 -44.16 -5.73
CA VAL B 3 7.96 -43.15 -4.72
C VAL B 3 7.94 -43.79 -3.32
N ASP B 4 6.89 -44.56 -3.07
CA ASP B 4 6.66 -45.34 -1.85
C ASP B 4 7.88 -46.20 -1.44
N GLU B 5 8.43 -46.97 -2.39
CA GLU B 5 9.62 -47.75 -2.13
C GLU B 5 10.85 -46.85 -1.94
N GLN B 6 10.95 -45.77 -2.72
CA GLN B 6 12.09 -44.87 -2.62
C GLN B 6 12.20 -44.24 -1.21
N VAL B 7 11.08 -43.78 -0.68
CA VAL B 7 11.04 -43.15 0.64
C VAL B 7 11.25 -44.16 1.77
N SER B 8 10.65 -45.33 1.65
CA SER B 8 10.87 -46.40 2.61
C SER B 8 12.32 -46.87 2.64
N ASN B 9 13.00 -46.89 1.50
CA ASN B 9 14.42 -47.20 1.49
C ASN B 9 15.25 -46.11 2.17
N TYR B 10 14.93 -44.84 1.97
CA TYR B 10 15.59 -43.82 2.75
C TYR B 10 15.31 -43.95 4.26
N TYR B 11 14.08 -44.24 4.64
CA TYR B 11 13.76 -44.47 6.06
C TYR B 11 14.63 -45.59 6.69
N ASP B 12 14.83 -46.68 5.97
CA ASP B 12 15.64 -47.83 6.45
C ASP B 12 17.11 -47.47 6.64
N MET B 13 17.67 -46.70 5.72
CA MET B 13 19.03 -46.12 5.86
C MET B 13 19.09 -45.24 7.12
N LEU B 14 18.16 -44.30 7.22
CA LEU B 14 18.01 -43.43 8.38
C LEU B 14 17.97 -44.19 9.72
N LEU B 15 17.23 -45.28 9.79
CA LEU B 15 17.22 -46.15 10.97
C LEU B 15 18.55 -46.81 11.28
N LYS B 16 19.37 -47.10 10.28
CA LYS B 16 20.71 -47.69 10.57
C LYS B 16 21.71 -46.65 11.04
N ARG B 17 21.77 -45.50 10.38
CA ARG B 17 22.69 -44.41 10.77
C ARG B 17 22.33 -43.75 12.11
N ASN B 18 21.05 -43.79 12.48
CA ASN B 18 20.59 -43.21 13.72
C ASN B 18 19.96 -44.21 14.66
N ALA B 19 20.60 -45.36 14.89
CA ALA B 19 20.03 -46.40 15.72
C ALA B 19 19.92 -45.95 17.20
N GLY B 20 18.86 -46.39 17.87
CA GLY B 20 18.62 -46.09 19.25
C GLY B 20 17.97 -44.72 19.50
N GLU B 21 17.43 -44.07 18.45
CA GLU B 21 16.79 -42.75 18.64
C GLU B 21 15.33 -42.84 18.19
N PRO B 22 14.48 -43.52 19.00
CA PRO B 22 13.08 -43.71 18.55
C PRO B 22 12.29 -42.44 18.32
N GLU B 23 12.51 -41.39 19.13
CA GLU B 23 11.70 -40.19 18.99
C GLU B 23 12.02 -39.53 17.68
N PHE B 24 13.30 -39.56 17.27
CA PHE B 24 13.72 -39.01 15.99
C PHE B 24 13.09 -39.83 14.83
N HIS B 25 13.11 -41.16 14.97
CA HIS B 25 12.49 -42.06 13.98
C HIS B 25 10.99 -41.75 13.84
N GLN B 26 10.34 -41.63 14.98
CA GLN B 26 8.94 -41.27 15.00
C GLN B 26 8.64 -39.95 14.26
N ALA B 27 9.42 -38.91 14.56
CA ALA B 27 9.14 -37.61 13.96
C ALA B 27 9.42 -37.64 12.44
N VAL B 28 10.51 -38.27 12.04
CA VAL B 28 10.88 -38.36 10.63
C VAL B 28 9.82 -39.20 9.87
N ALA B 29 9.40 -40.32 10.46
CA ALA B 29 8.38 -41.18 9.79
C ALA B 29 7.07 -40.39 9.46
N GLU B 30 6.56 -39.57 10.38
CA GLU B 30 5.31 -38.86 10.04
C GLU B 30 5.52 -37.84 8.92
N VAL B 31 6.68 -37.16 8.89
CA VAL B 31 6.94 -36.19 7.82
C VAL B 31 7.12 -36.90 6.47
N LEU B 32 7.91 -37.97 6.45
CA LEU B 32 8.10 -38.78 5.25
C LEU B 32 6.81 -39.35 4.67
N GLU B 33 5.86 -39.73 5.51
CA GLU B 33 4.56 -40.17 5.00
C GLU B 33 3.84 -39.07 4.24
N SER B 34 3.89 -37.82 4.70
CA SER B 34 3.36 -36.70 3.90
C SER B 34 4.17 -36.45 2.64
N LEU B 35 5.48 -36.64 2.67
CA LEU B 35 6.28 -36.27 1.53
C LEU B 35 6.08 -37.23 0.36
N LYS B 36 5.68 -38.47 0.66
CA LYS B 36 5.21 -39.38 -0.40
C LYS B 36 4.16 -38.69 -1.29
N ILE B 37 3.22 -37.99 -0.68
CA ILE B 37 2.16 -37.31 -1.39
C ILE B 37 2.73 -36.22 -2.33
N VAL B 38 3.55 -35.32 -1.77
CA VAL B 38 4.34 -34.34 -2.55
C VAL B 38 5.09 -34.98 -3.72
N LEU B 39 5.95 -35.94 -3.42
CA LEU B 39 6.79 -36.54 -4.47
C LEU B 39 6.02 -37.28 -5.56
N GLU B 40 4.83 -37.81 -5.22
CA GLU B 40 3.86 -38.30 -6.21
C GLU B 40 3.47 -37.25 -7.24
N LYS B 41 3.16 -36.03 -6.82
CA LYS B 41 2.67 -35.01 -7.75
C LYS B 41 3.83 -34.23 -8.37
N ASP B 42 4.91 -33.96 -7.61
CA ASP B 42 6.05 -33.13 -8.08
C ASP B 42 7.37 -33.85 -7.70
N PRO B 43 7.80 -34.87 -8.48
CA PRO B 43 8.98 -35.67 -8.05
C PRO B 43 10.35 -34.99 -8.10
N HIS B 44 10.45 -33.77 -8.65
CA HIS B 44 11.68 -32.96 -8.63
C HIS B 44 12.20 -32.61 -7.22
N TYR B 45 11.35 -32.74 -6.21
CA TYR B 45 11.67 -32.37 -4.86
C TYR B 45 12.61 -33.38 -4.22
N ALA B 46 12.78 -34.55 -4.81
CA ALA B 46 13.84 -35.46 -4.41
C ALA B 46 15.18 -35.27 -5.16
N ASP B 47 15.29 -34.25 -6.02
CA ASP B 47 16.50 -34.02 -6.82
C ASP B 47 17.67 -33.54 -5.93
N TYR B 48 18.89 -33.79 -6.39
CA TYR B 48 20.15 -33.36 -5.70
C TYR B 48 20.22 -33.88 -4.22
N GLY B 49 19.82 -35.14 -4.04
CA GLY B 49 19.67 -35.72 -2.70
C GLY B 49 19.09 -34.77 -1.65
N LEU B 50 18.03 -34.07 -2.04
CA LEU B 50 17.40 -33.08 -1.18
C LEU B 50 16.90 -33.66 0.15
N ILE B 51 16.21 -34.79 0.06
CA ILE B 51 15.67 -35.45 1.24
C ILE B 51 16.75 -36.02 2.17
N GLN B 52 17.81 -36.54 1.58
CA GLN B 52 18.95 -37.08 2.30
C GLN B 52 19.66 -35.95 3.02
N ARG B 53 19.74 -34.79 2.37
CA ARG B 53 20.32 -33.59 3.03
C ARG B 53 19.46 -33.03 4.17
N LEU B 54 18.15 -32.98 3.97
CA LEU B 54 17.25 -32.41 4.91
C LEU B 54 17.22 -33.16 6.27
N CYS B 55 17.21 -34.49 6.21
CA CYS B 55 17.13 -35.37 7.35
C CYS B 55 18.41 -35.59 8.16
N GLU B 56 19.53 -35.03 7.68
CA GLU B 56 20.81 -35.11 8.32
C GLU B 56 21.15 -33.69 8.79
N PRO B 57 21.26 -33.46 10.11
CA PRO B 57 21.63 -32.12 10.62
C PRO B 57 22.89 -31.56 10.01
N GLU B 58 22.90 -30.26 9.71
CA GLU B 58 24.11 -29.56 9.28
C GLU B 58 25.22 -29.75 10.32
N ARG B 59 24.85 -29.68 11.59
CA ARG B 59 25.81 -29.72 12.68
C ARG B 59 25.15 -30.07 14.00
N GLN B 60 25.89 -30.82 14.78
CA GLN B 60 25.48 -31.35 16.06
C GLN B 60 26.64 -31.16 17.02
N LEU B 61 26.40 -30.57 18.19
CA LEU B 61 27.39 -30.31 19.20
C LEU B 61 26.91 -31.00 20.45
N ILE B 62 27.78 -31.84 20.99
CA ILE B 62 27.60 -32.44 22.31
C ILE B 62 28.80 -32.03 23.11
N PHE B 63 28.56 -31.62 24.35
CA PHE B 63 29.66 -31.13 25.17
C PHE B 63 29.50 -31.41 26.66
N ARG B 64 30.63 -31.48 27.33
CA ARG B 64 30.66 -31.62 28.76
C ARG B 64 30.25 -30.28 29.45
N VAL B 65 29.45 -30.39 30.51
CA VAL B 65 29.03 -29.23 31.29
C VAL B 65 29.29 -29.55 32.76
N PRO B 66 30.49 -29.27 33.24
CA PRO B 66 30.86 -29.42 34.64
C PRO B 66 30.34 -28.24 35.38
N TRP B 67 29.86 -28.51 36.59
CA TRP B 67 29.41 -27.50 37.50
C TRP B 67 29.56 -27.97 38.93
N VAL B 68 29.64 -26.99 39.81
CA VAL B 68 29.87 -27.22 41.22
C VAL B 68 28.59 -26.90 42.01
N ASP B 69 28.17 -27.79 42.90
CA ASP B 69 26.94 -27.54 43.69
C ASP B 69 27.22 -26.71 44.95
N ASP B 70 26.14 -26.39 45.66
CA ASP B 70 26.19 -25.57 46.87
C ASP B 70 26.98 -26.20 48.04
N GLN B 71 27.22 -27.51 47.98
CA GLN B 71 28.12 -28.23 48.92
C GLN B 71 29.56 -28.35 48.40
N GLY B 72 29.91 -27.69 47.30
CA GLY B 72 31.22 -27.83 46.75
C GLY B 72 31.50 -29.15 46.04
N GLN B 73 30.48 -29.95 45.66
CA GLN B 73 30.76 -31.20 44.88
C GLN B 73 30.63 -30.95 43.36
N VAL B 74 31.63 -31.41 42.62
CA VAL B 74 31.63 -31.29 41.18
C VAL B 74 30.63 -32.31 40.56
N HIS B 75 29.68 -31.82 39.76
CA HIS B 75 28.88 -32.64 38.85
C HIS B 75 29.27 -32.45 37.39
N VAL B 76 28.91 -33.41 36.54
CA VAL B 76 29.15 -33.36 35.11
C VAL B 76 27.85 -33.72 34.40
N ASN B 77 27.33 -32.81 33.56
CA ASN B 77 26.17 -33.09 32.73
C ASN B 77 26.55 -32.93 31.28
N ARG B 78 25.69 -33.43 30.42
CA ARG B 78 25.92 -33.38 28.99
C ARG B 78 25.00 -32.31 28.39
N GLY B 79 25.59 -31.54 27.49
CA GLY B 79 24.92 -30.43 26.80
C GLY B 79 24.85 -30.80 25.33
N PHE B 80 23.83 -30.26 24.65
CA PHE B 80 23.54 -30.55 23.28
C PHE B 80 23.08 -29.29 22.51
N ARG B 81 23.50 -29.16 21.27
CA ARG B 81 22.90 -28.20 20.36
C ARG B 81 22.92 -28.79 18.98
N VAL B 82 21.74 -28.99 18.44
CA VAL B 82 21.62 -29.51 17.08
C VAL B 82 21.16 -28.41 16.16
N GLN B 83 21.96 -28.18 15.12
CA GLN B 83 21.73 -27.09 14.14
C GLN B 83 21.34 -27.79 12.84
N PHE B 84 20.03 -27.89 12.63
CA PHE B 84 19.45 -28.81 11.69
C PHE B 84 19.47 -28.25 10.28
N ASN B 85 18.80 -27.14 10.06
CA ASN B 85 18.70 -26.57 8.72
C ASN B 85 18.69 -25.06 8.78
N SER B 86 19.46 -24.43 7.88
CA SER B 86 19.57 -22.98 7.82
C SER B 86 19.28 -22.43 6.42
N ALA B 87 18.46 -23.11 5.65
CA ALA B 87 18.03 -22.61 4.33
C ALA B 87 17.22 -21.30 4.39
N LEU B 88 16.33 -21.19 5.36
CA LEU B 88 15.44 -20.06 5.43
C LEU B 88 15.91 -18.91 6.34
N GLY B 89 16.91 -19.16 7.17
CA GLY B 89 17.37 -18.16 8.11
C GLY B 89 18.21 -18.87 9.14
N PRO B 90 18.58 -18.13 10.21
CA PRO B 90 19.46 -18.72 11.22
C PRO B 90 18.77 -19.88 11.92
N TYR B 91 19.58 -20.77 12.48
CA TYR B 91 19.02 -21.87 13.23
C TYR B 91 18.20 -21.24 14.35
N LYS B 92 17.08 -21.84 14.70
CA LYS B 92 16.21 -21.26 15.68
C LYS B 92 15.49 -22.37 16.39
N GLY B 93 15.47 -22.34 17.71
CA GLY B 93 14.74 -23.28 18.52
C GLY B 93 15.33 -23.29 19.92
N GLY B 94 14.49 -23.62 20.90
CA GLY B 94 14.84 -23.54 22.29
C GLY B 94 15.77 -24.59 22.89
N LEU B 95 15.89 -24.56 24.20
CA LEU B 95 16.76 -25.41 24.94
C LEU B 95 15.93 -26.07 25.99
N ARG B 96 16.12 -27.38 26.12
CA ARG B 96 15.44 -28.19 27.10
C ARG B 96 16.39 -28.68 28.19
N PHE B 97 16.08 -28.39 29.45
CA PHE B 97 16.82 -28.95 30.60
C PHE B 97 15.90 -29.92 31.32
N HIS B 98 16.15 -31.21 31.13
CA HIS B 98 15.36 -32.25 31.71
C HIS B 98 16.15 -33.58 31.67
N PRO B 99 16.01 -34.42 32.72
CA PRO B 99 16.90 -35.57 32.84
C PRO B 99 16.75 -36.65 31.76
N SER B 100 15.59 -36.71 31.11
CA SER B 100 15.39 -37.57 29.96
C SER B 100 16.17 -37.15 28.70
N VAL B 101 16.72 -35.92 28.63
CA VAL B 101 17.27 -35.39 27.37
C VAL B 101 18.49 -36.20 26.92
N ASN B 102 18.55 -36.46 25.63
CA ASN B 102 19.66 -37.18 24.94
C ASN B 102 19.60 -36.71 23.47
N LEU B 103 20.60 -37.10 22.66
CA LEU B 103 20.76 -36.59 21.31
C LEU B 103 19.51 -36.91 20.43
N GLY B 104 18.97 -38.11 20.58
CA GLY B 104 17.80 -38.48 19.87
C GLY B 104 16.60 -37.57 20.11
N ILE B 105 16.38 -37.19 21.37
CA ILE B 105 15.28 -36.28 21.65
C ILE B 105 15.51 -34.91 21.03
N VAL B 106 16.72 -34.40 21.16
CA VAL B 106 17.12 -33.08 20.59
C VAL B 106 17.00 -33.10 19.07
N LYS B 107 17.31 -34.24 18.44
CA LYS B 107 17.09 -34.32 16.98
C LYS B 107 15.66 -34.36 16.58
N PHE B 108 14.82 -34.95 17.40
CA PHE B 108 13.40 -34.99 17.10
C PHE B 108 12.88 -33.55 17.08
N LEU B 109 13.16 -32.84 18.15
CA LEU B 109 12.71 -31.47 18.34
C LEU B 109 13.25 -30.56 17.22
N GLY B 110 14.55 -30.67 16.94
CA GLY B 110 15.21 -29.88 15.90
C GLY B 110 14.62 -30.13 14.53
N PHE B 111 14.33 -31.41 14.26
CA PHE B 111 13.77 -31.82 13.00
C PHE B 111 12.40 -31.19 12.79
N GLU B 112 11.54 -31.32 13.79
CA GLU B 112 10.20 -30.74 13.73
C GLU B 112 10.30 -29.23 13.59
N GLN B 113 11.31 -28.65 14.22
CA GLN B 113 11.51 -27.25 14.22
C GLN B 113 11.72 -26.71 12.81
N ILE B 114 12.32 -27.48 11.91
CA ILE B 114 12.56 -26.99 10.57
C ILE B 114 11.22 -26.59 9.95
N PHE B 115 10.27 -27.50 10.07
CA PHE B 115 8.99 -27.35 9.35
C PHE B 115 8.11 -26.37 10.01
N LYS B 116 8.14 -26.34 11.33
CA LYS B 116 7.33 -25.38 12.08
C LYS B 116 7.76 -23.92 11.72
N ASN B 117 9.06 -23.68 11.83
CA ASN B 117 9.64 -22.37 11.53
C ASN B 117 9.32 -21.95 10.11
N SER B 118 9.37 -22.92 9.20
CA SER B 118 9.01 -22.67 7.82
C SER B 118 7.56 -22.19 7.71
N LEU B 119 6.67 -22.83 8.46
CA LEU B 119 5.25 -22.47 8.42
C LEU B 119 4.88 -21.07 8.90
N THR B 120 5.71 -20.48 9.76
CA THR B 120 5.42 -19.19 10.29
C THR B 120 5.39 -18.15 9.20
N GLY B 121 5.99 -18.41 8.04
CA GLY B 121 6.15 -17.38 7.03
C GLY B 121 7.39 -16.50 7.29
N LEU B 122 8.15 -16.73 8.39
CA LEU B 122 9.20 -15.79 8.87
C LEU B 122 10.60 -16.37 8.67
N PRO B 123 11.65 -15.52 8.58
CA PRO B 123 13.01 -16.02 8.14
C PRO B 123 13.83 -16.75 9.22
N ILE B 124 13.46 -18.01 9.47
CA ILE B 124 14.09 -18.84 10.53
C ILE B 124 14.29 -20.29 10.09
N GLY B 125 15.49 -20.77 10.38
CA GLY B 125 15.89 -22.13 10.20
C GLY B 125 15.53 -22.87 11.48
N GLY B 126 16.02 -24.11 11.60
CA GLY B 126 15.59 -25.05 12.62
C GLY B 126 16.74 -25.59 13.45
N GLY B 127 16.58 -25.53 14.77
CA GLY B 127 17.56 -26.15 15.64
C GLY B 127 16.94 -26.36 17.00
N LYS B 128 17.72 -26.94 17.91
CA LYS B 128 17.27 -27.20 19.23
C LYS B 128 18.47 -27.63 20.05
N GLY B 129 18.33 -27.60 21.35
CA GLY B 129 19.39 -28.08 22.21
C GLY B 129 18.88 -28.31 23.60
N GLY B 130 19.81 -28.55 24.47
CA GLY B 130 19.49 -28.73 25.86
C GLY B 130 20.55 -29.48 26.62
N SER B 131 20.12 -30.03 27.73
CA SER B 131 20.98 -30.79 28.63
C SER B 131 20.14 -31.77 29.47
N ASP B 132 20.82 -32.85 29.86
CA ASP B 132 20.26 -33.82 30.82
C ASP B 132 20.30 -33.36 32.29
N PHE B 133 20.74 -32.14 32.52
CA PHE B 133 20.64 -31.44 33.81
C PHE B 133 19.21 -31.44 34.29
N ASP B 134 19.03 -31.71 35.59
CA ASP B 134 17.71 -31.61 36.21
C ASP B 134 17.60 -30.35 37.06
N PRO B 135 16.85 -29.34 36.59
CA PRO B 135 16.86 -28.12 37.34
C PRO B 135 16.01 -28.17 38.64
N LYS B 136 15.26 -29.24 38.87
CA LYS B 136 14.40 -29.35 40.06
C LYS B 136 15.23 -29.56 41.32
N GLY B 137 14.88 -28.80 42.36
CA GLY B 137 15.50 -28.88 43.63
C GLY B 137 16.82 -28.10 43.69
N LYS B 138 17.23 -27.49 42.58
CA LYS B 138 18.43 -26.73 42.55
C LYS B 138 18.12 -25.28 43.00
N SER B 139 19.07 -24.68 43.69
CA SER B 139 18.99 -23.30 44.09
C SER B 139 19.32 -22.41 42.91
N ASP B 140 18.94 -21.14 43.04
CA ASP B 140 19.19 -20.12 42.03
C ASP B 140 20.69 -20.01 41.71
N LEU B 141 21.58 -20.02 42.70
CA LEU B 141 23.00 -20.10 42.39
C LEU B 141 23.43 -21.37 41.59
N GLU B 142 22.83 -22.52 41.87
CA GLU B 142 23.22 -23.75 41.19
C GLU B 142 22.78 -23.67 39.74
N ILE B 143 21.56 -23.18 39.55
CA ILE B 143 21.03 -22.92 38.22
C ILE B 143 21.86 -21.89 37.42
N MET B 144 22.23 -20.80 38.08
CA MET B 144 23.07 -19.80 37.50
C MET B 144 24.36 -20.35 37.03
N ARG B 145 25.07 -21.03 37.94
CA ARG B 145 26.35 -21.69 37.61
C ARG B 145 26.27 -22.74 36.49
N PHE B 146 25.19 -23.51 36.46
CA PHE B 146 25.02 -24.48 35.39
C PHE B 146 24.81 -23.74 34.05
N CYS B 147 23.92 -22.75 34.03
CA CYS B 147 23.71 -21.90 32.84
C CYS B 147 25.01 -21.28 32.31
N GLN B 148 25.82 -20.77 33.24
CA GLN B 148 27.10 -20.16 32.87
C GLN B 148 28.06 -21.21 32.33
N SER B 149 28.15 -22.38 33.01
CA SER B 149 28.99 -23.42 32.39
C SER B 149 28.49 -23.77 30.94
N PHE B 150 27.18 -23.86 30.79
CA PHE B 150 26.57 -24.31 29.57
C PHE B 150 26.94 -23.31 28.43
N MET B 151 26.75 -22.01 28.75
CA MET B 151 26.98 -20.94 27.84
C MET B 151 28.48 -20.73 27.56
N THR B 152 29.35 -21.18 28.47
CA THR B 152 30.80 -21.03 28.24
C THR B 152 31.16 -21.81 26.97
N GLU B 153 30.55 -22.97 26.75
CA GLU B 153 30.77 -23.68 25.50
C GLU B 153 29.82 -23.21 24.39
N LEU B 154 28.55 -22.98 24.67
CA LEU B 154 27.60 -22.68 23.61
C LEU B 154 27.87 -21.37 22.89
N HIS B 155 28.39 -20.34 23.60
CA HIS B 155 28.46 -19.00 23.03
C HIS B 155 29.18 -18.95 21.64
N ARG B 156 30.16 -19.84 21.48
CA ARG B 156 30.96 -19.84 20.26
C ARG B 156 30.26 -20.45 19.05
N HIS B 157 29.08 -21.06 19.24
CA HIS B 157 28.33 -21.65 18.17
C HIS B 157 27.06 -20.93 17.86
N ILE B 158 26.80 -19.87 18.56
CA ILE B 158 25.56 -19.13 18.34
C ILE B 158 25.82 -17.68 17.96
N GLY B 159 24.74 -16.91 17.72
CA GLY B 159 24.83 -15.51 17.31
C GLY B 159 23.56 -15.10 16.58
N GLU B 160 23.33 -13.80 16.54
CA GLU B 160 22.17 -13.20 15.88
C GLU B 160 21.81 -13.70 14.49
N TYR B 161 22.80 -14.00 13.65
CA TYR B 161 22.57 -14.54 12.30
C TYR B 161 22.95 -16.03 12.20
N ARG B 162 23.42 -16.60 13.29
CA ARG B 162 24.00 -17.94 13.26
C ARG B 162 23.03 -18.93 13.86
N ASP B 163 22.75 -18.79 15.15
CA ASP B 163 21.83 -19.69 15.86
C ASP B 163 21.27 -18.91 17.04
N VAL B 164 19.94 -18.89 17.17
CA VAL B 164 19.27 -18.11 18.14
C VAL B 164 18.46 -19.02 19.05
N PRO B 165 18.98 -19.31 20.25
CA PRO B 165 18.15 -20.18 21.11
C PRO B 165 17.06 -19.43 21.89
N ALA B 166 16.43 -20.17 22.80
CA ALA B 166 15.22 -19.81 23.53
C ALA B 166 14.95 -20.87 24.60
N GLY B 167 13.84 -20.72 25.29
CA GLY B 167 13.37 -21.70 26.25
C GLY B 167 12.65 -22.90 25.65
N ASP B 168 12.31 -23.80 26.56
CA ASP B 168 11.57 -25.10 26.36
C ASP B 168 11.46 -25.71 27.76
N ILE B 169 11.31 -27.02 27.90
CA ILE B 169 11.06 -27.59 29.23
C ILE B 169 12.27 -27.35 30.06
N GLY B 170 12.01 -26.88 31.28
CA GLY B 170 13.06 -26.54 32.24
C GLY B 170 13.80 -25.24 32.01
N VAL B 171 13.49 -24.52 30.93
CA VAL B 171 14.19 -23.26 30.58
C VAL B 171 13.14 -22.21 30.31
N GLY B 172 12.93 -21.34 31.29
CA GLY B 172 12.01 -20.21 31.19
C GLY B 172 12.84 -18.91 31.38
N GLY B 173 12.13 -17.83 31.67
CA GLY B 173 12.74 -16.50 31.92
C GLY B 173 13.99 -16.43 32.80
N ARG B 174 13.96 -17.14 33.94
CA ARG B 174 15.09 -17.13 34.84
C ARG B 174 16.38 -17.62 34.12
N GLU B 175 16.27 -18.76 33.43
CA GLU B 175 17.42 -19.38 32.78
C GLU B 175 17.90 -18.57 31.57
N ILE B 176 16.96 -18.00 30.82
CA ILE B 176 17.33 -17.19 29.67
C ILE B 176 18.15 -15.97 30.14
N GLY B 177 17.76 -15.34 31.26
CA GLY B 177 18.56 -14.23 31.87
C GLY B 177 20.00 -14.58 32.18
N TYR B 178 20.21 -15.73 32.83
CA TYR B 178 21.57 -16.15 33.15
C TYR B 178 22.35 -16.53 31.89
N LEU B 179 21.70 -17.15 30.92
CA LEU B 179 22.35 -17.51 29.67
C LEU B 179 22.72 -16.26 28.91
N PHE B 180 21.77 -15.33 28.83
CA PHE B 180 22.04 -14.07 28.16
C PHE B 180 23.21 -13.25 28.74
N GLY B 181 23.18 -13.06 30.04
CA GLY B 181 24.18 -12.35 30.76
C GLY B 181 25.54 -12.92 30.50
N HIS B 182 25.64 -14.25 30.62
CA HIS B 182 26.92 -14.92 30.42
C HIS B 182 27.41 -14.85 28.95
N TYR B 183 26.48 -14.92 28.00
CA TYR B 183 26.82 -14.74 26.62
C TYR B 183 27.53 -13.41 26.38
N ARG B 184 27.01 -12.33 26.96
CA ARG B 184 27.59 -11.00 26.76
C ARG B 184 28.94 -10.93 27.40
N ARG B 185 29.09 -11.52 28.57
CA ARG B 185 30.45 -11.67 29.16
C ARG B 185 31.45 -12.41 28.27
N MET B 186 31.02 -13.53 27.69
CA MET B 186 31.87 -14.32 26.84
C MET B 186 32.21 -13.56 25.57
N ALA B 187 31.21 -12.96 24.91
CA ALA B 187 31.46 -12.33 23.66
C ALA B 187 31.90 -10.89 23.78
N ASN B 188 31.63 -10.26 24.94
CA ASN B 188 31.80 -8.79 25.11
C ASN B 188 31.04 -8.03 24.05
N GLN B 189 29.75 -8.33 23.92
CA GLN B 189 28.87 -7.74 22.91
C GLN B 189 27.51 -7.75 23.58
N HIS B 190 26.80 -6.61 23.53
CA HIS B 190 25.42 -6.59 23.89
C HIS B 190 24.55 -6.93 22.66
N GLU B 191 24.58 -8.22 22.29
CA GLU B 191 23.97 -8.75 21.07
C GLU B 191 22.59 -9.37 21.40
N SER B 192 21.56 -8.53 21.45
CA SER B 192 20.20 -8.83 21.90
C SER B 192 19.61 -9.97 21.09
N GLY B 193 19.89 -9.93 19.79
CA GLY B 193 19.43 -10.96 18.88
C GLY B 193 19.94 -12.37 19.05
N VAL B 194 20.88 -12.60 19.98
CA VAL B 194 21.43 -13.98 20.22
C VAL B 194 20.43 -14.92 20.88
N LEU B 195 19.50 -14.39 21.67
CA LEU B 195 18.48 -15.21 22.36
C LEU B 195 17.11 -14.57 22.26
N THR B 196 16.08 -15.41 22.29
CA THR B 196 14.70 -14.96 22.48
C THR B 196 14.08 -15.44 23.79
N GLY B 197 12.88 -14.96 24.06
CA GLY B 197 12.31 -15.01 25.42
C GLY B 197 13.08 -14.18 26.47
N LYS B 198 13.77 -13.14 26.08
CA LYS B 198 14.45 -12.27 27.02
C LYS B 198 13.44 -11.38 27.78
N GLY B 199 13.92 -10.75 28.84
CA GLY B 199 13.12 -9.90 29.67
C GLY B 199 12.87 -8.55 29.02
N LEU B 200 11.76 -7.91 29.38
CA LEU B 200 11.28 -6.69 28.69
C LEU B 200 12.22 -5.52 28.76
N THR B 201 12.95 -5.37 29.84
CA THR B 201 13.89 -4.27 29.98
C THR B 201 15.32 -4.54 29.38
N TRP B 202 15.57 -5.75 28.86
CA TRP B 202 16.83 -6.08 28.19
C TRP B 202 16.60 -6.85 26.88
N GLY B 203 15.73 -6.32 26.03
CA GLY B 203 15.60 -6.68 24.63
C GLY B 203 14.47 -7.67 24.34
N GLY B 204 13.60 -7.97 25.32
CA GLY B 204 12.54 -8.92 25.13
C GLY B 204 11.38 -8.35 24.35
N SER B 205 10.43 -9.20 24.03
CA SER B 205 9.25 -8.81 23.33
C SER B 205 8.07 -9.06 24.20
N LEU B 206 7.14 -8.13 24.20
CA LEU B 206 5.91 -8.20 25.01
C LEU B 206 5.04 -9.50 25.06
N VAL B 207 4.62 -9.99 23.93
CA VAL B 207 3.66 -11.12 23.98
C VAL B 207 4.39 -12.51 24.05
N ARG B 208 5.71 -12.52 24.08
CA ARG B 208 6.45 -13.77 23.98
C ARG B 208 6.20 -14.77 25.07
N THR B 209 6.05 -14.29 26.33
CA THR B 209 5.74 -15.19 27.47
C THR B 209 4.40 -15.90 27.25
N GLU B 210 3.45 -15.19 26.69
CA GLU B 210 2.11 -15.69 26.45
C GLU B 210 1.97 -16.46 25.16
N ALA B 211 2.94 -16.40 24.22
CA ALA B 211 2.60 -16.57 22.79
C ALA B 211 2.25 -17.98 22.39
N THR B 212 2.97 -18.95 22.94
CA THR B 212 2.72 -20.29 22.46
C THR B 212 1.33 -20.81 22.82
N GLY B 213 0.93 -20.60 24.07
CA GLY B 213 -0.39 -21.08 24.54
C GLY B 213 -1.50 -20.28 23.92
N TYR B 214 -1.31 -18.97 23.87
CA TYR B 214 -2.23 -18.09 23.17
C TYR B 214 -2.41 -18.55 21.73
N GLY B 215 -1.29 -18.79 21.03
CA GLY B 215 -1.31 -19.17 19.65
C GLY B 215 -1.99 -20.49 19.39
N CYS B 216 -1.80 -21.45 20.31
CA CYS B 216 -2.45 -22.74 20.27
C CYS B 216 -3.98 -22.59 20.35
N VAL B 217 -4.44 -21.71 21.20
CA VAL B 217 -5.87 -21.40 21.27
C VAL B 217 -6.37 -20.60 20.04
N TYR B 218 -5.62 -19.63 19.57
CA TYR B 218 -5.98 -18.97 18.32
C TYR B 218 -6.11 -20.06 17.23
N PHE B 219 -5.21 -21.05 17.21
CA PHE B 219 -5.25 -22.07 16.15
C PHE B 219 -6.49 -22.96 16.22
N VAL B 220 -6.75 -23.50 17.41
CA VAL B 220 -7.89 -24.43 17.61
C VAL B 220 -9.24 -23.75 17.44
N SER B 221 -9.28 -22.48 17.75
CA SER B 221 -10.40 -21.64 17.48
C SER B 221 -10.76 -21.54 15.97
N GLU B 222 -9.78 -21.37 15.09
CA GLU B 222 -9.98 -21.57 13.66
C GLU B 222 -10.45 -23.00 13.29
N MET B 223 -9.89 -24.05 13.93
CA MET B 223 -10.35 -25.44 13.66
C MET B 223 -11.81 -25.59 14.07
N ILE B 224 -12.17 -24.99 15.19
CA ILE B 224 -13.56 -25.06 15.68
C ILE B 224 -14.48 -24.25 14.75
N LYS B 225 -14.12 -23.03 14.38
CA LYS B 225 -14.94 -22.27 13.41
C LYS B 225 -15.14 -23.01 12.07
N ALA B 226 -14.17 -23.81 11.64
CA ALA B 226 -14.30 -24.61 10.41
C ALA B 226 -15.40 -25.70 10.49
N LYS B 227 -15.79 -26.12 11.70
CA LYS B 227 -16.95 -26.98 11.90
C LYS B 227 -18.29 -26.28 12.12
N GLY B 228 -18.30 -24.95 12.12
CA GLY B 228 -19.49 -24.16 12.50
C GLY B 228 -19.70 -24.11 14.02
N GLU B 229 -18.65 -24.32 14.82
CA GLU B 229 -18.81 -24.21 16.24
C GLU B 229 -18.07 -22.98 16.74
N SER B 230 -18.23 -22.71 18.04
CA SER B 230 -17.41 -21.69 18.67
C SER B 230 -16.75 -22.20 19.96
N ILE B 231 -15.66 -21.52 20.33
CA ILE B 231 -14.88 -21.92 21.51
C ILE B 231 -15.63 -21.54 22.79
N SER B 232 -16.41 -20.44 22.76
CA SER B 232 -17.28 -20.11 23.89
C SER B 232 -18.20 -21.27 24.33
N GLY B 233 -18.25 -21.52 25.64
CA GLY B 233 -19.06 -22.60 26.16
C GLY B 233 -18.45 -23.98 26.13
N GLN B 234 -17.27 -24.16 25.57
CA GLN B 234 -16.62 -25.48 25.44
C GLN B 234 -15.84 -25.84 26.70
N LYS B 235 -15.63 -27.13 26.89
CA LYS B 235 -14.89 -27.69 28.01
C LYS B 235 -13.59 -28.19 27.45
N ILE B 236 -12.47 -27.77 28.02
CA ILE B 236 -11.14 -28.02 27.45
C ILE B 236 -10.26 -28.71 28.50
N ILE B 237 -9.48 -29.69 28.07
CA ILE B 237 -8.46 -30.28 28.92
C ILE B 237 -7.14 -29.66 28.44
N VAL B 238 -6.28 -29.24 29.37
CA VAL B 238 -4.99 -28.69 29.03
C VAL B 238 -4.00 -29.38 29.90
N SER B 239 -3.32 -30.37 29.37
CA SER B 239 -2.28 -31.07 30.11
C SER B 239 -1.04 -30.15 30.30
N GLY B 240 -0.30 -30.43 31.35
CA GLY B 240 0.82 -29.62 31.71
C GLY B 240 0.41 -28.44 32.55
N SER B 241 1.43 -27.78 33.07
CA SER B 241 1.22 -26.59 33.90
C SER B 241 2.44 -25.64 33.86
N GLY B 242 3.17 -25.68 32.74
CA GLY B 242 4.30 -24.78 32.48
C GLY B 242 3.89 -23.56 31.62
N ASN B 243 4.87 -23.01 30.92
CA ASN B 243 4.71 -21.86 30.07
C ASN B 243 3.60 -22.03 29.03
N VAL B 244 3.49 -23.17 28.39
CA VAL B 244 2.46 -23.36 27.34
C VAL B 244 1.06 -23.54 27.94
N ALA B 245 0.91 -24.49 28.84
CA ALA B 245 -0.39 -24.75 29.51
C ALA B 245 -0.98 -23.51 30.12
N THR B 246 -0.17 -22.78 30.87
CA THR B 246 -0.64 -21.59 31.60
C THR B 246 -1.38 -20.59 30.67
N TYR B 247 -0.74 -20.25 29.57
CA TYR B 247 -1.33 -19.27 28.65
C TYR B 247 -2.39 -19.83 27.71
N ALA B 248 -2.33 -21.15 27.43
CA ALA B 248 -3.42 -21.80 26.73
C ALA B 248 -4.65 -21.73 27.62
N ILE B 249 -4.46 -22.01 28.93
CA ILE B 249 -5.54 -21.86 29.89
C ILE B 249 -6.03 -20.43 29.94
N GLU B 250 -5.12 -19.46 30.06
CA GLU B 250 -5.56 -18.09 30.18
C GLU B 250 -6.37 -17.63 28.94
N LYS B 251 -5.88 -17.84 27.73
CA LYS B 251 -6.60 -17.41 26.53
C LYS B 251 -7.94 -18.15 26.31
N ALA B 252 -7.93 -19.46 26.54
CA ALA B 252 -9.12 -20.26 26.37
C ALA B 252 -10.24 -19.80 27.27
N GLN B 253 -9.94 -19.44 28.50
CA GLN B 253 -10.98 -18.92 29.41
C GLN B 253 -11.36 -17.51 29.09
N GLU B 254 -10.40 -16.68 28.70
CA GLU B 254 -10.75 -15.33 28.21
C GLU B 254 -11.76 -15.44 27.04
N LEU B 255 -11.59 -16.42 26.17
CA LEU B 255 -12.51 -16.53 25.08
C LEU B 255 -13.82 -17.29 25.42
N GLY B 256 -14.11 -17.57 26.70
CA GLY B 256 -15.39 -18.20 27.10
C GLY B 256 -15.42 -19.70 27.28
N ALA B 257 -14.27 -20.36 27.14
CA ALA B 257 -14.20 -21.79 27.41
C ALA B 257 -13.97 -22.00 28.89
N THR B 258 -14.14 -23.24 29.31
CA THR B 258 -13.86 -23.66 30.69
C THR B 258 -12.83 -24.75 30.61
N VAL B 259 -11.69 -24.55 31.23
CA VAL B 259 -10.66 -25.58 31.38
C VAL B 259 -10.98 -26.47 32.58
N ILE B 260 -11.23 -27.74 32.28
CA ILE B 260 -11.67 -28.72 33.24
C ILE B 260 -10.57 -29.60 33.80
N GLY B 261 -9.36 -29.49 33.29
CA GLY B 261 -8.23 -30.03 34.01
C GLY B 261 -6.86 -29.61 33.50
N PHE B 262 -5.87 -29.80 34.38
CA PHE B 262 -4.47 -29.63 34.01
C PHE B 262 -3.57 -30.55 34.81
N SER B 263 -2.24 -30.53 34.60
CA SER B 263 -1.36 -31.47 35.30
C SER B 263 0.12 -31.10 35.32
N ASP B 264 0.89 -31.80 36.15
CA ASP B 264 2.33 -31.85 35.97
C ASP B 264 2.63 -33.31 35.88
N SER B 265 3.90 -33.71 35.87
CA SER B 265 4.26 -35.10 35.74
C SER B 265 3.93 -35.96 36.99
N SER B 266 3.57 -35.36 38.12
CA SER B 266 3.28 -36.15 39.35
C SER B 266 1.77 -36.52 39.40
N GLY B 267 0.94 -35.67 38.83
CA GLY B 267 -0.41 -36.07 38.58
C GLY B 267 -1.25 -34.94 38.05
N TRP B 268 -2.55 -35.06 38.21
CA TRP B 268 -3.47 -34.16 37.56
C TRP B 268 -4.62 -33.69 38.40
N VAL B 269 -5.18 -32.56 37.95
CA VAL B 269 -6.17 -31.85 38.70
C VAL B 269 -7.43 -31.72 37.87
N HIS B 270 -8.55 -32.00 38.51
CA HIS B 270 -9.88 -31.86 37.91
C HIS B 270 -10.45 -30.60 38.47
N THR B 271 -10.80 -29.70 37.55
CA THR B 271 -11.32 -28.36 37.86
C THR B 271 -12.66 -28.15 37.10
N PRO B 272 -13.76 -28.80 37.56
CA PRO B 272 -15.03 -28.81 36.80
C PRO B 272 -15.55 -27.44 36.43
N ASN B 273 -15.28 -26.42 37.24
CA ASN B 273 -15.71 -25.03 36.96
C ASN B 273 -14.65 -24.08 36.44
N GLY B 274 -13.53 -24.61 35.99
CA GLY B 274 -12.46 -23.79 35.45
C GLY B 274 -11.34 -23.53 36.44
N VAL B 275 -10.27 -22.97 35.88
CA VAL B 275 -9.03 -22.70 36.55
C VAL B 275 -8.92 -21.22 36.97
N ASP B 276 -8.41 -21.01 38.18
CA ASP B 276 -7.93 -19.72 38.68
C ASP B 276 -6.48 -19.55 38.20
N VAL B 277 -6.32 -18.77 37.15
CA VAL B 277 -5.04 -18.68 36.48
C VAL B 277 -4.01 -18.08 37.38
N ALA B 278 -4.39 -17.01 38.08
CA ALA B 278 -3.49 -16.30 38.98
C ALA B 278 -2.96 -17.22 40.11
N LYS B 279 -3.83 -18.07 40.61
CA LYS B 279 -3.43 -19.02 41.62
C LYS B 279 -2.41 -20.04 41.10
N LEU B 280 -2.59 -20.50 39.87
CA LEU B 280 -1.73 -21.50 39.30
C LEU B 280 -0.33 -20.91 39.00
N ARG B 281 -0.34 -19.67 38.49
CA ARG B 281 0.85 -18.84 38.33
C ARG B 281 1.65 -18.64 39.63
N GLU B 282 0.96 -18.28 40.71
CA GLU B 282 1.62 -18.19 42.00
C GLU B 282 2.27 -19.55 42.40
N ILE B 283 1.46 -20.60 42.40
CA ILE B 283 1.90 -21.95 42.76
C ILE B 283 3.08 -22.44 41.91
N LYS B 284 2.95 -22.33 40.57
CA LYS B 284 4.06 -22.70 39.64
C LYS B 284 5.30 -21.79 39.53
N GLU B 285 5.11 -20.48 39.49
CA GLU B 285 6.23 -19.55 39.18
C GLU B 285 6.91 -18.96 40.41
N VAL B 286 6.13 -18.76 41.48
CA VAL B 286 6.67 -18.18 42.72
C VAL B 286 7.06 -19.29 43.69
N ARG B 287 6.18 -20.25 43.91
CA ARG B 287 6.48 -21.32 44.87
C ARG B 287 7.16 -22.52 44.26
N ARG B 288 7.16 -22.60 42.94
CA ARG B 288 7.72 -23.74 42.20
C ARG B 288 7.16 -25.07 42.74
N ALA B 289 5.85 -25.09 42.98
CA ALA B 289 5.17 -26.18 43.70
C ALA B 289 4.44 -27.11 42.74
N ARG B 290 4.01 -28.25 43.25
CA ARG B 290 3.25 -29.24 42.48
C ARG B 290 1.80 -28.85 42.32
N VAL B 291 1.13 -29.36 41.27
CA VAL B 291 -0.30 -29.04 41.07
C VAL B 291 -1.19 -29.57 42.22
N SER B 292 -0.72 -30.58 42.95
CA SER B 292 -1.40 -31.04 44.17
C SER B 292 -1.72 -29.93 45.13
N VAL B 293 -0.79 -29.00 45.27
CA VAL B 293 -0.92 -27.81 46.08
C VAL B 293 -2.04 -26.87 45.58
N TYR B 294 -2.29 -26.81 44.28
CA TYR B 294 -3.41 -26.02 43.77
C TYR B 294 -4.75 -26.67 44.21
N ALA B 295 -4.85 -27.99 44.10
CA ALA B 295 -6.02 -28.68 44.56
C ALA B 295 -6.20 -28.55 46.09
N ASP B 296 -5.10 -28.53 46.86
CA ASP B 296 -5.18 -28.27 48.30
C ASP B 296 -5.84 -26.95 48.58
N GLU B 297 -5.54 -25.95 47.77
CA GLU B 297 -5.90 -24.60 48.14
C GLU B 297 -7.16 -24.05 47.46
N VAL B 298 -7.81 -24.86 46.64
CA VAL B 298 -8.86 -24.40 45.74
C VAL B 298 -10.03 -25.38 45.93
N GLU B 299 -11.13 -24.87 46.48
CA GLU B 299 -12.34 -25.65 46.69
C GLU B 299 -12.89 -26.05 45.30
N GLY B 300 -13.33 -27.31 45.14
CA GLY B 300 -13.82 -27.81 43.87
C GLY B 300 -12.76 -28.45 42.99
N ALA B 301 -11.48 -28.16 43.26
CA ALA B 301 -10.36 -28.74 42.54
C ALA B 301 -9.88 -30.01 43.22
N THR B 302 -9.65 -31.06 42.44
CA THR B 302 -9.26 -32.36 42.98
C THR B 302 -8.00 -32.93 42.28
N TYR B 303 -7.08 -33.46 43.09
CA TYR B 303 -5.84 -34.07 42.65
C TYR B 303 -5.99 -35.56 42.52
N HIS B 304 -5.48 -36.13 41.43
CA HIS B 304 -5.55 -37.55 41.11
C HIS B 304 -4.19 -38.01 40.62
N THR B 305 -3.78 -39.20 41.01
CA THR B 305 -2.58 -39.87 40.51
C THR B 305 -2.89 -41.24 39.93
N ASP B 306 -4.16 -41.57 39.77
CA ASP B 306 -4.56 -42.77 39.04
C ASP B 306 -5.33 -42.34 37.80
N GLY B 307 -5.57 -43.31 36.94
CA GLY B 307 -6.22 -43.04 35.69
C GLY B 307 -5.36 -42.11 34.88
N SER B 308 -5.99 -41.17 34.21
CA SER B 308 -5.33 -40.24 33.37
C SER B 308 -6.21 -38.99 33.25
N ILE B 309 -5.60 -37.85 33.02
CA ILE B 309 -6.35 -36.62 32.75
C ILE B 309 -7.25 -36.75 31.49
N TRP B 310 -6.84 -37.64 30.56
CA TRP B 310 -7.55 -37.88 29.32
C TRP B 310 -8.87 -38.73 29.49
N ASP B 311 -9.17 -39.16 30.73
CA ASP B 311 -10.47 -39.74 31.19
C ASP B 311 -11.61 -38.74 31.37
N LEU B 312 -11.30 -37.47 31.54
CA LEU B 312 -12.29 -36.42 31.62
C LEU B 312 -13.06 -36.24 30.33
N LYS B 313 -14.33 -35.86 30.52
CA LYS B 313 -15.29 -35.63 29.47
C LYS B 313 -15.10 -34.19 28.95
N CYS B 314 -14.60 -34.05 27.73
CA CYS B 314 -14.34 -32.74 27.19
C CYS B 314 -14.80 -32.63 25.76
N ASP B 315 -14.82 -31.39 25.31
CA ASP B 315 -15.03 -31.07 23.88
C ASP B 315 -13.73 -31.02 23.07
N ILE B 316 -12.68 -30.53 23.74
CA ILE B 316 -11.40 -30.14 23.18
C ILE B 316 -10.30 -30.60 24.09
N ALA B 317 -9.23 -31.15 23.51
CA ALA B 317 -8.04 -31.51 24.25
C ALA B 317 -6.81 -30.81 23.71
N LEU B 318 -6.05 -30.19 24.61
CA LEU B 318 -4.80 -29.51 24.32
C LEU B 318 -3.62 -30.06 25.13
N PRO B 319 -2.95 -31.10 24.61
CA PRO B 319 -1.76 -31.56 25.27
C PRO B 319 -0.60 -30.54 25.18
N CYS B 320 -0.17 -30.02 26.34
CA CYS B 320 0.83 -28.99 26.44
C CYS B 320 1.95 -29.33 27.41
N ALA B 321 2.27 -30.61 27.53
CA ALA B 321 3.34 -31.03 28.39
C ALA B 321 4.58 -31.54 27.67
N THR B 322 4.42 -32.63 26.95
CA THR B 322 5.60 -33.34 26.47
C THR B 322 5.26 -34.34 25.37
N GLN B 323 6.29 -34.95 24.78
CA GLN B 323 6.10 -35.95 23.74
C GLN B 323 5.44 -37.22 24.27
N ASN B 324 4.60 -37.81 23.42
CA ASN B 324 3.98 -39.12 23.71
C ASN B 324 3.32 -39.16 25.12
N GLU B 325 2.51 -38.16 25.41
CA GLU B 325 1.72 -38.05 26.63
C GLU B 325 0.23 -38.43 26.32
N LEU B 326 -0.12 -38.62 25.05
CA LEU B 326 -1.46 -38.95 24.64
C LEU B 326 -1.40 -40.12 23.67
N ASN B 327 -1.73 -41.29 24.18
CA ASN B 327 -1.55 -42.57 23.46
C ASN B 327 -2.86 -43.06 22.89
N GLY B 328 -2.78 -44.21 22.22
CA GLY B 328 -3.90 -44.81 21.51
C GLY B 328 -5.10 -45.05 22.39
N GLU B 329 -4.93 -45.71 23.53
CA GLU B 329 -6.03 -45.82 24.52
C GLU B 329 -6.59 -44.47 24.96
N ASN B 330 -5.72 -43.49 25.24
CA ASN B 330 -6.23 -42.17 25.63
C ASN B 330 -7.12 -41.58 24.55
N ALA B 331 -6.69 -41.69 23.29
CA ALA B 331 -7.42 -41.10 22.19
C ALA B 331 -8.82 -41.76 22.03
N LYS B 332 -8.92 -43.07 22.28
CA LYS B 332 -10.24 -43.81 22.28
C LYS B 332 -11.18 -43.32 23.37
N THR B 333 -10.63 -43.14 24.58
CA THR B 333 -11.39 -42.68 25.71
C THR B 333 -11.94 -41.29 25.35
N LEU B 334 -11.06 -40.39 24.92
CA LEU B 334 -11.46 -39.04 24.51
C LEU B 334 -12.56 -39.07 23.44
N ALA B 335 -12.36 -39.87 22.41
CA ALA B 335 -13.38 -40.01 21.37
C ALA B 335 -14.69 -40.58 21.95
N ASP B 336 -14.59 -41.56 22.83
CA ASP B 336 -15.80 -42.13 23.42
C ASP B 336 -16.56 -41.13 24.27
N ASN B 337 -15.84 -40.21 24.93
CA ASN B 337 -16.51 -39.24 25.77
C ASN B 337 -16.99 -37.97 25.06
N GLY B 338 -16.81 -37.87 23.73
CA GLY B 338 -17.31 -36.74 22.92
C GLY B 338 -16.31 -35.65 22.53
N CYS B 339 -15.01 -35.97 22.63
CA CYS B 339 -13.98 -35.07 22.13
C CYS B 339 -14.09 -34.92 20.59
N ARG B 340 -14.25 -33.69 20.11
CA ARG B 340 -14.24 -33.42 18.66
C ARG B 340 -12.98 -32.71 18.15
N PHE B 341 -12.13 -32.19 19.01
CA PHE B 341 -10.92 -31.42 18.60
C PHE B 341 -9.73 -31.68 19.49
N VAL B 342 -8.57 -31.83 18.85
CA VAL B 342 -7.28 -31.90 19.49
C VAL B 342 -6.36 -30.94 18.75
N ALA B 343 -5.57 -30.19 19.51
CA ALA B 343 -4.55 -29.29 18.94
C ALA B 343 -3.39 -29.37 19.89
N GLU B 344 -2.21 -29.57 19.33
CA GLU B 344 -1.01 -29.81 20.13
C GLU B 344 -0.27 -28.50 20.50
N GLY B 345 -0.27 -28.15 21.78
CA GLY B 345 0.67 -27.14 22.30
C GLY B 345 2.07 -27.68 22.49
N ALA B 346 2.16 -28.90 22.99
CA ALA B 346 3.47 -29.53 23.16
C ALA B 346 4.07 -29.91 21.79
N ASN B 347 5.33 -30.36 21.75
CA ASN B 347 5.90 -31.04 20.56
C ASN B 347 5.72 -32.56 20.60
N MET B 348 5.04 -33.07 19.59
CA MET B 348 4.72 -34.48 19.37
C MET B 348 4.10 -35.18 20.60
N PRO B 349 3.06 -34.59 21.22
CA PRO B 349 2.37 -35.24 22.33
C PRO B 349 1.54 -36.51 21.97
N SER B 350 0.98 -36.54 20.76
CA SER B 350 0.13 -37.64 20.29
C SER B 350 0.96 -38.69 19.63
N THR B 351 0.91 -39.92 20.19
CA THR B 351 1.59 -41.10 19.60
C THR B 351 0.98 -41.36 18.24
N PRO B 352 1.66 -42.15 17.40
CA PRO B 352 1.05 -42.43 16.11
C PRO B 352 -0.26 -43.23 16.20
N GLU B 353 -0.43 -44.06 17.22
CA GLU B 353 -1.75 -44.70 17.42
C GLU B 353 -2.84 -43.65 17.72
N ALA B 354 -2.54 -42.71 18.61
CA ALA B 354 -3.50 -41.64 18.86
C ALA B 354 -3.94 -40.92 17.57
N VAL B 355 -2.98 -40.63 16.70
CA VAL B 355 -3.24 -39.89 15.47
C VAL B 355 -4.17 -40.70 14.54
N GLU B 356 -3.93 -42.02 14.45
CA GLU B 356 -4.85 -42.92 13.75
C GLU B 356 -6.26 -42.92 14.38
N VAL B 357 -6.36 -42.99 15.70
CA VAL B 357 -7.67 -43.02 16.35
C VAL B 357 -8.44 -41.73 16.00
N PHE B 358 -7.75 -40.59 15.92
CA PHE B 358 -8.44 -39.31 15.60
C PHE B 358 -8.99 -39.31 14.19
N ARG B 359 -8.17 -39.78 13.26
CA ARG B 359 -8.58 -39.98 11.90
C ARG B 359 -9.84 -40.89 11.82
N GLU B 360 -9.78 -42.06 12.44
CA GLU B 360 -10.87 -43.04 12.43
C GLU B 360 -12.14 -42.52 13.11
N ARG B 361 -12.03 -41.68 14.15
CA ARG B 361 -13.19 -41.21 14.89
C ARG B 361 -13.65 -39.78 14.48
N ASP B 362 -13.12 -39.27 13.39
CA ASP B 362 -13.50 -37.94 12.87
C ASP B 362 -13.25 -36.77 13.86
N ILE B 363 -12.07 -36.78 14.44
CA ILE B 363 -11.66 -35.71 15.34
C ILE B 363 -10.75 -34.84 14.51
N ARG B 364 -11.03 -33.55 14.54
CA ARG B 364 -10.10 -32.61 13.92
C ARG B 364 -8.82 -32.47 14.79
N PHE B 365 -7.67 -32.68 14.13
CA PHE B 365 -6.38 -32.81 14.77
C PHE B 365 -5.44 -31.72 14.25
N GLY B 366 -5.00 -30.84 15.17
CA GLY B 366 -4.04 -29.79 14.93
C GLY B 366 -2.61 -30.20 15.31
N PRO B 367 -1.76 -30.44 14.30
CA PRO B 367 -0.40 -30.82 14.62
C PRO B 367 0.38 -29.69 15.32
N GLY B 368 1.24 -30.10 16.24
CA GLY B 368 2.04 -29.16 16.96
C GLY B 368 2.82 -28.19 16.10
N LYS B 369 3.43 -28.71 15.04
CA LYS B 369 4.19 -27.85 14.12
C LYS B 369 3.37 -26.69 13.53
N ALA B 370 2.05 -26.83 13.52
CA ALA B 370 1.20 -25.71 13.16
C ALA B 370 0.67 -24.97 14.40
N ALA B 371 0.06 -25.73 15.32
CA ALA B 371 -0.68 -25.15 16.44
C ALA B 371 0.22 -24.50 17.50
N ASN B 372 1.44 -25.02 17.72
CA ASN B 372 2.33 -24.41 18.73
C ASN B 372 3.37 -23.41 18.18
N ALA B 373 3.27 -23.11 16.90
CA ALA B 373 4.13 -22.23 16.18
C ALA B 373 4.09 -20.75 16.61
N GLY B 374 3.05 -20.28 17.30
CA GLY B 374 3.00 -18.91 17.83
C GLY B 374 4.20 -18.50 18.73
N GLY B 375 4.76 -19.48 19.42
CA GLY B 375 5.97 -19.26 20.18
C GLY B 375 7.15 -18.79 19.35
N VAL B 376 7.63 -19.67 18.48
CA VAL B 376 8.77 -19.35 17.64
C VAL B 376 8.45 -18.20 16.69
N ALA B 377 7.21 -18.09 16.22
CA ALA B 377 6.79 -16.89 15.42
C ALA B 377 6.99 -15.57 16.20
N THR B 378 6.56 -15.54 17.46
CA THR B 378 6.76 -14.36 18.31
C THR B 378 8.26 -14.12 18.65
N SER B 379 9.02 -15.20 18.87
CA SER B 379 10.49 -15.16 18.92
C SER B 379 11.09 -14.52 17.65
N ALA B 380 10.63 -14.90 16.47
CA ALA B 380 11.06 -14.19 15.24
C ALA B 380 10.68 -12.70 15.24
N LEU B 381 9.52 -12.35 15.81
CA LEU B 381 9.17 -10.94 15.99
C LEU B 381 10.05 -10.21 17.01
N GLU B 382 10.53 -10.94 18.04
CA GLU B 382 11.56 -10.38 18.96
C GLU B 382 12.88 -10.17 18.23
N MET B 383 13.22 -11.09 17.32
CA MET B 383 14.43 -10.89 16.47
C MET B 383 14.31 -9.67 15.57
N GLN B 384 13.11 -9.47 15.05
CA GLN B 384 12.84 -8.36 14.18
C GLN B 384 12.92 -7.03 14.92
N GLN B 385 12.31 -7.00 16.08
CA GLN B 385 12.44 -5.86 16.99
C GLN B 385 13.89 -5.55 17.33
N ASN B 386 14.66 -6.57 17.72
CA ASN B 386 16.09 -6.42 17.99
C ASN B 386 16.92 -5.95 16.78
N ALA B 387 16.69 -6.51 15.59
CA ALA B 387 17.45 -6.07 14.38
C ALA B 387 17.15 -4.56 14.05
N SER B 388 15.94 -4.08 14.35
CA SER B 388 15.52 -2.67 14.17
C SER B 388 15.78 -1.70 15.33
N ARG B 389 16.31 -2.22 16.44
CA ARG B 389 16.32 -1.59 17.77
C ARG B 389 15.00 -0.95 18.14
N ASP B 390 13.91 -1.65 17.85
CA ASP B 390 12.57 -1.14 18.03
C ASP B 390 11.93 -1.86 19.18
N SER B 391 10.80 -1.37 19.68
CA SER B 391 10.05 -2.07 20.69
C SER B 391 8.55 -1.93 20.49
N TRP B 392 7.82 -3.03 20.20
CA TRP B 392 6.41 -2.93 19.80
C TRP B 392 5.50 -3.04 21.02
N SER B 393 4.31 -2.48 20.95
CA SER B 393 3.31 -2.69 21.98
C SER B 393 2.74 -4.10 22.00
N PHE B 394 2.13 -4.40 23.15
CA PHE B 394 1.42 -5.67 23.37
C PHE B 394 0.39 -5.92 22.29
N GLU B 395 -0.42 -4.90 22.07
CA GLU B 395 -1.54 -4.95 21.13
C GLU B 395 -1.08 -5.28 19.72
N TYR B 396 -0.04 -4.57 19.28
CA TYR B 396 0.48 -4.70 17.93
C TYR B 396 1.02 -6.12 17.77
N THR B 397 1.75 -6.60 18.77
CA THR B 397 2.41 -7.91 18.65
C THR B 397 1.38 -9.02 18.67
N ASP B 398 0.39 -8.88 19.54
CA ASP B 398 -0.71 -9.84 19.61
C ASP B 398 -1.59 -9.88 18.36
N GLU B 399 -1.92 -8.71 17.83
CA GLU B 399 -2.62 -8.64 16.56
C GLU B 399 -1.77 -9.33 15.47
N ARG B 400 -0.45 -9.12 15.46
CA ARG B 400 0.41 -9.85 14.53
C ARG B 400 0.30 -11.36 14.77
N LEU B 401 0.35 -11.78 16.05
CA LEU B 401 0.30 -13.19 16.43
C LEU B 401 -1.01 -13.83 15.92
N GLN B 402 -2.09 -13.09 16.04
CA GLN B 402 -3.39 -13.58 15.58
C GLN B 402 -3.44 -13.78 14.08
N VAL B 403 -3.00 -12.78 13.31
CA VAL B 403 -2.96 -12.90 11.86
C VAL B 403 -2.09 -14.10 11.46
N ILE B 404 -0.92 -14.25 12.06
CA ILE B 404 -0.05 -15.38 11.73
C ILE B 404 -0.69 -16.76 11.99
N MET B 405 -1.33 -16.92 13.13
CA MET B 405 -1.97 -18.20 13.40
C MET B 405 -3.08 -18.43 12.42
N LYS B 406 -3.83 -17.38 12.07
CA LYS B 406 -4.83 -17.53 11.02
C LYS B 406 -4.22 -17.98 9.70
N ASN B 407 -3.08 -17.42 9.34
CA ASN B 407 -2.43 -17.77 8.07
C ASN B 407 -1.88 -19.15 8.07
N ILE B 408 -1.36 -19.58 9.22
CA ILE B 408 -0.85 -20.94 9.35
C ILE B 408 -2.04 -21.90 9.18
N PHE B 409 -3.17 -21.64 9.87
CA PHE B 409 -4.34 -22.49 9.68
C PHE B 409 -4.79 -22.51 8.20
N LYS B 410 -4.85 -21.35 7.57
CA LYS B 410 -5.27 -21.28 6.18
C LYS B 410 -4.27 -22.01 5.24
N THR B 411 -2.97 -21.82 5.47
CA THR B 411 -1.92 -22.60 4.79
C THR B 411 -2.10 -24.15 4.90
N CYS B 412 -2.34 -24.66 6.10
CA CYS B 412 -2.52 -26.10 6.34
C CYS B 412 -3.78 -26.59 5.65
N ALA B 413 -4.89 -25.84 5.77
CA ALA B 413 -6.15 -26.33 5.13
C ALA B 413 -6.04 -26.27 3.62
N GLU B 414 -5.60 -25.16 3.08
CA GLU B 414 -5.47 -25.03 1.61
C GLU B 414 -4.47 -25.99 0.99
N THR B 415 -3.35 -26.23 1.65
CA THR B 415 -2.36 -27.12 1.13
C THR B 415 -2.84 -28.55 1.23
N ALA B 416 -3.53 -28.90 2.31
CA ALA B 416 -4.06 -30.26 2.43
C ALA B 416 -5.05 -30.53 1.30
N ALA B 417 -5.87 -29.54 1.04
CA ALA B 417 -6.90 -29.61 0.04
C ALA B 417 -6.27 -29.69 -1.37
N GLU B 418 -5.23 -28.91 -1.59
CA GLU B 418 -4.49 -28.91 -2.86
C GLU B 418 -3.95 -30.28 -3.27
N TYR B 419 -3.53 -31.07 -2.29
CA TYR B 419 -3.06 -32.42 -2.49
C TYR B 419 -4.12 -33.48 -2.20
N GLY B 420 -5.40 -33.09 -2.14
CA GLY B 420 -6.47 -34.09 -2.04
C GLY B 420 -6.67 -34.79 -0.69
N HIS B 421 -6.34 -34.10 0.39
CA HIS B 421 -6.54 -34.62 1.76
C HIS B 421 -7.19 -33.50 2.59
N GLU B 422 -8.36 -33.06 2.17
CA GLU B 422 -8.94 -31.88 2.79
C GLU B 422 -9.21 -32.11 4.27
N ASN B 423 -8.94 -31.07 5.07
CA ASN B 423 -9.06 -31.16 6.53
C ASN B 423 -8.00 -32.03 7.26
N ASP B 424 -7.06 -32.60 6.51
CA ASP B 424 -5.94 -33.29 7.14
C ASP B 424 -4.78 -32.27 7.36
N TYR B 425 -4.77 -31.62 8.52
CA TYR B 425 -3.85 -30.50 8.79
C TYR B 425 -2.42 -30.96 8.93
N VAL B 426 -2.20 -32.25 9.26
CA VAL B 426 -0.86 -32.84 9.30
C VAL B 426 -0.28 -32.82 7.90
N VAL B 427 -1.06 -33.34 6.95
CA VAL B 427 -0.60 -33.36 5.57
C VAL B 427 -0.26 -31.93 5.13
N GLY B 428 -1.20 -31.04 5.36
CA GLY B 428 -1.03 -29.66 5.05
C GLY B 428 0.20 -28.98 5.64
N ALA B 429 0.43 -29.17 6.92
CA ALA B 429 1.58 -28.53 7.61
C ALA B 429 2.93 -29.06 7.15
N ASN B 430 3.04 -30.38 7.03
CA ASN B 430 4.24 -31.01 6.53
C ASN B 430 4.57 -30.64 5.11
N ILE B 431 3.58 -30.56 4.23
CA ILE B 431 3.83 -30.26 2.84
C ILE B 431 4.20 -28.80 2.70
N ALA B 432 3.40 -27.90 3.30
CA ALA B 432 3.66 -26.47 3.15
C ALA B 432 5.07 -26.11 3.70
N GLY B 433 5.38 -26.69 4.88
CA GLY B 433 6.65 -26.52 5.57
C GLY B 433 7.81 -27.02 4.76
N PHE B 434 7.66 -28.23 4.22
CA PHE B 434 8.68 -28.82 3.38
C PHE B 434 8.94 -28.06 2.06
N LYS B 435 7.89 -27.77 1.33
CA LYS B 435 8.05 -27.12 0.04
C LYS B 435 8.88 -25.82 0.15
N LYS B 436 8.63 -24.98 1.16
CA LYS B 436 9.37 -23.73 1.26
C LYS B 436 10.88 -23.96 1.57
N VAL B 437 11.18 -24.86 2.49
CA VAL B 437 12.55 -25.20 2.76
C VAL B 437 13.25 -25.77 1.56
N ALA B 438 12.60 -26.72 0.90
CA ALA B 438 13.09 -27.36 -0.30
C ALA B 438 13.36 -26.43 -1.45
N ASP B 439 12.43 -25.56 -1.80
CA ASP B 439 12.70 -24.59 -2.84
C ASP B 439 13.93 -23.75 -2.49
N ALA B 440 14.13 -23.41 -1.20
CA ALA B 440 15.29 -22.60 -0.78
C ALA B 440 16.57 -23.38 -0.82
N MET B 441 16.50 -24.67 -0.44
CA MET B 441 17.64 -25.56 -0.55
C MET B 441 18.16 -25.73 -2.01
N LEU B 442 17.25 -25.86 -2.96
CA LEU B 442 17.62 -26.03 -4.37
C LEU B 442 18.24 -24.77 -4.94
N ALA B 443 17.73 -23.61 -4.53
CA ALA B 443 18.33 -22.35 -4.95
C ALA B 443 19.78 -22.22 -4.45
N GLN B 444 20.03 -22.67 -3.24
CA GLN B 444 21.27 -22.37 -2.57
C GLN B 444 22.37 -23.36 -2.81
N GLY B 445 22.04 -24.46 -3.48
CA GLY B 445 23.06 -25.32 -4.08
C GLY B 445 23.44 -26.35 -3.09
N VAL B 446 24.47 -27.14 -3.40
CA VAL B 446 24.90 -28.25 -2.55
C VAL B 446 25.86 -27.76 -1.46
N ILE B 447 25.33 -27.66 -0.23
CA ILE B 447 26.01 -27.06 0.92
C ILE B 447 25.57 -27.73 2.25
N MET C 1 24.52 -2.47 59.31
CA MET C 1 23.32 -2.92 60.07
C MET C 1 22.07 -2.19 59.59
N THR C 2 21.98 -0.89 59.86
CA THR C 2 21.03 0.00 59.16
C THR C 2 21.40 0.16 57.67
N VAL C 3 20.41 0.54 56.87
CA VAL C 3 20.64 0.92 55.47
C VAL C 3 21.66 2.05 55.39
N ASP C 4 21.42 3.10 56.14
CA ASP C 4 22.30 4.28 56.12
C ASP C 4 23.77 3.91 56.42
N GLU C 5 23.97 3.07 57.44
CA GLU C 5 25.28 2.55 57.82
C GLU C 5 25.93 1.69 56.72
N GLN C 6 25.18 0.74 56.16
CA GLN C 6 25.64 -0.10 55.06
C GLN C 6 26.13 0.75 53.88
N VAL C 7 25.34 1.74 53.53
CA VAL C 7 25.64 2.55 52.38
C VAL C 7 26.81 3.47 52.64
N SER C 8 26.90 4.03 53.85
CA SER C 8 28.05 4.86 54.20
C SER C 8 29.32 4.05 54.27
N ASN C 9 29.23 2.82 54.78
CA ASN C 9 30.40 1.92 54.85
C ASN C 9 30.88 1.56 53.45
N TYR C 10 29.95 1.35 52.52
CA TYR C 10 30.32 1.07 51.15
C TYR C 10 31.00 2.28 50.50
N TYR C 11 30.42 3.45 50.68
CA TYR C 11 31.02 4.71 50.26
C TYR C 11 32.47 4.92 50.74
N ASP C 12 32.72 4.62 52.00
CA ASP C 12 34.08 4.76 52.58
C ASP C 12 35.10 3.86 51.90
N MET C 13 34.71 2.63 51.62
CA MET C 13 35.55 1.72 50.89
C MET C 13 35.75 2.22 49.44
N LEU C 14 34.69 2.72 48.83
CA LEU C 14 34.82 3.35 47.55
C LEU C 14 35.83 4.53 47.52
N LEU C 15 35.89 5.32 48.58
CA LEU C 15 36.87 6.41 48.70
C LEU C 15 38.30 5.87 48.78
N LYS C 16 38.46 4.71 49.39
CA LYS C 16 39.79 4.06 49.48
C LYS C 16 40.24 3.42 48.17
N ARG C 17 39.39 2.63 47.54
CA ARG C 17 39.72 2.06 46.22
C ARG C 17 39.85 3.12 45.08
N ASN C 18 39.15 4.24 45.18
CA ASN C 18 39.22 5.31 44.17
C ASN C 18 39.77 6.61 44.73
N ALA C 19 40.82 6.55 45.54
CA ALA C 19 41.33 7.79 46.16
C ALA C 19 41.82 8.71 45.05
N GLY C 20 41.68 10.01 45.25
CA GLY C 20 42.15 11.02 44.34
C GLY C 20 41.24 11.33 43.14
N GLU C 21 39.97 10.90 43.20
CA GLU C 21 38.98 11.16 42.16
C GLU C 21 37.76 11.94 42.67
N PRO C 22 37.97 13.20 43.08
CA PRO C 22 36.89 13.93 43.75
C PRO C 22 35.55 14.00 42.96
N GLU C 23 35.65 14.15 41.63
CA GLU C 23 34.45 14.25 40.79
C GLU C 23 33.70 12.90 40.74
N PHE C 24 34.45 11.81 40.74
CA PHE C 24 33.83 10.50 40.87
C PHE C 24 33.14 10.35 42.23
N HIS C 25 33.82 10.74 43.31
CA HIS C 25 33.22 10.70 44.66
C HIS C 25 31.95 11.52 44.72
N GLN C 26 31.97 12.67 44.06
CA GLN C 26 30.85 13.59 44.07
C GLN C 26 29.63 12.96 43.32
N ALA C 27 29.83 12.40 42.14
CA ALA C 27 28.69 11.76 41.40
C ALA C 27 28.12 10.54 42.15
N VAL C 28 29.02 9.71 42.63
CA VAL C 28 28.61 8.58 43.42
C VAL C 28 27.83 9.02 44.67
N ALA C 29 28.28 10.05 45.39
CA ALA C 29 27.68 10.43 46.69
C ALA C 29 26.21 10.79 46.51
N GLU C 30 25.91 11.70 45.58
CA GLU C 30 24.49 12.06 45.28
C GLU C 30 23.59 10.86 44.93
N VAL C 31 24.10 9.93 44.10
CA VAL C 31 23.30 8.75 43.72
C VAL C 31 23.06 7.84 44.95
N LEU C 32 24.11 7.56 45.71
CA LEU C 32 23.95 6.77 46.91
C LEU C 32 23.02 7.35 47.98
N GLU C 33 22.87 8.68 48.05
CA GLU C 33 21.85 9.29 48.93
C GLU C 33 20.45 8.94 48.47
N SER C 34 20.19 9.01 47.18
CA SER C 34 18.88 8.59 46.69
C SER C 34 18.66 7.08 46.85
N LEU C 35 19.72 6.29 46.72
CA LEU C 35 19.59 4.84 46.85
C LEU C 35 19.31 4.39 48.26
N LYS C 36 19.67 5.19 49.25
CA LYS C 36 19.22 4.89 50.62
C LYS C 36 17.70 4.87 50.71
N ILE C 37 17.05 5.78 50.02
CA ILE C 37 15.62 5.85 50.04
C ILE C 37 15.06 4.50 49.56
N VAL C 38 15.51 4.06 48.38
CA VAL C 38 15.03 2.82 47.73
C VAL C 38 15.19 1.61 48.62
N LEU C 39 16.33 1.53 49.28
CA LEU C 39 16.70 0.38 50.08
C LEU C 39 15.93 0.23 51.41
N GLU C 40 15.49 1.35 51.96
CA GLU C 40 14.62 1.39 53.13
C GLU C 40 13.24 0.81 52.76
N LYS C 41 12.69 1.16 51.57
CA LYS C 41 11.39 0.63 51.12
C LYS C 41 11.54 -0.77 50.51
N ASP C 42 12.67 -1.07 49.86
CA ASP C 42 12.92 -2.42 49.35
C ASP C 42 14.36 -2.91 49.37
N PRO C 43 14.76 -3.58 50.46
CA PRO C 43 16.16 -3.96 50.57
C PRO C 43 16.65 -5.10 49.63
N HIS C 44 15.75 -5.81 48.94
CA HIS C 44 16.14 -6.78 47.89
C HIS C 44 17.06 -6.20 46.80
N TYR C 45 17.01 -4.88 46.56
CA TYR C 45 17.89 -4.24 45.58
C TYR C 45 19.41 -4.31 45.94
N ALA C 46 19.71 -4.53 47.21
CA ALA C 46 21.08 -4.77 47.68
C ALA C 46 21.60 -6.21 47.49
N ASP C 47 20.71 -7.15 47.11
CA ASP C 47 21.07 -8.56 46.98
C ASP C 47 22.11 -8.75 45.92
N TYR C 48 22.88 -9.82 46.09
CA TYR C 48 23.89 -10.29 45.16
C TYR C 48 24.98 -9.23 44.86
N GLY C 49 25.31 -8.41 45.86
CA GLY C 49 26.37 -7.42 45.72
C GLY C 49 26.04 -6.45 44.62
N LEU C 50 24.76 -6.18 44.47
CA LEU C 50 24.30 -5.41 43.33
C LEU C 50 24.93 -4.02 43.33
N ILE C 51 24.88 -3.34 44.45
CA ILE C 51 25.47 -2.02 44.59
C ILE C 51 26.99 -2.00 44.37
N GLN C 52 27.70 -3.01 44.90
CA GLN C 52 29.16 -3.16 44.68
C GLN C 52 29.57 -3.40 43.20
N ARG C 53 28.73 -4.07 42.44
CA ARG C 53 28.96 -4.27 41.01
C ARG C 53 28.65 -3.01 40.24
N LEU C 54 27.54 -2.37 40.57
CA LEU C 54 27.14 -1.17 39.89
C LEU C 54 28.21 -0.07 39.89
N CYS C 55 28.87 0.11 41.04
CA CYS C 55 29.72 1.26 41.24
C CYS C 55 31.16 0.98 40.76
N GLU C 56 31.45 -0.22 40.26
CA GLU C 56 32.74 -0.59 39.73
C GLU C 56 32.60 -0.79 38.20
N PRO C 57 33.33 0.02 37.40
CA PRO C 57 33.22 -0.16 35.96
C PRO C 57 33.51 -1.59 35.53
N GLU C 58 32.70 -2.13 34.62
CA GLU C 58 32.97 -3.43 34.02
C GLU C 58 34.40 -3.44 33.42
N ARG C 59 34.75 -2.35 32.74
CA ARG C 59 36.06 -2.25 32.12
C ARG C 59 36.49 -0.78 31.97
N GLN C 60 37.80 -0.53 32.14
CA GLN C 60 38.45 0.75 31.92
C GLN C 60 39.73 0.53 31.10
N LEU C 61 39.89 1.39 30.08
CA LEU C 61 41.03 1.42 29.20
C LEU C 61 41.70 2.78 29.22
N ILE C 62 42.98 2.80 29.50
CA ILE C 62 43.79 4.00 29.44
C ILE C 62 44.83 3.67 28.43
N PHE C 63 45.14 4.57 27.51
CA PHE C 63 46.11 4.26 26.47
C PHE C 63 46.96 5.47 26.02
N ARG C 64 48.14 5.14 25.52
CA ARG C 64 49.01 6.13 24.89
C ARG C 64 48.45 6.53 23.53
N VAL C 65 48.50 7.83 23.27
CA VAL C 65 48.07 8.43 22.01
C VAL C 65 49.22 9.37 21.54
N PRO C 66 50.18 8.80 20.85
CA PRO C 66 51.25 9.65 20.29
C PRO C 66 50.79 10.29 18.98
N TRP C 67 51.21 11.53 18.76
CA TRP C 67 50.92 12.25 17.49
C TRP C 67 52.02 13.29 17.16
N VAL C 68 52.13 13.61 15.87
CA VAL C 68 53.13 14.49 15.30
C VAL C 68 52.46 15.83 14.94
N ASP C 69 52.98 16.95 15.45
CA ASP C 69 52.38 18.27 15.19
C ASP C 69 52.79 18.79 13.80
N ASP C 70 52.35 19.99 13.41
CA ASP C 70 52.70 20.50 12.09
C ASP C 70 54.19 20.84 11.87
N GLN C 71 54.96 21.01 12.96
CA GLN C 71 56.42 21.20 12.90
C GLN C 71 57.22 19.95 13.09
N GLY C 72 56.60 18.78 12.93
CA GLY C 72 57.33 17.52 13.00
C GLY C 72 57.74 17.06 14.39
N GLN C 73 57.14 17.64 15.42
CA GLN C 73 57.46 17.29 16.80
C GLN C 73 56.43 16.31 17.39
N VAL C 74 56.94 15.26 18.05
CA VAL C 74 56.11 14.20 18.62
C VAL C 74 55.62 14.63 20.00
N HIS C 75 54.34 14.38 20.26
CA HIS C 75 53.69 14.61 21.54
C HIS C 75 52.98 13.33 21.90
N VAL C 76 52.61 13.24 23.15
CA VAL C 76 52.06 12.06 23.74
C VAL C 76 50.97 12.55 24.69
N ASN C 77 49.73 12.14 24.43
CA ASN C 77 48.64 12.32 25.38
C ASN C 77 48.10 10.97 25.80
N ARG C 78 47.25 11.02 26.82
CA ARG C 78 46.65 9.89 27.46
C ARG C 78 45.23 9.82 26.94
N GLY C 79 44.82 8.61 26.52
CA GLY C 79 43.43 8.34 26.14
C GLY C 79 42.72 7.43 27.12
N PHE C 80 41.40 7.56 27.19
CA PHE C 80 40.55 6.88 28.19
C PHE C 80 39.29 6.40 27.54
N ARG C 81 38.85 5.20 27.91
CA ARG C 81 37.49 4.78 27.67
C ARG C 81 37.04 3.91 28.86
N VAL C 82 36.04 4.38 29.58
CA VAL C 82 35.46 3.65 30.72
C VAL C 82 34.14 3.03 30.22
N GLN C 83 34.06 1.72 30.20
CA GLN C 83 32.84 1.00 29.82
C GLN C 83 32.16 0.55 31.11
N PHE C 84 31.22 1.37 31.56
CA PHE C 84 30.80 1.29 32.97
C PHE C 84 29.83 0.14 33.23
N ASN C 85 28.70 0.21 32.52
CA ASN C 85 27.63 -0.77 32.73
C ASN C 85 26.91 -1.13 31.44
N SER C 86 26.76 -2.42 31.17
CA SER C 86 26.16 -2.87 29.93
C SER C 86 24.86 -3.65 30.17
N ALA C 87 24.22 -3.50 31.31
CA ALA C 87 23.04 -4.29 31.62
C ALA C 87 21.89 -4.08 30.60
N LEU C 88 21.66 -2.84 30.23
CA LEU C 88 20.52 -2.49 29.33
C LEU C 88 20.87 -2.38 27.85
N GLY C 89 22.15 -2.40 27.53
CA GLY C 89 22.57 -2.24 26.14
C GLY C 89 24.06 -2.03 25.99
N PRO C 90 24.49 -1.79 24.76
CA PRO C 90 25.88 -1.44 24.53
C PRO C 90 26.31 -0.24 25.38
N TYR C 91 27.58 -0.15 25.71
CA TYR C 91 28.01 0.97 26.52
C TYR C 91 27.79 2.14 25.63
N LYS C 92 27.34 3.25 26.18
CA LYS C 92 27.05 4.42 25.35
C LYS C 92 27.46 5.68 26.06
N GLY C 93 28.22 6.54 25.37
CA GLY C 93 28.64 7.84 25.87
C GLY C 93 29.75 8.48 25.02
N GLY C 94 29.91 9.79 25.19
CA GLY C 94 30.77 10.56 24.31
C GLY C 94 32.20 10.63 24.78
N LEU C 95 33.00 11.39 24.01
CA LEU C 95 34.42 11.55 24.25
C LEU C 95 34.71 13.01 24.50
N ARG C 96 35.51 13.25 25.53
CA ARG C 96 35.96 14.54 25.87
C ARG C 96 37.49 14.72 25.65
N PHE C 97 37.86 15.69 24.80
CA PHE C 97 39.22 16.10 24.57
C PHE C 97 39.39 17.49 25.21
N HIS C 98 40.02 17.57 26.37
CA HIS C 98 40.23 18.84 27.10
C HIS C 98 41.41 18.61 28.07
N PRO C 99 42.27 19.62 28.34
CA PRO C 99 43.49 19.28 29.15
C PRO C 99 43.25 18.89 30.62
N SER C 100 42.06 19.16 31.15
CA SER C 100 41.65 18.75 32.48
C SER C 100 41.34 17.27 32.62
N VAL C 101 41.19 16.53 31.51
CA VAL C 101 40.63 15.16 31.55
C VAL C 101 41.58 14.21 32.24
N ASN C 102 41.03 13.42 33.15
CA ASN C 102 41.76 12.33 33.79
C ASN C 102 40.74 11.22 34.11
N LEU C 103 41.24 10.08 34.62
CA LEU C 103 40.43 8.90 34.85
C LEU C 103 39.26 9.18 35.83
N GLY C 104 39.51 9.95 36.89
CA GLY C 104 38.41 10.33 37.76
C GLY C 104 37.24 11.07 37.08
N ILE C 105 37.57 11.98 36.17
CA ILE C 105 36.53 12.70 35.42
C ILE C 105 35.75 11.76 34.49
N VAL C 106 36.46 10.95 33.74
CA VAL C 106 35.85 10.02 32.83
C VAL C 106 34.93 9.07 33.62
N LYS C 107 35.39 8.62 34.80
CA LYS C 107 34.54 7.82 35.65
C LYS C 107 33.25 8.46 36.17
N PHE C 108 33.33 9.72 36.59
CA PHE C 108 32.17 10.46 37.04
C PHE C 108 31.19 10.51 35.86
N LEU C 109 31.69 10.86 34.69
CA LEU C 109 30.86 10.94 33.51
C LEU C 109 30.25 9.59 33.14
N GLY C 110 31.06 8.56 33.06
CA GLY C 110 30.61 7.20 32.79
C GLY C 110 29.54 6.74 33.76
N PHE C 111 29.72 7.03 35.04
CA PHE C 111 28.81 6.62 36.09
C PHE C 111 27.46 7.29 35.96
N GLU C 112 27.46 8.61 35.79
CA GLU C 112 26.22 9.36 35.55
C GLU C 112 25.47 8.84 34.35
N GLN C 113 26.25 8.54 33.34
CA GLN C 113 25.75 8.14 32.04
C GLN C 113 24.87 6.87 32.09
N ILE C 114 25.21 5.91 32.95
CA ILE C 114 24.39 4.74 33.22
C ILE C 114 22.96 5.09 33.53
N PHE C 115 22.77 6.02 34.47
CA PHE C 115 21.40 6.32 34.97
C PHE C 115 20.69 7.21 33.99
N LYS C 116 21.41 8.13 33.41
CA LYS C 116 20.88 8.94 32.30
C LYS C 116 20.31 8.07 31.17
N ASN C 117 21.17 7.19 30.68
CA ASN C 117 20.82 6.28 29.60
C ASN C 117 19.62 5.39 29.97
N SER C 118 19.57 4.90 31.22
CA SER C 118 18.42 4.17 31.69
C SER C 118 17.11 4.98 31.63
N LEU C 119 17.18 6.26 31.99
CA LEU C 119 16.03 7.10 32.08
C LEU C 119 15.45 7.42 30.71
N THR C 120 16.24 7.40 29.64
CA THR C 120 15.68 7.71 28.31
C THR C 120 14.58 6.71 27.85
N GLY C 121 14.53 5.53 28.46
CA GLY C 121 13.67 4.43 27.99
C GLY C 121 14.30 3.60 26.90
N LEU C 122 15.43 4.02 26.34
CA LEU C 122 16.05 3.35 25.21
C LEU C 122 17.17 2.36 25.63
N PRO C 123 17.45 1.37 24.79
CA PRO C 123 18.32 0.23 25.21
C PRO C 123 19.80 0.51 25.08
N ILE C 124 20.39 1.19 26.07
CA ILE C 124 21.78 1.60 25.99
C ILE C 124 22.36 1.53 27.41
N GLY C 125 23.61 1.05 27.49
CA GLY C 125 24.36 1.03 28.73
C GLY C 125 25.12 2.37 28.88
N GLY C 126 26.01 2.45 29.86
CA GLY C 126 26.77 3.66 30.14
C GLY C 126 28.28 3.51 30.03
N GLY C 127 28.87 4.52 29.39
CA GLY C 127 30.28 4.60 29.12
C GLY C 127 30.68 6.04 28.82
N LYS C 128 31.98 6.31 28.87
CA LYS C 128 32.56 7.60 28.48
C LYS C 128 33.99 7.50 28.18
N GLY C 129 34.50 8.47 27.44
CA GLY C 129 35.92 8.50 27.13
C GLY C 129 36.49 9.88 26.88
N GLY C 130 37.76 9.91 26.47
CA GLY C 130 38.41 11.13 26.23
C GLY C 130 39.91 11.12 26.19
N SER C 131 40.47 12.31 26.16
CA SER C 131 41.88 12.48 26.26
C SER C 131 42.20 13.82 26.89
N ASP C 132 43.38 13.91 27.50
CA ASP C 132 43.93 15.19 28.00
C ASP C 132 44.52 16.05 26.89
N PHE C 133 44.36 15.62 25.65
CA PHE C 133 44.69 16.43 24.49
C PHE C 133 43.92 17.74 24.53
N ASP C 134 44.59 18.83 24.11
CA ASP C 134 43.96 20.14 24.01
C ASP C 134 43.79 20.61 22.54
N PRO C 135 42.56 20.52 22.00
CA PRO C 135 42.36 20.93 20.59
C PRO C 135 42.48 22.43 20.28
N LYS C 136 42.48 23.29 21.31
CA LYS C 136 42.66 24.73 21.06
C LYS C 136 44.00 25.00 20.39
N GLY C 137 43.93 25.81 19.32
CA GLY C 137 45.08 26.20 18.57
C GLY C 137 45.71 25.14 17.68
N LYS C 138 45.03 23.99 17.50
CA LYS C 138 45.53 22.93 16.63
C LYS C 138 44.94 23.15 15.28
N SER C 139 45.70 22.82 14.25
CA SER C 139 45.22 22.90 12.86
C SER C 139 44.32 21.70 12.59
N ASP C 140 43.55 21.76 11.51
CA ASP C 140 42.72 20.64 11.09
C ASP C 140 43.50 19.31 10.93
N LEU C 141 44.71 19.41 10.39
CA LEU C 141 45.51 18.27 10.13
C LEU C 141 46.00 17.70 11.43
N GLU C 142 46.38 18.56 12.35
CA GLU C 142 46.77 18.08 13.67
C GLU C 142 45.64 17.35 14.41
N ILE C 143 44.45 17.89 14.33
CA ILE C 143 43.29 17.30 14.93
C ILE C 143 42.96 15.96 14.25
N MET C 144 43.12 15.93 12.94
CA MET C 144 42.92 14.72 12.18
C MET C 144 43.87 13.63 12.64
N ARG C 145 45.17 13.94 12.73
CA ARG C 145 46.15 12.96 13.15
C ARG C 145 45.94 12.48 14.58
N PHE C 146 45.58 13.41 15.45
CA PHE C 146 45.31 13.02 16.83
C PHE C 146 44.16 12.03 16.89
N CYS C 147 43.04 12.39 16.25
CA CYS C 147 41.89 11.52 16.15
C CYS C 147 42.19 10.17 15.55
N GLN C 148 43.07 10.12 14.55
CA GLN C 148 43.47 8.87 13.93
C GLN C 148 44.25 8.03 14.92
N SER C 149 45.22 8.63 15.60
CA SER C 149 46.01 7.91 16.55
C SER C 149 45.10 7.41 17.71
N PHE C 150 44.21 8.24 18.19
CA PHE C 150 43.28 7.87 19.27
C PHE C 150 42.44 6.64 18.88
N MET C 151 41.98 6.59 17.64
CA MET C 151 41.10 5.54 17.21
C MET C 151 41.88 4.29 16.86
N THR C 152 43.17 4.45 16.58
CA THR C 152 43.97 3.27 16.31
C THR C 152 43.98 2.33 17.50
N GLU C 153 43.98 2.85 18.71
CA GLU C 153 43.79 2.00 19.84
C GLU C 153 42.29 1.76 20.07
N LEU C 154 41.48 2.81 20.00
CA LEU C 154 40.12 2.69 20.48
C LEU C 154 39.25 1.69 19.72
N HIS C 155 39.52 1.57 18.40
CA HIS C 155 38.65 0.78 17.51
C HIS C 155 38.40 -0.66 17.95
N ARG C 156 39.41 -1.30 18.50
CA ARG C 156 39.31 -2.71 18.89
C ARG C 156 38.48 -2.98 20.12
N HIS C 157 38.03 -1.92 20.81
CA HIS C 157 37.15 -1.99 22.00
C HIS C 157 35.75 -1.48 21.76
N ILE C 158 35.47 -1.02 20.56
CA ILE C 158 34.17 -0.51 20.28
C ILE C 158 33.49 -1.29 19.15
N GLY C 159 32.20 -0.96 18.91
CA GLY C 159 31.41 -1.67 17.91
C GLY C 159 29.95 -1.35 18.10
N GLU C 160 29.17 -1.50 17.05
CA GLU C 160 27.70 -1.25 17.06
C GLU C 160 26.92 -1.93 18.26
N TYR C 161 27.39 -3.09 18.72
CA TYR C 161 26.78 -3.77 19.90
C TYR C 161 27.62 -3.75 21.18
N ARG C 162 28.86 -3.23 21.13
CA ARG C 162 29.82 -3.32 22.22
C ARG C 162 29.90 -1.99 22.95
N ASP C 163 30.24 -0.91 22.24
CA ASP C 163 30.43 0.43 22.80
C ASP C 163 30.29 1.49 21.67
N VAL C 164 29.43 2.48 21.83
CA VAL C 164 29.13 3.30 20.67
C VAL C 164 30.07 4.50 20.20
N PRO C 165 30.83 5.21 21.07
CA PRO C 165 30.82 6.68 21.40
C PRO C 165 30.13 7.78 20.57
N ALA C 166 30.51 9.02 20.87
CA ALA C 166 29.89 10.24 20.38
C ALA C 166 30.73 11.43 20.88
N GLY C 167 30.23 12.65 20.72
CA GLY C 167 30.88 13.87 21.16
C GLY C 167 30.65 14.27 22.58
N ASP C 168 31.35 15.33 22.99
CA ASP C 168 31.29 15.98 24.32
C ASP C 168 32.22 17.21 24.18
N ILE C 169 32.81 17.71 25.25
CA ILE C 169 33.66 18.91 25.15
C ILE C 169 34.89 18.59 24.27
N GLY C 170 35.20 19.54 23.38
CA GLY C 170 36.25 19.41 22.42
C GLY C 170 36.04 18.42 21.29
N VAL C 171 34.88 17.74 21.22
CA VAL C 171 34.61 16.75 20.18
C VAL C 171 33.27 17.04 19.58
N GLY C 172 33.28 17.66 18.40
CA GLY C 172 32.07 17.99 17.63
C GLY C 172 32.01 17.25 16.32
N GLY C 173 31.28 17.81 15.35
CA GLY C 173 31.17 17.21 14.01
C GLY C 173 32.49 16.84 13.40
N ARG C 174 33.39 17.80 13.35
CA ARG C 174 34.68 17.63 12.76
C ARG C 174 35.44 16.36 13.27
N GLU C 175 35.55 16.24 14.59
CA GLU C 175 36.25 15.15 15.24
C GLU C 175 35.56 13.77 15.00
N ILE C 176 34.24 13.72 15.17
CA ILE C 176 33.51 12.49 14.83
C ILE C 176 33.75 12.06 13.40
N GLY C 177 33.76 13.04 12.48
CA GLY C 177 34.22 12.81 11.12
C GLY C 177 35.52 12.03 11.01
N TYR C 178 36.56 12.55 11.62
CA TYR C 178 37.85 11.90 11.55
C TYR C 178 37.89 10.59 12.30
N LEU C 179 37.18 10.52 13.42
CA LEU C 179 37.08 9.30 14.21
C LEU C 179 36.39 8.17 13.44
N PHE C 180 35.26 8.47 12.86
CA PHE C 180 34.50 7.49 12.11
C PHE C 180 35.28 6.97 10.88
N GLY C 181 35.84 7.93 10.15
CA GLY C 181 36.64 7.61 8.97
C GLY C 181 37.78 6.66 9.29
N HIS C 182 38.52 6.94 10.34
CA HIS C 182 39.65 6.06 10.68
C HIS C 182 39.15 4.72 11.27
N TYR C 183 38.01 4.75 11.99
CA TYR C 183 37.36 3.52 12.40
C TYR C 183 37.15 2.57 11.20
N ARG C 184 36.55 3.10 10.13
CA ARG C 184 36.31 2.27 8.93
C ARG C 184 37.60 1.74 8.33
N ARG C 185 38.60 2.59 8.32
CA ARG C 185 39.90 2.16 7.86
C ARG C 185 40.49 0.99 8.71
N MET C 186 40.39 1.07 10.04
CA MET C 186 40.93 0.01 10.90
C MET C 186 40.14 -1.27 10.75
N ALA C 187 38.81 -1.19 10.71
CA ALA C 187 37.94 -2.39 10.72
C ALA C 187 37.61 -2.92 9.34
N ASN C 188 37.92 -2.19 8.27
CA ASN C 188 37.45 -2.41 6.94
C ASN C 188 35.93 -2.70 6.94
N GLN C 189 35.16 -1.83 7.61
CA GLN C 189 33.72 -2.00 7.76
C GLN C 189 33.09 -0.64 7.73
N HIS C 190 32.05 -0.51 6.93
CA HIS C 190 31.26 0.67 7.01
C HIS C 190 30.14 0.49 8.06
N GLU C 191 30.54 0.45 9.32
CA GLU C 191 29.68 0.13 10.49
C GLU C 191 29.18 1.42 11.13
N SER C 192 28.14 1.96 10.53
CA SER C 192 27.51 3.23 10.88
C SER C 192 27.12 3.33 12.36
N GLY C 193 26.74 2.17 12.90
CA GLY C 193 26.32 2.01 14.27
C GLY C 193 27.36 2.20 15.32
N VAL C 194 28.61 2.26 14.91
CA VAL C 194 29.70 2.38 15.85
C VAL C 194 29.82 3.76 16.50
N LEU C 195 29.32 4.84 15.90
CA LEU C 195 29.38 6.17 16.51
C LEU C 195 28.12 6.95 16.25
N THR C 196 27.83 7.89 17.14
CA THR C 196 26.74 8.82 16.91
C THR C 196 27.27 10.23 16.83
N GLY C 197 26.39 11.14 16.41
CA GLY C 197 26.80 12.47 16.02
C GLY C 197 27.51 12.54 14.65
N LYS C 198 27.25 11.57 13.80
CA LYS C 198 27.82 11.58 12.48
C LYS C 198 27.09 12.59 11.60
N GLY C 199 27.74 12.91 10.48
CA GLY C 199 27.21 13.84 9.48
C GLY C 199 26.07 13.24 8.70
N LEU C 200 25.19 14.09 8.19
CA LEU C 200 23.94 13.62 7.57
C LEU C 200 24.09 12.77 6.34
N THR C 201 25.18 12.92 5.59
CA THR C 201 25.37 12.15 4.36
C THR C 201 26.19 10.83 4.56
N TRP C 202 26.65 10.54 5.79
CA TRP C 202 27.32 9.32 6.12
C TRP C 202 26.78 8.78 7.45
N GLY C 203 25.46 8.78 7.56
CA GLY C 203 24.76 7.96 8.49
C GLY C 203 24.27 8.64 9.74
N GLY C 204 24.40 9.97 9.82
CA GLY C 204 24.00 10.74 10.97
C GLY C 204 22.50 10.89 11.00
N SER C 205 21.97 11.41 12.09
CA SER C 205 20.54 11.66 12.23
C SER C 205 20.29 13.14 12.23
N LEU C 206 19.18 13.54 11.60
CA LEU C 206 18.65 14.87 11.79
C LEU C 206 18.25 14.98 13.25
N VAL C 207 18.34 16.22 13.76
CA VAL C 207 18.13 16.64 15.13
C VAL C 207 19.29 16.39 16.10
N ARG C 208 20.25 15.55 15.77
CA ARG C 208 21.27 15.18 16.76
C ARG C 208 22.16 16.35 17.15
N THR C 209 22.58 17.13 16.17
CA THR C 209 23.39 18.31 16.43
C THR C 209 22.67 19.20 17.45
N GLU C 210 21.36 19.29 17.36
CA GLU C 210 20.56 20.17 18.20
C GLU C 210 20.03 19.60 19.51
N ALA C 211 20.19 18.30 19.69
CA ALA C 211 19.31 17.49 20.52
C ALA C 211 19.48 17.77 22.00
N THR C 212 20.72 17.96 22.43
CA THR C 212 20.99 18.16 23.83
C THR C 212 20.43 19.49 24.31
N GLY C 213 20.77 20.54 23.57
CA GLY C 213 20.23 21.86 23.86
C GLY C 213 18.72 21.90 23.75
N TYR C 214 18.17 21.37 22.67
CA TYR C 214 16.72 21.36 22.52
C TYR C 214 16.10 20.61 23.69
N GLY C 215 16.63 19.45 23.98
CA GLY C 215 16.09 18.61 25.05
C GLY C 215 16.09 19.23 26.46
N CYS C 216 17.13 19.98 26.76
CA CYS C 216 17.25 20.70 27.99
C CYS C 216 16.11 21.71 28.13
N VAL C 217 15.80 22.39 27.03
CA VAL C 217 14.73 23.36 27.03
C VAL C 217 13.36 22.70 27.11
N TYR C 218 13.16 21.58 26.41
CA TYR C 218 11.92 20.80 26.52
C TYR C 218 11.72 20.32 27.98
N PHE C 219 12.82 19.94 28.61
CA PHE C 219 12.73 19.48 29.98
C PHE C 219 12.32 20.61 30.91
N VAL C 220 13.05 21.72 30.87
CA VAL C 220 12.73 22.88 31.71
C VAL C 220 11.29 23.38 31.40
N SER C 221 10.92 23.32 30.14
CA SER C 221 9.55 23.63 29.77
C SER C 221 8.52 22.81 30.58
N GLU C 222 8.72 21.49 30.65
CA GLU C 222 7.92 20.62 31.53
C GLU C 222 7.91 21.05 33.00
N MET C 223 9.07 21.40 33.53
CA MET C 223 9.18 21.77 34.95
C MET C 223 8.38 23.06 35.19
N ILE C 224 8.45 23.94 34.21
CA ILE C 224 7.72 25.21 34.26
C ILE C 224 6.19 25.04 34.24
N LYS C 225 5.69 24.16 33.38
CA LYS C 225 4.27 23.86 33.35
C LYS C 225 3.78 23.15 34.60
N ALA C 226 4.59 22.28 35.20
CA ALA C 226 4.22 21.67 36.48
C ALA C 226 4.01 22.74 37.58
N LYS C 227 4.68 23.88 37.48
CA LYS C 227 4.50 24.96 38.46
C LYS C 227 3.41 25.98 38.08
N GLY C 228 2.57 25.69 37.08
CA GLY C 228 1.57 26.64 36.59
C GLY C 228 2.10 27.88 35.86
N GLU C 229 3.29 27.78 35.26
CA GLU C 229 3.91 28.90 34.50
C GLU C 229 4.11 28.49 33.01
N SER C 230 4.60 29.44 32.23
CA SER C 230 4.93 29.26 30.82
C SER C 230 6.37 29.74 30.59
N ILE C 231 7.15 29.02 29.77
CA ILE C 231 8.53 29.50 29.37
C ILE C 231 8.56 30.81 28.55
N SER C 232 7.44 31.11 27.90
CA SER C 232 7.22 32.34 27.16
C SER C 232 7.38 33.57 28.03
N GLY C 233 8.12 34.56 27.51
CA GLY C 233 8.33 35.86 28.19
C GLY C 233 9.36 35.81 29.30
N GLN C 234 10.13 34.75 29.37
CA GLN C 234 10.93 34.44 30.56
C GLN C 234 12.40 34.76 30.21
N LYS C 235 13.21 35.18 31.18
CA LYS C 235 14.62 35.55 30.95
C LYS C 235 15.52 34.41 31.38
N ILE C 236 16.42 33.99 30.47
CA ILE C 236 17.24 32.80 30.67
C ILE C 236 18.74 33.09 30.57
N ILE C 237 19.49 32.59 31.54
CA ILE C 237 20.94 32.56 31.40
C ILE C 237 21.27 31.17 30.89
N VAL C 238 22.06 31.12 29.84
CA VAL C 238 22.64 29.91 29.35
C VAL C 238 24.14 30.05 29.31
N SER C 239 24.87 29.40 30.24
CA SER C 239 26.37 29.43 30.25
C SER C 239 26.98 28.51 29.18
N GLY C 240 28.18 28.83 28.76
CA GLY C 240 28.80 28.11 27.66
C GLY C 240 28.37 28.68 26.31
N SER C 241 29.05 28.19 25.27
CA SER C 241 28.83 28.71 23.90
C SER C 241 29.23 27.65 22.90
N GLY C 242 28.97 26.41 23.24
CA GLY C 242 29.37 25.24 22.47
C GLY C 242 28.12 24.58 21.91
N ASN C 243 28.23 23.29 21.67
CA ASN C 243 27.11 22.53 21.12
C ASN C 243 25.84 22.62 22.00
N VAL C 244 25.94 22.39 23.27
CA VAL C 244 24.72 22.39 24.13
C VAL C 244 24.10 23.82 24.24
N ALA C 245 24.96 24.78 24.57
CA ALA C 245 24.50 26.15 24.78
C ALA C 245 23.85 26.70 23.52
N THR C 246 24.46 26.47 22.37
CA THR C 246 23.98 27.08 21.12
C THR C 246 22.52 26.72 20.88
N TYR C 247 22.23 25.44 20.97
CA TYR C 247 20.88 24.99 20.68
C TYR C 247 19.88 25.16 21.81
N ALA C 248 20.38 25.27 23.04
CA ALA C 248 19.50 25.61 24.14
C ALA C 248 19.10 27.09 23.93
N ILE C 249 20.06 27.92 23.50
CA ILE C 249 19.74 29.29 23.17
C ILE C 249 18.67 29.35 22.05
N GLU C 250 18.87 28.55 21.00
CA GLU C 250 17.93 28.54 19.88
C GLU C 250 16.50 28.14 20.26
N LYS C 251 16.37 27.06 21.01
CA LYS C 251 15.06 26.51 21.33
C LYS C 251 14.36 27.40 22.33
N ALA C 252 15.09 27.88 23.34
CA ALA C 252 14.50 28.81 24.30
C ALA C 252 13.86 30.03 23.61
N GLN C 253 14.55 30.61 22.63
CA GLN C 253 14.03 31.79 21.93
C GLN C 253 12.93 31.45 20.92
N GLU C 254 13.02 30.30 20.24
CA GLU C 254 11.88 29.76 19.48
C GLU C 254 10.62 29.73 20.35
N LEU C 255 10.73 29.27 21.59
CA LEU C 255 9.58 29.17 22.45
C LEU C 255 9.18 30.47 23.18
N GLY C 256 9.69 31.64 22.77
CA GLY C 256 9.28 32.89 23.38
C GLY C 256 10.10 33.47 24.54
N ALA C 257 11.13 32.78 24.98
CA ALA C 257 12.02 33.34 26.01
C ALA C 257 13.10 34.20 25.35
N THR C 258 13.85 34.89 26.21
CA THR C 258 14.97 35.70 25.84
C THR C 258 16.16 35.22 26.64
N VAL C 259 17.25 34.97 25.95
CA VAL C 259 18.49 34.57 26.59
C VAL C 259 19.33 35.80 26.80
N ILE C 260 19.63 36.07 28.07
CA ILE C 260 20.24 37.33 28.48
C ILE C 260 21.72 37.19 28.74
N GLY C 261 22.29 36.00 28.57
CA GLY C 261 23.72 35.87 28.66
C GLY C 261 24.21 34.53 28.24
N PHE C 262 25.49 34.48 27.90
CA PHE C 262 26.19 33.29 27.50
C PHE C 262 27.66 33.49 27.74
N SER C 263 28.46 32.40 27.65
CA SER C 263 29.88 32.48 28.07
C SER C 263 30.76 31.50 27.40
N ASP C 264 32.05 31.72 27.61
CA ASP C 264 33.04 30.69 27.37
C ASP C 264 33.94 30.79 28.56
N SER C 265 35.05 30.07 28.62
CA SER C 265 35.92 30.00 29.81
C SER C 265 36.75 31.28 30.04
N SER C 266 36.89 32.12 29.01
CA SER C 266 37.57 33.41 29.10
C SER C 266 36.72 34.50 29.75
N GLY C 267 35.41 34.42 29.57
CA GLY C 267 34.51 35.45 30.11
C GLY C 267 33.10 35.30 29.57
N TRP C 268 32.26 36.28 29.84
CA TRP C 268 30.86 36.16 29.49
C TRP C 268 30.25 37.39 28.83
N VAL C 269 29.08 37.19 28.22
CA VAL C 269 28.43 38.23 27.45
C VAL C 269 27.06 38.45 27.99
N HIS C 270 26.74 39.71 28.37
CA HIS C 270 25.36 40.13 28.71
C HIS C 270 24.66 40.51 27.41
N THR C 271 23.52 39.90 27.11
CA THR C 271 22.73 40.20 25.90
C THR C 271 21.30 40.57 26.34
N PRO C 272 21.06 41.81 26.83
CA PRO C 272 19.80 42.04 27.49
C PRO C 272 18.60 41.92 26.54
N ASN C 273 18.80 41.96 25.21
CA ASN C 273 17.68 41.83 24.28
C ASN C 273 17.66 40.51 23.49
N GLY C 274 18.47 39.55 23.92
CA GLY C 274 18.49 38.25 23.28
C GLY C 274 19.75 38.08 22.48
N VAL C 275 19.92 36.85 22.04
CA VAL C 275 21.09 36.38 21.35
C VAL C 275 20.72 36.27 19.90
N ASP C 276 21.65 36.70 19.05
CA ASP C 276 21.62 36.50 17.61
C ASP C 276 22.36 35.20 17.37
N VAL C 277 21.56 34.15 17.19
CA VAL C 277 22.03 32.78 17.04
C VAL C 277 22.98 32.60 15.85
N ALA C 278 22.57 33.06 14.66
CA ALA C 278 23.40 32.92 13.46
C ALA C 278 24.79 33.57 13.65
N LYS C 279 24.81 34.76 14.26
CA LYS C 279 26.07 35.47 14.57
C LYS C 279 26.99 34.67 15.51
N LEU C 280 26.44 34.14 16.60
CA LEU C 280 27.20 33.32 17.56
C LEU C 280 27.76 32.07 16.89
N ARG C 281 26.92 31.43 16.10
CA ARG C 281 27.36 30.22 15.39
C ARG C 281 28.53 30.48 14.45
N GLU C 282 28.48 31.63 13.79
CA GLU C 282 29.56 32.03 12.88
C GLU C 282 30.86 32.34 13.67
N ILE C 283 30.71 33.00 14.80
CA ILE C 283 31.89 33.28 15.66
C ILE C 283 32.53 32.00 16.22
N LYS C 284 31.69 31.10 16.72
CA LYS C 284 32.17 29.91 17.35
C LYS C 284 32.54 28.81 16.39
N GLU C 285 31.75 28.61 15.34
CA GLU C 285 31.96 27.46 14.47
C GLU C 285 32.84 27.78 13.24
N VAL C 286 32.64 28.94 12.60
CA VAL C 286 33.50 29.37 11.45
C VAL C 286 34.84 29.95 11.97
N ARG C 287 34.78 31.01 12.74
CA ARG C 287 36.00 31.65 13.25
C ARG C 287 36.69 30.99 14.44
N ARG C 288 35.99 30.17 15.20
CA ARG C 288 36.57 29.61 16.41
C ARG C 288 37.12 30.70 17.36
N ALA C 289 36.42 31.83 17.38
CA ALA C 289 36.80 32.95 18.22
C ALA C 289 36.14 32.89 19.61
N ARG C 290 36.62 33.77 20.48
CA ARG C 290 36.02 34.02 21.79
C ARG C 290 34.70 34.79 21.71
N VAL C 291 33.97 34.75 22.82
CA VAL C 291 32.70 35.45 22.90
C VAL C 291 32.84 36.99 23.02
N SER C 292 33.98 37.47 23.48
CA SER C 292 34.32 38.91 23.31
C SER C 292 34.15 39.43 21.85
N VAL C 293 34.37 38.59 20.86
CA VAL C 293 34.21 38.98 19.44
C VAL C 293 32.75 39.19 19.10
N TYR C 294 31.86 38.37 19.65
CA TYR C 294 30.42 38.63 19.55
C TYR C 294 30.02 39.95 20.13
N ALA C 295 30.44 40.25 21.35
CA ALA C 295 30.14 41.55 21.97
C ALA C 295 30.73 42.72 21.19
N ASP C 296 31.99 42.60 20.77
CA ASP C 296 32.62 43.64 19.92
C ASP C 296 31.74 43.96 18.70
N GLU C 297 31.24 42.93 18.01
CA GLU C 297 30.47 43.06 16.74
C GLU C 297 28.97 43.22 16.81
N VAL C 298 28.38 43.14 18.00
CA VAL C 298 26.92 43.23 18.19
C VAL C 298 26.52 44.39 19.14
N GLU C 299 25.78 45.36 18.59
CA GLU C 299 25.37 46.52 19.37
C GLU C 299 24.40 46.10 20.49
N GLY C 300 24.61 46.59 21.70
CA GLY C 300 23.80 46.18 22.85
C GLY C 300 24.33 44.99 23.64
N ALA C 301 25.34 44.29 23.12
CA ALA C 301 25.96 43.19 23.87
C ALA C 301 27.29 43.59 24.49
N THR C 302 27.49 43.23 25.76
CA THR C 302 28.67 43.60 26.56
C THR C 302 29.49 42.41 27.06
N TYR C 303 30.81 42.55 27.00
CA TYR C 303 31.74 41.53 27.44
C TYR C 303 32.18 41.83 28.84
N HIS C 304 32.42 40.79 29.61
CA HIS C 304 32.70 40.86 31.04
C HIS C 304 33.72 39.77 31.38
N THR C 305 34.78 40.15 32.08
CA THR C 305 35.70 39.21 32.72
C THR C 305 35.61 39.35 34.26
N ASP C 306 34.88 40.33 34.74
CA ASP C 306 34.67 40.53 36.18
C ASP C 306 33.41 39.77 36.64
N GLY C 307 33.35 39.41 37.92
CA GLY C 307 32.16 38.82 38.48
C GLY C 307 31.80 37.50 37.76
N SER C 308 30.51 37.26 37.52
CA SER C 308 30.06 35.97 37.03
C SER C 308 28.78 36.10 36.24
N ILE C 309 28.65 35.27 35.20
CA ILE C 309 27.42 35.18 34.44
C ILE C 309 26.18 34.99 35.33
N TRP C 310 26.33 34.31 36.48
CA TRP C 310 25.18 34.10 37.39
C TRP C 310 24.85 35.31 38.27
N ASP C 311 25.54 36.43 38.05
CA ASP C 311 25.12 37.70 38.62
C ASP C 311 23.88 38.27 37.90
N LEU C 312 23.54 37.79 36.70
CA LEU C 312 22.43 38.39 35.93
C LEU C 312 21.07 38.06 36.51
N LYS C 313 20.14 39.00 36.45
CA LYS C 313 18.77 38.79 36.92
C LYS C 313 18.03 37.93 35.93
N CYS C 314 17.55 36.80 36.42
CA CYS C 314 16.88 35.86 35.56
C CYS C 314 15.75 35.11 36.25
N ASP C 315 14.98 34.45 35.41
CA ASP C 315 13.98 33.50 35.80
C ASP C 315 14.52 32.05 35.78
N ILE C 316 15.36 31.77 34.78
CA ILE C 316 15.81 30.43 34.43
C ILE C 316 17.31 30.47 34.15
N ALA C 317 18.05 29.58 34.81
CA ALA C 317 19.46 29.32 34.56
C ALA C 317 19.62 27.92 33.98
N LEU C 318 20.32 27.84 32.84
CA LEU C 318 20.65 26.64 32.14
C LEU C 318 22.16 26.58 32.05
N PRO C 319 22.84 26.00 33.07
CA PRO C 319 24.27 25.81 32.90
C PRO C 319 24.55 24.73 31.87
N CYS C 320 25.30 25.08 30.86
CA CYS C 320 25.56 24.22 29.71
C CYS C 320 27.01 24.20 29.33
N ALA C 321 27.94 24.40 30.28
CA ALA C 321 29.37 24.39 29.99
C ALA C 321 30.15 23.16 30.49
N THR C 322 30.16 22.94 31.78
CA THR C 322 31.10 22.01 32.36
C THR C 322 30.67 21.70 33.77
N GLN C 323 31.40 20.80 34.45
CA GLN C 323 31.02 20.38 35.82
C GLN C 323 31.44 21.43 36.85
N ASN C 324 30.70 21.56 37.95
CA ASN C 324 31.06 22.44 39.08
C ASN C 324 31.34 23.90 38.67
N GLU C 325 30.54 24.37 37.73
CA GLU C 325 30.60 25.73 37.23
C GLU C 325 29.60 26.63 37.95
N LEU C 326 28.75 26.06 38.80
CA LEU C 326 27.74 26.82 39.48
C LEU C 326 27.76 26.40 40.93
N ASN C 327 28.36 27.26 41.75
CA ASN C 327 28.66 26.94 43.15
C ASN C 327 27.62 27.53 44.04
N GLY C 328 27.75 27.26 45.34
CA GLY C 328 26.80 27.74 46.35
C GLY C 328 26.59 29.26 46.38
N GLU C 329 27.66 30.03 46.27
CA GLU C 329 27.54 31.49 46.17
C GLU C 329 26.78 31.94 44.91
N ASN C 330 27.07 31.33 43.75
CA ASN C 330 26.28 31.58 42.53
C ASN C 330 24.79 31.28 42.71
N ALA C 331 24.48 30.18 43.43
CA ALA C 331 23.09 29.76 43.63
C ALA C 331 22.32 30.79 44.45
N LYS C 332 22.96 31.32 45.50
CA LYS C 332 22.39 32.36 46.34
C LYS C 332 22.09 33.61 45.54
N THR C 333 23.09 34.09 44.81
CA THR C 333 22.93 35.22 43.92
C THR C 333 21.74 34.99 43.00
N LEU C 334 21.67 33.82 42.36
CA LEU C 334 20.58 33.58 41.41
C LEU C 334 19.24 33.68 42.11
N ALA C 335 19.15 33.01 43.25
CA ALA C 335 17.95 33.07 44.06
C ALA C 335 17.59 34.50 44.50
N ASP C 336 18.58 35.30 44.91
CA ASP C 336 18.40 36.70 45.36
C ASP C 336 17.79 37.51 44.25
N ASN C 337 18.23 37.25 43.03
CA ASN C 337 17.73 37.97 41.89
C ASN C 337 16.41 37.45 41.26
N GLY C 338 15.66 36.58 41.96
CA GLY C 338 14.40 35.95 41.42
C GLY C 338 14.42 34.69 40.52
N CYS C 339 15.54 33.99 40.43
CA CYS C 339 15.60 32.74 39.63
C CYS C 339 14.69 31.67 40.25
N ARG C 340 13.82 31.07 39.45
CA ARG C 340 12.84 30.06 39.97
C ARG C 340 13.06 28.64 39.41
N PHE C 341 13.97 28.46 38.45
CA PHE C 341 14.16 27.15 37.79
C PHE C 341 15.60 27.04 37.34
N VAL C 342 16.21 25.90 37.58
CA VAL C 342 17.48 25.51 36.99
C VAL C 342 17.36 24.16 36.36
N ALA C 343 17.93 24.03 35.16
CA ALA C 343 18.05 22.74 34.49
C ALA C 343 19.42 22.65 33.88
N GLU C 344 20.06 21.51 34.08
CA GLU C 344 21.45 21.33 33.72
C GLU C 344 21.55 20.76 32.30
N GLY C 345 22.15 21.52 31.40
CA GLY C 345 22.51 20.98 30.08
C GLY C 345 23.90 20.32 30.12
N ALA C 346 24.78 20.83 30.99
CA ALA C 346 26.02 20.18 31.31
C ALA C 346 25.85 18.98 32.26
N ASN C 347 26.93 18.21 32.33
CA ASN C 347 27.06 17.14 33.29
C ASN C 347 27.63 17.70 34.58
N MET C 348 26.80 17.61 35.64
CA MET C 348 27.18 18.02 36.99
C MET C 348 27.67 19.47 37.20
N PRO C 349 27.01 20.49 36.59
CA PRO C 349 27.43 21.89 36.75
C PRO C 349 27.24 22.46 38.12
N SER C 350 26.17 22.03 38.80
CA SER C 350 25.83 22.51 40.15
C SER C 350 26.55 21.72 41.22
N THR C 351 27.29 22.42 42.10
CA THR C 351 27.98 21.80 43.23
C THR C 351 26.94 21.35 44.25
N PRO C 352 27.31 20.39 45.15
CA PRO C 352 26.34 20.01 46.19
C PRO C 352 25.76 21.18 47.01
N GLU C 353 26.59 22.14 47.41
CA GLU C 353 26.07 23.37 48.06
C GLU C 353 25.00 24.05 47.15
N ALA C 354 25.31 24.24 45.85
CA ALA C 354 24.35 24.91 44.98
C ALA C 354 23.04 24.13 44.94
N VAL C 355 23.10 22.80 44.91
CA VAL C 355 21.88 21.98 44.91
C VAL C 355 21.09 22.25 46.19
N GLU C 356 21.81 22.40 47.30
CA GLU C 356 21.17 22.66 48.57
C GLU C 356 20.49 23.99 48.58
N VAL C 357 21.16 25.00 48.05
CA VAL C 357 20.57 26.32 48.01
C VAL C 357 19.28 26.29 47.22
N PHE C 358 19.25 25.55 46.11
CA PHE C 358 18.05 25.52 45.26
C PHE C 358 16.91 24.91 45.99
N ARG C 359 17.15 23.83 46.70
CA ARG C 359 16.08 23.25 47.54
C ARG C 359 15.70 24.26 48.66
N GLU C 360 16.67 24.89 49.29
CA GLU C 360 16.36 25.82 50.40
C GLU C 360 15.53 27.01 49.93
N ARG C 361 15.81 27.49 48.73
CA ARG C 361 15.10 28.66 48.21
C ARG C 361 13.99 28.34 47.23
N ASP C 362 13.44 27.13 47.32
CA ASP C 362 12.32 26.73 46.49
C ASP C 362 12.51 26.93 44.93
N ILE C 363 13.71 26.64 44.45
CA ILE C 363 14.07 26.68 43.04
C ILE C 363 13.93 25.26 42.48
N ARG C 364 13.03 25.06 41.53
CA ARG C 364 12.87 23.74 40.90
C ARG C 364 14.13 23.34 40.10
N PHE C 365 14.72 22.19 40.43
CA PHE C 365 16.01 21.79 39.91
C PHE C 365 15.95 20.50 39.03
N GLY C 366 16.31 20.66 37.75
CA GLY C 366 16.39 19.55 36.82
C GLY C 366 17.80 19.02 36.72
N PRO C 367 18.07 17.84 37.29
CA PRO C 367 19.41 17.28 37.22
C PRO C 367 19.84 16.94 35.80
N GLY C 368 21.15 17.00 35.55
CA GLY C 368 21.72 16.76 34.24
C GLY C 368 21.31 15.40 33.70
N LYS C 369 21.29 14.36 34.54
CA LYS C 369 20.96 13.02 34.03
C LYS C 369 19.52 12.91 33.46
N ALA C 370 18.66 13.86 33.80
CA ALA C 370 17.33 13.96 33.20
C ALA C 370 17.28 15.02 32.11
N ALA C 371 17.78 16.23 32.39
CA ALA C 371 17.56 17.40 31.53
C ALA C 371 18.46 17.39 30.29
N ASN C 372 19.65 16.82 30.41
CA ASN C 372 20.51 16.67 29.27
C ASN C 372 20.47 15.32 28.53
N ALA C 373 19.48 14.48 28.85
CA ALA C 373 19.31 13.14 28.24
C ALA C 373 18.86 13.10 26.77
N GLY C 374 18.34 14.22 26.29
CA GLY C 374 17.97 14.32 24.90
C GLY C 374 19.07 14.03 23.93
N GLY C 375 20.31 14.34 24.30
CA GLY C 375 21.41 14.04 23.44
C GLY C 375 21.64 12.56 23.19
N VAL C 376 21.87 11.82 24.27
CA VAL C 376 22.06 10.41 24.21
C VAL C 376 20.80 9.70 23.69
N ALA C 377 19.62 10.24 24.00
CA ALA C 377 18.42 9.65 23.49
C ALA C 377 18.37 9.79 21.97
N THR C 378 18.72 10.96 21.49
CA THR C 378 18.74 11.19 20.07
C THR C 378 19.88 10.37 19.41
N SER C 379 20.99 10.14 20.11
CA SER C 379 22.02 9.19 19.64
C SER C 379 21.47 7.78 19.52
N ALA C 380 20.62 7.39 20.46
CA ALA C 380 19.99 6.07 20.39
C ALA C 380 19.04 5.98 19.24
N LEU C 381 18.41 7.10 18.85
CA LEU C 381 17.56 7.12 17.64
C LEU C 381 18.41 7.04 16.36
N GLU C 382 19.57 7.66 16.36
CA GLU C 382 20.55 7.48 15.26
C GLU C 382 21.00 6.00 15.20
N MET C 383 21.24 5.38 16.36
CA MET C 383 21.56 3.95 16.38
C MET C 383 20.41 3.10 15.76
N GLN C 384 19.18 3.51 16.09
CA GLN C 384 17.99 2.83 15.63
C GLN C 384 17.91 2.95 14.09
N GLN C 385 18.16 4.16 13.63
CA GLN C 385 18.11 4.48 12.20
C GLN C 385 19.15 3.67 11.55
N ASN C 386 20.33 3.60 12.13
CA ASN C 386 21.41 2.87 11.56
C ASN C 386 21.12 1.37 11.49
N ALA C 387 20.59 0.78 12.56
CA ALA C 387 20.32 -0.67 12.59
C ALA C 387 19.27 -1.07 11.57
N SER C 388 18.39 -0.13 11.18
CA SER C 388 17.35 -0.47 10.22
C SER C 388 17.62 0.13 8.87
N ARG C 389 18.83 0.64 8.68
CA ARG C 389 19.22 1.44 7.50
C ARG C 389 18.19 2.47 7.05
N ASP C 390 17.54 3.08 8.01
CA ASP C 390 16.52 4.06 7.74
C ASP C 390 17.11 5.45 7.96
N SER C 391 16.38 6.42 7.46
CA SER C 391 16.73 7.82 7.65
C SER C 391 15.47 8.63 7.91
N TRP C 392 15.30 9.12 9.13
CA TRP C 392 14.06 9.80 9.55
C TRP C 392 14.10 11.30 9.24
N SER C 393 12.93 11.92 9.12
CA SER C 393 12.83 13.36 8.90
C SER C 393 13.10 14.13 10.22
N PHE C 394 13.46 15.40 10.07
CA PHE C 394 13.65 16.30 11.21
C PHE C 394 12.43 16.29 12.16
N GLU C 395 11.26 16.52 11.56
CA GLU C 395 10.02 16.64 12.31
C GLU C 395 9.67 15.35 13.06
N TYR C 396 9.88 14.18 12.45
CA TYR C 396 9.57 12.90 13.11
C TYR C 396 10.51 12.67 14.30
N THR C 397 11.82 12.84 14.07
CA THR C 397 12.81 12.67 15.11
C THR C 397 12.66 13.67 16.24
N ASP C 398 12.39 14.91 15.87
CA ASP C 398 12.14 15.95 16.87
C ASP C 398 10.89 15.66 17.73
N GLU C 399 9.78 15.17 17.13
CA GLU C 399 8.61 14.69 17.90
C GLU C 399 9.02 13.56 18.84
N ARG C 400 9.85 12.62 18.40
CA ARG C 400 10.33 11.60 19.31
C ARG C 400 11.14 12.19 20.50
N LEU C 401 11.99 13.18 20.23
CA LEU C 401 12.78 13.83 21.27
C LEU C 401 11.89 14.54 22.35
N GLN C 402 10.89 15.30 21.91
CA GLN C 402 9.89 15.92 22.79
C GLN C 402 9.21 14.93 23.70
N VAL C 403 8.75 13.84 23.12
CA VAL C 403 8.01 12.86 23.85
C VAL C 403 8.96 12.19 24.88
N ILE C 404 10.18 11.87 24.48
CA ILE C 404 11.11 11.31 25.45
C ILE C 404 11.33 12.28 26.61
N MET C 405 11.48 13.56 26.35
CA MET C 405 11.73 14.49 27.46
C MET C 405 10.52 14.61 28.37
N LYS C 406 9.32 14.61 27.79
CA LYS C 406 8.10 14.50 28.63
C LYS C 406 8.08 13.27 29.46
N ASN C 407 8.44 12.13 28.88
CA ASN C 407 8.43 10.87 29.64
C ASN C 407 9.47 10.83 30.73
N ILE C 408 10.65 11.36 30.45
CA ILE C 408 11.65 11.49 31.47
C ILE C 408 11.16 12.37 32.58
N PHE C 409 10.53 13.52 32.25
CA PHE C 409 10.02 14.42 33.30
C PHE C 409 9.00 13.71 34.20
N LYS C 410 8.01 13.08 33.58
CA LYS C 410 6.97 12.31 34.29
C LYS C 410 7.51 11.16 35.19
N THR C 411 8.50 10.39 34.70
CA THR C 411 9.11 9.34 35.46
C THR C 411 9.78 9.95 36.71
N CYS C 412 10.48 11.07 36.54
CA CYS C 412 11.10 11.79 37.66
C CYS C 412 10.08 12.31 38.68
N ALA C 413 9.06 13.01 38.22
CA ALA C 413 8.07 13.58 39.11
C ALA C 413 7.33 12.49 39.86
N GLU C 414 6.86 11.49 39.15
CA GLU C 414 6.10 10.41 39.77
C GLU C 414 6.97 9.52 40.64
N THR C 415 8.23 9.27 40.28
CA THR C 415 9.07 8.40 41.11
C THR C 415 9.40 9.09 42.44
N ALA C 416 9.60 10.39 42.38
CA ALA C 416 9.94 11.15 43.56
C ALA C 416 8.75 11.12 44.55
N ALA C 417 7.54 11.34 44.03
CA ALA C 417 6.35 11.38 44.88
C ALA C 417 6.03 10.01 45.45
N GLU C 418 6.14 8.98 44.61
CA GLU C 418 6.04 7.59 45.02
C GLU C 418 6.88 7.22 46.27
N TYR C 419 8.06 7.81 46.42
CA TYR C 419 8.95 7.56 47.53
C TYR C 419 8.95 8.73 48.56
N GLY C 420 7.88 9.53 48.61
CA GLY C 420 7.75 10.62 49.60
C GLY C 420 8.62 11.86 49.44
N HIS C 421 9.18 12.09 48.26
CA HIS C 421 9.93 13.34 48.00
C HIS C 421 9.41 14.04 46.80
N GLU C 422 8.13 14.37 46.82
CA GLU C 422 7.54 15.03 45.65
C GLU C 422 8.28 16.32 45.24
N ASN C 423 8.30 16.55 43.92
CA ASN C 423 9.06 17.66 43.28
C ASN C 423 10.58 17.63 43.43
N ASP C 424 11.15 16.53 43.92
CA ASP C 424 12.61 16.38 44.05
C ASP C 424 13.00 15.49 42.88
N TYR C 425 13.30 16.14 41.77
CA TYR C 425 13.60 15.45 40.54
C TYR C 425 14.95 14.73 40.62
N VAL C 426 15.86 15.15 41.50
CA VAL C 426 17.13 14.43 41.71
C VAL C 426 16.87 12.99 42.20
N VAL C 427 16.04 12.87 43.24
CA VAL C 427 15.66 11.60 43.79
C VAL C 427 14.92 10.76 42.78
N GLY C 428 13.98 11.36 42.08
CA GLY C 428 13.22 10.62 41.07
C GLY C 428 14.08 10.11 39.94
N ALA C 429 14.91 10.96 39.37
CA ALA C 429 15.82 10.54 38.26
C ALA C 429 16.72 9.41 38.74
N ASN C 430 17.26 9.54 39.95
CA ASN C 430 18.20 8.57 40.53
C ASN C 430 17.59 7.20 40.77
N ILE C 431 16.41 7.20 41.37
CA ILE C 431 15.68 6.00 41.62
C ILE C 431 15.13 5.35 40.37
N ALA C 432 14.45 6.10 39.50
CA ALA C 432 13.98 5.48 38.29
C ALA C 432 15.14 4.93 37.43
N GLY C 433 16.24 5.67 37.31
CA GLY C 433 17.39 5.18 36.54
C GLY C 433 17.98 3.89 37.12
N PHE C 434 18.11 3.85 38.44
CA PHE C 434 18.67 2.72 39.15
C PHE C 434 17.82 1.44 39.04
N LYS C 435 16.50 1.60 39.19
CA LYS C 435 15.60 0.45 39.30
C LYS C 435 15.66 -0.37 38.04
N LYS C 436 15.57 0.31 36.88
CA LYS C 436 15.61 -0.39 35.60
C LYS C 436 16.97 -1.12 35.42
N VAL C 437 18.07 -0.47 35.75
CA VAL C 437 19.39 -1.12 35.65
C VAL C 437 19.51 -2.36 36.56
N ALA C 438 19.04 -2.19 37.81
CA ALA C 438 19.07 -3.23 38.82
C ALA C 438 18.20 -4.40 38.44
N ASP C 439 17.00 -4.16 37.91
CA ASP C 439 16.16 -5.31 37.54
C ASP C 439 16.91 -6.10 36.48
N ALA C 440 17.46 -5.40 35.49
CA ALA C 440 18.20 -6.04 34.41
C ALA C 440 19.47 -6.76 34.92
N MET C 441 20.17 -6.19 35.92
CA MET C 441 21.36 -6.85 36.47
C MET C 441 21.00 -8.13 37.27
N LEU C 442 19.91 -8.06 38.04
CA LEU C 442 19.43 -9.22 38.77
C LEU C 442 18.99 -10.32 37.79
N ALA C 443 18.30 -9.97 36.70
CA ALA C 443 17.91 -10.98 35.68
C ALA C 443 19.10 -11.67 35.05
N GLN C 444 20.21 -10.98 34.86
CA GLN C 444 21.30 -11.51 34.05
C GLN C 444 22.43 -12.21 34.83
N GLY C 445 22.27 -12.30 36.15
CA GLY C 445 23.24 -13.06 36.97
C GLY C 445 24.50 -12.31 37.35
N VAL C 446 25.43 -13.05 37.91
CA VAL C 446 26.69 -12.55 38.45
C VAL C 446 27.64 -12.62 37.29
N ILE C 447 27.77 -11.47 36.62
CA ILE C 447 28.63 -11.29 35.46
C ILE C 447 29.45 -9.97 35.57
N MET D 1 48.26 26.04 -13.55
CA MET D 1 47.51 27.20 -12.97
C MET D 1 46.03 27.05 -13.27
N THR D 2 45.67 26.90 -14.54
CA THR D 2 44.26 26.82 -14.89
C THR D 2 43.68 25.44 -14.45
N VAL D 3 42.39 25.45 -14.06
CA VAL D 3 41.64 24.24 -13.69
C VAL D 3 41.62 23.22 -14.84
N ASP D 4 41.43 23.69 -16.07
CA ASP D 4 41.53 22.81 -17.24
C ASP D 4 42.87 22.05 -17.29
N GLU D 5 43.94 22.73 -16.92
CA GLU D 5 45.29 22.18 -16.98
C GLU D 5 45.54 21.25 -15.80
N GLN D 6 45.17 21.69 -14.60
CA GLN D 6 45.14 20.85 -13.39
C GLN D 6 44.57 19.45 -13.68
N VAL D 7 43.38 19.45 -14.28
CA VAL D 7 42.58 18.25 -14.45
C VAL D 7 43.15 17.43 -15.57
N SER D 8 43.57 18.10 -16.66
CA SER D 8 44.30 17.43 -17.77
C SER D 8 45.58 16.78 -17.34
N ASN D 9 46.37 17.47 -16.53
CA ASN D 9 47.64 16.94 -16.07
C ASN D 9 47.41 15.68 -15.24
N TYR D 10 46.40 15.74 -14.37
CA TYR D 10 46.03 14.58 -13.60
C TYR D 10 45.54 13.41 -14.47
N TYR D 11 44.66 13.69 -15.44
CA TYR D 11 44.19 12.69 -16.38
C TYR D 11 45.34 11.97 -17.09
N ASP D 12 46.39 12.71 -17.44
CA ASP D 12 47.61 12.13 -18.06
C ASP D 12 48.36 11.17 -17.13
N MET D 13 48.46 11.55 -15.85
CA MET D 13 49.01 10.68 -14.83
C MET D 13 48.18 9.38 -14.79
N LEU D 14 46.87 9.54 -14.73
CA LEU D 14 45.94 8.44 -14.71
C LEU D 14 46.09 7.48 -15.86
N LEU D 15 46.28 7.99 -17.07
CA LEU D 15 46.61 7.18 -18.24
C LEU D 15 47.91 6.40 -18.07
N LYS D 16 48.88 7.00 -17.40
CA LYS D 16 50.17 6.37 -17.17
C LYS D 16 50.07 5.22 -16.16
N ARG D 17 49.53 5.51 -14.98
CA ARG D 17 49.36 4.49 -13.96
C ARG D 17 48.33 3.38 -14.35
N ASN D 18 47.30 3.69 -15.14
CA ASN D 18 46.29 2.73 -15.54
C ASN D 18 46.35 2.40 -17.02
N ALA D 19 47.56 2.27 -17.54
CA ALA D 19 47.76 2.03 -18.96
C ALA D 19 47.09 0.75 -19.43
N GLY D 20 46.51 0.78 -20.63
CA GLY D 20 45.91 -0.40 -21.23
C GLY D 20 44.50 -0.68 -20.73
N GLU D 21 43.82 0.33 -20.17
CA GLU D 21 42.46 0.15 -19.66
C GLU D 21 41.51 1.15 -20.29
N PRO D 22 41.27 1.02 -21.58
CA PRO D 22 40.49 2.05 -22.29
C PRO D 22 39.09 2.30 -21.75
N GLU D 23 38.44 1.32 -21.14
CA GLU D 23 37.04 1.52 -20.69
C GLU D 23 37.05 2.40 -19.46
N PHE D 24 38.04 2.15 -18.62
CA PHE D 24 38.29 2.98 -17.45
C PHE D 24 38.65 4.45 -17.83
N HIS D 25 39.51 4.62 -18.83
CA HIS D 25 39.85 6.00 -19.29
C HIS D 25 38.62 6.77 -19.78
N GLN D 26 37.84 6.10 -20.61
CA GLN D 26 36.59 6.65 -21.14
C GLN D 26 35.67 7.16 -19.99
N ALA D 27 35.47 6.34 -18.96
CA ALA D 27 34.56 6.65 -17.86
C ALA D 27 35.11 7.75 -17.01
N VAL D 28 36.41 7.70 -16.75
CA VAL D 28 37.02 8.76 -16.00
C VAL D 28 37.00 10.07 -16.76
N ALA D 29 37.19 10.04 -18.09
CA ALA D 29 37.30 11.26 -18.88
C ALA D 29 35.99 11.98 -18.85
N GLU D 30 34.88 11.29 -19.08
CA GLU D 30 33.56 11.99 -18.99
C GLU D 30 33.33 12.63 -17.62
N VAL D 31 33.65 11.92 -16.54
CA VAL D 31 33.52 12.52 -15.21
C VAL D 31 34.45 13.69 -15.00
N LEU D 32 35.72 13.55 -15.36
CA LEU D 32 36.66 14.66 -15.18
C LEU D 32 36.19 15.95 -15.90
N GLU D 33 35.63 15.83 -17.11
CA GLU D 33 35.14 16.98 -17.86
C GLU D 33 34.10 17.74 -17.05
N SER D 34 33.11 17.03 -16.49
CA SER D 34 32.11 17.68 -15.64
C SER D 34 32.69 18.29 -14.36
N LEU D 35 33.77 17.71 -13.91
CA LEU D 35 34.37 18.12 -12.66
C LEU D 35 35.08 19.46 -12.84
N LYS D 36 35.68 19.66 -14.01
CA LYS D 36 36.17 20.99 -14.43
C LYS D 36 35.18 22.11 -14.16
N ILE D 37 33.93 21.90 -14.52
CA ILE D 37 32.86 22.86 -14.28
C ILE D 37 32.71 23.13 -12.76
N VAL D 38 32.70 22.08 -11.95
CA VAL D 38 32.51 22.33 -10.49
C VAL D 38 33.72 23.00 -9.80
N LEU D 39 34.94 22.69 -10.26
CA LEU D 39 36.16 23.31 -9.74
C LEU D 39 36.39 24.77 -10.14
N GLU D 40 35.92 25.16 -11.32
CA GLU D 40 35.89 26.58 -11.74
C GLU D 40 35.06 27.45 -10.81
N LYS D 41 34.00 26.90 -10.19
CA LYS D 41 33.11 27.61 -9.28
C LYS D 41 33.47 27.42 -7.78
N ASP D 42 33.76 26.19 -7.37
CA ASP D 42 34.18 25.86 -6.00
C ASP D 42 35.52 25.13 -6.10
N PRO D 43 36.65 25.86 -6.24
CA PRO D 43 37.95 25.19 -6.35
C PRO D 43 38.40 24.36 -5.15
N HIS D 44 37.77 24.54 -3.98
CA HIS D 44 38.12 23.79 -2.79
C HIS D 44 37.68 22.33 -2.82
N TYR D 45 36.92 21.95 -3.84
CA TYR D 45 36.60 20.54 -4.05
C TYR D 45 37.86 19.71 -4.39
N ALA D 46 38.91 20.36 -4.89
CA ALA D 46 40.22 19.75 -5.09
C ALA D 46 41.12 19.63 -3.84
N ASP D 47 40.70 20.13 -2.67
CA ASP D 47 41.58 20.14 -1.51
C ASP D 47 41.84 18.75 -0.91
N TYR D 48 42.94 18.63 -0.19
CA TYR D 48 43.37 17.38 0.39
C TYR D 48 43.39 16.18 -0.60
N GLY D 49 43.80 16.42 -1.84
CA GLY D 49 43.96 15.39 -2.85
C GLY D 49 42.69 14.60 -3.09
N LEU D 50 41.57 15.27 -3.08
CA LEU D 50 40.32 14.60 -3.12
C LEU D 50 40.10 13.87 -4.44
N ILE D 51 40.47 14.51 -5.51
CA ILE D 51 40.28 13.92 -6.81
C ILE D 51 41.23 12.75 -7.01
N GLN D 52 42.46 12.90 -6.52
CA GLN D 52 43.44 11.83 -6.62
C GLN D 52 42.99 10.61 -5.78
N ARG D 53 42.36 10.88 -4.63
CA ARG D 53 41.82 9.80 -3.84
C ARG D 53 40.65 9.14 -4.55
N LEU D 54 39.74 9.95 -5.08
CA LEU D 54 38.51 9.43 -5.68
C LEU D 54 38.79 8.52 -6.84
N CYS D 55 39.84 8.80 -7.63
CA CYS D 55 40.03 8.09 -8.89
C CYS D 55 40.84 6.82 -8.75
N GLU D 56 41.40 6.60 -7.56
CA GLU D 56 42.19 5.43 -7.19
C GLU D 56 41.35 4.52 -6.27
N PRO D 57 41.09 3.26 -6.70
CA PRO D 57 40.26 2.39 -5.87
C PRO D 57 40.81 2.19 -4.47
N GLU D 58 39.94 2.11 -3.46
CA GLU D 58 40.38 1.84 -2.09
C GLU D 58 41.17 0.54 -2.05
N ARG D 59 40.63 -0.47 -2.70
CA ARG D 59 41.20 -1.79 -2.75
C ARG D 59 40.73 -2.49 -4.00
N GLN D 60 41.57 -3.35 -4.53
CA GLN D 60 41.24 -4.16 -5.69
C GLN D 60 41.77 -5.56 -5.39
N LEU D 61 40.94 -6.56 -5.70
CA LEU D 61 41.28 -7.94 -5.54
C LEU D 61 41.20 -8.67 -6.84
N ILE D 62 42.25 -9.43 -7.11
CA ILE D 62 42.28 -10.35 -8.27
C ILE D 62 42.73 -11.70 -7.75
N PHE D 63 42.05 -12.76 -8.15
CA PHE D 63 42.31 -14.06 -7.56
C PHE D 63 42.04 -15.24 -8.49
N ARG D 64 42.69 -16.36 -8.16
CA ARG D 64 42.55 -17.56 -8.94
C ARG D 64 41.20 -18.23 -8.65
N VAL D 65 40.49 -18.65 -9.69
CA VAL D 65 39.27 -19.44 -9.52
C VAL D 65 39.37 -20.74 -10.29
N PRO D 66 39.89 -21.77 -9.62
CA PRO D 66 39.98 -23.08 -10.19
C PRO D 66 38.75 -23.89 -9.91
N TRP D 67 38.37 -24.70 -10.87
CA TRP D 67 37.19 -25.53 -10.70
C TRP D 67 37.32 -26.67 -11.72
N VAL D 68 36.42 -27.61 -11.65
CA VAL D 68 36.52 -28.87 -12.35
C VAL D 68 35.20 -29.01 -13.09
N ASP D 69 35.30 -29.22 -14.41
CA ASP D 69 34.11 -29.41 -15.26
C ASP D 69 33.57 -30.82 -15.10
N ASP D 70 32.42 -31.06 -15.73
CA ASP D 70 31.75 -32.35 -15.68
C ASP D 70 32.53 -33.50 -16.33
N GLN D 71 33.52 -33.23 -17.16
CA GLN D 71 34.42 -34.30 -17.65
C GLN D 71 35.64 -34.48 -16.77
N GLY D 72 35.66 -33.82 -15.62
CA GLY D 72 36.77 -33.94 -14.67
C GLY D 72 38.04 -33.21 -15.11
N GLN D 73 37.94 -32.21 -16.01
CA GLN D 73 39.08 -31.36 -16.40
C GLN D 73 39.15 -30.10 -15.55
N VAL D 74 40.36 -29.73 -15.17
CA VAL D 74 40.64 -28.57 -14.32
C VAL D 74 40.72 -27.32 -15.15
N HIS D 75 40.01 -26.29 -14.72
CA HIS D 75 40.00 -25.00 -15.39
C HIS D 75 40.44 -23.98 -14.39
N VAL D 76 40.95 -22.87 -14.90
CA VAL D 76 41.39 -21.77 -14.05
C VAL D 76 40.84 -20.51 -14.66
N ASN D 77 39.97 -19.83 -13.93
CA ASN D 77 39.52 -18.50 -14.37
C ASN D 77 40.04 -17.46 -13.38
N ARG D 78 39.88 -16.19 -13.75
CA ARG D 78 40.32 -15.06 -12.91
C ARG D 78 39.12 -14.32 -12.31
N GLY D 79 39.18 -14.08 -10.99
CA GLY D 79 38.08 -13.43 -10.22
C GLY D 79 38.52 -12.05 -9.90
N PHE D 80 37.55 -11.13 -9.89
CA PHE D 80 37.83 -9.69 -9.62
C PHE D 80 36.86 -9.16 -8.59
N ARG D 81 37.32 -8.31 -7.71
CA ARG D 81 36.46 -7.48 -6.90
C ARG D 81 37.17 -6.17 -6.63
N VAL D 82 36.64 -5.09 -7.20
CA VAL D 82 37.14 -3.74 -6.98
C VAL D 82 36.28 -3.04 -5.98
N GLN D 83 36.91 -2.62 -4.87
CA GLN D 83 36.26 -1.87 -3.81
C GLN D 83 36.68 -0.40 -3.93
N PHE D 84 35.86 0.34 -4.68
CA PHE D 84 36.29 1.64 -5.15
C PHE D 84 36.20 2.75 -4.06
N ASN D 85 35.01 2.99 -3.50
CA ASN D 85 34.80 4.12 -2.58
C ASN D 85 33.74 3.74 -1.58
N SER D 86 34.07 3.90 -0.27
CA SER D 86 33.17 3.58 0.84
C SER D 86 32.75 4.82 1.66
N ALA D 87 32.85 6.02 1.07
CA ALA D 87 32.51 7.24 1.83
C ALA D 87 31.02 7.30 2.29
N LEU D 88 30.10 6.86 1.43
CA LEU D 88 28.68 6.90 1.72
C LEU D 88 28.17 5.63 2.31
N GLY D 89 28.95 4.56 2.30
CA GLY D 89 28.46 3.28 2.78
C GLY D 89 29.29 2.11 2.33
N PRO D 90 28.82 0.88 2.60
CA PRO D 90 29.50 -0.33 2.19
C PRO D 90 29.68 -0.32 0.69
N TYR D 91 30.75 -0.91 0.20
CA TYR D 91 30.87 -1.01 -1.23
C TYR D 91 29.61 -1.74 -1.74
N LYS D 92 29.11 -1.31 -2.89
CA LYS D 92 27.94 -1.95 -3.45
C LYS D 92 28.05 -1.98 -4.96
N GLY D 93 27.82 -3.15 -5.53
CA GLY D 93 27.70 -3.29 -6.95
C GLY D 93 27.82 -4.74 -7.35
N GLY D 94 27.48 -5.00 -8.60
CA GLY D 94 27.28 -6.35 -9.09
C GLY D 94 28.52 -7.10 -9.51
N LEU D 95 28.28 -8.37 -9.86
CA LEU D 95 29.27 -9.25 -10.40
C LEU D 95 28.94 -9.57 -11.88
N ARG D 96 29.95 -9.40 -12.77
CA ARG D 96 29.84 -9.78 -14.18
C ARG D 96 30.66 -11.07 -14.54
N PHE D 97 29.97 -12.14 -14.98
CA PHE D 97 30.64 -13.32 -15.49
C PHE D 97 30.49 -13.31 -17.01
N HIS D 98 31.57 -13.06 -17.73
CA HIS D 98 31.53 -12.96 -19.19
C HIS D 98 32.98 -12.96 -19.67
N PRO D 99 33.29 -13.61 -20.83
CA PRO D 99 34.70 -13.77 -21.22
C PRO D 99 35.52 -12.51 -21.47
N SER D 100 34.88 -11.38 -21.64
CA SER D 100 35.57 -10.10 -21.82
C SER D 100 36.08 -9.44 -20.53
N VAL D 101 35.67 -9.93 -19.38
CA VAL D 101 35.99 -9.26 -18.13
C VAL D 101 37.49 -9.30 -17.91
N ASN D 102 38.01 -8.12 -17.63
CA ASN D 102 39.37 -7.87 -17.14
C ASN D 102 39.24 -6.72 -16.12
N LEU D 103 40.36 -6.37 -15.48
CA LEU D 103 40.42 -5.36 -14.45
C LEU D 103 39.94 -3.99 -14.91
N GLY D 104 40.43 -3.56 -16.07
CA GLY D 104 39.99 -2.37 -16.73
C GLY D 104 38.47 -2.22 -16.77
N ILE D 105 37.78 -3.27 -17.18
CA ILE D 105 36.31 -3.29 -17.23
C ILE D 105 35.68 -3.16 -15.83
N VAL D 106 36.20 -3.88 -14.84
CA VAL D 106 35.65 -3.88 -13.49
C VAL D 106 35.88 -2.51 -12.89
N LYS D 107 37.04 -1.93 -13.19
CA LYS D 107 37.33 -0.60 -12.76
C LYS D 107 36.39 0.45 -13.34
N PHE D 108 36.13 0.40 -14.64
CA PHE D 108 35.16 1.34 -15.26
C PHE D 108 33.79 1.27 -14.55
N LEU D 109 33.31 0.07 -14.36
CA LEU D 109 32.00 -0.20 -13.79
C LEU D 109 31.97 0.24 -12.34
N GLY D 110 33.02 -0.07 -11.58
CA GLY D 110 33.12 0.30 -10.18
C GLY D 110 33.21 1.80 -9.97
N PHE D 111 33.91 2.48 -10.88
CA PHE D 111 34.01 3.93 -10.85
C PHE D 111 32.65 4.59 -11.06
N GLU D 112 31.99 4.21 -12.14
CA GLU D 112 30.65 4.68 -12.45
C GLU D 112 29.66 4.38 -11.31
N GLN D 113 29.84 3.22 -10.70
CA GLN D 113 29.01 2.81 -9.62
C GLN D 113 29.03 3.78 -8.42
N ILE D 114 30.18 4.38 -8.16
CA ILE D 114 30.30 5.37 -7.10
C ILE D 114 29.26 6.49 -7.21
N PHE D 115 29.16 7.06 -8.40
CA PHE D 115 28.33 8.25 -8.65
C PHE D 115 26.85 7.88 -8.74
N LYS D 116 26.59 6.70 -9.32
CA LYS D 116 25.27 6.17 -9.48
C LYS D 116 24.68 5.92 -8.10
N ASN D 117 25.48 5.28 -7.25
CA ASN D 117 25.07 4.97 -5.91
C ASN D 117 24.84 6.22 -5.11
N SER D 118 25.74 7.19 -5.27
CA SER D 118 25.53 8.54 -4.72
C SER D 118 24.22 9.16 -5.12
N LEU D 119 23.92 9.15 -6.43
CA LEU D 119 22.63 9.73 -6.89
C LEU D 119 21.38 9.08 -6.35
N THR D 120 21.41 7.80 -5.98
CA THR D 120 20.22 7.18 -5.42
C THR D 120 19.67 7.90 -4.18
N GLY D 121 20.54 8.62 -3.46
CA GLY D 121 20.18 9.16 -2.14
C GLY D 121 20.30 8.16 -0.98
N LEU D 122 20.68 6.91 -1.28
CA LEU D 122 20.79 5.84 -0.29
C LEU D 122 22.22 5.60 0.15
N PRO D 123 22.39 5.04 1.36
CA PRO D 123 23.75 4.90 1.97
C PRO D 123 24.59 3.70 1.46
N ILE D 124 25.05 3.81 0.21
CA ILE D 124 25.85 2.80 -0.47
C ILE D 124 27.06 3.42 -1.16
N GLY D 125 28.24 2.79 -0.94
CA GLY D 125 29.50 3.11 -1.66
C GLY D 125 29.55 2.30 -2.96
N GLY D 126 30.69 2.36 -3.66
CA GLY D 126 30.83 1.82 -5.03
C GLY D 126 31.86 0.71 -5.17
N GLY D 127 31.45 -0.36 -5.86
CA GLY D 127 32.40 -1.31 -6.39
C GLY D 127 31.77 -2.26 -7.37
N LYS D 128 32.55 -3.25 -7.78
CA LYS D 128 32.13 -4.24 -8.72
C LYS D 128 33.11 -5.38 -8.73
N GLY D 129 32.66 -6.47 -9.36
CA GLY D 129 33.52 -7.62 -9.61
C GLY D 129 33.03 -8.50 -10.74
N GLY D 130 33.66 -9.65 -10.84
CA GLY D 130 33.30 -10.64 -11.81
C GLY D 130 34.41 -11.59 -12.14
N SER D 131 34.28 -12.22 -13.29
CA SER D 131 35.24 -13.18 -13.74
C SER D 131 35.18 -13.27 -15.28
N ASP D 132 36.29 -13.70 -15.87
CA ASP D 132 36.33 -14.07 -17.28
C ASP D 132 35.67 -15.45 -17.53
N PHE D 133 35.28 -16.18 -16.47
CA PHE D 133 34.37 -17.34 -16.61
C PHE D 133 33.19 -17.05 -17.54
N ASP D 134 32.92 -17.96 -18.46
CA ASP D 134 31.78 -17.86 -19.41
C ASP D 134 30.69 -18.83 -19.00
N PRO D 135 29.55 -18.35 -18.50
CA PRO D 135 28.55 -19.36 -18.09
C PRO D 135 27.76 -20.06 -19.21
N LYS D 136 27.87 -19.56 -20.44
CA LYS D 136 27.25 -20.18 -21.60
C LYS D 136 27.81 -21.58 -21.84
N GLY D 137 26.90 -22.53 -22.00
CA GLY D 137 27.26 -23.91 -22.24
C GLY D 137 27.62 -24.68 -21.00
N LYS D 138 27.47 -24.07 -19.83
CA LYS D 138 27.87 -24.73 -18.61
C LYS D 138 26.66 -25.41 -17.96
N SER D 139 26.81 -26.60 -17.44
CA SER D 139 25.71 -27.21 -16.71
C SER D 139 25.46 -26.50 -15.34
N ASP D 140 24.28 -26.76 -14.77
CA ASP D 140 23.94 -26.17 -13.48
C ASP D 140 24.99 -26.50 -12.42
N LEU D 141 25.38 -27.76 -12.35
CA LEU D 141 26.41 -28.17 -11.42
C LEU D 141 27.75 -27.44 -11.61
N GLU D 142 28.14 -27.20 -12.85
CA GLU D 142 29.38 -26.52 -13.21
C GLU D 142 29.34 -25.07 -12.74
N ILE D 143 28.21 -24.42 -13.00
CA ILE D 143 27.98 -23.08 -12.60
C ILE D 143 27.99 -23.02 -11.06
N MET D 144 27.34 -24.00 -10.43
CA MET D 144 27.41 -24.13 -8.95
C MET D 144 28.85 -24.28 -8.45
N ARG D 145 29.61 -25.26 -8.94
CA ARG D 145 31.01 -25.42 -8.55
C ARG D 145 31.86 -24.19 -8.80
N PHE D 146 31.61 -23.48 -9.89
CA PHE D 146 32.32 -22.22 -10.18
C PHE D 146 32.04 -21.16 -9.07
N CYS D 147 30.75 -20.91 -8.86
CA CYS D 147 30.24 -20.03 -7.82
C CYS D 147 30.85 -20.31 -6.45
N GLN D 148 30.95 -21.59 -6.07
CA GLN D 148 31.53 -22.01 -4.81
C GLN D 148 33.03 -21.73 -4.74
N SER D 149 33.73 -21.91 -5.87
CA SER D 149 35.16 -21.64 -5.89
C SER D 149 35.39 -20.13 -5.81
N PHE D 150 34.57 -19.37 -6.53
CA PHE D 150 34.63 -17.91 -6.51
C PHE D 150 34.39 -17.37 -5.11
N MET D 151 33.36 -17.88 -4.49
CA MET D 151 32.96 -17.43 -3.20
C MET D 151 33.91 -17.96 -2.09
N THR D 152 34.64 -19.07 -2.32
CA THR D 152 35.66 -19.53 -1.37
C THR D 152 36.71 -18.45 -1.09
N GLU D 153 37.10 -17.69 -2.10
CA GLU D 153 37.99 -16.55 -1.90
C GLU D 153 37.20 -15.32 -1.56
N LEU D 154 36.11 -15.06 -2.24
CA LEU D 154 35.47 -13.77 -2.09
C LEU D 154 34.83 -13.51 -0.69
N HIS D 155 34.50 -14.56 0.07
CA HIS D 155 33.79 -14.41 1.37
C HIS D 155 34.57 -13.62 2.37
N ARG D 156 35.89 -13.77 2.36
CA ARG D 156 36.82 -13.04 3.23
C ARG D 156 36.75 -11.47 3.10
N HIS D 157 36.23 -10.98 2.00
CA HIS D 157 36.36 -9.60 1.62
C HIS D 157 35.02 -8.89 1.56
N ILE D 158 33.91 -9.60 1.84
CA ILE D 158 32.57 -9.04 1.77
C ILE D 158 31.84 -9.19 3.11
N GLY D 159 30.62 -8.68 3.17
CA GLY D 159 29.79 -8.74 4.35
C GLY D 159 28.82 -7.59 4.33
N GLU D 160 27.85 -7.63 5.22
CA GLU D 160 26.68 -6.77 5.17
C GLU D 160 27.08 -5.30 5.34
N TYR D 161 28.17 -5.02 6.10
CA TYR D 161 28.70 -3.65 6.25
C TYR D 161 29.97 -3.34 5.46
N ARG D 162 30.52 -4.35 4.81
CA ARG D 162 31.82 -4.24 4.15
C ARG D 162 31.60 -4.07 2.65
N ASP D 163 30.99 -5.06 1.98
CA ASP D 163 30.84 -5.02 0.55
C ASP D 163 29.70 -5.95 0.18
N VAL D 164 28.70 -5.48 -0.59
CA VAL D 164 27.53 -6.33 -0.77
C VAL D 164 27.90 -7.61 -1.66
N PRO D 165 27.82 -7.95 -2.94
CA PRO D 165 27.36 -7.46 -4.18
C PRO D 165 25.98 -8.01 -4.63
N ALA D 166 25.93 -8.51 -5.86
CA ALA D 166 24.71 -8.57 -6.69
C ALA D 166 25.08 -9.12 -8.05
N GLY D 167 24.12 -9.07 -8.96
CA GLY D 167 24.27 -9.58 -10.31
C GLY D 167 24.66 -8.52 -11.29
N ASP D 168 24.76 -8.94 -12.55
CA ASP D 168 25.16 -8.15 -13.74
C ASP D 168 25.10 -9.13 -14.93
N ILE D 169 25.74 -8.82 -16.05
CA ILE D 169 25.73 -9.73 -17.18
C ILE D 169 26.27 -11.05 -16.71
N GLY D 170 25.55 -12.13 -17.05
CA GLY D 170 25.96 -13.46 -16.66
C GLY D 170 25.65 -13.88 -15.22
N VAL D 171 25.16 -12.96 -14.38
CA VAL D 171 24.92 -13.32 -12.97
C VAL D 171 23.50 -12.94 -12.66
N GLY D 172 22.64 -13.96 -12.62
CA GLY D 172 21.18 -13.82 -12.39
C GLY D 172 20.85 -14.47 -11.01
N GLY D 173 19.56 -14.65 -10.76
CA GLY D 173 19.04 -15.43 -9.66
C GLY D 173 19.73 -16.77 -9.42
N ARG D 174 19.97 -17.53 -10.47
CA ARG D 174 20.57 -18.83 -10.27
C ARG D 174 21.97 -18.70 -9.57
N GLU D 175 22.82 -17.79 -10.09
CA GLU D 175 24.18 -17.60 -9.57
C GLU D 175 24.17 -17.02 -8.17
N ILE D 176 23.30 -16.04 -7.92
CA ILE D 176 23.20 -15.45 -6.60
C ILE D 176 22.80 -16.48 -5.52
N GLY D 177 21.92 -17.41 -5.86
CA GLY D 177 21.59 -18.54 -5.00
C GLY D 177 22.79 -19.40 -4.65
N TYR D 178 23.63 -19.68 -5.63
CA TYR D 178 24.82 -20.47 -5.38
C TYR D 178 25.89 -19.71 -4.58
N LEU D 179 26.09 -18.45 -4.92
CA LEU D 179 27.01 -17.59 -4.17
C LEU D 179 26.54 -17.44 -2.71
N PHE D 180 25.25 -17.23 -2.49
CA PHE D 180 24.73 -17.02 -1.14
C PHE D 180 24.85 -18.23 -0.27
N GLY D 181 24.42 -19.37 -0.81
CA GLY D 181 24.49 -20.60 -0.06
C GLY D 181 25.91 -20.90 0.34
N HIS D 182 26.84 -20.73 -0.59
CA HIS D 182 28.23 -21.03 -0.27
C HIS D 182 28.84 -20.02 0.70
N TYR D 183 28.44 -18.76 0.64
CA TYR D 183 28.90 -17.77 1.58
C TYR D 183 28.51 -18.22 2.98
N ARG D 184 27.26 -18.67 3.13
CA ARG D 184 26.75 -19.04 4.42
C ARG D 184 27.55 -20.20 4.96
N ARG D 185 27.94 -21.10 4.08
CA ARG D 185 28.72 -22.22 4.46
C ARG D 185 30.12 -21.80 4.87
N MET D 186 30.70 -20.82 4.20
CA MET D 186 32.05 -20.35 4.58
C MET D 186 32.03 -19.60 5.90
N ALA D 187 31.06 -18.69 6.07
CA ALA D 187 30.97 -17.84 7.29
C ALA D 187 30.27 -18.49 8.49
N ASN D 188 29.50 -19.55 8.25
CA ASN D 188 28.58 -20.13 9.25
C ASN D 188 27.75 -19.01 9.85
N GLN D 189 27.09 -18.31 8.96
CA GLN D 189 26.22 -17.17 9.28
C GLN D 189 25.15 -17.11 8.22
N HIS D 190 23.91 -16.93 8.64
CA HIS D 190 22.86 -16.63 7.67
C HIS D 190 22.68 -15.10 7.58
N GLU D 191 23.63 -14.51 6.88
CA GLU D 191 23.85 -13.08 6.80
C GLU D 191 23.13 -12.62 5.48
N SER D 192 21.84 -12.41 5.58
CA SER D 192 21.05 -12.05 4.45
C SER D 192 21.61 -10.84 3.71
N GLY D 193 22.17 -9.87 4.45
CA GLY D 193 22.61 -8.59 3.84
C GLY D 193 23.90 -8.64 3.05
N VAL D 194 24.49 -9.82 2.89
CA VAL D 194 25.76 -9.95 2.22
C VAL D 194 25.62 -9.76 0.69
N LEU D 195 24.48 -10.11 0.13
CA LEU D 195 24.21 -10.03 -1.34
C LEU D 195 22.84 -9.48 -1.59
N THR D 196 22.63 -8.96 -2.80
CA THR D 196 21.31 -8.54 -3.26
C THR D 196 20.92 -9.30 -4.49
N GLY D 197 19.67 -9.18 -4.89
CA GLY D 197 19.13 -10.08 -5.91
C GLY D 197 18.89 -11.50 -5.43
N LYS D 198 18.73 -11.68 -4.13
CA LYS D 198 18.35 -12.96 -3.57
C LYS D 198 16.88 -13.30 -3.89
N GLY D 199 16.53 -14.57 -3.77
CA GLY D 199 15.16 -15.06 -4.02
C GLY D 199 14.26 -14.68 -2.85
N LEU D 200 12.96 -14.74 -3.11
CA LEU D 200 11.98 -14.10 -2.24
C LEU D 200 11.80 -14.86 -0.98
N THR D 201 12.12 -16.14 -0.96
CA THR D 201 11.94 -16.91 0.25
C THR D 201 13.19 -17.00 1.18
N TRP D 202 14.31 -16.48 0.72
CA TRP D 202 15.54 -16.39 1.50
C TRP D 202 16.11 -14.98 1.43
N GLY D 203 15.28 -13.97 1.72
CA GLY D 203 15.73 -12.57 1.98
C GLY D 203 15.67 -11.59 0.84
N GLY D 204 15.10 -12.01 -0.28
CA GLY D 204 15.04 -11.16 -1.44
C GLY D 204 13.96 -10.11 -1.36
N SER D 205 14.00 -9.15 -2.29
CA SER D 205 12.98 -8.10 -2.38
C SER D 205 12.16 -8.17 -3.68
N LEU D 206 10.89 -7.85 -3.53
CA LEU D 206 9.86 -8.06 -4.57
C LEU D 206 10.03 -7.38 -5.92
N VAL D 207 10.51 -6.16 -5.86
CA VAL D 207 10.57 -5.42 -7.16
C VAL D 207 11.99 -5.55 -7.77
N ARG D 208 12.92 -6.28 -7.13
CA ARG D 208 14.31 -6.24 -7.56
C ARG D 208 14.53 -6.75 -8.98
N THR D 209 13.87 -7.84 -9.37
CA THR D 209 13.98 -8.37 -10.74
C THR D 209 13.64 -7.33 -11.78
N GLU D 210 12.51 -6.64 -11.56
CA GLU D 210 12.03 -5.61 -12.47
C GLU D 210 12.73 -4.26 -12.37
N ALA D 211 13.55 -4.00 -11.37
CA ALA D 211 13.87 -2.61 -11.02
C ALA D 211 14.65 -1.79 -12.03
N THR D 212 15.74 -2.33 -12.56
CA THR D 212 16.57 -1.54 -13.42
C THR D 212 15.77 -1.04 -14.62
N GLY D 213 15.17 -2.00 -15.31
CA GLY D 213 14.37 -1.73 -16.47
C GLY D 213 13.15 -0.90 -16.18
N TYR D 214 12.48 -1.13 -15.05
CA TYR D 214 11.40 -0.24 -14.62
C TYR D 214 11.93 1.18 -14.44
N GLY D 215 13.07 1.29 -13.79
CA GLY D 215 13.63 2.57 -13.45
C GLY D 215 14.07 3.41 -14.63
N CYS D 216 14.60 2.72 -15.64
CA CYS D 216 15.09 3.37 -16.86
C CYS D 216 13.93 4.00 -17.61
N VAL D 217 12.80 3.31 -17.60
CA VAL D 217 11.59 3.82 -18.21
C VAL D 217 11.00 4.95 -17.40
N TYR D 218 11.02 4.82 -16.05
CA TYR D 218 10.53 5.89 -15.18
C TYR D 218 11.30 7.17 -15.44
N PHE D 219 12.63 7.04 -15.52
CA PHE D 219 13.55 8.13 -15.84
C PHE D 219 13.31 8.77 -17.24
N VAL D 220 13.22 7.96 -18.30
CA VAL D 220 13.03 8.50 -19.65
C VAL D 220 11.70 9.23 -19.76
N SER D 221 10.67 8.66 -19.13
CA SER D 221 9.39 9.32 -18.98
C SER D 221 9.50 10.75 -18.37
N GLU D 222 10.40 10.93 -17.41
CA GLU D 222 10.61 12.26 -16.89
C GLU D 222 11.29 13.14 -17.93
N MET D 223 12.25 12.60 -18.64
CA MET D 223 12.90 13.39 -19.65
C MET D 223 11.85 13.84 -20.66
N ILE D 224 10.95 12.93 -20.99
CA ILE D 224 9.91 13.20 -21.96
C ILE D 224 8.93 14.30 -21.52
N LYS D 225 8.49 14.25 -20.27
CA LYS D 225 7.66 15.31 -19.74
C LYS D 225 8.34 16.68 -19.70
N ALA D 226 9.63 16.70 -19.43
CA ALA D 226 10.35 17.96 -19.33
C ALA D 226 10.44 18.65 -20.70
N LYS D 227 10.26 17.92 -21.80
CA LYS D 227 10.22 18.53 -23.15
C LYS D 227 8.80 18.84 -23.67
N GLY D 228 7.80 18.68 -22.81
CA GLY D 228 6.41 18.86 -23.19
C GLY D 228 5.77 17.72 -23.95
N GLU D 229 6.29 16.48 -23.85
CA GLU D 229 5.72 15.32 -24.54
C GLU D 229 5.26 14.26 -23.52
N SER D 230 4.82 13.12 -24.04
CA SER D 230 4.32 12.00 -23.25
C SER D 230 4.88 10.69 -23.81
N ILE D 231 5.15 9.71 -22.96
CA ILE D 231 5.69 8.43 -23.42
C ILE D 231 4.66 7.56 -24.14
N SER D 232 3.41 7.72 -23.77
CA SER D 232 2.37 7.00 -24.43
C SER D 232 2.25 7.35 -25.94
N GLY D 233 2.20 6.30 -26.77
CA GLY D 233 2.16 6.47 -28.20
C GLY D 233 3.52 6.58 -28.91
N GLN D 234 4.63 6.57 -28.15
CA GLN D 234 5.96 6.58 -28.78
C GLN D 234 6.40 5.16 -29.22
N LYS D 235 7.30 5.14 -30.19
CA LYS D 235 8.03 3.99 -30.62
C LYS D 235 9.39 3.98 -29.93
N ILE D 236 9.76 2.82 -29.38
CA ILE D 236 10.94 2.69 -28.56
C ILE D 236 11.80 1.55 -29.05
N ILE D 237 13.10 1.78 -29.18
CA ILE D 237 14.03 0.68 -29.35
C ILE D 237 14.64 0.23 -27.99
N VAL D 238 14.64 -1.06 -27.73
CA VAL D 238 15.28 -1.59 -26.55
C VAL D 238 16.31 -2.60 -26.92
N SER D 239 17.59 -2.29 -26.85
CA SER D 239 18.58 -3.27 -27.21
C SER D 239 18.84 -4.25 -26.09
N GLY D 240 19.29 -5.45 -26.45
CA GLY D 240 19.48 -6.51 -25.46
C GLY D 240 18.19 -7.25 -25.11
N SER D 241 18.33 -8.35 -24.37
CA SER D 241 17.16 -9.21 -24.06
C SER D 241 17.36 -9.98 -22.79
N GLY D 242 18.06 -9.32 -21.84
CA GLY D 242 18.34 -9.89 -20.51
C GLY D 242 17.44 -9.30 -19.46
N ASN D 243 17.92 -9.22 -18.22
CA ASN D 243 17.15 -8.70 -17.13
C ASN D 243 16.74 -7.24 -17.38
N VAL D 244 17.67 -6.39 -17.84
CA VAL D 244 17.32 -5.00 -17.99
C VAL D 244 16.31 -4.75 -19.11
N ALA D 245 16.67 -5.14 -20.34
CA ALA D 245 15.77 -4.96 -21.48
C ALA D 245 14.39 -5.56 -21.23
N THR D 246 14.34 -6.78 -20.72
CA THR D 246 13.05 -7.41 -20.48
C THR D 246 12.06 -6.47 -19.80
N TYR D 247 12.48 -5.84 -18.72
CA TYR D 247 11.53 -5.09 -17.92
C TYR D 247 11.40 -3.61 -18.35
N ALA D 248 12.36 -3.09 -19.13
CA ALA D 248 12.20 -1.83 -19.86
C ALA D 248 11.07 -1.99 -20.86
N ILE D 249 11.03 -3.16 -21.51
CA ILE D 249 10.01 -3.47 -22.48
C ILE D 249 8.64 -3.49 -21.78
N GLU D 250 8.59 -4.28 -20.70
CA GLU D 250 7.37 -4.43 -19.90
C GLU D 250 6.84 -3.09 -19.46
N LYS D 251 7.69 -2.29 -18.86
CA LYS D 251 7.23 -1.00 -18.34
C LYS D 251 6.85 -0.04 -19.45
N ALA D 252 7.69 0.07 -20.48
CA ALA D 252 7.41 0.96 -21.61
C ALA D 252 6.05 0.70 -22.27
N GLN D 253 5.69 -0.55 -22.48
CA GLN D 253 4.35 -0.91 -23.06
C GLN D 253 3.21 -0.77 -22.06
N GLU D 254 3.44 -1.04 -20.78
CA GLU D 254 2.45 -0.73 -19.76
C GLU D 254 2.02 0.76 -19.84
N LEU D 255 2.99 1.63 -20.00
CA LEU D 255 2.78 3.04 -20.12
C LEU D 255 2.31 3.53 -21.48
N GLY D 256 2.05 2.62 -22.44
CA GLY D 256 1.45 2.99 -23.73
C GLY D 256 2.39 3.10 -24.91
N ALA D 257 3.68 2.88 -24.70
CA ALA D 257 4.61 2.91 -25.81
C ALA D 257 4.62 1.56 -26.53
N THR D 258 5.21 1.56 -27.72
CA THR D 258 5.35 0.38 -28.49
C THR D 258 6.85 0.16 -28.66
N VAL D 259 7.32 -1.00 -28.20
CA VAL D 259 8.71 -1.35 -28.42
C VAL D 259 8.84 -2.03 -29.80
N ILE D 260 9.72 -1.44 -30.62
CA ILE D 260 9.82 -1.86 -32.02
C ILE D 260 11.00 -2.74 -32.31
N GLY D 261 11.85 -2.97 -31.31
CA GLY D 261 12.96 -3.85 -31.53
C GLY D 261 13.65 -4.18 -30.25
N PHE D 262 14.26 -5.37 -30.27
CA PHE D 262 15.11 -5.84 -29.20
C PHE D 262 16.17 -6.78 -29.79
N SER D 263 17.13 -7.25 -29.00
CA SER D 263 18.31 -7.95 -29.56
C SER D 263 19.09 -8.77 -28.54
N ASP D 264 19.93 -9.70 -29.04
CA ASP D 264 21.01 -10.31 -28.24
C ASP D 264 22.31 -10.06 -29.00
N SER D 265 23.42 -10.74 -28.65
CA SER D 265 24.68 -10.52 -29.42
C SER D 265 24.67 -11.16 -30.82
N SER D 266 23.71 -12.02 -31.09
CA SER D 266 23.66 -12.69 -32.39
C SER D 266 22.96 -11.86 -33.46
N GLY D 267 21.90 -11.16 -33.10
CA GLY D 267 21.15 -10.32 -34.05
C GLY D 267 20.01 -9.58 -33.36
N TRP D 268 19.13 -8.98 -34.16
CA TRP D 268 18.04 -8.18 -33.63
C TRP D 268 16.74 -8.47 -34.30
N VAL D 269 15.64 -8.13 -33.62
CA VAL D 269 14.29 -8.44 -34.05
C VAL D 269 13.53 -7.13 -34.16
N HIS D 270 12.92 -6.88 -35.32
CA HIS D 270 12.02 -5.76 -35.58
C HIS D 270 10.67 -6.30 -35.22
N THR D 271 9.97 -5.61 -34.30
CA THR D 271 8.64 -5.96 -33.84
C THR D 271 7.72 -4.75 -34.04
N PRO D 272 7.27 -4.48 -35.29
CA PRO D 272 6.56 -3.21 -35.61
C PRO D 272 5.31 -2.89 -34.77
N ASN D 273 4.66 -3.89 -34.21
CA ASN D 273 3.43 -3.75 -33.40
C ASN D 273 3.59 -4.04 -31.89
N GLY D 274 4.82 -4.18 -31.41
CA GLY D 274 5.05 -4.40 -29.98
C GLY D 274 5.50 -5.81 -29.69
N VAL D 275 6.11 -5.94 -28.55
CA VAL D 275 6.68 -7.13 -28.06
C VAL D 275 5.64 -7.85 -27.20
N ASP D 276 5.54 -9.15 -27.43
CA ASP D 276 4.81 -10.02 -26.58
C ASP D 276 5.77 -10.41 -25.46
N VAL D 277 5.61 -9.75 -24.32
CA VAL D 277 6.57 -9.90 -23.24
C VAL D 277 6.66 -11.33 -22.66
N ALA D 278 5.52 -11.94 -22.38
CA ALA D 278 5.43 -13.33 -21.92
C ALA D 278 6.14 -14.32 -22.85
N LYS D 279 5.95 -14.15 -24.14
CA LYS D 279 6.67 -14.93 -25.14
C LYS D 279 8.19 -14.80 -25.04
N LEU D 280 8.65 -13.54 -24.98
CA LEU D 280 10.08 -13.22 -24.86
C LEU D 280 10.68 -13.87 -23.63
N ARG D 281 9.96 -13.81 -22.51
CA ARG D 281 10.44 -14.39 -21.28
C ARG D 281 10.53 -15.91 -21.30
N GLU D 282 9.56 -16.58 -21.87
CA GLU D 282 9.65 -18.03 -22.04
C GLU D 282 10.88 -18.43 -22.90
N ILE D 283 11.10 -17.69 -23.99
CA ILE D 283 12.21 -17.95 -24.89
C ILE D 283 13.55 -17.77 -24.23
N LYS D 284 13.71 -16.66 -23.49
CA LYS D 284 15.01 -16.33 -22.86
C LYS D 284 15.25 -16.99 -21.50
N GLU D 285 14.20 -17.17 -20.72
CA GLU D 285 14.35 -17.63 -19.32
C GLU D 285 14.11 -19.13 -19.11
N VAL D 286 13.18 -19.73 -19.85
CA VAL D 286 12.88 -21.17 -19.70
C VAL D 286 13.71 -21.94 -20.76
N ARG D 287 13.50 -21.61 -22.02
CA ARG D 287 14.24 -22.21 -23.12
C ARG D 287 15.71 -21.80 -23.26
N ARG D 288 16.09 -20.67 -22.68
CA ARG D 288 17.46 -20.12 -22.81
C ARG D 288 17.93 -19.96 -24.26
N ALA D 289 17.04 -19.50 -25.12
CA ALA D 289 17.24 -19.46 -26.56
C ALA D 289 17.52 -18.06 -27.11
N ARG D 290 17.84 -18.02 -28.42
CA ARG D 290 18.14 -16.81 -29.20
C ARG D 290 16.86 -16.03 -29.56
N VAL D 291 17.02 -14.75 -29.85
CA VAL D 291 15.89 -13.90 -30.21
C VAL D 291 15.32 -14.30 -31.57
N SER D 292 16.18 -14.87 -32.44
CA SER D 292 15.71 -15.46 -33.69
C SER D 292 14.55 -16.47 -33.49
N VAL D 293 14.52 -17.19 -32.36
CA VAL D 293 13.39 -18.08 -32.07
C VAL D 293 12.09 -17.33 -31.86
N TYR D 294 12.19 -16.09 -31.34
CA TYR D 294 11.03 -15.25 -31.11
C TYR D 294 10.44 -14.88 -32.47
N ALA D 295 11.29 -14.39 -33.37
CA ALA D 295 10.85 -14.03 -34.74
C ALA D 295 10.26 -15.24 -35.50
N ASP D 296 10.90 -16.41 -35.34
CA ASP D 296 10.37 -17.68 -35.93
C ASP D 296 8.94 -17.91 -35.53
N GLU D 297 8.66 -17.71 -34.26
CA GLU D 297 7.36 -18.07 -33.72
C GLU D 297 6.33 -16.92 -33.68
N VAL D 298 6.73 -15.67 -33.81
CA VAL D 298 5.76 -14.59 -33.75
C VAL D 298 5.57 -14.03 -35.15
N GLU D 299 4.33 -14.04 -35.62
CA GLU D 299 4.03 -13.50 -36.95
C GLU D 299 4.24 -11.99 -36.88
N GLY D 300 4.74 -11.42 -37.98
CA GLY D 300 5.01 -9.98 -38.05
C GLY D 300 6.37 -9.56 -37.49
N ALA D 301 7.00 -10.40 -36.66
CA ALA D 301 8.32 -10.10 -36.13
C ALA D 301 9.38 -10.69 -37.02
N THR D 302 10.37 -9.90 -37.38
CA THR D 302 11.44 -10.37 -38.27
C THR D 302 12.82 -10.26 -37.61
N TYR D 303 13.66 -11.26 -37.89
CA TYR D 303 15.06 -11.35 -37.47
C TYR D 303 16.05 -10.79 -38.49
N HIS D 304 17.13 -10.18 -38.00
CA HIS D 304 18.12 -9.54 -38.85
C HIS D 304 19.49 -9.75 -38.26
N THR D 305 20.44 -10.26 -39.05
CA THR D 305 21.87 -10.33 -38.61
C THR D 305 22.80 -9.30 -39.20
N ASP D 306 22.37 -8.53 -40.16
CA ASP D 306 23.06 -7.29 -40.51
C ASP D 306 21.86 -6.45 -40.81
N GLY D 307 21.75 -5.21 -40.35
CA GLY D 307 22.83 -4.26 -40.09
C GLY D 307 22.87 -3.90 -38.60
N SER D 308 21.99 -3.00 -38.17
CA SER D 308 21.92 -2.59 -36.74
C SER D 308 20.47 -2.31 -36.30
N ILE D 309 20.15 -2.65 -35.05
CA ILE D 309 18.91 -2.23 -34.40
C ILE D 309 18.76 -0.70 -34.42
N TRP D 310 19.89 0.03 -34.37
CA TRP D 310 19.86 1.48 -34.31
C TRP D 310 19.46 2.17 -35.66
N ASP D 311 19.20 1.35 -36.70
CA ASP D 311 18.62 1.83 -37.97
C ASP D 311 17.11 1.98 -37.96
N LEU D 312 16.45 1.49 -36.91
CA LEU D 312 15.00 1.53 -36.83
C LEU D 312 14.53 2.93 -36.54
N LYS D 313 13.42 3.32 -37.16
CA LYS D 313 12.82 4.65 -37.00
C LYS D 313 12.09 4.72 -35.67
N CYS D 314 12.64 5.47 -34.73
CA CYS D 314 12.07 5.53 -33.38
C CYS D 314 12.01 6.95 -32.85
N ASP D 315 11.21 7.12 -31.80
CA ASP D 315 11.23 8.33 -30.94
C ASP D 315 12.23 8.24 -29.77
N ILE D 316 12.48 7.06 -29.24
CA ILE D 316 13.27 6.89 -28.02
C ILE D 316 14.13 5.63 -28.18
N ALA D 317 15.42 5.73 -27.90
CA ALA D 317 16.32 4.61 -27.86
C ALA D 317 16.79 4.31 -26.42
N LEU D 318 16.63 3.06 -26.00
CA LEU D 318 17.08 2.55 -24.70
C LEU D 318 18.11 1.42 -24.86
N PRO D 319 19.39 1.76 -25.01
CA PRO D 319 20.38 0.71 -24.99
C PRO D 319 20.46 0.01 -23.63
N CYS D 320 20.06 -1.24 -23.56
CA CYS D 320 20.10 -2.03 -22.33
C CYS D 320 20.91 -3.34 -22.46
N ALA D 321 22.05 -3.31 -23.13
CA ALA D 321 22.91 -4.53 -23.32
C ALA D 321 24.30 -4.46 -22.66
N THR D 322 25.19 -3.62 -23.15
CA THR D 322 26.61 -3.53 -22.68
C THR D 322 27.20 -2.23 -23.09
N GLN D 323 28.47 -2.01 -22.67
CA GLN D 323 29.23 -0.84 -23.03
C GLN D 323 29.52 -0.71 -24.52
N ASN D 324 29.57 0.53 -25.02
CA ASN D 324 29.95 0.85 -26.42
C ASN D 324 29.22 0.07 -27.48
N GLU D 325 27.91 -0.05 -27.31
CA GLU D 325 27.03 -0.72 -28.23
C GLU D 325 26.36 0.28 -29.20
N LEU D 326 26.55 1.58 -28.96
CA LEU D 326 25.88 2.64 -29.74
C LEU D 326 26.92 3.72 -29.98
N ASN D 327 27.53 3.67 -31.16
CA ASN D 327 28.57 4.55 -31.62
C ASN D 327 28.07 5.82 -32.35
N GLY D 328 29.04 6.65 -32.76
CA GLY D 328 28.81 7.88 -33.54
C GLY D 328 27.92 7.72 -34.78
N GLU D 329 28.21 6.74 -35.61
CA GLU D 329 27.38 6.46 -36.77
C GLU D 329 25.91 6.10 -36.38
N ASN D 330 25.74 5.27 -35.34
CA ASN D 330 24.40 4.89 -34.86
C ASN D 330 23.63 6.11 -34.33
N ALA D 331 24.33 6.97 -33.60
CA ALA D 331 23.75 8.20 -33.12
C ALA D 331 23.23 9.11 -34.27
N LYS D 332 24.02 9.33 -35.34
CA LYS D 332 23.51 10.05 -36.57
C LYS D 332 22.29 9.40 -37.21
N THR D 333 22.31 8.10 -37.36
CA THR D 333 21.23 7.36 -37.99
C THR D 333 19.92 7.53 -37.15
N LEU D 334 20.08 7.39 -35.82
CA LEU D 334 19.01 7.62 -34.89
C LEU D 334 18.48 9.06 -35.01
N ALA D 335 19.35 10.07 -34.97
CA ALA D 335 18.92 11.48 -35.09
C ALA D 335 18.28 11.81 -36.45
N ASP D 336 18.87 11.30 -37.53
CA ASP D 336 18.27 11.50 -38.85
C ASP D 336 16.89 10.86 -38.91
N ASN D 337 16.74 9.73 -38.24
CA ASN D 337 15.49 9.04 -38.34
C ASN D 337 14.41 9.53 -37.46
N GLY D 338 14.67 10.55 -36.63
CA GLY D 338 13.64 11.17 -35.77
C GLY D 338 13.73 10.89 -34.24
N CYS D 339 14.76 10.13 -33.81
CA CYS D 339 14.99 9.90 -32.38
C CYS D 339 15.22 11.24 -31.64
N ARG D 340 14.42 11.48 -30.61
CA ARG D 340 14.52 12.68 -29.77
C ARG D 340 14.97 12.39 -28.37
N PHE D 341 15.02 11.12 -27.94
CA PHE D 341 15.42 10.79 -26.56
C PHE D 341 16.24 9.50 -26.51
N VAL D 342 17.25 9.48 -25.66
CA VAL D 342 18.07 8.32 -25.41
C VAL D 342 18.28 8.15 -23.90
N ALA D 343 18.09 6.97 -23.37
CA ALA D 343 18.42 6.77 -21.97
C ALA D 343 19.04 5.41 -21.78
N GLU D 344 20.07 5.38 -20.97
CA GLU D 344 20.93 4.23 -20.80
C GLU D 344 20.48 3.23 -19.71
N GLY D 345 19.92 2.11 -20.15
CA GLY D 345 19.69 0.94 -19.26
C GLY D 345 20.98 0.21 -18.90
N ALA D 346 21.84 0.07 -19.90
CA ALA D 346 23.16 -0.52 -19.75
C ALA D 346 24.11 0.46 -19.12
N ASN D 347 25.26 -0.06 -18.66
CA ASN D 347 26.34 0.80 -18.22
C ASN D 347 27.24 1.20 -19.42
N MET D 348 27.28 2.49 -19.69
CA MET D 348 28.13 3.14 -20.68
C MET D 348 27.93 2.62 -22.12
N PRO D 349 26.68 2.50 -22.56
CA PRO D 349 26.48 1.96 -23.90
C PRO D 349 26.81 2.91 -25.03
N SER D 350 26.86 4.22 -24.74
CA SER D 350 27.05 5.20 -25.78
C SER D 350 28.51 5.58 -25.77
N THR D 351 29.15 5.58 -26.95
CA THR D 351 30.57 6.02 -27.06
C THR D 351 30.62 7.53 -26.91
N PRO D 352 31.85 8.09 -26.72
CA PRO D 352 31.97 9.55 -26.59
C PRO D 352 31.50 10.34 -27.81
N GLU D 353 31.66 9.74 -28.98
CA GLU D 353 31.21 10.29 -30.25
C GLU D 353 29.68 10.33 -30.28
N ALA D 354 29.02 9.27 -29.83
CA ALA D 354 27.57 9.23 -29.78
C ALA D 354 27.03 10.33 -28.86
N VAL D 355 27.69 10.55 -27.73
CA VAL D 355 27.26 11.55 -26.75
C VAL D 355 27.38 12.96 -27.37
N GLU D 356 28.44 13.17 -28.16
CA GLU D 356 28.59 14.42 -28.94
C GLU D 356 27.52 14.58 -29.99
N VAL D 357 27.25 13.57 -30.77
CA VAL D 357 26.15 13.66 -31.73
C VAL D 357 24.84 14.04 -31.04
N PHE D 358 24.52 13.38 -29.92
CA PHE D 358 23.31 13.65 -29.14
C PHE D 358 23.24 15.12 -28.70
N ARG D 359 24.36 15.67 -28.29
CA ARG D 359 24.43 17.03 -27.80
C ARG D 359 24.32 18.04 -28.97
N GLU D 360 24.99 17.78 -30.07
CA GLU D 360 24.94 18.67 -31.23
C GLU D 360 23.60 18.69 -31.93
N ARG D 361 22.87 17.58 -31.86
CA ARG D 361 21.60 17.40 -32.58
C ARG D 361 20.36 17.59 -31.65
N ASP D 362 20.54 18.15 -30.46
CA ASP D 362 19.55 18.23 -29.38
C ASP D 362 18.74 16.95 -29.07
N ILE D 363 19.44 15.84 -28.98
CA ILE D 363 18.83 14.65 -28.47
C ILE D 363 19.03 14.68 -26.95
N ARG D 364 17.93 14.68 -26.18
CA ARG D 364 18.00 14.58 -24.76
C ARG D 364 18.53 13.22 -24.28
N PHE D 365 19.63 13.27 -23.53
CA PHE D 365 20.40 12.12 -23.17
C PHE D 365 20.43 11.79 -21.67
N GLY D 366 19.94 10.60 -21.33
CA GLY D 366 19.91 10.14 -19.95
C GLY D 366 21.06 9.19 -19.68
N PRO D 367 22.06 9.64 -18.95
CA PRO D 367 23.21 8.76 -18.72
C PRO D 367 22.92 7.60 -17.80
N GLY D 368 23.62 6.51 -18.00
CA GLY D 368 23.43 5.31 -17.23
C GLY D 368 23.44 5.48 -15.73
N LYS D 369 24.39 6.25 -15.21
CA LYS D 369 24.46 6.43 -13.75
C LYS D 369 23.21 7.09 -13.07
N ALA D 370 22.39 7.75 -13.87
CA ALA D 370 21.11 8.24 -13.46
C ALA D 370 20.01 7.25 -13.88
N ALA D 371 19.90 6.95 -15.18
CA ALA D 371 18.75 6.19 -15.72
C ALA D 371 18.70 4.73 -15.28
N ASN D 372 19.84 4.08 -15.03
CA ASN D 372 19.79 2.67 -14.64
C ASN D 372 19.96 2.43 -13.12
N ALA D 373 20.02 3.51 -12.36
CA ALA D 373 20.21 3.45 -10.93
C ALA D 373 19.06 2.82 -10.14
N GLY D 374 17.89 2.64 -10.75
CA GLY D 374 16.76 1.95 -10.12
C GLY D 374 17.12 0.59 -9.56
N GLY D 375 18.13 -0.04 -10.17
CA GLY D 375 18.49 -1.39 -9.80
C GLY D 375 19.21 -1.36 -8.45
N VAL D 376 20.28 -0.59 -8.40
CA VAL D 376 21.08 -0.56 -7.20
C VAL D 376 20.29 0.12 -6.10
N ALA D 377 19.40 1.03 -6.47
CA ALA D 377 18.47 1.60 -5.51
C ALA D 377 17.65 0.54 -4.85
N THR D 378 17.07 -0.33 -5.66
CA THR D 378 16.21 -1.36 -5.13
C THR D 378 17.02 -2.41 -4.39
N SER D 379 18.28 -2.61 -4.76
CA SER D 379 19.18 -3.43 -3.95
C SER D 379 19.38 -2.83 -2.57
N ALA D 380 19.52 -1.49 -2.48
CA ALA D 380 19.67 -0.82 -1.20
C ALA D 380 18.37 -0.97 -0.40
N LEU D 381 17.22 -1.06 -1.06
CA LEU D 381 15.98 -1.39 -0.34
C LEU D 381 15.97 -2.85 0.17
N GLU D 382 16.52 -3.78 -0.61
CA GLU D 382 16.73 -5.16 -0.14
C GLU D 382 17.68 -5.18 1.12
N MET D 383 18.77 -4.38 1.10
CA MET D 383 19.65 -4.31 2.27
C MET D 383 18.91 -3.79 3.51
N GLN D 384 18.09 -2.76 3.29
CA GLN D 384 17.30 -2.14 4.34
C GLN D 384 16.24 -3.10 4.97
N GLN D 385 15.44 -3.73 4.10
CA GLN D 385 14.58 -4.85 4.48
C GLN D 385 15.30 -5.93 5.25
N ASN D 386 16.47 -6.34 4.81
CA ASN D 386 17.23 -7.35 5.51
C ASN D 386 17.78 -6.93 6.88
N ALA D 387 18.40 -5.78 6.98
CA ALA D 387 18.74 -5.09 8.26
C ALA D 387 17.60 -5.00 9.28
N SER D 388 16.37 -4.85 8.80
CA SER D 388 15.13 -4.81 9.61
C SER D 388 14.43 -6.16 9.80
N ARG D 389 14.92 -7.22 9.17
CA ARG D 389 14.18 -8.48 9.06
C ARG D 389 12.72 -8.23 8.74
N ASP D 390 12.47 -7.41 7.73
CA ASP D 390 11.13 -7.05 7.29
C ASP D 390 11.04 -7.41 5.81
N SER D 391 9.82 -7.46 5.32
CA SER D 391 9.61 -7.76 3.92
C SER D 391 8.50 -6.85 3.44
N TRP D 392 8.78 -6.10 2.37
CA TRP D 392 7.83 -5.11 1.85
C TRP D 392 7.06 -5.62 0.65
N SER D 393 5.86 -5.06 0.47
CA SER D 393 5.04 -5.41 -0.67
C SER D 393 5.62 -4.83 -2.00
N PHE D 394 5.19 -5.42 -3.11
CA PHE D 394 5.52 -4.95 -4.46
C PHE D 394 5.13 -3.44 -4.60
N GLU D 395 3.90 -3.10 -4.25
CA GLU D 395 3.35 -1.75 -4.40
C GLU D 395 4.17 -0.71 -3.64
N TYR D 396 4.57 -1.09 -2.43
CA TYR D 396 5.29 -0.19 -1.55
C TYR D 396 6.69 0.06 -2.17
N THR D 397 7.38 -1.02 -2.56
CA THR D 397 8.75 -0.93 -3.03
C THR D 397 8.76 -0.21 -4.38
N ASP D 398 7.85 -0.58 -5.29
CA ASP D 398 7.71 0.09 -6.58
C ASP D 398 7.41 1.62 -6.44
N GLU D 399 6.56 1.98 -5.48
CA GLU D 399 6.22 3.39 -5.21
C GLU D 399 7.47 4.12 -4.74
N ARG D 400 8.32 3.50 -3.91
CA ARG D 400 9.65 4.06 -3.57
C ARG D 400 10.59 4.26 -4.79
N LEU D 401 10.66 3.28 -5.67
CA LEU D 401 11.43 3.34 -6.93
C LEU D 401 10.96 4.46 -7.84
N GLN D 402 9.66 4.66 -7.94
CA GLN D 402 9.11 5.78 -8.70
C GLN D 402 9.56 7.16 -8.18
N VAL D 403 9.49 7.35 -6.88
CA VAL D 403 9.94 8.55 -6.23
C VAL D 403 11.43 8.78 -6.39
N ILE D 404 12.21 7.71 -6.23
CA ILE D 404 13.68 7.79 -6.39
C ILE D 404 14.07 8.22 -7.80
N MET D 405 13.55 7.54 -8.82
CA MET D 405 13.86 7.92 -10.20
C MET D 405 13.46 9.37 -10.52
N LYS D 406 12.30 9.82 -10.05
CA LYS D 406 11.89 11.21 -10.23
C LYS D 406 12.84 12.17 -9.54
N ASN D 407 13.22 11.90 -8.29
CA ASN D 407 14.24 12.65 -7.56
C ASN D 407 15.60 12.66 -8.25
N ILE D 408 16.03 11.52 -8.78
CA ILE D 408 17.28 11.50 -9.53
C ILE D 408 17.21 12.42 -10.77
N PHE D 409 16.07 12.41 -11.47
CA PHE D 409 15.89 13.29 -12.62
C PHE D 409 15.93 14.74 -12.21
N LYS D 410 15.20 15.08 -11.15
CA LYS D 410 15.11 16.47 -10.65
C LYS D 410 16.52 17.02 -10.19
N THR D 411 17.27 16.20 -9.48
CA THR D 411 18.66 16.45 -9.18
C THR D 411 19.57 16.68 -10.39
N CYS D 412 19.45 15.85 -11.44
CA CYS D 412 20.25 16.01 -12.65
C CYS D 412 19.86 17.31 -13.38
N ALA D 413 18.57 17.56 -13.48
CA ALA D 413 18.06 18.75 -14.17
C ALA D 413 18.43 20.08 -13.45
N GLU D 414 18.28 20.11 -12.14
CA GLU D 414 18.54 21.29 -11.36
C GLU D 414 20.02 21.61 -11.28
N THR D 415 20.82 20.57 -11.07
CA THR D 415 22.25 20.72 -10.94
C THR D 415 22.85 21.17 -12.27
N ALA D 416 22.42 20.56 -13.37
CA ALA D 416 22.79 21.05 -14.70
C ALA D 416 22.48 22.56 -14.87
N ALA D 417 21.27 22.98 -14.51
CA ALA D 417 20.88 24.39 -14.68
C ALA D 417 21.73 25.32 -13.78
N GLU D 418 21.88 24.95 -12.52
CA GLU D 418 22.70 25.65 -11.54
C GLU D 418 24.11 25.91 -12.01
N TYR D 419 24.72 24.97 -12.71
CA TYR D 419 26.10 25.13 -13.18
C TYR D 419 26.16 25.61 -14.62
N GLY D 420 25.07 26.21 -15.11
CA GLY D 420 24.97 26.82 -16.47
C GLY D 420 24.99 25.87 -17.66
N HIS D 421 24.45 24.66 -17.49
CA HIS D 421 24.38 23.67 -18.56
C HIS D 421 22.98 23.05 -18.61
N GLU D 422 21.99 23.92 -18.65
CA GLU D 422 20.56 23.54 -18.61
C GLU D 422 20.28 22.34 -19.54
N ASN D 423 19.60 21.31 -19.01
CA ASN D 423 19.27 20.07 -19.76
C ASN D 423 20.42 19.12 -20.12
N ASP D 424 21.61 19.34 -19.59
CA ASP D 424 22.70 18.41 -19.81
C ASP D 424 22.74 17.49 -18.59
N TYR D 425 22.02 16.37 -18.69
CA TYR D 425 21.89 15.48 -17.56
C TYR D 425 23.19 14.78 -17.20
N VAL D 426 24.10 14.63 -18.17
CA VAL D 426 25.45 14.10 -17.91
C VAL D 426 26.21 15.02 -16.93
N VAL D 427 26.23 16.33 -17.20
CA VAL D 427 26.81 17.30 -16.24
C VAL D 427 26.14 17.25 -14.86
N GLY D 428 24.81 17.26 -14.84
CA GLY D 428 24.05 17.32 -13.60
C GLY D 428 24.25 16.07 -12.75
N ALA D 429 24.16 14.91 -13.41
CA ALA D 429 24.45 13.62 -12.80
C ALA D 429 25.85 13.51 -12.23
N ASN D 430 26.86 13.73 -13.06
CA ASN D 430 28.24 13.70 -12.58
C ASN D 430 28.49 14.68 -11.42
N ILE D 431 27.96 15.88 -11.51
CA ILE D 431 28.20 16.84 -10.48
C ILE D 431 27.46 16.45 -9.20
N ALA D 432 26.19 16.09 -9.31
CA ALA D 432 25.41 15.77 -8.11
C ALA D 432 25.96 14.56 -7.39
N GLY D 433 26.30 13.50 -8.12
CA GLY D 433 26.98 12.35 -7.55
C GLY D 433 28.32 12.72 -6.90
N PHE D 434 29.11 13.48 -7.60
CA PHE D 434 30.42 13.90 -7.08
C PHE D 434 30.34 14.62 -5.74
N LYS D 435 29.46 15.60 -5.63
CA LYS D 435 29.46 16.49 -4.47
C LYS D 435 29.07 15.79 -3.15
N LYS D 436 28.11 14.88 -3.19
CA LYS D 436 27.72 14.16 -1.99
C LYS D 436 28.90 13.24 -1.50
N VAL D 437 29.57 12.60 -2.43
CA VAL D 437 30.74 11.77 -2.17
C VAL D 437 31.88 12.65 -1.68
N ALA D 438 32.11 13.81 -2.32
CA ALA D 438 33.28 14.64 -1.93
C ALA D 438 33.10 15.23 -0.52
N ASP D 439 31.90 15.68 -0.20
CA ASP D 439 31.53 16.21 1.11
C ASP D 439 31.71 15.15 2.23
N ALA D 440 31.36 13.90 1.97
CA ALA D 440 31.56 12.84 2.95
C ALA D 440 33.04 12.45 3.11
N MET D 441 33.80 12.49 2.01
CA MET D 441 35.21 12.21 2.02
C MET D 441 35.94 13.34 2.75
N LEU D 442 35.66 14.60 2.44
CA LEU D 442 36.27 15.72 3.22
C LEU D 442 36.01 15.58 4.72
N ALA D 443 34.79 15.19 5.10
CA ALA D 443 34.48 14.97 6.53
C ALA D 443 35.23 13.77 7.19
N GLN D 444 35.53 12.71 6.44
CA GLN D 444 36.07 11.50 7.05
C GLN D 444 37.61 11.43 7.12
N GLY D 445 38.27 12.47 6.64
CA GLY D 445 39.73 12.61 6.77
C GLY D 445 40.48 11.88 5.69
N VAL D 446 41.79 11.90 5.83
CA VAL D 446 42.68 11.27 4.89
C VAL D 446 42.78 9.80 5.28
N ILE D 447 41.97 9.02 4.61
CA ILE D 447 41.86 7.59 4.79
C ILE D 447 41.86 6.98 3.39
N MET E 1 30.14 -47.15 49.92
CA MET E 1 31.41 -47.13 50.68
C MET E 1 32.56 -47.54 49.75
N THR E 2 32.62 -48.81 49.35
CA THR E 2 33.82 -49.36 48.66
C THR E 2 34.16 -48.70 47.27
N VAL E 3 35.44 -48.79 46.91
CA VAL E 3 35.97 -48.30 45.63
C VAL E 3 35.37 -49.11 44.49
N ASP E 4 35.28 -50.41 44.72
CA ASP E 4 34.64 -51.32 43.81
C ASP E 4 33.21 -50.80 43.50
N GLU E 5 32.37 -50.68 44.53
CA GLU E 5 31.00 -50.18 44.39
C GLU E 5 30.95 -48.85 43.66
N GLN E 6 31.83 -47.96 44.07
CA GLN E 6 31.88 -46.59 43.61
C GLN E 6 32.22 -46.55 42.11
N VAL E 7 33.23 -47.33 41.68
CA VAL E 7 33.63 -47.30 40.27
C VAL E 7 32.59 -47.97 39.40
N SER E 8 32.02 -49.07 39.91
CA SER E 8 30.99 -49.81 39.18
C SER E 8 29.67 -49.05 39.03
N ASN E 9 29.29 -48.24 40.01
CA ASN E 9 28.10 -47.42 39.84
C ASN E 9 28.34 -46.31 38.83
N TYR E 10 29.55 -45.72 38.76
CA TYR E 10 29.84 -44.79 37.68
C TYR E 10 29.75 -45.45 36.30
N TYR E 11 30.28 -46.67 36.17
CA TYR E 11 30.11 -47.45 34.96
C TYR E 11 28.63 -47.59 34.56
N ASP E 12 27.75 -47.91 35.52
CA ASP E 12 26.30 -48.09 35.25
C ASP E 12 25.66 -46.83 34.67
N MET E 13 26.02 -45.65 35.19
CA MET E 13 25.46 -44.40 34.72
C MET E 13 26.04 -44.10 33.34
N LEU E 14 27.32 -44.44 33.14
CA LEU E 14 27.94 -44.32 31.83
C LEU E 14 27.28 -45.17 30.73
N LEU E 15 26.92 -46.43 31.03
CA LEU E 15 26.08 -47.24 30.14
C LEU E 15 24.72 -46.60 29.86
N LYS E 16 24.19 -45.84 30.83
CA LYS E 16 22.92 -45.12 30.67
C LYS E 16 23.02 -43.92 29.75
N ARG E 17 23.96 -43.05 30.03
CA ARG E 17 24.18 -41.82 29.26
C ARG E 17 24.70 -42.14 27.87
N ASN E 18 25.39 -43.25 27.70
CA ASN E 18 25.95 -43.63 26.41
C ASN E 18 25.39 -44.92 25.88
N ALA E 19 24.07 -45.14 26.02
CA ALA E 19 23.47 -46.42 25.55
C ALA E 19 23.71 -46.66 24.04
N GLY E 20 23.93 -47.93 23.71
CA GLY E 20 24.11 -48.36 22.30
C GLY E 20 25.49 -48.19 21.70
N GLU E 21 26.52 -48.06 22.52
CA GLU E 21 27.91 -47.80 22.08
C GLU E 21 28.85 -48.87 22.66
N PRO E 22 28.72 -50.14 22.21
CA PRO E 22 29.46 -51.20 22.87
C PRO E 22 30.99 -51.01 22.84
N GLU E 23 31.55 -50.45 21.79
CA GLU E 23 32.99 -50.32 21.70
C GLU E 23 33.51 -49.33 22.74
N PHE E 24 32.78 -48.24 22.95
CA PHE E 24 33.09 -47.24 23.97
C PHE E 24 33.03 -47.87 25.39
N HIS E 25 31.95 -48.57 25.68
CA HIS E 25 31.77 -49.22 26.97
C HIS E 25 32.94 -50.19 27.23
N GLN E 26 33.36 -50.88 26.17
CA GLN E 26 34.46 -51.85 26.25
C GLN E 26 35.78 -51.15 26.57
N ALA E 27 36.12 -50.12 25.83
CA ALA E 27 37.36 -49.37 26.16
C ALA E 27 37.33 -48.81 27.56
N VAL E 28 36.19 -48.24 27.94
CA VAL E 28 36.01 -47.65 29.29
C VAL E 28 36.14 -48.72 30.44
N ALA E 29 35.51 -49.87 30.26
CA ALA E 29 35.60 -51.00 31.23
C ALA E 29 37.00 -51.43 31.59
N GLU E 30 37.87 -51.69 30.58
CA GLU E 30 39.26 -52.06 30.85
C GLU E 30 39.98 -50.97 31.63
N VAL E 31 39.86 -49.71 31.21
CA VAL E 31 40.50 -48.60 31.95
C VAL E 31 40.01 -48.53 33.40
N LEU E 32 38.69 -48.52 33.62
CA LEU E 32 38.14 -48.46 34.98
C LEU E 32 38.56 -49.56 35.96
N GLU E 33 38.72 -50.80 35.48
CA GLU E 33 39.31 -51.89 36.25
C GLU E 33 40.75 -51.57 36.69
N SER E 34 41.57 -50.99 35.82
CA SER E 34 42.84 -50.49 36.35
C SER E 34 42.67 -49.37 37.36
N LEU E 35 41.71 -48.49 37.17
CA LEU E 35 41.57 -47.33 38.05
C LEU E 35 41.20 -47.73 39.45
N LYS E 36 40.38 -48.76 39.60
CA LYS E 36 40.12 -49.37 40.90
C LYS E 36 41.39 -49.61 41.72
N ILE E 37 42.48 -50.02 41.06
CA ILE E 37 43.75 -50.28 41.74
C ILE E 37 44.41 -48.96 42.19
N VAL E 38 44.40 -47.95 41.33
CA VAL E 38 44.89 -46.60 41.70
C VAL E 38 44.17 -46.02 42.89
N LEU E 39 42.86 -46.17 42.94
CA LEU E 39 42.00 -45.57 43.93
C LEU E 39 42.03 -46.27 45.28
N GLU E 40 42.10 -47.59 45.29
CA GLU E 40 42.38 -48.33 46.53
C GLU E 40 43.67 -47.80 47.20
N LYS E 41 44.72 -47.53 46.42
CA LYS E 41 45.93 -46.90 46.99
C LYS E 41 45.76 -45.40 47.28
N ASP E 42 45.32 -44.60 46.30
CA ASP E 42 45.33 -43.12 46.38
C ASP E 42 43.94 -42.57 46.01
N PRO E 43 42.96 -42.65 46.94
CA PRO E 43 41.54 -42.29 46.65
C PRO E 43 41.24 -40.83 46.23
N HIS E 44 42.21 -39.92 46.41
CA HIS E 44 42.08 -38.51 46.05
C HIS E 44 42.28 -38.19 44.54
N TYR E 45 42.72 -39.18 43.76
CA TYR E 45 42.56 -39.13 42.32
C TYR E 45 41.07 -39.12 41.89
N ALA E 46 40.14 -39.46 42.78
CA ALA E 46 38.71 -39.27 42.52
C ALA E 46 38.14 -37.88 42.83
N ASP E 47 38.93 -37.00 43.43
CA ASP E 47 38.41 -35.74 43.92
C ASP E 47 37.88 -34.90 42.79
N TYR E 48 36.95 -34.02 43.14
CA TYR E 48 36.47 -32.98 42.24
C TYR E 48 35.88 -33.59 40.94
N GLY E 49 35.19 -34.71 41.06
CA GLY E 49 34.62 -35.41 39.96
C GLY E 49 35.61 -35.67 38.83
N LEU E 50 36.84 -35.98 39.18
CA LEU E 50 37.86 -36.14 38.18
C LEU E 50 37.46 -37.16 37.13
N ILE E 51 37.08 -38.35 37.57
CA ILE E 51 36.77 -39.43 36.66
C ILE E 51 35.51 -39.18 35.84
N GLN E 52 34.55 -38.51 36.47
CA GLN E 52 33.32 -38.14 35.80
C GLN E 52 33.63 -37.20 34.67
N ARG E 53 34.59 -36.30 34.88
CA ARG E 53 34.99 -35.37 33.85
C ARG E 53 35.78 -36.06 32.77
N LEU E 54 36.64 -36.99 33.18
CA LEU E 54 37.52 -37.69 32.28
C LEU E 54 36.75 -38.57 31.28
N CYS E 55 35.64 -39.15 31.73
CA CYS E 55 34.88 -40.04 30.88
C CYS E 55 33.93 -39.32 29.94
N GLU E 56 33.79 -38.01 30.10
CA GLU E 56 32.90 -37.22 29.28
C GLU E 56 33.73 -36.33 28.35
N PRO E 57 33.61 -36.52 26.99
CA PRO E 57 34.35 -35.65 26.05
C PRO E 57 34.08 -34.18 26.30
N GLU E 58 35.13 -33.36 26.25
CA GLU E 58 34.98 -31.92 26.33
C GLU E 58 34.01 -31.41 25.25
N ARG E 59 34.11 -31.98 24.05
CA ARG E 59 33.31 -31.59 22.93
C ARG E 59 33.19 -32.71 21.91
N GLN E 60 32.02 -32.86 21.31
CA GLN E 60 31.83 -33.77 20.17
C GLN E 60 31.14 -32.99 19.08
N LEU E 61 31.63 -33.17 17.87
CA LEU E 61 31.07 -32.57 16.71
C LEU E 61 30.61 -33.67 15.75
N ILE E 62 29.38 -33.60 15.29
CA ILE E 62 28.88 -34.52 14.28
C ILE E 62 28.32 -33.61 13.22
N PHE E 63 28.58 -33.89 11.96
CA PHE E 63 28.15 -32.94 10.90
C PHE E 63 27.80 -33.61 9.60
N ARG E 64 26.92 -32.99 8.85
CA ARG E 64 26.59 -33.43 7.52
C ARG E 64 27.80 -33.24 6.60
N VAL E 65 28.12 -34.24 5.77
CA VAL E 65 29.07 -34.07 4.68
C VAL E 65 28.42 -34.38 3.33
N PRO E 66 27.86 -33.36 2.66
CA PRO E 66 27.39 -33.61 1.31
C PRO E 66 28.55 -33.61 0.30
N TRP E 67 28.44 -34.44 -0.75
CA TRP E 67 29.40 -34.44 -1.86
C TRP E 67 28.69 -34.95 -3.05
N VAL E 68 29.29 -34.75 -4.21
CA VAL E 68 28.73 -35.10 -5.47
C VAL E 68 29.64 -36.11 -6.18
N ASP E 69 29.11 -37.26 -6.59
CA ASP E 69 29.94 -38.28 -7.24
C ASP E 69 30.19 -37.95 -8.73
N ASP E 70 30.98 -38.79 -9.39
CA ASP E 70 31.40 -38.57 -10.77
C ASP E 70 30.27 -38.62 -11.83
N GLN E 71 29.10 -39.15 -11.49
CA GLN E 71 27.93 -39.12 -12.37
C GLN E 71 26.96 -38.03 -11.98
N GLY E 72 27.40 -37.07 -11.16
CA GLY E 72 26.56 -35.94 -10.77
C GLY E 72 25.46 -36.26 -9.75
N GLN E 73 25.61 -37.34 -8.99
CA GLN E 73 24.63 -37.63 -7.93
C GLN E 73 25.09 -37.17 -6.57
N VAL E 74 24.17 -36.56 -5.83
CA VAL E 74 24.48 -36.08 -4.49
C VAL E 74 24.40 -37.23 -3.50
N HIS E 75 25.45 -37.37 -2.70
CA HIS E 75 25.45 -38.20 -1.51
C HIS E 75 25.56 -37.37 -0.24
N VAL E 76 25.19 -38.00 0.87
CA VAL E 76 25.34 -37.42 2.17
C VAL E 76 25.98 -38.42 3.11
N ASN E 77 27.11 -38.05 3.70
CA ASN E 77 27.72 -38.89 4.72
C ASN E 77 27.79 -38.10 6.01
N ARG E 78 28.07 -38.80 7.09
CA ARG E 78 28.12 -38.17 8.43
C ARG E 78 29.59 -38.08 8.83
N GLY E 79 29.99 -36.87 9.29
CA GLY E 79 31.32 -36.59 9.77
C GLY E 79 31.34 -36.50 11.29
N PHE E 80 32.47 -36.88 11.90
CA PHE E 80 32.61 -36.84 13.38
C PHE E 80 33.95 -36.24 13.81
N ARG E 81 33.95 -35.48 14.91
CA ARG E 81 35.17 -35.20 15.62
C ARG E 81 34.92 -35.09 17.13
N VAL E 82 35.51 -36.02 17.86
CA VAL E 82 35.47 -35.97 19.33
C VAL E 82 36.80 -35.40 19.83
N GLN E 83 36.69 -34.33 20.61
CA GLN E 83 37.76 -33.70 21.30
C GLN E 83 37.62 -34.05 22.75
N PHE E 84 38.30 -35.11 23.16
CA PHE E 84 37.97 -35.79 24.40
C PHE E 84 38.56 -35.09 25.62
N ASN E 85 39.87 -34.83 25.57
CA ASN E 85 40.58 -34.29 26.72
C ASN E 85 41.80 -33.50 26.27
N SER E 86 41.97 -32.29 26.80
CA SER E 86 43.05 -31.39 26.41
C SER E 86 43.92 -30.95 27.59
N ALA E 87 44.03 -31.75 28.64
CA ALA E 87 44.76 -31.32 29.84
C ALA E 87 46.27 -31.23 29.61
N LEU E 88 46.80 -32.15 28.82
CA LEU E 88 48.22 -32.20 28.52
C LEU E 88 48.56 -31.49 27.23
N GLY E 89 47.62 -31.25 26.34
CA GLY E 89 47.96 -30.60 25.08
C GLY E 89 46.74 -30.40 24.19
N PRO E 90 46.97 -29.95 22.95
CA PRO E 90 45.86 -29.94 21.99
C PRO E 90 45.28 -31.32 21.76
N TYR E 91 43.99 -31.39 21.47
CA TYR E 91 43.39 -32.68 21.14
C TYR E 91 44.22 -33.26 20.00
N LYS E 92 44.58 -34.54 20.09
CA LYS E 92 45.40 -35.16 19.08
C LYS E 92 44.91 -36.56 18.77
N GLY E 93 44.65 -36.81 17.49
CA GLY E 93 44.35 -38.15 17.00
C GLY E 93 43.84 -38.14 15.60
N GLY E 94 43.83 -39.32 15.01
CA GLY E 94 43.48 -39.47 13.59
C GLY E 94 42.02 -39.46 13.13
N LEU E 95 41.88 -39.57 11.81
CA LEU E 95 40.61 -39.66 11.16
C LEU E 95 40.43 -41.04 10.50
N ARG E 96 39.27 -41.65 10.71
CA ARG E 96 38.91 -42.90 10.11
C ARG E 96 37.74 -42.73 9.14
N PHE E 97 38.00 -43.00 7.85
CA PHE E 97 36.95 -43.16 6.84
C PHE E 97 36.66 -44.67 6.54
N HIS E 98 35.55 -45.19 7.09
CA HIS E 98 35.14 -46.58 6.97
C HIS E 98 33.61 -46.64 7.19
N PRO E 99 32.88 -47.46 6.39
CA PRO E 99 31.39 -47.47 6.51
C PRO E 99 30.80 -47.96 7.87
N SER E 100 31.58 -48.67 8.68
CA SER E 100 31.26 -49.02 10.06
C SER E 100 31.30 -47.85 11.07
N VAL E 101 31.92 -46.72 10.71
CA VAL E 101 32.06 -45.57 11.64
C VAL E 101 30.74 -44.99 12.18
N ASN E 102 30.71 -44.80 13.51
CA ASN E 102 29.67 -44.09 14.21
C ASN E 102 30.25 -43.46 15.48
N LEU E 103 29.41 -42.70 16.14
CA LEU E 103 29.82 -41.92 17.26
C LEU E 103 30.51 -42.77 18.35
N GLY E 104 30.01 -43.98 18.55
CA GLY E 104 30.49 -44.86 19.58
C GLY E 104 31.87 -45.35 19.26
N ILE E 105 32.14 -45.60 18.01
CA ILE E 105 33.47 -46.02 17.64
C ILE E 105 34.40 -44.82 17.81
N VAL E 106 34.03 -43.65 17.32
CA VAL E 106 34.94 -42.51 17.43
C VAL E 106 35.27 -42.25 18.92
N LYS E 107 34.28 -42.42 19.77
CA LYS E 107 34.48 -42.20 21.20
C LYS E 107 35.46 -43.23 21.82
N PHE E 108 35.27 -44.52 21.50
CA PHE E 108 36.19 -45.56 21.96
C PHE E 108 37.64 -45.15 21.69
N LEU E 109 37.89 -44.81 20.44
CA LEU E 109 39.18 -44.45 19.93
C LEU E 109 39.76 -43.20 20.61
N GLY E 110 38.95 -42.16 20.61
CA GLY E 110 39.27 -40.92 21.32
C GLY E 110 39.62 -41.10 22.78
N PHE E 111 38.87 -41.97 23.44
CA PHE E 111 39.10 -42.22 24.86
C PHE E 111 40.44 -42.91 25.06
N GLU E 112 40.71 -43.94 24.26
CA GLU E 112 42.00 -44.62 24.27
C GLU E 112 43.18 -43.70 23.95
N GLN E 113 42.91 -42.76 23.05
CA GLN E 113 43.86 -41.76 22.65
C GLN E 113 44.35 -40.83 23.79
N ILE E 114 43.50 -40.56 24.78
CA ILE E 114 43.92 -39.81 25.94
C ILE E 114 45.14 -40.52 26.63
N PHE E 115 44.99 -41.81 26.85
CA PHE E 115 45.95 -42.53 27.71
C PHE E 115 47.20 -42.88 26.93
N LYS E 116 47.04 -43.28 25.67
CA LYS E 116 48.16 -43.47 24.76
C LYS E 116 49.05 -42.21 24.69
N ASN E 117 48.42 -41.08 24.36
CA ASN E 117 49.12 -39.83 24.18
C ASN E 117 49.84 -39.40 25.47
N SER E 118 49.18 -39.63 26.61
CA SER E 118 49.79 -39.42 27.89
C SER E 118 51.08 -40.24 28.07
N LEU E 119 51.03 -41.53 27.70
CA LEU E 119 52.19 -42.41 27.85
C LEU E 119 53.39 -42.07 26.99
N THR E 120 53.19 -41.32 25.89
CA THR E 120 54.34 -40.96 25.06
C THR E 120 55.32 -39.99 25.72
N GLY E 121 54.89 -39.32 26.80
CA GLY E 121 55.66 -38.33 27.48
C GLY E 121 55.63 -36.97 26.80
N LEU E 122 54.85 -36.84 25.73
CA LEU E 122 54.83 -35.63 24.90
C LEU E 122 53.53 -34.88 25.10
N PRO E 123 53.53 -33.54 24.84
CA PRO E 123 52.36 -32.69 25.19
C PRO E 123 51.20 -32.71 24.15
N ILE E 124 50.37 -33.75 24.25
CA ILE E 124 49.22 -33.92 23.39
C ILE E 124 48.05 -34.50 24.22
N GLY E 125 46.86 -33.95 24.02
CA GLY E 125 45.64 -34.45 24.59
C GLY E 125 45.06 -35.43 23.58
N GLY E 126 43.81 -35.83 23.77
CA GLY E 126 43.19 -36.92 22.97
C GLY E 126 41.90 -36.55 22.26
N GLY E 127 41.86 -36.95 20.99
CA GLY E 127 40.69 -36.83 20.12
C GLY E 127 40.74 -37.92 19.05
N LYS E 128 39.64 -38.03 18.29
CA LYS E 128 39.51 -38.78 17.06
C LYS E 128 38.36 -38.25 16.24
N GLY E 129 38.37 -38.60 14.96
CA GLY E 129 37.24 -38.34 14.10
C GLY E 129 37.12 -39.33 12.96
N GLY E 130 36.21 -38.99 12.08
CA GLY E 130 36.01 -39.73 10.90
C GLY E 130 34.66 -39.56 10.27
N SER E 131 34.27 -40.55 9.51
CA SER E 131 33.08 -40.52 8.71
C SER E 131 32.73 -41.94 8.27
N ASP E 132 31.43 -42.16 8.09
CA ASP E 132 30.94 -43.39 7.51
C ASP E 132 31.17 -43.49 5.98
N PHE E 133 31.73 -42.44 5.39
CA PHE E 133 32.20 -42.49 4.02
C PHE E 133 33.06 -43.73 3.77
N ASP E 134 32.84 -44.36 2.62
CA ASP E 134 33.56 -45.54 2.19
C ASP E 134 34.45 -45.16 0.99
N PRO E 135 35.78 -45.02 1.18
CA PRO E 135 36.70 -44.67 0.10
C PRO E 135 36.96 -45.77 -0.94
N LYS E 136 36.61 -47.03 -0.65
CA LYS E 136 36.72 -48.10 -1.65
C LYS E 136 35.78 -47.92 -2.84
N GLY E 137 36.33 -48.16 -4.03
CA GLY E 137 35.60 -47.95 -5.26
C GLY E 137 35.52 -46.48 -5.71
N LYS E 138 36.12 -45.54 -5.00
CA LYS E 138 35.94 -44.11 -5.31
C LYS E 138 37.08 -43.62 -6.16
N SER E 139 36.82 -42.77 -7.15
CA SER E 139 37.90 -42.19 -7.97
C SER E 139 38.67 -41.17 -7.10
N ASP E 140 39.85 -40.72 -7.56
CA ASP E 140 40.65 -39.75 -6.79
C ASP E 140 39.89 -38.44 -6.63
N LEU E 141 39.23 -37.98 -7.67
CA LEU E 141 38.43 -36.79 -7.61
C LEU E 141 37.23 -36.87 -6.65
N GLU E 142 36.67 -38.07 -6.44
CA GLU E 142 35.60 -38.26 -5.47
C GLU E 142 36.15 -38.14 -4.07
N ILE E 143 37.32 -38.72 -3.84
CA ILE E 143 37.95 -38.66 -2.55
C ILE E 143 38.35 -37.24 -2.17
N MET E 144 38.86 -36.51 -3.17
CA MET E 144 39.27 -35.11 -2.97
C MET E 144 38.07 -34.26 -2.64
N ARG E 145 37.03 -34.36 -3.44
CA ARG E 145 35.77 -33.64 -3.13
C ARG E 145 35.22 -33.99 -1.74
N PHE E 146 35.31 -35.25 -1.37
CA PHE E 146 34.79 -35.65 -0.09
C PHE E 146 35.65 -35.05 1.03
N CYS E 147 36.95 -35.09 0.83
CA CYS E 147 37.89 -34.50 1.74
C CYS E 147 37.65 -32.99 1.90
N GLN E 148 37.32 -32.33 0.77
CA GLN E 148 37.09 -30.91 0.77
C GLN E 148 35.77 -30.57 1.49
N SER E 149 34.73 -31.33 1.24
CA SER E 149 33.52 -31.07 1.94
C SER E 149 33.71 -31.32 3.46
N PHE E 150 34.38 -32.41 3.80
CA PHE E 150 34.67 -32.75 5.19
C PHE E 150 35.43 -31.61 5.87
N MET E 151 36.49 -31.15 5.25
CA MET E 151 37.30 -30.06 5.79
C MET E 151 36.61 -28.71 5.74
N THR E 152 35.60 -28.56 4.90
CA THR E 152 34.83 -27.32 4.87
C THR E 152 34.16 -27.11 6.24
N GLU E 153 33.76 -28.19 6.89
CA GLU E 153 33.20 -28.03 8.22
C GLU E 153 34.28 -28.14 9.29
N LEU E 154 35.21 -29.10 9.12
CA LEU E 154 36.17 -29.39 10.18
C LEU E 154 37.11 -28.25 10.54
N HIS E 155 37.43 -27.40 9.56
CA HIS E 155 38.50 -26.41 9.74
C HIS E 155 38.24 -25.44 10.86
N ARG E 156 36.99 -25.11 11.11
CA ARG E 156 36.70 -24.16 12.16
C ARG E 156 36.88 -24.73 13.58
N HIS E 157 37.06 -26.03 13.71
CA HIS E 157 37.21 -26.69 14.97
C HIS E 157 38.60 -27.15 15.30
N ILE E 158 39.52 -27.02 14.33
CA ILE E 158 40.87 -27.51 14.52
C ILE E 158 41.87 -26.38 14.36
N GLY E 159 43.14 -26.67 14.61
CA GLY E 159 44.19 -25.68 14.60
C GLY E 159 45.42 -26.20 15.33
N GLU E 160 46.57 -25.61 15.01
CA GLU E 160 47.85 -26.06 15.61
C GLU E 160 47.92 -26.25 17.15
N TYR E 161 47.21 -25.42 17.91
CA TYR E 161 47.13 -25.53 19.36
C TYR E 161 45.77 -26.01 19.84
N ARG E 162 44.85 -26.19 18.91
CA ARG E 162 43.47 -26.48 19.24
C ARG E 162 43.23 -27.99 19.10
N ASP E 163 43.44 -28.54 17.90
CA ASP E 163 43.17 -29.94 17.61
C ASP E 163 43.93 -30.29 16.35
N VAL E 164 44.73 -31.37 16.42
CA VAL E 164 45.58 -31.77 15.33
C VAL E 164 45.19 -33.20 14.85
N PRO E 165 44.47 -33.30 13.71
CA PRO E 165 44.26 -34.65 13.17
C PRO E 165 45.47 -35.30 12.43
N ALA E 166 45.20 -36.45 11.81
CA ALA E 166 46.16 -37.38 11.17
C ALA E 166 45.29 -38.44 10.47
N GLY E 167 45.92 -39.46 9.89
CA GLY E 167 45.29 -40.60 9.30
C GLY E 167 44.92 -41.66 10.31
N ASP E 168 44.34 -42.76 9.81
CA ASP E 168 43.85 -43.95 10.56
C ASP E 168 43.26 -44.82 9.47
N ILE E 169 42.33 -45.71 9.77
CA ILE E 169 41.81 -46.59 8.70
C ILE E 169 41.17 -45.78 7.57
N GLY E 170 41.63 -46.04 6.34
CA GLY E 170 41.05 -45.34 5.18
C GLY E 170 41.51 -43.90 4.93
N VAL E 171 42.41 -43.38 5.76
CA VAL E 171 42.91 -42.00 5.58
C VAL E 171 44.40 -42.15 5.64
N GLY E 172 45.08 -42.11 4.49
CA GLY E 172 46.55 -42.14 4.44
C GLY E 172 47.05 -40.84 3.82
N GLY E 173 48.22 -40.90 3.24
CA GLY E 173 48.88 -39.74 2.70
C GLY E 173 48.13 -39.00 1.60
N ARG E 174 47.44 -39.74 0.75
CA ARG E 174 46.63 -39.08 -0.24
C ARG E 174 45.53 -38.19 0.43
N GLU E 175 44.85 -38.74 1.43
CA GLU E 175 43.72 -38.04 2.07
C GLU E 175 44.21 -36.81 2.85
N ILE E 176 45.34 -36.95 3.54
CA ILE E 176 45.95 -35.85 4.29
C ILE E 176 46.35 -34.68 3.42
N GLY E 177 46.86 -34.94 2.22
CA GLY E 177 47.10 -33.87 1.28
C GLY E 177 45.86 -33.10 0.89
N TYR E 178 44.82 -33.82 0.53
CA TYR E 178 43.61 -33.14 0.13
C TYR E 178 43.01 -32.36 1.31
N LEU E 179 43.07 -32.92 2.52
CA LEU E 179 42.56 -32.25 3.70
C LEU E 179 43.42 -31.01 4.08
N PHE E 180 44.74 -31.17 4.02
CA PHE E 180 45.64 -30.08 4.37
C PHE E 180 45.46 -28.93 3.40
N GLY E 181 45.40 -29.30 2.14
CA GLY E 181 45.26 -28.34 1.05
C GLY E 181 44.04 -27.53 1.22
N HIS E 182 42.95 -28.19 1.51
CA HIS E 182 41.71 -27.48 1.68
C HIS E 182 41.70 -26.71 2.96
N TYR E 183 42.36 -27.20 4.02
CA TYR E 183 42.42 -26.43 5.23
C TYR E 183 43.07 -25.08 4.99
N ARG E 184 44.21 -25.08 4.31
CA ARG E 184 44.87 -23.80 4.00
C ARG E 184 44.01 -22.84 3.17
N ARG E 185 43.27 -23.41 2.24
CA ARG E 185 42.34 -22.61 1.48
C ARG E 185 41.23 -22.00 2.38
N MET E 186 40.66 -22.76 3.28
CA MET E 186 39.63 -22.26 4.22
C MET E 186 40.19 -21.19 5.15
N ALA E 187 41.37 -21.45 5.70
CA ALA E 187 41.94 -20.57 6.69
C ALA E 187 42.78 -19.42 6.11
N ASN E 188 43.19 -19.53 4.86
CA ASN E 188 44.18 -18.64 4.25
C ASN E 188 45.45 -18.54 5.13
N GLN E 189 45.99 -19.70 5.46
CA GLN E 189 47.10 -19.80 6.38
C GLN E 189 47.79 -21.08 6.03
N HIS E 190 49.13 -21.02 5.93
CA HIS E 190 49.92 -22.19 5.73
C HIS E 190 50.37 -22.71 7.08
N GLU E 191 49.44 -23.35 7.77
CA GLU E 191 49.61 -23.63 9.19
C GLU E 191 49.97 -25.11 9.28
N SER E 192 51.24 -25.40 9.09
CA SER E 192 51.77 -26.74 9.06
C SER E 192 51.31 -27.66 10.22
N GLY E 193 51.21 -27.11 11.42
CA GLY E 193 50.93 -27.91 12.56
C GLY E 193 49.50 -28.34 12.78
N VAL E 194 48.61 -28.00 11.84
CA VAL E 194 47.19 -28.31 11.92
C VAL E 194 47.00 -29.80 11.75
N LEU E 195 47.88 -30.45 10.99
CA LEU E 195 47.77 -31.87 10.68
C LEU E 195 49.13 -32.50 10.78
N THR E 196 49.15 -33.81 11.00
CA THR E 196 50.36 -34.64 10.93
C THR E 196 50.10 -35.79 9.98
N GLY E 197 51.14 -36.56 9.68
CA GLY E 197 51.13 -37.45 8.52
C GLY E 197 51.27 -36.75 7.15
N LYS E 198 51.74 -35.51 7.12
CA LYS E 198 51.86 -34.75 5.90
C LYS E 198 53.07 -35.24 5.09
N GLY E 199 53.12 -34.83 3.83
CA GLY E 199 54.22 -35.22 2.94
C GLY E 199 55.54 -34.50 3.23
N LEU E 200 56.62 -35.10 2.78
CA LEU E 200 57.95 -34.59 3.14
C LEU E 200 58.24 -33.16 2.63
N THR E 201 57.81 -32.84 1.42
CA THR E 201 58.02 -31.52 0.85
C THR E 201 57.04 -30.41 1.32
N TRP E 202 56.02 -30.77 2.11
CA TRP E 202 55.11 -29.78 2.67
C TRP E 202 54.85 -30.00 4.18
N GLY E 203 55.93 -30.15 4.90
CA GLY E 203 55.95 -29.99 6.32
C GLY E 203 55.81 -31.25 7.12
N GLY E 204 55.91 -32.40 6.45
CA GLY E 204 55.85 -33.68 7.16
C GLY E 204 57.21 -34.04 7.73
N SER E 205 57.26 -35.19 8.39
CA SER E 205 58.44 -35.66 9.14
C SER E 205 58.88 -37.00 8.62
N LEU E 206 60.19 -37.19 8.57
CA LEU E 206 60.77 -38.39 7.98
C LEU E 206 60.25 -39.79 8.39
N VAL E 207 60.21 -40.10 9.66
CA VAL E 207 59.92 -41.52 10.07
C VAL E 207 58.39 -41.75 10.30
N ARG E 208 57.53 -40.75 10.06
CA ARG E 208 56.10 -40.89 10.41
C ARG E 208 55.28 -41.96 9.67
N THR E 209 55.55 -42.16 8.39
CA THR E 209 54.92 -43.20 7.61
C THR E 209 55.12 -44.61 8.30
N GLU E 210 56.34 -44.90 8.72
CA GLU E 210 56.76 -46.16 9.34
C GLU E 210 56.54 -46.28 10.87
N ALA E 211 56.23 -45.17 11.52
CA ALA E 211 56.39 -45.03 12.97
C ALA E 211 55.63 -46.04 13.75
N THR E 212 54.37 -46.21 13.43
CA THR E 212 53.52 -47.04 14.25
C THR E 212 53.92 -48.51 14.18
N GLY E 213 54.15 -49.03 12.96
CA GLY E 213 54.63 -50.41 12.81
C GLY E 213 56.03 -50.64 13.40
N TYR E 214 56.94 -49.68 13.15
CA TYR E 214 58.29 -49.71 13.77
C TYR E 214 58.15 -49.80 15.27
N GLY E 215 57.30 -48.93 15.77
CA GLY E 215 57.15 -48.78 17.21
C GLY E 215 56.59 -50.03 17.84
N CYS E 216 55.59 -50.62 17.19
CA CYS E 216 54.97 -51.86 17.63
C CYS E 216 55.97 -53.00 17.74
N VAL E 217 56.84 -53.14 16.77
CA VAL E 217 57.94 -54.11 16.84
C VAL E 217 58.99 -53.76 17.88
N TYR E 218 59.32 -52.46 17.99
CA TYR E 218 60.26 -52.03 19.04
C TYR E 218 59.70 -52.36 20.44
N PHE E 219 58.39 -52.21 20.61
CA PHE E 219 57.79 -52.48 21.94
C PHE E 219 57.82 -54.00 22.26
N VAL E 220 57.53 -54.84 21.26
CA VAL E 220 57.39 -56.27 21.50
C VAL E 220 58.77 -56.86 21.71
N SER E 221 59.74 -56.33 21.01
CA SER E 221 61.11 -56.65 21.25
C SER E 221 61.53 -56.43 22.72
N GLU E 222 61.09 -55.34 23.34
CA GLU E 222 61.39 -55.12 24.77
C GLU E 222 60.70 -56.18 25.60
N MET E 223 59.44 -56.48 25.26
CA MET E 223 58.68 -57.54 25.93
C MET E 223 59.44 -58.89 25.86
N ILE E 224 60.02 -59.16 24.70
CA ILE E 224 60.77 -60.38 24.40
C ILE E 224 62.10 -60.47 25.15
N LYS E 225 62.85 -59.38 25.17
CA LYS E 225 64.01 -59.23 26.04
C LYS E 225 63.75 -59.43 27.56
N ALA E 226 62.63 -58.96 28.08
CA ALA E 226 62.28 -59.23 29.49
C ALA E 226 62.19 -60.72 29.89
N LYS E 227 61.76 -61.58 28.97
CA LYS E 227 61.74 -63.05 29.20
C LYS E 227 63.06 -63.75 28.84
N GLY E 228 64.11 -62.99 28.57
CA GLY E 228 65.41 -63.55 28.17
C GLY E 228 65.50 -64.09 26.75
N GLU E 229 64.47 -63.83 25.91
CA GLU E 229 64.41 -64.33 24.52
C GLU E 229 64.89 -63.19 23.59
N SER E 230 65.19 -63.52 22.34
CA SER E 230 65.42 -62.53 21.28
C SER E 230 64.41 -62.66 20.12
N ILE E 231 64.15 -61.53 19.47
CA ILE E 231 63.23 -61.43 18.39
C ILE E 231 63.77 -62.03 17.10
N SER E 232 65.11 -61.95 16.91
CA SER E 232 65.79 -62.61 15.78
C SER E 232 65.43 -64.11 15.78
N GLY E 233 65.14 -64.68 14.61
CA GLY E 233 64.82 -66.09 14.50
C GLY E 233 63.38 -66.49 14.85
N GLN E 234 62.53 -65.54 15.23
CA GLN E 234 61.15 -65.84 15.61
C GLN E 234 60.19 -65.77 14.44
N LYS E 235 59.01 -66.37 14.63
CA LYS E 235 57.96 -66.38 13.62
C LYS E 235 56.85 -65.44 14.09
N ILE E 236 56.38 -64.59 13.20
CA ILE E 236 55.42 -63.54 13.56
C ILE E 236 54.24 -63.50 12.59
N ILE E 237 53.04 -63.42 13.16
CA ILE E 237 51.83 -63.14 12.41
C ILE E 237 51.54 -61.65 12.54
N VAL E 238 51.34 -61.01 11.40
CA VAL E 238 50.87 -59.66 11.36
C VAL E 238 49.53 -59.59 10.61
N SER E 239 48.42 -59.39 11.31
CA SER E 239 47.15 -59.20 10.67
C SER E 239 47.06 -57.82 9.99
N GLY E 240 46.31 -57.74 8.90
CA GLY E 240 46.23 -56.49 8.17
C GLY E 240 47.31 -56.36 7.11
N SER E 241 47.11 -55.40 6.23
CA SER E 241 48.02 -55.06 5.14
C SER E 241 47.94 -53.58 4.70
N GLY E 242 47.65 -52.68 5.65
CA GLY E 242 47.74 -51.23 5.46
C GLY E 242 48.97 -50.59 6.13
N ASN E 243 48.84 -49.34 6.58
CA ASN E 243 49.99 -48.57 7.07
C ASN E 243 50.75 -49.21 8.25
N VAL E 244 50.01 -49.61 9.28
CA VAL E 244 50.61 -50.21 10.47
C VAL E 244 51.23 -51.58 10.14
N ALA E 245 50.41 -52.49 9.57
CA ALA E 245 50.89 -53.80 9.14
C ALA E 245 52.18 -53.77 8.31
N THR E 246 52.20 -52.97 7.26
CA THR E 246 53.29 -52.89 6.32
C THR E 246 54.65 -52.72 6.98
N TYR E 247 54.75 -51.76 7.90
CA TYR E 247 56.02 -51.39 8.49
C TYR E 247 56.35 -52.22 9.73
N ALA E 248 55.33 -52.81 10.36
CA ALA E 248 55.57 -53.84 11.38
C ALA E 248 56.32 -55.02 10.69
N ILE E 249 55.84 -55.42 9.51
CA ILE E 249 56.51 -56.48 8.71
C ILE E 249 57.96 -56.07 8.39
N GLU E 250 58.13 -54.91 7.77
CA GLU E 250 59.45 -54.42 7.40
C GLU E 250 60.43 -54.48 8.55
N LYS E 251 60.05 -53.97 9.71
CA LYS E 251 60.96 -53.88 10.86
C LYS E 251 61.20 -55.20 11.56
N ALA E 252 60.15 -56.00 11.68
CA ALA E 252 60.29 -57.33 12.26
C ALA E 252 61.29 -58.13 11.46
N GLN E 253 61.25 -58.03 10.14
CA GLN E 253 62.18 -58.74 9.28
C GLN E 253 63.58 -58.16 9.23
N GLU E 254 63.73 -56.83 9.25
CA GLU E 254 65.03 -56.18 9.49
C GLU E 254 65.72 -56.72 10.74
N LEU E 255 64.94 -56.90 11.82
CA LEU E 255 65.44 -57.39 13.10
C LEU E 255 65.62 -58.92 13.20
N GLY E 256 65.47 -59.66 12.10
CA GLY E 256 65.87 -61.06 12.05
C GLY E 256 64.73 -62.05 12.19
N ALA E 257 63.51 -61.54 12.40
CA ALA E 257 62.32 -62.33 12.48
C ALA E 257 61.76 -62.67 11.09
N THR E 258 60.89 -63.67 11.05
CA THR E 258 60.18 -64.08 9.81
C THR E 258 58.68 -63.87 9.98
N VAL E 259 58.11 -63.06 9.10
CA VAL E 259 56.68 -62.84 9.12
C VAL E 259 56.00 -63.93 8.31
N ILE E 260 55.15 -64.71 8.96
CA ILE E 260 54.53 -65.91 8.32
C ILE E 260 53.10 -65.73 7.85
N GLY E 261 52.56 -64.52 7.93
CA GLY E 261 51.29 -64.24 7.33
C GLY E 261 50.83 -62.82 7.51
N PHE E 262 49.92 -62.40 6.62
CA PHE E 262 49.21 -61.16 6.75
C PHE E 262 47.84 -61.24 6.06
N SER E 263 47.05 -60.16 6.11
CA SER E 263 45.66 -60.22 5.67
C SER E 263 45.06 -58.88 5.28
N ASP E 264 43.90 -58.96 4.65
CA ASP E 264 42.99 -57.85 4.52
C ASP E 264 41.62 -58.35 4.93
N SER E 265 40.56 -57.59 4.72
CA SER E 265 39.27 -58.04 5.24
C SER E 265 38.61 -59.14 4.41
N SER E 266 39.15 -59.41 3.22
CA SER E 266 38.62 -60.43 2.28
C SER E 266 39.20 -61.84 2.54
N GLY E 267 40.46 -61.90 3.00
CA GLY E 267 41.19 -63.17 3.22
C GLY E 267 42.58 -62.94 3.76
N TRP E 268 43.27 -64.03 4.08
CA TRP E 268 44.63 -63.97 4.57
C TRP E 268 45.62 -64.74 3.69
N VAL E 269 46.92 -64.46 3.89
CA VAL E 269 48.00 -65.07 3.13
C VAL E 269 49.04 -65.73 4.07
N HIS E 270 49.46 -66.95 3.77
CA HIS E 270 50.50 -67.66 4.51
C HIS E 270 51.80 -67.47 3.74
N THR E 271 52.83 -67.02 4.43
CA THR E 271 54.11 -66.70 3.78
C THR E 271 55.16 -67.35 4.65
N PRO E 272 55.24 -68.72 4.60
CA PRO E 272 56.18 -69.51 5.40
C PRO E 272 57.63 -69.05 5.37
N ASN E 273 58.06 -68.42 4.28
CA ASN E 273 59.46 -68.00 4.15
C ASN E 273 59.68 -66.53 4.35
N GLY E 274 58.62 -65.82 4.73
CA GLY E 274 58.69 -64.41 4.91
C GLY E 274 57.92 -63.73 3.80
N VAL E 275 57.80 -62.44 4.00
CA VAL E 275 57.14 -61.50 3.19
C VAL E 275 58.19 -60.71 2.42
N ASP E 276 57.88 -60.47 1.16
CA ASP E 276 58.59 -59.51 0.32
C ASP E 276 57.80 -58.20 0.42
N VAL E 277 58.42 -57.22 1.04
CA VAL E 277 57.79 -55.95 1.39
C VAL E 277 57.49 -55.07 0.17
N ALA E 278 58.49 -54.90 -0.69
CA ALA E 278 58.34 -54.05 -1.88
C ALA E 278 57.20 -54.53 -2.75
N LYS E 279 57.03 -55.84 -2.83
CA LYS E 279 55.91 -56.43 -3.59
C LYS E 279 54.57 -56.20 -2.93
N LEU E 280 54.49 -56.40 -1.62
CA LEU E 280 53.23 -56.08 -0.87
C LEU E 280 52.80 -54.63 -1.07
N ARG E 281 53.75 -53.74 -0.87
CA ARG E 281 53.62 -52.30 -1.02
C ARG E 281 53.15 -51.89 -2.39
N GLU E 282 53.74 -52.50 -3.42
CA GLU E 282 53.32 -52.29 -4.80
C GLU E 282 51.83 -52.69 -4.95
N ILE E 283 51.47 -53.87 -4.44
CA ILE E 283 50.08 -54.36 -4.49
C ILE E 283 49.05 -53.47 -3.76
N LYS E 284 49.41 -52.98 -2.59
CA LYS E 284 48.45 -52.20 -1.78
C LYS E 284 48.40 -50.72 -2.13
N GLU E 285 49.55 -50.10 -2.35
CA GLU E 285 49.66 -48.65 -2.51
C GLU E 285 49.59 -48.15 -3.95
N VAL E 286 50.02 -48.97 -4.91
CA VAL E 286 50.01 -48.56 -6.33
C VAL E 286 48.80 -49.18 -7.03
N ARG E 287 48.66 -50.50 -6.90
CA ARG E 287 47.56 -51.19 -7.49
C ARG E 287 46.24 -51.12 -6.71
N ARG E 288 46.33 -50.91 -5.39
CA ARG E 288 45.16 -50.95 -4.48
C ARG E 288 44.35 -52.27 -4.58
N ALA E 289 45.09 -53.36 -4.64
CA ALA E 289 44.52 -54.66 -4.88
C ALA E 289 44.33 -55.44 -3.57
N ARG E 290 43.70 -56.58 -3.70
CA ARG E 290 43.48 -57.53 -2.61
C ARG E 290 44.74 -58.37 -2.36
N VAL E 291 44.95 -58.87 -1.13
CA VAL E 291 46.19 -59.63 -0.82
C VAL E 291 46.25 -61.00 -1.57
N SER E 292 45.11 -61.47 -2.08
CA SER E 292 45.02 -62.63 -2.99
C SER E 292 45.92 -62.48 -4.21
N VAL E 293 46.04 -61.27 -4.70
CA VAL E 293 46.95 -60.92 -5.78
C VAL E 293 48.41 -61.07 -5.40
N TYR E 294 48.75 -60.87 -4.12
CA TYR E 294 50.11 -61.22 -3.63
C TYR E 294 50.38 -62.71 -3.78
N ALA E 295 49.48 -63.55 -3.30
CA ALA E 295 49.70 -65.03 -3.37
C ALA E 295 49.78 -65.61 -4.80
N ASP E 296 49.00 -65.04 -5.70
CA ASP E 296 49.08 -65.34 -7.15
C ASP E 296 50.49 -65.14 -7.61
N GLU E 297 50.95 -63.92 -7.46
CA GLU E 297 52.23 -63.44 -7.98
C GLU E 297 53.50 -63.90 -7.24
N VAL E 298 53.36 -64.65 -6.15
CA VAL E 298 54.51 -65.01 -5.28
C VAL E 298 54.52 -66.50 -4.98
N GLU E 299 55.54 -67.20 -5.48
CA GLU E 299 55.67 -68.67 -5.28
C GLU E 299 55.93 -68.99 -3.82
N GLY E 300 55.13 -69.89 -3.24
CA GLY E 300 55.28 -70.31 -1.83
C GLY E 300 54.19 -69.71 -0.98
N ALA E 301 53.59 -68.63 -1.47
CA ALA E 301 52.59 -67.88 -0.74
C ALA E 301 51.22 -68.35 -1.17
N THR E 302 50.39 -68.66 -0.17
CA THR E 302 49.03 -69.16 -0.36
C THR E 302 47.93 -68.27 0.27
N TYR E 303 46.86 -68.06 -0.48
CA TYR E 303 45.68 -67.30 -0.06
C TYR E 303 44.63 -68.20 0.50
N HIS E 304 43.95 -67.76 1.54
CA HIS E 304 42.86 -68.50 2.18
C HIS E 304 41.69 -67.59 2.46
N THR E 305 40.46 -68.09 2.28
CA THR E 305 39.24 -67.38 2.75
C THR E 305 38.59 -68.08 3.92
N ASP E 306 39.19 -69.14 4.38
CA ASP E 306 38.64 -69.92 5.43
C ASP E 306 39.63 -70.03 6.57
N GLY E 307 39.10 -70.47 7.71
CA GLY E 307 39.86 -70.48 8.93
C GLY E 307 40.15 -69.01 9.29
N SER E 308 41.32 -68.76 9.82
CA SER E 308 41.70 -67.43 10.29
C SER E 308 43.23 -67.35 10.22
N ILE E 309 43.73 -66.13 10.07
CA ILE E 309 45.16 -65.86 10.13
C ILE E 309 45.70 -66.39 11.46
N TRP E 310 44.84 -66.44 12.48
CA TRP E 310 45.26 -66.80 13.81
C TRP E 310 45.41 -68.28 14.03
N ASP E 311 45.18 -69.08 12.99
CA ASP E 311 45.49 -70.52 12.99
C ASP E 311 46.97 -70.85 12.72
N LEU E 312 47.76 -69.90 12.22
CA LEU E 312 49.19 -70.21 11.95
C LEU E 312 49.98 -70.36 13.25
N LYS E 313 51.01 -71.17 13.18
CA LYS E 313 51.83 -71.52 14.33
C LYS E 313 52.89 -70.43 14.42
N CYS E 314 52.89 -69.65 15.50
CA CYS E 314 53.84 -68.54 15.67
C CYS E 314 54.37 -68.43 17.05
N ASP E 315 55.40 -67.63 17.19
CA ASP E 315 55.85 -67.16 18.49
C ASP E 315 55.20 -65.82 18.94
N ILE E 316 54.94 -64.93 18.01
CA ILE E 316 54.55 -63.55 18.28
C ILE E 316 53.35 -63.24 17.39
N ALA E 317 52.34 -62.60 17.95
CA ALA E 317 51.16 -62.17 17.16
C ALA E 317 51.03 -60.66 17.24
N LEU E 318 51.06 -59.99 16.10
CA LEU E 318 50.87 -58.54 16.04
C LEU E 318 49.61 -58.22 15.29
N PRO E 319 48.47 -58.05 16.01
CA PRO E 319 47.29 -57.63 15.24
C PRO E 319 47.41 -56.18 14.85
N CYS E 320 47.32 -55.91 13.53
CA CYS E 320 47.48 -54.55 12.98
C CYS E 320 46.37 -54.15 12.02
N ALA E 321 45.16 -54.66 12.21
CA ALA E 321 44.06 -54.32 11.28
C ALA E 321 42.97 -53.46 11.92
N THR E 322 42.28 -53.98 12.93
CA THR E 322 41.11 -53.28 13.44
C THR E 322 40.66 -53.79 14.80
N GLN E 323 39.58 -53.23 15.36
CA GLN E 323 39.15 -53.61 16.72
C GLN E 323 38.41 -54.97 16.72
N ASN E 324 38.61 -55.75 17.79
CA ASN E 324 37.95 -57.02 17.93
C ASN E 324 38.18 -57.98 16.77
N GLU E 325 39.38 -58.04 16.27
CA GLU E 325 39.72 -58.97 15.20
C GLU E 325 40.38 -60.20 15.76
N LEU E 326 40.63 -60.22 17.07
CA LEU E 326 41.35 -61.34 17.71
C LEU E 326 40.51 -61.72 18.92
N ASN E 327 39.66 -62.72 18.75
CA ASN E 327 38.74 -63.16 19.81
C ASN E 327 39.28 -64.29 20.65
N GLY E 328 38.44 -64.75 21.58
CA GLY E 328 38.74 -65.83 22.52
C GLY E 328 39.26 -67.15 21.93
N GLU E 329 38.56 -67.62 20.90
CA GLU E 329 38.95 -68.81 20.14
C GLU E 329 40.33 -68.61 19.51
N ASN E 330 40.47 -67.48 18.80
CA ASN E 330 41.74 -67.08 18.18
C ASN E 330 42.92 -67.15 19.16
N ALA E 331 42.69 -66.76 20.40
CA ALA E 331 43.70 -66.71 21.45
C ALA E 331 44.04 -68.08 22.00
N LYS E 332 43.01 -68.90 22.23
CA LYS E 332 43.23 -70.31 22.61
C LYS E 332 44.06 -71.03 21.55
N THR E 333 43.83 -70.75 20.28
CA THR E 333 44.56 -71.36 19.19
C THR E 333 46.05 -70.93 19.10
N LEU E 334 46.29 -69.63 19.21
CA LEU E 334 47.62 -69.09 19.28
C LEU E 334 48.35 -69.72 20.44
N ALA E 335 47.77 -69.69 21.62
CA ALA E 335 48.32 -70.35 22.81
C ALA E 335 48.70 -71.85 22.58
N ASP E 336 47.76 -72.61 22.02
CA ASP E 336 47.99 -74.02 21.68
C ASP E 336 49.05 -74.21 20.65
N ASN E 337 49.28 -73.23 19.78
CA ASN E 337 50.35 -73.34 18.77
C ASN E 337 51.72 -72.77 19.22
N GLY E 338 51.78 -72.27 20.46
CA GLY E 338 53.05 -71.93 21.10
C GLY E 338 53.34 -70.43 21.17
N CYS E 339 52.36 -69.58 20.86
CA CYS E 339 52.54 -68.12 20.89
C CYS E 339 52.81 -67.65 22.30
N ARG E 340 53.83 -66.82 22.48
CA ARG E 340 54.21 -66.30 23.83
C ARG E 340 54.05 -64.77 24.05
N PHE E 341 53.76 -64.05 22.97
CA PHE E 341 53.72 -62.59 22.96
C PHE E 341 52.65 -62.10 22.02
N VAL E 342 51.89 -61.12 22.46
CA VAL E 342 50.96 -60.38 21.60
C VAL E 342 51.20 -58.90 21.88
N ALA E 343 51.30 -58.11 20.81
CA ALA E 343 51.38 -56.65 20.91
C ALA E 343 50.44 -56.08 19.89
N GLU E 344 49.65 -55.10 20.30
CA GLU E 344 48.59 -54.58 19.42
C GLU E 344 49.11 -53.39 18.62
N GLY E 345 49.28 -53.59 17.33
CA GLY E 345 49.55 -52.47 16.41
C GLY E 345 48.26 -51.67 16.17
N ALA E 346 47.16 -52.41 15.96
CA ALA E 346 45.82 -51.82 15.89
C ALA E 346 45.38 -51.34 17.25
N ASN E 347 44.28 -50.55 17.26
CA ASN E 347 43.57 -50.17 18.47
C ASN E 347 42.51 -51.18 18.89
N MET E 348 42.60 -51.61 20.14
CA MET E 348 41.69 -52.61 20.69
C MET E 348 41.36 -53.86 19.79
N PRO E 349 42.36 -54.45 19.11
CA PRO E 349 42.07 -55.67 18.32
C PRO E 349 41.70 -56.95 19.12
N SER E 350 42.17 -57.07 20.35
CA SER E 350 41.88 -58.24 21.19
C SER E 350 40.60 -58.00 22.01
N THR E 351 39.63 -58.91 21.90
CA THR E 351 38.41 -58.90 22.66
C THR E 351 38.75 -59.16 24.12
N PRO E 352 37.86 -58.78 25.07
CA PRO E 352 38.09 -59.02 26.52
C PRO E 352 38.35 -60.52 26.85
N GLU E 353 37.65 -61.40 26.15
CA GLU E 353 37.87 -62.86 26.23
C GLU E 353 39.28 -63.23 25.79
N ALA E 354 39.74 -62.71 24.66
CA ALA E 354 41.11 -62.98 24.26
C ALA E 354 42.09 -62.54 25.34
N VAL E 355 41.84 -61.40 25.96
CA VAL E 355 42.76 -60.91 26.98
C VAL E 355 42.80 -61.87 28.19
N GLU E 356 41.64 -62.42 28.55
CA GLU E 356 41.59 -63.42 29.61
C GLU E 356 42.47 -64.61 29.21
N VAL E 357 42.35 -65.06 27.97
CA VAL E 357 43.09 -66.24 27.56
C VAL E 357 44.59 -65.98 27.68
N PHE E 358 45.04 -64.79 27.27
CA PHE E 358 46.47 -64.46 27.44
C PHE E 358 46.94 -64.50 28.91
N ARG E 359 46.09 -64.01 29.82
CA ARG E 359 46.39 -64.06 31.26
C ARG E 359 46.53 -65.52 31.78
N GLU E 360 45.52 -66.33 31.52
CA GLU E 360 45.47 -67.76 31.90
C GLU E 360 46.60 -68.63 31.30
N ARG E 361 47.03 -68.33 30.08
CA ARG E 361 48.01 -69.13 29.38
C ARG E 361 49.40 -68.56 29.42
N ASP E 362 49.64 -67.54 30.27
CA ASP E 362 51.01 -66.97 30.45
C ASP E 362 51.57 -66.40 29.12
N ILE E 363 50.72 -65.70 28.37
CA ILE E 363 51.16 -64.97 27.15
C ILE E 363 51.31 -63.48 27.54
N ARG E 364 52.49 -62.93 27.25
CA ARG E 364 52.74 -61.50 27.52
C ARG E 364 51.96 -60.64 26.54
N PHE E 365 51.20 -59.67 27.04
CA PHE E 365 50.28 -58.92 26.26
C PHE E 365 50.61 -57.40 26.28
N GLY E 366 50.94 -56.84 25.13
CA GLY E 366 51.27 -55.45 25.03
C GLY E 366 50.09 -54.69 24.47
N PRO E 367 49.41 -53.90 25.31
CA PRO E 367 48.16 -53.24 24.84
C PRO E 367 48.41 -52.13 23.83
N GLY E 368 47.42 -51.77 23.03
CA GLY E 368 47.61 -50.82 21.94
C GLY E 368 48.03 -49.43 22.43
N LYS E 369 47.47 -48.99 23.56
CA LYS E 369 47.86 -47.68 24.10
C LYS E 369 49.36 -47.55 24.42
N ALA E 370 50.03 -48.67 24.61
CA ALA E 370 51.48 -48.67 24.70
C ALA E 370 52.16 -49.04 23.40
N ALA E 371 51.78 -50.19 22.84
CA ALA E 371 52.53 -50.76 21.75
C ALA E 371 52.38 -49.96 20.44
N ASN E 372 51.21 -49.37 20.20
CA ASN E 372 51.04 -48.60 18.97
C ASN E 372 51.24 -47.08 19.12
N ALA E 373 51.72 -46.62 20.27
CA ALA E 373 51.93 -45.20 20.52
C ALA E 373 53.08 -44.50 19.70
N GLY E 374 53.95 -45.31 19.09
CA GLY E 374 54.99 -44.76 18.17
C GLY E 374 54.45 -43.81 17.10
N GLY E 375 53.24 -44.09 16.65
CA GLY E 375 52.61 -43.28 15.64
C GLY E 375 52.35 -41.86 16.09
N VAL E 376 51.61 -41.73 17.18
CA VAL E 376 51.20 -40.46 17.67
C VAL E 376 52.41 -39.75 18.28
N ALA E 377 53.35 -40.52 18.85
CA ALA E 377 54.62 -39.96 19.29
C ALA E 377 55.37 -39.23 18.15
N THR E 378 55.55 -39.90 17.03
CA THR E 378 56.23 -39.36 15.88
C THR E 378 55.39 -38.20 15.28
N SER E 379 54.06 -38.30 15.34
CA SER E 379 53.18 -37.14 15.08
C SER E 379 53.54 -35.92 15.91
N ALA E 380 53.76 -36.11 17.21
CA ALA E 380 54.11 -35.01 18.11
C ALA E 380 55.49 -34.48 17.79
N LEU E 381 56.38 -35.34 17.34
CA LEU E 381 57.67 -34.86 16.81
C LEU E 381 57.49 -34.05 15.49
N GLU E 382 56.57 -34.47 14.63
CA GLU E 382 56.21 -33.67 13.49
C GLU E 382 55.68 -32.27 13.90
N MET E 383 54.84 -32.22 14.94
CA MET E 383 54.31 -30.93 15.45
C MET E 383 55.48 -30.10 16.03
N GLN E 384 56.41 -30.75 16.71
CA GLN E 384 57.54 -30.08 17.28
C GLN E 384 58.45 -29.50 16.21
N GLN E 385 58.81 -30.33 15.25
CA GLN E 385 59.47 -29.86 14.01
C GLN E 385 58.76 -28.66 13.31
N ASN E 386 57.47 -28.74 13.14
CA ASN E 386 56.71 -27.66 12.50
C ASN E 386 56.75 -26.41 13.39
N ALA E 387 56.46 -26.52 14.68
CA ALA E 387 56.59 -25.39 15.59
C ALA E 387 57.94 -24.64 15.55
N SER E 388 59.04 -25.37 15.35
CA SER E 388 60.40 -24.83 15.18
C SER E 388 60.82 -24.51 13.74
N ARG E 389 59.95 -24.79 12.76
CA ARG E 389 60.31 -24.72 11.32
C ARG E 389 61.63 -25.47 11.01
N ASP E 390 61.80 -26.63 11.66
CA ASP E 390 62.99 -27.47 11.51
C ASP E 390 62.54 -28.73 10.81
N SER E 391 63.49 -29.51 10.34
CA SER E 391 63.22 -30.74 9.63
C SER E 391 64.34 -31.73 10.01
N TRP E 392 64.01 -32.77 10.79
CA TRP E 392 65.01 -33.69 11.32
C TRP E 392 65.31 -34.82 10.37
N SER E 393 66.49 -35.40 10.51
CA SER E 393 66.88 -36.57 9.74
C SER E 393 66.13 -37.84 10.17
N PHE E 394 66.13 -38.80 9.26
CA PHE E 394 65.52 -40.09 9.52
C PHE E 394 66.18 -40.74 10.74
N GLU E 395 67.51 -40.76 10.75
CA GLU E 395 68.28 -41.40 11.81
C GLU E 395 67.94 -40.75 13.15
N TYR E 396 67.90 -39.42 13.22
CA TYR E 396 67.65 -38.74 14.49
C TYR E 396 66.24 -39.05 14.98
N THR E 397 65.26 -39.02 14.09
CA THR E 397 63.85 -39.23 14.48
C THR E 397 63.59 -40.67 14.87
N ASP E 398 64.11 -41.60 14.11
CA ASP E 398 64.00 -43.01 14.46
C ASP E 398 64.70 -43.31 15.80
N GLU E 399 65.82 -42.66 16.11
CA GLU E 399 66.46 -42.86 17.43
C GLU E 399 65.54 -42.40 18.55
N ARG E 400 64.85 -41.27 18.36
CA ARG E 400 63.91 -40.76 19.37
C ARG E 400 62.78 -41.75 19.63
N LEU E 401 62.25 -42.31 18.55
CA LEU E 401 61.17 -43.29 18.59
C LEU E 401 61.63 -44.56 19.34
N GLN E 402 62.84 -45.05 19.07
CA GLN E 402 63.45 -46.16 19.83
C GLN E 402 63.49 -45.89 21.32
N VAL E 403 63.85 -44.66 21.71
CA VAL E 403 63.97 -44.28 23.13
C VAL E 403 62.56 -44.20 23.73
N ILE E 404 61.60 -43.64 22.99
CA ILE E 404 60.27 -43.46 23.51
C ILE E 404 59.60 -44.81 23.74
N MET E 405 59.71 -45.74 22.80
CA MET E 405 59.11 -47.10 22.99
C MET E 405 59.75 -47.88 24.18
N LYS E 406 61.07 -47.76 24.38
CA LYS E 406 61.69 -48.35 25.58
C LYS E 406 61.18 -47.69 26.84
N ASN E 407 61.04 -46.38 26.81
CA ASN E 407 60.53 -45.63 27.96
C ASN E 407 59.09 -45.98 28.31
N ILE E 408 58.29 -46.20 27.27
CA ILE E 408 56.93 -46.67 27.44
C ILE E 408 56.92 -48.09 28.00
N PHE E 409 57.71 -48.98 27.45
CA PHE E 409 57.86 -50.27 28.05
C PHE E 409 58.25 -50.17 29.54
N LYS E 410 59.34 -49.47 29.84
CA LYS E 410 59.83 -49.45 31.18
C LYS E 410 58.74 -48.90 32.15
N THR E 411 58.03 -47.85 31.73
CA THR E 411 56.98 -47.25 32.52
C THR E 411 55.81 -48.23 32.77
N CYS E 412 55.40 -48.97 31.73
CA CYS E 412 54.35 -49.99 31.96
C CYS E 412 54.85 -51.06 32.94
N ALA E 413 56.07 -51.56 32.74
CA ALA E 413 56.60 -52.66 33.57
C ALA E 413 56.79 -52.23 35.04
N GLU E 414 57.35 -51.05 35.30
CA GLU E 414 57.53 -50.59 36.69
C GLU E 414 56.22 -50.18 37.35
N THR E 415 55.32 -49.56 36.58
CA THR E 415 54.06 -49.14 37.15
C THR E 415 53.26 -50.37 37.55
N ALA E 416 53.21 -51.36 36.68
CA ALA E 416 52.54 -52.60 36.98
C ALA E 416 53.04 -53.27 38.28
N ALA E 417 54.35 -53.37 38.44
CA ALA E 417 54.98 -53.95 39.65
C ALA E 417 54.81 -53.09 40.90
N GLU E 418 54.76 -51.77 40.73
CA GLU E 418 54.58 -50.87 41.85
C GLU E 418 53.24 -51.14 42.50
N TYR E 419 52.22 -51.43 41.70
CA TYR E 419 50.86 -51.70 42.20
C TYR E 419 50.57 -53.17 42.51
N GLY E 420 51.57 -54.03 42.42
CA GLY E 420 51.43 -55.45 42.72
C GLY E 420 50.83 -56.27 41.62
N HIS E 421 51.16 -55.98 40.36
CA HIS E 421 50.64 -56.71 39.19
C HIS E 421 51.77 -56.90 38.16
N GLU E 422 52.88 -57.49 38.58
CA GLU E 422 54.07 -57.57 37.73
C GLU E 422 53.73 -58.20 36.37
N ASN E 423 54.28 -57.63 35.32
CA ASN E 423 54.11 -58.08 33.96
C ASN E 423 52.71 -57.88 33.38
N ASP E 424 51.84 -57.19 34.10
CA ASP E 424 50.56 -56.83 33.57
C ASP E 424 50.66 -55.43 32.97
N TYR E 425 51.02 -55.39 31.70
CA TYR E 425 51.30 -54.17 30.97
C TYR E 425 50.04 -53.34 30.71
N VAL E 426 48.90 -54.03 30.70
CA VAL E 426 47.59 -53.38 30.66
C VAL E 426 47.48 -52.48 31.87
N VAL E 427 47.68 -53.07 33.04
CA VAL E 427 47.52 -52.33 34.28
C VAL E 427 48.50 -51.18 34.28
N GLY E 428 49.77 -51.48 33.99
CA GLY E 428 50.81 -50.47 33.97
C GLY E 428 50.57 -49.29 33.06
N ALA E 429 50.24 -49.56 31.79
CA ALA E 429 49.78 -48.54 30.83
C ALA E 429 48.60 -47.72 31.32
N ASN E 430 47.53 -48.37 31.77
CA ASN E 430 46.36 -47.64 32.20
C ASN E 430 46.63 -46.71 33.38
N ILE E 431 47.40 -47.18 34.35
CA ILE E 431 47.69 -46.39 35.54
C ILE E 431 48.62 -45.24 35.22
N ALA E 432 49.74 -45.51 34.54
CA ALA E 432 50.72 -44.47 34.24
C ALA E 432 50.16 -43.34 33.35
N GLY E 433 49.33 -43.70 32.37
CA GLY E 433 48.66 -42.76 31.49
C GLY E 433 47.65 -41.89 32.23
N PHE E 434 46.84 -42.55 33.05
CA PHE E 434 45.84 -41.88 33.84
C PHE E 434 46.45 -40.84 34.80
N LYS E 435 47.53 -41.17 35.49
CA LYS E 435 47.99 -40.32 36.57
C LYS E 435 48.54 -38.98 36.12
N LYS E 436 49.21 -39.00 34.99
CA LYS E 436 49.73 -37.76 34.39
C LYS E 436 48.57 -36.83 33.94
N VAL E 437 47.54 -37.44 33.34
CA VAL E 437 46.34 -36.70 32.91
C VAL E 437 45.65 -36.15 34.11
N ALA E 438 45.42 -37.01 35.10
CA ALA E 438 44.77 -36.63 36.36
C ALA E 438 45.46 -35.49 37.12
N ASP E 439 46.78 -35.57 37.28
CA ASP E 439 47.50 -34.55 38.00
C ASP E 439 47.36 -33.19 37.29
N ALA E 440 47.37 -33.20 35.96
CA ALA E 440 47.21 -32.01 35.17
C ALA E 440 45.76 -31.44 35.25
N MET E 441 44.76 -32.34 35.26
CA MET E 441 43.40 -31.93 35.41
C MET E 441 43.15 -31.29 36.77
N LEU E 442 43.70 -31.87 37.84
CA LEU E 442 43.57 -31.26 39.16
C LEU E 442 44.24 -29.85 39.25
N ALA E 443 45.43 -29.69 38.65
CA ALA E 443 46.10 -28.42 38.63
C ALA E 443 45.30 -27.32 37.85
N GLN E 444 44.50 -27.74 36.85
CA GLN E 444 43.85 -26.78 35.95
C GLN E 444 42.44 -26.41 36.34
N GLY E 445 41.96 -26.94 37.46
CA GLY E 445 40.66 -26.54 37.96
C GLY E 445 39.51 -27.16 37.22
N VAL E 446 38.32 -26.81 37.63
CA VAL E 446 37.09 -27.31 37.06
C VAL E 446 36.78 -26.45 35.84
N ILE E 447 36.95 -27.09 34.67
CA ILE E 447 36.84 -26.51 33.34
C ILE E 447 36.29 -27.60 32.38
N MET F 1 48.59 -30.75 -29.29
CA MET F 1 48.80 -32.21 -28.97
C MET F 1 50.28 -32.49 -28.59
N THR F 2 51.21 -31.92 -29.36
CA THR F 2 52.64 -31.82 -28.98
C THR F 2 52.90 -30.99 -27.67
N VAL F 3 53.95 -31.39 -26.93
CA VAL F 3 54.46 -30.62 -25.77
C VAL F 3 54.68 -29.14 -26.11
N ASP F 4 55.46 -28.90 -27.15
CA ASP F 4 55.75 -27.58 -27.67
C ASP F 4 54.49 -26.78 -28.03
N GLU F 5 53.54 -27.40 -28.73
CA GLU F 5 52.28 -26.76 -29.06
C GLU F 5 51.42 -26.48 -27.80
N GLN F 6 51.43 -27.42 -26.85
CA GLN F 6 50.69 -27.30 -25.62
C GLN F 6 51.22 -26.15 -24.75
N VAL F 7 52.52 -26.11 -24.52
CA VAL F 7 53.11 -25.06 -23.70
C VAL F 7 52.99 -23.70 -24.39
N SER F 8 53.18 -23.67 -25.70
CA SER F 8 53.04 -22.44 -26.47
C SER F 8 51.62 -21.93 -26.51
N ASN F 9 50.66 -22.85 -26.57
CA ASN F 9 49.29 -22.42 -26.57
C ASN F 9 48.92 -21.87 -25.18
N TYR F 10 49.46 -22.46 -24.13
CA TYR F 10 49.27 -21.89 -22.83
C TYR F 10 49.93 -20.50 -22.71
N TYR F 11 51.12 -20.32 -23.28
CA TYR F 11 51.74 -19.01 -23.30
C TYR F 11 50.82 -17.97 -23.98
N ASP F 12 50.14 -18.36 -25.04
CA ASP F 12 49.22 -17.46 -25.77
C ASP F 12 48.01 -17.01 -24.90
N MET F 13 47.48 -17.94 -24.11
CA MET F 13 46.44 -17.61 -23.14
C MET F 13 46.96 -16.56 -22.14
N LEU F 14 48.10 -16.83 -21.56
CA LEU F 14 48.79 -15.94 -20.66
C LEU F 14 48.85 -14.48 -21.15
N LEU F 15 49.25 -14.31 -22.40
CA LEU F 15 49.36 -12.99 -23.03
C LEU F 15 48.04 -12.28 -23.16
N LYS F 16 47.00 -13.05 -23.47
CA LYS F 16 45.63 -12.59 -23.59
C LYS F 16 45.15 -12.07 -22.23
N ARG F 17 45.11 -12.96 -21.25
CA ARG F 17 44.68 -12.61 -19.91
C ARG F 17 45.56 -11.53 -19.19
N ASN F 18 46.89 -11.54 -19.41
CA ASN F 18 47.84 -10.55 -18.81
C ASN F 18 48.48 -9.58 -19.81
N ALA F 19 47.66 -8.91 -20.63
CA ALA F 19 48.22 -8.06 -21.66
C ALA F 19 48.81 -6.82 -21.02
N GLY F 20 49.84 -6.25 -21.62
CA GLY F 20 50.43 -5.01 -21.14
C GLY F 20 51.45 -5.20 -20.02
N GLU F 21 51.90 -6.42 -19.80
CA GLU F 21 52.85 -6.75 -18.71
C GLU F 21 54.12 -7.47 -19.26
N PRO F 22 54.99 -6.72 -19.97
CA PRO F 22 56.11 -7.39 -20.63
C PRO F 22 57.05 -8.19 -19.68
N GLU F 23 57.36 -7.64 -18.52
CA GLU F 23 58.30 -8.28 -17.58
C GLU F 23 57.80 -9.66 -17.12
N PHE F 24 56.48 -9.78 -16.93
CA PHE F 24 55.86 -11.01 -16.48
C PHE F 24 55.86 -12.05 -17.60
N HIS F 25 55.57 -11.60 -18.82
CA HIS F 25 55.66 -12.45 -20.02
C HIS F 25 57.03 -13.03 -20.14
N GLN F 26 58.02 -12.18 -19.90
CA GLN F 26 59.44 -12.52 -20.03
C GLN F 26 59.86 -13.58 -19.00
N ALA F 27 59.44 -13.35 -17.76
CA ALA F 27 59.73 -14.29 -16.67
C ALA F 27 59.06 -15.63 -16.94
N VAL F 28 57.83 -15.60 -17.41
CA VAL F 28 57.08 -16.83 -17.63
C VAL F 28 57.65 -17.63 -18.82
N ALA F 29 57.97 -16.92 -19.88
CA ALA F 29 58.52 -17.53 -21.08
C ALA F 29 59.78 -18.34 -20.78
N GLU F 30 60.74 -17.76 -20.07
CA GLU F 30 61.97 -18.53 -19.80
C GLU F 30 61.68 -19.79 -18.99
N VAL F 31 60.78 -19.68 -18.01
CA VAL F 31 60.45 -20.88 -17.22
C VAL F 31 59.72 -21.93 -18.09
N LEU F 32 58.71 -21.50 -18.84
CA LEU F 32 57.98 -22.39 -19.78
C LEU F 32 58.90 -23.09 -20.78
N GLU F 33 60.01 -22.46 -21.16
CA GLU F 33 60.97 -23.12 -22.06
C GLU F 33 61.62 -24.29 -21.39
N SER F 34 61.99 -24.12 -20.13
CA SER F 34 62.51 -25.23 -19.36
C SER F 34 61.45 -26.30 -19.07
N LEU F 35 60.19 -25.92 -18.88
CA LEU F 35 59.17 -26.93 -18.63
C LEU F 35 58.89 -27.85 -19.78
N LYS F 36 59.04 -27.35 -21.02
CA LYS F 36 59.03 -28.20 -22.21
C LYS F 36 59.93 -29.43 -22.03
N ILE F 37 61.12 -29.25 -21.49
CA ILE F 37 62.03 -30.35 -21.22
C ILE F 37 61.47 -31.30 -20.15
N VAL F 38 60.88 -30.75 -19.09
CA VAL F 38 60.25 -31.60 -18.06
C VAL F 38 59.14 -32.47 -18.65
N LEU F 39 58.25 -31.87 -19.45
CA LEU F 39 57.09 -32.58 -20.02
C LEU F 39 57.38 -33.53 -21.16
N GLU F 40 58.53 -33.38 -21.81
CA GLU F 40 58.97 -34.36 -22.80
C GLU F 40 59.21 -35.72 -22.11
N LYS F 41 59.81 -35.71 -20.94
CA LYS F 41 60.06 -36.94 -20.23
C LYS F 41 58.90 -37.42 -19.33
N ASP F 42 58.19 -36.49 -18.68
CA ASP F 42 57.16 -36.79 -17.64
C ASP F 42 55.95 -35.89 -17.92
N PRO F 43 55.05 -36.31 -18.83
CA PRO F 43 53.95 -35.40 -19.19
C PRO F 43 52.87 -35.21 -18.11
N HIS F 44 52.90 -36.03 -17.06
CA HIS F 44 51.93 -35.96 -15.95
C HIS F 44 52.22 -34.82 -14.95
N TYR F 45 53.24 -34.03 -15.26
CA TYR F 45 53.42 -32.75 -14.59
C TYR F 45 52.38 -31.71 -15.09
N ALA F 46 51.83 -31.92 -16.29
CA ALA F 46 50.67 -31.14 -16.78
C ALA F 46 49.25 -31.55 -16.24
N ASP F 47 49.18 -32.62 -15.46
CA ASP F 47 47.90 -33.17 -15.03
C ASP F 47 47.12 -32.19 -14.14
N TYR F 48 45.80 -32.28 -14.21
CA TYR F 48 44.93 -31.50 -13.34
C TYR F 48 45.10 -29.93 -13.46
N GLY F 49 45.42 -29.45 -14.66
CA GLY F 49 45.55 -28.01 -14.88
C GLY F 49 46.73 -27.41 -14.14
N LEU F 50 47.75 -28.22 -13.89
CA LEU F 50 48.83 -27.80 -12.98
C LEU F 50 49.53 -26.51 -13.41
N ILE F 51 49.86 -26.42 -14.69
CA ILE F 51 50.53 -25.27 -15.21
C ILE F 51 49.60 -24.06 -15.31
N GLN F 52 48.33 -24.32 -15.61
CA GLN F 52 47.33 -23.25 -15.60
C GLN F 52 47.17 -22.69 -14.17
N ARG F 53 47.24 -23.57 -13.18
CA ARG F 53 47.21 -23.13 -11.79
C ARG F 53 48.44 -22.36 -11.40
N LEU F 54 49.60 -22.94 -11.68
CA LEU F 54 50.87 -22.32 -11.30
C LEU F 54 51.01 -20.88 -11.84
N CYS F 55 50.67 -20.66 -13.08
CA CYS F 55 50.95 -19.37 -13.71
C CYS F 55 49.98 -18.24 -13.35
N GLU F 56 48.96 -18.53 -12.53
CA GLU F 56 47.92 -17.61 -12.12
C GLU F 56 48.08 -17.45 -10.61
N PRO F 57 48.36 -16.20 -10.13
CA PRO F 57 48.53 -15.99 -8.68
C PRO F 57 47.30 -16.38 -7.81
N GLU F 58 47.53 -17.00 -6.66
CA GLU F 58 46.41 -17.29 -5.74
C GLU F 58 45.66 -16.01 -5.43
N ARG F 59 46.36 -14.90 -5.22
CA ARG F 59 45.68 -13.68 -4.88
C ARG F 59 46.52 -12.44 -5.21
N GLN F 60 45.86 -11.35 -5.58
CA GLN F 60 46.53 -10.11 -5.88
C GLN F 60 45.75 -9.03 -5.21
N LEU F 61 46.46 -8.15 -4.49
CA LEU F 61 45.90 -7.01 -3.89
C LEU F 61 46.58 -5.76 -4.42
N ILE F 62 45.74 -4.78 -4.79
CA ILE F 62 46.14 -3.45 -5.17
C ILE F 62 45.30 -2.54 -4.31
N PHE F 63 45.92 -1.48 -3.78
CA PHE F 63 45.26 -0.60 -2.86
C PHE F 63 45.79 0.78 -2.88
N ARG F 64 44.96 1.69 -2.44
CA ARG F 64 45.30 3.11 -2.36
C ARG F 64 46.19 3.34 -1.16
N VAL F 65 47.25 4.13 -1.32
CA VAL F 65 48.11 4.47 -0.21
C VAL F 65 48.18 5.98 -0.21
N PRO F 66 47.28 6.62 0.57
CA PRO F 66 47.27 8.07 0.72
C PRO F 66 48.27 8.42 1.80
N TRP F 67 48.94 9.55 1.67
CA TRP F 67 49.82 10.04 2.71
C TRP F 67 50.02 11.53 2.55
N VAL F 68 50.48 12.17 3.61
CA VAL F 68 50.61 13.61 3.69
C VAL F 68 52.11 13.96 3.76
N ASP F 69 52.58 14.83 2.85
CA ASP F 69 53.99 15.23 2.83
C ASP F 69 54.23 16.27 3.93
N ASP F 70 55.48 16.69 4.07
CA ASP F 70 55.91 17.62 5.11
C ASP F 70 55.34 19.04 4.96
N GLN F 71 54.81 19.40 3.78
CA GLN F 71 54.07 20.66 3.60
C GLN F 71 52.52 20.54 3.73
N GLY F 72 52.01 19.46 4.36
CA GLY F 72 50.55 19.30 4.50
C GLY F 72 49.79 18.96 3.21
N GLN F 73 50.49 18.60 2.14
CA GLN F 73 49.85 18.21 0.90
C GLN F 73 49.70 16.68 0.83
N VAL F 74 48.53 16.26 0.34
CA VAL F 74 48.10 14.90 0.24
C VAL F 74 48.51 14.29 -1.07
N HIS F 75 49.11 13.12 -0.99
CA HIS F 75 49.49 12.34 -2.15
C HIS F 75 48.83 11.01 -2.11
N VAL F 76 48.69 10.44 -3.29
CA VAL F 76 48.10 9.13 -3.47
C VAL F 76 49.05 8.27 -4.29
N ASN F 77 49.58 7.20 -3.70
CA ASN F 77 50.27 6.19 -4.44
C ASN F 77 49.53 4.87 -4.43
N ARG F 78 50.00 3.89 -5.21
CA ARG F 78 49.33 2.60 -5.38
C ARG F 78 50.20 1.51 -4.76
N GLY F 79 49.57 0.59 -4.02
CA GLY F 79 50.28 -0.48 -3.29
C GLY F 79 49.89 -1.76 -3.97
N PHE F 80 50.78 -2.76 -3.91
CA PHE F 80 50.55 -4.08 -4.46
C PHE F 80 51.03 -5.17 -3.51
N ARG F 81 50.29 -6.27 -3.45
CA ARG F 81 50.83 -7.49 -2.91
C ARG F 81 50.25 -8.67 -3.72
N VAL F 82 51.16 -9.40 -4.37
CA VAL F 82 50.81 -10.56 -5.14
C VAL F 82 51.23 -11.77 -4.31
N GLN F 83 50.25 -12.62 -4.02
CA GLN F 83 50.42 -13.82 -3.25
C GLN F 83 50.28 -14.92 -4.23
N PHE F 84 51.43 -15.38 -4.74
CA PHE F 84 51.47 -16.18 -5.96
C PHE F 84 51.20 -17.65 -5.69
N ASN F 85 52.00 -18.30 -4.88
CA ASN F 85 51.87 -19.74 -4.69
C ASN F 85 52.25 -20.06 -3.27
N SER F 86 51.40 -20.86 -2.59
CA SER F 86 51.62 -21.22 -1.20
C SER F 86 51.74 -22.74 -0.97
N ALA F 87 52.05 -23.53 -1.99
CA ALA F 87 52.12 -24.98 -1.80
C ALA F 87 53.19 -25.38 -0.80
N LEU F 88 54.33 -24.70 -0.84
CA LEU F 88 55.47 -25.12 -0.04
C LEU F 88 55.56 -24.43 1.31
N GLY F 89 54.75 -23.37 1.49
CA GLY F 89 54.94 -22.52 2.65
C GLY F 89 54.14 -21.28 2.59
N PRO F 90 54.24 -20.46 3.63
CA PRO F 90 53.61 -19.13 3.52
C PRO F 90 54.15 -18.36 2.30
N TYR F 91 53.38 -17.43 1.74
CA TYR F 91 53.91 -16.60 0.66
C TYR F 91 55.11 -15.85 1.24
N LYS F 92 56.17 -15.68 0.44
CA LYS F 92 57.42 -15.06 0.90
C LYS F 92 58.04 -14.30 -0.21
N GLY F 93 58.36 -13.04 0.09
CA GLY F 93 59.07 -12.18 -0.82
C GLY F 93 58.93 -10.74 -0.39
N GLY F 94 59.80 -9.90 -0.94
CA GLY F 94 59.93 -8.56 -0.46
C GLY F 94 59.01 -7.51 -1.07
N LEU F 95 59.30 -6.26 -0.74
CA LEU F 95 58.53 -5.08 -1.08
C LEU F 95 59.46 -4.12 -1.80
N ARG F 96 59.04 -3.63 -2.95
CA ARG F 96 59.81 -2.72 -3.75
C ARG F 96 59.12 -1.35 -3.82
N PHE F 97 59.79 -0.31 -3.34
CA PHE F 97 59.25 1.04 -3.47
C PHE F 97 60.09 1.77 -4.54
N HIS F 98 59.49 2.07 -5.68
CA HIS F 98 60.20 2.64 -6.82
C HIS F 98 59.15 3.12 -7.87
N PRO F 99 59.34 4.32 -8.43
CA PRO F 99 58.31 4.84 -9.28
C PRO F 99 57.97 4.01 -10.52
N SER F 100 58.86 3.12 -10.98
CA SER F 100 58.56 2.18 -12.07
C SER F 100 57.51 1.10 -11.76
N VAL F 101 57.22 0.88 -10.48
CA VAL F 101 56.46 -0.28 -10.04
C VAL F 101 55.03 -0.25 -10.55
N ASN F 102 54.59 -1.41 -11.00
CA ASN F 102 53.24 -1.63 -11.47
C ASN F 102 52.95 -3.15 -11.29
N LEU F 103 51.74 -3.57 -11.64
CA LEU F 103 51.28 -4.91 -11.36
C LEU F 103 52.09 -5.98 -12.06
N GLY F 104 52.35 -5.76 -13.34
CA GLY F 104 53.20 -6.63 -14.12
C GLY F 104 54.57 -6.88 -13.58
N ILE F 105 55.21 -5.86 -13.03
CA ILE F 105 56.53 -6.03 -12.40
C ILE F 105 56.45 -6.87 -11.13
N VAL F 106 55.45 -6.60 -10.32
CA VAL F 106 55.26 -7.31 -9.07
C VAL F 106 54.99 -8.78 -9.37
N LYS F 107 54.28 -9.06 -10.44
CA LYS F 107 54.03 -10.42 -10.87
C LYS F 107 55.26 -11.14 -11.35
N PHE F 108 56.10 -10.46 -12.14
CA PHE F 108 57.31 -11.12 -12.63
C PHE F 108 58.10 -11.51 -11.39
N LEU F 109 58.24 -10.57 -10.45
CA LEU F 109 59.08 -10.81 -9.26
C LEU F 109 58.52 -11.98 -8.44
N GLY F 110 57.21 -11.94 -8.19
CA GLY F 110 56.52 -12.99 -7.43
C GLY F 110 56.51 -14.37 -8.08
N PHE F 111 56.38 -14.43 -9.40
CA PHE F 111 56.53 -15.66 -10.16
C PHE F 111 57.94 -16.27 -10.01
N GLU F 112 58.97 -15.43 -10.12
CA GLU F 112 60.34 -15.89 -9.99
C GLU F 112 60.59 -16.33 -8.57
N GLN F 113 59.95 -15.63 -7.63
CA GLN F 113 60.06 -15.96 -6.23
C GLN F 113 59.59 -17.38 -5.89
N ILE F 114 58.56 -17.89 -6.57
CA ILE F 114 58.10 -19.26 -6.32
C ILE F 114 59.27 -20.26 -6.43
N PHE F 115 59.95 -20.23 -7.56
CA PHE F 115 61.00 -21.21 -7.89
C PHE F 115 62.26 -20.98 -7.13
N LYS F 116 62.61 -19.73 -6.97
CA LYS F 116 63.74 -19.40 -6.16
C LYS F 116 63.56 -19.99 -4.76
N ASN F 117 62.41 -19.75 -4.15
CA ASN F 117 62.16 -20.21 -2.79
C ASN F 117 62.10 -21.72 -2.69
N SER F 118 61.52 -22.32 -3.69
CA SER F 118 61.60 -23.73 -3.88
C SER F 118 63.05 -24.25 -3.84
N LEU F 119 63.96 -23.63 -4.65
CA LEU F 119 65.34 -24.09 -4.72
C LEU F 119 66.11 -24.05 -3.45
N THR F 120 65.75 -23.14 -2.53
CA THR F 120 66.41 -23.07 -1.22
C THR F 120 66.27 -24.31 -0.37
N GLY F 121 65.32 -25.19 -0.68
CA GLY F 121 65.04 -26.37 0.17
C GLY F 121 64.29 -26.05 1.47
N LEU F 122 63.82 -24.82 1.62
CA LEU F 122 63.18 -24.39 2.85
C LEU F 122 61.68 -24.15 2.59
N PRO F 123 60.83 -24.27 3.64
CA PRO F 123 59.36 -24.25 3.49
C PRO F 123 58.76 -22.84 3.30
N ILE F 124 58.84 -22.30 2.08
CA ILE F 124 58.36 -20.96 1.79
C ILE F 124 57.75 -20.98 0.42
N GLY F 125 56.60 -20.32 0.31
CA GLY F 125 55.94 -20.07 -0.98
C GLY F 125 56.42 -18.76 -1.58
N GLY F 126 55.77 -18.31 -2.64
CA GLY F 126 56.20 -17.12 -3.37
C GLY F 126 55.22 -15.98 -3.40
N GLY F 127 55.76 -14.77 -3.20
CA GLY F 127 55.02 -13.54 -3.40
C GLY F 127 55.89 -12.30 -3.43
N LYS F 128 55.26 -11.15 -3.58
CA LYS F 128 55.91 -9.85 -3.74
C LYS F 128 54.95 -8.73 -3.65
N GLY F 129 55.48 -7.59 -3.25
CA GLY F 129 54.73 -6.39 -3.29
C GLY F 129 55.54 -5.14 -3.50
N GLY F 130 54.83 -4.03 -3.43
CA GLY F 130 55.52 -2.80 -3.48
C GLY F 130 54.59 -1.65 -3.66
N SER F 131 55.15 -0.59 -4.22
CA SER F 131 54.43 0.64 -4.46
C SER F 131 55.15 1.46 -5.51
N ASP F 132 54.39 2.27 -6.27
CA ASP F 132 54.99 3.29 -7.16
C ASP F 132 55.48 4.55 -6.44
N PHE F 133 55.31 4.58 -5.12
CA PHE F 133 55.94 5.56 -4.27
C PHE F 133 57.46 5.76 -4.56
N ASP F 134 57.93 7.01 -4.59
CA ASP F 134 59.37 7.29 -4.76
C ASP F 134 60.05 7.72 -3.48
N PRO F 135 60.81 6.82 -2.81
CA PRO F 135 61.48 7.25 -1.59
C PRO F 135 62.58 8.31 -1.75
N LYS F 136 63.11 8.49 -2.96
CA LYS F 136 64.14 9.55 -3.14
C LYS F 136 63.59 10.92 -2.77
N GLY F 137 64.39 11.61 -1.98
CA GLY F 137 64.13 12.98 -1.63
C GLY F 137 63.15 13.15 -0.49
N LYS F 138 62.59 12.06 0.01
CA LYS F 138 61.58 12.12 1.04
C LYS F 138 62.25 12.15 2.41
N SER F 139 61.71 12.94 3.34
CA SER F 139 62.22 12.98 4.73
C SER F 139 61.93 11.66 5.45
N ASP F 140 62.62 11.44 6.56
CA ASP F 140 62.40 10.27 7.37
C ASP F 140 60.95 10.17 7.75
N LEU F 141 60.35 11.28 8.18
CA LEU F 141 58.93 11.30 8.52
C LEU F 141 57.94 10.98 7.40
N GLU F 142 58.21 11.47 6.20
CA GLU F 142 57.43 11.17 5.04
C GLU F 142 57.47 9.67 4.72
N ILE F 143 58.68 9.11 4.71
CA ILE F 143 58.88 7.66 4.62
C ILE F 143 58.07 6.91 5.67
N MET F 144 58.18 7.34 6.91
CA MET F 144 57.51 6.71 8.03
C MET F 144 55.99 6.68 7.81
N ARG F 145 55.43 7.86 7.47
CA ARG F 145 54.01 8.01 7.18
C ARG F 145 53.56 7.16 5.98
N PHE F 146 54.42 7.09 4.97
CA PHE F 146 54.11 6.26 3.85
C PHE F 146 54.07 4.80 4.26
N CYS F 147 55.10 4.35 4.98
CA CYS F 147 55.13 2.99 5.49
C CYS F 147 53.92 2.64 6.34
N GLN F 148 53.49 3.58 7.18
CA GLN F 148 52.32 3.41 8.03
C GLN F 148 50.99 3.29 7.28
N SER F 149 50.82 4.18 6.29
CA SER F 149 49.68 4.12 5.45
C SER F 149 49.70 2.76 4.70
N PHE F 150 50.84 2.40 4.14
CA PHE F 150 51.03 1.12 3.43
C PHE F 150 50.61 -0.06 4.30
N MET F 151 51.22 -0.17 5.48
CA MET F 151 50.90 -1.29 6.37
C MET F 151 49.46 -1.24 6.94
N THR F 152 48.82 -0.06 6.93
CA THR F 152 47.43 0.02 7.42
C THR F 152 46.53 -0.86 6.57
N GLU F 153 46.80 -0.94 5.25
CA GLU F 153 46.09 -1.92 4.44
C GLU F 153 46.77 -3.28 4.48
N LEU F 154 48.08 -3.31 4.31
CA LEU F 154 48.77 -4.58 4.16
C LEU F 154 48.62 -5.57 5.36
N HIS F 155 48.41 -5.08 6.59
CA HIS F 155 48.47 -5.97 7.81
C HIS F 155 47.50 -7.15 7.77
N ARG F 156 46.30 -6.88 7.30
CA ARG F 156 45.22 -7.85 7.33
C ARG F 156 45.34 -8.97 6.27
N HIS F 157 46.32 -8.89 5.38
CA HIS F 157 46.61 -9.91 4.42
C HIS F 157 47.88 -10.65 4.69
N ILE F 158 48.59 -10.31 5.76
CA ILE F 158 49.88 -10.97 6.03
C ILE F 158 49.91 -11.61 7.45
N GLY F 159 50.95 -12.36 7.74
CA GLY F 159 51.13 -12.98 9.07
C GLY F 159 52.17 -14.09 8.98
N GLU F 160 52.65 -14.54 10.12
CA GLU F 160 53.75 -15.52 10.22
C GLU F 160 53.54 -16.81 9.42
N TYR F 161 52.29 -17.25 9.25
CA TYR F 161 51.93 -18.47 8.48
C TYR F 161 51.19 -18.14 7.19
N ARG F 162 50.94 -16.85 6.94
CA ARG F 162 50.19 -16.42 5.75
C ARG F 162 51.06 -15.83 4.64
N ASP F 163 51.81 -14.78 4.97
CA ASP F 163 52.59 -14.00 4.03
C ASP F 163 53.60 -13.22 4.84
N VAL F 164 54.89 -13.46 4.59
CA VAL F 164 56.03 -12.80 5.25
C VAL F 164 56.79 -11.89 4.27
N PRO F 165 56.50 -10.57 4.26
CA PRO F 165 57.33 -9.69 3.42
C PRO F 165 58.79 -9.47 3.91
N ALA F 166 59.47 -8.52 3.26
CA ALA F 166 60.93 -8.23 3.43
C ALA F 166 61.24 -7.03 2.57
N GLY F 167 62.49 -6.65 2.49
CA GLY F 167 62.92 -5.56 1.60
C GLY F 167 63.17 -5.97 0.15
N ASP F 168 63.48 -4.98 -0.67
CA ASP F 168 63.83 -5.12 -2.09
C ASP F 168 64.33 -3.67 -2.47
N ILE F 169 64.22 -3.25 -3.72
CA ILE F 169 64.56 -1.87 -4.09
C ILE F 169 63.71 -0.87 -3.33
N GLY F 170 64.37 0.11 -2.72
CA GLY F 170 63.69 1.20 -2.03
C GLY F 170 63.26 0.84 -0.62
N VAL F 171 63.39 -0.41 -0.19
CA VAL F 171 62.98 -0.82 1.18
C VAL F 171 64.12 -1.54 1.90
N GLY F 172 64.82 -0.82 2.78
CA GLY F 172 65.91 -1.42 3.58
C GLY F 172 65.50 -1.48 5.05
N GLY F 173 66.48 -1.68 5.93
CA GLY F 173 66.31 -1.69 7.40
C GLY F 173 65.38 -0.63 8.01
N ARG F 174 65.49 0.60 7.53
CA ARG F 174 64.73 1.71 8.00
C ARG F 174 63.22 1.46 7.76
N GLU F 175 62.89 1.04 6.56
CA GLU F 175 61.53 0.93 6.13
C GLU F 175 60.90 -0.28 6.78
N ILE F 176 61.66 -1.35 6.85
CA ILE F 176 61.21 -2.56 7.55
C ILE F 176 60.89 -2.29 9.02
N GLY F 177 61.73 -1.47 9.66
CA GLY F 177 61.41 -0.99 10.99
C GLY F 177 60.07 -0.28 11.13
N TYR F 178 59.77 0.68 10.25
CA TYR F 178 58.51 1.39 10.30
C TYR F 178 57.34 0.46 9.96
N LEU F 179 57.53 -0.47 9.02
CA LEU F 179 56.47 -1.40 8.68
C LEU F 179 56.14 -2.37 9.84
N PHE F 180 57.17 -2.84 10.53
CA PHE F 180 57.02 -3.81 11.55
C PHE F 180 56.41 -3.14 12.76
N GLY F 181 56.93 -1.97 13.11
CA GLY F 181 56.34 -1.15 14.16
C GLY F 181 54.84 -1.02 13.99
N HIS F 182 54.45 -0.52 12.83
CA HIS F 182 53.06 -0.33 12.53
C HIS F 182 52.26 -1.63 12.42
N TYR F 183 52.87 -2.73 12.00
CA TYR F 183 52.16 -4.00 12.00
C TYR F 183 51.73 -4.37 13.42
N ARG F 184 52.67 -4.24 14.36
CA ARG F 184 52.40 -4.55 15.75
C ARG F 184 51.22 -3.70 16.35
N ARG F 185 51.17 -2.42 15.98
CA ARG F 185 50.10 -1.54 16.38
C ARG F 185 48.71 -1.94 15.84
N MET F 186 48.65 -2.30 14.57
CA MET F 186 47.42 -2.77 13.94
C MET F 186 46.97 -4.09 14.56
N ALA F 187 47.90 -5.04 14.73
CA ALA F 187 47.53 -6.36 15.22
C ALA F 187 47.50 -6.50 16.77
N ASN F 188 48.17 -5.61 17.49
CA ASN F 188 48.36 -5.72 18.94
C ASN F 188 49.01 -7.07 19.26
N GLN F 189 50.01 -7.41 18.46
CA GLN F 189 50.80 -8.63 18.69
C GLN F 189 52.21 -8.35 18.38
N HIS F 190 53.13 -8.84 19.19
CA HIS F 190 54.55 -8.86 18.82
C HIS F 190 54.91 -10.12 18.00
N GLU F 191 54.47 -10.12 16.77
CA GLU F 191 54.58 -11.26 15.88
C GLU F 191 55.84 -11.11 15.03
N SER F 192 56.96 -11.47 15.62
CA SER F 192 58.26 -11.40 14.96
C SER F 192 58.31 -12.03 13.55
N GLY F 193 57.60 -13.15 13.35
CA GLY F 193 57.69 -13.89 12.12
C GLY F 193 56.97 -13.22 10.96
N VAL F 194 56.35 -12.08 11.19
CA VAL F 194 55.55 -11.40 10.13
C VAL F 194 56.39 -10.75 9.02
N LEU F 195 57.65 -10.43 9.35
CA LEU F 195 58.57 -9.78 8.41
C LEU F 195 59.96 -10.29 8.66
N THR F 196 60.79 -10.24 7.62
CA THR F 196 62.18 -10.51 7.76
C THR F 196 62.99 -9.26 7.35
N GLY F 197 64.31 -9.31 7.57
CA GLY F 197 65.20 -8.16 7.43
C GLY F 197 65.05 -7.24 8.62
N LYS F 198 64.57 -7.80 9.74
CA LYS F 198 64.34 -7.01 10.94
C LYS F 198 65.69 -6.70 11.59
N GLY F 199 65.65 -5.72 12.47
CA GLY F 199 66.86 -5.21 13.14
C GLY F 199 67.22 -6.22 14.26
N LEU F 200 68.49 -6.26 14.63
CA LEU F 200 69.01 -7.34 15.47
C LEU F 200 68.44 -7.40 16.88
N THR F 201 68.04 -6.24 17.43
CA THR F 201 67.45 -6.20 18.78
C THR F 201 65.92 -6.43 18.84
N TRP F 202 65.26 -6.43 17.69
CA TRP F 202 63.82 -6.66 17.64
C TRP F 202 63.48 -7.80 16.68
N GLY F 203 64.15 -8.95 16.84
CA GLY F 203 63.81 -10.18 16.08
C GLY F 203 64.57 -10.47 14.80
N GLY F 204 65.58 -9.65 14.46
CA GLY F 204 66.39 -9.84 13.26
C GLY F 204 67.35 -11.04 13.35
N SER F 205 67.86 -11.52 12.22
CA SER F 205 68.91 -12.52 12.18
C SER F 205 70.27 -11.92 11.77
N LEU F 206 71.34 -12.39 12.37
CA LEU F 206 72.67 -11.82 12.13
C LEU F 206 73.27 -11.60 10.68
N VAL F 207 72.98 -12.49 9.75
CA VAL F 207 73.65 -12.42 8.42
C VAL F 207 72.69 -11.90 7.36
N ARG F 208 71.46 -11.55 7.74
CA ARG F 208 70.48 -11.23 6.73
C ARG F 208 70.88 -9.99 5.90
N THR F 209 71.39 -8.95 6.56
CA THR F 209 71.88 -7.72 5.88
C THR F 209 72.84 -8.06 4.70
N GLU F 210 73.76 -8.96 4.95
CA GLU F 210 74.78 -9.40 4.02
C GLU F 210 74.37 -10.53 3.10
N ALA F 211 73.27 -11.20 3.38
CA ALA F 211 73.03 -12.53 2.80
C ALA F 211 72.85 -12.62 1.28
N THR F 212 72.19 -11.68 0.64
CA THR F 212 71.98 -11.81 -0.80
C THR F 212 73.31 -11.71 -1.62
N GLY F 213 74.12 -10.72 -1.24
CA GLY F 213 75.41 -10.48 -1.86
C GLY F 213 76.43 -11.53 -1.56
N TYR F 214 76.59 -11.84 -0.30
CA TYR F 214 77.43 -12.99 0.11
C TYR F 214 76.97 -14.22 -0.66
N GLY F 215 75.68 -14.53 -0.58
CA GLY F 215 75.14 -15.68 -1.31
C GLY F 215 75.50 -15.72 -2.78
N CYS F 216 75.40 -14.58 -3.43
CA CYS F 216 75.71 -14.48 -4.85
C CYS F 216 77.21 -14.77 -5.22
N VAL F 217 78.11 -14.34 -4.35
CA VAL F 217 79.49 -14.63 -4.51
C VAL F 217 79.75 -16.11 -4.15
N TYR F 218 79.10 -16.65 -3.14
CA TYR F 218 79.25 -18.06 -2.87
C TYR F 218 78.85 -18.87 -4.09
N PHE F 219 77.74 -18.49 -4.74
CA PHE F 219 77.25 -19.26 -5.87
C PHE F 219 78.23 -19.15 -7.05
N VAL F 220 78.67 -17.91 -7.34
CA VAL F 220 79.60 -17.70 -8.44
C VAL F 220 80.95 -18.43 -8.19
N SER F 221 81.39 -18.43 -6.94
CA SER F 221 82.58 -19.17 -6.52
C SER F 221 82.47 -20.65 -6.91
N GLU F 222 81.29 -21.25 -6.73
CA GLU F 222 81.06 -22.64 -7.20
C GLU F 222 81.11 -22.81 -8.70
N MET F 223 80.52 -21.90 -9.46
CA MET F 223 80.58 -21.95 -10.94
C MET F 223 82.05 -21.90 -11.46
N ILE F 224 82.82 -21.00 -10.88
CA ILE F 224 84.22 -20.81 -11.15
C ILE F 224 85.01 -22.10 -10.87
N LYS F 225 84.87 -22.64 -9.65
CA LYS F 225 85.49 -23.94 -9.28
C LYS F 225 85.09 -25.13 -10.15
N ALA F 226 83.85 -25.14 -10.63
CA ALA F 226 83.44 -26.15 -11.60
C ALA F 226 84.14 -26.06 -12.94
N LYS F 227 84.78 -24.94 -13.28
CA LYS F 227 85.71 -24.87 -14.43
C LYS F 227 87.22 -25.01 -14.08
N GLY F 228 87.55 -25.39 -12.85
CA GLY F 228 88.93 -25.53 -12.43
C GLY F 228 89.68 -24.21 -12.26
N GLU F 229 88.94 -23.11 -12.05
CA GLU F 229 89.47 -21.80 -11.70
C GLU F 229 89.19 -21.50 -10.22
N SER F 230 89.74 -20.38 -9.76
CA SER F 230 89.43 -19.82 -8.50
C SER F 230 89.07 -18.31 -8.62
N ILE F 231 88.35 -17.84 -7.61
CA ILE F 231 87.80 -16.45 -7.59
C ILE F 231 88.88 -15.44 -7.26
N SER F 232 89.83 -15.86 -6.41
CA SER F 232 91.01 -15.08 -6.09
C SER F 232 91.70 -14.57 -7.36
N GLY F 233 91.92 -13.26 -7.39
CA GLY F 233 92.60 -12.60 -8.48
C GLY F 233 91.76 -12.27 -9.69
N GLN F 234 90.46 -12.61 -9.64
CA GLN F 234 89.55 -12.32 -10.73
C GLN F 234 89.10 -10.86 -10.66
N LYS F 235 88.79 -10.27 -11.82
CA LYS F 235 88.29 -8.87 -11.88
C LYS F 235 86.82 -8.91 -12.07
N ILE F 236 86.12 -8.22 -11.18
CA ILE F 236 84.65 -8.33 -11.13
C ILE F 236 84.00 -6.97 -11.36
N ILE F 237 83.00 -6.91 -12.23
CA ILE F 237 82.12 -5.73 -12.28
C ILE F 237 80.87 -6.04 -11.45
N VAL F 238 80.48 -5.14 -10.53
CA VAL F 238 79.20 -5.28 -9.80
C VAL F 238 78.32 -4.10 -10.09
N SER F 239 77.23 -4.29 -10.83
CA SER F 239 76.31 -3.16 -11.06
C SER F 239 75.48 -2.93 -9.79
N GLY F 240 75.08 -1.68 -9.62
CA GLY F 240 74.34 -1.24 -8.45
C GLY F 240 75.26 -0.86 -7.30
N SER F 241 74.66 -0.29 -6.28
CA SER F 241 75.36 0.14 -5.12
C SER F 241 74.48 0.14 -3.88
N GLY F 242 73.49 -0.76 -3.83
CA GLY F 242 72.56 -0.85 -2.73
C GLY F 242 72.91 -2.05 -1.86
N ASN F 243 71.89 -2.64 -1.25
CA ASN F 243 72.09 -3.76 -0.35
C ASN F 243 72.76 -4.98 -1.05
N VAL F 244 72.32 -5.35 -2.23
CA VAL F 244 72.87 -6.53 -2.84
C VAL F 244 74.32 -6.26 -3.28
N ALA F 245 74.54 -5.11 -3.93
CA ALA F 245 75.84 -4.78 -4.51
C ALA F 245 76.92 -4.62 -3.47
N THR F 246 76.55 -4.02 -2.36
CA THR F 246 77.49 -3.73 -1.30
C THR F 246 78.15 -4.98 -0.73
N TYR F 247 77.36 -6.03 -0.53
CA TYR F 247 77.92 -7.16 0.19
C TYR F 247 78.43 -8.20 -0.77
N ALA F 248 77.99 -8.16 -2.03
CA ALA F 248 78.63 -8.87 -3.10
C ALA F 248 80.08 -8.33 -3.25
N ILE F 249 80.22 -7.01 -3.23
CA ILE F 249 81.54 -6.40 -3.25
C ILE F 249 82.40 -6.85 -2.08
N GLU F 250 81.82 -6.78 -0.87
CA GLU F 250 82.52 -7.11 0.35
C GLU F 250 83.07 -8.52 0.31
N LYS F 251 82.21 -9.47 0.05
CA LYS F 251 82.60 -10.87 0.03
C LYS F 251 83.63 -11.19 -1.09
N ALA F 252 83.33 -10.76 -2.30
CA ALA F 252 84.22 -10.97 -3.43
C ALA F 252 85.63 -10.45 -3.12
N GLN F 253 85.76 -9.26 -2.53
CA GLN F 253 87.06 -8.75 -2.10
C GLN F 253 87.68 -9.50 -0.92
N GLU F 254 86.85 -10.00 -0.01
CA GLU F 254 87.36 -10.79 1.09
C GLU F 254 87.97 -12.09 0.53
N LEU F 255 87.38 -12.67 -0.52
CA LEU F 255 87.91 -13.87 -1.15
C LEU F 255 89.03 -13.62 -2.20
N GLY F 256 89.59 -12.41 -2.22
CA GLY F 256 90.78 -12.11 -2.98
C GLY F 256 90.57 -11.64 -4.41
N ALA F 257 89.33 -11.35 -4.80
CA ALA F 257 89.01 -10.73 -6.09
C ALA F 257 89.06 -9.23 -5.99
N THR F 258 89.01 -8.54 -7.14
CA THR F 258 88.99 -7.10 -7.20
C THR F 258 87.76 -6.65 -7.98
N VAL F 259 86.94 -5.83 -7.32
CA VAL F 259 85.81 -5.21 -7.95
C VAL F 259 86.27 -3.91 -8.61
N ILE F 260 86.18 -3.89 -9.92
CA ILE F 260 86.70 -2.81 -10.72
C ILE F 260 85.63 -1.77 -11.13
N GLY F 261 84.39 -1.92 -10.63
CA GLY F 261 83.39 -0.90 -10.83
C GLY F 261 82.04 -1.24 -10.26
N PHE F 262 81.31 -0.18 -9.92
CA PHE F 262 79.94 -0.27 -9.42
C PHE F 262 79.15 0.94 -9.94
N SER F 263 77.85 1.00 -9.66
CA SER F 263 76.95 1.98 -10.29
C SER F 263 75.75 2.32 -9.42
N ASP F 264 75.10 3.42 -9.76
CA ASP F 264 73.71 3.64 -9.38
C ASP F 264 73.06 4.03 -10.69
N SER F 265 71.83 4.52 -10.68
CA SER F 265 71.11 4.79 -11.93
C SER F 265 71.53 6.12 -12.57
N SER F 266 72.24 6.97 -11.85
CA SER F 266 72.80 8.18 -12.51
C SER F 266 74.13 7.95 -13.26
N GLY F 267 74.97 7.08 -12.75
CA GLY F 267 76.19 6.73 -13.45
C GLY F 267 76.94 5.63 -12.76
N TRP F 268 78.21 5.47 -13.16
CA TRP F 268 79.04 4.35 -12.73
C TRP F 268 80.48 4.77 -12.43
N VAL F 269 81.13 4.06 -11.50
CA VAL F 269 82.48 4.38 -11.03
C VAL F 269 83.47 3.31 -11.52
N HIS F 270 84.67 3.74 -11.94
CA HIS F 270 85.77 2.84 -12.30
C HIS F 270 86.71 2.85 -11.13
N THR F 271 86.90 1.67 -10.52
CA THR F 271 87.66 1.52 -9.27
C THR F 271 88.76 0.45 -9.53
N PRO F 272 89.75 0.78 -10.39
CA PRO F 272 90.69 -0.29 -10.80
C PRO F 272 91.49 -0.91 -9.64
N ASN F 273 91.68 -0.19 -8.55
CA ASN F 273 92.31 -0.74 -7.34
C ASN F 273 91.39 -1.45 -6.38
N GLY F 274 90.16 -1.76 -6.79
CA GLY F 274 89.12 -2.24 -5.87
C GLY F 274 88.33 -1.13 -5.17
N VAL F 275 87.34 -1.52 -4.38
CA VAL F 275 86.37 -0.70 -3.72
C VAL F 275 86.68 -0.57 -2.22
N ASP F 276 86.54 0.65 -1.73
CA ASP F 276 86.58 0.91 -0.30
C ASP F 276 85.13 0.73 0.20
N VAL F 277 84.85 -0.44 0.78
CA VAL F 277 83.49 -0.76 1.19
C VAL F 277 82.93 0.21 2.27
N ALA F 278 83.73 0.42 3.33
CA ALA F 278 83.39 1.39 4.39
C ALA F 278 82.91 2.69 3.83
N LYS F 279 83.63 3.19 2.85
CA LYS F 279 83.36 4.51 2.27
C LYS F 279 82.10 4.46 1.47
N LEU F 280 81.88 3.37 0.75
CA LEU F 280 80.69 3.20 -0.09
C LEU F 280 79.45 3.19 0.79
N ARG F 281 79.55 2.44 1.88
CA ARG F 281 78.52 2.45 2.92
C ARG F 281 78.20 3.81 3.54
N GLU F 282 79.22 4.61 3.82
CA GLU F 282 79.04 5.94 4.42
C GLU F 282 78.31 6.84 3.44
N ILE F 283 78.69 6.70 2.19
CA ILE F 283 78.07 7.46 1.12
C ILE F 283 76.59 7.11 0.89
N LYS F 284 76.26 5.83 0.80
CA LYS F 284 74.91 5.37 0.46
C LYS F 284 73.95 5.20 1.68
N GLU F 285 74.44 4.56 2.74
CA GLU F 285 73.62 4.30 3.92
C GLU F 285 73.44 5.57 4.73
N VAL F 286 74.53 6.27 4.98
CA VAL F 286 74.51 7.41 5.91
C VAL F 286 74.15 8.73 5.19
N ARG F 287 74.77 8.99 4.06
CA ARG F 287 74.59 10.26 3.42
C ARG F 287 73.53 10.18 2.31
N ARG F 288 73.12 8.96 1.91
CA ARG F 288 72.15 8.73 0.81
C ARG F 288 72.47 9.52 -0.46
N ALA F 289 73.76 9.62 -0.74
CA ALA F 289 74.27 10.42 -1.86
C ALA F 289 74.56 9.55 -3.08
N ARG F 290 74.92 10.20 -4.16
CA ARG F 290 75.25 9.60 -5.45
C ARG F 290 76.62 8.90 -5.48
N VAL F 291 76.78 7.85 -6.29
CA VAL F 291 78.15 7.28 -6.49
C VAL F 291 79.17 8.32 -6.98
N SER F 292 78.73 9.35 -7.70
CA SER F 292 79.58 10.48 -8.05
C SER F 292 80.35 11.05 -6.86
N VAL F 293 79.73 11.08 -5.67
CA VAL F 293 80.39 11.52 -4.43
C VAL F 293 81.50 10.58 -3.98
N TYR F 294 81.29 9.27 -4.16
CA TYR F 294 82.34 8.29 -3.90
C TYR F 294 83.56 8.63 -4.75
N ALA F 295 83.36 8.89 -6.04
CA ALA F 295 84.47 9.18 -6.94
C ALA F 295 85.22 10.51 -6.65
N ASP F 296 84.51 11.56 -6.28
CA ASP F 296 85.11 12.81 -5.81
C ASP F 296 85.99 12.67 -4.55
N GLU F 297 85.67 11.75 -3.67
CA GLU F 297 86.37 11.61 -2.38
C GLU F 297 87.32 10.44 -2.26
N VAL F 298 87.41 9.59 -3.28
CA VAL F 298 88.35 8.44 -3.25
C VAL F 298 89.38 8.57 -4.37
N GLU F 299 90.63 8.43 -3.96
CA GLU F 299 91.76 8.49 -4.86
C GLU F 299 91.75 7.24 -5.74
N GLY F 300 91.75 7.44 -7.06
CA GLY F 300 91.82 6.35 -8.02
C GLY F 300 90.51 6.03 -8.72
N ALA F 301 89.40 6.42 -8.11
CA ALA F 301 88.05 6.15 -8.61
C ALA F 301 87.52 7.30 -9.43
N THR F 302 86.83 6.98 -10.53
CA THR F 302 86.48 7.92 -11.59
C THR F 302 85.02 7.78 -12.05
N TYR F 303 84.29 8.88 -12.04
CA TYR F 303 82.85 8.82 -12.36
C TYR F 303 82.56 8.94 -13.85
N HIS F 304 81.52 8.26 -14.34
CA HIS F 304 81.15 8.27 -15.74
C HIS F 304 79.64 8.32 -15.94
N THR F 305 79.16 9.28 -16.73
CA THR F 305 77.80 9.23 -17.26
C THR F 305 77.77 8.74 -18.70
N ASP F 306 78.92 8.35 -19.19
CA ASP F 306 79.10 7.96 -20.57
C ASP F 306 79.14 6.43 -20.64
N GLY F 307 78.66 5.92 -21.78
CA GLY F 307 78.92 4.55 -22.14
C GLY F 307 78.13 3.65 -21.24
N SER F 308 78.81 2.63 -20.71
CA SER F 308 78.20 1.61 -19.88
C SER F 308 79.23 0.97 -18.99
N ILE F 309 78.81 0.57 -17.80
CA ILE F 309 79.72 -0.15 -16.91
C ILE F 309 80.15 -1.50 -17.49
N TRP F 310 79.31 -2.09 -18.33
CA TRP F 310 79.60 -3.38 -18.97
C TRP F 310 80.68 -3.25 -20.10
N ASP F 311 81.15 -2.04 -20.33
CA ASP F 311 82.28 -1.81 -21.24
C ASP F 311 83.62 -2.19 -20.64
N LEU F 312 83.71 -2.34 -19.32
CA LEU F 312 84.98 -2.67 -18.69
C LEU F 312 85.36 -4.11 -18.96
N LYS F 313 86.64 -4.36 -19.27
CA LYS F 313 87.21 -5.69 -19.28
C LYS F 313 87.13 -6.35 -17.92
N CYS F 314 86.47 -7.50 -17.88
CA CYS F 314 86.36 -8.25 -16.62
C CYS F 314 86.42 -9.73 -16.89
N ASP F 315 86.66 -10.47 -15.82
CA ASP F 315 86.49 -11.91 -15.77
C ASP F 315 85.06 -12.33 -15.36
N ILE F 316 84.42 -11.53 -14.50
CA ILE F 316 83.12 -11.83 -13.86
C ILE F 316 82.23 -10.55 -13.83
N ALA F 317 80.99 -10.67 -14.32
CA ALA F 317 79.96 -9.70 -14.20
C ALA F 317 78.84 -10.20 -13.25
N LEU F 318 78.54 -9.37 -12.25
CA LEU F 318 77.50 -9.61 -11.24
C LEU F 318 76.51 -8.47 -11.28
N PRO F 319 75.54 -8.54 -12.17
CA PRO F 319 74.57 -7.46 -12.13
C PRO F 319 73.69 -7.51 -10.87
N CYS F 320 73.72 -6.45 -10.09
CA CYS F 320 73.04 -6.39 -8.81
C CYS F 320 72.14 -5.15 -8.65
N ALA F 321 71.67 -4.56 -9.77
CA ALA F 321 70.84 -3.35 -9.73
C ALA F 321 69.36 -3.65 -9.89
N THR F 322 68.95 -4.17 -11.03
CA THR F 322 67.55 -4.18 -11.42
C THR F 322 67.36 -5.06 -12.64
N GLN F 323 66.10 -5.25 -13.07
CA GLN F 323 65.76 -6.10 -14.20
C GLN F 323 66.15 -5.44 -15.52
N ASN F 324 66.59 -6.26 -16.50
CA ASN F 324 66.97 -5.81 -17.86
C ASN F 324 67.99 -4.68 -17.92
N GLU F 325 68.98 -4.78 -17.06
CA GLU F 325 70.06 -3.79 -17.01
C GLU F 325 71.27 -4.27 -17.84
N LEU F 326 71.23 -5.53 -18.26
CA LEU F 326 72.28 -6.16 -19.04
C LEU F 326 71.62 -6.80 -20.28
N ASN F 327 71.83 -6.17 -21.43
CA ASN F 327 71.21 -6.52 -22.66
C ASN F 327 72.20 -7.24 -23.62
N GLY F 328 71.68 -7.58 -24.80
CA GLY F 328 72.40 -8.33 -25.83
C GLY F 328 73.70 -7.68 -26.25
N GLU F 329 73.66 -6.37 -26.42
CA GLU F 329 74.87 -5.61 -26.79
C GLU F 329 75.88 -5.66 -25.65
N ASN F 330 75.42 -5.44 -24.42
CA ASN F 330 76.27 -5.51 -23.25
C ASN F 330 76.88 -6.90 -23.11
N ALA F 331 76.13 -7.95 -23.40
CA ALA F 331 76.63 -9.30 -23.27
C ALA F 331 77.68 -9.62 -24.31
N LYS F 332 77.49 -9.17 -25.52
CA LYS F 332 78.50 -9.31 -26.58
C LYS F 332 79.83 -8.60 -26.23
N THR F 333 79.70 -7.39 -25.71
CA THR F 333 80.84 -6.59 -25.34
C THR F 333 81.64 -7.32 -24.27
N LEU F 334 80.98 -7.82 -23.23
CA LEU F 334 81.65 -8.54 -22.14
C LEU F 334 82.36 -9.78 -22.63
N ALA F 335 81.67 -10.50 -23.52
CA ALA F 335 82.21 -11.69 -24.13
C ALA F 335 83.46 -11.35 -24.96
N ASP F 336 83.38 -10.35 -25.84
CA ASP F 336 84.54 -9.99 -26.66
C ASP F 336 85.69 -9.50 -25.74
N ASN F 337 85.39 -8.95 -24.55
CA ASN F 337 86.45 -8.53 -23.62
C ASN F 337 86.97 -9.60 -22.66
N GLY F 338 86.60 -10.85 -22.86
CA GLY F 338 87.11 -11.98 -22.05
C GLY F 338 86.31 -12.34 -20.79
N CYS F 339 85.12 -11.78 -20.58
CA CYS F 339 84.21 -12.27 -19.50
C CYS F 339 83.86 -13.78 -19.63
N ARG F 340 84.03 -14.53 -18.53
CA ARG F 340 83.74 -15.95 -18.52
C ARG F 340 82.58 -16.40 -17.59
N PHE F 341 82.21 -15.54 -16.62
CA PHE F 341 81.12 -15.87 -15.70
C PHE F 341 80.23 -14.67 -15.48
N VAL F 342 78.91 -14.89 -15.55
CA VAL F 342 77.92 -13.93 -15.15
C VAL F 342 77.10 -14.59 -14.08
N ALA F 343 76.88 -13.93 -12.95
CA ALA F 343 75.88 -14.40 -11.96
C ALA F 343 75.03 -13.22 -11.45
N GLU F 344 73.73 -13.47 -11.36
CA GLU F 344 72.73 -12.45 -11.15
C GLU F 344 72.38 -12.30 -9.66
N GLY F 345 72.78 -11.16 -9.10
CA GLY F 345 72.33 -10.76 -7.79
C GLY F 345 70.96 -10.12 -7.85
N ALA F 346 70.71 -9.34 -8.88
CA ALA F 346 69.43 -8.81 -9.16
C ALA F 346 68.49 -9.88 -9.69
N ASN F 347 67.21 -9.53 -9.65
CA ASN F 347 66.19 -10.32 -10.28
C ASN F 347 66.05 -9.97 -11.76
N MET F 348 66.29 -10.96 -12.61
CA MET F 348 66.24 -10.85 -14.09
C MET F 348 67.01 -9.65 -14.70
N PRO F 349 68.27 -9.40 -14.28
CA PRO F 349 69.00 -8.33 -14.91
C PRO F 349 69.30 -8.57 -16.37
N SER F 350 69.49 -9.82 -16.78
CA SER F 350 69.83 -10.20 -18.17
C SER F 350 68.62 -10.38 -19.07
N THR F 351 68.62 -9.70 -20.23
CA THR F 351 67.53 -9.77 -21.18
C THR F 351 67.64 -11.12 -21.89
N PRO F 352 66.55 -11.56 -22.58
CA PRO F 352 66.62 -12.86 -23.27
C PRO F 352 67.79 -12.97 -24.30
N GLU F 353 68.01 -11.89 -25.06
CA GLU F 353 69.16 -11.75 -25.99
C GLU F 353 70.49 -12.00 -25.28
N ALA F 354 70.64 -11.45 -24.08
CA ALA F 354 71.88 -11.56 -23.35
C ALA F 354 72.08 -13.00 -22.92
N VAL F 355 71.01 -13.65 -22.47
CA VAL F 355 71.12 -15.03 -22.01
C VAL F 355 71.59 -15.89 -23.18
N GLU F 356 71.12 -15.51 -24.38
CA GLU F 356 71.52 -16.10 -25.65
C GLU F 356 72.98 -15.90 -26.01
N VAL F 357 73.46 -14.69 -25.84
CA VAL F 357 74.85 -14.43 -26.10
C VAL F 357 75.71 -15.25 -25.14
N PHE F 358 75.35 -15.32 -23.86
CA PHE F 358 76.11 -16.09 -22.89
C PHE F 358 76.22 -17.56 -23.28
N ARG F 359 75.12 -18.10 -23.78
CA ARG F 359 75.05 -19.49 -24.23
C ARG F 359 75.93 -19.72 -25.45
N GLU F 360 75.79 -18.89 -26.46
CA GLU F 360 76.58 -18.99 -27.67
C GLU F 360 78.11 -18.77 -27.46
N ARG F 361 78.48 -17.91 -26.51
CA ARG F 361 79.88 -17.58 -26.26
C ARG F 361 80.47 -18.43 -25.12
N ASP F 362 79.72 -19.44 -24.67
CA ASP F 362 80.16 -20.35 -23.64
C ASP F 362 80.56 -19.57 -22.38
N ILE F 363 79.65 -18.73 -21.94
CA ILE F 363 79.85 -17.99 -20.72
C ILE F 363 78.93 -18.67 -19.72
N ARG F 364 79.49 -19.02 -18.58
CA ARG F 364 78.75 -19.67 -17.52
C ARG F 364 77.88 -18.60 -16.84
N PHE F 365 76.59 -18.91 -16.71
CA PHE F 365 75.54 -18.00 -16.32
C PHE F 365 74.73 -18.59 -15.13
N GLY F 366 74.84 -17.96 -13.96
CA GLY F 366 74.07 -18.30 -12.76
C GLY F 366 72.81 -17.44 -12.73
N PRO F 367 71.64 -18.05 -12.94
CA PRO F 367 70.44 -17.20 -12.99
C PRO F 367 70.10 -16.62 -11.60
N GLY F 368 69.45 -15.48 -11.57
CA GLY F 368 68.96 -14.89 -10.34
C GLY F 368 68.23 -15.82 -9.37
N LYS F 369 67.35 -16.69 -9.90
CA LYS F 369 66.57 -17.51 -8.98
C LYS F 369 67.45 -18.49 -8.18
N ALA F 370 68.64 -18.82 -8.71
CA ALA F 370 69.62 -19.61 -7.95
C ALA F 370 70.59 -18.70 -7.18
N ALA F 371 71.25 -17.82 -7.92
CA ALA F 371 72.37 -17.02 -7.40
C ALA F 371 72.01 -16.03 -6.32
N ASN F 372 70.81 -15.45 -6.38
CA ASN F 372 70.40 -14.49 -5.38
C ASN F 372 69.50 -15.07 -4.25
N ALA F 373 69.39 -16.40 -4.21
CA ALA F 373 68.50 -17.14 -3.28
C ALA F 373 68.96 -17.13 -1.82
N GLY F 374 70.23 -16.77 -1.63
CA GLY F 374 70.80 -16.57 -0.32
C GLY F 374 70.03 -15.60 0.57
N GLY F 375 69.43 -14.60 -0.03
CA GLY F 375 68.73 -13.61 0.75
C GLY F 375 67.43 -14.18 1.31
N VAL F 376 66.61 -14.76 0.44
CA VAL F 376 65.38 -15.38 0.91
C VAL F 376 65.60 -16.61 1.84
N ALA F 377 66.62 -17.40 1.56
CA ALA F 377 67.03 -18.49 2.45
C ALA F 377 67.37 -18.01 3.84
N THR F 378 68.13 -16.93 3.92
CA THR F 378 68.50 -16.37 5.20
C THR F 378 67.29 -15.73 5.85
N SER F 379 66.36 -15.20 5.06
CA SER F 379 65.07 -14.80 5.62
C SER F 379 64.32 -15.96 6.24
N ALA F 380 64.32 -17.11 5.57
CA ALA F 380 63.59 -18.24 6.14
C ALA F 380 64.30 -18.72 7.44
N LEU F 381 65.60 -18.53 7.50
CA LEU F 381 66.35 -18.79 8.72
C LEU F 381 65.97 -17.80 9.80
N GLU F 382 65.74 -16.53 9.46
CA GLU F 382 65.15 -15.59 10.43
C GLU F 382 63.77 -16.06 10.97
N MET F 383 62.88 -16.50 10.08
CA MET F 383 61.58 -17.06 10.49
C MET F 383 61.76 -18.25 11.44
N GLN F 384 62.78 -19.07 11.17
CA GLN F 384 63.05 -20.26 11.97
C GLN F 384 63.53 -19.86 13.34
N GLN F 385 64.46 -18.94 13.38
CA GLN F 385 64.87 -18.35 14.65
C GLN F 385 63.67 -17.82 15.42
N ASN F 386 62.85 -17.04 14.73
CA ASN F 386 61.65 -16.45 15.31
C ASN F 386 60.66 -17.51 15.84
N ALA F 387 60.37 -18.52 15.03
CA ALA F 387 59.40 -19.59 15.43
C ALA F 387 59.88 -20.39 16.70
N SER F 388 61.19 -20.43 16.89
CA SER F 388 61.89 -21.06 18.03
C SER F 388 62.24 -20.12 19.19
N ARG F 389 61.98 -18.84 19.02
CA ARG F 389 62.44 -17.79 19.95
C ARG F 389 63.96 -17.90 20.26
N ASP F 390 64.75 -18.20 19.26
CA ASP F 390 66.19 -18.47 19.43
C ASP F 390 66.95 -17.46 18.58
N SER F 391 68.22 -17.28 18.86
CA SER F 391 69.07 -16.30 18.17
C SER F 391 70.42 -16.93 17.85
N TRP F 392 70.71 -17.12 16.57
CA TRP F 392 71.96 -17.78 16.19
C TRP F 392 73.05 -16.76 15.98
N SER F 393 74.28 -17.21 16.19
CA SER F 393 75.47 -16.44 15.91
C SER F 393 75.64 -16.20 14.42
N PHE F 394 76.45 -15.20 14.08
CA PHE F 394 76.84 -14.90 12.72
C PHE F 394 77.44 -16.12 12.04
N GLU F 395 78.35 -16.77 12.75
CA GLU F 395 79.16 -17.83 12.13
C GLU F 395 78.31 -19.03 11.86
N TYR F 396 77.42 -19.37 12.77
CA TYR F 396 76.50 -20.46 12.55
C TYR F 396 75.64 -20.19 11.30
N THR F 397 75.10 -18.97 11.17
CA THR F 397 74.11 -18.65 10.10
C THR F 397 74.77 -18.57 8.71
N ASP F 398 75.91 -17.88 8.68
CA ASP F 398 76.78 -17.87 7.49
C ASP F 398 77.18 -19.28 7.02
N GLU F 399 77.55 -20.16 7.95
CA GLU F 399 77.88 -21.51 7.55
C GLU F 399 76.64 -22.19 6.96
N ARG F 400 75.48 -22.00 7.58
CA ARG F 400 74.22 -22.43 6.95
C ARG F 400 73.98 -21.88 5.53
N LEU F 401 74.23 -20.58 5.32
CA LEU F 401 74.06 -19.94 4.02
C LEU F 401 75.01 -20.57 3.00
N GLN F 402 76.26 -20.77 3.39
CA GLN F 402 77.24 -21.40 2.49
C GLN F 402 76.79 -22.81 2.03
N VAL F 403 76.31 -23.61 2.96
CA VAL F 403 75.89 -24.96 2.61
C VAL F 403 74.71 -24.80 1.64
N ILE F 404 73.79 -23.89 1.91
CA ILE F 404 72.63 -23.76 1.04
C ILE F 404 72.98 -23.40 -0.41
N MET F 405 73.88 -22.42 -0.59
CA MET F 405 74.30 -21.99 -1.93
C MET F 405 75.04 -23.09 -2.65
N LYS F 406 75.93 -23.76 -1.93
CA LYS F 406 76.56 -24.98 -2.44
C LYS F 406 75.52 -26.01 -2.83
N ASN F 407 74.52 -26.31 -1.99
CA ASN F 407 73.42 -27.21 -2.40
C ASN F 407 72.58 -26.72 -3.62
N ILE F 408 72.29 -25.42 -3.68
CA ILE F 408 71.59 -24.86 -4.85
C ILE F 408 72.40 -25.08 -6.13
N PHE F 409 73.73 -24.84 -6.06
CA PHE F 409 74.60 -25.05 -7.22
C PHE F 409 74.53 -26.49 -7.68
N LYS F 410 74.76 -27.41 -6.76
CA LYS F 410 74.72 -28.83 -7.04
C LYS F 410 73.40 -29.30 -7.68
N THR F 411 72.28 -28.87 -7.12
CA THR F 411 70.95 -29.19 -7.66
C THR F 411 70.81 -28.67 -9.11
N CYS F 412 71.21 -27.43 -9.33
CA CYS F 412 71.17 -26.87 -10.69
C CYS F 412 72.06 -27.66 -11.67
N ALA F 413 73.30 -27.95 -11.26
CA ALA F 413 74.26 -28.67 -12.10
C ALA F 413 73.76 -30.09 -12.42
N GLU F 414 73.37 -30.84 -11.38
CA GLU F 414 72.88 -32.21 -11.57
C GLU F 414 71.54 -32.30 -12.32
N THR F 415 70.59 -31.40 -12.04
CA THR F 415 69.31 -31.47 -12.73
C THR F 415 69.50 -31.09 -14.21
N ALA F 416 70.35 -30.09 -14.46
CA ALA F 416 70.75 -29.71 -15.82
C ALA F 416 71.32 -30.91 -16.57
N ALA F 417 72.24 -31.68 -15.95
CA ALA F 417 72.86 -32.84 -16.61
C ALA F 417 71.89 -34.01 -16.78
N GLU F 418 71.12 -34.30 -15.75
CA GLU F 418 70.07 -35.30 -15.79
C GLU F 418 69.13 -35.12 -16.98
N TYR F 419 68.78 -33.89 -17.34
CA TYR F 419 67.94 -33.66 -18.51
C TYR F 419 68.77 -33.43 -19.78
N GLY F 420 70.04 -33.82 -19.80
CA GLY F 420 70.88 -33.61 -20.98
C GLY F 420 71.10 -32.16 -21.42
N HIS F 421 71.30 -31.24 -20.48
CA HIS F 421 71.69 -29.83 -20.78
C HIS F 421 72.81 -29.44 -19.84
N GLU F 422 73.87 -30.25 -19.85
CA GLU F 422 75.08 -30.11 -19.03
C GLU F 422 75.56 -28.62 -18.91
N ASN F 423 75.79 -28.18 -17.67
CA ASN F 423 76.22 -26.78 -17.37
C ASN F 423 75.24 -25.61 -17.67
N ASP F 424 74.00 -25.92 -18.12
CA ASP F 424 72.93 -24.92 -18.28
C ASP F 424 72.12 -24.80 -16.96
N TYR F 425 72.61 -23.94 -16.10
CA TYR F 425 72.05 -23.73 -14.78
C TYR F 425 70.65 -23.11 -14.79
N VAL F 426 70.32 -22.39 -15.85
CA VAL F 426 68.95 -21.92 -16.05
C VAL F 426 68.00 -23.11 -16.13
N VAL F 427 68.32 -24.10 -16.99
CA VAL F 427 67.49 -25.28 -17.10
C VAL F 427 67.48 -26.02 -15.75
N GLY F 428 68.62 -26.11 -15.09
CA GLY F 428 68.69 -26.81 -13.80
C GLY F 428 67.80 -26.16 -12.71
N ALA F 429 67.87 -24.84 -12.59
CA ALA F 429 67.10 -24.07 -11.60
C ALA F 429 65.63 -24.21 -11.84
N ASN F 430 65.20 -23.97 -13.06
CA ASN F 430 63.79 -23.99 -13.37
C ASN F 430 63.17 -25.33 -13.07
N ILE F 431 63.81 -26.37 -13.55
CA ILE F 431 63.25 -27.72 -13.41
C ILE F 431 63.18 -28.16 -11.94
N ALA F 432 64.30 -28.03 -11.20
CA ALA F 432 64.37 -28.44 -9.80
C ALA F 432 63.37 -27.64 -8.96
N GLY F 433 63.20 -26.36 -9.28
CA GLY F 433 62.30 -25.52 -8.52
C GLY F 433 60.86 -25.93 -8.77
N PHE F 434 60.59 -26.18 -10.04
CA PHE F 434 59.27 -26.51 -10.48
C PHE F 434 58.79 -27.85 -9.95
N LYS F 435 59.64 -28.85 -10.06
CA LYS F 435 59.26 -30.19 -9.66
C LYS F 435 58.87 -30.32 -8.17
N LYS F 436 59.55 -29.61 -7.29
CA LYS F 436 59.18 -29.67 -5.87
C LYS F 436 57.78 -29.02 -5.67
N VAL F 437 57.55 -27.88 -6.33
CA VAL F 437 56.30 -27.15 -6.19
C VAL F 437 55.17 -27.92 -6.78
N ALA F 438 55.43 -28.52 -7.93
CA ALA F 438 54.40 -29.25 -8.63
C ALA F 438 54.03 -30.53 -7.87
N ASP F 439 55.01 -31.21 -7.26
CA ASP F 439 54.69 -32.42 -6.48
C ASP F 439 53.81 -32.06 -5.31
N ALA F 440 54.12 -30.94 -4.66
CA ALA F 440 53.32 -30.46 -3.54
C ALA F 440 51.91 -30.05 -3.97
N MET F 441 51.82 -29.41 -5.14
CA MET F 441 50.49 -29.01 -5.66
C MET F 441 49.62 -30.23 -5.97
N LEU F 442 50.24 -31.26 -6.52
CA LEU F 442 49.48 -32.45 -6.86
C LEU F 442 48.95 -33.18 -5.61
N ALA F 443 49.75 -33.25 -4.55
CA ALA F 443 49.33 -33.82 -3.27
C ALA F 443 48.21 -33.00 -2.55
N GLN F 444 48.20 -31.69 -2.68
CA GLN F 444 47.23 -30.87 -1.93
C GLN F 444 45.89 -30.55 -2.64
N GLY F 445 45.68 -31.06 -3.85
CA GLY F 445 44.38 -30.97 -4.48
C GLY F 445 44.13 -29.72 -5.28
N VAL F 446 42.93 -29.63 -5.80
CA VAL F 446 42.53 -28.49 -6.57
C VAL F 446 42.09 -27.42 -5.61
N ILE F 447 43.00 -26.47 -5.35
CA ILE F 447 42.80 -25.35 -4.37
C ILE F 447 43.35 -23.96 -4.85
N MET G 1 -18.96 55.99 4.15
CA MET G 1 -17.67 55.98 3.38
C MET G 1 -16.76 54.82 3.81
N THR G 2 -16.41 54.72 5.09
CA THR G 2 -15.49 53.66 5.53
C THR G 2 -16.10 52.26 5.35
N VAL G 3 -15.23 51.31 5.12
CA VAL G 3 -15.62 49.92 5.16
C VAL G 3 -16.25 49.57 6.53
N ASP G 4 -15.69 50.09 7.62
CA ASP G 4 -16.22 49.83 8.97
C ASP G 4 -17.70 50.25 9.06
N GLU G 5 -18.01 51.47 8.60
CA GLU G 5 -19.41 52.01 8.50
C GLU G 5 -20.30 51.21 7.55
N GLN G 6 -19.80 50.91 6.35
CA GLN G 6 -20.58 50.16 5.35
C GLN G 6 -21.00 48.80 5.92
N VAL G 7 -20.06 48.07 6.50
CA VAL G 7 -20.38 46.74 7.02
C VAL G 7 -21.27 46.79 8.26
N SER G 8 -21.08 47.78 9.12
CA SER G 8 -21.89 47.92 10.34
C SER G 8 -23.33 48.32 10.10
N ASN G 9 -23.57 49.18 9.10
CA ASN G 9 -24.94 49.53 8.69
C ASN G 9 -25.64 48.31 8.14
N TYR G 10 -24.95 47.55 7.27
CA TYR G 10 -25.47 46.28 6.79
C TYR G 10 -25.86 45.36 7.97
N TYR G 11 -24.95 45.20 8.93
CA TYR G 11 -25.25 44.41 10.14
C TYR G 11 -26.53 44.87 10.90
N ASP G 12 -26.75 46.19 11.01
CA ASP G 12 -27.96 46.76 11.66
C ASP G 12 -29.25 46.40 10.89
N MET G 13 -29.17 46.45 9.57
CA MET G 13 -30.23 45.94 8.68
C MET G 13 -30.60 44.48 9.07
N LEU G 14 -29.56 43.65 9.00
CA LEU G 14 -29.65 42.22 9.17
C LEU G 14 -30.26 41.87 10.53
N LEU G 15 -29.81 42.53 11.57
CA LEU G 15 -30.46 42.51 12.88
C LEU G 15 -31.99 42.83 12.87
N LYS G 16 -32.42 43.81 12.07
CA LYS G 16 -33.86 44.14 11.93
C LYS G 16 -34.63 43.10 11.11
N ARG G 17 -34.14 42.81 9.91
CA ARG G 17 -34.80 41.79 9.08
C ARG G 17 -34.87 40.40 9.77
N ASN G 18 -33.87 40.07 10.58
CA ASN G 18 -33.82 38.81 11.32
C ASN G 18 -33.96 38.96 12.85
N ALA G 19 -34.84 39.85 13.31
CA ALA G 19 -35.01 40.00 14.76
C ALA G 19 -35.28 38.68 15.45
N GLY G 20 -34.66 38.51 16.61
CA GLY G 20 -35.02 37.39 17.50
C GLY G 20 -34.26 36.12 17.20
N GLU G 21 -33.16 36.21 16.44
CA GLU G 21 -32.31 35.05 16.10
C GLU G 21 -30.86 35.30 16.51
N PRO G 22 -30.56 35.24 17.83
CA PRO G 22 -29.24 35.61 18.39
C PRO G 22 -28.07 34.76 17.92
N GLU G 23 -28.31 33.47 17.81
CA GLU G 23 -27.28 32.56 17.35
C GLU G 23 -26.88 32.95 15.94
N PHE G 24 -27.87 33.31 15.10
CA PHE G 24 -27.60 33.73 13.74
C PHE G 24 -26.84 35.06 13.70
N HIS G 25 -27.23 36.01 14.55
CA HIS G 25 -26.49 37.29 14.67
C HIS G 25 -24.99 37.11 15.08
N GLN G 26 -24.81 36.29 16.11
CA GLN G 26 -23.51 35.89 16.60
C GLN G 26 -22.57 35.37 15.49
N ALA G 27 -23.08 34.42 14.70
CA ALA G 27 -22.30 33.82 13.64
C ALA G 27 -22.05 34.81 12.50
N VAL G 28 -23.06 35.60 12.16
CA VAL G 28 -22.86 36.60 11.10
C VAL G 28 -21.91 37.69 11.60
N ALA G 29 -22.05 38.11 12.87
CA ALA G 29 -21.13 39.13 13.45
C ALA G 29 -19.66 38.76 13.27
N GLU G 30 -19.26 37.57 13.72
CA GLU G 30 -17.83 37.15 13.61
C GLU G 30 -17.31 37.08 12.19
N VAL G 31 -18.12 36.57 11.27
CA VAL G 31 -17.75 36.61 9.85
C VAL G 31 -17.64 38.06 9.35
N LEU G 32 -18.57 38.93 9.70
CA LEU G 32 -18.49 40.29 9.19
C LEU G 32 -17.24 41.01 9.73
N GLU G 33 -16.83 40.76 10.98
CA GLU G 33 -15.56 41.32 11.47
C GLU G 33 -14.38 40.95 10.55
N SER G 34 -14.24 39.68 10.21
CA SER G 34 -13.19 39.28 9.24
C SER G 34 -13.36 39.89 7.86
N LEU G 35 -14.58 40.03 7.39
CA LEU G 35 -14.79 40.66 6.07
C LEU G 35 -14.39 42.12 6.00
N LYS G 36 -14.45 42.86 7.10
CA LYS G 36 -13.89 44.24 7.07
C LYS G 36 -12.43 44.22 6.59
N ILE G 37 -11.66 43.24 7.09
CA ILE G 37 -10.25 43.05 6.69
C ILE G 37 -10.13 42.78 5.20
N VAL G 38 -11.00 41.94 4.64
CA VAL G 38 -10.99 41.67 3.16
C VAL G 38 -11.25 42.92 2.30
N LEU G 39 -12.21 43.73 2.70
CA LEU G 39 -12.64 44.91 1.91
C LEU G 39 -11.65 46.08 1.99
N GLU G 40 -10.99 46.29 3.12
CA GLU G 40 -9.89 47.27 3.22
C GLU G 40 -8.77 47.03 2.18
N LYS G 41 -8.54 45.78 1.77
CA LYS G 41 -7.53 45.46 0.72
C LYS G 41 -8.10 45.29 -0.70
N ASP G 42 -9.25 44.64 -0.81
CA ASP G 42 -9.88 44.28 -2.08
C ASP G 42 -11.38 44.69 -2.01
N PRO G 43 -11.69 46.01 -2.19
CA PRO G 43 -13.08 46.49 -2.02
C PRO G 43 -14.13 46.11 -3.09
N HIS G 44 -13.70 45.50 -4.20
CA HIS G 44 -14.59 44.92 -5.23
C HIS G 44 -15.23 43.54 -4.92
N TYR G 45 -14.97 43.01 -3.73
CA TYR G 45 -15.72 41.87 -3.18
C TYR G 45 -17.09 42.29 -2.63
N ALA G 46 -17.29 43.58 -2.39
CA ALA G 46 -18.61 44.15 -2.08
C ALA G 46 -19.46 44.50 -3.33
N ASP G 47 -18.86 44.48 -4.52
CA ASP G 47 -19.54 44.73 -5.80
C ASP G 47 -20.75 43.81 -6.01
N TYR G 48 -21.79 44.33 -6.67
CA TYR G 48 -22.98 43.57 -7.08
C TYR G 48 -23.78 42.94 -5.89
N GLY G 49 -23.92 43.72 -4.84
CA GLY G 49 -24.62 43.28 -3.65
C GLY G 49 -24.15 41.92 -3.16
N LEU G 50 -22.86 41.64 -3.35
CA LEU G 50 -22.32 40.31 -3.01
C LEU G 50 -22.64 39.91 -1.55
N ILE G 51 -22.27 40.76 -0.60
CA ILE G 51 -22.46 40.46 0.84
C ILE G 51 -23.96 40.40 1.25
N GLN G 52 -24.75 41.28 0.65
CA GLN G 52 -26.18 41.31 0.87
C GLN G 52 -26.80 40.00 0.37
N ARG G 53 -26.31 39.50 -0.75
CA ARG G 53 -26.74 38.21 -1.27
C ARG G 53 -26.26 37.03 -0.42
N LEU G 54 -24.97 37.04 -0.03
CA LEU G 54 -24.39 35.97 0.77
C LEU G 54 -25.14 35.75 2.09
N CYS G 55 -25.55 36.83 2.76
CA CYS G 55 -26.15 36.70 4.11
C CYS G 55 -27.68 36.40 4.11
N GLU G 56 -28.32 36.47 2.93
CA GLU G 56 -29.73 36.08 2.78
C GLU G 56 -29.82 34.65 2.15
N PRO G 57 -30.36 33.69 2.87
CA PRO G 57 -30.45 32.33 2.31
C PRO G 57 -31.12 32.26 0.96
N GLU G 58 -30.59 31.43 0.05
CA GLU G 58 -31.29 31.17 -1.24
C GLU G 58 -32.72 30.74 -1.02
N ARG G 59 -32.95 29.93 -0.01
CA ARG G 59 -34.27 29.37 0.21
C ARG G 59 -34.33 28.76 1.61
N GLN G 60 -35.50 28.83 2.26
CA GLN G 60 -35.70 28.33 3.60
C GLN G 60 -37.10 27.70 3.56
N LEU G 61 -37.19 26.51 4.16
CA LEU G 61 -38.38 25.71 4.18
C LEU G 61 -38.70 25.37 5.62
N ILE G 62 -39.89 25.67 6.05
CA ILE G 62 -40.38 25.38 7.41
C ILE G 62 -41.65 24.58 7.15
N PHE G 63 -41.78 23.42 7.77
CA PHE G 63 -42.91 22.58 7.46
C PHE G 63 -43.42 21.83 8.67
N ARG G 64 -44.69 21.50 8.58
CA ARG G 64 -45.35 20.70 9.60
C ARG G 64 -44.90 19.26 9.47
N VAL G 65 -44.63 18.63 10.61
CA VAL G 65 -44.31 17.22 10.69
C VAL G 65 -45.25 16.53 11.67
N PRO G 66 -46.42 16.04 11.20
CA PRO G 66 -47.27 15.24 12.10
C PRO G 66 -46.76 13.76 12.24
N TRP G 67 -46.94 13.17 13.42
CA TRP G 67 -46.60 11.79 13.63
C TRP G 67 -47.41 11.25 14.84
N VAL G 68 -47.49 9.93 14.96
CA VAL G 68 -48.30 9.26 15.93
C VAL G 68 -47.39 8.46 16.85
N ASP G 69 -47.53 8.64 18.16
CA ASP G 69 -46.70 7.91 19.13
C ASP G 69 -47.21 6.49 19.30
N ASP G 70 -46.46 5.68 20.06
CA ASP G 70 -46.84 4.28 20.28
C ASP G 70 -48.16 4.08 21.05
N GLN G 71 -48.71 5.13 21.70
CA GLN G 71 -50.04 5.10 22.33
C GLN G 71 -51.17 5.63 21.43
N GLY G 72 -50.90 5.79 20.13
CA GLY G 72 -51.92 6.24 19.17
C GLY G 72 -52.20 7.72 19.23
N GLN G 73 -51.29 8.46 19.83
CA GLN G 73 -51.51 9.86 20.08
C GLN G 73 -50.72 10.70 19.06
N VAL G 74 -51.40 11.72 18.51
CA VAL G 74 -50.91 12.52 17.44
C VAL G 74 -50.13 13.71 18.01
N HIS G 75 -48.90 13.87 17.53
CA HIS G 75 -48.00 14.99 17.86
C HIS G 75 -47.66 15.74 16.56
N VAL G 76 -47.25 16.99 16.73
CA VAL G 76 -46.94 17.85 15.61
C VAL G 76 -45.68 18.57 15.95
N ASN G 77 -44.63 18.32 15.18
CA ASN G 77 -43.40 19.07 15.29
C ASN G 77 -43.17 19.85 14.03
N ARG G 78 -42.16 20.71 14.12
CA ARG G 78 -41.79 21.60 13.09
C ARG G 78 -40.47 21.13 12.49
N GLY G 79 -40.39 21.24 11.16
CA GLY G 79 -39.23 20.86 10.38
C GLY G 79 -38.66 22.02 9.67
N PHE G 80 -37.33 22.02 9.48
CA PHE G 80 -36.62 23.10 8.79
C PHE G 80 -35.61 22.53 7.77
N ARG G 81 -35.49 23.21 6.65
CA ARG G 81 -34.32 23.05 5.77
C ARG G 81 -34.00 24.41 5.22
N VAL G 82 -32.80 24.88 5.50
CA VAL G 82 -32.28 26.10 4.97
C VAL G 82 -31.22 25.78 3.94
N GLN G 83 -31.47 26.24 2.71
CA GLN G 83 -30.60 26.06 1.59
C GLN G 83 -29.85 27.41 1.41
N PHE G 84 -28.70 27.54 2.07
CA PHE G 84 -28.10 28.82 2.25
C PHE G 84 -27.46 29.39 1.00
N ASN G 85 -26.59 28.61 0.36
CA ASN G 85 -25.70 29.10 -0.72
C ASN G 85 -25.28 27.91 -1.54
N SER G 86 -25.41 27.99 -2.87
CA SER G 86 -25.09 26.89 -3.81
C SER G 86 -24.03 27.26 -4.86
N ALA G 87 -23.23 28.28 -4.61
CA ALA G 87 -22.27 28.72 -5.57
C ALA G 87 -21.24 27.64 -5.92
N LEU G 88 -20.73 26.96 -4.89
CA LEU G 88 -19.69 25.93 -5.06
C LEU G 88 -20.17 24.53 -5.23
N GLY G 89 -21.45 24.30 -4.98
CA GLY G 89 -21.99 22.97 -5.16
C GLY G 89 -23.40 22.85 -4.62
N PRO G 90 -23.91 21.61 -4.56
CA PRO G 90 -25.26 21.45 -4.01
C PRO G 90 -25.24 21.84 -2.54
N TYR G 91 -26.39 22.20 -1.99
CA TYR G 91 -26.41 22.62 -0.58
C TYR G 91 -26.00 21.35 0.19
N LYS G 92 -25.21 21.54 1.25
CA LYS G 92 -24.71 20.40 2.01
C LYS G 92 -24.66 20.71 3.46
N GLY G 93 -25.28 19.84 4.24
CA GLY G 93 -25.18 19.89 5.68
C GLY G 93 -26.26 19.10 6.36
N GLY G 94 -25.97 18.82 7.61
CA GLY G 94 -26.78 17.94 8.44
C GLY G 94 -28.17 18.41 8.88
N LEU G 95 -28.81 17.47 9.55
CA LEU G 95 -30.09 17.59 10.17
C LEU G 95 -29.92 17.45 11.69
N ARG G 96 -30.51 18.35 12.44
CA ARG G 96 -30.47 18.37 13.90
C ARG G 96 -31.88 18.11 14.47
N PHE G 97 -32.05 17.02 15.19
CA PHE G 97 -33.29 16.76 15.94
C PHE G 97 -33.05 16.98 17.42
N HIS G 98 -33.48 18.13 17.95
CA HIS G 98 -33.34 18.49 19.39
C HIS G 98 -34.46 19.50 19.72
N PRO G 99 -34.99 19.47 20.97
CA PRO G 99 -36.05 20.40 21.33
C PRO G 99 -35.75 21.89 21.28
N SER G 100 -34.51 22.29 21.19
CA SER G 100 -34.11 23.70 21.22
C SER G 100 -34.14 24.24 19.81
N VAL G 101 -34.32 23.36 18.80
CA VAL G 101 -34.23 23.78 17.40
C VAL G 101 -35.34 24.76 17.00
N ASN G 102 -34.89 25.85 16.41
CA ASN G 102 -35.72 26.85 15.77
C ASN G 102 -34.95 27.37 14.52
N LEU G 103 -35.62 28.25 13.78
CA LEU G 103 -35.14 28.77 12.54
C LEU G 103 -33.81 29.54 12.66
N GLY G 104 -33.68 30.32 13.72
CA GLY G 104 -32.51 31.14 13.91
C GLY G 104 -31.28 30.27 14.09
N ILE G 105 -31.45 29.14 14.78
CA ILE G 105 -30.38 28.18 15.02
C ILE G 105 -29.96 27.45 13.72
N VAL G 106 -30.97 26.99 12.98
CA VAL G 106 -30.72 26.35 11.70
C VAL G 106 -29.96 27.29 10.76
N LYS G 107 -30.28 28.58 10.83
CA LYS G 107 -29.61 29.54 9.99
C LYS G 107 -28.19 29.83 10.43
N PHE G 108 -27.97 29.80 11.74
CA PHE G 108 -26.60 29.97 12.21
C PHE G 108 -25.77 28.80 11.62
N LEU G 109 -26.31 27.60 11.69
CA LEU G 109 -25.58 26.39 11.31
C LEU G 109 -25.33 26.41 9.82
N GLY G 110 -26.37 26.75 9.07
CA GLY G 110 -26.34 26.86 7.61
C GLY G 110 -25.38 27.89 7.08
N PHE G 111 -25.28 29.03 7.77
CA PHE G 111 -24.35 30.10 7.41
C PHE G 111 -22.90 29.70 7.62
N GLU G 112 -22.57 29.17 8.79
CA GLU G 112 -21.24 28.58 9.04
C GLU G 112 -20.88 27.53 8.01
N GLN G 113 -21.88 26.75 7.62
CA GLN G 113 -21.67 25.69 6.68
C GLN G 113 -21.14 26.16 5.30
N ILE G 114 -21.51 27.37 4.88
CA ILE G 114 -21.07 27.84 3.57
C ILE G 114 -19.53 27.90 3.54
N PHE G 115 -18.96 28.45 4.64
CA PHE G 115 -17.54 28.75 4.73
C PHE G 115 -16.72 27.50 5.11
N LYS G 116 -17.30 26.72 6.00
CA LYS G 116 -16.74 25.42 6.26
C LYS G 116 -16.60 24.60 4.97
N ASN G 117 -17.69 24.50 4.24
CA ASN G 117 -17.68 23.67 3.05
C ASN G 117 -16.69 24.19 1.99
N SER G 118 -16.66 25.49 1.77
CA SER G 118 -15.63 26.12 0.96
C SER G 118 -14.20 25.72 1.39
N LEU G 119 -13.96 25.69 2.69
CA LEU G 119 -12.59 25.44 3.21
C LEU G 119 -12.06 24.02 2.91
N THR G 120 -12.98 23.07 2.80
CA THR G 120 -12.62 21.70 2.50
C THR G 120 -11.87 21.53 1.21
N GLY G 121 -12.11 22.42 0.23
CA GLY G 121 -11.57 22.29 -1.13
C GLY G 121 -12.52 21.59 -2.10
N LEU G 122 -13.65 21.10 -1.61
CA LEU G 122 -14.50 20.17 -2.33
C LEU G 122 -15.78 20.86 -2.80
N PRO G 123 -16.42 20.35 -3.86
CA PRO G 123 -17.56 21.05 -4.50
C PRO G 123 -18.93 20.91 -3.77
N ILE G 124 -19.11 21.66 -2.69
CA ILE G 124 -20.34 21.59 -1.86
C ILE G 124 -20.71 23.00 -1.39
N GLY G 125 -22.00 23.33 -1.50
CA GLY G 125 -22.55 24.59 -1.05
C GLY G 125 -23.02 24.39 0.38
N GLY G 126 -23.69 25.38 0.95
CA GLY G 126 -24.09 25.33 2.35
C GLY G 126 -25.57 25.23 2.65
N GLY G 127 -25.90 24.37 3.61
CA GLY G 127 -27.26 24.30 4.14
C GLY G 127 -27.33 23.53 5.44
N LYS G 128 -28.53 23.51 6.02
CA LYS G 128 -28.80 22.82 7.26
C LYS G 128 -30.31 22.65 7.44
N GLY G 129 -30.68 21.74 8.32
CA GLY G 129 -32.06 21.50 8.66
C GLY G 129 -32.21 20.86 10.03
N GLY G 130 -33.44 20.54 10.34
CA GLY G 130 -33.72 19.90 11.58
C GLY G 130 -35.17 19.95 11.95
N SER G 131 -35.39 19.65 13.23
CA SER G 131 -36.71 19.66 13.83
C SER G 131 -36.60 19.87 15.32
N ASP G 132 -37.69 20.43 15.86
CA ASP G 132 -37.80 20.58 17.32
C ASP G 132 -38.14 19.23 18.00
N PHE G 133 -38.38 18.20 17.21
CA PHE G 133 -38.58 16.84 17.72
C PHE G 133 -37.49 16.50 18.73
N ASP G 134 -37.87 15.81 19.83
CA ASP G 134 -36.96 15.30 20.84
C ASP G 134 -36.90 13.76 20.77
N PRO G 135 -35.85 13.18 20.15
CA PRO G 135 -35.79 11.72 20.06
C PRO G 135 -35.52 11.02 21.39
N LYS G 136 -35.10 11.74 22.42
CA LYS G 136 -34.93 11.10 23.72
C LYS G 136 -36.22 10.48 24.23
N GLY G 137 -36.15 9.23 24.64
CA GLY G 137 -37.34 8.59 25.20
C GLY G 137 -38.22 7.92 24.16
N LYS G 138 -37.90 8.05 22.87
CA LYS G 138 -38.76 7.46 21.84
C LYS G 138 -38.31 6.03 21.48
N SER G 139 -39.28 5.19 21.12
CA SER G 139 -38.99 3.86 20.57
C SER G 139 -38.35 3.98 19.18
N ASP G 140 -37.64 2.96 18.71
CA ASP G 140 -37.18 2.92 17.32
C ASP G 140 -38.29 3.12 16.26
N LEU G 141 -39.50 2.59 16.52
CA LEU G 141 -40.63 2.75 15.62
C LEU G 141 -41.16 4.17 15.67
N GLU G 142 -41.23 4.77 16.86
CA GLU G 142 -41.54 6.21 16.91
C GLU G 142 -40.55 7.05 16.07
N ILE G 143 -39.25 6.81 16.27
CA ILE G 143 -38.24 7.56 15.54
C ILE G 143 -38.37 7.36 14.00
N MET G 144 -38.63 6.11 13.58
CA MET G 144 -38.90 5.77 12.18
C MET G 144 -40.13 6.47 11.67
N ARG G 145 -41.22 6.52 12.46
CA ARG G 145 -42.42 7.23 11.99
C ARG G 145 -42.17 8.72 11.86
N PHE G 146 -41.45 9.31 12.81
CA PHE G 146 -41.09 10.70 12.67
C PHE G 146 -40.24 10.98 11.39
N CYS G 147 -39.18 10.17 11.19
CA CYS G 147 -38.27 10.34 10.04
C CYS G 147 -39.04 10.17 8.72
N GLN G 148 -39.93 9.19 8.68
CA GLN G 148 -40.79 9.01 7.54
C GLN G 148 -41.69 10.23 7.26
N SER G 149 -42.31 10.79 8.29
CA SER G 149 -43.12 11.96 8.10
C SER G 149 -42.31 13.17 7.71
N PHE G 150 -41.16 13.35 8.34
CA PHE G 150 -40.23 14.40 7.99
C PHE G 150 -39.80 14.34 6.54
N MET G 151 -39.45 13.14 6.09
CA MET G 151 -38.94 12.98 4.74
C MET G 151 -40.06 13.06 3.70
N THR G 152 -41.32 12.91 4.11
CA THR G 152 -42.41 12.97 3.17
C THR G 152 -42.53 14.37 2.60
N GLU G 153 -42.30 15.37 3.41
CA GLU G 153 -42.10 16.70 2.90
C GLU G 153 -40.69 16.98 2.36
N LEU G 154 -39.65 16.53 3.06
CA LEU G 154 -38.27 16.90 2.64
C LEU G 154 -37.80 16.39 1.22
N HIS G 155 -38.30 15.24 0.78
CA HIS G 155 -37.74 14.55 -0.38
C HIS G 155 -37.81 15.40 -1.66
N ARG G 156 -38.87 16.19 -1.78
CA ARG G 156 -39.04 17.06 -2.92
C ARG G 156 -38.15 18.29 -2.94
N HIS G 157 -37.42 18.58 -1.87
CA HIS G 157 -36.55 19.72 -1.87
C HIS G 157 -35.10 19.30 -1.90
N ILE G 158 -34.86 17.99 -2.03
CA ILE G 158 -33.51 17.49 -1.95
C ILE G 158 -33.20 16.63 -3.17
N GLY G 159 -31.97 16.17 -3.24
CA GLY G 159 -31.50 15.46 -4.37
C GLY G 159 -29.99 15.52 -4.48
N GLU G 160 -29.42 14.51 -5.13
CA GLU G 160 -27.95 14.34 -5.28
C GLU G 160 -27.23 15.57 -5.81
N TYR G 161 -27.88 16.38 -6.66
CA TYR G 161 -27.31 17.68 -7.15
C TYR G 161 -27.98 18.90 -6.56
N ARG G 162 -29.00 18.67 -5.74
CA ARG G 162 -29.81 19.75 -5.23
C ARG G 162 -29.43 20.02 -3.80
N ASP G 163 -29.60 19.05 -2.93
CA ASP G 163 -29.36 19.28 -1.53
C ASP G 163 -29.21 17.93 -0.91
N VAL G 164 -28.11 17.76 -0.18
CA VAL G 164 -27.66 16.48 0.33
C VAL G 164 -27.50 16.54 1.87
N PRO G 165 -28.52 16.11 2.61
CA PRO G 165 -28.38 16.19 4.05
C PRO G 165 -27.45 15.14 4.67
N ALA G 166 -27.43 15.13 6.00
CA ALA G 166 -26.56 14.25 6.81
C ALA G 166 -27.03 14.33 8.26
N GLY G 167 -26.26 13.76 9.17
CA GLY G 167 -26.57 13.85 10.60
C GLY G 167 -26.06 15.12 11.26
N ASP G 168 -26.19 15.13 12.57
CA ASP G 168 -25.83 16.27 13.47
C ASP G 168 -26.48 15.84 14.79
N ILE G 169 -26.74 16.76 15.72
CA ILE G 169 -27.24 16.34 17.03
C ILE G 169 -28.61 15.66 16.88
N GLY G 170 -28.72 14.50 17.47
CA GLY G 170 -29.94 13.69 17.40
C GLY G 170 -30.15 12.83 16.18
N VAL G 171 -29.32 13.00 15.14
CA VAL G 171 -29.45 12.27 13.89
C VAL G 171 -28.13 11.58 13.64
N GLY G 172 -28.09 10.28 13.97
CA GLY G 172 -26.98 9.41 13.67
C GLY G 172 -27.39 8.35 12.63
N GLY G 173 -26.66 7.23 12.64
CA GLY G 173 -26.82 6.12 11.72
C GLY G 173 -28.24 5.56 11.63
N ARG G 174 -28.88 5.38 12.78
CA ARG G 174 -30.26 4.90 12.79
C ARG G 174 -31.20 5.81 11.98
N GLU G 175 -31.12 7.11 12.23
CA GLU G 175 -32.08 8.04 11.64
C GLU G 175 -31.83 8.18 10.12
N ILE G 176 -30.57 8.30 9.72
CA ILE G 176 -30.19 8.33 8.30
C ILE G 176 -30.68 7.12 7.54
N GLY G 177 -30.70 5.95 8.16
CA GLY G 177 -31.33 4.76 7.55
C GLY G 177 -32.80 4.92 7.25
N TYR G 178 -33.55 5.45 8.20
CA TYR G 178 -35.00 5.64 8.03
C TYR G 178 -35.31 6.70 7.00
N LEU G 179 -34.54 7.77 7.06
CA LEU G 179 -34.64 8.91 6.17
C LEU G 179 -34.35 8.51 4.69
N PHE G 180 -33.26 7.79 4.51
CA PHE G 180 -32.84 7.29 3.22
C PHE G 180 -33.86 6.31 2.67
N GLY G 181 -34.27 5.38 3.50
CA GLY G 181 -35.22 4.39 3.07
C GLY G 181 -36.51 5.01 2.63
N HIS G 182 -37.00 5.98 3.39
CA HIS G 182 -38.22 6.64 3.01
C HIS G 182 -38.07 7.53 1.77
N TYR G 183 -36.93 8.25 1.66
CA TYR G 183 -36.58 8.94 0.43
C TYR G 183 -36.74 8.05 -0.83
N ARG G 184 -36.18 6.85 -0.83
CA ARG G 184 -36.25 5.91 -1.98
C ARG G 184 -37.68 5.54 -2.26
N ARG G 185 -38.44 5.36 -1.20
CA ARG G 185 -39.83 5.10 -1.37
C ARG G 185 -40.56 6.30 -1.98
N MET G 186 -40.28 7.51 -1.51
CA MET G 186 -40.95 8.70 -2.07
C MET G 186 -40.58 8.95 -3.53
N ALA G 187 -39.27 8.86 -3.84
CA ALA G 187 -38.72 9.12 -5.16
C ALA G 187 -38.84 7.94 -6.14
N ASN G 188 -39.00 6.73 -5.63
CA ASN G 188 -38.77 5.51 -6.43
C ASN G 188 -37.44 5.55 -7.19
N GLN G 189 -36.37 5.86 -6.45
CA GLN G 189 -34.99 5.93 -7.03
C GLN G 189 -34.08 5.44 -5.96
N HIS G 190 -33.13 4.57 -6.30
CA HIS G 190 -32.08 4.27 -5.38
C HIS G 190 -30.90 5.25 -5.54
N GLU G 191 -31.17 6.47 -5.12
CA GLU G 191 -30.33 7.63 -5.33
C GLU G 191 -29.42 7.78 -4.10
N SER G 192 -28.32 7.04 -4.09
CA SER G 192 -27.38 7.01 -3.02
C SER G 192 -26.81 8.40 -2.61
N GLY G 193 -26.61 9.27 -3.58
CA GLY G 193 -26.02 10.57 -3.33
C GLY G 193 -26.91 11.59 -2.62
N VAL G 194 -28.18 11.23 -2.33
CA VAL G 194 -29.14 12.12 -1.66
C VAL G 194 -28.80 12.47 -0.18
N LEU G 195 -28.05 11.61 0.48
CA LEU G 195 -27.71 11.70 1.87
C LEU G 195 -26.31 11.15 2.06
N THR G 196 -25.61 11.67 3.03
CA THR G 196 -24.38 11.06 3.53
C THR G 196 -24.59 10.58 4.99
N GLY G 197 -23.55 9.98 5.56
CA GLY G 197 -23.67 9.30 6.82
C GLY G 197 -24.36 7.96 6.64
N LYS G 198 -24.43 7.44 5.42
CA LYS G 198 -25.12 6.17 5.17
C LYS G 198 -24.36 4.97 5.63
N GLY G 199 -25.08 3.86 5.76
CA GLY G 199 -24.49 2.60 6.19
C GLY G 199 -23.61 1.94 5.12
N LEU G 200 -22.66 1.14 5.60
CA LEU G 200 -21.60 0.58 4.74
C LEU G 200 -22.10 -0.33 3.62
N THR G 201 -23.21 -1.03 3.83
CA THR G 201 -23.76 -1.92 2.78
C THR G 201 -24.78 -1.26 1.83
N TRP G 202 -25.10 0.01 2.06
CA TRP G 202 -26.03 0.75 1.19
C TRP G 202 -25.49 2.15 0.83
N GLY G 203 -24.25 2.23 0.38
CA GLY G 203 -23.70 3.46 -0.17
C GLY G 203 -22.91 4.35 0.78
N GLY G 204 -22.61 3.88 1.98
CA GLY G 204 -21.86 4.69 2.93
C GLY G 204 -20.38 4.62 2.62
N SER G 205 -19.63 5.42 3.33
CA SER G 205 -18.19 5.52 3.18
C SER G 205 -17.56 5.15 4.51
N LEU G 206 -16.51 4.35 4.43
CA LEU G 206 -15.61 4.15 5.54
C LEU G 206 -15.03 5.49 5.93
N VAL G 207 -14.79 5.62 7.24
CA VAL G 207 -14.21 6.75 7.93
C VAL G 207 -15.24 7.80 8.31
N ARG G 208 -16.44 7.76 7.74
CA ARG G 208 -17.41 8.84 7.96
C ARG G 208 -17.84 8.95 9.40
N THR G 209 -18.12 7.81 10.00
CA THR G 209 -18.43 7.74 11.46
C THR G 209 -17.37 8.45 12.32
N GLU G 210 -16.10 8.20 11.98
CA GLU G 210 -15.00 8.71 12.73
C GLU G 210 -14.56 10.11 12.34
N ALA G 211 -15.06 10.63 11.23
CA ALA G 211 -14.37 11.70 10.51
C ALA G 211 -14.28 13.06 11.22
N THR G 212 -15.32 13.43 11.97
CA THR G 212 -15.40 14.76 12.53
C THR G 212 -14.43 14.88 13.72
N GLY G 213 -14.52 13.92 14.62
CA GLY G 213 -13.62 13.84 15.74
C GLY G 213 -12.18 13.59 15.33
N TYR G 214 -11.98 12.63 14.46
CA TYR G 214 -10.65 12.43 13.84
C TYR G 214 -10.07 13.72 13.25
N GLY G 215 -10.86 14.38 12.43
CA GLY G 215 -10.45 15.60 11.74
C GLY G 215 -10.13 16.75 12.68
N CYS G 216 -10.90 16.85 13.75
CA CYS G 216 -10.68 17.84 14.78
C CYS G 216 -9.34 17.64 15.46
N VAL G 217 -9.06 16.39 15.81
CA VAL G 217 -7.75 16.06 16.40
C VAL G 217 -6.61 16.25 15.39
N TYR G 218 -6.82 15.97 14.10
CA TYR G 218 -5.78 16.18 13.10
C TYR G 218 -5.48 17.72 13.01
N PHE G 219 -6.52 18.54 13.05
CA PHE G 219 -6.38 20.02 13.01
C PHE G 219 -5.65 20.52 14.23
N VAL G 220 -6.08 20.13 15.42
CA VAL G 220 -5.43 20.64 16.61
C VAL G 220 -3.97 20.22 16.64
N SER G 221 -3.69 19.01 16.19
CA SER G 221 -2.32 18.53 16.07
C SER G 221 -1.41 19.46 15.26
N GLU G 222 -1.93 19.99 14.16
CA GLU G 222 -1.23 20.98 13.36
C GLU G 222 -1.06 22.31 14.09
N MET G 223 -2.11 22.77 14.78
CA MET G 223 -1.99 23.96 15.60
C MET G 223 -0.83 23.82 16.61
N ILE G 224 -0.71 22.63 17.19
CA ILE G 224 0.26 22.36 18.26
C ILE G 224 1.69 22.32 17.71
N LYS G 225 1.89 21.60 16.63
CA LYS G 225 3.16 21.58 15.90
C LYS G 225 3.61 22.97 15.50
N ALA G 226 2.67 23.83 15.08
CA ALA G 226 2.99 25.16 14.71
C ALA G 226 3.44 26.04 15.88
N LYS G 227 3.08 25.74 17.13
CA LYS G 227 3.76 26.29 18.33
C LYS G 227 5.08 25.59 18.70
N GLY G 228 5.54 24.61 17.96
CA GLY G 228 6.75 23.88 18.35
C GLY G 228 6.58 22.93 19.53
N GLU G 229 5.35 22.43 19.72
CA GLU G 229 5.00 21.42 20.74
C GLU G 229 4.51 20.14 20.03
N SER G 230 4.11 19.16 20.81
CA SER G 230 3.55 17.89 20.27
C SER G 230 2.34 17.39 21.05
N ILE G 231 1.38 16.81 20.33
CA ILE G 231 0.14 16.36 20.95
C ILE G 231 0.39 15.23 21.95
N SER G 232 1.35 14.34 21.67
CA SER G 232 1.55 13.16 22.54
C SER G 232 2.03 13.62 23.93
N GLY G 233 1.48 13.01 24.98
CA GLY G 233 1.73 13.42 26.35
C GLY G 233 0.89 14.56 26.89
N GLN G 234 0.04 15.16 26.07
CA GLN G 234 -0.83 16.24 26.50
C GLN G 234 -2.12 15.71 27.14
N LYS G 235 -2.63 16.48 28.09
CA LYS G 235 -3.96 16.23 28.69
C LYS G 235 -5.03 17.03 27.98
N ILE G 236 -6.11 16.35 27.61
CA ILE G 236 -7.16 16.96 26.79
C ILE G 236 -8.55 16.77 27.42
N ILE G 237 -9.33 17.84 27.37
CA ILE G 237 -10.74 17.77 27.74
C ILE G 237 -11.53 17.65 26.43
N VAL G 238 -12.42 16.68 26.35
CA VAL G 238 -13.37 16.63 25.24
C VAL G 238 -14.78 16.71 25.77
N SER G 239 -15.47 17.82 25.57
CA SER G 239 -16.86 17.84 26.05
C SER G 239 -17.74 17.09 25.07
N GLY G 240 -18.84 16.57 25.59
CA GLY G 240 -19.75 15.79 24.78
C GLY G 240 -19.42 14.31 24.88
N SER G 241 -20.35 13.51 24.40
CA SER G 241 -20.15 12.06 24.36
C SER G 241 -20.91 11.38 23.23
N GLY G 242 -21.17 12.13 22.15
CA GLY G 242 -21.87 11.62 20.97
C GLY G 242 -20.88 11.29 19.87
N ASN G 243 -21.28 11.51 18.62
CA ASN G 243 -20.48 11.13 17.46
C ASN G 243 -19.13 11.86 17.43
N VAL G 244 -19.17 13.16 17.54
CA VAL G 244 -17.95 13.95 17.44
C VAL G 244 -17.03 13.65 18.59
N ALA G 245 -17.55 13.76 19.82
CA ALA G 245 -16.72 13.50 21.04
C ALA G 245 -16.04 12.13 21.02
N THR G 246 -16.83 11.11 20.75
CA THR G 246 -16.33 9.73 20.77
C THR G 246 -15.06 9.55 19.96
N TYR G 247 -15.06 10.02 18.72
CA TYR G 247 -13.89 9.74 17.88
C TYR G 247 -12.77 10.77 18.03
N ALA G 248 -13.05 11.95 18.56
CA ALA G 248 -11.96 12.84 18.96
C ALA G 248 -11.15 12.17 20.06
N ILE G 249 -11.86 11.59 21.00
CA ILE G 249 -11.26 10.90 22.14
C ILE G 249 -10.37 9.76 21.68
N GLU G 250 -10.92 8.91 20.81
CA GLU G 250 -10.23 7.78 20.23
C GLU G 250 -8.96 8.22 19.53
N LYS G 251 -9.06 9.27 18.69
CA LYS G 251 -7.92 9.76 17.93
C LYS G 251 -6.89 10.43 18.83
N ALA G 252 -7.35 11.25 19.77
CA ALA G 252 -6.38 11.92 20.64
C ALA G 252 -5.57 10.90 21.41
N GLN G 253 -6.24 9.81 21.87
CA GLN G 253 -5.51 8.80 22.65
C GLN G 253 -4.63 7.92 21.79
N GLU G 254 -5.06 7.70 20.55
CA GLU G 254 -4.26 6.96 19.61
C GLU G 254 -2.93 7.66 19.39
N LEU G 255 -3.01 8.98 19.28
CA LEU G 255 -1.81 9.82 19.12
C LEU G 255 -0.97 10.05 20.36
N GLY G 256 -1.35 9.48 21.50
CA GLY G 256 -0.55 9.45 22.70
C GLY G 256 -0.90 10.50 23.72
N ALA G 257 -2.03 11.20 23.54
CA ALA G 257 -2.61 12.05 24.58
C ALA G 257 -3.58 11.32 25.53
N THR G 258 -3.84 11.93 26.68
CA THR G 258 -4.71 11.41 27.68
C THR G 258 -5.95 12.30 27.75
N VAL G 259 -7.12 11.73 27.57
CA VAL G 259 -8.33 12.49 27.71
C VAL G 259 -8.81 12.36 29.14
N ILE G 260 -8.87 13.51 29.81
CA ILE G 260 -9.12 13.57 31.24
C ILE G 260 -10.55 13.89 31.59
N GLY G 261 -11.39 14.13 30.59
CA GLY G 261 -12.81 14.20 30.85
C GLY G 261 -13.69 14.38 29.63
N PHE G 262 -14.98 14.08 29.85
CA PHE G 262 -16.00 14.21 28.83
C PHE G 262 -17.36 14.34 29.49
N SER G 263 -18.42 14.53 28.69
CA SER G 263 -19.75 14.90 29.24
C SER G 263 -20.96 14.62 28.35
N ASP G 264 -22.13 14.60 29.00
CA ASP G 264 -23.38 14.80 28.29
C ASP G 264 -24.07 16.06 28.90
N SER G 265 -25.34 16.31 28.59
CA SER G 265 -26.04 17.50 29.14
C SER G 265 -26.45 17.34 30.63
N SER G 266 -26.35 16.13 31.18
CA SER G 266 -26.63 15.87 32.58
C SER G 266 -25.45 16.01 33.52
N GLY G 267 -24.24 15.85 33.02
CA GLY G 267 -23.06 16.15 33.82
C GLY G 267 -21.80 15.67 33.15
N TRP G 268 -20.67 15.75 33.87
CA TRP G 268 -19.37 15.37 33.33
C TRP G 268 -18.64 14.31 34.14
N VAL G 269 -17.65 13.67 33.48
CA VAL G 269 -16.82 12.61 34.08
C VAL G 269 -15.36 13.01 34.02
N HIS G 270 -14.70 12.85 35.13
CA HIS G 270 -13.28 13.12 35.28
C HIS G 270 -12.59 11.76 35.13
N THR G 271 -11.73 11.63 34.12
CA THR G 271 -11.06 10.36 33.84
C THR G 271 -9.54 10.61 33.85
N PRO G 272 -8.93 10.76 35.06
CA PRO G 272 -7.53 11.22 35.15
C PRO G 272 -6.47 10.36 34.40
N ASN G 273 -6.75 9.07 34.19
CA ASN G 273 -5.87 8.18 33.45
C ASN G 273 -6.31 7.83 32.02
N GLY G 274 -7.18 8.65 31.44
CA GLY G 274 -7.70 8.35 30.12
C GLY G 274 -9.03 7.62 30.13
N VAL G 275 -9.63 7.63 28.96
CA VAL G 275 -10.97 7.16 28.67
C VAL G 275 -10.81 5.77 28.10
N ASP G 276 -11.69 4.87 28.52
CA ASP G 276 -11.85 3.55 27.93
C ASP G 276 -12.90 3.72 26.87
N VAL G 277 -12.44 3.84 25.62
CA VAL G 277 -13.33 4.11 24.50
C VAL G 277 -14.40 3.02 24.21
N ALA G 278 -14.03 1.76 24.29
CA ALA G 278 -14.99 0.66 24.00
C ALA G 278 -16.15 0.71 25.03
N LYS G 279 -15.77 0.89 26.28
CA LYS G 279 -16.75 1.06 27.33
C LYS G 279 -17.73 2.24 27.11
N LEU G 280 -17.19 3.40 26.76
CA LEU G 280 -18.02 4.58 26.51
C LEU G 280 -19.02 4.31 25.42
N ARG G 281 -18.51 3.78 24.31
CA ARG G 281 -19.32 3.44 23.14
C ARG G 281 -20.43 2.45 23.49
N GLU G 282 -20.12 1.48 24.33
CA GLU G 282 -21.14 0.54 24.78
C GLU G 282 -22.22 1.24 25.62
N ILE G 283 -21.79 2.16 26.48
CA ILE G 283 -22.73 2.90 27.31
C ILE G 283 -23.60 3.82 26.51
N LYS G 284 -23.00 4.49 25.53
CA LYS G 284 -23.73 5.51 24.76
C LYS G 284 -24.54 5.00 23.57
N GLU G 285 -24.06 3.95 22.89
CA GLU G 285 -24.69 3.44 21.65
C GLU G 285 -25.54 2.20 21.83
N VAL G 286 -25.14 1.29 22.72
CA VAL G 286 -25.91 0.08 22.97
C VAL G 286 -26.95 0.40 24.04
N ARG G 287 -26.53 0.83 25.23
CA ARG G 287 -27.52 1.05 26.31
C ARG G 287 -28.21 2.39 26.24
N ARG G 288 -27.69 3.31 25.42
CA ARG G 288 -28.20 4.68 25.31
C ARG G 288 -28.26 5.34 26.71
N ALA G 289 -27.18 5.18 27.47
CA ALA G 289 -27.10 5.62 28.88
C ALA G 289 -26.44 7.01 29.07
N ARG G 290 -26.52 7.50 30.31
CA ARG G 290 -25.94 8.77 30.78
C ARG G 290 -24.50 8.46 31.11
N VAL G 291 -23.66 9.46 31.04
CA VAL G 291 -22.23 9.26 31.36
C VAL G 291 -21.99 8.88 32.83
N SER G 292 -22.92 9.24 33.71
CA SER G 292 -22.88 8.76 35.08
C SER G 292 -22.66 7.26 35.16
N VAL G 293 -23.24 6.50 34.23
CA VAL G 293 -23.13 5.03 34.24
C VAL G 293 -21.68 4.58 33.98
N TYR G 294 -20.94 5.39 33.21
CA TYR G 294 -19.54 5.13 32.91
C TYR G 294 -18.76 5.25 34.19
N ALA G 295 -18.95 6.41 34.87
CA ALA G 295 -18.37 6.60 36.23
C ALA G 295 -18.69 5.47 37.23
N ASP G 296 -19.95 5.04 37.31
CA ASP G 296 -20.34 3.91 38.16
C ASP G 296 -19.57 2.65 37.85
N GLU G 297 -19.30 2.41 36.57
CA GLU G 297 -18.71 1.13 36.17
C GLU G 297 -17.18 1.12 36.00
N VAL G 298 -16.50 2.24 36.16
CA VAL G 298 -15.05 2.33 35.86
C VAL G 298 -14.32 2.99 37.00
N GLU G 299 -13.45 2.23 37.65
CA GLU G 299 -12.69 2.70 38.80
C GLU G 299 -11.81 3.82 38.35
N GLY G 300 -11.63 4.83 39.20
CA GLY G 300 -10.82 5.99 38.88
C GLY G 300 -11.55 7.07 38.12
N ALA G 301 -12.72 6.77 37.54
CA ALA G 301 -13.56 7.80 36.92
C ALA G 301 -14.72 8.27 37.83
N THR G 302 -14.96 9.58 37.84
CA THR G 302 -15.81 10.28 38.80
C THR G 302 -16.87 11.19 38.15
N TYR G 303 -18.12 11.00 38.54
CA TYR G 303 -19.25 11.76 38.01
C TYR G 303 -19.41 13.05 38.77
N HIS G 304 -19.73 14.12 38.06
CA HIS G 304 -19.88 15.43 38.62
C HIS G 304 -21.09 16.11 38.00
N THR G 305 -22.01 16.62 38.85
CA THR G 305 -23.05 17.59 38.43
C THR G 305 -22.77 19.03 38.87
N ASP G 306 -21.80 19.17 39.76
CA ASP G 306 -21.26 20.48 40.20
C ASP G 306 -20.27 21.11 39.20
N GLY G 307 -20.17 22.44 39.23
CA GLY G 307 -19.17 23.15 38.47
C GLY G 307 -19.21 22.84 36.99
N SER G 308 -18.04 22.71 36.37
CA SER G 308 -17.94 22.57 34.91
C SER G 308 -16.78 21.69 34.52
N ILE G 309 -16.99 20.94 33.44
CA ILE G 309 -15.90 20.22 32.78
C ILE G 309 -14.65 21.08 32.53
N TRP G 310 -14.85 22.35 32.26
CA TRP G 310 -13.74 23.25 31.99
C TRP G 310 -12.94 23.68 33.24
N ASP G 311 -13.31 23.16 34.42
CA ASP G 311 -12.55 23.35 35.66
C ASP G 311 -11.32 22.43 35.72
N LEU G 312 -11.30 21.38 34.91
CA LEU G 312 -10.16 20.48 34.87
C LEU G 312 -8.93 21.18 34.31
N LYS G 313 -7.78 20.83 34.86
CA LYS G 313 -6.50 21.38 34.40
C LYS G 313 -6.05 20.61 33.17
N CYS G 314 -5.92 21.31 32.04
CA CYS G 314 -5.59 20.64 30.79
C CYS G 314 -4.66 21.47 29.94
N ASP G 315 -4.15 20.85 28.88
CA ASP G 315 -3.33 21.50 27.87
C ASP G 315 -4.15 21.93 26.64
N ILE G 316 -5.17 21.15 26.33
CA ILE G 316 -6.02 21.36 25.16
C ILE G 316 -7.47 21.12 25.54
N ALA G 317 -8.36 21.99 25.10
CA ALA G 317 -9.80 21.81 25.29
C ALA G 317 -10.41 21.62 23.93
N LEU G 318 -11.21 20.56 23.78
CA LEU G 318 -11.94 20.26 22.56
C LEU G 318 -13.45 20.21 22.83
N PRO G 319 -14.14 21.36 22.77
CA PRO G 319 -15.62 21.29 22.93
C PRO G 319 -16.30 20.67 21.71
N CYS G 320 -16.99 19.56 21.96
CA CYS G 320 -17.58 18.74 20.95
C CYS G 320 -19.02 18.47 21.27
N ALA G 321 -19.68 19.38 22.01
CA ALA G 321 -21.08 19.15 22.36
C ALA G 321 -21.97 20.06 21.54
N THR G 322 -21.89 21.39 21.70
CA THR G 322 -22.97 22.26 21.17
C THR G 322 -22.60 23.74 21.19
N GLN G 323 -23.50 24.59 20.69
CA GLN G 323 -23.19 26.01 20.58
C GLN G 323 -23.14 26.65 21.99
N ASN G 324 -22.16 27.55 22.24
CA ASN G 324 -22.11 28.37 23.47
C ASN G 324 -22.05 27.63 24.75
N GLU G 325 -21.30 26.53 24.73
CA GLU G 325 -21.05 25.67 25.88
C GLU G 325 -19.79 26.08 26.60
N LEU G 326 -18.96 26.93 25.99
CA LEU G 326 -17.75 27.40 26.61
C LEU G 326 -17.82 28.94 26.63
N ASN G 327 -17.98 29.53 27.82
CA ASN G 327 -18.25 30.95 27.98
C ASN G 327 -17.03 31.70 28.43
N GLY G 328 -17.20 33.01 28.56
CA GLY G 328 -16.23 33.90 29.15
C GLY G 328 -15.49 33.40 30.37
N GLU G 329 -16.22 33.09 31.45
CA GLU G 329 -15.61 32.58 32.70
C GLU G 329 -14.86 31.25 32.45
N ASN G 330 -15.42 30.40 31.58
CA ASN G 330 -14.78 29.12 31.29
C ASN G 330 -13.39 29.29 30.68
N ALA G 331 -13.29 30.26 29.76
CA ALA G 331 -12.07 30.57 29.09
C ALA G 331 -11.00 31.09 30.07
N LYS G 332 -11.39 31.97 31.00
CA LYS G 332 -10.46 32.43 32.07
C LYS G 332 -10.01 31.25 32.92
N THR G 333 -10.93 30.37 33.28
CA THR G 333 -10.55 29.22 34.14
C THR G 333 -9.53 28.30 33.47
N LEU G 334 -9.71 28.09 32.17
CA LEU G 334 -8.85 27.22 31.37
C LEU G 334 -7.51 27.90 31.19
N ALA G 335 -7.51 29.16 30.75
CA ALA G 335 -6.27 29.89 30.61
C ALA G 335 -5.43 29.85 31.92
N ASP G 336 -6.04 30.27 33.03
CA ASP G 336 -5.47 30.24 34.37
C ASP G 336 -4.95 28.88 34.79
N ASN G 337 -5.66 27.82 34.39
CA ASN G 337 -5.24 26.41 34.67
C ASN G 337 -4.16 25.79 33.74
N GLY G 338 -3.76 26.53 32.70
CA GLY G 338 -2.64 26.16 31.84
C GLY G 338 -2.99 25.73 30.41
N CYS G 339 -4.27 25.93 30.03
CA CYS G 339 -4.71 25.52 28.71
C CYS G 339 -4.01 26.40 27.69
N ARG G 340 -3.55 25.79 26.60
CA ARG G 340 -2.81 26.52 25.55
C ARG G 340 -3.45 26.41 24.12
N PHE G 341 -4.45 25.55 23.96
CA PHE G 341 -5.01 25.27 22.65
C PHE G 341 -6.44 24.91 22.86
N VAL G 342 -7.29 25.48 22.01
CA VAL G 342 -8.71 25.18 21.95
C VAL G 342 -8.99 24.92 20.50
N ALA G 343 -9.54 23.76 20.19
CA ALA G 343 -10.07 23.54 18.82
C ALA G 343 -11.52 23.07 18.90
N GLU G 344 -12.38 23.50 17.97
CA GLU G 344 -13.84 23.32 18.12
C GLU G 344 -14.32 22.13 17.27
N GLY G 345 -14.72 21.09 17.97
CA GLY G 345 -15.40 19.95 17.36
C GLY G 345 -16.82 20.32 17.02
N ALA G 346 -17.47 20.98 17.96
CA ALA G 346 -18.81 21.47 17.80
C ALA G 346 -18.84 22.69 16.91
N ASN G 347 -20.04 23.05 16.46
CA ASN G 347 -20.29 24.34 15.79
C ASN G 347 -20.58 25.42 16.85
N MET G 348 -19.73 26.44 16.83
CA MET G 348 -19.77 27.66 17.64
C MET G 348 -19.89 27.42 19.15
N PRO G 349 -19.04 26.53 19.73
CA PRO G 349 -19.11 26.27 21.18
C PRO G 349 -18.58 27.41 22.07
N SER G 350 -17.69 28.23 21.53
CA SER G 350 -17.07 29.28 22.30
C SER G 350 -17.87 30.59 22.15
N THR G 351 -18.31 31.16 23.25
CA THR G 351 -19.03 32.48 23.22
C THR G 351 -18.10 33.60 22.73
N PRO G 352 -18.67 34.74 22.26
CA PRO G 352 -17.81 35.85 21.85
C PRO G 352 -16.83 36.32 22.93
N GLU G 353 -17.25 36.27 24.20
CA GLU G 353 -16.39 36.60 25.35
C GLU G 353 -15.27 35.56 25.50
N ALA G 354 -15.62 34.28 25.34
CA ALA G 354 -14.65 33.18 25.41
C ALA G 354 -13.54 33.38 24.42
N VAL G 355 -13.91 33.74 23.21
CA VAL G 355 -12.93 33.95 22.15
C VAL G 355 -12.05 35.16 22.48
N GLU G 356 -12.62 36.17 23.13
CA GLU G 356 -11.82 37.34 23.57
C GLU G 356 -10.79 36.95 24.59
N VAL G 357 -11.24 36.24 25.60
CA VAL G 357 -10.32 35.73 26.57
C VAL G 357 -9.14 35.00 25.89
N PHE G 358 -9.43 34.16 24.86
CA PHE G 358 -8.36 33.39 24.12
C PHE G 358 -7.34 34.29 23.43
N ARG G 359 -7.83 35.23 22.63
CA ARG G 359 -6.99 36.27 22.01
C ARG G 359 -6.09 36.94 23.09
N GLU G 360 -6.65 37.32 24.22
CA GLU G 360 -5.91 38.05 25.27
C GLU G 360 -5.01 37.15 26.09
N ARG G 361 -5.36 35.89 26.24
CA ARG G 361 -4.51 35.01 27.04
C ARG G 361 -3.48 34.22 26.21
N ASP G 362 -3.32 34.58 24.93
CA ASP G 362 -2.39 33.92 23.99
C ASP G 362 -2.67 32.40 23.80
N ILE G 363 -3.95 32.02 23.81
CA ILE G 363 -4.37 30.65 23.60
C ILE G 363 -4.70 30.48 22.12
N ARG G 364 -4.19 29.42 21.50
CA ARG G 364 -4.39 29.21 20.07
C ARG G 364 -5.76 28.61 19.91
N PHE G 365 -6.47 29.09 18.88
CA PHE G 365 -7.88 28.85 18.76
C PHE G 365 -8.23 28.40 17.34
N GLY G 366 -8.71 27.16 17.26
CA GLY G 366 -9.10 26.48 16.02
C GLY G 366 -10.59 26.63 15.89
N PRO G 367 -11.05 27.58 15.08
CA PRO G 367 -12.53 27.76 14.95
C PRO G 367 -13.22 26.54 14.34
N GLY G 368 -14.50 26.32 14.67
CA GLY G 368 -15.29 25.19 14.15
C GLY G 368 -15.27 24.99 12.63
N LYS G 369 -15.48 26.08 11.92
CA LYS G 369 -15.57 25.99 10.45
C LYS G 369 -14.30 25.45 9.78
N ALA G 370 -13.19 25.48 10.48
CA ALA G 370 -11.98 24.79 10.04
C ALA G 370 -11.75 23.42 10.71
N ALA G 371 -11.82 23.41 12.03
CA ALA G 371 -11.45 22.27 12.81
C ALA G 371 -12.43 21.11 12.74
N ASN G 372 -13.69 21.37 12.46
CA ASN G 372 -14.67 20.31 12.41
C ASN G 372 -15.10 19.95 10.96
N ALA G 373 -14.46 20.56 9.97
CA ALA G 373 -14.77 20.33 8.57
C ALA G 373 -14.45 18.91 8.08
N GLY G 374 -13.75 18.11 8.87
CA GLY G 374 -13.45 16.74 8.47
C GLY G 374 -14.70 15.92 8.22
N GLY G 375 -15.73 16.19 8.99
CA GLY G 375 -17.05 15.60 8.81
C GLY G 375 -17.55 15.80 7.40
N VAL G 376 -17.77 17.05 7.05
CA VAL G 376 -18.39 17.35 5.79
C VAL G 376 -17.43 17.06 4.62
N ALA G 377 -16.12 17.12 4.84
CA ALA G 377 -15.16 16.78 3.81
C ALA G 377 -15.34 15.29 3.43
N THR G 378 -15.45 14.44 4.45
CA THR G 378 -15.66 13.01 4.30
C THR G 378 -17.05 12.67 3.73
N SER G 379 -18.09 13.45 4.06
CA SER G 379 -19.36 13.38 3.30
C SER G 379 -19.26 13.68 1.82
N ALA G 380 -18.48 14.71 1.49
CA ALA G 380 -18.25 15.00 0.10
C ALA G 380 -17.49 13.87 -0.59
N LEU G 381 -16.57 13.23 0.11
CA LEU G 381 -15.94 12.02 -0.41
C LEU G 381 -16.92 10.82 -0.59
N GLU G 382 -17.91 10.76 0.27
CA GLU G 382 -19.01 9.78 0.14
C GLU G 382 -19.83 10.07 -1.08
N MET G 383 -20.14 11.34 -1.33
CA MET G 383 -20.83 11.74 -2.54
C MET G 383 -20.02 11.36 -3.78
N GLN G 384 -18.71 11.56 -3.72
CA GLN G 384 -17.80 11.26 -4.79
C GLN G 384 -17.77 9.78 -5.15
N GLN G 385 -17.65 8.94 -4.13
CA GLN G 385 -17.73 7.51 -4.29
C GLN G 385 -19.09 7.09 -4.86
N ASN G 386 -20.17 7.66 -4.34
CA ASN G 386 -21.50 7.32 -4.83
C ASN G 386 -21.67 7.71 -6.30
N ALA G 387 -21.24 8.93 -6.67
CA ALA G 387 -21.28 9.39 -8.09
C ALA G 387 -20.53 8.46 -9.03
N SER G 388 -19.49 7.78 -8.52
CA SER G 388 -18.63 6.85 -9.32
C SER G 388 -19.03 5.39 -9.13
N ARG G 389 -20.09 5.13 -8.38
CA ARG G 389 -20.42 3.79 -7.87
C ARG G 389 -19.15 3.05 -7.43
N ASP G 390 -18.43 3.66 -6.53
CA ASP G 390 -17.16 3.11 -6.11
C ASP G 390 -17.15 3.05 -4.60
N SER G 391 -16.30 2.19 -4.05
CA SER G 391 -16.06 2.08 -2.58
C SER G 391 -14.57 2.17 -2.27
N TRP G 392 -14.19 3.10 -1.42
CA TRP G 392 -12.79 3.31 -1.05
C TRP G 392 -12.50 2.64 0.29
N SER G 393 -11.26 2.21 0.44
CA SER G 393 -10.81 1.59 1.67
C SER G 393 -10.72 2.66 2.75
N PHE G 394 -10.65 2.17 3.97
CA PHE G 394 -10.47 2.98 5.18
C PHE G 394 -9.17 3.77 5.11
N GLU G 395 -8.07 3.07 4.77
CA GLU G 395 -6.71 3.67 4.74
C GLU G 395 -6.72 4.80 3.78
N TYR G 396 -7.29 4.56 2.61
CA TYR G 396 -7.17 5.55 1.54
C TYR G 396 -7.98 6.79 1.89
N THR G 397 -9.17 6.60 2.45
CA THR G 397 -10.05 7.70 2.79
C THR G 397 -9.54 8.53 3.97
N ASP G 398 -8.94 7.89 4.95
CA ASP G 398 -8.45 8.52 6.16
C ASP G 398 -7.18 9.33 5.84
N GLU G 399 -6.34 8.82 4.92
CA GLU G 399 -5.25 9.63 4.32
C GLU G 399 -5.74 10.84 3.49
N ARG G 400 -6.86 10.71 2.77
CA ARG G 400 -7.48 11.89 2.16
C ARG G 400 -7.89 12.93 3.24
N LEU G 401 -8.58 12.46 4.28
CA LEU G 401 -8.93 13.28 5.46
C LEU G 401 -7.73 14.01 6.15
N GLN G 402 -6.63 13.28 6.42
CA GLN G 402 -5.41 13.87 6.96
C GLN G 402 -4.84 14.97 6.12
N VAL G 403 -4.76 14.76 4.80
CA VAL G 403 -4.24 15.79 3.87
C VAL G 403 -5.13 17.02 3.86
N ILE G 404 -6.43 16.79 3.74
CA ILE G 404 -7.40 17.87 3.78
C ILE G 404 -7.31 18.68 5.06
N MET G 405 -7.15 18.02 6.21
CA MET G 405 -7.09 18.81 7.44
C MET G 405 -5.78 19.59 7.58
N LYS G 406 -4.67 19.01 7.11
CA LYS G 406 -3.42 19.72 6.96
C LYS G 406 -3.59 20.92 6.03
N ASN G 407 -4.33 20.75 4.92
CA ASN G 407 -4.53 21.83 3.95
C ASN G 407 -5.45 22.94 4.45
N ILE G 408 -6.47 22.60 5.24
CA ILE G 408 -7.27 23.57 5.90
C ILE G 408 -6.42 24.39 6.88
N PHE G 409 -5.61 23.73 7.71
CA PHE G 409 -4.77 24.45 8.63
C PHE G 409 -3.84 25.38 7.92
N LYS G 410 -3.23 24.86 6.87
CA LYS G 410 -2.32 25.64 6.04
C LYS G 410 -2.98 26.89 5.45
N THR G 411 -4.20 26.76 4.91
CA THR G 411 -4.87 27.90 4.31
C THR G 411 -5.30 28.91 5.38
N CYS G 412 -5.73 28.44 6.55
CA CYS G 412 -5.99 29.36 7.66
C CYS G 412 -4.74 30.16 8.06
N ALA G 413 -3.61 29.49 8.28
CA ALA G 413 -2.40 30.16 8.76
C ALA G 413 -1.87 31.16 7.74
N GLU G 414 -1.66 30.69 6.52
CA GLU G 414 -1.20 31.53 5.40
C GLU G 414 -2.09 32.71 5.08
N THR G 415 -3.40 32.50 5.08
CA THR G 415 -4.38 33.57 4.78
C THR G 415 -4.38 34.62 5.89
N ALA G 416 -4.30 34.15 7.14
CA ALA G 416 -4.23 35.04 8.29
C ALA G 416 -2.98 35.93 8.26
N ALA G 417 -1.80 35.34 8.04
CA ALA G 417 -0.57 36.13 7.84
C ALA G 417 -0.65 37.02 6.61
N GLU G 418 -1.31 36.57 5.54
CA GLU G 418 -1.41 37.33 4.32
C GLU G 418 -2.11 38.67 4.56
N TYR G 419 -3.12 38.68 5.41
CA TYR G 419 -3.94 39.87 5.65
C TYR G 419 -3.56 40.60 6.92
N GLY G 420 -2.36 40.36 7.43
CA GLY G 420 -1.83 41.10 8.55
C GLY G 420 -2.16 40.61 9.96
N HIS G 421 -2.72 39.41 10.10
CA HIS G 421 -3.10 38.88 11.41
C HIS G 421 -2.58 37.46 11.63
N GLU G 422 -1.27 37.28 11.77
CA GLU G 422 -0.74 35.94 11.84
C GLU G 422 -1.15 35.20 13.12
N ASN G 423 -1.45 33.92 12.93
CA ASN G 423 -2.00 33.04 13.95
C ASN G 423 -3.45 33.32 14.35
N ASP G 424 -4.12 34.26 13.70
CA ASP G 424 -5.55 34.38 13.93
C ASP G 424 -6.28 33.49 12.92
N TYR G 425 -6.56 32.27 13.37
CA TYR G 425 -7.12 31.26 12.49
C TYR G 425 -8.59 31.54 12.16
N VAL G 426 -9.26 32.28 13.01
CA VAL G 426 -10.63 32.75 12.73
C VAL G 426 -10.65 33.63 11.46
N VAL G 427 -9.70 34.56 11.38
CA VAL G 427 -9.59 35.51 10.28
C VAL G 427 -9.24 34.77 9.01
N GLY G 428 -8.21 33.94 9.10
CA GLY G 428 -7.78 33.05 8.01
C GLY G 428 -8.86 32.14 7.43
N ALA G 429 -9.55 31.40 8.29
CA ALA G 429 -10.72 30.58 7.88
C ALA G 429 -11.84 31.38 7.24
N ASN G 430 -12.20 32.49 7.84
CA ASN G 430 -13.32 33.26 7.31
C ASN G 430 -13.04 33.88 5.96
N ILE G 431 -11.81 34.33 5.76
CA ILE G 431 -11.40 35.00 4.51
C ILE G 431 -11.21 34.00 3.35
N ALA G 432 -10.47 32.94 3.61
CA ALA G 432 -10.30 31.85 2.66
C ALA G 432 -11.62 31.25 2.24
N GLY G 433 -12.52 31.03 3.19
CA GLY G 433 -13.83 30.48 2.91
C GLY G 433 -14.65 31.39 1.99
N PHE G 434 -14.67 32.67 2.37
CA PHE G 434 -15.40 33.72 1.69
C PHE G 434 -14.92 33.93 0.29
N LYS G 435 -13.60 34.00 0.13
CA LYS G 435 -13.05 34.35 -1.18
C LYS G 435 -13.44 33.35 -2.26
N LYS G 436 -13.31 32.05 -2.02
CA LYS G 436 -13.69 31.03 -3.06
C LYS G 436 -15.15 31.19 -3.46
N VAL G 437 -15.99 31.37 -2.42
CA VAL G 437 -17.43 31.48 -2.57
C VAL G 437 -17.79 32.76 -3.29
N ALA G 438 -17.23 33.89 -2.82
CA ALA G 438 -17.45 35.16 -3.45
C ALA G 438 -16.97 35.20 -4.92
N ASP G 439 -15.79 34.66 -5.20
CA ASP G 439 -15.30 34.48 -6.60
C ASP G 439 -16.30 33.69 -7.48
N ALA G 440 -16.78 32.56 -6.97
CA ALA G 440 -17.79 31.76 -7.70
C ALA G 440 -19.10 32.53 -7.94
N MET G 441 -19.52 33.32 -6.95
CA MET G 441 -20.77 34.08 -7.03
C MET G 441 -20.67 35.19 -8.08
N LEU G 442 -19.58 35.94 -8.09
CA LEU G 442 -19.30 36.92 -9.16
C LEU G 442 -19.30 36.33 -10.57
N ALA G 443 -18.70 35.15 -10.74
CA ALA G 443 -18.69 34.50 -12.05
C ALA G 443 -20.14 34.11 -12.55
N GLN G 444 -21.02 33.80 -11.60
CA GLN G 444 -22.33 33.19 -11.92
C GLN G 444 -23.47 34.16 -12.05
N GLY G 445 -23.18 35.42 -11.72
CA GLY G 445 -24.14 36.53 -11.97
C GLY G 445 -25.12 36.68 -10.83
N VAL G 446 -26.06 37.60 -11.03
CA VAL G 446 -27.13 37.86 -10.08
C VAL G 446 -28.22 36.79 -10.24
N ILE G 447 -28.23 35.85 -9.31
CA ILE G 447 -29.16 34.69 -9.26
C ILE G 447 -29.61 34.40 -7.80
N MET H 1 -28.23 4.99 -60.32
CA MET H 1 -27.96 3.63 -59.76
C MET H 1 -26.58 3.55 -59.07
N THR H 2 -25.53 4.09 -59.68
CA THR H 2 -24.21 4.03 -59.02
C THR H 2 -24.21 4.86 -57.72
N VAL H 3 -23.31 4.46 -56.81
CA VAL H 3 -23.06 5.16 -55.54
C VAL H 3 -22.99 6.67 -55.76
N ASP H 4 -22.16 7.06 -56.72
CA ASP H 4 -21.97 8.45 -57.11
C ASP H 4 -23.30 9.18 -57.36
N GLU H 5 -24.27 8.49 -57.96
CA GLU H 5 -25.58 9.05 -58.33
C GLU H 5 -26.62 8.98 -57.20
N GLN H 6 -26.66 7.88 -56.44
CA GLN H 6 -27.43 7.86 -55.17
C GLN H 6 -27.14 9.07 -54.31
N VAL H 7 -25.85 9.30 -54.08
CA VAL H 7 -25.37 10.35 -53.21
C VAL H 7 -25.66 11.74 -53.79
N SER H 8 -25.33 11.97 -55.06
CA SER H 8 -25.65 13.25 -55.74
C SER H 8 -27.15 13.57 -55.75
N ASN H 9 -27.99 12.55 -55.84
CA ASN H 9 -29.43 12.75 -55.69
C ASN H 9 -29.84 13.20 -54.27
N TYR H 10 -29.38 12.52 -53.20
CA TYR H 10 -29.66 13.02 -51.83
C TYR H 10 -29.14 14.45 -51.61
N TYR H 11 -27.97 14.74 -52.17
CA TYR H 11 -27.41 16.07 -52.05
C TYR H 11 -28.34 17.10 -52.71
N ASP H 12 -28.97 16.73 -53.82
CA ASP H 12 -29.91 17.63 -54.48
C ASP H 12 -31.24 17.75 -53.70
N MET H 13 -31.72 16.67 -53.09
CA MET H 13 -32.79 16.77 -52.06
C MET H 13 -32.37 17.71 -50.93
N LEU H 14 -31.18 17.52 -50.41
CA LEU H 14 -30.70 18.35 -49.31
C LEU H 14 -30.70 19.86 -49.66
N LEU H 15 -30.28 20.21 -50.88
CA LEU H 15 -30.31 21.59 -51.39
C LEU H 15 -31.70 22.19 -51.46
N LYS H 16 -32.64 21.36 -51.92
CA LYS H 16 -34.07 21.62 -51.97
C LYS H 16 -34.65 21.94 -50.57
N ARG H 17 -34.54 20.99 -49.65
CA ARG H 17 -35.10 21.10 -48.29
C ARG H 17 -34.37 22.11 -47.33
N ASN H 18 -33.11 22.44 -47.63
CA ASN H 18 -32.32 23.39 -46.84
C ASN H 18 -31.90 24.66 -47.59
N ALA H 19 -32.73 25.07 -48.56
CA ALA H 19 -32.45 26.25 -49.41
C ALA H 19 -31.99 27.42 -48.57
N GLY H 20 -31.04 28.18 -49.09
CA GLY H 20 -30.60 29.42 -48.44
C GLY H 20 -29.53 29.28 -47.35
N GLU H 21 -28.94 28.10 -47.21
CA GLU H 21 -27.96 27.78 -46.16
C GLU H 21 -26.59 27.34 -46.75
N PRO H 22 -25.86 28.26 -47.40
CA PRO H 22 -24.65 27.81 -48.12
C PRO H 22 -23.57 27.10 -47.28
N GLU H 23 -23.40 27.50 -46.02
CA GLU H 23 -22.33 26.90 -45.16
C GLU H 23 -22.66 25.49 -44.80
N PHE H 24 -23.93 25.23 -44.48
CA PHE H 24 -24.41 23.87 -44.27
C PHE H 24 -24.18 22.98 -45.49
N HIS H 25 -24.52 23.50 -46.66
CA HIS H 25 -24.26 22.80 -47.95
C HIS H 25 -22.81 22.43 -48.14
N GLN H 26 -21.95 23.41 -47.85
CA GLN H 26 -20.50 23.28 -47.99
C GLN H 26 -19.98 22.11 -47.11
N ALA H 27 -20.42 22.06 -45.85
CA ALA H 27 -19.99 21.05 -44.88
C ALA H 27 -20.44 19.66 -45.30
N VAL H 28 -21.71 19.54 -45.62
CA VAL H 28 -22.30 18.28 -46.06
C VAL H 28 -21.65 17.77 -47.35
N ALA H 29 -21.53 18.66 -48.33
CA ALA H 29 -20.79 18.32 -49.59
C ALA H 29 -19.38 17.69 -49.30
N GLU H 30 -18.50 18.35 -48.55
CA GLU H 30 -17.18 17.75 -48.19
C GLU H 30 -17.31 16.32 -47.62
N VAL H 31 -18.25 16.12 -46.69
CA VAL H 31 -18.46 14.79 -46.05
C VAL H 31 -19.03 13.75 -47.01
N LEU H 32 -20.04 14.11 -47.76
CA LEU H 32 -20.66 13.22 -48.73
C LEU H 32 -19.70 12.72 -49.82
N GLU H 33 -18.71 13.53 -50.21
CA GLU H 33 -17.67 13.10 -51.16
C GLU H 33 -16.90 11.94 -50.55
N SER H 34 -16.52 12.06 -49.28
CA SER H 34 -15.85 10.96 -48.56
C SER H 34 -16.73 9.71 -48.38
N LEU H 35 -18.02 9.93 -48.15
CA LEU H 35 -18.93 8.79 -48.01
C LEU H 35 -19.08 7.95 -49.29
N LYS H 36 -18.98 8.58 -50.45
CA LYS H 36 -18.88 7.82 -51.74
C LYS H 36 -17.84 6.74 -51.69
N ILE H 37 -16.65 7.11 -51.20
CA ILE H 37 -15.53 6.19 -51.08
C ILE H 37 -15.94 5.03 -50.19
N VAL H 38 -16.55 5.38 -49.05
CA VAL H 38 -16.92 4.39 -48.04
C VAL H 38 -18.01 3.44 -48.61
N LEU H 39 -19.01 3.98 -49.29
CA LEU H 39 -20.07 3.13 -49.86
C LEU H 39 -19.66 2.31 -51.09
N GLU H 40 -18.54 2.67 -51.74
CA GLU H 40 -17.98 1.84 -52.82
C GLU H 40 -17.38 0.55 -52.27
N LYS H 41 -16.76 0.61 -51.09
CA LYS H 41 -16.21 -0.59 -50.47
C LYS H 41 -17.26 -1.35 -49.64
N ASP H 42 -18.07 -0.64 -48.83
CA ASP H 42 -19.06 -1.23 -47.88
C ASP H 42 -20.49 -0.70 -48.12
N PRO H 43 -21.26 -1.31 -49.04
CA PRO H 43 -22.56 -0.68 -49.37
C PRO H 43 -23.66 -0.76 -48.32
N HIS H 44 -23.56 -1.64 -47.31
CA HIS H 44 -24.55 -1.70 -46.19
C HIS H 44 -24.69 -0.39 -45.33
N TYR H 45 -23.68 0.49 -45.38
CA TYR H 45 -23.73 1.79 -44.69
C TYR H 45 -24.84 2.72 -45.20
N ALA H 46 -25.42 2.43 -46.37
CA ALA H 46 -26.60 3.18 -46.86
C ALA H 46 -27.93 2.59 -46.41
N ASP H 47 -27.92 1.37 -45.86
CA ASP H 47 -29.14 0.66 -45.39
C ASP H 47 -29.90 1.44 -44.31
N TYR H 48 -31.22 1.23 -44.28
CA TYR H 48 -32.19 1.78 -43.29
C TYR H 48 -32.22 3.31 -43.22
N GLY H 49 -31.97 3.95 -44.37
CA GLY H 49 -32.04 5.41 -44.47
C GLY H 49 -30.96 6.11 -43.65
N LEU H 50 -29.78 5.52 -43.61
CA LEU H 50 -28.86 5.94 -42.57
C LEU H 50 -28.37 7.33 -42.87
N ILE H 51 -27.99 7.53 -44.14
CA ILE H 51 -27.53 8.83 -44.61
C ILE H 51 -28.62 9.90 -44.53
N GLN H 52 -29.85 9.55 -44.90
CA GLN H 52 -30.99 10.47 -44.79
C GLN H 52 -31.23 10.90 -43.32
N ARG H 53 -31.12 9.92 -42.43
CA ARG H 53 -31.21 10.18 -40.98
C ARG H 53 -30.05 11.06 -40.52
N LEU H 54 -28.83 10.71 -40.93
CA LEU H 54 -27.65 11.47 -40.54
C LEU H 54 -27.67 12.96 -40.83
N CYS H 55 -28.16 13.35 -42.01
CA CYS H 55 -28.04 14.76 -42.40
C CYS H 55 -29.23 15.55 -41.99
N GLU H 56 -30.23 14.88 -41.40
CA GLU H 56 -31.38 15.57 -40.81
C GLU H 56 -31.20 15.67 -39.27
N PRO H 57 -31.18 16.90 -38.74
CA PRO H 57 -31.09 17.04 -37.31
C PRO H 57 -32.23 16.36 -36.56
N GLU H 58 -31.85 15.64 -35.50
CA GLU H 58 -32.79 15.08 -34.53
C GLU H 58 -33.77 16.16 -34.06
N ARG H 59 -33.25 17.32 -33.68
CA ARG H 59 -34.10 18.40 -33.17
C ARG H 59 -33.43 19.73 -33.42
N GLN H 60 -34.25 20.73 -33.70
CA GLN H 60 -33.78 22.08 -33.86
C GLN H 60 -34.70 23.03 -33.13
N LEU H 61 -34.09 24.00 -32.47
CA LEU H 61 -34.82 24.93 -31.65
C LEU H 61 -34.38 26.32 -32.00
N ILE H 62 -35.37 27.17 -32.23
CA ILE H 62 -35.14 28.55 -32.52
C ILE H 62 -36.10 29.31 -31.63
N PHE H 63 -35.60 30.34 -30.92
CA PHE H 63 -36.41 31.01 -29.95
C PHE H 63 -36.10 32.49 -29.84
N ARG H 64 -37.08 33.21 -29.35
CA ARG H 64 -36.99 34.62 -29.07
C ARG H 64 -36.18 34.92 -27.82
N VAL H 65 -35.21 35.81 -27.91
CA VAL H 65 -34.45 36.20 -26.72
C VAL H 65 -34.68 37.70 -26.52
N PRO H 66 -35.61 38.06 -25.64
CA PRO H 66 -35.79 39.49 -25.34
C PRO H 66 -34.83 39.89 -24.29
N TRP H 67 -34.39 41.13 -24.32
CA TRP H 67 -33.54 41.65 -23.26
C TRP H 67 -33.51 43.17 -23.21
N VAL H 68 -33.25 43.69 -22.02
CA VAL H 68 -33.31 45.10 -21.76
C VAL H 68 -31.87 45.63 -21.64
N ASP H 69 -31.58 46.73 -22.36
CA ASP H 69 -30.24 47.29 -22.40
C ASP H 69 -30.03 48.27 -21.25
N ASP H 70 -28.87 48.87 -21.17
CA ASP H 70 -28.58 49.79 -20.07
C ASP H 70 -29.37 51.13 -20.12
N GLN H 71 -29.91 51.49 -21.28
CA GLN H 71 -30.76 52.73 -21.38
C GLN H 71 -32.21 52.38 -21.09
N GLY H 72 -32.43 51.13 -20.68
CA GLY H 72 -33.75 50.64 -20.40
C GLY H 72 -34.58 50.40 -21.64
N GLN H 73 -33.94 50.26 -22.81
CA GLN H 73 -34.61 49.85 -24.05
C GLN H 73 -34.57 48.31 -24.28
N VAL H 74 -35.68 47.79 -24.79
CA VAL H 74 -35.89 46.37 -25.08
C VAL H 74 -35.41 46.01 -26.47
N HIS H 75 -34.66 44.93 -26.54
CA HIS H 75 -34.22 44.36 -27.81
C HIS H 75 -34.69 42.92 -27.88
N VAL H 76 -34.64 42.40 -29.09
CA VAL H 76 -35.06 41.05 -29.38
C VAL H 76 -34.02 40.51 -30.33
N ASN H 77 -33.28 39.49 -29.89
CA ASN H 77 -32.43 38.71 -30.76
C ASN H 77 -32.95 37.29 -30.92
N ARG H 78 -32.35 36.55 -31.82
CA ARG H 78 -32.76 35.19 -32.13
C ARG H 78 -31.73 34.21 -31.59
N GLY H 79 -32.24 33.21 -30.87
CA GLY H 79 -31.43 32.12 -30.33
C GLY H 79 -31.71 30.81 -31.05
N PHE H 80 -30.68 29.95 -31.14
CA PHE H 80 -30.77 28.66 -31.84
C PHE H 80 -30.16 27.53 -30.97
N ARG H 81 -30.75 26.35 -31.04
CA ARG H 81 -29.99 25.16 -30.65
C ARG H 81 -30.34 24.02 -31.56
N VAL H 82 -29.34 23.55 -32.26
CA VAL H 82 -29.49 22.39 -33.12
C VAL H 82 -28.91 21.15 -32.43
N GLN H 83 -29.77 20.16 -32.21
CA GLN H 83 -29.37 18.90 -31.61
C GLN H 83 -29.30 17.90 -32.75
N PHE H 84 -28.10 17.69 -33.26
CA PHE H 84 -27.99 17.04 -34.55
C PHE H 84 -28.00 15.52 -34.39
N ASN H 85 -27.09 14.98 -33.59
CA ASN H 85 -26.98 13.52 -33.50
C ASN H 85 -26.58 13.08 -32.11
N SER H 86 -27.28 12.08 -31.58
CA SER H 86 -27.02 11.62 -30.21
C SER H 86 -26.76 10.12 -30.15
N ALA H 87 -26.38 9.52 -31.27
CA ALA H 87 -26.12 8.07 -31.30
C ALA H 87 -24.97 7.66 -30.38
N LEU H 88 -23.92 8.49 -30.29
CA LEU H 88 -22.78 8.20 -29.44
C LEU H 88 -22.80 8.77 -28.02
N GLY H 89 -23.62 9.76 -27.78
CA GLY H 89 -23.70 10.37 -26.44
C GLY H 89 -24.66 11.53 -26.43
N PRO H 90 -24.72 12.26 -25.32
CA PRO H 90 -25.52 13.46 -25.39
C PRO H 90 -25.02 14.38 -26.45
N TYR H 91 -25.90 15.26 -26.95
CA TYR H 91 -25.50 16.26 -27.93
C TYR H 91 -24.41 17.08 -27.25
N LYS H 92 -23.34 17.35 -27.98
CA LYS H 92 -22.27 18.16 -27.44
C LYS H 92 -21.78 19.20 -28.45
N GLY H 93 -21.74 20.45 -28.01
CA GLY H 93 -21.15 21.50 -28.80
C GLY H 93 -21.45 22.91 -28.35
N GLY H 94 -20.65 23.83 -28.87
CA GLY H 94 -20.59 25.18 -28.33
C GLY H 94 -21.74 26.12 -28.73
N LEU H 95 -21.62 27.37 -28.25
CA LEU H 95 -22.58 28.46 -28.46
C LEU H 95 -21.84 29.67 -29.06
N ARG H 96 -22.33 30.12 -30.21
CA ARG H 96 -21.71 31.25 -30.91
C ARG H 96 -22.61 32.48 -30.79
N PHE H 97 -22.10 33.56 -30.20
CA PHE H 97 -22.85 34.82 -30.15
C PHE H 97 -22.13 35.80 -31.10
N HIS H 98 -22.70 36.01 -32.29
CA HIS H 98 -22.11 36.89 -33.34
C HIS H 98 -23.23 37.34 -34.30
N PRO H 99 -23.20 38.62 -34.73
CA PRO H 99 -24.33 39.08 -35.58
C PRO H 99 -24.55 38.32 -36.90
N SER H 100 -23.59 37.50 -37.32
CA SER H 100 -23.72 36.67 -38.54
C SER H 100 -24.57 35.41 -38.38
N VAL H 101 -24.88 35.00 -37.14
CA VAL H 101 -25.43 33.65 -36.88
C VAL H 101 -26.83 33.53 -37.46
N ASN H 102 -27.07 32.42 -38.12
CA ASN H 102 -28.39 32.08 -38.63
C ASN H 102 -28.44 30.56 -38.53
N LEU H 103 -29.59 29.98 -38.87
CA LEU H 103 -29.78 28.56 -38.74
C LEU H 103 -28.75 27.79 -39.60
N GLY H 104 -28.53 28.28 -40.83
CA GLY H 104 -27.58 27.64 -41.75
C GLY H 104 -26.18 27.50 -41.15
N ILE H 105 -25.69 28.56 -40.51
CA ILE H 105 -24.41 28.51 -39.88
C ILE H 105 -24.45 27.52 -38.71
N VAL H 106 -25.51 27.52 -37.90
CA VAL H 106 -25.52 26.66 -36.69
C VAL H 106 -25.53 25.18 -37.07
N LYS H 107 -26.28 24.86 -38.13
CA LYS H 107 -26.29 23.55 -38.73
C LYS H 107 -24.99 23.12 -39.35
N PHE H 108 -24.28 24.05 -39.98
CA PHE H 108 -22.99 23.65 -40.54
C PHE H 108 -22.13 23.16 -39.36
N LEU H 109 -22.08 23.95 -38.28
CA LEU H 109 -21.23 23.67 -37.15
C LEU H 109 -21.63 22.41 -36.40
N GLY H 110 -22.93 22.22 -36.17
CA GLY H 110 -23.45 21.02 -35.49
C GLY H 110 -23.20 19.73 -36.25
N PHE H 111 -23.31 19.82 -37.58
CA PHE H 111 -23.05 18.70 -38.46
C PHE H 111 -21.60 18.25 -38.42
N GLU H 112 -20.70 19.22 -38.56
CA GLU H 112 -19.25 18.96 -38.38
C GLU H 112 -18.99 18.32 -37.01
N GLN H 113 -19.65 18.89 -36.01
CA GLN H 113 -19.57 18.41 -34.65
C GLN H 113 -19.81 16.94 -34.45
N ILE H 114 -20.72 16.37 -35.22
CA ILE H 114 -20.93 14.93 -35.16
C ILE H 114 -19.61 14.15 -35.33
N PHE H 115 -18.93 14.47 -36.42
CA PHE H 115 -17.82 13.65 -36.91
C PHE H 115 -16.58 13.91 -36.02
N LYS H 116 -16.42 15.16 -35.63
CA LYS H 116 -15.40 15.56 -34.72
C LYS H 116 -15.51 14.82 -33.38
N ASN H 117 -16.70 14.91 -32.79
CA ASN H 117 -16.95 14.30 -31.52
C ASN H 117 -16.73 12.80 -31.60
N SER H 118 -17.17 12.20 -32.71
CA SER H 118 -16.97 10.77 -32.99
C SER H 118 -15.47 10.44 -32.97
N LEU H 119 -14.66 11.28 -33.61
CA LEU H 119 -13.19 11.04 -33.68
C LEU H 119 -12.48 11.11 -32.36
N THR H 120 -13.05 11.79 -31.37
CA THR H 120 -12.37 11.90 -30.08
C THR H 120 -12.16 10.54 -29.42
N GLY H 121 -12.92 9.53 -29.86
CA GLY H 121 -13.04 8.30 -29.15
C GLY H 121 -13.89 8.44 -27.88
N LEU H 122 -14.37 9.66 -27.52
CA LEU H 122 -15.15 9.86 -26.31
C LEU H 122 -16.69 9.76 -26.53
N PRO H 123 -17.45 9.46 -25.46
CA PRO H 123 -18.93 9.25 -25.66
C PRO H 123 -19.76 10.57 -25.78
N ILE H 124 -19.75 11.17 -26.97
CA ILE H 124 -20.40 12.47 -27.21
C ILE H 124 -21.07 12.51 -28.57
N GLY H 125 -22.33 12.90 -28.59
CA GLY H 125 -23.04 13.19 -29.84
C GLY H 125 -22.75 14.62 -30.24
N GLY H 126 -23.36 15.09 -31.31
CA GLY H 126 -23.14 16.45 -31.79
C GLY H 126 -24.30 17.44 -31.78
N GLY H 127 -23.98 18.67 -31.43
CA GLY H 127 -24.93 19.77 -31.49
C GLY H 127 -24.19 21.10 -31.54
N LYS H 128 -24.98 22.16 -31.76
CA LYS H 128 -24.48 23.54 -31.74
C LYS H 128 -25.57 24.51 -31.52
N GLY H 129 -25.22 25.69 -31.05
CA GLY H 129 -26.17 26.75 -31.03
C GLY H 129 -25.53 28.11 -30.98
N GLY H 130 -26.34 29.07 -30.64
CA GLY H 130 -25.88 30.45 -30.60
C GLY H 130 -26.99 31.46 -30.68
N SER H 131 -26.63 32.65 -31.11
CA SER H 131 -27.56 33.76 -31.27
C SER H 131 -26.93 34.80 -32.17
N ASP H 132 -27.77 35.52 -32.91
CA ASP H 132 -27.35 36.71 -33.64
C ASP H 132 -27.08 37.94 -32.76
N PHE H 133 -27.27 37.85 -31.46
CA PHE H 133 -26.77 38.85 -30.54
C PHE H 133 -25.27 39.19 -30.75
N ASP H 134 -24.95 40.47 -30.56
CA ASP H 134 -23.63 41.00 -30.74
C ASP H 134 -23.07 41.42 -29.38
N PRO H 135 -22.22 40.58 -28.74
CA PRO H 135 -21.67 40.96 -27.45
C PRO H 135 -20.71 42.13 -27.46
N LYS H 136 -20.04 42.44 -28.58
CA LYS H 136 -19.13 43.61 -28.67
C LYS H 136 -19.81 44.96 -28.34
N GLY H 137 -19.20 45.72 -27.42
CA GLY H 137 -19.74 47.00 -27.00
C GLY H 137 -20.76 46.92 -25.88
N LYS H 138 -21.18 45.72 -25.52
CA LYS H 138 -22.16 45.55 -24.45
C LYS H 138 -21.47 45.57 -23.10
N SER H 139 -22.13 46.12 -22.11
CA SER H 139 -21.63 46.04 -20.74
C SER H 139 -21.84 44.60 -20.17
N ASP H 140 -21.08 44.26 -19.14
CA ASP H 140 -21.25 43.00 -18.40
C ASP H 140 -22.72 42.76 -18.05
N LEU H 141 -23.40 43.82 -17.58
CA LEU H 141 -24.79 43.70 -17.15
C LEU H 141 -25.76 43.40 -18.32
N GLU H 142 -25.51 43.99 -19.48
CA GLU H 142 -26.19 43.61 -20.73
C GLU H 142 -25.89 42.16 -21.17
N ILE H 143 -24.63 41.76 -21.15
CA ILE H 143 -24.28 40.37 -21.45
C ILE H 143 -24.95 39.39 -20.47
N MET H 144 -24.88 39.71 -19.20
CA MET H 144 -25.50 38.93 -18.16
C MET H 144 -26.98 38.77 -18.44
N ARG H 145 -27.66 39.87 -18.70
CA ARG H 145 -29.14 39.84 -18.96
C ARG H 145 -29.45 39.07 -20.22
N PHE H 146 -28.56 39.12 -21.20
CA PHE H 146 -28.77 38.37 -22.38
C PHE H 146 -28.60 36.86 -22.11
N CYS H 147 -27.47 36.50 -21.50
CA CYS H 147 -27.23 35.10 -21.07
C CYS H 147 -28.42 34.55 -20.28
N GLN H 148 -28.95 35.34 -19.34
CA GLN H 148 -30.09 34.91 -18.53
C GLN H 148 -31.38 34.71 -19.31
N SER H 149 -31.67 35.64 -20.23
CA SER H 149 -32.82 35.51 -21.10
C SER H 149 -32.69 34.30 -22.01
N PHE H 150 -31.50 34.12 -22.57
CA PHE H 150 -31.21 33.00 -23.47
C PHE H 150 -31.37 31.62 -22.75
N MET H 151 -30.82 31.55 -21.54
CA MET H 151 -30.85 30.30 -20.75
C MET H 151 -32.23 30.06 -20.18
N THR H 152 -33.04 31.12 -20.04
CA THR H 152 -34.43 30.94 -19.62
C THR H 152 -35.19 30.02 -20.57
N GLU H 153 -34.92 30.08 -21.88
CA GLU H 153 -35.55 29.12 -22.80
C GLU H 153 -34.77 27.83 -22.93
N LEU H 154 -33.46 27.94 -23.00
CA LEU H 154 -32.60 26.81 -23.32
C LEU H 154 -32.56 25.75 -22.22
N HIS H 155 -32.72 26.16 -20.94
CA HIS H 155 -32.61 25.21 -19.82
C HIS H 155 -33.44 23.92 -19.97
N ARG H 156 -34.63 24.04 -20.53
CA ARG H 156 -35.52 22.90 -20.66
C ARG H 156 -35.17 21.93 -21.77
N HIS H 157 -34.16 22.23 -22.58
CA HIS H 157 -33.74 21.37 -23.65
C HIS H 157 -32.35 20.77 -23.47
N ILE H 158 -31.69 21.10 -22.35
CA ILE H 158 -30.33 20.65 -22.05
C ILE H 158 -30.27 19.84 -20.77
N GLY H 159 -29.11 19.30 -20.45
CA GLY H 159 -28.92 18.51 -19.24
C GLY H 159 -27.69 17.66 -19.34
N GLU H 160 -27.10 17.28 -18.22
CA GLU H 160 -25.93 16.39 -18.19
C GLU H 160 -25.95 15.21 -19.18
N TYR H 161 -27.09 14.58 -19.43
CA TYR H 161 -27.21 13.43 -20.39
C TYR H 161 -27.96 13.74 -21.70
N ARG H 162 -28.43 14.98 -21.81
CA ARG H 162 -29.30 15.39 -22.88
C ARG H 162 -28.53 16.20 -23.93
N ASP H 163 -27.90 17.29 -23.48
CA ASP H 163 -27.23 18.26 -24.36
C ASP H 163 -26.37 19.14 -23.50
N VAL H 164 -25.10 19.25 -23.84
CA VAL H 164 -24.14 19.88 -22.98
C VAL H 164 -23.47 20.99 -23.79
N PRO H 165 -23.88 22.26 -23.58
CA PRO H 165 -23.19 23.31 -24.32
C PRO H 165 -21.81 23.77 -23.79
N ALA H 166 -21.29 24.80 -24.44
CA ALA H 166 -19.94 25.35 -24.19
C ALA H 166 -19.77 26.66 -24.95
N GLY H 167 -18.53 27.16 -25.04
CA GLY H 167 -18.23 28.41 -25.71
C GLY H 167 -17.95 28.23 -27.17
N ASP H 168 -17.59 29.34 -27.81
CA ASP H 168 -17.25 29.44 -29.26
C ASP H 168 -17.07 30.93 -29.45
N ILE H 169 -17.16 31.42 -30.69
CA ILE H 169 -17.01 32.84 -30.94
C ILE H 169 -18.08 33.58 -30.19
N GLY H 170 -17.65 34.62 -29.44
CA GLY H 170 -18.51 35.42 -28.56
C GLY H 170 -18.90 34.82 -27.20
N VAL H 171 -18.46 33.60 -26.89
CA VAL H 171 -18.81 32.91 -25.63
C VAL H 171 -17.56 32.33 -24.96
N GLY H 172 -17.02 33.04 -23.99
CA GLY H 172 -15.84 32.59 -23.25
C GLY H 172 -16.24 32.28 -21.82
N GLY H 173 -15.24 32.19 -20.96
CA GLY H 173 -15.39 32.08 -19.51
C GLY H 173 -16.51 32.95 -18.90
N ARG H 174 -16.62 34.22 -19.30
CA ARG H 174 -17.57 35.12 -18.68
C ARG H 174 -19.03 34.70 -18.96
N GLU H 175 -19.33 34.50 -20.24
CA GLU H 175 -20.69 34.09 -20.64
C GLU H 175 -21.07 32.67 -20.11
N ILE H 176 -20.12 31.74 -20.07
CA ILE H 176 -20.42 30.41 -19.50
C ILE H 176 -20.77 30.53 -18.01
N GLY H 177 -20.08 31.43 -17.31
CA GLY H 177 -20.45 31.76 -15.95
C GLY H 177 -21.90 32.19 -15.81
N TYR H 178 -22.34 33.15 -16.62
CA TYR H 178 -23.69 33.65 -16.48
C TYR H 178 -24.68 32.59 -16.92
N LEU H 179 -24.34 31.84 -17.96
CA LEU H 179 -25.20 30.78 -18.43
C LEU H 179 -25.42 29.65 -17.37
N PHE H 180 -24.34 29.22 -16.71
CA PHE H 180 -24.40 28.15 -15.73
C PHE H 180 -25.16 28.60 -14.52
N GLY H 181 -24.83 29.79 -14.06
CA GLY H 181 -25.51 30.42 -12.95
C GLY H 181 -27.00 30.39 -13.07
N HIS H 182 -27.47 30.87 -14.22
CA HIS H 182 -28.89 31.00 -14.47
C HIS H 182 -29.52 29.62 -14.75
N TYR H 183 -28.75 28.69 -15.31
CA TYR H 183 -29.23 27.34 -15.41
C TYR H 183 -29.61 26.78 -14.03
N ARG H 184 -28.72 26.93 -13.06
CA ARG H 184 -29.00 26.40 -11.70
C ARG H 184 -30.23 27.03 -11.10
N ARG H 185 -30.44 28.31 -11.37
CA ARG H 185 -31.60 29.00 -10.90
C ARG H 185 -32.87 28.44 -11.53
N MET H 186 -32.85 28.19 -12.84
CA MET H 186 -34.02 27.62 -13.50
C MET H 186 -34.31 26.22 -13.05
N ALA H 187 -33.27 25.39 -12.95
CA ALA H 187 -33.49 23.97 -12.67
C ALA H 187 -33.56 23.65 -11.20
N ASN H 188 -33.10 24.55 -10.33
CA ASN H 188 -32.85 24.28 -8.88
C ASN H 188 -32.00 23.01 -8.63
N GLN H 189 -30.89 22.93 -9.36
CA GLN H 189 -29.95 21.83 -9.33
C GLN H 189 -28.57 22.39 -9.56
N HIS H 190 -27.60 21.95 -8.82
CA HIS H 190 -26.23 22.21 -9.16
C HIS H 190 -25.65 21.12 -10.03
N GLU H 191 -25.97 21.19 -11.32
CA GLU H 191 -25.74 20.13 -12.29
C GLU H 191 -24.52 20.50 -13.12
N SER H 192 -23.34 20.22 -12.56
CA SER H 192 -22.07 20.63 -13.12
C SER H 192 -21.87 20.20 -14.58
N GLY H 193 -22.33 18.99 -14.90
CA GLY H 193 -22.27 18.41 -16.24
C GLY H 193 -23.10 19.00 -17.37
N VAL H 194 -23.93 20.00 -17.06
CA VAL H 194 -24.78 20.68 -18.02
C VAL H 194 -23.97 21.55 -19.01
N LEU H 195 -22.84 22.10 -18.57
CA LEU H 195 -22.03 22.96 -19.42
C LEU H 195 -20.59 22.59 -19.27
N THR H 196 -19.82 22.77 -20.34
CA THR H 196 -18.36 22.77 -20.21
C THR H 196 -17.72 24.17 -20.45
N GLY H 197 -16.41 24.23 -20.24
CA GLY H 197 -15.74 25.52 -20.18
C GLY H 197 -16.01 26.32 -18.92
N LYS H 198 -16.33 25.65 -17.82
CA LYS H 198 -16.64 26.31 -16.55
C LYS H 198 -15.35 26.79 -15.85
N GLY H 199 -15.47 27.66 -14.88
CA GLY H 199 -14.35 28.08 -14.07
C GLY H 199 -13.91 27.00 -13.08
N LEU H 200 -12.64 27.08 -12.67
CA LEU H 200 -12.01 26.00 -11.83
C LEU H 200 -12.60 25.77 -10.44
N THR H 201 -13.18 26.79 -9.83
CA THR H 201 -13.80 26.63 -8.49
C THR H 201 -15.26 26.19 -8.54
N TRP H 202 -15.82 26.09 -9.73
CA TRP H 202 -17.19 25.64 -9.90
C TRP H 202 -17.33 24.63 -11.05
N GLY H 203 -16.45 23.64 -11.08
CA GLY H 203 -16.72 22.40 -11.79
C GLY H 203 -15.98 22.22 -13.09
N GLY H 204 -15.07 23.15 -13.39
CA GLY H 204 -14.33 23.12 -14.65
C GLY H 204 -13.07 22.32 -14.56
N SER H 205 -12.47 22.07 -15.69
CA SER H 205 -11.27 21.27 -15.80
C SER H 205 -10.05 22.12 -16.14
N LEU H 206 -8.92 21.81 -15.55
CA LEU H 206 -7.67 22.53 -15.81
C LEU H 206 -7.11 22.84 -17.26
N VAL H 207 -7.32 21.98 -18.20
CA VAL H 207 -6.59 22.29 -19.49
C VAL H 207 -7.54 22.85 -20.55
N ARG H 208 -8.81 23.01 -20.19
CA ARG H 208 -9.81 23.37 -21.13
C ARG H 208 -9.59 24.71 -21.82
N THR H 209 -9.19 25.71 -21.05
CA THR H 209 -8.86 27.03 -21.61
C THR H 209 -7.82 26.84 -22.76
N GLU H 210 -6.78 26.03 -22.53
CA GLU H 210 -5.71 25.88 -23.52
C GLU H 210 -6.01 24.86 -24.61
N ALA H 211 -7.08 24.10 -24.52
CA ALA H 211 -7.18 22.77 -25.17
C ALA H 211 -7.21 22.76 -26.68
N THR H 212 -7.93 23.71 -27.27
CA THR H 212 -8.16 23.66 -28.68
C THR H 212 -6.89 24.02 -29.41
N GLY H 213 -6.24 25.12 -28.99
CA GLY H 213 -4.94 25.52 -29.57
C GLY H 213 -3.82 24.51 -29.27
N TYR H 214 -3.77 23.98 -28.05
CA TYR H 214 -2.74 22.98 -27.72
C TYR H 214 -2.93 21.78 -28.64
N GLY H 215 -4.16 21.28 -28.67
CA GLY H 215 -4.50 20.10 -29.44
C GLY H 215 -4.21 20.23 -30.93
N CYS H 216 -4.44 21.43 -31.45
CA CYS H 216 -4.19 21.74 -32.86
C CYS H 216 -2.68 21.67 -33.18
N VAL H 217 -1.87 22.19 -32.24
CA VAL H 217 -0.42 22.13 -32.37
C VAL H 217 0.01 20.67 -32.21
N TYR H 218 -0.59 19.93 -31.26
CA TYR H 218 -0.23 18.50 -31.05
C TYR H 218 -0.50 17.71 -32.33
N PHE H 219 -1.62 18.04 -32.99
CA PHE H 219 -1.99 17.35 -34.22
C PHE H 219 -1.03 17.69 -35.35
N VAL H 220 -0.70 18.98 -35.51
CA VAL H 220 0.21 19.38 -36.59
C VAL H 220 1.61 18.77 -36.42
N SER H 221 2.07 18.68 -35.18
CA SER H 221 3.29 17.95 -34.84
C SER H 221 3.28 16.53 -35.39
N GLU H 222 2.15 15.82 -35.21
CA GLU H 222 2.00 14.47 -35.73
C GLU H 222 2.12 14.41 -37.24
N MET H 223 1.45 15.33 -37.95
CA MET H 223 1.56 15.46 -39.40
C MET H 223 3.00 15.77 -39.87
N ILE H 224 3.67 16.67 -39.15
CA ILE H 224 5.05 17.05 -39.45
C ILE H 224 5.96 15.81 -39.31
N LYS H 225 5.92 15.11 -38.18
CA LYS H 225 6.70 13.87 -37.96
C LYS H 225 6.49 12.78 -38.99
N ALA H 226 5.24 12.57 -39.43
CA ALA H 226 4.92 11.56 -40.44
C ALA H 226 5.48 11.88 -41.82
N LYS H 227 5.86 13.15 -42.05
CA LYS H 227 6.56 13.59 -43.26
C LYS H 227 8.09 13.61 -43.11
N GLY H 228 8.59 13.31 -41.92
CA GLY H 228 10.03 13.20 -41.66
C GLY H 228 10.65 14.44 -41.09
N GLU H 229 9.82 15.43 -40.74
CA GLU H 229 10.31 16.69 -40.17
C GLU H 229 10.00 16.77 -38.65
N SER H 230 10.37 17.88 -38.04
CA SER H 230 9.95 18.20 -36.69
C SER H 230 9.46 19.66 -36.60
N ILE H 231 8.58 19.93 -35.63
CA ILE H 231 7.98 21.24 -35.50
C ILE H 231 8.98 22.27 -34.96
N SER H 232 10.10 21.81 -34.45
CA SER H 232 11.12 22.72 -33.96
C SER H 232 11.76 23.50 -35.09
N GLY H 233 12.07 24.75 -34.83
CA GLY H 233 12.64 25.65 -35.85
C GLY H 233 11.77 25.96 -37.08
N GLN H 234 10.47 25.59 -37.07
CA GLN H 234 9.53 25.89 -38.15
C GLN H 234 8.93 27.30 -37.98
N LYS H 235 8.52 27.93 -39.08
CA LYS H 235 7.84 29.27 -39.06
C LYS H 235 6.34 29.03 -39.26
N ILE H 236 5.52 29.69 -38.44
CA ILE H 236 4.09 29.40 -38.32
C ILE H 236 3.25 30.66 -38.40
N ILE H 237 2.19 30.57 -39.16
CA ILE H 237 1.18 31.62 -39.19
C ILE H 237 -0.03 31.10 -38.44
N VAL H 238 -0.56 31.90 -37.52
CA VAL H 238 -1.80 31.61 -36.81
C VAL H 238 -2.78 32.76 -37.00
N SER H 239 -3.82 32.60 -37.82
CA SER H 239 -4.87 33.61 -37.87
C SER H 239 -5.72 33.57 -36.61
N GLY H 240 -6.09 34.73 -36.11
CA GLY H 240 -6.94 34.83 -34.98
C GLY H 240 -6.16 35.31 -33.80
N SER H 241 -6.89 35.72 -32.78
CA SER H 241 -6.30 36.27 -31.57
C SER H 241 -7.24 36.06 -30.41
N GLY H 242 -8.15 35.09 -30.52
CA GLY H 242 -9.12 34.74 -29.46
C GLY H 242 -8.63 33.50 -28.71
N ASN H 243 -9.56 32.67 -28.27
CA ASN H 243 -9.23 31.51 -27.41
C ASN H 243 -8.30 30.47 -28.08
N VAL H 244 -8.59 30.13 -29.32
CA VAL H 244 -7.83 29.08 -30.04
C VAL H 244 -6.44 29.57 -30.47
N ALA H 245 -6.41 30.77 -31.03
CA ALA H 245 -5.17 31.33 -31.55
C ALA H 245 -4.15 31.52 -30.45
N THR H 246 -4.61 32.01 -29.32
CA THR H 246 -3.69 32.35 -28.26
C THR H 246 -2.90 31.13 -27.88
N TYR H 247 -3.58 29.99 -27.74
CA TYR H 247 -2.94 28.81 -27.14
C TYR H 247 -2.25 27.95 -28.12
N ALA H 248 -2.65 28.08 -29.40
CA ALA H 248 -1.87 27.46 -30.48
C ALA H 248 -0.49 28.13 -30.57
N ILE H 249 -0.52 29.47 -30.45
CA ILE H 249 0.68 30.25 -30.43
C ILE H 249 1.55 29.81 -29.26
N GLU H 250 0.99 29.76 -28.07
CA GLU H 250 1.75 29.37 -26.87
C GLU H 250 2.39 27.96 -27.04
N LYS H 251 1.60 26.99 -27.48
CA LYS H 251 2.14 25.65 -27.65
C LYS H 251 3.17 25.52 -28.77
N ALA H 252 3.01 26.28 -29.85
CA ALA H 252 3.95 26.20 -30.98
C ALA H 252 5.35 26.68 -30.52
N GLN H 253 5.37 27.75 -29.73
CA GLN H 253 6.62 28.30 -29.18
C GLN H 253 7.24 27.47 -28.04
N GLU H 254 6.42 26.87 -27.16
CA GLU H 254 6.98 25.89 -26.21
C GLU H 254 7.71 24.77 -26.95
N LEU H 255 7.19 24.32 -28.10
CA LEU H 255 7.79 23.20 -28.82
C LEU H 255 8.90 23.63 -29.79
N GLY H 256 9.25 24.91 -29.73
CA GLY H 256 10.42 25.48 -30.45
C GLY H 256 10.14 26.10 -31.81
N ALA H 257 8.87 26.18 -32.21
CA ALA H 257 8.53 26.88 -33.46
C ALA H 257 8.51 28.37 -33.20
N THR H 258 8.46 29.14 -34.26
CA THR H 258 8.31 30.60 -34.22
C THR H 258 7.00 30.96 -34.93
N VAL H 259 6.14 31.69 -34.24
CA VAL H 259 4.91 32.24 -34.85
C VAL H 259 5.21 33.65 -35.42
N ILE H 260 5.23 33.70 -36.74
CA ILE H 260 5.57 34.91 -37.49
C ILE H 260 4.36 35.86 -37.72
N GLY H 261 3.13 35.44 -37.38
CA GLY H 261 2.06 36.41 -37.23
C GLY H 261 0.75 35.88 -36.74
N PHE H 262 -0.13 36.83 -36.37
CA PHE H 262 -1.54 36.58 -35.98
C PHE H 262 -2.45 37.74 -36.42
N SER H 263 -3.77 37.66 -36.14
CA SER H 263 -4.72 38.68 -36.66
C SER H 263 -5.99 38.81 -35.86
N ASP H 264 -6.69 39.94 -36.02
CA ASP H 264 -8.10 39.97 -35.71
C ASP H 264 -8.84 40.31 -37.00
N SER H 265 -10.16 40.54 -36.92
CA SER H 265 -10.96 40.84 -38.12
C SER H 265 -10.68 42.23 -38.74
N SER H 266 -9.90 43.07 -38.05
CA SER H 266 -9.51 44.39 -38.54
C SER H 266 -8.24 44.34 -39.37
N GLY H 267 -7.32 43.47 -38.99
CA GLY H 267 -6.09 43.29 -39.73
C GLY H 267 -5.18 42.37 -38.95
N TRP H 268 -3.89 42.41 -39.27
CA TRP H 268 -2.94 41.42 -38.84
C TRP H 268 -1.61 42.05 -38.53
N VAL H 269 -0.79 41.25 -37.82
CA VAL H 269 0.50 41.64 -37.31
C VAL H 269 1.58 40.67 -37.78
N HIS H 270 2.70 41.23 -38.23
CA HIS H 270 3.91 40.51 -38.61
C HIS H 270 4.82 40.53 -37.40
N THR H 271 5.13 39.35 -36.85
CA THR H 271 6.02 39.19 -35.68
C THR H 271 7.15 38.25 -36.07
N PRO H 272 8.13 38.76 -36.85
CA PRO H 272 9.12 37.85 -37.46
C PRO H 272 10.08 37.13 -36.48
N ASN H 273 10.25 37.63 -35.26
CA ASN H 273 10.97 36.95 -34.14
C ASN H 273 10.06 36.41 -33.02
N GLY H 274 8.81 36.11 -33.35
CA GLY H 274 7.90 35.45 -32.44
C GLY H 274 7.01 36.40 -31.67
N VAL H 275 6.11 35.83 -30.89
CA VAL H 275 5.06 36.50 -30.21
C VAL H 275 5.41 36.47 -28.73
N ASP H 276 5.13 37.58 -28.07
CA ASP H 276 5.15 37.67 -26.62
C ASP H 276 3.69 37.40 -26.20
N VAL H 277 3.46 36.20 -25.69
CA VAL H 277 2.11 35.69 -25.43
C VAL H 277 1.44 36.43 -24.30
N ALA H 278 2.19 36.73 -23.23
CA ALA H 278 1.70 37.53 -22.09
C ALA H 278 1.15 38.88 -22.54
N LYS H 279 1.89 39.47 -23.48
CA LYS H 279 1.57 40.76 -24.05
C LYS H 279 0.29 40.71 -24.89
N LEU H 280 0.22 39.73 -25.80
CA LEU H 280 -1.01 39.51 -26.57
C LEU H 280 -2.24 39.29 -25.69
N ARG H 281 -2.04 38.59 -24.57
CA ARG H 281 -3.12 38.31 -23.60
C ARG H 281 -3.56 39.53 -22.78
N GLU H 282 -2.60 40.30 -22.27
CA GLU H 282 -2.89 41.60 -21.64
C GLU H 282 -3.77 42.42 -22.58
N ILE H 283 -3.32 42.46 -23.85
CA ILE H 283 -3.96 43.24 -24.90
C ILE H 283 -5.37 42.80 -25.25
N LYS H 284 -5.58 41.50 -25.45
CA LYS H 284 -6.91 40.99 -25.84
C LYS H 284 -7.80 40.70 -24.66
N GLU H 285 -7.25 40.17 -23.58
CA GLU H 285 -8.08 39.77 -22.42
C GLU H 285 -8.42 40.88 -21.40
N VAL H 286 -7.45 41.71 -21.07
CA VAL H 286 -7.65 42.77 -20.06
C VAL H 286 -8.16 44.02 -20.80
N ARG H 287 -7.36 44.52 -21.74
CA ARG H 287 -7.70 45.74 -22.50
C ARG H 287 -8.79 45.60 -23.58
N ARG H 288 -9.13 44.38 -23.99
CA ARG H 288 -10.15 44.16 -25.04
C ARG H 288 -9.81 44.91 -26.37
N ALA H 289 -8.52 45.15 -26.59
CA ALA H 289 -7.98 46.00 -27.64
C ALA H 289 -7.70 45.24 -28.94
N ARG H 290 -7.40 45.99 -29.99
CA ARG H 290 -7.16 45.44 -31.33
C ARG H 290 -5.71 44.99 -31.44
N VAL H 291 -5.47 44.08 -32.36
CA VAL H 291 -4.12 43.58 -32.69
C VAL H 291 -3.09 44.70 -33.02
N SER H 292 -3.61 45.83 -33.51
CA SER H 292 -2.81 47.01 -33.85
C SER H 292 -2.13 47.62 -32.64
N VAL H 293 -2.81 47.60 -31.50
CA VAL H 293 -2.21 48.01 -30.21
C VAL H 293 -0.95 47.18 -29.84
N TYR H 294 -0.95 45.88 -30.15
CA TYR H 294 0.25 45.03 -29.93
C TYR H 294 1.41 45.62 -30.73
N ALA H 295 1.20 45.73 -32.04
CA ALA H 295 2.19 46.28 -33.00
C ALA H 295 2.87 47.60 -32.54
N ASP H 296 2.06 48.55 -32.04
CA ASP H 296 2.56 49.86 -31.55
C ASP H 296 3.42 49.75 -30.28
N GLU H 297 3.03 48.84 -29.40
CA GLU H 297 3.70 48.62 -28.12
C GLU H 297 4.82 47.55 -28.15
N VAL H 298 5.06 46.91 -29.31
CA VAL H 298 6.10 45.87 -29.47
C VAL H 298 6.99 46.14 -30.68
N GLU H 299 8.27 46.39 -30.40
CA GLU H 299 9.25 46.72 -31.43
C GLU H 299 9.67 45.45 -32.15
N GLY H 300 9.74 45.55 -33.47
CA GLY H 300 9.84 44.38 -34.35
C GLY H 300 8.49 44.03 -34.98
N ALA H 301 7.40 44.35 -34.27
CA ALA H 301 6.04 44.03 -34.71
C ALA H 301 5.33 45.20 -35.42
N THR H 302 4.84 44.92 -36.64
CA THR H 302 4.22 45.92 -37.50
C THR H 302 2.81 45.48 -37.94
N TYR H 303 1.88 46.44 -37.90
CA TYR H 303 0.45 46.26 -38.21
C TYR H 303 0.22 46.33 -39.72
N HIS H 304 -0.78 45.62 -40.24
CA HIS H 304 -1.11 45.62 -41.66
C HIS H 304 -2.63 45.50 -41.84
N THR H 305 -3.19 46.43 -42.60
CA THR H 305 -4.60 46.31 -43.05
C THR H 305 -4.68 45.90 -44.53
N ASP H 306 -3.52 45.91 -45.19
CA ASP H 306 -3.35 45.53 -46.57
C ASP H 306 -3.13 44.02 -46.74
N GLY H 307 -3.43 43.51 -47.95
CA GLY H 307 -3.17 42.12 -48.32
C GLY H 307 -3.78 41.15 -47.32
N SER H 308 -3.09 40.07 -47.01
CA SER H 308 -3.63 39.05 -46.10
C SER H 308 -2.49 38.46 -45.29
N ILE H 309 -2.81 38.04 -44.07
CA ILE H 309 -1.87 37.27 -43.26
C ILE H 309 -1.32 36.07 -44.04
N TRP H 310 -2.08 35.59 -45.02
CA TRP H 310 -1.65 34.47 -45.85
C TRP H 310 -0.57 34.79 -46.92
N ASP H 311 -0.24 36.08 -47.08
CA ASP H 311 0.88 36.52 -47.93
C ASP H 311 2.26 36.21 -47.33
N LEU H 312 2.31 35.96 -46.00
CA LEU H 312 3.57 35.62 -45.33
C LEU H 312 4.19 34.29 -45.80
N LYS H 313 5.50 34.29 -45.94
CA LYS H 313 6.27 33.10 -46.20
C LYS H 313 6.26 32.30 -44.91
N CYS H 314 5.83 31.05 -44.97
CA CYS H 314 5.85 30.18 -43.78
C CYS H 314 6.06 28.73 -44.15
N ASP H 315 6.36 27.92 -43.14
CA ASP H 315 6.34 26.45 -43.29
C ASP H 315 4.98 25.85 -42.99
N ILE H 316 4.27 26.47 -42.04
CA ILE H 316 3.06 25.92 -41.44
C ILE H 316 2.04 27.04 -41.29
N ALA H 317 0.80 26.77 -41.68
CA ALA H 317 -0.30 27.69 -41.49
C ALA H 317 -1.40 27.05 -40.65
N LEU H 318 -1.72 27.69 -39.52
CA LEU H 318 -2.82 27.35 -38.62
C LEU H 318 -3.94 28.45 -38.61
N PRO H 319 -4.99 28.32 -39.45
CA PRO H 319 -6.14 29.21 -39.38
C PRO H 319 -7.04 28.94 -38.16
N CYS H 320 -7.11 29.91 -37.26
CA CYS H 320 -7.81 29.75 -35.99
C CYS H 320 -8.83 30.84 -35.70
N ALA H 321 -9.49 31.39 -36.72
CA ALA H 321 -10.46 32.50 -36.50
C ALA H 321 -11.89 32.10 -36.80
N THR H 322 -12.18 31.76 -38.07
CA THR H 322 -13.59 31.58 -38.48
C THR H 322 -13.73 30.79 -39.75
N GLN H 323 -14.94 30.57 -40.21
CA GLN H 323 -15.11 29.79 -41.46
C GLN H 323 -14.74 30.62 -42.74
N ASN H 324 -14.27 29.93 -43.77
CA ASN H 324 -13.99 30.55 -45.07
C ASN H 324 -13.14 31.77 -44.99
N GLU H 325 -12.03 31.66 -44.26
CA GLU H 325 -11.03 32.74 -44.09
C GLU H 325 -9.78 32.52 -44.94
N LEU H 326 -9.70 31.39 -45.61
CA LEU H 326 -8.52 30.97 -46.35
C LEU H 326 -9.08 30.44 -47.66
N ASN H 327 -9.11 31.30 -48.66
CA ASN H 327 -9.61 30.95 -50.01
C ASN H 327 -8.58 30.28 -50.95
N GLY H 328 -9.03 29.93 -52.16
CA GLY H 328 -8.17 29.31 -53.19
C GLY H 328 -6.92 30.12 -53.49
N GLU H 329 -7.06 31.45 -53.44
CA GLU H 329 -5.99 32.36 -53.77
C GLU H 329 -4.99 32.43 -52.60
N ASN H 330 -5.50 32.48 -51.38
CA ASN H 330 -4.67 32.36 -50.16
C ASN H 330 -3.85 31.06 -50.22
N ALA H 331 -4.52 29.99 -50.59
CA ALA H 331 -3.88 28.70 -50.73
C ALA H 331 -2.76 28.65 -51.79
N LYS H 332 -2.98 29.33 -52.93
CA LYS H 332 -1.95 29.46 -53.98
C LYS H 332 -0.70 30.17 -53.47
N THR H 333 -0.88 31.34 -52.86
CA THR H 333 0.27 32.13 -52.42
C THR H 333 1.05 31.44 -51.26
N LEU H 334 0.38 30.78 -50.30
CA LEU H 334 1.13 30.00 -49.28
C LEU H 334 1.93 28.89 -49.95
N ALA H 335 1.32 28.19 -50.89
CA ALA H 335 2.02 27.09 -51.57
C ALA H 335 3.25 27.59 -52.34
N ASP H 336 3.10 28.77 -52.97
CA ASP H 336 4.18 29.38 -53.74
C ASP H 336 5.28 29.91 -52.81
N ASN H 337 4.91 30.37 -51.62
CA ASN H 337 5.88 30.77 -50.60
C ASN H 337 6.48 29.63 -49.73
N GLY H 338 6.15 28.37 -50.02
CA GLY H 338 6.85 27.21 -49.36
C GLY H 338 6.20 26.51 -48.15
N CYS H 339 5.01 26.95 -47.75
CA CYS H 339 4.09 26.20 -46.81
C CYS H 339 3.94 24.73 -47.20
N ARG H 340 4.26 23.84 -46.28
CA ARG H 340 4.13 22.36 -46.48
C ARG H 340 3.05 21.74 -45.57
N PHE H 341 2.58 22.47 -44.55
CA PHE H 341 1.54 21.98 -43.61
C PHE H 341 0.48 23.03 -43.30
N VAL H 342 -0.79 22.61 -43.29
CA VAL H 342 -1.94 23.45 -42.85
C VAL H 342 -2.77 22.62 -41.91
N ALA H 343 -3.13 23.17 -40.77
CA ALA H 343 -4.05 22.48 -39.85
C ALA H 343 -5.06 23.45 -39.38
N GLU H 344 -6.32 23.04 -39.35
CA GLU H 344 -7.35 24.03 -39.00
C GLU H 344 -7.63 24.01 -37.50
N GLY H 345 -7.33 25.12 -36.81
CA GLY H 345 -7.83 25.37 -35.46
C GLY H 345 -9.31 25.75 -35.45
N ALA H 346 -9.69 26.55 -36.46
CA ALA H 346 -11.08 27.00 -36.59
C ALA H 346 -11.93 25.94 -37.22
N ASN H 347 -13.23 26.14 -37.23
CA ASN H 347 -14.18 25.27 -37.94
C ASN H 347 -14.35 25.78 -39.37
N MET H 348 -14.01 24.93 -40.34
CA MET H 348 -14.08 25.18 -41.79
C MET H 348 -13.44 26.52 -42.25
N PRO H 349 -12.20 26.81 -41.81
CA PRO H 349 -11.57 28.02 -42.34
C PRO H 349 -11.24 27.96 -43.80
N SER H 350 -10.82 26.80 -44.29
CA SER H 350 -10.47 26.64 -45.69
C SER H 350 -11.69 26.41 -46.60
N THR H 351 -11.76 27.21 -47.68
CA THR H 351 -12.82 27.09 -48.66
C THR H 351 -12.51 25.84 -49.47
N PRO H 352 -13.53 25.30 -50.17
CA PRO H 352 -13.28 24.07 -50.94
C PRO H 352 -12.20 24.24 -52.02
N GLU H 353 -12.11 25.42 -52.68
CA GLU H 353 -11.00 25.72 -53.66
C GLU H 353 -9.59 25.74 -53.00
N ALA H 354 -9.50 26.05 -51.71
CA ALA H 354 -8.22 26.03 -50.98
C ALA H 354 -7.83 24.59 -50.68
N VAL H 355 -8.79 23.79 -50.27
CA VAL H 355 -8.55 22.37 -49.98
C VAL H 355 -8.10 21.65 -51.24
N GLU H 356 -8.75 21.93 -52.39
CA GLU H 356 -8.27 21.40 -53.70
C GLU H 356 -6.85 21.84 -54.04
N VAL H 357 -6.57 23.11 -53.79
CA VAL H 357 -5.25 23.60 -54.02
C VAL H 357 -4.22 22.85 -53.19
N PHE H 358 -4.47 22.69 -51.87
CA PHE H 358 -3.54 21.98 -50.99
C PHE H 358 -3.20 20.59 -51.50
N ARG H 359 -4.22 19.85 -51.95
CA ARG H 359 -4.06 18.52 -52.52
C ARG H 359 -3.23 18.52 -53.85
N GLU H 360 -3.58 19.39 -54.83
CA GLU H 360 -2.82 19.56 -56.09
C GLU H 360 -1.33 19.89 -55.83
N ARG H 361 -1.08 20.79 -54.89
CA ARG H 361 0.29 21.23 -54.52
C ARG H 361 1.06 20.34 -53.50
N ASP H 362 0.54 19.17 -53.15
CA ASP H 362 1.13 18.22 -52.18
C ASP H 362 1.36 18.82 -50.77
N ILE H 363 0.43 19.68 -50.34
CA ILE H 363 0.45 20.24 -49.00
C ILE H 363 -0.41 19.36 -48.08
N ARG H 364 0.17 19.04 -46.94
CA ARG H 364 -0.49 18.20 -45.91
C ARG H 364 -1.47 19.04 -45.15
N PHE H 365 -2.70 18.51 -45.06
CA PHE H 365 -3.83 19.27 -44.58
C PHE H 365 -4.54 18.52 -43.49
N GLY H 366 -4.56 19.13 -42.29
CA GLY H 366 -5.33 18.61 -41.16
C GLY H 366 -6.69 19.28 -41.07
N PRO H 367 -7.77 18.55 -41.39
CA PRO H 367 -9.08 19.21 -41.31
C PRO H 367 -9.49 19.53 -39.88
N GLY H 368 -10.28 20.57 -39.70
CA GLY H 368 -10.75 20.97 -38.41
C GLY H 368 -11.42 19.94 -37.52
N LYS H 369 -12.16 19.01 -38.09
CA LYS H 369 -12.86 18.03 -37.29
C LYS H 369 -11.87 17.08 -36.57
N ALA H 370 -10.65 17.01 -37.12
CA ALA H 370 -9.57 16.33 -36.50
C ALA H 370 -8.70 17.24 -35.60
N ALA H 371 -8.16 18.33 -36.16
CA ALA H 371 -7.08 19.10 -35.52
C ALA H 371 -7.58 20.00 -34.44
N ASN H 372 -8.84 20.42 -34.51
CA ASN H 372 -9.41 21.22 -33.42
C ASN H 372 -10.25 20.43 -32.38
N ALA H 373 -10.25 19.10 -32.48
CA ALA H 373 -10.98 18.23 -31.58
C ALA H 373 -10.46 18.19 -30.13
N GLY H 374 -9.28 18.76 -29.86
CA GLY H 374 -8.74 18.84 -28.50
C GLY H 374 -9.68 19.55 -27.51
N GLY H 375 -10.45 20.51 -28.03
CA GLY H 375 -11.38 21.24 -27.22
C GLY H 375 -12.53 20.42 -26.76
N VAL H 376 -13.35 19.94 -27.70
CA VAL H 376 -14.44 19.07 -27.34
C VAL H 376 -14.00 17.81 -26.61
N ALA H 377 -12.80 17.30 -26.86
CA ALA H 377 -12.26 16.17 -26.10
C ALA H 377 -12.07 16.51 -24.63
N THR H 378 -11.53 17.68 -24.38
CA THR H 378 -11.22 18.15 -23.06
C THR H 378 -12.48 18.55 -22.37
N SER H 379 -13.47 19.06 -23.11
CA SER H 379 -14.81 19.24 -22.60
C SER H 379 -15.38 17.91 -22.15
N ALA H 380 -15.27 16.88 -22.97
CA ALA H 380 -15.76 15.56 -22.54
C ALA H 380 -15.03 15.10 -21.25
N LEU H 381 -13.74 15.44 -21.11
CA LEU H 381 -12.98 15.15 -19.90
C LEU H 381 -13.53 15.94 -18.71
N GLU H 382 -13.95 17.19 -18.98
CA GLU H 382 -14.60 17.97 -17.95
C GLU H 382 -15.89 17.26 -17.51
N MET H 383 -16.70 16.80 -18.47
CA MET H 383 -17.89 16.00 -18.20
C MET H 383 -17.59 14.77 -17.32
N GLN H 384 -16.56 14.03 -17.70
CA GLN H 384 -16.10 12.86 -16.98
C GLN H 384 -15.69 13.20 -15.55
N GLN H 385 -14.89 14.25 -15.40
CA GLN H 385 -14.62 14.77 -14.07
C GLN H 385 -15.90 15.08 -13.25
N ASN H 386 -16.83 15.79 -13.85
CA ASN H 386 -18.10 16.11 -13.21
C ASN H 386 -18.92 14.88 -12.80
N ALA H 387 -19.03 13.92 -13.69
CA ALA H 387 -19.80 12.66 -13.38
C ALA H 387 -19.17 11.83 -12.23
N SER H 388 -17.87 12.01 -12.00
CA SER H 388 -17.12 11.37 -10.91
C SER H 388 -16.95 12.22 -9.69
N ARG H 389 -17.35 13.47 -9.77
CA ARG H 389 -17.04 14.52 -8.79
C ARG H 389 -15.55 14.58 -8.49
N ASP H 390 -14.76 14.44 -9.53
CA ASP H 390 -13.33 14.38 -9.37
C ASP H 390 -12.73 15.64 -9.99
N SER H 391 -11.49 15.91 -9.68
CA SER H 391 -10.80 17.06 -10.25
C SER H 391 -9.37 16.68 -10.55
N TRP H 392 -8.99 16.71 -11.81
CA TRP H 392 -7.68 16.18 -12.25
C TRP H 392 -6.63 17.28 -12.30
N SER H 393 -5.37 16.92 -12.13
CA SER H 393 -4.29 17.86 -12.33
C SER H 393 -4.14 18.26 -13.82
N PHE H 394 -3.41 19.34 -14.03
CA PHE H 394 -3.21 19.91 -15.34
C PHE H 394 -2.38 18.90 -16.13
N GLU H 395 -1.40 18.30 -15.47
CA GLU H 395 -0.44 17.38 -16.08
C GLU H 395 -1.10 16.06 -16.50
N TYR H 396 -2.05 15.60 -15.66
CA TYR H 396 -2.86 14.44 -16.01
C TYR H 396 -3.79 14.70 -17.24
N THR H 397 -4.51 15.82 -17.24
CA THR H 397 -5.48 16.13 -18.29
C THR H 397 -4.76 16.36 -19.65
N ASP H 398 -3.69 17.16 -19.60
CA ASP H 398 -2.86 17.47 -20.76
C ASP H 398 -2.23 16.23 -21.39
N GLU H 399 -1.75 15.30 -20.57
CA GLU H 399 -1.33 13.96 -21.04
C GLU H 399 -2.46 13.20 -21.78
N ARG H 400 -3.62 13.16 -21.16
CA ARG H 400 -4.80 12.65 -21.84
C ARG H 400 -5.05 13.36 -23.19
N LEU H 401 -4.90 14.68 -23.23
CA LEU H 401 -5.16 15.44 -24.45
C LEU H 401 -4.12 15.11 -25.55
N GLN H 402 -2.84 15.02 -25.16
CA GLN H 402 -1.75 14.64 -26.06
C GLN H 402 -2.01 13.29 -26.70
N VAL H 403 -2.40 12.33 -25.87
CA VAL H 403 -2.66 10.98 -26.37
C VAL H 403 -3.92 10.93 -27.28
N ILE H 404 -4.94 11.69 -26.95
CA ILE H 404 -6.14 11.75 -27.79
C ILE H 404 -5.79 12.28 -29.21
N MET H 405 -4.92 13.29 -29.27
CA MET H 405 -4.59 13.95 -30.54
C MET H 405 -3.75 13.04 -31.42
N LYS H 406 -2.85 12.28 -30.80
CA LYS H 406 -2.09 11.24 -31.48
C LYS H 406 -2.96 10.14 -32.02
N ASN H 407 -3.91 9.71 -31.23
CA ASN H 407 -4.83 8.65 -31.68
C ASN H 407 -5.73 9.17 -32.81
N ILE H 408 -6.21 10.41 -32.74
CA ILE H 408 -6.97 10.96 -33.84
C ILE H 408 -6.13 11.04 -35.09
N PHE H 409 -4.91 11.59 -34.97
CA PHE H 409 -3.98 11.53 -36.11
C PHE H 409 -3.89 10.13 -36.70
N LYS H 410 -3.65 9.13 -35.85
CA LYS H 410 -3.46 7.73 -36.27
C LYS H 410 -4.65 7.12 -36.98
N THR H 411 -5.87 7.35 -36.47
CA THR H 411 -7.05 6.83 -37.16
C THR H 411 -7.30 7.59 -38.49
N CYS H 412 -6.99 8.88 -38.54
CA CYS H 412 -7.13 9.66 -39.79
C CYS H 412 -6.17 9.13 -40.87
N ALA H 413 -4.88 9.03 -40.55
CA ALA H 413 -3.89 8.50 -41.47
C ALA H 413 -4.09 7.01 -41.84
N GLU H 414 -4.51 6.16 -40.91
CA GLU H 414 -4.78 4.74 -41.21
C GLU H 414 -6.05 4.51 -42.00
N THR H 415 -7.12 5.25 -41.70
CA THR H 415 -8.37 5.12 -42.41
C THR H 415 -8.20 5.62 -43.86
N ALA H 416 -7.55 6.79 -44.01
CA ALA H 416 -7.17 7.33 -45.33
C ALA H 416 -6.55 6.24 -46.22
N ALA H 417 -5.48 5.62 -45.73
CA ALA H 417 -4.74 4.54 -46.46
C ALA H 417 -5.53 3.28 -46.68
N GLU H 418 -6.22 2.82 -45.64
CA GLU H 418 -7.17 1.70 -45.79
C GLU H 418 -8.10 1.87 -47.02
N TYR H 419 -8.56 3.08 -47.29
CA TYR H 419 -9.49 3.34 -48.40
C TYR H 419 -8.81 3.89 -49.66
N GLY H 420 -7.49 3.79 -49.72
CA GLY H 420 -6.75 4.08 -50.93
C GLY H 420 -6.45 5.55 -51.16
N HIS H 421 -6.52 6.34 -50.09
CA HIS H 421 -6.22 7.76 -50.22
C HIS H 421 -5.14 8.19 -49.22
N GLU H 422 -4.03 7.47 -49.16
CA GLU H 422 -2.99 7.75 -48.15
C GLU H 422 -2.55 9.22 -48.10
N ASN H 423 -2.41 9.73 -46.88
CA ASN H 423 -2.09 11.14 -46.58
C ASN H 423 -3.22 12.19 -46.80
N ASP H 424 -4.40 11.75 -47.26
CA ASP H 424 -5.57 12.61 -47.36
C ASP H 424 -6.36 12.54 -46.00
N TYR H 425 -6.05 13.44 -45.09
CA TYR H 425 -6.60 13.35 -43.75
C TYR H 425 -8.06 13.70 -43.70
N VAL H 426 -8.52 14.46 -44.68
CA VAL H 426 -9.94 14.76 -44.87
C VAL H 426 -10.75 13.45 -45.07
N VAL H 427 -10.35 12.64 -46.04
CA VAL H 427 -10.99 11.37 -46.28
C VAL H 427 -10.94 10.55 -45.00
N GLY H 428 -9.74 10.39 -44.44
CA GLY H 428 -9.56 9.65 -43.20
C GLY H 428 -10.45 10.04 -42.01
N ALA H 429 -10.55 11.33 -41.75
CA ALA H 429 -11.35 11.84 -40.67
C ALA H 429 -12.84 11.57 -40.94
N ASN H 430 -13.29 11.91 -42.16
CA ASN H 430 -14.67 11.83 -42.53
C ASN H 430 -15.16 10.38 -42.46
N ILE H 431 -14.40 9.44 -42.99
CA ILE H 431 -14.78 8.04 -42.93
C ILE H 431 -14.75 7.45 -41.47
N ALA H 432 -13.65 7.64 -40.72
CA ALA H 432 -13.58 7.11 -39.34
C ALA H 432 -14.67 7.70 -38.45
N GLY H 433 -14.85 9.02 -38.51
CA GLY H 433 -15.95 9.72 -37.87
C GLY H 433 -17.32 9.14 -38.23
N PHE H 434 -17.57 9.00 -39.53
CA PHE H 434 -18.80 8.42 -39.99
C PHE H 434 -19.08 6.96 -39.56
N LYS H 435 -18.11 6.08 -39.67
CA LYS H 435 -18.29 4.67 -39.36
C LYS H 435 -18.65 4.38 -37.89
N LYS H 436 -18.08 5.13 -36.96
CA LYS H 436 -18.41 4.91 -35.57
C LYS H 436 -19.88 5.34 -35.31
N VAL H 437 -20.28 6.48 -35.86
CA VAL H 437 -21.63 6.95 -35.70
C VAL H 437 -22.63 5.99 -36.35
N ALA H 438 -22.37 5.61 -37.60
CA ALA H 438 -23.28 4.73 -38.35
C ALA H 438 -23.47 3.37 -37.67
N ASP H 439 -22.38 2.79 -37.19
CA ASP H 439 -22.46 1.48 -36.51
C ASP H 439 -23.30 1.56 -35.22
N ALA H 440 -23.22 2.69 -34.50
CA ALA H 440 -24.08 2.97 -33.37
C ALA H 440 -25.54 3.27 -33.78
N MET H 441 -25.75 3.93 -34.91
CA MET H 441 -27.10 4.18 -35.37
C MET H 441 -27.77 2.87 -35.81
N LEU H 442 -27.01 1.97 -36.42
CA LEU H 442 -27.61 0.72 -36.87
C LEU H 442 -27.98 -0.15 -35.69
N ALA H 443 -27.12 -0.22 -34.66
CA ALA H 443 -27.45 -0.94 -33.43
C ALA H 443 -28.75 -0.46 -32.74
N GLN H 444 -29.04 0.83 -32.84
CA GLN H 444 -30.03 1.41 -31.97
C GLN H 444 -31.39 1.54 -32.62
N GLY H 445 -31.49 1.16 -33.90
CA GLY H 445 -32.77 1.05 -34.57
C GLY H 445 -33.17 2.36 -35.19
N VAL H 446 -34.29 2.35 -35.91
CA VAL H 446 -34.91 3.53 -36.51
C VAL H 446 -35.62 4.31 -35.40
N ILE H 447 -34.95 5.40 -35.07
CA ILE H 447 -35.40 6.36 -34.07
C ILE H 447 -35.08 7.75 -34.61
N MET I 1 65.73 24.55 26.81
CA MET I 1 66.99 24.60 26.00
C MET I 1 67.93 23.51 26.51
N THR I 2 68.36 23.65 27.76
CA THR I 2 69.41 22.77 28.36
C THR I 2 69.00 21.28 28.45
N VAL I 3 69.97 20.46 28.84
CA VAL I 3 69.75 19.03 29.09
C VAL I 3 68.79 18.87 30.28
N ASP I 4 69.03 19.63 31.34
CA ASP I 4 68.16 19.62 32.53
C ASP I 4 66.78 20.27 32.35
N GLU I 5 66.68 21.34 31.57
CA GLU I 5 65.43 22.13 31.51
C GLU I 5 64.24 21.38 30.86
N GLN I 6 64.49 20.69 29.74
CA GLN I 6 63.43 19.95 29.08
C GLN I 6 63.04 18.72 29.93
N VAL I 7 64.06 18.00 30.44
CA VAL I 7 63.90 16.78 31.22
C VAL I 7 63.16 17.01 32.54
N SER I 8 63.43 18.13 33.18
CA SER I 8 62.76 18.48 34.39
C SER I 8 61.38 19.11 34.17
N ASN I 9 61.17 19.83 33.07
CA ASN I 9 59.81 20.29 32.71
C ASN I 9 58.96 19.13 32.19
N TYR I 10 59.62 18.07 31.74
CA TYR I 10 58.94 16.85 31.46
C TYR I 10 58.58 16.05 32.74
N TYR I 11 59.55 15.79 33.61
CA TYR I 11 59.23 15.22 34.92
C TYR I 11 58.04 15.95 35.60
N ASP I 12 57.99 17.28 35.52
CA ASP I 12 56.83 18.08 36.00
C ASP I 12 55.51 17.75 35.25
N MET I 13 55.64 17.25 34.03
CA MET I 13 54.54 16.75 33.19
C MET I 13 54.03 15.42 33.71
N LEU I 14 54.94 14.47 33.89
CA LEU I 14 54.62 13.21 34.49
C LEU I 14 53.84 13.37 35.82
N LEU I 15 54.25 14.33 36.66
CA LEU I 15 53.64 14.54 37.99
C LEU I 15 52.20 15.01 37.89
N LYS I 16 51.90 15.85 36.90
CA LYS I 16 50.55 16.35 36.71
C LYS I 16 49.66 15.22 36.16
N ARG I 17 50.06 14.62 35.07
CA ARG I 17 49.34 13.50 34.49
C ARG I 17 49.14 12.27 35.43
N ASN I 18 50.04 12.08 36.36
CA ASN I 18 50.04 10.87 37.22
C ASN I 18 49.94 11.19 38.71
N ALA I 19 49.12 12.16 39.07
CA ALA I 19 48.97 12.55 40.48
C ALA I 19 48.71 11.34 41.39
N GLY I 20 49.32 11.32 42.58
CA GLY I 20 49.11 10.25 43.59
C GLY I 20 49.83 8.92 43.37
N GLU I 21 50.85 8.90 42.49
CA GLU I 21 51.61 7.70 42.18
C GLU I 21 53.12 7.86 42.50
N PRO I 22 53.45 8.08 43.79
CA PRO I 22 54.83 8.39 44.24
C PRO I 22 55.89 7.32 43.95
N GLU I 23 55.55 6.04 44.02
CA GLU I 23 56.54 5.03 43.71
C GLU I 23 56.88 5.12 42.19
N PHE I 24 55.85 5.38 41.36
CA PHE I 24 56.02 5.49 39.93
C PHE I 24 56.78 6.78 39.60
N HIS I 25 56.50 7.88 40.28
CA HIS I 25 57.28 9.15 40.09
C HIS I 25 58.75 8.95 40.39
N GLN I 26 59.06 8.36 41.55
CA GLN I 26 60.47 8.10 41.86
C GLN I 26 61.15 7.08 40.94
N ALA I 27 60.44 6.04 40.47
CA ALA I 27 61.03 5.14 39.44
C ALA I 27 61.40 5.90 38.15
N VAL I 28 60.48 6.71 37.66
CA VAL I 28 60.75 7.60 36.54
C VAL I 28 61.94 8.55 36.80
N ALA I 29 62.04 9.12 38.00
CA ALA I 29 63.12 10.09 38.32
C ALA I 29 64.51 9.47 38.16
N GLU I 30 64.65 8.22 38.55
CA GLU I 30 65.92 7.54 38.56
C GLU I 30 66.36 7.12 37.16
N VAL I 31 65.40 6.76 36.33
CA VAL I 31 65.60 6.56 34.89
C VAL I 31 65.90 7.89 34.15
N LEU I 32 65.25 8.97 34.58
CA LEU I 32 65.57 10.30 34.08
C LEU I 32 67.04 10.76 34.46
N GLU I 33 67.54 10.43 35.64
CA GLU I 33 68.95 10.70 35.98
C GLU I 33 69.90 9.94 35.05
N SER I 34 69.56 8.69 34.73
CA SER I 34 70.28 7.89 33.72
C SER I 34 70.25 8.47 32.30
N LEU I 35 69.09 8.91 31.82
CA LEU I 35 68.98 9.52 30.49
C LEU I 35 69.85 10.78 30.32
N LYS I 36 70.00 11.60 31.37
CA LYS I 36 70.89 12.81 31.29
C LYS I 36 72.34 12.44 30.95
N ILE I 37 72.82 11.42 31.66
CA ILE I 37 74.10 10.77 31.37
C ILE I 37 74.20 10.41 29.88
N VAL I 38 73.21 9.69 29.39
CA VAL I 38 73.23 9.15 28.03
C VAL I 38 73.18 10.27 27.02
N LEU I 39 72.35 11.26 27.27
CA LEU I 39 72.12 12.40 26.35
C LEU I 39 73.33 13.29 26.16
N GLU I 40 74.14 13.42 27.20
CA GLU I 40 75.35 14.22 27.12
C GLU I 40 76.38 13.59 26.19
N LYS I 41 76.31 12.28 25.95
CA LYS I 41 77.16 11.61 24.94
C LYS I 41 76.46 11.31 23.61
N ASP I 42 75.18 10.94 23.68
CA ASP I 42 74.43 10.40 22.53
C ASP I 42 73.09 11.17 22.53
N PRO I 43 73.06 12.43 22.04
CA PRO I 43 71.87 13.31 22.17
C PRO I 43 70.62 12.95 21.37
N HIS I 44 70.76 12.09 20.35
CA HIS I 44 69.64 11.55 19.57
C HIS I 44 68.68 10.57 20.33
N TYR I 45 69.03 10.14 21.54
CA TYR I 45 68.10 9.30 22.34
C TYR I 45 66.86 10.04 22.87
N ALA I 46 66.80 11.35 22.73
CA ALA I 46 65.57 12.09 23.00
C ALA I 46 64.75 12.41 21.75
N ASP I 47 65.22 12.00 20.57
CA ASP I 47 64.52 12.31 19.32
C ASP I 47 63.10 11.72 19.27
N TYR I 48 62.24 12.33 18.48
CA TYR I 48 60.89 11.80 18.26
C TYR I 48 60.11 11.45 19.55
N GLY I 49 60.23 12.30 20.56
CA GLY I 49 59.44 12.21 21.78
C GLY I 49 59.66 10.90 22.50
N LEU I 50 60.90 10.41 22.45
CA LEU I 50 61.16 9.05 22.80
C LEU I 50 60.85 8.83 24.23
N ILE I 51 61.31 9.72 25.09
CA ILE I 51 61.08 9.46 26.49
C ILE I 51 59.64 9.74 26.97
N GLN I 52 58.93 10.64 26.29
CA GLN I 52 57.51 10.90 26.52
C GLN I 52 56.68 9.67 26.11
N ARG I 53 57.15 8.92 25.11
CA ARG I 53 56.52 7.67 24.72
C ARG I 53 56.87 6.61 25.74
N LEU I 54 58.14 6.51 26.13
CA LEU I 54 58.58 5.44 27.05
C LEU I 54 57.85 5.47 28.39
N CYS I 55 57.60 6.66 28.93
CA CYS I 55 57.03 6.84 30.28
C CYS I 55 55.51 6.81 30.33
N GLU I 56 54.88 6.59 29.19
CA GLU I 56 53.44 6.44 29.11
C GLU I 56 53.14 4.97 28.73
N PRO I 57 52.40 4.24 29.57
CA PRO I 57 52.10 2.88 29.18
C PRO I 57 51.35 2.83 27.86
N GLU I 58 51.78 1.92 27.00
CA GLU I 58 51.02 1.59 25.75
C GLU I 58 49.53 1.36 26.07
N ARG I 59 49.22 0.64 27.14
CA ARG I 59 47.83 0.29 27.42
C ARG I 59 47.70 -0.15 28.86
N GLN I 60 46.59 0.18 29.50
CA GLN I 60 46.31 -0.17 30.88
C GLN I 60 44.87 -0.60 30.92
N LEU I 61 44.64 -1.75 31.53
CA LEU I 61 43.33 -2.28 31.68
C LEU I 61 42.97 -2.38 33.16
N ILE I 62 41.80 -1.92 33.51
CA ILE I 62 41.28 -2.08 34.85
C ILE I 62 39.89 -2.67 34.70
N PHE I 63 39.52 -3.64 35.53
CA PHE I 63 38.23 -4.31 35.36
C PHE I 63 37.63 -4.86 36.62
N ARG I 64 36.34 -5.06 36.55
CA ARG I 64 35.56 -5.64 37.65
C ARG I 64 35.79 -7.17 37.72
N VAL I 65 35.98 -7.71 38.90
CA VAL I 65 36.16 -9.16 39.02
C VAL I 65 35.17 -9.52 40.11
N PRO I 66 33.94 -9.84 39.72
CA PRO I 66 32.95 -10.33 40.67
C PRO I 66 33.21 -11.83 40.95
N TRP I 67 32.85 -12.27 42.14
CA TRP I 67 33.02 -13.66 42.52
C TRP I 67 32.15 -13.94 43.73
N VAL I 68 31.90 -15.22 43.96
CA VAL I 68 30.96 -15.67 44.95
C VAL I 68 31.73 -16.49 45.96
N ASP I 69 31.55 -16.18 47.25
CA ASP I 69 32.22 -16.92 48.31
C ASP I 69 31.49 -18.23 48.65
N ASP I 70 32.09 -19.03 49.53
CA ASP I 70 31.53 -20.33 49.92
C ASP I 70 30.20 -20.21 50.69
N GLN I 71 29.87 -19.01 51.15
CA GLN I 71 28.55 -18.74 51.75
C GLN I 71 27.52 -18.18 50.77
N GLY I 72 27.86 -18.08 49.49
CA GLY I 72 26.89 -17.57 48.53
C GLY I 72 26.81 -16.05 48.51
N GLN I 73 27.82 -15.38 49.05
CA GLN I 73 27.82 -13.91 49.05
C GLN I 73 28.70 -13.40 47.94
N VAL I 74 28.19 -12.43 47.22
CA VAL I 74 28.88 -11.83 46.10
C VAL I 74 29.91 -10.76 46.54
N HIS I 75 31.10 -10.81 45.97
CA HIS I 75 32.15 -9.87 46.26
C HIS I 75 32.59 -9.24 44.96
N VAL I 76 33.15 -8.05 45.05
CA VAL I 76 33.65 -7.32 43.89
C VAL I 76 35.05 -6.80 44.16
N ASN I 77 36.04 -7.33 43.43
CA ASN I 77 37.39 -6.84 43.45
C ASN I 77 37.75 -6.24 42.09
N ARG I 78 38.88 -5.58 42.06
CA ARG I 78 39.30 -4.81 40.91
C ARG I 78 40.53 -5.54 40.36
N GLY I 79 40.52 -5.74 39.03
CA GLY I 79 41.65 -6.35 38.31
C GLY I 79 42.43 -5.30 37.49
N PHE I 80 43.68 -5.57 37.24
CA PHE I 80 44.58 -4.64 36.57
C PHE I 80 45.46 -5.37 35.63
N ARG I 81 45.73 -4.78 34.48
CA ARG I 81 46.86 -5.18 33.64
C ARG I 81 47.44 -4.00 32.89
N VAL I 82 48.66 -3.64 33.26
CA VAL I 82 49.37 -2.60 32.58
C VAL I 82 50.32 -3.24 31.61
N GLN I 83 50.15 -2.90 30.36
CA GLN I 83 50.97 -3.37 29.23
C GLN I 83 51.84 -2.21 28.81
N PHE I 84 53.00 -2.11 29.50
CA PHE I 84 53.77 -0.88 29.44
C PHE I 84 54.50 -0.63 28.09
N ASN I 85 55.34 -1.57 27.69
CA ASN I 85 56.21 -1.38 26.51
C ASN I 85 56.37 -2.70 25.84
N SER I 86 56.28 -2.73 24.51
CA SER I 86 56.41 -3.96 23.76
C SER I 86 57.45 -3.82 22.66
N ALA I 87 58.37 -2.89 22.79
CA ALA I 87 59.41 -2.73 21.76
C ALA I 87 60.27 -3.98 21.58
N LEU I 88 60.61 -4.68 22.67
CA LEU I 88 61.54 -5.84 22.57
C LEU I 88 60.82 -7.19 22.46
N GLY I 89 59.51 -7.21 22.68
CA GLY I 89 58.79 -8.50 22.67
C GLY I 89 57.43 -8.32 23.29
N PRO I 90 56.66 -9.40 23.46
CA PRO I 90 55.37 -9.24 24.08
C PRO I 90 55.49 -8.74 25.50
N TYR I 91 54.41 -8.18 26.02
CA TYR I 91 54.40 -7.74 27.40
C TYR I 91 54.66 -8.95 28.28
N LYS I 92 55.43 -8.76 29.33
CA LYS I 92 55.85 -9.86 30.20
C LYS I 92 56.00 -9.36 31.58
N GLY I 93 55.37 -10.03 32.52
CA GLY I 93 55.43 -9.62 33.94
C GLY I 93 54.37 -10.25 34.79
N GLY I 94 54.62 -10.32 36.08
CA GLY I 94 53.75 -11.04 36.99
C GLY I 94 52.41 -10.39 37.38
N LEU I 95 51.62 -11.24 38.02
CA LEU I 95 50.33 -10.88 38.60
C LEU I 95 50.43 -10.97 40.11
N ARG I 96 49.94 -9.97 40.76
CA ARG I 96 50.02 -9.88 42.18
C ARG I 96 48.58 -9.81 42.77
N PHE I 97 48.24 -10.75 43.66
CA PHE I 97 46.97 -10.72 44.38
C PHE I 97 47.23 -10.38 45.85
N HIS I 98 46.93 -9.13 46.20
CA HIS I 98 47.20 -8.58 47.51
C HIS I 98 46.43 -7.28 47.66
N PRO I 99 45.90 -7.00 48.87
CA PRO I 99 45.08 -5.81 48.99
C PRO I 99 45.75 -4.45 48.93
N SER I 100 47.06 -4.38 48.93
CA SER I 100 47.81 -3.13 48.64
C SER I 100 47.79 -2.74 47.15
N VAL I 101 47.48 -3.69 46.25
CA VAL I 101 47.57 -3.48 44.81
C VAL I 101 46.61 -2.39 44.34
N ASN I 102 47.13 -1.44 43.59
CA ASN I 102 46.32 -0.45 42.89
C ASN I 102 47.05 -0.06 41.59
N LEU I 103 46.45 0.84 40.83
CA LEU I 103 46.96 1.11 39.50
C LEU I 103 48.33 1.72 39.57
N GLY I 104 48.51 2.63 40.51
CA GLY I 104 49.79 3.27 40.76
C GLY I 104 50.94 2.30 41.03
N ILE I 105 50.67 1.25 41.82
CA ILE I 105 51.68 0.25 42.16
C ILE I 105 51.97 -0.62 40.95
N VAL I 106 50.92 -0.99 40.22
CA VAL I 106 51.07 -1.81 39.01
C VAL I 106 51.90 -1.06 37.94
N LYS I 107 51.62 0.24 37.75
CA LYS I 107 52.41 1.06 36.84
C LYS I 107 53.88 1.10 37.20
N PHE I 108 54.10 1.35 38.50
CA PHE I 108 55.43 1.41 39.07
C PHE I 108 56.17 0.11 38.77
N LEU I 109 55.57 -1.00 39.16
CA LEU I 109 56.25 -2.28 38.98
C LEU I 109 56.37 -2.62 37.53
N GLY I 110 55.39 -2.22 36.73
CA GLY I 110 55.42 -2.45 35.33
C GLY I 110 56.48 -1.67 34.61
N PHE I 111 56.71 -0.43 35.07
CA PHE I 111 57.71 0.42 34.47
C PHE I 111 59.09 -0.20 34.71
N GLU I 112 59.34 -0.65 35.93
CA GLU I 112 60.61 -1.29 36.23
C GLU I 112 60.82 -2.58 35.47
N GLN I 113 59.72 -3.30 35.22
CA GLN I 113 59.76 -4.55 34.51
C GLN I 113 60.26 -4.35 33.07
N ILE I 114 59.97 -3.20 32.45
CA ILE I 114 60.50 -2.90 31.09
C ILE I 114 62.04 -3.12 31.01
N PHE I 115 62.74 -2.50 31.95
CA PHE I 115 64.21 -2.36 31.91
C PHE I 115 64.85 -3.62 32.44
N LYS I 116 64.26 -4.20 33.47
CA LYS I 116 64.75 -5.48 33.94
C LYS I 116 64.69 -6.54 32.84
N ASN I 117 63.57 -6.60 32.10
CA ASN I 117 63.35 -7.60 31.04
C ASN I 117 64.25 -7.30 29.85
N SER I 118 64.39 -6.01 29.60
CA SER I 118 65.33 -5.57 28.58
C SER I 118 66.78 -5.98 28.88
N LEU I 119 67.15 -5.88 30.16
CA LEU I 119 68.52 -6.16 30.63
C LEU I 119 68.91 -7.63 30.46
N THR I 120 67.93 -8.53 30.56
CA THR I 120 68.21 -9.96 30.34
C THR I 120 68.78 -10.25 28.99
N GLY I 121 68.63 -9.35 28.00
CA GLY I 121 69.08 -9.68 26.63
C GLY I 121 68.11 -10.55 25.84
N LEU I 122 66.98 -10.92 26.49
CA LEU I 122 65.95 -11.76 25.88
C LEU I 122 64.76 -10.95 25.29
N PRO I 123 64.01 -11.55 24.32
CA PRO I 123 63.03 -10.74 23.59
C PRO I 123 61.70 -10.60 24.35
N ILE I 124 61.71 -9.76 25.38
CA ILE I 124 60.55 -9.59 26.22
C ILE I 124 60.29 -8.10 26.54
N GLY I 125 59.03 -7.70 26.34
CA GLY I 125 58.51 -6.42 26.73
C GLY I 125 58.26 -6.36 28.22
N GLY I 126 57.57 -5.32 28.65
CA GLY I 126 57.31 -5.13 30.06
C GLY I 126 55.89 -4.88 30.43
N GLY I 127 55.50 -5.48 31.54
CA GLY I 127 54.08 -5.46 31.94
C GLY I 127 53.94 -5.93 33.38
N LYS I 128 52.74 -5.74 33.90
CA LYS I 128 52.42 -6.09 35.25
C LYS I 128 50.92 -6.03 35.42
N GLY I 129 50.41 -6.85 36.33
CA GLY I 129 49.03 -6.75 36.72
C GLY I 129 48.72 -7.36 38.07
N GLY I 130 47.43 -7.52 38.31
CA GLY I 130 47.01 -8.13 39.55
C GLY I 130 45.62 -7.77 39.97
N SER I 131 45.38 -7.87 41.27
CA SER I 131 44.10 -7.56 41.88
C SER I 131 44.33 -7.20 43.32
N ASP I 132 43.45 -6.33 43.83
CA ASP I 132 43.29 -6.12 45.28
C ASP I 132 42.65 -7.28 46.03
N PHE I 133 42.23 -8.33 45.32
CA PHE I 133 41.82 -9.60 45.95
C PHE I 133 42.84 -10.06 47.00
N ASP I 134 42.29 -10.47 48.15
CA ASP I 134 43.07 -10.95 49.26
C ASP I 134 42.87 -12.49 49.43
N PRO I 135 43.78 -13.31 48.86
CA PRO I 135 43.66 -14.78 49.03
C PRO I 135 43.88 -15.38 50.44
N LYS I 136 44.43 -14.61 51.38
CA LYS I 136 44.65 -15.12 52.74
C LYS I 136 43.30 -15.46 53.28
N GLY I 137 43.17 -16.65 53.81
CA GLY I 137 41.93 -17.07 54.39
C GLY I 137 40.95 -17.75 53.43
N LYS I 138 41.26 -17.75 52.13
CA LYS I 138 40.26 -18.17 51.14
C LYS I 138 40.43 -19.66 50.93
N SER I 139 39.33 -20.36 50.71
CA SER I 139 39.43 -21.76 50.35
C SER I 139 39.87 -21.90 48.86
N ASP I 140 40.26 -23.10 48.47
CA ASP I 140 40.65 -23.40 47.09
C ASP I 140 39.56 -23.17 46.06
N LEU I 141 38.34 -23.59 46.37
CA LEU I 141 37.22 -23.30 45.50
C LEU I 141 37.03 -21.79 45.28
N GLU I 142 37.21 -21.03 46.35
CA GLU I 142 37.12 -19.59 46.28
C GLU I 142 38.21 -18.96 45.44
N ILE I 143 39.46 -19.44 45.61
CA ILE I 143 40.56 -19.00 44.84
C ILE I 143 40.37 -19.39 43.35
N MET I 144 39.84 -20.60 43.08
CA MET I 144 39.57 -21.06 41.74
C MET I 144 38.53 -20.15 41.08
N ARG I 145 37.43 -19.92 41.77
CA ARG I 145 36.35 -19.02 41.26
C ARG I 145 36.84 -17.60 40.98
N PHE I 146 37.64 -17.03 41.87
CA PHE I 146 38.24 -15.73 41.60
C PHE I 146 39.14 -15.71 40.35
N CYS I 147 40.08 -16.65 40.30
CA CYS I 147 40.96 -16.81 39.16
C CYS I 147 40.21 -16.98 37.84
N GLN I 148 39.11 -17.75 37.87
CA GLN I 148 38.26 -17.92 36.71
C GLN I 148 37.58 -16.59 36.35
N SER I 149 37.09 -15.83 37.34
CA SER I 149 36.48 -14.54 37.05
C SER I 149 37.53 -13.61 36.44
N PHE I 150 38.71 -13.65 37.04
CA PHE I 150 39.79 -12.78 36.64
C PHE I 150 40.12 -13.03 35.16
N MET I 151 40.41 -14.29 34.83
CA MET I 151 40.77 -14.65 33.52
C MET I 151 39.61 -14.48 32.48
N THR I 152 38.36 -14.42 32.92
CA THR I 152 37.23 -14.21 31.98
C THR I 152 37.36 -12.85 31.32
N GLU I 153 37.88 -11.87 32.03
CA GLU I 153 38.25 -10.65 31.38
C GLU I 153 39.69 -10.70 30.80
N LEU I 154 40.66 -11.22 31.55
CA LEU I 154 42.06 -11.11 31.09
C LEU I 154 42.34 -11.78 29.78
N HIS I 155 41.62 -12.88 29.47
CA HIS I 155 41.98 -13.71 28.33
C HIS I 155 41.95 -12.93 27.02
N ARG I 156 40.98 -12.03 26.85
CA ARG I 156 40.94 -11.24 25.62
C ARG I 156 42.14 -10.29 25.38
N HIS I 157 42.90 -9.95 26.42
CA HIS I 157 43.99 -9.04 26.30
C HIS I 157 45.36 -9.69 26.26
N ILE I 158 45.43 -11.03 26.26
CA ILE I 158 46.73 -11.74 26.36
C ILE I 158 46.93 -12.79 25.25
N GLY I 159 48.12 -13.35 25.18
CA GLY I 159 48.48 -14.27 24.08
C GLY I 159 49.97 -14.48 24.05
N GLU I 160 50.35 -15.64 23.54
CA GLU I 160 51.76 -16.02 23.40
C GLU I 160 52.68 -14.94 22.79
N TYR I 161 52.14 -14.12 21.87
CA TYR I 161 52.82 -13.02 21.23
C TYR I 161 52.33 -11.61 21.67
N ARG I 162 51.26 -11.55 22.46
CA ARG I 162 50.65 -10.27 22.89
C ARG I 162 51.08 -9.87 24.33
N ASP I 163 50.83 -10.72 25.32
CA ASP I 163 51.14 -10.45 26.75
C ASP I 163 51.23 -11.79 27.50
N VAL I 164 52.36 -12.04 28.14
CA VAL I 164 52.59 -13.29 28.83
C VAL I 164 52.76 -13.08 30.32
N PRO I 165 51.67 -13.22 31.10
CA PRO I 165 51.84 -13.03 32.54
C PRO I 165 52.54 -14.20 33.25
N ALA I 166 52.71 -14.02 34.56
CA ALA I 166 53.34 -15.02 35.45
C ALA I 166 52.85 -14.79 36.86
N GLY I 167 53.35 -15.55 37.81
CA GLY I 167 53.02 -15.34 39.20
C GLY I 167 53.83 -14.24 39.90
N ASP I 168 53.49 -14.00 41.16
CA ASP I 168 54.12 -12.99 42.03
C ASP I 168 53.42 -13.21 43.35
N ILE I 169 53.38 -12.21 44.21
CA ILE I 169 52.76 -12.35 45.51
C ILE I 169 51.28 -12.71 45.35
N GLY I 170 50.86 -13.79 46.00
CA GLY I 170 49.46 -14.25 45.96
C GLY I 170 49.04 -15.02 44.74
N VAL I 171 49.98 -15.24 43.83
CA VAL I 171 49.71 -16.00 42.63
C VAL I 171 50.89 -16.92 42.50
N GLY I 172 50.79 -18.12 43.05
CA GLY I 172 51.89 -19.14 42.95
C GLY I 172 51.43 -20.23 41.99
N GLY I 173 51.98 -21.43 42.11
CA GLY I 173 51.70 -22.50 41.15
C GLY I 173 50.22 -22.87 41.09
N ARG I 174 49.54 -22.84 42.24
CA ARG I 174 48.12 -23.14 42.29
C ARG I 174 47.29 -22.19 41.42
N GLU I 175 47.50 -20.89 41.61
CA GLU I 175 46.76 -19.88 40.88
C GLU I 175 47.07 -19.92 39.35
N ILE I 176 48.33 -20.14 38.98
CA ILE I 176 48.75 -20.26 37.58
C ILE I 176 48.02 -21.40 36.94
N GLY I 177 47.90 -22.51 37.66
CA GLY I 177 47.09 -23.64 37.17
C GLY I 177 45.64 -23.29 36.85
N TYR I 178 44.95 -22.69 37.80
CA TYR I 178 43.54 -22.33 37.60
C TYR I 178 43.39 -21.30 36.48
N LEU I 179 44.34 -20.36 36.40
CA LEU I 179 44.31 -19.30 35.38
C LEU I 179 44.55 -19.87 33.98
N PHE I 180 45.49 -20.79 33.88
CA PHE I 180 45.85 -21.37 32.60
C PHE I 180 44.69 -22.27 32.12
N GLY I 181 44.09 -23.03 33.03
CA GLY I 181 42.98 -23.91 32.65
C GLY I 181 41.83 -23.06 32.13
N HIS I 182 41.46 -22.01 32.86
CA HIS I 182 40.32 -21.18 32.39
C HIS I 182 40.60 -20.42 31.10
N TYR I 183 41.83 -19.95 30.96
CA TYR I 183 42.34 -19.41 29.67
C TYR I 183 42.03 -20.33 28.52
N ARG I 184 42.47 -21.59 28.62
CA ARG I 184 42.17 -22.61 27.60
C ARG I 184 40.67 -22.78 27.35
N ARG I 185 39.91 -22.80 28.41
CA ARG I 185 38.48 -22.87 28.23
C ARG I 185 37.95 -21.63 27.48
N MET I 186 38.40 -20.43 27.81
CA MET I 186 37.93 -19.23 27.13
C MET I 186 38.33 -19.21 25.63
N ALA I 187 39.57 -19.58 25.33
CA ALA I 187 40.09 -19.47 23.98
C ALA I 187 39.80 -20.70 23.16
N ASN I 188 39.52 -21.85 23.78
CA ASN I 188 39.53 -23.19 23.09
C ASN I 188 40.83 -23.39 22.28
N GLN I 189 41.95 -23.18 23.00
CA GLN I 189 43.31 -23.32 22.50
C GLN I 189 44.19 -23.84 23.65
N HIS I 190 44.98 -24.89 23.41
CA HIS I 190 46.02 -25.26 24.34
C HIS I 190 47.28 -24.42 24.08
N GLU I 191 47.22 -23.16 24.44
CA GLU I 191 48.23 -22.19 24.04
C GLU I 191 49.22 -22.09 25.22
N SER I 192 50.19 -23.02 25.26
CA SER I 192 51.16 -23.07 26.34
C SER I 192 51.87 -21.77 26.66
N GLY I 193 52.22 -21.01 25.63
CA GLY I 193 52.95 -19.80 25.81
C GLY I 193 52.24 -18.59 26.36
N VAL I 194 50.93 -18.67 26.66
CA VAL I 194 50.16 -17.61 27.30
C VAL I 194 50.62 -17.26 28.73
N LEU I 195 51.18 -18.23 29.48
CA LEU I 195 51.66 -18.02 30.86
C LEU I 195 52.94 -18.74 31.16
N THR I 196 53.70 -18.22 32.11
CA THR I 196 54.89 -18.85 32.67
C THR I 196 54.68 -19.19 34.13
N GLY I 197 55.54 -20.05 34.65
CA GLY I 197 55.32 -20.68 35.97
C GLY I 197 54.36 -21.86 35.96
N LYS I 198 54.14 -22.46 34.79
CA LYS I 198 53.21 -23.57 34.65
C LYS I 198 53.84 -24.83 35.25
N GLY I 199 53.01 -25.84 35.45
CA GLY I 199 53.42 -27.10 36.04
C GLY I 199 54.24 -27.88 35.03
N LEU I 200 55.13 -28.72 35.53
CA LEU I 200 56.01 -29.50 34.66
C LEU I 200 55.31 -30.44 33.65
N THR I 201 54.15 -30.98 33.98
CA THR I 201 53.48 -31.84 33.02
C THR I 201 52.52 -31.11 32.03
N TRP I 202 52.42 -29.78 32.14
CA TRP I 202 51.59 -29.00 31.23
C TRP I 202 52.27 -27.71 30.78
N GLY I 203 53.50 -27.91 30.35
CA GLY I 203 54.22 -26.90 29.60
C GLY I 203 55.20 -26.13 30.45
N GLY I 204 55.41 -26.50 31.71
CA GLY I 204 56.36 -25.79 32.55
C GLY I 204 57.82 -26.10 32.21
N SER I 205 58.73 -25.41 32.89
CA SER I 205 60.17 -25.50 32.66
C SER I 205 60.83 -25.99 33.90
N LEU I 206 61.77 -26.89 33.74
CA LEU I 206 62.49 -27.44 34.87
C LEU I 206 63.14 -26.48 35.91
N VAL I 207 63.71 -25.36 35.54
CA VAL I 207 64.53 -24.64 36.61
C VAL I 207 63.78 -23.44 37.19
N ARG I 208 62.52 -23.26 36.82
CA ARG I 208 61.81 -22.02 37.15
C ARG I 208 61.63 -21.76 38.65
N THR I 209 61.42 -22.82 39.43
CA THR I 209 61.27 -22.68 40.88
C THR I 209 62.61 -22.22 41.50
N GLU I 210 63.71 -22.69 40.95
CA GLU I 210 65.01 -22.38 41.52
C GLU I 210 65.58 -21.07 41.04
N ALA I 211 64.92 -20.43 40.06
CA ALA I 211 65.58 -19.49 39.16
C ALA I 211 66.02 -18.17 39.81
N THR I 212 65.11 -17.56 40.54
CA THR I 212 65.42 -16.25 41.14
C THR I 212 66.69 -16.32 42.10
N GLY I 213 66.74 -17.32 42.96
CA GLY I 213 67.86 -17.53 43.89
C GLY I 213 69.12 -18.02 43.17
N TYR I 214 69.00 -19.05 42.33
CA TYR I 214 70.16 -19.47 41.52
C TYR I 214 70.84 -18.25 40.83
N GLY I 215 70.01 -17.35 40.34
CA GLY I 215 70.43 -16.24 39.52
C GLY I 215 71.13 -15.17 40.29
N CYS I 216 70.59 -14.84 41.46
CA CYS I 216 71.23 -13.95 42.40
C CYS I 216 72.66 -14.41 42.64
N VAL I 217 72.81 -15.71 42.85
CA VAL I 217 74.12 -16.30 43.16
C VAL I 217 75.01 -16.29 41.95
N TYR I 218 74.53 -16.71 40.78
CA TYR I 218 75.35 -16.51 39.54
C TYR I 218 75.74 -15.04 39.27
N PHE I 219 74.88 -14.10 39.62
CA PHE I 219 75.23 -12.71 39.45
C PHE I 219 76.33 -12.33 40.44
N VAL I 220 76.08 -12.52 41.73
CA VAL I 220 77.09 -12.16 42.71
C VAL I 220 78.44 -12.84 42.45
N SER I 221 78.40 -14.05 41.95
CA SER I 221 79.62 -14.73 41.60
C SER I 221 80.44 -14.00 40.54
N GLU I 222 79.77 -13.42 39.54
CA GLU I 222 80.45 -12.59 38.56
C GLU I 222 81.02 -11.31 39.19
N MET I 223 80.24 -10.65 40.07
CA MET I 223 80.70 -9.48 40.83
C MET I 223 81.98 -9.82 41.60
N ILE I 224 82.00 -11.05 42.12
CA ILE I 224 83.17 -11.57 42.84
C ILE I 224 84.38 -11.78 41.94
N LYS I 225 84.24 -12.51 40.84
CA LYS I 225 85.34 -12.73 39.91
C LYS I 225 85.90 -11.41 39.37
N ALA I 226 84.99 -10.48 39.06
CA ALA I 226 85.32 -9.12 38.59
C ALA I 226 86.37 -8.46 39.47
N LYS I 227 86.17 -8.50 40.80
CA LYS I 227 87.13 -7.95 41.76
C LYS I 227 88.22 -8.99 42.20
N GLY I 228 88.53 -9.95 41.32
CA GLY I 228 89.70 -10.85 41.44
C GLY I 228 89.69 -12.02 42.41
N GLU I 229 88.54 -12.63 42.67
CA GLU I 229 88.51 -13.82 43.55
C GLU I 229 87.42 -14.86 43.20
N SER I 230 87.07 -15.71 44.18
CA SER I 230 86.24 -16.91 44.01
C SER I 230 85.14 -16.90 45.05
N ILE I 231 84.04 -17.56 44.74
CA ILE I 231 82.84 -17.51 45.60
C ILE I 231 83.05 -18.27 46.93
N SER I 232 83.88 -19.31 46.92
CA SER I 232 84.39 -20.03 48.13
C SER I 232 84.40 -19.47 49.63
N GLY I 233 83.93 -18.24 49.89
CA GLY I 233 83.83 -17.65 51.25
C GLY I 233 82.51 -17.89 51.97
N GLN I 234 81.93 -16.85 52.58
CA GLN I 234 80.89 -17.02 53.62
C GLN I 234 79.81 -15.95 53.54
N LYS I 235 78.52 -16.33 53.69
CA LYS I 235 77.44 -15.35 53.51
C LYS I 235 76.12 -15.44 54.23
N ILE I 236 75.50 -14.28 54.37
CA ILE I 236 74.17 -14.14 54.86
C ILE I 236 73.22 -14.29 53.66
N ILE I 237 72.11 -14.99 53.87
CA ILE I 237 70.99 -15.02 52.94
C ILE I 237 69.76 -14.80 53.77
N VAL I 238 69.44 -13.55 54.04
CA VAL I 238 68.42 -13.24 55.06
C VAL I 238 67.28 -14.21 55.15
N SER I 239 66.55 -14.29 54.09
CA SER I 239 65.13 -14.56 54.13
C SER I 239 64.64 -15.97 54.35
N GLY I 240 65.54 -16.95 54.45
CA GLY I 240 65.12 -18.33 54.73
C GLY I 240 63.66 -18.64 54.39
N SER I 241 63.43 -18.84 53.09
CA SER I 241 62.13 -18.88 52.44
C SER I 241 62.28 -19.13 50.92
N GLY I 242 61.34 -18.60 50.19
CA GLY I 242 61.28 -19.02 48.87
C GLY I 242 60.57 -18.06 47.98
N ASN I 243 60.55 -18.51 46.72
CA ASN I 243 61.54 -19.50 46.28
C ASN I 243 63.02 -19.00 46.53
N VAL I 244 63.20 -17.70 46.78
CA VAL I 244 64.47 -17.05 46.52
C VAL I 244 65.55 -17.51 47.48
N ALA I 245 65.33 -17.28 48.76
CA ALA I 245 66.38 -17.57 49.74
C ALA I 245 66.85 -19.05 49.73
N THR I 246 65.89 -19.96 49.67
CA THR I 246 66.16 -21.39 49.72
C THR I 246 67.14 -21.84 48.67
N TYR I 247 66.88 -21.39 47.44
CA TYR I 247 67.66 -21.79 46.29
C TYR I 247 68.95 -20.95 46.06
N ALA I 248 68.96 -19.70 46.55
CA ALA I 248 70.19 -18.96 46.78
C ALA I 248 71.09 -19.74 47.74
N ILE I 249 70.53 -20.22 48.85
CA ILE I 249 71.30 -21.07 49.77
C ILE I 249 71.81 -22.30 49.06
N GLU I 250 70.92 -22.97 48.34
CA GLU I 250 71.31 -24.20 47.62
C GLU I 250 72.46 -23.97 46.65
N LYS I 251 72.34 -22.96 45.79
CA LYS I 251 73.34 -22.73 44.73
C LYS I 251 74.71 -22.23 45.31
N ALA I 252 74.66 -21.34 46.31
CA ALA I 252 75.86 -20.82 46.97
C ALA I 252 76.74 -21.91 47.60
N GLN I 253 76.12 -22.87 48.29
CA GLN I 253 76.84 -23.97 48.98
C GLN I 253 77.35 -24.99 48.02
N GLU I 254 76.61 -25.19 46.95
CA GLU I 254 76.97 -26.04 45.82
C GLU I 254 78.22 -25.55 45.03
N LEU I 255 78.49 -24.24 45.12
CA LEU I 255 79.66 -23.58 44.50
C LEU I 255 80.86 -23.40 45.48
N GLY I 256 80.91 -24.20 46.55
CA GLY I 256 82.04 -24.23 47.49
C GLY I 256 81.94 -23.30 48.70
N ALA I 257 80.83 -22.56 48.81
CA ALA I 257 80.69 -21.52 49.81
C ALA I 257 79.78 -21.90 50.99
N THR I 258 79.66 -21.01 52.00
CA THR I 258 79.02 -21.40 53.25
C THR I 258 78.06 -20.34 53.76
N VAL I 259 76.77 -20.62 53.59
CA VAL I 259 75.73 -19.79 54.17
C VAL I 259 75.73 -19.85 55.70
N ILE I 260 75.83 -18.65 56.25
CA ILE I 260 76.16 -18.42 57.64
C ILE I 260 74.92 -17.92 58.44
N GLY I 261 73.83 -17.54 57.75
CA GLY I 261 72.59 -17.13 58.42
C GLY I 261 71.41 -17.07 57.47
N PHE I 262 70.23 -17.39 57.98
CA PHE I 262 68.98 -17.14 57.26
C PHE I 262 67.92 -16.79 58.26
N SER I 263 66.67 -16.62 57.83
CA SER I 263 65.68 -15.91 58.63
C SER I 263 64.24 -16.08 58.14
N ASP I 264 63.32 -15.41 58.83
CA ASP I 264 61.85 -15.55 58.75
C ASP I 264 61.37 -14.18 59.34
N SER I 265 60.12 -13.76 59.15
CA SER I 265 59.65 -12.47 59.76
C SER I 265 59.14 -12.64 61.21
N SER I 266 59.92 -12.36 62.27
CA SER I 266 61.24 -11.64 62.23
C SER I 266 62.54 -12.47 62.58
N GLY I 267 62.47 -13.81 62.49
CA GLY I 267 63.70 -14.65 62.32
C GLY I 267 64.43 -14.85 63.62
N TRP I 268 65.72 -15.23 63.66
CA TRP I 268 66.64 -15.52 62.54
C TRP I 268 67.73 -16.48 63.02
N VAL I 269 68.28 -17.33 62.17
CA VAL I 269 69.33 -18.25 62.66
C VAL I 269 70.71 -17.84 62.22
N HIS I 270 71.68 -18.03 63.12
CA HIS I 270 73.11 -18.11 62.81
C HIS I 270 73.31 -19.61 62.46
N THR I 271 74.38 -19.95 61.73
CA THR I 271 74.59 -21.33 61.19
C THR I 271 75.96 -21.57 60.51
N PRO I 272 77.07 -21.26 61.20
CA PRO I 272 78.36 -21.50 60.54
C PRO I 272 78.60 -22.99 60.40
N ASN I 273 79.41 -23.40 59.41
CA ASN I 273 79.49 -24.80 58.90
C ASN I 273 78.44 -25.10 57.82
N GLY I 274 77.33 -24.34 57.82
CA GLY I 274 76.40 -24.29 56.69
C GLY I 274 75.02 -24.85 56.95
N VAL I 275 74.08 -24.42 56.11
CA VAL I 275 72.69 -24.83 56.11
C VAL I 275 72.48 -26.21 55.49
N ASP I 276 71.58 -26.96 56.13
CA ASP I 276 71.11 -28.25 55.61
C ASP I 276 69.88 -27.92 54.81
N VAL I 277 70.03 -27.87 53.49
CA VAL I 277 68.94 -27.43 52.62
C VAL I 277 67.73 -28.39 52.71
N ALA I 278 67.95 -29.69 52.56
CA ALA I 278 66.86 -30.68 52.66
C ALA I 278 66.02 -30.44 53.91
N LYS I 279 66.71 -30.25 55.04
CA LYS I 279 66.03 -30.01 56.33
C LYS I 279 65.26 -28.71 56.36
N LEU I 280 65.83 -27.65 55.81
CA LEU I 280 65.18 -26.34 55.81
C LEU I 280 63.92 -26.34 54.92
N ARG I 281 64.01 -27.07 53.81
CA ARG I 281 62.84 -27.28 52.95
C ARG I 281 61.75 -28.10 53.71
N GLU I 282 62.17 -29.12 54.47
CA GLU I 282 61.25 -29.89 55.35
C GLU I 282 60.49 -29.00 56.34
N ILE I 283 61.19 -28.03 56.94
CA ILE I 283 60.61 -27.13 57.94
C ILE I 283 59.61 -26.13 57.32
N LYS I 284 60.03 -25.49 56.23
CA LYS I 284 59.26 -24.44 55.56
C LYS I 284 58.19 -24.98 54.62
N GLU I 285 58.60 -25.96 53.82
CA GLU I 285 57.81 -26.44 52.70
C GLU I 285 56.73 -27.43 53.20
N VAL I 286 57.13 -28.65 53.58
CA VAL I 286 56.19 -29.73 53.92
C VAL I 286 55.59 -29.60 55.34
N ARG I 287 56.36 -29.01 56.25
CA ARG I 287 55.95 -28.78 57.64
C ARG I 287 55.41 -27.36 57.95
N ARG I 288 55.52 -26.44 56.97
CA ARG I 288 54.86 -25.12 56.96
C ARG I 288 55.03 -24.34 58.29
N ALA I 289 56.24 -24.42 58.84
CA ALA I 289 56.53 -24.15 60.25
C ALA I 289 57.05 -22.71 60.58
N ARG I 290 58.04 -22.60 61.48
CA ARG I 290 58.82 -21.39 61.70
C ARG I 290 60.27 -21.79 61.83
N VAL I 291 61.14 -20.81 61.66
CA VAL I 291 62.58 -21.06 61.56
C VAL I 291 63.24 -21.32 62.93
N SER I 292 62.60 -20.85 64.01
CA SER I 292 62.91 -21.24 65.41
C SER I 292 63.07 -22.76 65.53
N VAL I 293 62.09 -23.47 64.98
CA VAL I 293 62.07 -24.96 64.90
C VAL I 293 63.39 -25.54 64.30
N TYR I 294 63.96 -24.90 63.27
CA TYR I 294 65.23 -25.38 62.64
C TYR I 294 66.41 -25.44 63.63
N ALA I 295 66.60 -24.40 64.44
CA ALA I 295 67.77 -24.27 65.33
C ALA I 295 67.79 -25.23 66.54
N ASP I 296 66.60 -25.58 67.03
CA ASP I 296 66.45 -26.66 68.00
C ASP I 296 66.94 -27.96 67.38
N GLU I 297 66.32 -28.35 66.26
CA GLU I 297 66.55 -29.66 65.65
C GLU I 297 67.89 -29.87 64.95
N VAL I 298 68.63 -28.80 64.70
CA VAL I 298 69.93 -28.88 64.03
C VAL I 298 71.07 -28.83 65.03
N GLU I 299 70.85 -28.15 66.16
CA GLU I 299 71.78 -28.17 67.29
C GLU I 299 73.01 -27.36 66.90
N GLY I 300 73.77 -27.88 65.91
CA GLY I 300 74.76 -27.12 65.14
C GLY I 300 74.72 -25.61 65.27
N ALA I 301 73.52 -25.02 65.19
CA ALA I 301 73.37 -23.56 65.43
C ALA I 301 71.96 -23.13 65.88
N THR I 302 71.74 -21.82 65.92
CA THR I 302 70.99 -21.13 66.97
C THR I 302 69.95 -20.13 66.50
N TYR I 303 68.87 -19.97 67.26
CA TYR I 303 67.77 -19.02 66.96
C TYR I 303 67.81 -17.74 67.79
N HIS I 304 68.56 -16.74 67.32
CA HIS I 304 68.64 -15.44 68.02
C HIS I 304 67.36 -14.67 67.67
N THR I 305 66.97 -13.72 68.51
CA THR I 305 65.67 -12.99 68.36
C THR I 305 65.82 -11.45 68.60
N ASP I 306 67.05 -10.98 68.48
CA ASP I 306 67.47 -9.68 69.03
C ASP I 306 68.54 -9.04 68.13
N GLY I 307 68.25 -7.82 67.68
CA GLY I 307 69.11 -7.07 66.78
C GLY I 307 68.76 -7.40 65.33
N SER I 308 69.68 -8.08 64.64
CA SER I 308 69.56 -8.28 63.20
C SER I 308 70.51 -9.36 62.71
N ILE I 309 70.00 -10.19 61.82
CA ILE I 309 70.83 -11.07 60.96
C ILE I 309 71.97 -10.29 60.23
N TRP I 310 71.77 -8.99 60.05
CA TRP I 310 72.81 -8.07 59.60
C TRP I 310 73.94 -7.77 60.61
N ASP I 311 73.67 -7.78 61.91
CA ASP I 311 74.74 -7.57 62.92
C ASP I 311 75.70 -8.77 63.10
N LEU I 312 75.95 -9.54 62.03
CA LEU I 312 76.96 -10.62 62.02
C LEU I 312 77.87 -10.54 60.80
N LYS I 313 78.90 -11.38 60.82
CA LYS I 313 80.10 -11.17 60.00
C LYS I 313 80.13 -12.03 58.72
N CYS I 314 80.07 -11.33 57.58
CA CYS I 314 80.02 -11.94 56.24
C CYS I 314 81.06 -11.37 55.30
N ASP I 315 81.42 -12.16 54.28
CA ASP I 315 81.95 -11.64 53.01
C ASP I 315 80.82 -10.91 52.25
N ILE I 316 79.75 -11.67 51.98
CA ILE I 316 78.67 -11.33 51.04
C ILE I 316 77.34 -11.34 51.78
N ALA I 317 76.54 -10.29 51.59
CA ALA I 317 75.13 -10.29 52.01
C ALA I 317 74.21 -10.46 50.78
N LEU I 318 73.22 -11.35 50.90
CA LEU I 318 72.23 -11.61 49.86
C LEU I 318 70.83 -11.37 50.39
N PRO I 319 70.42 -10.10 50.44
CA PRO I 319 69.07 -9.78 50.96
C PRO I 319 67.91 -10.35 50.14
N CYS I 320 67.44 -11.55 50.50
CA CYS I 320 66.32 -12.22 49.79
C CYS I 320 64.92 -12.31 50.44
N ALA I 321 64.53 -11.40 51.37
CA ALA I 321 63.19 -11.46 52.04
C ALA I 321 62.15 -10.49 51.50
N THR I 322 62.47 -9.21 51.58
CA THR I 322 61.47 -8.19 51.41
C THR I 322 62.18 -6.83 51.37
N GLN I 323 61.57 -5.82 50.77
CA GLN I 323 61.92 -4.40 51.08
C GLN I 323 61.39 -4.10 52.49
N ASN I 324 61.91 -3.12 53.22
CA ASN I 324 63.16 -2.42 53.00
C ASN I 324 64.03 -3.03 54.06
N GLU I 325 64.19 -4.34 53.99
CA GLU I 325 64.79 -5.09 55.08
C GLU I 325 66.21 -4.69 55.42
N LEU I 326 66.94 -4.12 54.46
CA LEU I 326 68.34 -3.69 54.68
C LEU I 326 68.42 -2.16 54.76
N ASN I 327 68.95 -1.73 55.92
CA ASN I 327 68.82 -0.39 56.51
C ASN I 327 70.16 0.37 56.56
N GLY I 328 70.07 1.71 56.59
CA GLY I 328 71.23 2.58 56.87
C GLY I 328 72.18 2.07 57.95
N GLU I 329 71.65 1.72 59.13
CA GLU I 329 72.48 1.20 60.24
C GLU I 329 73.01 -0.24 60.01
N ASN I 330 72.15 -1.10 59.45
CA ASN I 330 72.55 -2.45 59.02
C ASN I 330 73.69 -2.35 58.04
N ALA I 331 73.50 -1.48 57.05
CA ALA I 331 74.50 -1.20 56.02
C ALA I 331 75.86 -0.89 56.63
N LYS I 332 75.89 0.13 57.51
CA LYS I 332 77.09 0.41 58.34
C LYS I 332 77.71 -0.84 58.97
N THR I 333 76.98 -1.47 59.90
CA THR I 333 77.47 -2.68 60.62
C THR I 333 78.11 -3.67 59.65
N LEU I 334 77.34 -3.98 58.61
CA LEU I 334 77.75 -4.84 57.49
C LEU I 334 79.12 -4.49 56.95
N ALA I 335 79.23 -3.25 56.47
CA ALA I 335 80.46 -2.76 55.86
C ALA I 335 81.69 -2.99 56.73
N ASP I 336 81.55 -2.61 58.00
CA ASP I 336 82.68 -2.54 58.92
C ASP I 336 83.09 -3.91 59.48
N ASN I 337 82.20 -4.92 59.38
CA ASN I 337 82.55 -6.31 59.69
C ASN I 337 83.33 -7.06 58.57
N GLY I 338 83.63 -6.36 57.47
CA GLY I 338 84.40 -6.84 56.28
C GLY I 338 83.51 -7.34 55.11
N CYS I 339 82.27 -6.85 55.04
CA CYS I 339 81.37 -7.14 53.91
C CYS I 339 81.75 -6.30 52.69
N ARG I 340 82.05 -6.98 51.57
CA ARG I 340 82.57 -6.36 50.33
C ARG I 340 81.69 -6.56 49.07
N PHE I 341 80.42 -6.98 49.28
CA PHE I 341 79.56 -7.61 48.23
C PHE I 341 78.10 -7.73 48.70
N VAL I 342 77.21 -7.05 48.00
CA VAL I 342 75.80 -7.09 48.30
C VAL I 342 75.08 -7.25 46.99
N ALA I 343 74.31 -8.32 46.88
CA ALA I 343 73.46 -8.60 45.72
C ALA I 343 72.04 -8.93 46.22
N GLU I 344 71.04 -8.32 45.62
CA GLU I 344 69.68 -8.40 46.07
C GLU I 344 68.96 -9.54 45.34
N GLY I 345 68.45 -10.51 46.10
CA GLY I 345 67.48 -11.49 45.59
C GLY I 345 66.05 -10.97 45.69
N ALA I 346 65.74 -10.28 46.78
CA ALA I 346 64.42 -9.74 46.99
C ALA I 346 64.18 -8.52 46.11
N ASN I 347 62.94 -8.01 46.15
CA ASN I 347 62.52 -6.83 45.40
C ASN I 347 62.78 -5.53 46.18
N MET I 348 63.88 -4.85 45.85
CA MET I 348 64.26 -3.55 46.48
C MET I 348 64.54 -3.62 47.98
N PRO I 349 65.27 -4.65 48.44
CA PRO I 349 65.50 -4.81 49.88
C PRO I 349 66.30 -3.70 50.56
N SER I 350 67.30 -3.14 49.87
CA SER I 350 68.11 -2.04 50.39
C SER I 350 67.35 -0.71 50.27
N THR I 351 67.41 0.10 51.34
CA THR I 351 66.77 1.43 51.38
C THR I 351 67.67 2.45 50.64
N PRO I 352 67.09 3.55 50.11
CA PRO I 352 68.00 4.56 49.54
C PRO I 352 69.18 5.05 50.43
N GLU I 353 69.03 5.00 51.77
CA GLU I 353 70.16 5.27 52.68
C GLU I 353 71.12 4.13 52.73
N ALA I 354 70.59 2.92 52.69
CA ALA I 354 71.39 1.71 52.60
C ALA I 354 72.32 1.75 51.36
N VAL I 355 71.79 2.15 50.20
CA VAL I 355 72.59 2.13 48.97
C VAL I 355 73.72 3.19 49.07
N GLU I 356 73.35 4.43 49.41
CA GLU I 356 74.35 5.51 49.55
C GLU I 356 75.54 5.06 50.41
N VAL I 357 75.25 4.42 51.55
CA VAL I 357 76.29 3.82 52.41
C VAL I 357 77.26 2.95 51.62
N PHE I 358 76.71 2.00 50.87
CA PHE I 358 77.50 0.97 50.17
C PHE I 358 78.54 1.56 49.21
N ARG I 359 78.15 2.61 48.48
CA ARG I 359 79.09 3.29 47.57
C ARG I 359 80.23 3.90 48.36
N GLU I 360 79.88 4.62 49.43
CA GLU I 360 80.88 5.41 50.17
C GLU I 360 81.85 4.62 51.08
N ARG I 361 81.78 3.28 51.13
CA ARG I 361 82.97 2.47 51.53
C ARG I 361 83.40 1.39 50.53
N ASP I 362 83.15 1.65 49.24
CA ASP I 362 83.62 0.76 48.16
C ASP I 362 82.95 -0.64 48.25
N ILE I 363 81.66 -0.69 48.59
CA ILE I 363 80.92 -1.97 48.64
C ILE I 363 80.28 -2.25 47.28
N ARG I 364 80.80 -3.27 46.60
CA ARG I 364 80.28 -3.74 45.32
C ARG I 364 78.80 -4.18 45.47
N PHE I 365 77.90 -3.50 44.75
CA PHE I 365 76.46 -3.59 44.96
C PHE I 365 75.65 -3.97 43.69
N GLY I 366 75.08 -5.17 43.72
CA GLY I 366 74.22 -5.63 42.60
C GLY I 366 72.76 -5.39 42.91
N PRO I 367 72.13 -4.43 42.22
CA PRO I 367 70.72 -4.15 42.50
C PRO I 367 69.83 -5.25 41.93
N GLY I 368 68.59 -5.29 42.41
CA GLY I 368 67.60 -6.29 42.06
C GLY I 368 67.26 -6.30 40.59
N LYS I 369 67.07 -5.11 40.03
CA LYS I 369 66.93 -4.85 38.60
C LYS I 369 67.75 -5.84 37.76
N ALA I 370 68.99 -6.04 38.18
CA ALA I 370 69.91 -7.00 37.58
C ALA I 370 69.95 -8.33 38.31
N ALA I 371 70.14 -8.29 39.63
CA ALA I 371 70.51 -9.53 40.37
C ALA I 371 69.35 -10.50 40.55
N ASN I 372 68.14 -10.01 40.54
CA ASN I 372 67.01 -10.92 40.73
C ASN I 372 66.28 -11.25 39.42
N ALA I 373 66.89 -10.95 38.28
CA ALA I 373 66.25 -11.13 36.98
C ALA I 373 66.22 -12.59 36.48
N GLY I 374 66.83 -13.52 37.22
CA GLY I 374 66.86 -14.93 36.77
C GLY I 374 65.50 -15.60 36.70
N GLY I 375 64.60 -15.12 37.55
CA GLY I 375 63.18 -15.48 37.51
C GLY I 375 62.59 -15.25 36.13
N VAL I 376 62.55 -14.00 35.72
CA VAL I 376 61.93 -13.65 34.47
C VAL I 376 62.75 -14.14 33.29
N ALA I 377 64.06 -14.22 33.42
CA ALA I 377 64.85 -14.90 32.42
C ALA I 377 64.37 -16.33 32.19
N THR I 378 64.11 -17.04 33.27
CA THR I 378 63.73 -18.44 33.15
C THR I 378 62.28 -18.62 32.64
N SER I 379 61.44 -17.65 32.96
CA SER I 379 60.17 -17.47 32.26
C SER I 379 60.32 -17.34 30.74
N ALA I 380 61.24 -16.49 30.30
CA ALA I 380 61.53 -16.37 28.88
C ALA I 380 61.96 -17.67 28.27
N LEU I 381 62.73 -18.46 29.04
CA LEU I 381 63.18 -19.76 28.58
C LEU I 381 62.02 -20.78 28.46
N GLU I 382 61.04 -20.65 29.35
CA GLU I 382 59.74 -21.40 29.26
C GLU I 382 58.98 -21.06 27.99
N MET I 383 58.86 -19.76 27.71
CA MET I 383 58.28 -19.32 26.46
C MET I 383 59.04 -19.94 25.28
N GLN I 384 60.36 -20.00 25.40
CA GLN I 384 61.20 -20.46 24.28
C GLN I 384 61.01 -21.95 24.05
N GLN I 385 60.91 -22.68 25.16
CA GLN I 385 60.57 -24.08 25.12
C GLN I 385 59.18 -24.34 24.54
N ASN I 386 58.19 -23.61 25.02
CA ASN I 386 56.87 -23.70 24.50
C ASN I 386 56.81 -23.42 23.01
N ALA I 387 57.53 -22.42 22.51
CA ALA I 387 57.43 -21.99 21.07
C ALA I 387 57.90 -23.06 20.08
N SER I 388 58.82 -23.89 20.57
CA SER I 388 59.39 -24.97 19.80
C SER I 388 58.89 -26.34 20.30
N ARG I 389 57.91 -26.34 21.22
CA ARG I 389 57.40 -27.56 21.86
C ARG I 389 58.49 -28.50 22.36
N ASP I 390 59.53 -27.93 22.97
CA ASP I 390 60.61 -28.69 23.57
C ASP I 390 60.50 -28.66 25.09
N SER I 391 61.15 -29.62 25.73
CA SER I 391 61.26 -29.67 27.18
C SER I 391 62.73 -29.93 27.58
N TRP I 392 63.47 -28.92 28.03
CA TRP I 392 64.87 -29.05 28.30
C TRP I 392 65.09 -29.73 29.66
N SER I 393 66.22 -30.41 29.76
CA SER I 393 66.66 -30.99 31.01
C SER I 393 66.99 -29.89 31.95
N PHE I 394 67.01 -30.25 33.25
CA PHE I 394 67.40 -29.34 34.31
C PHE I 394 68.76 -28.75 34.05
N GLU I 395 69.72 -29.61 33.71
CA GLU I 395 71.13 -29.18 33.62
C GLU I 395 71.34 -28.21 32.45
N TYR I 396 70.69 -28.48 31.33
CA TYR I 396 70.73 -27.58 30.21
C TYR I 396 70.09 -26.23 30.54
N THR I 397 68.93 -26.25 31.19
CA THR I 397 68.24 -24.99 31.52
C THR I 397 69.09 -24.14 32.48
N ASP I 398 69.68 -24.78 33.47
CA ASP I 398 70.50 -24.09 34.47
C ASP I 398 71.79 -23.55 33.87
N GLU I 399 72.41 -24.34 33.00
CA GLU I 399 73.55 -23.90 32.23
C GLU I 399 73.22 -22.62 31.42
N ARG I 400 72.07 -22.57 30.74
CA ARG I 400 71.60 -21.37 30.04
C ARG I 400 71.32 -20.17 30.96
N LEU I 401 70.78 -20.44 32.13
CA LEU I 401 70.55 -19.41 33.12
C LEU I 401 71.88 -18.76 33.58
N GLN I 402 72.88 -19.59 33.78
CA GLN I 402 74.20 -19.10 34.14
C GLN I 402 74.73 -18.14 33.08
N VAL I 403 74.74 -18.58 31.83
CA VAL I 403 75.13 -17.72 30.71
C VAL I 403 74.35 -16.38 30.68
N ILE I 404 73.05 -16.43 30.99
CA ILE I 404 72.26 -15.25 30.94
C ILE I 404 72.71 -14.31 32.03
N MET I 405 72.96 -14.81 33.24
CA MET I 405 73.30 -13.94 34.34
C MET I 405 74.69 -13.34 34.11
N LYS I 406 75.63 -14.14 33.57
CA LYS I 406 76.95 -13.62 33.24
C LYS I 406 76.79 -12.50 32.24
N ASN I 407 75.92 -12.68 31.25
CA ASN I 407 75.69 -11.62 30.27
C ASN I 407 75.09 -10.37 30.89
N ILE I 408 74.11 -10.54 31.79
CA ILE I 408 73.56 -9.46 32.56
C ILE I 408 74.71 -8.73 33.28
N PHE I 409 75.55 -9.44 34.03
CA PHE I 409 76.65 -8.76 34.75
C PHE I 409 77.54 -7.97 33.81
N LYS I 410 77.96 -8.62 32.74
CA LYS I 410 78.87 -8.06 31.76
C LYS I 410 78.28 -6.75 31.15
N THR I 411 76.99 -6.78 30.83
CA THR I 411 76.31 -5.62 30.27
C THR I 411 76.32 -4.45 31.29
N CYS I 412 76.01 -4.74 32.55
CA CYS I 412 76.04 -3.72 33.61
C CYS I 412 77.43 -3.11 33.80
N ALA I 413 78.44 -3.98 33.85
CA ALA I 413 79.80 -3.56 34.07
C ALA I 413 80.35 -2.72 32.91
N GLU I 414 80.25 -3.20 31.68
CA GLU I 414 80.73 -2.45 30.51
C GLU I 414 79.90 -1.22 30.32
N THR I 415 78.59 -1.28 30.53
CA THR I 415 77.78 -0.09 30.26
C THR I 415 78.13 1.02 31.27
N ALA I 416 78.37 0.65 32.54
CA ALA I 416 78.77 1.61 33.54
C ALA I 416 80.14 2.28 33.21
N ALA I 417 81.11 1.47 32.81
CA ALA I 417 82.41 1.98 32.46
C ALA I 417 82.31 2.83 31.17
N GLU I 418 81.57 2.38 30.16
CA GLU I 418 81.39 3.18 28.94
C GLU I 418 80.92 4.64 29.18
N TYR I 419 80.14 4.89 30.24
CA TYR I 419 79.66 6.24 30.54
C TYR I 419 80.39 6.88 31.73
N GLY I 420 81.59 6.43 32.08
CA GLY I 420 82.37 7.02 33.18
C GLY I 420 81.88 6.78 34.61
N HIS I 421 81.17 5.69 34.89
CA HIS I 421 80.75 5.36 36.28
C HIS I 421 81.02 3.88 36.51
N GLU I 422 82.25 3.44 36.24
CA GLU I 422 82.56 2.03 36.42
C GLU I 422 82.43 1.57 37.85
N ASN I 423 82.20 0.26 37.92
CA ASN I 423 81.71 -0.42 39.12
C ASN I 423 80.37 0.04 39.66
N ASP I 424 79.69 1.02 39.04
CA ASP I 424 78.34 1.41 39.50
C ASP I 424 77.31 0.62 38.66
N TYR I 425 77.00 -0.59 39.14
CA TYR I 425 76.07 -1.51 38.46
C TYR I 425 74.61 -1.01 38.40
N VAL I 426 74.23 -0.08 39.26
CA VAL I 426 72.95 0.53 39.20
C VAL I 426 72.89 1.43 37.93
N VAL I 427 73.91 2.26 37.68
CA VAL I 427 73.99 3.07 36.45
C VAL I 427 74.07 2.20 35.21
N GLY I 428 74.90 1.17 35.21
CA GLY I 428 75.04 0.26 34.07
C GLY I 428 73.73 -0.44 33.72
N ALA I 429 73.04 -0.92 34.74
CA ALA I 429 71.75 -1.57 34.62
C ALA I 429 70.71 -0.65 33.99
N ASN I 430 70.56 0.55 34.56
CA ASN I 430 69.55 1.51 34.06
C ASN I 430 69.80 1.94 32.64
N ILE I 431 71.04 2.34 32.36
CA ILE I 431 71.46 2.68 31.01
C ILE I 431 71.32 1.50 30.01
N ALA I 432 71.92 0.35 30.32
CA ALA I 432 71.86 -0.77 29.38
C ALA I 432 70.39 -1.13 29.06
N GLY I 433 69.55 -1.22 30.11
CA GLY I 433 68.11 -1.47 29.98
C GLY I 433 67.41 -0.46 29.09
N PHE I 434 67.68 0.83 29.37
CA PHE I 434 67.08 1.90 28.64
C PHE I 434 67.50 1.91 27.16
N LYS I 435 68.81 1.80 26.86
CA LYS I 435 69.29 1.86 25.49
C LYS I 435 68.72 0.78 24.53
N LYS I 436 68.71 -0.48 24.96
CA LYS I 436 68.14 -1.52 24.09
C LYS I 436 66.67 -1.17 23.71
N VAL I 437 65.84 -0.89 24.71
CA VAL I 437 64.44 -0.47 24.45
C VAL I 437 64.35 0.78 23.53
N ALA I 438 65.18 1.79 23.80
CA ALA I 438 65.12 3.04 23.02
C ALA I 438 65.55 2.83 21.59
N ASP I 439 66.54 1.98 21.32
CA ASP I 439 66.93 1.69 19.93
C ASP I 439 65.88 0.95 19.15
N ALA I 440 65.18 0.07 19.85
CA ALA I 440 64.06 -0.64 19.25
C ALA I 440 62.90 0.32 18.90
N MET I 441 62.63 1.27 19.77
CA MET I 441 61.49 2.22 19.57
C MET I 441 61.78 3.13 18.39
N LEU I 442 63.00 3.65 18.36
CA LEU I 442 63.40 4.54 17.29
C LEU I 442 63.32 3.83 15.96
N ALA I 443 63.77 2.57 15.90
CA ALA I 443 63.69 1.81 14.68
C ALA I 443 62.21 1.56 14.20
N GLN I 444 61.29 1.46 15.15
CA GLN I 444 59.92 1.01 14.85
C GLN I 444 58.89 2.14 14.67
N GLY I 445 59.38 3.37 14.82
CA GLY I 445 58.65 4.56 14.47
C GLY I 445 57.73 5.03 15.54
N VAL I 446 56.89 6.02 15.21
CA VAL I 446 56.00 6.58 16.21
C VAL I 446 54.75 5.67 16.20
N ILE I 447 54.66 4.83 17.21
CA ILE I 447 53.53 3.93 17.39
C ILE I 447 53.15 3.90 18.88
N MET J 1 -36.77 59.12 -36.76
CA MET J 1 -37.62 60.06 -35.95
C MET J 1 -39.14 59.86 -36.22
N THR J 2 -39.54 59.79 -37.50
CA THR J 2 -40.96 59.57 -37.89
C THR J 2 -41.49 58.14 -37.60
N VAL J 3 -42.80 57.99 -37.51
CA VAL J 3 -43.47 56.67 -37.33
C VAL J 3 -43.20 55.71 -38.50
N ASP J 4 -42.98 56.26 -39.69
CA ASP J 4 -42.66 55.44 -40.87
C ASP J 4 -41.19 54.99 -40.99
N GLU J 5 -40.32 55.57 -40.15
CA GLU J 5 -38.90 55.18 -40.07
C GLU J 5 -38.59 54.08 -39.05
N GLN J 6 -39.37 53.96 -37.97
CA GLN J 6 -39.27 52.77 -37.11
C GLN J 6 -39.69 51.59 -37.97
N VAL J 7 -40.94 51.66 -38.45
CA VAL J 7 -41.56 50.56 -39.15
C VAL J 7 -40.70 50.02 -40.29
N SER J 8 -40.26 50.90 -41.20
CA SER J 8 -39.55 50.45 -42.40
C SER J 8 -38.12 49.92 -42.11
N ASN J 9 -37.52 50.38 -41.00
CA ASN J 9 -36.22 49.84 -40.53
C ASN J 9 -36.34 48.48 -39.84
N TYR J 10 -37.40 48.28 -39.03
CA TYR J 10 -37.70 46.95 -38.51
C TYR J 10 -38.14 46.02 -39.60
N TYR J 11 -38.98 46.49 -40.52
CA TYR J 11 -39.32 45.66 -41.69
C TYR J 11 -38.03 45.25 -42.43
N ASP J 12 -37.05 46.17 -42.50
CA ASP J 12 -35.76 45.89 -43.18
C ASP J 12 -34.83 44.92 -42.44
N MET J 13 -34.79 45.04 -41.11
CA MET J 13 -34.06 44.09 -40.26
C MET J 13 -34.69 42.67 -40.44
N LEU J 14 -36.01 42.64 -40.35
CA LEU J 14 -36.80 41.44 -40.50
C LEU J 14 -36.58 40.71 -41.82
N LEU J 15 -36.23 41.44 -42.88
CA LEU J 15 -35.81 40.81 -44.16
C LEU J 15 -34.43 40.16 -44.07
N LYS J 16 -33.48 40.79 -43.37
CA LYS J 16 -32.17 40.15 -43.09
C LYS J 16 -32.38 38.85 -42.30
N ARG J 17 -33.04 38.96 -41.15
CA ARG J 17 -33.21 37.84 -40.23
C ARG J 17 -34.03 36.67 -40.80
N ASN J 18 -35.01 36.95 -41.66
CA ASN J 18 -35.89 35.92 -42.14
C ASN J 18 -35.79 35.79 -43.64
N ALA J 19 -34.55 35.84 -44.16
CA ALA J 19 -34.30 35.73 -45.59
C ALA J 19 -34.82 34.42 -46.18
N GLY J 20 -35.49 34.53 -47.33
CA GLY J 20 -35.96 33.37 -48.10
C GLY J 20 -37.39 32.99 -47.75
N GLU J 21 -38.11 33.82 -46.99
CA GLU J 21 -39.46 33.50 -46.52
C GLU J 21 -40.46 34.59 -46.94
N PRO J 22 -40.70 34.77 -48.26
CA PRO J 22 -41.52 35.89 -48.76
C PRO J 22 -42.99 35.91 -48.30
N GLU J 23 -43.60 34.76 -48.07
CA GLU J 23 -44.98 34.75 -47.59
C GLU J 23 -45.06 35.35 -46.19
N PHE J 24 -44.04 35.07 -45.37
CA PHE J 24 -43.94 35.63 -44.02
C PHE J 24 -43.67 37.11 -44.09
N HIS J 25 -42.77 37.51 -45.00
CA HIS J 25 -42.55 38.95 -45.30
C HIS J 25 -43.81 39.71 -45.70
N GLN J 26 -44.61 39.12 -46.59
CA GLN J 26 -45.88 39.73 -47.02
C GLN J 26 -46.82 39.96 -45.84
N ALA J 27 -47.05 38.87 -45.10
CA ALA J 27 -47.98 38.85 -43.97
C ALA J 27 -47.55 39.79 -42.85
N VAL J 28 -46.24 39.93 -42.65
CA VAL J 28 -45.73 40.90 -41.68
C VAL J 28 -45.93 42.33 -42.18
N ALA J 29 -45.66 42.57 -43.46
CA ALA J 29 -45.85 43.90 -44.11
C ALA J 29 -47.28 44.46 -43.96
N GLU J 30 -48.27 43.65 -44.31
CA GLU J 30 -49.69 44.04 -44.23
C GLU J 30 -50.13 44.37 -42.83
N VAL J 31 -49.70 43.56 -41.88
CA VAL J 31 -49.91 43.83 -40.45
C VAL J 31 -49.22 45.13 -40.02
N LEU J 32 -47.97 45.34 -40.42
CA LEU J 32 -47.25 46.60 -40.11
C LEU J 32 -47.87 47.86 -40.75
N GLU J 33 -48.30 47.73 -42.02
CA GLU J 33 -49.09 48.76 -42.73
C GLU J 33 -50.32 49.20 -41.94
N SER J 34 -50.92 48.29 -41.19
CA SER J 34 -51.99 48.61 -40.23
C SER J 34 -51.49 49.21 -38.90
N LEU J 35 -50.37 48.74 -38.36
CA LEU J 35 -49.80 49.34 -37.11
C LEU J 35 -49.35 50.82 -37.17
N LYS J 36 -49.01 51.28 -38.36
CA LYS J 36 -48.78 52.71 -38.63
C LYS J 36 -49.98 53.53 -38.18
N ILE J 37 -51.17 53.11 -38.63
CA ILE J 37 -52.43 53.76 -38.26
C ILE J 37 -52.60 53.77 -36.75
N VAL J 38 -52.37 52.64 -36.12
CA VAL J 38 -52.60 52.52 -34.68
C VAL J 38 -51.65 53.46 -33.91
N LEU J 39 -50.44 53.64 -34.44
CA LEU J 39 -49.41 54.42 -33.75
C LEU J 39 -49.67 55.92 -33.78
N GLU J 40 -50.09 56.45 -34.93
CA GLU J 40 -50.51 57.86 -35.06
C GLU J 40 -51.53 58.25 -33.96
N LYS J 41 -52.58 57.46 -33.81
CA LYS J 41 -53.58 57.66 -32.74
C LYS J 41 -53.17 57.20 -31.32
N ASP J 42 -52.43 56.10 -31.19
CA ASP J 42 -52.11 55.50 -29.86
C ASP J 42 -50.59 55.17 -29.78
N PRO J 43 -49.76 56.13 -29.35
CA PRO J 43 -48.30 55.98 -29.52
C PRO J 43 -47.64 54.94 -28.59
N HIS J 44 -48.18 54.79 -27.38
CA HIS J 44 -47.73 53.80 -26.41
C HIS J 44 -47.73 52.33 -26.88
N TYR J 45 -48.38 52.01 -28.00
CA TYR J 45 -48.36 50.62 -28.54
C TYR J 45 -47.02 50.12 -29.09
N ALA J 46 -46.02 51.01 -29.19
CA ALA J 46 -44.66 50.62 -29.58
C ALA J 46 -43.71 50.49 -28.38
N ASP J 47 -44.25 50.56 -27.17
CA ASP J 47 -43.42 50.59 -25.97
C ASP J 47 -42.78 49.22 -25.70
N TYR J 48 -41.61 49.23 -25.08
CA TYR J 48 -40.98 48.02 -24.56
C TYR J 48 -40.76 46.96 -25.69
N GLY J 49 -40.28 47.39 -26.85
CA GLY J 49 -40.12 46.53 -28.01
C GLY J 49 -41.31 45.69 -28.46
N LEU J 50 -42.52 46.15 -28.23
CA LEU J 50 -43.69 45.31 -28.45
C LEU J 50 -43.74 44.65 -29.83
N ILE J 51 -43.45 45.41 -30.87
CA ILE J 51 -43.53 44.91 -32.24
C ILE J 51 -42.41 43.92 -32.58
N GLN J 52 -41.22 44.18 -32.03
CA GLN J 52 -40.05 43.34 -32.26
C GLN J 52 -40.26 41.95 -31.63
N ARG J 53 -40.95 41.95 -30.48
CA ARG J 53 -41.35 40.71 -29.81
C ARG J 53 -42.46 39.98 -30.55
N LEU J 54 -43.46 40.72 -31.04
CA LEU J 54 -44.61 40.15 -31.70
C LEU J 54 -44.23 39.42 -32.96
N CYS J 55 -43.36 40.02 -33.78
CA CYS J 55 -42.91 39.42 -35.06
C CYS J 55 -41.85 38.31 -34.98
N GLU J 56 -41.31 38.03 -33.78
CA GLU J 56 -40.41 36.88 -33.55
C GLU J 56 -41.18 35.81 -32.77
N PRO J 57 -41.28 34.58 -33.34
CA PRO J 57 -41.90 33.45 -32.64
C PRO J 57 -41.32 33.19 -31.26
N GLU J 58 -42.20 33.03 -30.28
CA GLU J 58 -41.73 32.64 -28.97
C GLU J 58 -40.77 31.39 -29.07
N ARG J 59 -41.15 30.42 -29.91
CA ARG J 59 -40.40 29.18 -30.07
C ARG J 59 -40.70 28.55 -31.42
N GLN J 60 -39.67 28.01 -32.07
CA GLN J 60 -39.83 27.25 -33.31
C GLN J 60 -39.13 25.91 -33.16
N LEU J 61 -39.85 24.87 -33.56
CA LEU J 61 -39.39 23.49 -33.48
C LEU J 61 -39.36 22.88 -34.85
N ILE J 62 -38.22 22.29 -35.17
CA ILE J 62 -38.02 21.55 -36.39
C ILE J 62 -37.42 20.22 -35.98
N PHE J 63 -37.98 19.12 -36.45
CA PHE J 63 -37.51 17.81 -36.02
C PHE J 63 -37.52 16.74 -37.09
N ARG J 64 -36.60 15.81 -36.97
CA ARG J 64 -36.59 14.66 -37.84
C ARG J 64 -37.82 13.77 -37.56
N VAL J 65 -38.47 13.32 -38.63
CA VAL J 65 -39.51 12.34 -38.52
C VAL J 65 -39.19 11.10 -39.40
N PRO J 66 -38.47 10.14 -38.82
CA PRO J 66 -38.21 8.89 -39.50
C PRO J 66 -39.44 7.97 -39.42
N TRP J 67 -39.73 7.25 -40.49
CA TRP J 67 -40.79 6.26 -40.52
C TRP J 67 -40.50 5.21 -41.58
N VAL J 68 -41.13 4.05 -41.41
CA VAL J 68 -40.89 2.88 -42.29
C VAL J 68 -42.11 2.62 -43.16
N ASP J 69 -41.87 2.37 -44.46
CA ASP J 69 -42.98 2.11 -45.41
C ASP J 69 -43.40 0.65 -45.41
N ASP J 70 -44.41 0.30 -46.21
CA ASP J 70 -44.88 -1.10 -46.31
C ASP J 70 -43.84 -2.07 -46.89
N GLN J 71 -42.89 -1.55 -47.66
CA GLN J 71 -41.74 -2.34 -48.16
C GLN J 71 -40.61 -2.53 -47.15
N GLY J 72 -40.76 -2.05 -45.91
CA GLY J 72 -39.66 -2.09 -44.95
C GLY J 72 -38.55 -1.06 -45.19
N GLN J 73 -38.88 0.04 -45.87
CA GLN J 73 -37.88 0.99 -46.36
C GLN J 73 -37.96 2.26 -45.52
N VAL J 74 -36.81 2.77 -45.08
CA VAL J 74 -36.77 3.96 -44.20
C VAL J 74 -36.83 5.23 -45.02
N HIS J 75 -37.74 6.12 -44.61
CA HIS J 75 -37.87 7.51 -45.09
C HIS J 75 -37.60 8.47 -43.96
N VAL J 76 -37.39 9.74 -44.29
CA VAL J 76 -37.12 10.77 -43.32
C VAL J 76 -37.82 12.01 -43.82
N ASN J 77 -38.79 12.50 -43.07
CA ASN J 77 -39.39 13.75 -43.35
C ASN J 77 -39.05 14.80 -42.27
N ARG J 78 -39.49 16.03 -42.44
CA ARG J 78 -39.14 17.11 -41.52
C ARG J 78 -40.47 17.53 -40.96
N GLY J 79 -40.56 17.67 -39.63
CA GLY J 79 -41.76 18.14 -38.95
C GLY J 79 -41.50 19.49 -38.37
N PHE J 80 -42.56 20.28 -38.11
CA PHE J 80 -42.46 21.67 -37.66
C PHE J 80 -43.51 21.97 -36.63
N ARG J 81 -43.17 22.80 -35.67
CA ARG J 81 -44.16 23.45 -34.84
C ARG J 81 -43.64 24.80 -34.40
N VAL J 82 -44.31 25.84 -34.86
CA VAL J 82 -43.98 27.20 -34.49
C VAL J 82 -45.01 27.63 -33.49
N GLN J 83 -44.56 28.09 -32.34
CA GLN J 83 -45.42 28.51 -31.24
C GLN J 83 -45.20 29.99 -31.12
N PHE J 84 -46.01 30.75 -31.86
CA PHE J 84 -45.71 32.16 -32.18
C PHE J 84 -45.96 33.05 -30.99
N ASN J 85 -47.19 33.01 -30.48
CA ASN J 85 -47.59 33.91 -29.43
C ASN J 85 -48.62 33.30 -28.52
N SER J 86 -48.43 33.48 -27.22
CA SER J 86 -49.30 32.87 -26.23
C SER J 86 -49.83 33.91 -25.28
N ALA J 87 -49.94 35.16 -25.72
CA ALA J 87 -50.36 36.21 -24.82
C ALA J 87 -51.81 36.04 -24.33
N LEU J 88 -52.67 35.49 -25.19
CA LEU J 88 -54.11 35.32 -24.88
C LEU J 88 -54.49 33.92 -24.49
N GLY J 89 -53.54 33.01 -24.52
CA GLY J 89 -53.85 31.62 -24.24
C GLY J 89 -52.81 30.70 -24.81
N PRO J 90 -53.07 29.40 -24.73
CA PRO J 90 -52.12 28.43 -25.24
C PRO J 90 -51.93 28.61 -26.75
N TYR J 91 -50.84 28.11 -27.30
CA TYR J 91 -50.67 28.21 -28.75
C TYR J 91 -51.81 27.41 -29.38
N LYS J 92 -52.35 27.92 -30.47
CA LYS J 92 -53.43 27.26 -31.15
C LYS J 92 -53.24 27.36 -32.65
N GLY J 93 -53.34 26.21 -33.34
CA GLY J 93 -53.28 26.15 -34.82
C GLY J 93 -52.98 24.76 -35.34
N GLY J 94 -53.39 24.53 -36.58
CA GLY J 94 -53.40 23.22 -37.19
C GLY J 94 -52.05 22.74 -37.66
N LEU J 95 -52.03 21.49 -38.13
CA LEU J 95 -50.91 20.80 -38.67
C LEU J 95 -51.22 20.49 -40.16
N ARG J 96 -50.27 20.83 -41.02
CA ARG J 96 -50.37 20.65 -42.44
C ARG J 96 -49.38 19.57 -42.84
N PHE J 97 -49.83 18.51 -43.48
CA PHE J 97 -48.93 17.54 -44.04
C PHE J 97 -48.99 17.68 -45.60
N HIS J 98 -47.93 18.22 -46.23
CA HIS J 98 -47.92 18.53 -47.65
C HIS J 98 -46.48 18.79 -48.11
N PRO J 99 -46.08 18.30 -49.32
CA PRO J 99 -44.66 18.42 -49.75
C PRO J 99 -44.08 19.83 -49.91
N SER J 100 -44.92 20.85 -49.84
CA SER J 100 -44.54 22.25 -49.98
C SER J 100 -44.32 22.93 -48.65
N VAL J 101 -44.53 22.23 -47.54
CA VAL J 101 -44.42 22.83 -46.20
C VAL J 101 -42.95 23.03 -45.88
N ASN J 102 -42.61 24.23 -45.43
CA ASN J 102 -41.29 24.56 -44.90
C ASN J 102 -41.40 25.61 -43.81
N LEU J 103 -40.25 25.93 -43.22
CA LEU J 103 -40.23 26.77 -42.06
C LEU J 103 -40.88 28.10 -42.33
N GLY J 104 -40.65 28.62 -43.55
CA GLY J 104 -41.16 29.90 -43.99
C GLY J 104 -42.66 29.94 -44.00
N ILE J 105 -43.25 28.89 -44.56
CA ILE J 105 -44.69 28.77 -44.66
C ILE J 105 -45.34 28.58 -43.31
N VAL J 106 -44.75 27.74 -42.47
CA VAL J 106 -45.31 27.49 -41.12
C VAL J 106 -45.27 28.78 -40.35
N LYS J 107 -44.18 29.52 -40.47
CA LYS J 107 -44.09 30.83 -39.84
C LYS J 107 -45.14 31.83 -40.29
N PHE J 108 -45.40 31.85 -41.60
CA PHE J 108 -46.36 32.79 -42.13
C PHE J 108 -47.76 32.44 -41.63
N LEU J 109 -48.13 31.16 -41.71
CA LEU J 109 -49.46 30.70 -41.23
C LEU J 109 -49.62 30.90 -39.71
N GLY J 110 -48.54 30.64 -38.99
CA GLY J 110 -48.52 30.81 -37.56
C GLY J 110 -48.68 32.26 -37.17
N PHE J 111 -48.05 33.15 -37.93
CA PHE J 111 -48.16 34.58 -37.67
C PHE J 111 -49.58 35.06 -37.88
N GLU J 112 -50.20 34.63 -38.98
CA GLU J 112 -51.61 35.02 -39.29
C GLU J 112 -52.60 34.43 -38.27
N GLN J 113 -52.33 33.21 -37.82
CA GLN J 113 -53.10 32.58 -36.76
C GLN J 113 -53.19 33.44 -35.50
N ILE J 114 -52.18 34.24 -35.21
CA ILE J 114 -52.19 34.97 -33.94
C ILE J 114 -53.43 35.86 -33.90
N PHE J 115 -53.65 36.57 -35.02
CA PHE J 115 -54.64 37.67 -35.06
C PHE J 115 -56.02 37.08 -35.36
N LYS J 116 -56.05 36.04 -36.21
CA LYS J 116 -57.29 35.28 -36.44
C LYS J 116 -57.84 34.83 -35.09
N ASN J 117 -56.97 34.25 -34.27
CA ASN J 117 -57.38 33.72 -32.96
C ASN J 117 -57.74 34.80 -31.95
N SER J 118 -56.93 35.82 -31.89
CA SER J 118 -57.31 37.08 -31.22
C SER J 118 -58.74 37.64 -31.59
N LEU J 119 -59.11 37.63 -32.87
CA LEU J 119 -60.39 38.20 -33.33
C LEU J 119 -61.63 37.47 -32.82
N THR J 120 -61.46 36.18 -32.55
CA THR J 120 -62.57 35.36 -32.13
C THR J 120 -63.07 35.76 -30.79
N GLY J 121 -62.26 36.40 -29.96
CA GLY J 121 -62.71 36.75 -28.60
C GLY J 121 -62.43 35.69 -27.52
N LEU J 122 -61.79 34.58 -27.90
CA LEU J 122 -61.63 33.43 -27.01
C LEU J 122 -60.18 33.31 -26.52
N PRO J 123 -59.93 32.54 -25.45
CA PRO J 123 -58.56 32.47 -24.91
C PRO J 123 -57.61 31.49 -25.67
N ILE J 124 -57.21 31.92 -26.85
CA ILE J 124 -56.29 31.18 -27.69
C ILE J 124 -55.18 32.07 -28.18
N GLY J 125 -53.95 31.56 -28.09
CA GLY J 125 -52.77 32.16 -28.72
C GLY J 125 -52.67 31.62 -30.12
N GLY J 126 -51.50 31.76 -30.74
CA GLY J 126 -51.29 31.30 -32.11
C GLY J 126 -50.05 30.45 -32.40
N GLY J 127 -50.26 29.40 -33.16
CA GLY J 127 -49.19 28.55 -33.63
C GLY J 127 -49.59 27.80 -34.88
N LYS J 128 -48.66 27.01 -35.38
CA LYS J 128 -48.87 26.19 -36.55
C LYS J 128 -47.81 25.17 -36.67
N GLY J 129 -48.10 24.09 -37.39
CA GLY J 129 -47.06 23.12 -37.72
C GLY J 129 -47.37 22.19 -38.87
N GLY J 130 -46.57 21.15 -38.95
CA GLY J 130 -46.81 20.10 -39.87
C GLY J 130 -45.56 19.46 -40.39
N SER J 131 -45.61 19.03 -41.63
CA SER J 131 -44.55 18.26 -42.24
C SER J 131 -44.53 18.33 -43.76
N ASP J 132 -43.34 18.07 -44.33
CA ASP J 132 -43.17 17.94 -45.78
C ASP J 132 -43.53 16.54 -46.27
N PHE J 133 -43.96 15.69 -45.35
CA PHE J 133 -44.57 14.38 -45.59
C PHE J 133 -45.70 14.52 -46.61
N ASP J 134 -45.72 13.61 -47.58
CA ASP J 134 -46.77 13.60 -48.61
C ASP J 134 -47.78 12.47 -48.34
N PRO J 135 -48.95 12.80 -47.73
CA PRO J 135 -49.92 11.75 -47.45
C PRO J 135 -50.65 11.17 -48.66
N LYS J 136 -50.44 11.72 -49.85
CA LYS J 136 -50.93 11.10 -51.09
C LYS J 136 -50.31 9.72 -51.35
N GLY J 137 -51.16 8.72 -51.58
CA GLY J 137 -50.72 7.38 -51.94
C GLY J 137 -50.07 6.52 -50.86
N LYS J 138 -50.43 6.80 -49.62
CA LYS J 138 -49.88 6.12 -48.47
C LYS J 138 -50.96 5.22 -47.98
N SER J 139 -50.63 4.05 -47.46
CA SER J 139 -51.63 3.23 -46.78
C SER J 139 -52.00 3.82 -45.41
N ASP J 140 -53.08 3.31 -44.84
CA ASP J 140 -53.46 3.69 -43.48
C ASP J 140 -52.36 3.32 -42.48
N LEU J 141 -51.70 2.17 -42.65
CA LEU J 141 -50.57 1.83 -41.80
C LEU J 141 -49.46 2.87 -41.86
N GLU J 142 -49.12 3.30 -43.08
CA GLU J 142 -48.04 4.24 -43.29
C GLU J 142 -48.38 5.57 -42.65
N ILE J 143 -49.61 6.04 -42.83
CA ILE J 143 -50.06 7.29 -42.21
C ILE J 143 -50.10 7.18 -40.68
N MET J 144 -50.62 6.08 -40.15
CA MET J 144 -50.56 5.83 -38.68
C MET J 144 -49.10 5.90 -38.19
N ARG J 145 -48.18 5.17 -38.82
CA ARG J 145 -46.76 5.17 -38.39
C ARG J 145 -46.11 6.55 -38.45
N PHE J 146 -46.47 7.31 -39.48
CA PHE J 146 -45.96 8.63 -39.65
C PHE J 146 -46.45 9.49 -38.50
N CYS J 147 -47.76 9.44 -38.26
CA CYS J 147 -48.39 10.11 -37.17
C CYS J 147 -47.79 9.72 -35.80
N GLN J 148 -47.51 8.44 -35.62
CA GLN J 148 -46.85 7.95 -34.42
C GLN J 148 -45.42 8.53 -34.26
N SER J 149 -44.65 8.45 -35.35
CA SER J 149 -43.33 9.01 -35.36
C SER J 149 -43.38 10.52 -35.10
N PHE J 150 -44.34 11.22 -35.68
CA PHE J 150 -44.41 12.68 -35.57
C PHE J 150 -44.72 13.09 -34.13
N MET J 151 -45.70 12.39 -33.53
CA MET J 151 -46.19 12.71 -32.21
C MET J 151 -45.16 12.31 -31.12
N THR J 152 -44.31 11.33 -31.43
CA THR J 152 -43.27 10.88 -30.52
C THR J 152 -42.36 12.04 -30.20
N GLU J 153 -42.07 12.93 -31.14
CA GLU J 153 -41.35 14.17 -30.79
C GLU J 153 -42.25 15.27 -30.31
N LEU J 154 -43.41 15.42 -30.93
CA LEU J 154 -44.22 16.58 -30.68
C LEU J 154 -44.84 16.57 -29.30
N HIS J 155 -45.02 15.39 -28.68
CA HIS J 155 -45.86 15.34 -27.45
C HIS J 155 -45.23 16.15 -26.32
N ARG J 156 -43.90 16.24 -26.28
CA ARG J 156 -43.26 16.90 -25.17
C ARG J 156 -43.32 18.42 -25.23
N HIS J 157 -43.76 18.97 -26.35
CA HIS J 157 -43.96 20.43 -26.50
C HIS J 157 -45.43 20.86 -26.51
N ILE J 158 -46.37 19.92 -26.35
CA ILE J 158 -47.82 20.32 -26.43
C ILE J 158 -48.59 20.01 -25.18
N GLY J 159 -49.87 20.31 -25.14
CA GLY J 159 -50.65 20.06 -23.94
C GLY J 159 -51.79 21.04 -23.85
N GLU J 160 -52.79 20.67 -23.04
CA GLU J 160 -54.02 21.41 -22.91
C GLU J 160 -53.87 22.91 -22.61
N TYR J 161 -52.89 23.30 -21.78
CA TYR J 161 -52.58 24.70 -21.45
C TYR J 161 -51.34 25.19 -22.15
N ARG J 162 -50.65 24.32 -22.89
CA ARG J 162 -49.40 24.69 -23.54
C ARG J 162 -49.62 24.98 -25.02
N ASP J 163 -50.04 23.96 -25.76
CA ASP J 163 -50.18 24.02 -27.22
C ASP J 163 -51.19 22.98 -27.68
N VAL J 164 -52.23 23.43 -28.39
CA VAL J 164 -53.29 22.56 -28.85
C VAL J 164 -53.38 22.55 -30.39
N PRO J 165 -52.82 21.52 -31.03
CA PRO J 165 -52.95 21.46 -32.47
C PRO J 165 -54.33 20.99 -32.95
N ALA J 166 -54.46 20.91 -34.26
CA ALA J 166 -55.68 20.63 -34.99
C ALA J 166 -55.27 20.18 -36.38
N GLY J 167 -56.25 19.89 -37.21
CA GLY J 167 -56.01 19.52 -38.60
C GLY J 167 -55.84 20.70 -39.52
N ASP J 168 -55.63 20.42 -40.79
CA ASP J 168 -55.40 21.42 -41.86
C ASP J 168 -55.23 20.53 -43.08
N ILE J 169 -54.63 21.01 -44.16
CA ILE J 169 -54.39 20.17 -45.33
C ILE J 169 -53.51 18.97 -44.99
N GLY J 170 -53.93 17.79 -45.43
CA GLY J 170 -53.25 16.53 -45.11
C GLY J 170 -53.54 15.92 -43.73
N VAL J 171 -54.16 16.69 -42.82
CA VAL J 171 -54.45 16.23 -41.44
C VAL J 171 -55.96 16.40 -41.18
N GLY J 172 -56.72 15.33 -41.41
CA GLY J 172 -58.19 15.33 -41.21
C GLY J 172 -58.50 14.53 -39.95
N GLY J 173 -59.74 14.07 -39.83
CA GLY J 173 -60.19 13.28 -38.69
C GLY J 173 -59.35 12.02 -38.41
N ARG J 174 -59.00 11.30 -39.48
CA ARG J 174 -58.22 10.06 -39.34
C ARG J 174 -56.84 10.29 -38.67
N GLU J 175 -56.17 11.37 -39.08
CA GLU J 175 -54.84 11.69 -38.59
C GLU J 175 -54.91 12.19 -37.16
N ILE J 176 -55.91 13.01 -36.83
CA ILE J 176 -56.14 13.46 -35.49
C ILE J 176 -56.35 12.28 -34.55
N GLY J 177 -57.10 11.27 -35.00
CA GLY J 177 -57.23 10.02 -34.25
C GLY J 177 -55.90 9.38 -33.94
N TYR J 178 -55.07 9.22 -34.98
CA TYR J 178 -53.79 8.58 -34.82
C TYR J 178 -52.86 9.42 -33.93
N LEU J 179 -52.90 10.75 -34.09
CA LEU J 179 -52.06 11.63 -33.28
C LEU J 179 -52.48 11.61 -31.80
N PHE J 180 -53.80 11.57 -31.56
CA PHE J 180 -54.36 11.67 -30.24
C PHE J 180 -54.12 10.39 -29.47
N GLY J 181 -54.48 9.25 -30.07
CA GLY J 181 -54.06 7.94 -29.56
C GLY J 181 -52.58 7.88 -29.14
N HIS J 182 -51.69 8.29 -30.00
CA HIS J 182 -50.26 8.13 -29.65
C HIS J 182 -49.81 9.10 -28.58
N TYR J 183 -50.40 10.30 -28.62
CA TYR J 183 -50.21 11.28 -27.57
C TYR J 183 -50.55 10.67 -26.20
N ARG J 184 -51.69 10.02 -26.10
CA ARG J 184 -52.09 9.39 -24.85
C ARG J 184 -51.09 8.28 -24.45
N ARG J 185 -50.57 7.57 -25.43
CA ARG J 185 -49.62 6.51 -25.19
C ARG J 185 -48.35 7.08 -24.55
N MET J 186 -47.88 8.19 -25.09
CA MET J 186 -46.66 8.79 -24.60
C MET J 186 -46.82 9.41 -23.25
N ALA J 187 -47.97 10.05 -23.03
CA ALA J 187 -48.20 10.81 -21.80
C ALA J 187 -48.74 9.96 -20.66
N ASN J 188 -49.39 8.83 -20.96
CA ASN J 188 -50.23 8.03 -20.02
C ASN J 188 -51.27 8.88 -19.30
N GLN J 189 -52.02 9.62 -20.10
CA GLN J 189 -52.99 10.63 -19.69
C GLN J 189 -54.05 10.63 -20.82
N HIS J 190 -55.32 10.52 -20.47
CA HIS J 190 -56.39 10.84 -21.39
C HIS J 190 -56.67 12.34 -21.37
N GLU J 191 -55.77 13.11 -21.97
CA GLU J 191 -55.77 14.57 -21.92
C GLU J 191 -56.51 15.07 -23.18
N SER J 192 -57.83 15.06 -23.11
CA SER J 192 -58.67 15.38 -24.27
C SER J 192 -58.39 16.77 -24.84
N GLY J 193 -58.18 17.76 -23.98
CA GLY J 193 -57.82 19.08 -24.46
C GLY J 193 -56.55 19.30 -25.28
N VAL J 194 -55.73 18.27 -25.49
CA VAL J 194 -54.44 18.43 -26.18
C VAL J 194 -54.61 18.65 -27.68
N LEU J 195 -55.73 18.23 -28.22
CA LEU J 195 -56.01 18.36 -29.64
C LEU J 195 -57.45 18.71 -29.88
N THR J 196 -57.72 19.34 -31.03
CA THR J 196 -59.10 19.56 -31.48
C THR J 196 -59.27 18.90 -32.81
N GLY J 197 -60.54 18.67 -33.18
CA GLY J 197 -60.94 17.89 -34.36
C GLY J 197 -61.16 16.42 -34.07
N LYS J 198 -61.37 16.09 -32.80
CA LYS J 198 -61.44 14.69 -32.39
C LYS J 198 -62.84 14.16 -32.71
N GLY J 199 -62.93 12.84 -32.81
CA GLY J 199 -64.19 12.13 -33.07
C GLY J 199 -65.12 12.30 -31.88
N LEU J 200 -66.42 12.09 -32.13
CA LEU J 200 -67.49 12.48 -31.20
C LEU J 200 -67.50 11.64 -29.90
N THR J 201 -67.27 10.36 -30.04
CA THR J 201 -67.22 9.42 -28.92
C THR J 201 -65.89 9.45 -28.13
N TRP J 202 -64.91 10.27 -28.53
CA TRP J 202 -63.66 10.44 -27.74
C TRP J 202 -63.22 11.89 -27.58
N GLY J 203 -64.18 12.74 -27.23
CA GLY J 203 -63.94 14.11 -26.80
C GLY J 203 -64.11 15.20 -27.85
N GLY J 204 -64.71 14.87 -29.00
CA GLY J 204 -64.95 15.84 -30.03
C GLY J 204 -66.14 16.74 -29.71
N SER J 205 -66.38 17.73 -30.57
CA SER J 205 -67.47 18.70 -30.44
C SER J 205 -68.41 18.61 -31.62
N LEU J 206 -69.71 18.79 -31.36
CA LEU J 206 -70.71 18.60 -32.38
C LEU J 206 -70.74 19.57 -33.57
N VAL J 207 -70.29 20.79 -33.46
CA VAL J 207 -70.44 21.58 -34.75
C VAL J 207 -69.12 21.66 -35.55
N ARG J 208 -68.03 21.03 -35.05
CA ARG J 208 -66.65 21.21 -35.59
C ARG J 208 -66.50 20.98 -37.10
N THR J 209 -67.20 19.99 -37.60
CA THR J 209 -67.18 19.64 -39.02
C THR J 209 -67.73 20.76 -39.90
N GLU J 210 -68.87 21.31 -39.48
CA GLU J 210 -69.64 22.27 -40.25
C GLU J 210 -69.30 23.73 -39.91
N ALA J 211 -68.23 23.99 -39.17
CA ALA J 211 -68.07 25.31 -38.52
C ALA J 211 -67.51 26.40 -39.43
N THR J 212 -66.46 26.07 -40.18
CA THR J 212 -65.77 27.07 -41.00
C THR J 212 -66.72 27.48 -42.12
N GLY J 213 -67.34 26.47 -42.73
CA GLY J 213 -68.45 26.65 -43.64
C GLY J 213 -69.61 27.49 -43.14
N TYR J 214 -70.28 27.04 -42.09
CA TYR J 214 -71.33 27.83 -41.41
C TYR J 214 -70.80 29.23 -41.00
N GLY J 215 -69.50 29.33 -40.73
CA GLY J 215 -68.80 30.58 -40.44
C GLY J 215 -68.87 31.65 -41.52
N CYS J 216 -68.23 31.38 -42.67
CA CYS J 216 -68.26 32.28 -43.87
C CYS J 216 -69.65 32.87 -44.12
N VAL J 217 -70.71 32.10 -43.83
CA VAL J 217 -72.13 32.48 -44.04
C VAL J 217 -72.79 33.26 -42.92
N TYR J 218 -72.52 32.91 -41.67
CA TYR J 218 -73.00 33.73 -40.54
C TYR J 218 -72.38 35.14 -40.60
N PHE J 219 -71.18 35.24 -41.20
CA PHE J 219 -70.47 36.50 -41.35
C PHE J 219 -71.19 37.41 -42.36
N VAL J 220 -71.29 36.94 -43.61
CA VAL J 220 -72.12 37.54 -44.68
C VAL J 220 -73.51 38.05 -44.23
N SER J 221 -74.12 37.37 -43.26
CA SER J 221 -75.41 37.77 -42.66
C SER J 221 -75.47 39.16 -41.96
N GLU J 222 -74.33 39.80 -41.73
CA GLU J 222 -74.27 41.27 -41.44
C GLU J 222 -73.53 42.08 -42.53
N MET J 223 -72.61 41.42 -43.25
CA MET J 223 -71.73 42.06 -44.24
C MET J 223 -72.47 42.52 -45.51
N ILE J 224 -73.31 41.66 -46.06
CA ILE J 224 -74.23 42.05 -47.14
C ILE J 224 -75.40 42.84 -46.53
N LYS J 225 -75.83 42.46 -45.31
CA LYS J 225 -76.91 43.12 -44.56
C LYS J 225 -76.81 44.66 -44.44
N ALA J 226 -75.59 45.20 -44.52
CA ALA J 226 -75.38 46.66 -44.59
C ALA J 226 -75.84 47.28 -45.93
N LYS J 227 -75.60 46.58 -47.06
CA LYS J 227 -76.09 47.01 -48.40
C LYS J 227 -77.54 46.50 -48.69
N GLY J 228 -77.82 46.07 -49.93
CA GLY J 228 -79.07 45.38 -50.28
C GLY J 228 -78.79 44.06 -50.97
N GLU J 229 -79.05 43.99 -52.28
CA GLU J 229 -78.77 42.81 -53.14
C GLU J 229 -79.50 41.49 -52.73
N SER J 230 -80.69 41.63 -52.13
CA SER J 230 -81.55 40.52 -51.62
C SER J 230 -81.03 39.81 -50.35
N ILE J 231 -81.93 39.47 -49.41
CA ILE J 231 -81.62 38.59 -48.26
C ILE J 231 -81.71 37.10 -48.67
N SER J 232 -81.47 36.82 -49.96
CA SER J 232 -81.63 35.50 -50.61
C SER J 232 -80.88 35.39 -51.96
N GLY J 233 -80.91 34.19 -52.52
CA GLY J 233 -80.78 33.94 -53.96
C GLY J 233 -79.48 34.17 -54.69
N GLN J 234 -78.41 34.47 -53.95
CA GLN J 234 -77.15 34.93 -54.55
C GLN J 234 -76.10 33.81 -54.72
N LYS J 235 -75.42 33.84 -55.87
CA LYS J 235 -74.49 32.77 -56.33
C LYS J 235 -73.21 32.75 -55.51
N ILE J 236 -72.60 31.57 -55.38
CA ILE J 236 -71.44 31.37 -54.47
C ILE J 236 -70.40 30.35 -55.00
N ILE J 237 -69.26 30.85 -55.48
CA ILE J 237 -68.29 30.07 -56.36
C ILE J 237 -67.21 29.20 -55.66
N VAL J 238 -67.23 29.20 -54.32
CA VAL J 238 -66.77 28.07 -53.49
C VAL J 238 -65.50 27.28 -53.92
N SER J 239 -64.37 27.97 -54.05
CA SER J 239 -63.12 27.39 -54.64
C SER J 239 -62.30 26.43 -53.74
N GLY J 240 -62.69 25.17 -53.71
CA GLY J 240 -62.02 24.12 -52.93
C GLY J 240 -62.95 22.93 -52.75
N SER J 241 -62.50 21.89 -52.04
CA SER J 241 -63.31 20.66 -51.85
C SER J 241 -62.83 19.76 -50.69
N GLY J 242 -62.55 20.38 -49.56
CA GLY J 242 -62.19 19.68 -48.32
C GLY J 242 -63.10 20.15 -47.20
N ASN J 243 -62.57 20.15 -45.98
CA ASN J 243 -63.34 20.52 -44.76
C ASN J 243 -64.05 21.90 -44.83
N VAL J 244 -63.32 22.94 -45.23
CA VAL J 244 -63.81 24.34 -45.26
C VAL J 244 -64.77 24.65 -46.42
N ALA J 245 -64.42 24.17 -47.63
CA ALA J 245 -65.17 24.49 -48.85
C ALA J 245 -66.44 23.67 -48.95
N THR J 246 -66.30 22.35 -48.85
CA THR J 246 -67.44 21.42 -48.84
C THR J 246 -68.54 21.93 -47.93
N TYR J 247 -68.14 22.40 -46.74
CA TYR J 247 -69.09 22.87 -45.72
C TYR J 247 -69.50 24.35 -45.88
N ALA J 248 -68.63 25.17 -46.48
CA ALA J 248 -69.03 26.50 -46.97
C ALA J 248 -70.22 26.36 -47.92
N ILE J 249 -70.05 25.48 -48.92
CA ILE J 249 -71.15 25.10 -49.80
C ILE J 249 -72.31 24.55 -48.96
N GLU J 250 -72.08 23.49 -48.18
CA GLU J 250 -73.12 22.87 -47.33
C GLU J 250 -73.94 23.95 -46.70
N LYS J 251 -73.31 24.96 -46.10
CA LYS J 251 -74.08 26.15 -45.66
C LYS J 251 -74.63 26.99 -46.85
N ALA J 252 -75.48 26.36 -47.64
CA ALA J 252 -76.23 26.98 -48.69
C ALA J 252 -77.66 27.08 -48.16
N GLN J 253 -78.57 27.53 -49.04
CA GLN J 253 -80.03 27.53 -48.84
C GLN J 253 -80.49 27.68 -47.34
N GLU J 254 -79.79 28.55 -46.61
CA GLU J 254 -80.09 28.85 -45.20
C GLU J 254 -81.57 29.30 -45.12
N LEU J 255 -81.85 30.32 -45.94
CA LEU J 255 -83.22 30.80 -46.31
C LEU J 255 -83.20 31.20 -47.82
N GLY J 256 -82.76 30.29 -48.70
CA GLY J 256 -82.79 30.44 -50.20
C GLY J 256 -81.63 31.11 -50.94
N ALA J 257 -80.77 30.34 -51.62
CA ALA J 257 -79.57 30.87 -52.32
C ALA J 257 -78.91 29.93 -53.35
N THR J 258 -79.01 30.27 -54.64
CA THR J 258 -78.32 29.52 -55.73
C THR J 258 -76.83 29.34 -55.39
N VAL J 259 -76.30 28.19 -55.80
CA VAL J 259 -74.89 27.85 -55.67
C VAL J 259 -74.36 27.61 -57.09
N ILE J 260 -73.04 27.70 -57.27
CA ILE J 260 -72.37 27.21 -58.50
C ILE J 260 -71.26 26.25 -58.08
N GLY J 261 -70.69 25.55 -59.06
CA GLY J 261 -69.74 24.47 -58.81
C GLY J 261 -68.36 24.90 -58.35
N PHE J 262 -67.50 23.92 -58.16
CA PHE J 262 -66.28 24.10 -57.37
C PHE J 262 -65.08 23.36 -57.97
N SER J 263 -63.93 23.51 -57.31
CA SER J 263 -62.62 23.06 -57.80
C SER J 263 -61.80 22.18 -56.83
N ASP J 264 -60.65 21.76 -57.36
CA ASP J 264 -59.46 21.38 -56.59
C ASP J 264 -58.24 21.80 -57.47
N SER J 265 -57.04 21.26 -57.22
CA SER J 265 -55.85 21.60 -58.06
C SER J 265 -55.81 20.85 -59.43
N SER J 266 -56.91 20.17 -59.78
CA SER J 266 -57.16 19.65 -61.13
C SER J 266 -58.11 20.56 -61.95
N GLY J 267 -59.38 20.69 -61.53
CA GLY J 267 -60.42 21.40 -62.35
C GLY J 267 -61.76 21.75 -61.70
N TRP J 268 -62.53 22.60 -62.42
CA TRP J 268 -63.71 23.32 -61.88
C TRP J 268 -65.06 22.95 -62.57
N VAL J 269 -66.12 23.74 -62.34
CA VAL J 269 -67.52 23.37 -62.67
C VAL J 269 -68.46 24.60 -62.96
N HIS J 270 -69.62 24.39 -63.64
CA HIS J 270 -70.74 25.40 -63.70
C HIS J 270 -72.17 24.72 -63.79
N THR J 271 -73.19 25.34 -63.15
CA THR J 271 -74.47 24.66 -62.78
C THR J 271 -75.78 25.54 -62.68
N PRO J 272 -76.99 24.99 -63.02
CA PRO J 272 -78.32 25.70 -62.90
C PRO J 272 -78.74 26.38 -61.54
N ASN J 273 -79.52 25.70 -60.70
CA ASN J 273 -80.15 26.28 -59.48
C ASN J 273 -79.62 25.74 -58.11
N GLY J 274 -78.44 25.11 -58.12
CA GLY J 274 -77.82 24.51 -56.91
C GLY J 274 -76.62 23.60 -57.16
N VAL J 275 -76.08 23.01 -56.08
CA VAL J 275 -75.08 21.90 -56.13
C VAL J 275 -75.24 20.93 -54.91
N ASP J 276 -76.08 19.89 -55.01
CA ASP J 276 -76.52 19.08 -53.83
C ASP J 276 -75.43 18.21 -53.15
N VAL J 277 -74.98 18.68 -51.98
CA VAL J 277 -73.80 18.18 -51.27
C VAL J 277 -73.88 16.68 -50.93
N ALA J 278 -75.09 16.15 -50.73
CA ALA J 278 -75.27 14.72 -50.54
C ALA J 278 -74.20 13.98 -51.35
N LYS J 279 -74.22 14.20 -52.67
CA LYS J 279 -73.39 13.44 -53.59
C LYS J 279 -71.89 13.78 -53.61
N LEU J 280 -71.51 15.01 -53.26
CA LEU J 280 -70.08 15.38 -53.13
C LEU J 280 -69.43 14.70 -51.90
N ARG J 281 -70.20 14.54 -50.82
CA ARG J 281 -69.68 14.05 -49.52
C ARG J 281 -69.33 12.57 -49.48
N GLU J 282 -70.01 11.74 -50.28
CA GLU J 282 -69.69 10.31 -50.41
C GLU J 282 -68.44 10.03 -51.27
N ILE J 283 -68.09 10.98 -52.15
CA ILE J 283 -66.97 10.86 -53.14
C ILE J 283 -65.69 11.64 -52.73
N LYS J 284 -65.84 12.73 -51.95
CA LYS J 284 -64.72 13.60 -51.51
C LYS J 284 -64.08 13.22 -50.14
N GLU J 285 -64.89 12.76 -49.19
CA GLU J 285 -64.40 12.23 -47.90
C GLU J 285 -64.25 10.68 -47.94
N VAL J 286 -65.39 9.99 -47.96
CA VAL J 286 -65.49 8.52 -47.70
C VAL J 286 -64.85 7.63 -48.81
N ARG J 287 -64.73 8.13 -50.04
CA ARG J 287 -63.98 7.43 -51.15
C ARG J 287 -62.59 8.10 -51.50
N ARG J 288 -62.44 9.41 -51.27
CA ARG J 288 -61.19 10.21 -51.54
C ARG J 288 -60.86 10.41 -53.05
N ALA J 289 -61.88 10.65 -53.87
CA ALA J 289 -61.72 10.69 -55.34
C ALA J 289 -61.17 12.05 -55.85
N ARG J 290 -61.31 12.31 -57.16
CA ARG J 290 -61.03 13.62 -57.79
C ARG J 290 -62.36 14.43 -57.92
N VAL J 291 -62.30 15.65 -58.48
CA VAL J 291 -63.53 16.42 -58.86
C VAL J 291 -64.09 15.96 -60.24
N SER J 292 -63.30 15.18 -60.99
CA SER J 292 -63.81 14.41 -62.16
C SER J 292 -64.85 13.34 -61.79
N VAL J 293 -64.74 12.76 -60.59
CA VAL J 293 -65.64 11.70 -60.08
C VAL J 293 -66.97 12.24 -59.49
N TYR J 294 -67.07 13.57 -59.30
CA TYR J 294 -68.36 14.26 -59.09
C TYR J 294 -68.96 14.77 -60.41
N ALA J 295 -68.09 15.29 -61.27
CA ALA J 295 -68.50 16.04 -62.46
C ALA J 295 -68.82 15.17 -63.69
N ASP J 296 -68.57 13.86 -63.60
CA ASP J 296 -69.08 12.89 -64.60
C ASP J 296 -70.62 12.80 -64.58
N GLU J 297 -71.23 13.12 -63.42
CA GLU J 297 -72.69 13.27 -63.25
C GLU J 297 -73.06 14.73 -63.72
N VAL J 298 -73.87 15.58 -63.06
CA VAL J 298 -74.76 15.33 -61.92
C VAL J 298 -76.12 15.94 -62.28
N GLU J 299 -76.60 15.52 -63.46
CA GLU J 299 -77.69 16.17 -64.23
C GLU J 299 -77.41 17.67 -64.48
N GLY J 300 -76.16 17.97 -64.88
CA GLY J 300 -75.73 19.34 -65.23
C GLY J 300 -74.24 19.62 -65.05
N ALA J 301 -73.70 19.18 -63.91
CA ALA J 301 -72.28 19.37 -63.52
C ALA J 301 -71.26 18.95 -64.56
N THR J 302 -70.55 19.94 -65.13
CA THR J 302 -69.54 19.72 -66.17
C THR J 302 -68.14 20.14 -65.68
N TYR J 303 -67.10 19.55 -66.28
CA TYR J 303 -65.69 19.59 -65.76
C TYR J 303 -64.68 20.31 -66.70
N HIS J 304 -64.31 21.55 -66.39
CA HIS J 304 -63.26 22.32 -67.12
C HIS J 304 -61.88 22.07 -66.45
N THR J 305 -60.81 21.93 -67.25
CA THR J 305 -59.43 21.66 -66.75
C THR J 305 -58.27 22.58 -67.21
N ASP J 306 -58.47 23.33 -68.32
CA ASP J 306 -57.51 24.35 -68.81
C ASP J 306 -58.23 25.71 -68.92
N GLY J 307 -57.92 26.62 -68.00
CA GLY J 307 -58.53 27.96 -67.96
C GLY J 307 -58.26 28.65 -66.63
N SER J 308 -59.30 28.75 -65.79
CA SER J 308 -59.22 29.35 -64.45
C SER J 308 -60.56 29.21 -63.71
N ILE J 309 -60.52 29.11 -62.37
CA ILE J 309 -61.76 28.99 -61.53
C ILE J 309 -62.52 30.33 -61.34
N TRP J 310 -61.86 31.45 -61.67
CA TRP J 310 -62.40 32.82 -61.48
C TRP J 310 -62.92 33.48 -62.78
N ASP J 311 -63.44 32.65 -63.70
CA ASP J 311 -64.11 33.05 -64.95
C ASP J 311 -65.60 32.60 -64.98
N LEU J 312 -66.18 32.40 -63.79
CA LEU J 312 -67.63 32.17 -63.62
C LEU J 312 -68.35 33.49 -63.37
N LYS J 313 -69.58 33.57 -63.84
CA LYS J 313 -70.48 34.61 -63.38
C LYS J 313 -70.64 34.44 -61.87
N CYS J 314 -70.37 35.50 -61.10
CA CYS J 314 -70.58 35.52 -59.63
C CYS J 314 -72.08 35.85 -59.28
N ASP J 315 -72.49 36.57 -58.22
CA ASP J 315 -71.97 37.86 -57.68
C ASP J 315 -71.38 37.86 -56.22
N ILE J 316 -71.28 36.68 -55.58
CA ILE J 316 -70.51 36.44 -54.30
C ILE J 316 -69.50 35.30 -54.58
N ALA J 317 -68.37 35.27 -53.87
CA ALA J 317 -67.24 34.32 -54.16
C ALA J 317 -66.40 33.85 -52.93
N LEU J 318 -66.42 32.55 -52.66
CA LEU J 318 -65.95 31.99 -51.39
C LEU J 318 -64.89 30.90 -51.57
N PRO J 319 -63.62 31.28 -51.89
CA PRO J 319 -62.50 30.32 -52.14
C PRO J 319 -62.35 29.11 -51.17
N CYS J 320 -61.49 29.19 -50.14
CA CYS J 320 -61.32 28.11 -49.12
C CYS J 320 -60.45 26.87 -49.51
N ALA J 321 -59.18 27.11 -49.88
CA ALA J 321 -58.23 26.04 -50.29
C ALA J 321 -56.78 26.25 -49.78
N THR J 322 -55.91 26.92 -50.55
CA THR J 322 -54.59 27.40 -50.07
C THR J 322 -54.44 28.91 -50.35
N GLN J 323 -53.57 29.54 -49.58
CA GLN J 323 -52.86 30.78 -49.97
C GLN J 323 -52.48 30.88 -51.49
N ASN J 324 -52.67 32.09 -52.04
CA ASN J 324 -52.20 32.48 -53.40
C ASN J 324 -52.97 31.83 -54.57
N GLU J 325 -54.30 32.00 -54.56
CA GLU J 325 -55.22 31.56 -55.65
C GLU J 325 -56.07 32.70 -56.30
N LEU J 326 -55.67 33.96 -56.11
CA LEU J 326 -56.28 35.14 -56.76
C LEU J 326 -55.23 36.21 -57.05
N ASN J 327 -55.02 36.53 -58.34
CA ASN J 327 -53.89 37.36 -58.83
C ASN J 327 -54.33 38.48 -59.82
N GLY J 328 -53.59 38.69 -60.93
CA GLY J 328 -53.85 39.79 -61.86
C GLY J 328 -55.12 39.66 -62.69
N GLU J 329 -55.19 38.60 -63.50
CA GLU J 329 -56.33 38.37 -64.42
C GLU J 329 -57.62 37.81 -63.77
N ASN J 330 -57.50 37.16 -62.60
CA ASN J 330 -58.66 36.61 -61.86
C ASN J 330 -59.42 37.67 -61.09
N ALA J 331 -58.67 38.48 -60.34
CA ALA J 331 -59.22 39.56 -59.51
C ALA J 331 -59.98 40.60 -60.33
N LYS J 332 -59.41 40.98 -61.49
CA LYS J 332 -60.01 41.98 -62.37
C LYS J 332 -61.23 41.41 -63.12
N THR J 333 -61.14 40.15 -63.57
CA THR J 333 -62.29 39.42 -64.15
C THR J 333 -63.14 38.64 -63.12
N LEU J 334 -62.82 38.79 -61.83
CA LEU J 334 -63.82 38.60 -60.75
C LEU J 334 -64.75 39.83 -60.75
N ALA J 335 -64.15 41.03 -60.71
CA ALA J 335 -64.89 42.30 -60.63
C ALA J 335 -65.75 42.54 -61.85
N ASP J 336 -65.14 42.39 -63.03
CA ASP J 336 -65.91 42.32 -64.28
C ASP J 336 -66.92 41.21 -64.06
N ASN J 337 -68.11 41.38 -64.64
CA ASN J 337 -69.34 40.61 -64.37
C ASN J 337 -70.26 41.35 -63.38
N GLY J 338 -70.36 42.68 -63.51
CA GLY J 338 -71.10 43.56 -62.58
C GLY J 338 -71.04 43.09 -61.14
N CYS J 339 -69.90 42.49 -60.77
CA CYS J 339 -69.79 41.56 -59.64
C CYS J 339 -69.21 42.24 -58.42
N ARG J 340 -69.78 41.90 -57.26
CA ARG J 340 -69.78 42.79 -56.07
C ARG J 340 -69.11 42.22 -54.77
N PHE J 341 -69.79 41.34 -54.03
CA PHE J 341 -69.30 40.85 -52.70
C PHE J 341 -68.21 39.78 -52.78
N VAL J 342 -67.63 39.50 -51.61
CA VAL J 342 -66.58 38.47 -51.42
C VAL J 342 -66.55 38.12 -49.89
N ALA J 343 -66.21 36.86 -49.55
CA ALA J 343 -65.96 36.46 -48.13
C ALA J 343 -64.95 35.27 -48.02
N GLU J 344 -63.69 35.54 -48.39
CA GLU J 344 -62.68 34.49 -48.75
C GLU J 344 -62.17 33.59 -47.61
N GLY J 345 -62.17 32.28 -47.84
CA GLY J 345 -62.09 31.28 -46.79
C GLY J 345 -60.76 30.58 -46.52
N ALA J 346 -59.73 30.86 -47.32
CA ALA J 346 -58.38 30.29 -47.07
C ALA J 346 -57.62 31.02 -45.95
N ASN J 347 -56.38 30.61 -45.69
CA ASN J 347 -55.42 31.41 -44.90
C ASN J 347 -54.67 32.32 -45.91
N MET J 348 -54.95 33.63 -45.86
CA MET J 348 -54.41 34.65 -46.81
C MET J 348 -54.82 34.29 -48.27
N PRO J 349 -56.14 34.26 -48.56
CA PRO J 349 -56.65 33.64 -49.80
C PRO J 349 -56.31 34.38 -51.10
N SER J 350 -56.36 35.72 -51.08
CA SER J 350 -55.95 36.57 -52.22
C SER J 350 -54.53 37.14 -52.01
N THR J 351 -53.84 37.47 -53.11
CA THR J 351 -52.49 38.08 -53.08
C THR J 351 -52.54 39.64 -52.96
N PRO J 352 -51.42 40.30 -52.54
CA PRO J 352 -51.26 41.79 -52.53
C PRO J 352 -51.63 42.59 -53.82
N GLU J 353 -51.58 41.96 -55.01
CA GLU J 353 -52.07 42.57 -56.28
C GLU J 353 -53.61 42.42 -56.42
N ALA J 354 -54.19 41.32 -55.92
CA ALA J 354 -55.65 41.10 -55.92
C ALA J 354 -56.38 42.01 -54.94
N VAL J 355 -55.77 42.27 -53.77
CA VAL J 355 -56.37 43.14 -52.72
C VAL J 355 -56.63 44.59 -53.22
N GLU J 356 -55.72 45.13 -54.03
CA GLU J 356 -55.89 46.47 -54.67
C GLU J 356 -57.02 46.50 -55.71
N VAL J 357 -57.23 45.36 -56.35
CA VAL J 357 -58.32 45.13 -57.31
C VAL J 357 -59.69 44.93 -56.60
N PHE J 358 -59.70 44.78 -55.29
CA PHE J 358 -60.96 44.77 -54.53
C PHE J 358 -61.18 46.09 -53.80
N ARG J 359 -60.09 46.76 -53.43
CA ARG J 359 -60.14 48.09 -52.82
C ARG J 359 -60.61 49.09 -53.90
N GLU J 360 -59.76 49.34 -54.90
CA GLU J 360 -60.05 50.29 -56.00
C GLU J 360 -61.37 49.99 -56.73
N ARG J 361 -61.67 48.70 -56.88
CA ARG J 361 -62.92 48.27 -57.50
C ARG J 361 -64.06 48.09 -56.49
N ASP J 362 -64.04 48.84 -55.40
CA ASP J 362 -65.24 49.04 -54.58
C ASP J 362 -65.80 47.70 -54.01
N ILE J 363 -65.03 46.62 -54.10
CA ILE J 363 -65.51 45.26 -53.75
C ILE J 363 -65.54 45.06 -52.23
N ARG J 364 -66.74 44.79 -51.70
CA ARG J 364 -66.94 44.61 -50.25
C ARG J 364 -66.32 43.29 -49.71
N PHE J 365 -65.08 43.38 -49.23
CA PHE J 365 -64.28 42.22 -48.79
C PHE J 365 -64.78 41.70 -47.44
N GLY J 366 -64.75 40.37 -47.31
CA GLY J 366 -64.89 39.65 -46.04
C GLY J 366 -63.59 38.88 -45.89
N PRO J 367 -62.64 39.40 -45.10
CA PRO J 367 -61.27 38.87 -45.19
C PRO J 367 -61.07 37.43 -44.68
N GLY J 368 -59.84 36.95 -44.83
CA GLY J 368 -59.48 35.63 -44.34
C GLY J 368 -59.65 35.62 -42.82
N LYS J 369 -58.82 36.41 -42.16
CA LYS J 369 -58.73 36.35 -40.70
C LYS J 369 -60.05 36.56 -39.94
N ALA J 370 -61.09 37.12 -40.57
CA ALA J 370 -62.39 37.31 -39.90
C ALA J 370 -63.52 36.31 -40.24
N ALA J 371 -63.67 35.92 -41.50
CA ALA J 371 -64.93 35.27 -41.93
C ALA J 371 -64.89 33.75 -41.90
N ASN J 372 -63.70 33.17 -41.96
CA ASN J 372 -63.51 31.73 -41.76
C ASN J 372 -62.83 31.39 -40.42
N ALA J 373 -63.13 32.20 -39.41
CA ALA J 373 -62.65 31.98 -38.05
C ALA J 373 -63.54 31.02 -37.27
N GLY J 374 -64.73 30.72 -37.80
CA GLY J 374 -65.67 29.77 -37.18
C GLY J 374 -65.09 28.41 -36.81
N GLY J 375 -64.21 27.88 -37.67
CA GLY J 375 -63.39 26.70 -37.38
C GLY J 375 -62.58 26.76 -36.09
N VAL J 376 -61.69 27.74 -35.98
CA VAL J 376 -60.92 27.93 -34.75
C VAL J 376 -61.80 28.27 -33.57
N ALA J 377 -62.89 28.99 -33.82
CA ALA J 377 -63.80 29.36 -32.75
C ALA J 377 -64.39 28.09 -32.18
N THR J 378 -64.79 27.17 -33.06
CA THR J 378 -65.36 25.92 -32.64
C THR J 378 -64.34 24.92 -32.02
N SER J 379 -63.08 25.05 -32.41
CA SER J 379 -61.99 24.38 -31.72
C SER J 379 -61.93 24.74 -30.27
N ALA J 380 -62.04 26.02 -30.00
CA ALA J 380 -62.02 26.57 -28.65
C ALA J 380 -63.24 26.15 -27.80
N LEU J 381 -64.38 26.03 -28.46
CA LEU J 381 -65.54 25.47 -27.86
C LEU J 381 -65.29 23.98 -27.55
N GLU J 382 -64.62 23.25 -28.44
CA GLU J 382 -64.16 21.89 -28.10
C GLU J 382 -63.24 21.91 -26.83
N MET J 383 -62.30 22.84 -26.78
CA MET J 383 -61.43 22.96 -25.60
C MET J 383 -62.24 23.23 -24.34
N GLN J 384 -63.26 24.06 -24.49
CA GLN J 384 -64.13 24.43 -23.38
C GLN J 384 -64.92 23.23 -22.86
N GLN J 385 -65.55 22.53 -23.76
CA GLN J 385 -66.27 21.32 -23.44
C GLN J 385 -65.37 20.28 -22.71
N ASN J 386 -64.17 20.07 -23.24
CA ASN J 386 -63.21 19.14 -22.62
C ASN J 386 -62.81 19.56 -21.20
N ALA J 387 -62.60 20.87 -21.00
CA ALA J 387 -62.19 21.45 -19.71
C ALA J 387 -63.21 21.26 -18.57
N SER J 388 -64.50 21.27 -18.97
CA SER J 388 -65.69 21.03 -18.15
C SER J 388 -66.17 19.59 -18.19
N ARG J 389 -65.66 18.79 -19.11
CA ARG J 389 -66.12 17.39 -19.31
C ARG J 389 -67.63 17.30 -19.69
N ASP J 390 -68.06 18.27 -20.49
CA ASP J 390 -69.42 18.42 -21.00
C ASP J 390 -69.41 18.13 -22.50
N SER J 391 -70.52 17.63 -23.03
CA SER J 391 -70.70 17.52 -24.46
C SER J 391 -71.97 18.27 -24.78
N TRP J 392 -71.84 19.34 -25.55
CA TRP J 392 -72.93 20.22 -25.84
C TRP J 392 -73.69 19.65 -26.99
N SER J 393 -75.01 19.89 -27.01
CA SER J 393 -75.86 19.60 -28.17
C SER J 393 -75.48 20.49 -29.37
N PHE J 394 -75.86 20.02 -30.55
CA PHE J 394 -75.62 20.72 -31.79
C PHE J 394 -76.26 22.11 -31.82
N GLU J 395 -77.54 22.19 -31.42
CA GLU J 395 -78.28 23.46 -31.42
C GLU J 395 -77.50 24.53 -30.63
N TYR J 396 -77.16 24.15 -29.39
CA TYR J 396 -76.43 25.02 -28.47
C TYR J 396 -75.09 25.50 -29.09
N THR J 397 -74.31 24.60 -29.65
CA THR J 397 -72.96 24.95 -30.09
C THR J 397 -73.02 25.87 -31.29
N ASP J 398 -73.90 25.48 -32.20
CA ASP J 398 -74.25 26.27 -33.39
C ASP J 398 -74.71 27.68 -33.05
N GLU J 399 -75.48 27.81 -31.97
CA GLU J 399 -75.96 29.09 -31.44
C GLU J 399 -74.81 29.92 -30.92
N ARG J 400 -73.99 29.33 -30.04
CA ARG J 400 -72.73 29.96 -29.60
C ARG J 400 -71.83 30.36 -30.76
N LEU J 401 -71.74 29.52 -31.78
CA LEU J 401 -71.00 29.88 -33.01
C LEU J 401 -71.59 31.10 -33.74
N GLN J 402 -72.92 31.28 -33.71
CA GLN J 402 -73.56 32.51 -34.21
C GLN J 402 -73.26 33.75 -33.38
N VAL J 403 -73.30 33.66 -32.06
CA VAL J 403 -72.93 34.80 -31.23
C VAL J 403 -71.51 35.22 -31.67
N ILE J 404 -70.52 34.33 -31.44
CA ILE J 404 -69.11 34.59 -31.77
C ILE J 404 -68.96 35.29 -33.12
N MET J 405 -69.56 34.74 -34.17
CA MET J 405 -69.44 35.33 -35.50
C MET J 405 -70.08 36.74 -35.66
N LYS J 406 -71.18 37.01 -34.93
CA LYS J 406 -71.73 38.39 -34.78
C LYS J 406 -70.63 39.34 -34.34
N ASN J 407 -70.05 39.03 -33.18
CA ASN J 407 -69.05 39.87 -32.52
C ASN J 407 -67.80 40.12 -33.35
N ILE J 408 -67.35 39.11 -34.07
CA ILE J 408 -66.20 39.28 -34.96
C ILE J 408 -66.53 40.37 -35.96
N PHE J 409 -67.72 40.27 -36.59
CA PHE J 409 -68.14 41.29 -37.58
C PHE J 409 -68.29 42.66 -36.95
N LYS J 410 -68.95 42.69 -35.79
CA LYS J 410 -69.11 43.89 -34.98
C LYS J 410 -67.74 44.55 -34.70
N THR J 411 -66.82 43.84 -34.01
CA THR J 411 -65.49 44.43 -33.67
C THR J 411 -64.71 44.86 -34.93
N CYS J 412 -64.85 44.14 -36.03
CA CYS J 412 -64.31 44.58 -37.34
C CYS J 412 -64.95 45.89 -37.87
N ALA J 413 -66.26 46.02 -37.70
CA ALA J 413 -67.00 47.24 -38.09
C ALA J 413 -66.63 48.41 -37.19
N GLU J 414 -66.92 48.30 -35.90
CA GLU J 414 -66.69 49.36 -34.93
C GLU J 414 -65.25 49.93 -34.88
N THR J 415 -64.25 49.09 -35.11
CA THR J 415 -62.85 49.53 -35.02
C THR J 415 -62.38 50.15 -36.35
N ALA J 416 -62.87 49.63 -37.47
CA ALA J 416 -62.68 50.29 -38.78
C ALA J 416 -63.29 51.72 -38.85
N ALA J 417 -64.38 51.97 -38.12
CA ALA J 417 -64.95 53.31 -37.98
C ALA J 417 -64.03 54.14 -37.09
N GLU J 418 -63.86 53.69 -35.84
CA GLU J 418 -62.93 54.29 -34.84
C GLU J 418 -61.57 54.83 -35.42
N TYR J 419 -61.04 54.21 -36.47
CA TYR J 419 -59.79 54.64 -37.14
C TYR J 419 -59.99 55.25 -38.57
N GLY J 420 -61.25 55.52 -38.91
CA GLY J 420 -61.64 56.20 -40.14
C GLY J 420 -61.20 55.60 -41.47
N HIS J 421 -61.24 54.28 -41.59
CA HIS J 421 -61.26 53.63 -42.90
C HIS J 421 -62.53 52.74 -42.93
N GLU J 422 -63.64 53.30 -42.42
CA GLU J 422 -64.90 52.55 -42.18
C GLU J 422 -65.32 51.58 -43.30
N ASN J 423 -65.65 50.35 -42.91
CA ASN J 423 -66.02 49.25 -43.83
C ASN J 423 -64.89 48.58 -44.63
N ASP J 424 -63.66 49.07 -44.55
CA ASP J 424 -62.50 48.28 -45.00
C ASP J 424 -62.25 47.27 -43.87
N TYR J 425 -63.01 46.18 -43.91
CA TYR J 425 -63.00 45.20 -42.85
C TYR J 425 -61.62 44.60 -42.64
N VAL J 426 -60.86 44.44 -43.73
CA VAL J 426 -59.39 44.16 -43.68
C VAL J 426 -58.69 44.98 -42.60
N VAL J 427 -59.09 46.25 -42.44
CA VAL J 427 -58.43 47.17 -41.51
C VAL J 427 -58.87 46.95 -40.05
N GLY J 428 -60.17 46.88 -39.81
CA GLY J 428 -60.71 46.65 -38.44
C GLY J 428 -60.41 45.26 -37.89
N ALA J 429 -60.55 44.25 -38.76
CA ALA J 429 -60.03 42.92 -38.52
C ALA J 429 -58.58 42.99 -38.08
N ASN J 430 -57.77 43.65 -38.89
CA ASN J 430 -56.34 43.68 -38.65
C ASN J 430 -55.98 44.47 -37.38
N ILE J 431 -56.68 45.55 -37.09
CA ILE J 431 -56.43 46.40 -35.91
C ILE J 431 -56.95 45.81 -34.60
N ALA J 432 -58.18 45.31 -34.60
CA ALA J 432 -58.73 44.67 -33.41
C ALA J 432 -57.91 43.44 -33.04
N GLY J 433 -57.47 42.67 -34.03
CA GLY J 433 -56.63 41.49 -33.78
C GLY J 433 -55.36 41.91 -33.06
N PHE J 434 -54.71 42.90 -33.61
CA PHE J 434 -53.51 43.44 -33.01
C PHE J 434 -53.69 43.97 -31.59
N LYS J 435 -54.68 44.83 -31.35
CA LYS J 435 -54.81 45.51 -30.05
C LYS J 435 -55.03 44.58 -28.84
N LYS J 436 -55.86 43.55 -28.99
CA LYS J 436 -56.07 42.58 -27.90
C LYS J 436 -54.74 41.92 -27.51
N VAL J 437 -54.01 41.40 -28.49
CA VAL J 437 -52.72 40.75 -28.29
C VAL J 437 -51.66 41.70 -27.72
N ALA J 438 -51.53 42.87 -28.34
CA ALA J 438 -50.63 43.92 -27.85
C ALA J 438 -50.93 44.30 -26.41
N ASP J 439 -52.21 44.47 -26.11
CA ASP J 439 -52.61 44.85 -24.75
C ASP J 439 -52.21 43.79 -23.71
N ALA J 440 -52.41 42.52 -24.04
CA ALA J 440 -52.03 41.41 -23.18
C ALA J 440 -50.50 41.33 -22.99
N MET J 441 -49.72 41.59 -24.03
CA MET J 441 -48.25 41.55 -23.94
C MET J 441 -47.74 42.66 -23.05
N LEU J 442 -48.31 43.85 -23.20
CA LEU J 442 -47.97 44.98 -22.33
C LEU J 442 -48.32 44.69 -20.87
N ALA J 443 -49.45 44.07 -20.61
CA ALA J 443 -49.81 43.81 -19.25
C ALA J 443 -48.85 42.73 -18.59
N GLN J 444 -48.36 41.80 -19.40
CA GLN J 444 -47.64 40.62 -18.93
C GLN J 444 -46.11 40.78 -18.90
N GLY J 445 -45.60 41.98 -19.22
CA GLY J 445 -44.18 42.25 -19.04
C GLY J 445 -43.32 41.81 -20.20
N VAL J 446 -42.01 41.99 -20.04
CA VAL J 446 -41.05 41.52 -21.03
C VAL J 446 -40.75 40.06 -20.75
N ILE J 447 -41.29 39.20 -21.62
CA ILE J 447 -41.23 37.75 -21.52
C ILE J 447 -41.11 37.13 -22.90
N MET K 1 -55.61 17.50 33.75
CA MET K 1 -56.93 16.77 33.78
C MET K 1 -58.10 17.51 33.09
N THR K 2 -58.14 18.84 33.20
CA THR K 2 -59.38 19.60 33.02
C THR K 2 -59.65 20.03 31.58
N VAL K 3 -60.89 20.50 31.37
CA VAL K 3 -61.45 20.81 30.06
C VAL K 3 -60.97 22.18 29.52
N ASP K 4 -60.99 23.22 30.35
CA ASP K 4 -60.52 24.57 29.93
C ASP K 4 -58.99 24.69 29.92
N GLU K 5 -58.31 23.73 30.56
CA GLU K 5 -56.86 23.59 30.40
C GLU K 5 -56.52 23.38 28.92
N GLN K 6 -57.25 22.48 28.23
CA GLN K 6 -57.07 22.19 26.80
C GLN K 6 -56.36 23.31 26.06
N VAL K 7 -57.08 24.42 25.86
CA VAL K 7 -56.56 25.55 25.11
C VAL K 7 -55.21 26.04 25.62
N SER K 8 -55.06 26.20 26.94
CA SER K 8 -53.81 26.71 27.53
C SER K 8 -52.68 25.69 27.60
N ASN K 9 -52.98 24.39 27.43
CA ASN K 9 -51.95 23.34 27.21
C ASN K 9 -51.22 23.56 25.88
N TYR K 10 -51.99 23.94 24.86
CA TYR K 10 -51.47 24.26 23.56
C TYR K 10 -50.90 25.66 23.58
N TYR K 11 -51.75 26.66 23.78
CA TYR K 11 -51.38 28.07 23.65
C TYR K 11 -49.97 28.38 24.20
N ASP K 12 -49.61 27.77 25.34
CA ASP K 12 -48.27 27.92 25.95
C ASP K 12 -47.14 27.40 25.04
N MET K 13 -47.28 26.15 24.58
CA MET K 13 -46.31 25.53 23.64
C MET K 13 -46.38 26.18 22.23
N LEU K 14 -47.42 26.95 21.94
CA LEU K 14 -47.45 27.78 20.74
C LEU K 14 -46.70 29.12 20.86
N LEU K 15 -46.64 29.69 22.06
CA LEU K 15 -45.92 30.96 22.28
C LEU K 15 -44.39 30.78 22.19
N LYS K 16 -43.91 29.66 22.73
CA LYS K 16 -42.48 29.30 22.75
C LYS K 16 -41.95 28.89 21.36
N ARG K 17 -42.77 28.15 20.60
CA ARG K 17 -42.46 27.80 19.22
C ARG K 17 -42.64 29.00 18.25
N ASN K 18 -43.55 29.94 18.51
CA ASN K 18 -43.75 31.07 17.58
C ASN K 18 -43.35 32.45 18.12
N ALA K 19 -42.21 32.49 18.80
CA ALA K 19 -41.77 33.67 19.53
C ALA K 19 -41.69 34.93 18.68
N GLY K 20 -42.03 36.07 19.29
CA GLY K 20 -41.94 37.35 18.59
C GLY K 20 -42.92 37.48 17.46
N GLU K 21 -44.01 36.71 17.56
CA GLU K 21 -45.16 36.73 16.64
C GLU K 21 -46.41 36.83 17.56
N PRO K 22 -46.57 37.98 18.24
CA PRO K 22 -47.76 38.17 19.08
C PRO K 22 -49.03 38.42 18.26
N GLU K 23 -48.93 39.18 17.16
CA GLU K 23 -50.10 39.48 16.31
C GLU K 23 -50.51 38.34 15.35
N PHE K 24 -49.91 37.16 15.52
CA PHE K 24 -50.41 35.84 15.08
C PHE K 24 -50.89 35.05 16.31
N HIS K 25 -50.16 35.16 17.43
CA HIS K 25 -50.57 34.55 18.74
C HIS K 25 -51.99 34.90 19.18
N GLN K 26 -52.45 36.11 18.80
CA GLN K 26 -53.79 36.54 19.19
C GLN K 26 -54.86 35.75 18.42
N ALA K 27 -54.64 35.62 17.10
CA ALA K 27 -55.53 34.82 16.25
C ALA K 27 -55.69 33.38 16.80
N VAL K 28 -54.59 32.73 17.13
CA VAL K 28 -54.66 31.38 17.71
C VAL K 28 -55.52 31.33 19.05
N ALA K 29 -55.62 32.43 19.81
CA ALA K 29 -56.60 32.56 20.95
C ALA K 29 -57.98 33.10 20.47
N GLU K 30 -57.97 34.25 19.79
CA GLU K 30 -59.18 34.78 19.10
C GLU K 30 -60.06 33.63 18.57
N VAL K 31 -59.43 32.73 17.81
CA VAL K 31 -60.09 31.57 17.21
C VAL K 31 -59.66 30.25 17.92
N LEU K 32 -59.53 30.32 19.24
CA LEU K 32 -59.52 29.16 20.21
C LEU K 32 -60.52 29.37 21.38
N GLU K 33 -60.91 30.63 21.64
CA GLU K 33 -62.15 30.94 22.35
C GLU K 33 -63.23 30.08 21.68
N SER K 34 -63.46 30.36 20.39
CA SER K 34 -64.45 29.66 19.58
C SER K 34 -64.44 28.15 19.74
N LEU K 35 -63.26 27.56 19.89
CA LEU K 35 -63.11 26.11 19.99
C LEU K 35 -63.57 25.56 21.32
N LYS K 36 -63.37 26.33 22.40
CA LYS K 36 -63.82 25.93 23.74
C LYS K 36 -65.32 25.68 23.66
N ILE K 37 -66.03 26.72 23.18
CA ILE K 37 -67.48 26.68 22.99
C ILE K 37 -67.91 25.38 22.29
N VAL K 38 -67.26 25.11 21.15
CA VAL K 38 -67.56 23.94 20.33
C VAL K 38 -67.24 22.62 21.07
N LEU K 39 -66.05 22.56 21.64
CA LEU K 39 -65.56 21.39 22.39
C LEU K 39 -66.50 20.95 23.55
N GLU K 40 -67.20 21.91 24.16
CA GLU K 40 -68.21 21.64 25.22
C GLU K 40 -69.54 20.95 24.81
N LYS K 41 -69.97 21.05 23.54
CA LYS K 41 -71.03 20.14 23.01
C LYS K 41 -70.50 18.98 22.14
N ASP K 42 -69.61 19.27 21.18
CA ASP K 42 -68.99 18.26 20.29
C ASP K 42 -67.50 18.18 20.68
N PRO K 43 -67.15 17.33 21.67
CA PRO K 43 -65.77 17.34 22.16
C PRO K 43 -64.77 16.70 21.18
N HIS K 44 -65.27 15.97 20.20
CA HIS K 44 -64.46 15.23 19.27
C HIS K 44 -63.72 16.09 18.24
N TYR K 45 -64.02 17.39 18.18
CA TYR K 45 -63.25 18.32 17.34
C TYR K 45 -61.78 18.58 17.72
N ALA K 46 -61.28 17.99 18.79
CA ALA K 46 -59.84 18.07 19.12
C ALA K 46 -59.15 16.71 19.03
N ASP K 47 -59.88 15.69 18.60
CA ASP K 47 -59.33 14.37 18.37
C ASP K 47 -58.15 14.37 17.36
N TYR K 48 -57.27 13.38 17.50
CA TYR K 48 -56.19 13.17 16.54
C TYR K 48 -55.32 14.44 16.33
N GLY K 49 -55.04 15.15 17.43
CA GLY K 49 -54.21 16.34 17.40
C GLY K 49 -54.71 17.36 16.40
N LEU K 50 -56.03 17.44 16.30
CA LEU K 50 -56.62 18.28 15.30
C LEU K 50 -56.10 19.70 15.37
N ILE K 51 -56.07 20.25 16.57
CA ILE K 51 -55.79 21.69 16.75
C ILE K 51 -54.27 21.96 16.63
N GLN K 52 -53.46 21.01 17.08
CA GLN K 52 -52.02 21.12 16.94
C GLN K 52 -51.59 21.12 15.48
N ARG K 53 -52.34 20.40 14.63
CA ARG K 53 -52.16 20.45 13.17
C ARG K 53 -52.67 21.73 12.53
N LEU K 54 -53.85 22.15 12.93
CA LEU K 54 -54.47 23.36 12.35
C LEU K 54 -53.59 24.58 12.52
N CYS K 55 -53.02 24.73 13.71
CA CYS K 55 -52.23 25.92 14.05
C CYS K 55 -50.78 25.96 13.53
N GLU K 56 -50.31 24.85 12.93
CA GLU K 56 -49.00 24.78 12.29
C GLU K 56 -49.18 24.72 10.77
N PRO K 57 -48.63 25.72 10.04
CA PRO K 57 -48.70 25.67 8.58
C PRO K 57 -48.12 24.40 7.99
N GLU K 58 -48.85 23.82 7.05
CA GLU K 58 -48.33 22.74 6.21
C GLU K 58 -46.87 22.99 5.71
N ARG K 59 -46.63 24.17 5.18
CA ARG K 59 -45.40 24.55 4.57
C ARG K 59 -45.23 26.06 4.56
N GLN K 60 -44.04 26.54 4.87
CA GLN K 60 -43.72 27.95 4.77
C GLN K 60 -42.46 28.04 3.95
N LEU K 61 -42.46 28.95 2.98
CA LEU K 61 -41.28 29.21 2.19
C LEU K 61 -40.75 30.62 2.44
N ILE K 62 -39.44 30.77 2.61
CA ILE K 62 -38.74 32.08 2.67
C ILE K 62 -37.55 32.05 1.69
N PHE K 63 -37.43 33.03 0.81
CA PHE K 63 -36.42 32.96 -0.23
C PHE K 63 -35.78 34.30 -0.51
N ARG K 64 -34.53 34.24 -0.96
CA ARG K 64 -33.84 35.40 -1.44
C ARG K 64 -34.46 35.97 -2.75
N VAL K 65 -34.68 37.29 -2.83
CA VAL K 65 -35.18 37.91 -4.08
C VAL K 65 -34.24 39.04 -4.59
N PRO K 66 -33.20 38.67 -5.35
CA PRO K 66 -32.24 39.65 -5.82
C PRO K 66 -32.80 40.42 -7.02
N TRP K 67 -32.52 41.71 -7.07
CA TRP K 67 -32.94 42.51 -8.22
C TRP K 67 -32.04 43.70 -8.41
N VAL K 68 -32.05 44.19 -9.64
CA VAL K 68 -31.15 45.22 -10.10
C VAL K 68 -31.99 46.51 -10.39
N ASP K 69 -31.59 47.63 -9.79
CA ASP K 69 -32.28 48.93 -9.98
C ASP K 69 -31.82 49.58 -11.27
N ASP K 70 -32.47 50.69 -11.65
CA ASP K 70 -32.16 51.38 -12.94
C ASP K 70 -30.77 52.05 -13.02
N GLN K 71 -30.11 52.24 -11.87
CA GLN K 71 -28.70 52.63 -11.83
C GLN K 71 -27.70 51.45 -11.85
N GLY K 72 -28.18 50.25 -12.17
CA GLY K 72 -27.32 49.07 -12.16
C GLY K 72 -26.89 48.58 -10.79
N GLN K 73 -27.61 48.94 -9.73
CA GLN K 73 -27.24 48.58 -8.37
C GLN K 73 -28.06 47.38 -7.85
N VAL K 74 -27.36 46.40 -7.27
CA VAL K 74 -27.98 45.16 -6.83
C VAL K 74 -28.63 45.28 -5.47
N HIS K 75 -29.87 44.84 -5.39
CA HIS K 75 -30.64 44.86 -4.17
C HIS K 75 -31.07 43.44 -3.82
N VAL K 76 -31.21 43.19 -2.52
CA VAL K 76 -31.79 41.96 -2.00
C VAL K 76 -32.95 42.21 -1.02
N ASN K 77 -34.10 41.66 -1.38
CA ASN K 77 -35.26 41.56 -0.51
C ASN K 77 -35.55 40.09 -0.20
N ARG K 78 -36.43 39.86 0.76
CA ARG K 78 -36.83 38.55 1.20
C ARG K 78 -38.28 38.31 0.76
N GLY K 79 -38.55 37.16 0.11
CA GLY K 79 -39.89 36.73 -0.27
C GLY K 79 -40.43 35.73 0.71
N PHE K 80 -41.77 35.58 0.76
CA PHE K 80 -42.48 34.71 1.70
C PHE K 80 -43.70 34.12 1.00
N ARG K 81 -43.93 32.82 1.17
CA ARG K 81 -45.21 32.24 0.87
C ARG K 81 -45.50 31.20 1.93
N VAL K 82 -46.55 31.43 2.72
CA VAL K 82 -47.00 30.49 3.68
C VAL K 82 -48.20 29.76 3.12
N GLN K 83 -48.10 28.44 3.10
CA GLN K 83 -49.14 27.58 2.60
C GLN K 83 -49.69 26.90 3.85
N PHE K 84 -50.75 27.47 4.41
CA PHE K 84 -51.15 27.15 5.81
C PHE K 84 -52.00 25.87 5.92
N ASN K 85 -53.02 25.78 5.09
CA ASN K 85 -53.95 24.69 5.16
C ASN K 85 -54.55 24.39 3.79
N SER K 86 -54.72 23.10 3.45
CA SER K 86 -55.26 22.71 2.14
C SER K 86 -56.39 21.69 2.27
N ALA K 87 -57.06 21.62 3.41
CA ALA K 87 -58.14 20.66 3.60
C ALA K 87 -59.32 20.83 2.63
N LEU K 88 -59.66 22.08 2.37
CA LEU K 88 -60.82 22.45 1.53
C LEU K 88 -60.49 22.80 0.08
N GLY K 89 -59.23 23.11 -0.20
CA GLY K 89 -58.76 23.26 -1.58
C GLY K 89 -57.31 23.67 -1.71
N PRO K 90 -56.93 24.16 -2.90
CA PRO K 90 -55.60 24.70 -3.01
C PRO K 90 -55.43 25.83 -2.06
N TYR K 91 -54.20 26.04 -1.63
CA TYR K 91 -53.90 27.24 -0.85
C TYR K 91 -54.38 28.47 -1.64
N LYS K 92 -54.81 29.50 -0.93
CA LYS K 92 -55.36 30.66 -1.57
C LYS K 92 -55.12 31.90 -0.74
N GLY K 93 -54.60 32.94 -1.39
CA GLY K 93 -54.49 34.25 -0.72
C GLY K 93 -53.49 35.14 -1.39
N GLY K 94 -53.42 36.38 -0.90
CA GLY K 94 -52.79 37.45 -1.63
C GLY K 94 -51.31 37.48 -1.40
N LEU K 95 -50.66 38.33 -2.20
CA LEU K 95 -49.27 38.64 -1.98
C LEU K 95 -49.21 40.11 -1.59
N ARG K 96 -48.48 40.38 -0.51
CA ARG K 96 -48.25 41.72 -0.03
C ARG K 96 -46.80 42.20 -0.21
N PHE K 97 -46.61 43.26 -1.01
CA PHE K 97 -45.30 43.94 -1.08
C PHE K 97 -45.28 45.26 -0.28
N HIS K 98 -44.70 45.24 0.92
CA HIS K 98 -44.63 46.38 1.86
C HIS K 98 -43.42 46.15 2.84
N PRO K 99 -42.63 47.21 3.18
CA PRO K 99 -41.45 46.99 4.08
C PRO K 99 -41.72 46.49 5.51
N SER K 100 -42.98 46.44 5.94
CA SER K 100 -43.38 45.85 7.23
C SER K 100 -43.65 44.35 7.13
N VAL K 101 -43.61 43.78 5.93
CA VAL K 101 -43.85 42.35 5.78
C VAL K 101 -42.71 41.54 6.40
N ASN K 102 -43.07 40.56 7.19
CA ASN K 102 -42.12 39.54 7.71
C ASN K 102 -42.87 38.25 7.97
N LEU K 103 -42.17 37.23 8.45
CA LEU K 103 -42.78 35.91 8.55
C LEU K 103 -43.97 35.84 9.49
N GLY K 104 -43.87 36.60 10.58
CA GLY K 104 -44.91 36.59 11.61
C GLY K 104 -46.17 37.21 11.07
N ILE K 105 -46.02 38.18 10.20
CA ILE K 105 -47.18 38.84 9.66
C ILE K 105 -47.84 37.99 8.58
N VAL K 106 -47.04 37.28 7.78
CA VAL K 106 -47.59 36.47 6.71
C VAL K 106 -48.32 35.29 7.32
N LYS K 107 -47.79 34.75 8.40
CA LYS K 107 -48.47 33.66 9.14
C LYS K 107 -49.84 34.02 9.72
N PHE K 108 -49.87 35.17 10.43
CA PHE K 108 -51.09 35.81 10.95
C PHE K 108 -52.15 35.89 9.88
N LEU K 109 -51.82 36.51 8.75
CA LEU K 109 -52.81 36.73 7.71
C LEU K 109 -53.23 35.43 7.03
N GLY K 110 -52.25 34.58 6.76
CA GLY K 110 -52.49 33.25 6.24
C GLY K 110 -53.37 32.42 7.13
N PHE K 111 -53.15 32.52 8.43
CA PHE K 111 -53.96 31.80 9.37
C PHE K 111 -55.43 32.23 9.28
N GLU K 112 -55.66 33.55 9.37
CA GLU K 112 -57.00 34.13 9.23
C GLU K 112 -57.64 33.74 7.90
N GLN K 113 -56.86 33.82 6.83
CA GLN K 113 -57.32 33.43 5.51
C GLN K 113 -58.00 32.04 5.41
N ILE K 114 -57.48 31.06 6.14
CA ILE K 114 -58.14 29.74 6.20
C ILE K 114 -59.64 29.89 6.53
N PHE K 115 -59.96 30.68 7.57
CA PHE K 115 -61.35 30.72 8.09
C PHE K 115 -62.26 31.55 7.18
N LYS K 116 -61.76 32.71 6.74
CA LYS K 116 -62.40 33.52 5.70
C LYS K 116 -62.78 32.64 4.54
N ASN K 117 -61.82 31.87 4.01
CA ASN K 117 -62.08 31.03 2.82
C ASN K 117 -62.98 29.85 3.10
N SER K 118 -62.82 29.25 4.27
CA SER K 118 -63.74 28.20 4.70
C SER K 118 -65.20 28.70 4.73
N LEU K 119 -65.39 29.89 5.31
CA LEU K 119 -66.69 30.55 5.36
C LEU K 119 -67.33 30.80 4.03
N THR K 120 -66.55 31.16 3.03
CA THR K 120 -67.12 31.49 1.71
C THR K 120 -68.03 30.39 1.12
N GLY K 121 -67.91 29.17 1.61
CA GLY K 121 -68.59 28.03 1.01
C GLY K 121 -67.82 27.40 -0.14
N LEU K 122 -66.71 27.99 -0.59
CA LEU K 122 -66.05 27.56 -1.84
C LEU K 122 -64.79 26.68 -1.63
N PRO K 123 -64.37 25.91 -2.65
CA PRO K 123 -63.26 24.95 -2.47
C PRO K 123 -61.87 25.61 -2.52
N ILE K 124 -61.50 26.28 -1.41
CA ILE K 124 -60.26 27.01 -1.30
C ILE K 124 -59.68 26.82 0.10
N GLY K 125 -58.39 26.48 0.17
CA GLY K 125 -57.66 26.43 1.43
C GLY K 125 -57.12 27.80 1.68
N GLY K 126 -56.17 27.95 2.56
CA GLY K 126 -55.66 29.29 2.90
C GLY K 126 -54.15 29.38 2.91
N GLY K 127 -53.65 30.52 2.49
CA GLY K 127 -52.25 30.86 2.54
C GLY K 127 -52.05 32.32 2.17
N LYS K 128 -50.80 32.78 2.25
CA LYS K 128 -50.45 34.18 2.08
C LYS K 128 -49.01 34.29 1.78
N GLY K 129 -48.64 35.41 1.18
CA GLY K 129 -47.27 35.70 0.97
C GLY K 129 -46.96 37.14 0.66
N GLY K 130 -45.70 37.35 0.31
CA GLY K 130 -45.26 38.59 -0.33
C GLY K 130 -43.79 38.87 -0.11
N SER K 131 -43.48 40.16 0.08
CA SER K 131 -42.11 40.58 0.23
C SER K 131 -41.98 41.82 1.10
N ASP K 132 -40.81 42.02 1.70
CA ASP K 132 -40.43 43.29 2.33
C ASP K 132 -39.92 44.35 1.32
N PHE K 133 -39.96 44.02 0.03
CA PHE K 133 -39.81 44.98 -1.06
C PHE K 133 -40.78 46.15 -0.98
N ASP K 134 -40.24 47.34 -1.14
CA ASP K 134 -41.01 48.58 -1.10
C ASP K 134 -41.18 49.14 -2.51
N PRO K 135 -42.38 48.94 -3.08
CA PRO K 135 -42.58 49.40 -4.44
C PRO K 135 -42.73 50.93 -4.60
N LYS K 136 -42.86 51.67 -3.49
CA LYS K 136 -42.96 53.13 -3.60
C LYS K 136 -41.64 53.75 -4.03
N GLY K 137 -41.73 54.52 -5.11
CA GLY K 137 -40.58 55.23 -5.69
C GLY K 137 -39.94 54.50 -6.87
N LYS K 138 -40.44 53.31 -7.17
CA LYS K 138 -39.78 52.44 -8.13
C LYS K 138 -40.39 52.61 -9.53
N SER K 139 -39.56 52.59 -10.54
CA SER K 139 -40.06 52.63 -11.91
C SER K 139 -40.81 51.33 -12.24
N ASP K 140 -41.65 51.40 -13.27
CA ASP K 140 -42.32 50.21 -13.79
C ASP K 140 -41.29 49.08 -14.13
N LEU K 141 -40.13 49.44 -14.69
CA LEU K 141 -39.08 48.48 -14.99
C LEU K 141 -38.50 47.83 -13.74
N GLU K 142 -38.22 48.63 -12.72
CA GLU K 142 -37.77 48.09 -11.46
C GLU K 142 -38.78 47.11 -10.90
N ILE K 143 -40.05 47.50 -10.93
CA ILE K 143 -41.13 46.65 -10.43
C ILE K 143 -41.28 45.32 -11.23
N MET K 144 -41.16 45.41 -12.54
CA MET K 144 -41.21 44.25 -13.38
C MET K 144 -40.08 43.28 -13.03
N ARG K 145 -38.87 43.80 -12.84
CA ARG K 145 -37.69 43.01 -12.53
C ARG K 145 -37.86 42.35 -11.19
N PHE K 146 -38.41 43.10 -10.22
CA PHE K 146 -38.70 42.50 -8.92
C PHE K 146 -39.72 41.32 -9.01
N CYS K 147 -40.79 41.52 -9.80
CA CYS K 147 -41.89 40.57 -10.00
C CYS K 147 -41.37 39.32 -10.68
N GLN K 148 -40.48 39.50 -11.64
CA GLN K 148 -39.81 38.40 -12.32
C GLN K 148 -38.84 37.61 -11.38
N SER K 149 -38.02 38.32 -10.63
CA SER K 149 -37.13 37.62 -9.73
C SER K 149 -37.95 36.84 -8.66
N PHE K 150 -38.92 37.53 -8.07
CA PHE K 150 -39.86 36.94 -7.12
C PHE K 150 -40.51 35.67 -7.66
N MET K 151 -41.01 35.70 -8.90
CA MET K 151 -41.71 34.56 -9.47
C MET K 151 -40.74 33.44 -9.93
N THR K 152 -39.47 33.78 -10.13
CA THR K 152 -38.50 32.80 -10.54
C THR K 152 -38.38 31.77 -9.42
N GLU K 153 -38.44 32.20 -8.18
CA GLU K 153 -38.55 31.22 -7.13
C GLU K 153 -39.97 30.71 -6.95
N LEU K 154 -40.98 31.58 -6.97
CA LEU K 154 -42.32 31.19 -6.52
C LEU K 154 -43.04 30.15 -7.44
N HIS K 155 -42.72 30.11 -8.74
CA HIS K 155 -43.46 29.29 -9.67
C HIS K 155 -43.45 27.78 -9.30
N ARG K 156 -42.32 27.34 -8.75
CA ARG K 156 -42.13 25.94 -8.26
C ARG K 156 -43.13 25.49 -7.21
N HIS K 157 -43.63 26.40 -6.38
CA HIS K 157 -44.48 26.02 -5.26
C HIS K 157 -45.94 26.40 -5.46
N ILE K 158 -46.32 26.84 -6.66
CA ILE K 158 -47.70 27.25 -6.96
C ILE K 158 -48.22 26.51 -8.20
N GLY K 159 -49.52 26.65 -8.47
CA GLY K 159 -50.23 25.93 -9.54
C GLY K 159 -51.73 25.95 -9.30
N GLU K 160 -52.51 25.81 -10.36
CA GLU K 160 -54.00 25.80 -10.30
C GLU K 160 -54.65 24.96 -9.21
N TYR K 161 -54.10 23.76 -8.94
CA TYR K 161 -54.56 22.90 -7.84
C TYR K 161 -53.66 22.94 -6.60
N ARG K 162 -52.52 23.62 -6.67
CA ARG K 162 -51.56 23.65 -5.57
C ARG K 162 -51.70 24.89 -4.71
N ASP K 163 -51.56 26.04 -5.36
CA ASP K 163 -51.59 27.32 -4.66
C ASP K 163 -51.85 28.43 -5.68
N VAL K 164 -52.84 29.28 -5.39
CA VAL K 164 -53.30 30.35 -6.28
C VAL K 164 -53.19 31.71 -5.56
N PRO K 165 -52.10 32.42 -5.82
CA PRO K 165 -52.05 33.74 -5.19
C PRO K 165 -52.98 34.74 -5.89
N ALA K 166 -52.95 35.97 -5.35
CA ALA K 166 -53.76 37.15 -5.73
C ALA K 166 -52.93 38.40 -5.42
N GLY K 167 -53.54 39.58 -5.54
CA GLY K 167 -52.92 40.84 -5.14
C GLY K 167 -53.28 41.16 -3.70
N ASP K 168 -52.65 42.20 -3.17
CA ASP K 168 -52.91 42.73 -1.81
C ASP K 168 -52.19 44.10 -1.75
N ILE K 169 -51.85 44.62 -0.58
CA ILE K 169 -51.14 45.90 -0.50
C ILE K 169 -49.86 45.83 -1.34
N GLY K 170 -49.70 46.78 -2.26
CA GLY K 170 -48.54 46.82 -3.15
C GLY K 170 -48.51 45.82 -4.31
N VAL K 171 -49.51 44.96 -4.41
CA VAL K 171 -49.64 44.08 -5.55
C VAL K 171 -51.04 44.27 -6.16
N GLY K 172 -51.15 45.10 -7.19
CA GLY K 172 -52.40 45.28 -7.92
C GLY K 172 -52.35 44.68 -9.32
N GLY K 173 -53.24 45.13 -10.20
CA GLY K 173 -53.28 44.70 -11.59
C GLY K 173 -51.96 44.73 -12.32
N ARG K 174 -51.15 45.75 -12.07
CA ARG K 174 -49.91 45.89 -12.84
C ARG K 174 -48.96 44.71 -12.47
N GLU K 175 -48.75 44.49 -11.18
CA GLU K 175 -47.88 43.42 -10.68
C GLU K 175 -48.42 41.99 -10.99
N ILE K 176 -49.74 41.78 -10.97
CA ILE K 176 -50.32 40.49 -11.31
C ILE K 176 -50.02 40.17 -12.77
N GLY K 177 -50.07 41.18 -13.62
CA GLY K 177 -49.62 41.04 -14.99
C GLY K 177 -48.17 40.59 -15.14
N TYR K 178 -47.24 41.21 -14.42
CA TYR K 178 -45.84 40.82 -14.47
C TYR K 178 -45.59 39.40 -13.94
N LEU K 179 -46.11 39.12 -12.76
CA LEU K 179 -46.02 37.82 -12.11
C LEU K 179 -46.57 36.69 -12.98
N PHE K 180 -47.75 36.92 -13.56
CA PHE K 180 -48.37 35.97 -14.45
C PHE K 180 -47.58 35.71 -15.70
N GLY K 181 -47.08 36.75 -16.34
CA GLY K 181 -46.30 36.56 -17.57
C GLY K 181 -45.03 35.76 -17.28
N HIS K 182 -44.38 36.07 -16.17
CA HIS K 182 -43.16 35.39 -15.82
C HIS K 182 -43.38 33.91 -15.48
N TYR K 183 -44.46 33.62 -14.75
CA TYR K 183 -44.90 32.25 -14.48
C TYR K 183 -45.05 31.44 -15.76
N ARG K 184 -45.71 32.04 -16.78
CA ARG K 184 -45.90 31.34 -18.04
C ARG K 184 -44.55 31.11 -18.65
N ARG K 185 -43.68 32.09 -18.53
CA ARG K 185 -42.32 31.92 -18.97
C ARG K 185 -41.56 30.79 -18.21
N MET K 186 -41.73 30.70 -16.90
CA MET K 186 -41.07 29.65 -16.13
C MET K 186 -41.61 28.27 -16.48
N ALA K 187 -42.93 28.14 -16.61
CA ALA K 187 -43.58 26.82 -16.73
C ALA K 187 -43.83 26.38 -18.18
N ASN K 188 -43.79 27.31 -19.11
CA ASN K 188 -44.16 27.06 -20.49
C ASN K 188 -45.56 26.48 -20.55
N GLN K 189 -46.46 27.18 -19.87
CA GLN K 189 -47.85 26.78 -19.76
C GLN K 189 -48.66 28.06 -19.61
N HIS K 190 -49.77 28.13 -20.35
CA HIS K 190 -50.73 29.19 -20.16
C HIS K 190 -51.77 28.75 -19.16
N GLU K 191 -51.36 28.76 -17.90
CA GLU K 191 -52.11 28.15 -16.84
C GLU K 191 -52.83 29.27 -16.13
N SER K 192 -54.01 29.58 -16.65
CA SER K 192 -54.79 30.72 -16.17
C SER K 192 -55.19 30.61 -14.68
N GLY K 193 -55.44 29.39 -14.18
CA GLY K 193 -55.86 29.22 -12.79
C GLY K 193 -54.78 29.44 -11.74
N VAL K 194 -53.55 29.75 -12.17
CA VAL K 194 -52.42 29.92 -11.27
C VAL K 194 -52.52 31.16 -10.45
N LEU K 195 -53.15 32.21 -10.98
CA LEU K 195 -53.34 33.47 -10.27
C LEU K 195 -54.80 33.93 -10.40
N THR K 196 -55.23 34.80 -9.49
CA THR K 196 -56.50 35.53 -9.66
C THR K 196 -56.17 37.02 -9.60
N GLY K 197 -57.17 37.87 -9.82
CA GLY K 197 -56.93 39.29 -10.05
C GLY K 197 -56.35 39.60 -11.42
N LYS K 198 -56.51 38.69 -12.38
CA LYS K 198 -55.96 38.87 -13.72
C LYS K 198 -56.81 39.85 -14.55
N GLY K 199 -56.19 40.36 -15.61
CA GLY K 199 -56.85 41.23 -16.58
C GLY K 199 -57.91 40.46 -17.35
N LEU K 200 -58.96 41.17 -17.77
CA LEU K 200 -60.15 40.53 -18.35
C LEU K 200 -59.90 39.86 -19.70
N THR K 201 -58.98 40.42 -20.48
CA THR K 201 -58.64 39.86 -21.79
C THR K 201 -57.59 38.70 -21.70
N TRP K 202 -57.21 38.28 -20.49
CA TRP K 202 -56.29 37.13 -20.35
C TRP K 202 -56.61 36.33 -19.08
N GLY K 203 -57.87 35.92 -18.99
CA GLY K 203 -58.34 34.99 -17.97
C GLY K 203 -58.94 35.58 -16.72
N GLY K 204 -59.02 36.91 -16.65
CA GLY K 204 -59.60 37.63 -15.52
C GLY K 204 -61.13 37.53 -15.40
N SER K 205 -61.68 37.81 -14.24
CA SER K 205 -63.15 37.80 -14.00
C SER K 205 -63.68 39.24 -13.87
N LEU K 206 -64.80 39.48 -14.52
CA LEU K 206 -65.60 40.66 -14.23
C LEU K 206 -66.04 40.63 -12.77
N VAL K 207 -66.36 41.79 -12.24
CA VAL K 207 -66.73 41.92 -10.82
C VAL K 207 -65.54 41.72 -9.82
N ARG K 208 -64.34 41.36 -10.26
CA ARG K 208 -63.22 41.08 -9.32
C ARG K 208 -62.71 42.38 -8.67
N THR K 209 -62.50 43.41 -9.48
CA THR K 209 -62.12 44.74 -8.99
C THR K 209 -63.10 45.26 -7.95
N GLU K 210 -64.37 44.98 -8.17
CA GLU K 210 -65.46 45.51 -7.38
C GLU K 210 -65.86 44.60 -6.20
N ALA K 211 -65.24 43.44 -6.06
CA ALA K 211 -65.81 42.37 -5.23
C ALA K 211 -65.87 42.66 -3.72
N THR K 212 -64.77 43.16 -3.17
CA THR K 212 -64.66 43.30 -1.71
C THR K 212 -65.61 44.41 -1.22
N GLY K 213 -65.41 45.61 -1.78
CA GLY K 213 -66.32 46.77 -1.64
C GLY K 213 -67.79 46.42 -1.79
N TYR K 214 -68.12 45.81 -2.93
CA TYR K 214 -69.48 45.34 -3.19
C TYR K 214 -69.95 44.28 -2.16
N GLY K 215 -68.99 43.47 -1.72
CA GLY K 215 -69.23 42.36 -0.79
C GLY K 215 -69.69 42.78 0.60
N CYS K 216 -68.97 43.76 1.17
CA CYS K 216 -69.36 44.33 2.49
C CYS K 216 -70.84 44.72 2.45
N VAL K 217 -71.18 45.48 1.41
CA VAL K 217 -72.51 46.08 1.27
C VAL K 217 -73.62 44.97 1.22
N TYR K 218 -73.40 43.91 0.42
CA TYR K 218 -74.42 42.82 0.32
C TYR K 218 -74.55 42.02 1.63
N PHE K 219 -73.54 42.14 2.51
CA PHE K 219 -73.57 41.57 3.85
C PHE K 219 -74.40 42.44 4.82
N VAL K 220 -73.95 43.70 5.09
CA VAL K 220 -74.67 44.64 6.01
C VAL K 220 -76.18 44.59 5.71
N SER K 221 -76.50 44.54 4.42
CA SER K 221 -77.82 44.30 3.88
C SER K 221 -78.62 43.24 4.60
N GLU K 222 -78.20 41.98 4.50
CA GLU K 222 -79.00 40.89 5.12
C GLU K 222 -79.07 40.83 6.68
N MET K 223 -78.18 41.56 7.37
CA MET K 223 -78.30 41.85 8.82
C MET K 223 -79.54 42.73 9.04
N ILE K 224 -79.66 43.74 8.19
CA ILE K 224 -80.75 44.74 8.21
C ILE K 224 -82.11 44.10 7.97
N LYS K 225 -82.24 43.27 6.94
CA LYS K 225 -83.49 42.53 6.68
C LYS K 225 -83.77 41.28 7.58
N ALA K 226 -82.86 40.94 8.49
CA ALA K 226 -83.11 39.88 9.50
C ALA K 226 -83.69 40.38 10.85
N LYS K 227 -83.65 41.69 11.11
CA LYS K 227 -83.93 42.31 12.45
C LYS K 227 -85.21 43.18 12.53
N GLY K 366 -71.12 42.25 12.32
CA GLY K 366 -70.48 42.27 10.99
C GLY K 366 -68.94 42.28 10.95
N PRO K 367 -68.28 41.14 11.25
CA PRO K 367 -66.82 41.12 11.32
C PRO K 367 -66.14 41.09 9.98
N GLY K 368 -64.82 41.26 10.00
CA GLY K 368 -64.00 41.33 8.80
C GLY K 368 -64.01 40.06 7.99
N LYS K 369 -63.65 38.94 8.62
CA LYS K 369 -63.48 37.66 7.92
C LYS K 369 -64.73 37.15 7.20
N ALA K 370 -65.93 37.55 7.64
CA ALA K 370 -67.12 37.28 6.84
C ALA K 370 -67.33 38.37 5.72
N ALA K 371 -67.27 39.64 6.10
CA ALA K 371 -67.82 40.71 5.25
C ALA K 371 -66.91 41.20 4.09
N ASN K 372 -65.60 41.28 4.32
CA ASN K 372 -64.65 41.46 3.21
C ASN K 372 -64.38 40.18 2.43
N ALA K 373 -65.14 39.10 2.68
CA ALA K 373 -64.91 37.81 1.96
C ALA K 373 -65.36 37.80 0.49
N GLY K 374 -66.08 38.84 0.07
CA GLY K 374 -66.47 39.01 -1.33
C GLY K 374 -65.32 38.91 -2.30
N GLY K 375 -64.19 39.52 -1.91
CA GLY K 375 -62.96 39.53 -2.71
C GLY K 375 -62.41 38.15 -3.07
N VAL K 376 -62.17 37.36 -2.05
CA VAL K 376 -61.61 36.03 -2.25
C VAL K 376 -62.67 35.10 -2.85
N ALA K 377 -63.96 35.32 -2.55
CA ALA K 377 -65.02 34.46 -3.12
C ALA K 377 -65.07 34.59 -4.64
N THR K 378 -64.89 35.79 -5.14
CA THR K 378 -64.81 36.10 -6.57
C THR K 378 -63.50 35.69 -7.21
N SER K 379 -62.41 35.71 -6.46
CA SER K 379 -61.17 35.02 -6.92
C SER K 379 -61.45 33.54 -7.16
N ALA K 380 -62.16 32.90 -6.25
CA ALA K 380 -62.61 31.51 -6.47
C ALA K 380 -63.54 31.34 -7.68
N LEU K 381 -64.30 32.39 -8.02
CA LEU K 381 -65.16 32.36 -9.19
C LEU K 381 -64.27 32.55 -10.41
N GLU K 382 -63.21 33.32 -10.31
CA GLU K 382 -62.21 33.38 -11.41
C GLU K 382 -61.55 32.00 -11.70
N MET K 383 -61.17 31.33 -10.63
CA MET K 383 -60.65 29.97 -10.71
C MET K 383 -61.63 29.03 -11.40
N GLN K 384 -62.87 29.06 -10.95
CA GLN K 384 -63.96 28.27 -11.53
C GLN K 384 -64.21 28.55 -13.01
N GLN K 385 -64.22 29.84 -13.36
CA GLN K 385 -64.29 30.25 -14.76
C GLN K 385 -63.09 29.73 -15.58
N ASN K 386 -61.87 29.88 -15.03
CA ASN K 386 -60.66 29.33 -15.65
C ASN K 386 -60.74 27.80 -15.81
N ALA K 387 -61.27 27.08 -14.81
CA ALA K 387 -61.33 25.61 -14.93
C ALA K 387 -62.28 25.16 -16.04
N SER K 388 -63.27 26.00 -16.37
CA SER K 388 -64.28 25.63 -17.42
C SER K 388 -64.00 26.33 -18.76
N ARG K 389 -62.87 27.07 -18.83
CA ARG K 389 -62.60 28.03 -19.89
C ARG K 389 -63.79 28.94 -20.23
N ASP K 390 -64.55 29.34 -19.22
CA ASP K 390 -65.76 30.10 -19.47
C ASP K 390 -65.46 31.51 -19.06
N SER K 391 -66.25 32.43 -19.57
CA SER K 391 -66.11 33.83 -19.22
C SER K 391 -67.52 34.42 -18.96
N TRP K 392 -67.87 34.58 -17.68
CA TRP K 392 -69.22 34.99 -17.23
C TRP K 392 -69.45 36.48 -17.36
N SER K 393 -70.71 36.86 -17.52
CA SER K 393 -71.05 38.27 -17.61
C SER K 393 -70.98 38.91 -16.20
N PHE K 394 -70.94 40.24 -16.18
CA PHE K 394 -71.01 41.03 -14.96
C PHE K 394 -72.29 40.67 -14.21
N GLU K 395 -73.42 40.71 -14.93
CA GLU K 395 -74.73 40.34 -14.37
C GLU K 395 -74.58 39.04 -13.59
N TYR K 396 -74.14 37.98 -14.28
CA TYR K 396 -74.17 36.60 -13.69
C TYR K 396 -73.19 36.39 -12.50
N THR K 397 -72.05 37.05 -12.55
CA THR K 397 -71.07 36.98 -11.48
C THR K 397 -71.59 37.72 -10.25
N ASP K 398 -72.01 38.98 -10.44
CA ASP K 398 -72.58 39.79 -9.35
C ASP K 398 -73.75 39.05 -8.70
N GLU K 399 -74.65 38.51 -9.51
CA GLU K 399 -75.77 37.70 -9.06
C GLU K 399 -75.24 36.66 -8.08
N ARG K 400 -74.24 35.89 -8.52
CA ARG K 400 -73.66 34.76 -7.75
C ARG K 400 -72.88 35.17 -6.47
N LEU K 401 -72.13 36.27 -6.55
CA LEU K 401 -71.50 36.90 -5.39
C LEU K 401 -72.53 37.22 -4.30
N GLN K 402 -73.47 38.14 -4.62
CA GLN K 402 -74.59 38.48 -3.72
C GLN K 402 -75.21 37.24 -3.08
N VAL K 403 -75.44 36.18 -3.84
CA VAL K 403 -75.96 34.89 -3.27
C VAL K 403 -75.03 34.32 -2.18
N ILE K 404 -73.75 34.14 -2.54
CA ILE K 404 -72.69 33.62 -1.64
C ILE K 404 -72.56 34.39 -0.31
N MET K 405 -72.54 35.71 -0.38
CA MET K 405 -72.57 36.58 0.82
C MET K 405 -73.80 36.36 1.69
N LYS K 406 -74.89 35.92 1.08
CA LYS K 406 -76.08 35.57 1.80
C LYS K 406 -76.04 34.13 2.35
N ASN K 407 -75.29 33.23 1.72
CA ASN K 407 -74.97 31.94 2.38
C ASN K 407 -74.01 32.14 3.60
N ILE K 408 -73.13 33.15 3.54
CA ILE K 408 -72.15 33.45 4.62
C ILE K 408 -72.99 33.88 5.84
N PHE K 409 -73.72 34.98 5.70
CA PHE K 409 -74.62 35.48 6.76
C PHE K 409 -75.51 34.36 7.32
N LYS K 410 -76.26 33.72 6.45
CA LYS K 410 -77.07 32.55 6.83
C LYS K 410 -76.31 31.57 7.77
N THR K 411 -75.07 31.22 7.44
CA THR K 411 -74.23 30.36 8.32
C THR K 411 -73.78 31.02 9.64
N CYS K 412 -73.53 32.33 9.63
CA CYS K 412 -73.12 33.03 10.83
C CYS K 412 -74.23 33.03 11.90
N ALA K 413 -75.40 33.56 11.53
CA ALA K 413 -76.51 33.65 12.47
C ALA K 413 -77.02 32.27 12.92
N GLU K 414 -77.22 31.33 11.99
CA GLU K 414 -77.67 29.98 12.39
C GLU K 414 -76.64 29.17 13.21
N THR K 415 -75.35 29.53 13.11
CA THR K 415 -74.30 28.96 13.98
C THR K 415 -74.15 29.77 15.32
N ALA K 416 -74.30 31.11 15.30
CA ALA K 416 -74.23 31.95 16.54
C ALA K 416 -75.49 31.98 17.43
N ALA K 417 -76.57 31.35 16.97
CA ALA K 417 -77.75 31.05 17.78
C ALA K 417 -77.74 29.56 18.20
N GLU K 418 -77.26 28.68 17.30
CA GLU K 418 -77.04 27.26 17.65
C GLU K 418 -76.05 27.06 18.80
N TYR K 419 -75.21 28.07 19.08
CA TYR K 419 -74.23 28.00 20.18
C TYR K 419 -74.45 29.04 21.32
N GLY K 420 -75.42 29.96 21.18
CA GLY K 420 -75.73 30.97 22.20
C GLY K 420 -75.80 32.35 21.62
N VAL K 426 -69.73 37.26 14.94
CA VAL K 426 -68.29 36.96 15.13
C VAL K 426 -68.06 35.55 15.67
N VAL K 427 -68.78 35.20 16.71
CA VAL K 427 -68.84 33.83 17.22
C VAL K 427 -69.28 32.87 16.11
N GLY K 428 -70.37 33.22 15.42
CA GLY K 428 -70.93 32.38 14.35
C GLY K 428 -69.94 32.13 13.23
N ALA K 429 -69.31 33.20 12.76
CA ALA K 429 -68.31 33.17 11.73
C ALA K 429 -67.06 32.32 12.11
N ASN K 430 -66.59 32.45 13.36
CA ASN K 430 -65.40 31.71 13.77
C ASN K 430 -65.70 30.21 13.88
N ILE K 431 -66.83 29.88 14.50
CA ILE K 431 -67.24 28.49 14.63
C ILE K 431 -67.55 27.80 13.30
N ALA K 432 -68.18 28.49 12.37
CA ALA K 432 -68.52 27.90 11.09
C ALA K 432 -67.24 27.74 10.27
N GLY K 433 -66.37 28.76 10.30
CA GLY K 433 -65.06 28.69 9.66
C GLY K 433 -64.33 27.46 10.15
N PHE K 434 -64.22 27.33 11.46
CA PHE K 434 -63.45 26.27 12.06
C PHE K 434 -64.04 24.89 11.81
N LYS K 435 -65.36 24.74 11.97
CA LYS K 435 -65.97 23.41 11.89
C LYS K 435 -65.83 22.77 10.48
N LYS K 436 -66.02 23.56 9.44
CA LYS K 436 -65.81 23.07 8.09
C LYS K 436 -64.35 22.56 7.84
N VAL K 437 -63.34 23.33 8.24
CA VAL K 437 -61.95 22.93 8.06
C VAL K 437 -61.62 21.65 8.82
N ALA K 438 -62.07 21.56 10.09
CA ALA K 438 -61.78 20.43 10.97
C ALA K 438 -62.47 19.15 10.52
N ASP K 439 -63.73 19.25 10.10
CA ASP K 439 -64.47 18.10 9.56
C ASP K 439 -63.68 17.45 8.41
N ALA K 440 -63.28 18.28 7.44
CA ALA K 440 -62.46 17.88 6.30
C ALA K 440 -61.11 17.30 6.73
N MET K 441 -60.47 17.94 7.70
CA MET K 441 -59.20 17.43 8.24
C MET K 441 -59.36 16.05 8.90
N LEU K 442 -60.45 15.86 9.66
CA LEU K 442 -60.72 14.55 10.29
C LEU K 442 -60.98 13.43 9.24
N ALA K 443 -61.67 13.79 8.17
CA ALA K 443 -61.95 12.85 7.10
C ALA K 443 -60.67 12.43 6.35
N GLN K 444 -59.69 13.32 6.24
CA GLN K 444 -58.50 13.11 5.37
C GLN K 444 -57.26 12.49 5.99
N GLY K 445 -57.33 12.21 7.29
CA GLY K 445 -56.28 11.49 8.00
C GLY K 445 -55.22 12.42 8.52
N VAL K 446 -54.18 11.85 9.09
CA VAL K 446 -53.06 12.60 9.68
C VAL K 446 -52.09 12.83 8.52
N ILE K 447 -52.12 14.04 7.97
CA ILE K 447 -51.30 14.40 6.79
C ILE K 447 -50.63 15.78 6.97
N MET L 1 -60.25 -20.88 -41.71
CA MET L 1 -60.79 -19.85 -42.66
C MET L 1 -61.71 -18.82 -41.96
N THR L 2 -62.77 -19.32 -41.32
CA THR L 2 -63.95 -18.48 -41.01
C THR L 2 -63.90 -17.62 -39.73
N VAL L 3 -64.82 -16.65 -39.71
CA VAL L 3 -65.16 -15.80 -38.55
C VAL L 3 -65.31 -16.61 -37.25
N ASP L 4 -65.93 -17.77 -37.33
CA ASP L 4 -66.15 -18.62 -36.15
C ASP L 4 -64.89 -19.38 -35.61
N GLU L 5 -63.94 -19.73 -36.48
CA GLU L 5 -62.72 -20.45 -36.06
C GLU L 5 -61.75 -19.45 -35.41
N GLN L 6 -61.45 -18.39 -36.15
CA GLN L 6 -60.87 -17.15 -35.61
C GLN L 6 -61.20 -16.90 -34.10
N VAL L 7 -62.48 -16.69 -33.80
CA VAL L 7 -62.95 -16.31 -32.46
C VAL L 7 -62.70 -17.39 -31.38
N SER L 8 -62.92 -18.65 -31.73
CA SER L 8 -62.53 -19.77 -30.87
C SER L 8 -61.01 -20.01 -30.80
N ASN L 9 -60.28 -19.55 -31.83
CA ASN L 9 -58.83 -19.73 -31.90
C ASN L 9 -58.16 -18.87 -30.86
N TYR L 10 -58.55 -17.59 -30.88
CA TYR L 10 -58.13 -16.61 -29.89
C TYR L 10 -58.45 -17.04 -28.46
N TYR L 11 -59.73 -17.35 -28.22
CA TYR L 11 -60.20 -17.83 -26.91
C TYR L 11 -59.27 -18.91 -26.29
N ASP L 12 -58.78 -19.86 -27.10
CA ASP L 12 -57.88 -20.92 -26.57
C ASP L 12 -56.49 -20.37 -26.19
N MET L 13 -56.02 -19.30 -26.85
CA MET L 13 -54.77 -18.62 -26.39
C MET L 13 -55.04 -17.88 -25.09
N LEU L 14 -56.13 -17.13 -25.06
CA LEU L 14 -56.59 -16.46 -23.83
C LEU L 14 -56.52 -17.42 -22.62
N LEU L 15 -57.08 -18.62 -22.74
CA LEU L 15 -56.98 -19.64 -21.67
C LEU L 15 -55.52 -19.99 -21.27
N LYS L 16 -54.67 -20.15 -22.28
CA LYS L 16 -53.25 -20.52 -22.13
C LYS L 16 -52.47 -19.40 -21.39
N ARG L 17 -52.62 -18.16 -21.87
CA ARG L 17 -52.02 -16.98 -21.28
C ARG L 17 -52.63 -16.53 -19.94
N ASN L 18 -53.92 -16.78 -19.74
CA ASN L 18 -54.57 -16.39 -18.46
C ASN L 18 -54.96 -17.55 -17.58
N ALA L 19 -54.09 -18.56 -17.47
CA ALA L 19 -54.42 -19.79 -16.74
C ALA L 19 -54.80 -19.50 -15.28
N GLY L 20 -55.86 -20.14 -14.81
CA GLY L 20 -56.31 -20.01 -13.40
C GLY L 20 -57.25 -18.86 -13.09
N GLU L 21 -57.88 -18.34 -14.15
CA GLU L 21 -58.76 -17.14 -14.07
C GLU L 21 -60.14 -17.42 -14.69
N PRO L 22 -60.90 -18.37 -14.09
CA PRO L 22 -62.15 -18.85 -14.73
C PRO L 22 -63.22 -17.76 -14.92
N GLU L 23 -63.33 -16.85 -13.95
CA GLU L 23 -64.36 -15.77 -14.03
C GLU L 23 -64.06 -14.84 -15.25
N PHE L 24 -62.80 -14.45 -15.40
CA PHE L 24 -62.37 -13.63 -16.53
C PHE L 24 -62.54 -14.39 -17.88
N HIS L 25 -62.24 -15.69 -17.91
CA HIS L 25 -62.51 -16.49 -19.12
C HIS L 25 -63.99 -16.45 -19.57
N GLN L 26 -64.91 -16.49 -18.62
CA GLN L 26 -66.34 -16.46 -18.96
C GLN L 26 -66.82 -15.05 -19.42
N ALA L 27 -66.33 -13.99 -18.80
CA ALA L 27 -66.65 -12.61 -19.26
C ALA L 27 -66.14 -12.34 -20.66
N VAL L 28 -64.96 -12.88 -20.98
CA VAL L 28 -64.43 -12.75 -22.34
C VAL L 28 -65.25 -13.61 -23.32
N ALA L 29 -65.52 -14.85 -22.90
CA ALA L 29 -66.34 -15.77 -23.67
C ALA L 29 -67.58 -15.09 -24.20
N GLU L 30 -68.27 -14.35 -23.35
CA GLU L 30 -69.53 -13.73 -23.76
C GLU L 30 -69.42 -12.38 -24.50
N VAL L 31 -68.30 -11.66 -24.35
CA VAL L 31 -68.00 -10.52 -25.23
C VAL L 31 -67.68 -10.99 -26.65
N LEU L 32 -67.01 -12.13 -26.75
CA LEU L 32 -66.78 -12.78 -28.02
C LEU L 32 -68.09 -13.21 -28.70
N GLU L 33 -69.06 -13.70 -27.93
CA GLU L 33 -70.40 -14.03 -28.46
C GLU L 33 -71.08 -12.79 -29.00
N SER L 34 -70.98 -11.68 -28.27
CA SER L 34 -71.52 -10.42 -28.73
C SER L 34 -70.78 -9.92 -29.96
N LEU L 35 -69.47 -10.08 -29.99
CA LEU L 35 -68.71 -9.69 -31.20
C LEU L 35 -69.23 -10.41 -32.47
N LYS L 36 -69.48 -11.72 -32.36
CA LYS L 36 -69.92 -12.54 -33.51
C LYS L 36 -71.18 -11.98 -34.19
N ILE L 37 -72.13 -11.54 -33.39
CA ILE L 37 -73.36 -10.90 -33.91
C ILE L 37 -72.98 -9.64 -34.72
N VAL L 38 -72.07 -8.82 -34.18
CA VAL L 38 -71.59 -7.59 -34.86
C VAL L 38 -70.80 -7.88 -36.16
N LEU L 39 -69.93 -8.90 -36.11
CA LEU L 39 -69.09 -9.30 -37.27
C LEU L 39 -69.85 -10.08 -38.36
N GLU L 40 -71.06 -10.54 -38.04
CA GLU L 40 -71.97 -11.06 -39.05
C GLU L 40 -72.41 -9.90 -39.98
N LYS L 41 -72.40 -8.67 -39.47
CA LYS L 41 -72.96 -7.50 -40.17
C LYS L 41 -71.96 -6.42 -40.63
N ASP L 42 -70.93 -6.09 -39.82
CA ASP L 42 -70.00 -4.96 -40.11
C ASP L 42 -68.47 -5.23 -40.11
N PRO L 43 -68.02 -6.49 -40.38
CA PRO L 43 -66.63 -7.02 -40.28
C PRO L 43 -65.37 -6.13 -40.15
N HIS L 44 -65.42 -4.84 -40.47
CA HIS L 44 -64.37 -3.89 -40.04
C HIS L 44 -64.03 -4.00 -38.53
N TYR L 45 -64.95 -4.52 -37.71
CA TYR L 45 -64.82 -4.49 -36.23
C TYR L 45 -63.73 -5.36 -35.59
N ALA L 46 -63.13 -6.28 -36.33
CA ALA L 46 -62.02 -7.02 -35.81
C ALA L 46 -60.73 -6.67 -36.53
N ASP L 47 -60.73 -5.60 -37.36
CA ASP L 47 -59.53 -5.14 -38.04
C ASP L 47 -58.46 -4.71 -37.01
N TYR L 48 -57.20 -4.87 -37.42
CA TYR L 48 -56.04 -4.43 -36.63
C TYR L 48 -55.97 -5.04 -35.22
N GLY L 49 -56.35 -6.32 -35.09
CA GLY L 49 -56.31 -7.05 -33.82
C GLY L 49 -57.11 -6.40 -32.70
N LEU L 50 -58.27 -5.87 -33.03
CA LEU L 50 -59.08 -5.14 -32.08
C LEU L 50 -59.37 -5.95 -30.83
N ILE L 51 -59.78 -7.21 -31.01
CA ILE L 51 -60.14 -8.06 -29.91
C ILE L 51 -58.92 -8.52 -29.08
N GLN L 52 -57.82 -8.81 -29.75
CA GLN L 52 -56.57 -9.16 -29.09
C GLN L 52 -56.14 -7.98 -28.21
N ARG L 53 -56.23 -6.75 -28.72
CA ARG L 53 -55.98 -5.57 -27.88
C ARG L 53 -56.98 -5.42 -26.69
N LEU L 54 -58.30 -5.54 -26.94
CA LEU L 54 -59.32 -5.30 -25.91
C LEU L 54 -59.26 -6.22 -24.72
N CYS L 55 -58.99 -7.49 -24.95
CA CYS L 55 -59.02 -8.51 -23.91
C CYS L 55 -57.70 -8.64 -23.13
N GLU L 56 -56.69 -7.82 -23.47
CA GLU L 56 -55.44 -7.69 -22.74
C GLU L 56 -55.38 -6.32 -22.06
N PRO L 57 -55.16 -6.27 -20.75
CA PRO L 57 -55.13 -4.95 -20.12
C PRO L 57 -53.97 -4.06 -20.58
N GLU L 58 -54.23 -2.76 -20.68
CA GLU L 58 -53.15 -1.81 -21.01
C GLU L 58 -51.98 -1.95 -20.04
N ARG L 59 -52.29 -2.06 -18.75
CA ARG L 59 -51.30 -2.06 -17.70
C ARG L 59 -51.90 -2.70 -16.43
N GLN L 60 -51.10 -3.50 -15.72
CA GLN L 60 -51.48 -4.15 -14.50
C GLN L 60 -50.37 -3.89 -13.46
N LEU L 61 -50.78 -3.50 -12.27
CA LEU L 61 -49.91 -3.20 -11.18
C LEU L 61 -50.25 -4.06 -9.99
N ILE L 62 -49.23 -4.67 -9.44
CA ILE L 62 -49.30 -5.41 -8.18
C ILE L 62 -48.16 -4.84 -7.35
N PHE L 63 -48.37 -4.63 -6.07
CA PHE L 63 -47.34 -4.05 -5.28
C PHE L 63 -47.48 -4.45 -3.83
N ARG L 64 -46.36 -4.54 -3.18
CA ARG L 64 -46.30 -4.82 -1.75
C ARG L 64 -46.95 -3.66 -0.95
N VAL L 65 -47.72 -3.96 0.10
CA VAL L 65 -48.21 -2.90 1.05
C VAL L 65 -47.82 -3.26 2.46
N PRO L 66 -46.67 -2.76 2.91
CA PRO L 66 -46.35 -3.08 4.25
C PRO L 66 -47.00 -2.04 5.20
N TRP L 67 -47.34 -2.47 6.40
CA TRP L 67 -47.96 -1.61 7.39
C TRP L 67 -47.72 -2.19 8.80
N VAL L 68 -47.74 -1.32 9.78
CA VAL L 68 -47.40 -1.71 11.16
C VAL L 68 -48.69 -1.63 11.97
N ASP L 69 -49.05 -2.72 12.65
CA ASP L 69 -50.29 -2.75 13.47
C ASP L 69 -50.14 -1.97 14.80
N ASP L 70 -51.20 -1.95 15.56
CA ASP L 70 -51.22 -1.19 16.83
C ASP L 70 -50.28 -1.76 17.87
N GLN L 71 -49.95 -3.05 17.77
CA GLN L 71 -48.97 -3.64 18.71
C GLN L 71 -47.52 -3.53 18.19
N GLY L 72 -47.31 -2.75 17.14
CA GLY L 72 -45.96 -2.65 16.52
C GLY L 72 -45.47 -3.87 15.74
N GLN L 73 -46.37 -4.73 15.28
CA GLN L 73 -46.04 -5.85 14.40
C GLN L 73 -46.18 -5.49 12.86
N VAL L 74 -45.16 -5.82 12.08
CA VAL L 74 -45.17 -5.55 10.66
C VAL L 74 -46.01 -6.60 9.91
N HIS L 75 -46.92 -6.13 9.04
CA HIS L 75 -47.70 -6.98 8.15
C HIS L 75 -47.44 -6.58 6.71
N VAL L 76 -47.74 -7.51 5.81
CA VAL L 76 -47.55 -7.29 4.40
C VAL L 76 -48.75 -7.81 3.66
N ASN L 77 -49.44 -6.90 2.96
CA ASN L 77 -50.46 -7.26 2.00
C ASN L 77 -50.07 -6.90 0.57
N ARG L 78 -50.85 -7.36 -0.37
CA ARG L 78 -50.61 -7.14 -1.77
C ARG L 78 -51.66 -6.20 -2.31
N GLY L 79 -51.24 -5.19 -3.06
CA GLY L 79 -52.14 -4.26 -3.71
C GLY L 79 -52.24 -4.49 -5.22
N PHE L 80 -53.35 -4.09 -5.82
CA PHE L 80 -53.65 -4.34 -7.21
C PHE L 80 -54.22 -3.08 -7.88
N ARG L 81 -53.83 -2.80 -9.11
CA ARG L 81 -54.56 -1.87 -9.94
C ARG L 81 -54.41 -2.29 -11.39
N VAL L 82 -55.51 -2.76 -11.98
CA VAL L 82 -55.59 -3.12 -13.37
C VAL L 82 -56.23 -1.95 -14.15
N GLN L 83 -55.46 -1.40 -15.07
CA GLN L 83 -55.83 -0.23 -15.87
C GLN L 83 -56.11 -0.85 -17.20
N PHE L 84 -57.38 -1.21 -17.40
CA PHE L 84 -57.74 -2.14 -18.43
C PHE L 84 -57.87 -1.45 -19.78
N ASN L 85 -58.66 -0.39 -19.85
CA ASN L 85 -58.91 0.28 -21.15
C ASN L 85 -59.22 1.76 -21.01
N SER L 86 -58.53 2.59 -21.81
CA SER L 86 -58.70 4.03 -21.78
C SER L 86 -59.12 4.67 -23.08
N ALA L 87 -59.68 3.89 -23.97
CA ALA L 87 -60.15 4.41 -25.26
C ALA L 87 -61.17 5.54 -25.16
N LEU L 88 -62.07 5.45 -24.19
CA LEU L 88 -63.12 6.47 -24.01
C LEU L 88 -62.82 7.56 -22.98
N GLY L 89 -61.79 7.41 -22.19
CA GLY L 89 -61.52 8.33 -21.09
C GLY L 89 -60.59 7.72 -20.07
N PRO L 90 -60.40 8.42 -18.94
CA PRO L 90 -59.48 7.84 -17.97
C PRO L 90 -59.97 6.50 -17.46
N TYR L 91 -59.06 5.67 -16.95
CA TYR L 91 -59.48 4.37 -16.41
C TYR L 91 -60.31 4.68 -15.22
N LYS L 92 -61.31 3.85 -14.97
CA LYS L 92 -62.30 4.14 -13.98
C LYS L 92 -62.84 2.85 -13.40
N GLY L 93 -62.88 2.81 -12.09
CA GLY L 93 -63.37 1.66 -11.36
C GLY L 93 -62.93 1.66 -9.91
N GLY L 94 -63.64 0.88 -9.12
CA GLY L 94 -63.47 0.85 -7.67
C GLY L 94 -62.28 0.09 -7.16
N LEU L 95 -62.04 0.27 -5.85
CA LEU L 95 -61.04 -0.49 -5.09
C LEU L 95 -61.75 -1.33 -4.08
N ARG L 96 -61.34 -2.58 -4.02
CA ARG L 96 -61.83 -3.59 -3.12
C ARG L 96 -60.74 -4.08 -2.13
N PHE L 97 -60.95 -3.82 -0.83
CA PHE L 97 -60.12 -4.35 0.26
C PHE L 97 -60.84 -5.50 0.92
N HIS L 98 -60.46 -6.73 0.58
CA HIS L 98 -61.09 -7.95 1.08
C HIS L 98 -60.14 -9.14 0.81
N PRO L 99 -60.08 -10.14 1.73
CA PRO L 99 -59.02 -11.17 1.62
C PRO L 99 -59.12 -12.15 0.48
N SER L 100 -60.28 -12.29 -0.15
CA SER L 100 -60.39 -13.04 -1.41
C SER L 100 -59.85 -12.30 -2.69
N VAL L 101 -59.50 -11.03 -2.58
CA VAL L 101 -59.05 -10.27 -3.77
C VAL L 101 -57.73 -10.84 -4.30
N ASN L 102 -57.66 -11.04 -5.60
CA ASN L 102 -56.41 -11.43 -6.23
C ASN L 102 -56.42 -10.91 -7.66
N LEU L 103 -55.29 -11.07 -8.34
CA LEU L 103 -55.10 -10.45 -9.65
C LEU L 103 -56.18 -10.94 -10.63
N GLY L 104 -56.55 -12.21 -10.57
CA GLY L 104 -57.55 -12.74 -11.47
C GLY L 104 -58.96 -12.18 -11.26
N ILE L 105 -59.31 -11.98 -10.02
CA ILE L 105 -60.56 -11.31 -9.70
C ILE L 105 -60.57 -9.83 -10.14
N VAL L 106 -59.48 -9.08 -9.92
CA VAL L 106 -59.41 -7.68 -10.29
C VAL L 106 -59.49 -7.53 -11.81
N LYS L 107 -58.93 -8.49 -12.55
CA LYS L 107 -59.01 -8.49 -14.02
C LYS L 107 -60.40 -8.74 -14.54
N PHE L 108 -61.04 -9.76 -13.99
CA PHE L 108 -62.42 -10.08 -14.32
C PHE L 108 -63.30 -8.84 -14.15
N LEU L 109 -63.26 -8.21 -12.97
CA LEU L 109 -64.13 -7.08 -12.70
C LEU L 109 -63.75 -5.83 -13.47
N GLY L 110 -62.46 -5.59 -13.62
CA GLY L 110 -62.01 -4.47 -14.42
C GLY L 110 -62.47 -4.59 -15.87
N PHE L 111 -62.42 -5.80 -16.39
CA PHE L 111 -62.87 -6.08 -17.75
C PHE L 111 -64.35 -5.74 -17.92
N GLU L 112 -65.21 -6.25 -17.02
CA GLU L 112 -66.66 -5.97 -17.14
C GLU L 112 -66.95 -4.50 -16.89
N GLN L 113 -66.06 -3.83 -16.14
CA GLN L 113 -66.13 -2.38 -15.94
C GLN L 113 -65.99 -1.57 -17.25
N ILE L 114 -65.14 -2.02 -18.18
CA ILE L 114 -64.95 -1.32 -19.46
C ILE L 114 -66.32 -1.10 -20.11
N PHE L 115 -67.10 -2.16 -20.13
CA PHE L 115 -68.37 -2.23 -20.86
C PHE L 115 -69.50 -1.56 -20.14
N LYS L 116 -69.60 -1.71 -18.81
CA LYS L 116 -70.56 -0.97 -18.02
C LYS L 116 -70.28 0.54 -18.09
N ASN L 117 -69.02 0.95 -17.98
CA ASN L 117 -68.68 2.36 -18.13
C ASN L 117 -68.97 2.93 -19.55
N SER L 118 -68.52 2.23 -20.57
CA SER L 118 -68.89 2.52 -21.95
C SER L 118 -70.41 2.79 -22.08
N LEU L 119 -71.21 1.82 -21.65
CA LEU L 119 -72.67 1.85 -21.80
C LEU L 119 -73.38 3.10 -21.23
N THR L 120 -72.82 3.74 -20.20
CA THR L 120 -73.40 4.97 -19.63
C THR L 120 -73.40 6.15 -20.60
N GLY L 121 -72.70 6.04 -21.74
CA GLY L 121 -72.49 7.15 -22.63
C GLY L 121 -71.58 8.27 -22.14
N LEU L 122 -70.90 8.13 -21.00
CA LEU L 122 -70.01 9.23 -20.51
C LEU L 122 -68.53 8.86 -20.77
N PRO L 123 -67.62 9.85 -20.79
CA PRO L 123 -66.25 9.59 -21.24
C PRO L 123 -65.37 9.00 -20.12
N ILE L 124 -65.49 7.71 -19.89
CA ILE L 124 -64.76 6.99 -18.84
C ILE L 124 -64.27 5.65 -19.37
N GLY L 125 -63.05 5.33 -19.00
CA GLY L 125 -62.43 4.09 -19.35
C GLY L 125 -62.86 3.05 -18.34
N GLY L 126 -62.07 1.98 -18.22
CA GLY L 126 -62.35 0.84 -17.34
C GLY L 126 -61.14 0.35 -16.56
N GLY L 127 -61.33 0.13 -15.26
CA GLY L 127 -60.29 -0.40 -14.38
C GLY L 127 -60.85 -0.94 -13.10
N LYS L 128 -59.99 -1.58 -12.30
CA LYS L 128 -60.31 -2.04 -10.94
C LYS L 128 -59.04 -2.27 -10.18
N GLY L 129 -59.15 -2.22 -8.86
CA GLY L 129 -58.09 -2.66 -8.02
C GLY L 129 -58.48 -2.93 -6.59
N GLY L 130 -57.47 -2.94 -5.72
CA GLY L 130 -57.62 -3.14 -4.31
C GLY L 130 -56.54 -3.99 -3.64
N SER L 131 -56.90 -4.70 -2.57
CA SER L 131 -55.93 -5.43 -1.76
C SER L 131 -56.52 -6.65 -1.09
N ASP L 132 -55.67 -7.60 -0.75
CA ASP L 132 -56.08 -8.71 0.13
C ASP L 132 -56.13 -8.32 1.61
N PHE L 133 -55.83 -7.07 1.90
CA PHE L 133 -56.07 -6.50 3.22
C PHE L 133 -57.51 -6.67 3.68
N ASP L 134 -57.64 -7.11 4.93
CA ASP L 134 -58.95 -7.36 5.55
C ASP L 134 -59.20 -6.25 6.58
N PRO L 135 -60.03 -5.24 6.26
CA PRO L 135 -60.19 -4.13 7.16
C PRO L 135 -61.01 -4.42 8.42
N LYS L 136 -61.60 -5.62 8.55
CA LYS L 136 -62.50 -5.90 9.66
C LYS L 136 -61.70 -6.11 10.94
N GLY L 137 -62.09 -5.37 11.95
CA GLY L 137 -61.42 -5.47 13.22
C GLY L 137 -60.22 -4.58 13.35
N LYS L 138 -59.87 -3.84 12.31
CA LYS L 138 -58.73 -2.94 12.38
C LYS L 138 -59.21 -1.66 13.01
N SER L 139 -58.38 -1.05 13.84
CA SER L 139 -58.68 0.28 14.34
C SER L 139 -58.68 1.30 13.20
N ASP L 140 -59.19 2.46 13.49
CA ASP L 140 -59.14 3.56 12.55
C ASP L 140 -57.72 3.98 12.15
N LEU L 141 -56.80 4.02 13.13
CA LEU L 141 -55.42 4.33 12.82
C LEU L 141 -54.75 3.22 11.97
N GLU L 142 -55.08 1.95 12.20
CA GLU L 142 -54.55 0.88 11.36
C GLU L 142 -55.03 0.98 9.89
N ILE L 143 -56.32 1.27 9.71
CA ILE L 143 -56.89 1.48 8.42
C ILE L 143 -56.26 2.71 7.73
N MET L 144 -56.05 3.79 8.51
CA MET L 144 -55.46 4.98 7.99
C MET L 144 -54.04 4.67 7.47
N ARG L 145 -53.24 4.03 8.30
CA ARG L 145 -51.91 3.59 7.92
C ARG L 145 -51.93 2.62 6.76
N PHE L 146 -52.87 1.71 6.70
CA PHE L 146 -52.89 0.87 5.54
C PHE L 146 -53.14 1.70 4.26
N CYS L 147 -54.12 2.61 4.34
CA CYS L 147 -54.49 3.44 3.20
C CYS L 147 -53.33 4.28 2.75
N GLN L 148 -52.58 4.80 3.70
CA GLN L 148 -51.44 5.59 3.37
C GLN L 148 -50.34 4.77 2.68
N SER L 149 -50.06 3.58 3.20
CA SER L 149 -49.10 2.68 2.56
C SER L 149 -49.55 2.37 1.13
N PHE L 150 -50.86 2.23 0.95
CA PHE L 150 -51.40 1.80 -0.28
C PHE L 150 -51.24 2.91 -1.32
N MET L 151 -51.67 4.11 -0.92
CA MET L 151 -51.59 5.29 -1.76
C MET L 151 -50.14 5.79 -1.96
N THR L 152 -49.17 5.44 -1.10
CA THR L 152 -47.75 5.79 -1.36
C THR L 152 -47.27 5.20 -2.68
N GLU L 153 -47.62 3.96 -2.99
CA GLU L 153 -47.42 3.39 -4.30
C GLU L 153 -48.47 3.81 -5.31
N LEU L 154 -49.75 3.62 -5.03
CA LEU L 154 -50.77 3.96 -5.99
C LEU L 154 -50.68 5.37 -6.61
N HIS L 155 -50.30 6.39 -5.84
CA HIS L 155 -50.45 7.76 -6.31
C HIS L 155 -49.74 8.03 -7.64
N ARG L 156 -48.62 7.34 -7.90
CA ARG L 156 -47.84 7.65 -9.09
C ARG L 156 -48.44 7.15 -10.41
N HIS L 157 -49.45 6.29 -10.31
CA HIS L 157 -50.06 5.68 -11.40
C HIS L 157 -51.46 6.23 -11.61
N ILE L 158 -51.88 7.23 -10.84
CA ILE L 158 -53.27 7.71 -10.95
C ILE L 158 -53.31 9.22 -11.18
N GLY L 159 -54.50 9.74 -11.50
CA GLY L 159 -54.65 11.17 -11.75
C GLY L 159 -56.01 11.47 -12.35
N GLU L 160 -56.40 12.73 -12.27
CA GLU L 160 -57.65 13.22 -12.80
C GLU L 160 -57.90 12.86 -14.30
N TYR L 161 -56.85 12.83 -15.13
CA TYR L 161 -56.97 12.42 -16.57
C TYR L 161 -56.39 11.00 -16.83
N ARG L 162 -55.89 10.34 -15.79
CA ARG L 162 -55.12 9.12 -15.94
C ARG L 162 -55.91 7.90 -15.44
N ASP L 163 -56.24 7.91 -14.17
CA ASP L 163 -57.02 6.82 -13.54
C ASP L 163 -57.69 7.36 -12.27
N VAL L 164 -58.99 7.14 -12.19
CA VAL L 164 -59.80 7.74 -11.14
C VAL L 164 -60.46 6.62 -10.37
N PRO L 165 -59.83 6.16 -9.27
CA PRO L 165 -60.49 5.15 -8.43
C PRO L 165 -61.73 5.64 -7.66
N ALA L 166 -62.36 4.68 -7.00
CA ALA L 166 -63.61 4.85 -6.27
C ALA L 166 -63.66 3.80 -5.17
N GLY L 167 -64.72 3.81 -4.38
CA GLY L 167 -64.95 2.76 -3.41
C GLY L 167 -65.48 1.44 -3.94
N ASP L 168 -65.62 0.48 -3.04
CA ASP L 168 -66.23 -0.84 -3.29
C ASP L 168 -66.23 -1.49 -1.89
N ILE L 169 -66.29 -2.81 -1.84
CA ILE L 169 -66.30 -3.56 -0.62
C ILE L 169 -64.99 -3.33 0.11
N GLY L 170 -65.07 -3.06 1.41
CA GLY L 170 -63.93 -2.65 2.22
C GLY L 170 -63.46 -1.21 2.10
N VAL L 171 -63.94 -0.48 1.11
CA VAL L 171 -63.47 0.87 0.81
C VAL L 171 -64.68 1.78 0.69
N GLY L 172 -65.01 2.44 1.80
CA GLY L 172 -66.14 3.34 1.91
C GLY L 172 -65.62 4.75 2.05
N GLY L 173 -66.46 5.63 2.55
CA GLY L 173 -66.13 7.04 2.72
C GLY L 173 -64.97 7.26 3.64
N ARG L 174 -64.91 6.49 4.72
CA ARG L 174 -63.75 6.62 5.59
C ARG L 174 -62.43 6.40 4.80
N GLU L 175 -62.35 5.29 4.07
CA GLU L 175 -61.17 4.94 3.30
C GLU L 175 -60.85 5.91 2.21
N ILE L 176 -61.86 6.32 1.45
CA ILE L 176 -61.65 7.33 0.40
C ILE L 176 -61.03 8.60 0.98
N GLY L 177 -61.54 9.01 2.14
CA GLY L 177 -60.96 10.16 2.83
C GLY L 177 -59.45 10.02 3.09
N TYR L 178 -59.04 8.89 3.67
CA TYR L 178 -57.64 8.61 3.96
C TYR L 178 -56.84 8.48 2.67
N LEU L 179 -57.44 7.86 1.65
CA LEU L 179 -56.77 7.68 0.40
C LEU L 179 -56.58 9.01 -0.26
N PHE L 180 -57.60 9.86 -0.23
CA PHE L 180 -57.52 11.19 -0.88
C PHE L 180 -56.46 12.09 -0.20
N GLY L 181 -56.45 12.07 1.14
CA GLY L 181 -55.59 12.97 1.91
C GLY L 181 -54.13 12.66 1.67
N HIS L 182 -53.79 11.39 1.75
CA HIS L 182 -52.46 10.98 1.47
C HIS L 182 -52.06 11.20 -0.04
N TYR L 183 -52.98 11.06 -1.00
CA TYR L 183 -52.71 11.47 -2.41
C TYR L 183 -52.23 12.91 -2.47
N ARG L 184 -52.99 13.82 -1.86
CA ARG L 184 -52.65 15.25 -1.78
C ARG L 184 -51.26 15.47 -1.19
N ARG L 185 -50.96 14.73 -0.12
CA ARG L 185 -49.67 14.83 0.52
C ARG L 185 -48.54 14.33 -0.38
N MET L 186 -48.75 13.23 -1.10
CA MET L 186 -47.76 12.75 -2.05
C MET L 186 -47.56 13.70 -3.24
N ALA L 187 -48.63 14.19 -3.82
CA ALA L 187 -48.55 14.94 -5.07
C ALA L 187 -48.32 16.44 -4.80
N ASN L 188 -48.60 16.89 -3.58
CA ASN L 188 -48.67 18.30 -3.23
C ASN L 188 -49.61 19.07 -4.17
N GLN L 189 -50.81 18.55 -4.33
CA GLN L 189 -51.84 19.06 -5.24
C GLN L 189 -53.20 18.74 -4.60
N HIS L 190 -54.10 19.73 -4.60
CA HIS L 190 -55.46 19.47 -4.24
C HIS L 190 -56.23 19.06 -5.48
N GLU L 191 -56.05 17.79 -5.86
CA GLU L 191 -56.51 17.31 -7.17
C GLU L 191 -57.83 16.60 -6.97
N SER L 192 -58.93 17.37 -6.91
CA SER L 192 -60.23 16.78 -6.56
C SER L 192 -60.62 15.63 -7.47
N GLY L 193 -60.32 15.71 -8.76
CA GLY L 193 -60.73 14.67 -9.69
C GLY L 193 -59.99 13.34 -9.65
N VAL L 194 -59.04 13.19 -8.77
CA VAL L 194 -58.30 11.95 -8.70
C VAL L 194 -59.10 10.77 -8.13
N LEU L 195 -60.11 11.06 -7.31
CA LEU L 195 -60.97 10.03 -6.74
C LEU L 195 -62.43 10.42 -6.81
N THR L 196 -63.32 9.45 -6.91
CA THR L 196 -64.75 9.66 -6.66
C THR L 196 -65.18 9.07 -5.31
N GLY L 197 -66.38 9.46 -4.87
CA GLY L 197 -66.95 9.06 -3.60
C GLY L 197 -66.45 9.90 -2.44
N LYS L 198 -66.06 11.11 -2.73
CA LYS L 198 -65.50 11.98 -1.74
C LYS L 198 -66.62 12.62 -0.90
N GLY L 199 -66.28 13.11 0.28
CA GLY L 199 -67.22 13.89 1.10
C GLY L 199 -67.67 15.23 0.49
N LEU L 200 -68.81 15.74 0.96
CA LEU L 200 -69.49 16.91 0.40
C LEU L 200 -68.67 18.22 0.52
N THR L 201 -67.88 18.37 1.57
CA THR L 201 -67.11 19.58 1.81
C THR L 201 -65.66 19.54 1.25
N TRP L 202 -65.29 18.46 0.54
CA TRP L 202 -63.97 18.31 -0.09
C TRP L 202 -64.07 17.61 -1.47
N GLY L 203 -65.03 18.04 -2.28
CA GLY L 203 -65.11 17.69 -3.70
C GLY L 203 -66.13 16.65 -4.09
N GLY L 204 -66.96 16.24 -3.15
CA GLY L 204 -67.98 15.20 -3.40
C GLY L 204 -69.21 15.73 -4.09
N SER L 205 -70.06 14.81 -4.52
CA SER L 205 -71.26 15.11 -5.26
C SER L 205 -72.45 14.55 -4.49
N LEU L 206 -73.53 15.32 -4.48
CA LEU L 206 -74.85 14.87 -4.03
C LEU L 206 -75.40 13.74 -4.90
N VAL L 207 -76.43 13.07 -4.38
CA VAL L 207 -77.09 11.94 -5.07
C VAL L 207 -76.25 10.64 -5.16
N ARG L 208 -75.00 10.65 -4.70
CA ARG L 208 -74.14 9.48 -4.71
C ARG L 208 -74.81 8.27 -4.07
N THR L 209 -75.25 8.44 -2.82
CA THR L 209 -75.84 7.37 -2.00
C THR L 209 -77.11 6.81 -2.67
N GLU L 210 -77.90 7.72 -3.22
CA GLU L 210 -79.20 7.38 -3.82
C GLU L 210 -79.11 6.78 -5.24
N ALA L 211 -77.96 6.94 -5.87
CA ALA L 211 -77.87 6.82 -7.32
C ALA L 211 -78.23 5.45 -7.91
N THR L 212 -77.64 4.38 -7.38
CA THR L 212 -77.86 3.07 -7.97
C THR L 212 -79.36 2.71 -7.89
N GLY L 213 -79.93 2.78 -6.70
CA GLY L 213 -81.38 2.60 -6.58
C GLY L 213 -82.25 3.54 -7.44
N TYR L 214 -82.05 4.84 -7.34
CA TYR L 214 -82.77 5.77 -8.24
C TYR L 214 -82.66 5.37 -9.71
N GLY L 215 -81.47 5.02 -10.15
CA GLY L 215 -81.24 4.79 -11.57
C GLY L 215 -81.94 3.58 -12.10
N CYS L 216 -82.03 2.57 -11.24
CA CYS L 216 -82.76 1.36 -11.48
C CYS L 216 -84.26 1.64 -11.80
N VAL L 217 -84.84 2.49 -10.97
CA VAL L 217 -86.21 2.95 -11.12
C VAL L 217 -86.36 3.81 -12.37
N TYR L 218 -85.40 4.70 -12.64
CA TYR L 218 -85.44 5.44 -13.91
C TYR L 218 -85.35 4.52 -15.14
N PHE L 219 -84.47 3.52 -15.11
CA PHE L 219 -84.39 2.55 -16.18
C PHE L 219 -85.70 1.80 -16.41
N VAL L 220 -86.28 1.28 -15.34
CA VAL L 220 -87.49 0.48 -15.49
C VAL L 220 -88.66 1.38 -15.93
N SER L 221 -88.67 2.63 -15.47
CA SER L 221 -89.61 3.64 -15.90
C SER L 221 -89.62 3.80 -17.43
N GLU L 222 -88.46 3.79 -18.08
CA GLU L 222 -88.38 3.84 -19.57
C GLU L 222 -88.88 2.56 -20.21
N MET L 223 -88.46 1.40 -19.71
CA MET L 223 -89.02 0.12 -20.14
C MET L 223 -90.56 0.15 -20.14
N ILE L 224 -91.14 0.79 -19.12
CA ILE L 224 -92.60 0.82 -18.92
C ILE L 224 -93.29 1.72 -19.95
N LYS L 225 -92.83 2.97 -20.06
CA LYS L 225 -93.24 3.91 -21.13
C LYS L 225 -93.14 3.37 -22.56
N ALA L 226 -92.14 2.52 -22.80
CA ALA L 226 -91.89 1.96 -24.13
C ALA L 226 -92.90 0.89 -24.50
N LYS L 227 -93.54 0.28 -23.51
CA LYS L 227 -94.70 -0.58 -23.74
C LYS L 227 -96.03 0.18 -23.52
N GLY L 228 -96.01 1.50 -23.65
CA GLY L 228 -97.16 2.40 -23.44
C GLY L 228 -97.87 2.39 -22.09
N GLU L 229 -97.12 2.43 -20.99
CA GLU L 229 -97.73 2.52 -19.65
C GLU L 229 -97.03 3.61 -18.82
N SER L 230 -97.43 3.70 -17.56
CA SER L 230 -96.85 4.63 -16.62
C SER L 230 -96.43 3.89 -15.37
N ILE L 231 -95.36 4.35 -14.72
CA ILE L 231 -94.94 3.72 -13.49
C ILE L 231 -95.93 4.03 -12.34
N SER L 232 -96.45 5.26 -12.34
CA SER L 232 -97.50 5.70 -11.39
C SER L 232 -98.61 4.65 -11.34
N GLY L 233 -98.98 4.27 -10.12
CA GLY L 233 -100.05 3.31 -9.87
C GLY L 233 -99.64 1.85 -9.90
N GLN L 234 -98.37 1.55 -10.25
CA GLN L 234 -97.95 0.15 -10.32
C GLN L 234 -97.60 -0.44 -8.95
N LYS L 235 -97.59 -1.76 -8.89
CA LYS L 235 -97.24 -2.51 -7.69
C LYS L 235 -95.87 -3.12 -7.95
N ILE L 236 -94.91 -2.88 -7.07
CA ILE L 236 -93.50 -3.20 -7.37
C ILE L 236 -92.93 -3.96 -6.20
N ILE L 237 -92.25 -5.07 -6.49
CA ILE L 237 -91.50 -5.80 -5.48
C ILE L 237 -90.07 -5.29 -5.56
N VAL L 238 -89.53 -4.89 -4.42
CA VAL L 238 -88.10 -4.64 -4.31
C VAL L 238 -87.47 -5.57 -3.26
N SER L 239 -86.89 -6.67 -3.70
CA SER L 239 -85.99 -7.39 -2.78
C SER L 239 -84.74 -6.50 -2.76
N GLY L 240 -83.94 -6.40 -1.72
CA GLY L 240 -84.19 -6.81 -0.40
C GLY L 240 -84.20 -5.49 0.32
N SER L 241 -83.10 -5.14 0.98
CA SER L 241 -83.00 -3.93 1.81
C SER L 241 -81.58 -3.43 1.57
N GLY L 242 -80.97 -2.63 2.40
CA GLY L 242 -79.63 -2.18 1.89
C GLY L 242 -79.72 -1.00 0.94
N ASN L 243 -78.55 -0.60 0.46
CA ASN L 243 -78.36 0.70 -0.18
C ASN L 243 -79.16 0.85 -1.46
N VAL L 244 -79.11 -0.19 -2.31
CA VAL L 244 -79.80 -0.14 -3.59
C VAL L 244 -81.33 -0.20 -3.41
N ALA L 245 -81.79 -1.21 -2.69
CA ALA L 245 -83.25 -1.38 -2.48
C ALA L 245 -83.86 -0.15 -1.77
N THR L 246 -83.13 0.41 -0.81
CA THR L 246 -83.68 1.52 -0.04
C THR L 246 -84.10 2.65 -0.95
N TYR L 247 -83.16 3.06 -1.79
CA TYR L 247 -83.39 4.24 -2.60
C TYR L 247 -84.18 3.93 -3.86
N ALA L 248 -84.23 2.65 -4.25
CA ALA L 248 -85.18 2.16 -5.22
C ALA L 248 -86.64 2.29 -4.74
N ILE L 249 -86.89 1.98 -3.47
CA ILE L 249 -88.23 2.12 -2.91
C ILE L 249 -88.60 3.61 -2.76
N GLU L 250 -87.66 4.42 -2.27
CA GLU L 250 -87.87 5.86 -2.19
C GLU L 250 -88.22 6.46 -3.56
N LYS L 251 -87.43 6.23 -4.60
CA LYS L 251 -87.72 6.84 -5.91
C LYS L 251 -88.99 6.24 -6.47
N ALA L 252 -89.11 4.92 -6.46
CA ALA L 252 -90.33 4.29 -6.98
C ALA L 252 -91.64 4.87 -6.40
N GLN L 253 -91.64 5.21 -5.09
CA GLN L 253 -92.82 5.77 -4.43
C GLN L 253 -93.03 7.27 -4.66
N GLU L 254 -91.95 8.04 -4.78
CA GLU L 254 -92.00 9.44 -5.23
C GLU L 254 -92.64 9.57 -6.61
N LEU L 255 -92.57 8.50 -7.40
CA LEU L 255 -93.15 8.44 -8.75
C LEU L 255 -94.53 7.74 -8.78
N GLY L 256 -95.11 7.55 -7.59
CA GLY L 256 -96.50 7.07 -7.43
C GLY L 256 -96.77 5.59 -7.57
N ALA L 257 -95.74 4.77 -7.57
CA ALA L 257 -95.93 3.35 -7.45
C ALA L 257 -96.03 2.97 -5.98
N THR L 258 -96.41 1.74 -5.73
CA THR L 258 -96.55 1.18 -4.40
C THR L 258 -95.62 -0.01 -4.39
N VAL L 259 -94.65 0.01 -3.50
CA VAL L 259 -93.77 -1.12 -3.25
C VAL L 259 -94.46 -2.07 -2.24
N ILE L 260 -94.73 -3.29 -2.69
CA ILE L 260 -95.52 -4.21 -1.93
C ILE L 260 -94.63 -5.19 -1.17
N GLY L 261 -93.31 -5.14 -1.40
CA GLY L 261 -92.40 -6.06 -0.71
C GLY L 261 -90.93 -5.67 -0.68
N PHE L 262 -90.24 -6.11 0.38
CA PHE L 262 -88.79 -6.07 0.51
C PHE L 262 -88.24 -7.20 1.39
N SER L 263 -86.93 -7.28 1.59
CA SER L 263 -86.34 -8.50 2.23
C SER L 263 -84.94 -8.32 2.73
N ASP L 264 -84.53 -9.21 3.62
CA ASP L 264 -83.12 -9.44 3.96
C ASP L 264 -82.87 -10.94 3.81
N SER L 265 -81.65 -11.35 4.10
CA SER L 265 -81.25 -12.76 3.93
C SER L 265 -82.02 -13.71 4.84
N SER L 266 -82.69 -13.21 5.87
CA SER L 266 -83.54 -14.07 6.73
C SER L 266 -85.00 -14.24 6.34
N GLY L 267 -85.57 -13.27 5.64
CA GLY L 267 -86.98 -13.38 5.22
C GLY L 267 -87.49 -12.12 4.61
N TRP L 268 -88.75 -12.09 4.28
CA TRP L 268 -89.31 -10.96 3.55
C TRP L 268 -90.52 -10.41 4.21
N VAL L 269 -90.83 -9.18 3.84
CA VAL L 269 -91.94 -8.44 4.41
C VAL L 269 -92.93 -8.10 3.32
N HIS L 270 -94.21 -8.35 3.60
CA HIS L 270 -95.31 -7.95 2.71
C HIS L 270 -95.84 -6.64 3.20
N THR L 271 -95.83 -5.64 2.33
CA THR L 271 -96.24 -4.29 2.71
C THR L 271 -97.32 -3.80 1.71
N PRO L 272 -98.54 -4.36 1.81
CA PRO L 272 -99.60 -4.20 0.79
C PRO L 272 -99.88 -2.78 0.34
N ASN L 273 -99.80 -1.84 1.26
CA ASN L 273 -99.93 -0.41 0.93
C ASN L 273 -98.62 0.31 1.06
N GLY L 274 -97.53 -0.43 1.25
CA GLY L 274 -96.34 0.02 2.07
C GLY L 274 -95.57 0.91 1.15
N VAL L 275 -94.36 1.38 1.47
CA VAL L 275 -93.38 1.01 2.45
C VAL L 275 -93.15 2.36 3.12
N ASP L 276 -92.96 2.38 4.43
CA ASP L 276 -92.56 3.58 5.13
C ASP L 276 -91.01 3.65 5.10
N VAL L 277 -90.43 4.52 4.29
CA VAL L 277 -88.99 4.52 4.00
C VAL L 277 -88.12 4.90 5.20
N ALA L 278 -88.53 5.96 5.92
CA ALA L 278 -87.86 6.45 7.13
C ALA L 278 -87.86 5.39 8.28
N LYS L 279 -88.92 4.60 8.37
CA LYS L 279 -89.00 3.51 9.33
C LYS L 279 -88.08 2.38 8.95
N LEU L 280 -88.05 2.05 7.65
CA LEU L 280 -87.10 1.07 7.13
C LEU L 280 -85.67 1.49 7.43
N ARG L 281 -85.40 2.78 7.26
CA ARG L 281 -84.06 3.32 7.44
C ARG L 281 -83.62 3.29 8.88
N GLU L 282 -84.54 3.61 9.80
CA GLU L 282 -84.29 3.49 11.26
C GLU L 282 -83.97 2.04 11.64
N ILE L 283 -84.67 1.11 11.04
CA ILE L 283 -84.50 -0.28 11.32
C ILE L 283 -83.20 -0.79 10.78
N LYS L 284 -82.90 -0.46 9.55
CA LYS L 284 -81.67 -0.89 8.90
C LYS L 284 -80.42 -0.12 9.26
N GLU L 285 -80.49 1.21 9.45
CA GLU L 285 -79.28 2.04 9.63
C GLU L 285 -78.96 2.39 11.10
N VAL L 286 -79.99 2.68 11.90
CA VAL L 286 -79.80 3.14 13.25
C VAL L 286 -79.82 1.92 14.19
N ARG L 287 -80.84 1.08 14.08
CA ARG L 287 -80.96 -0.10 14.95
C ARG L 287 -80.22 -1.33 14.41
N ARG L 288 -79.94 -1.36 13.11
CA ARG L 288 -79.20 -2.44 12.48
C ARG L 288 -79.90 -3.79 12.64
N ALA L 289 -81.22 -3.75 12.63
CA ALA L 289 -82.02 -4.92 12.98
C ALA L 289 -82.55 -5.66 11.76
N ARG L 290 -83.11 -6.83 12.00
CA ARG L 290 -83.69 -7.65 10.96
C ARG L 290 -85.01 -7.04 10.47
N VAL L 291 -85.37 -7.29 9.20
CA VAL L 291 -86.58 -6.67 8.65
C VAL L 291 -87.85 -7.19 9.34
N SER L 292 -87.75 -8.33 10.04
CA SER L 292 -88.78 -8.84 10.96
C SER L 292 -89.28 -7.83 11.98
N VAL L 293 -88.39 -6.98 12.46
CA VAL L 293 -88.70 -5.94 13.45
C VAL L 293 -89.52 -4.80 12.78
N TYR L 294 -89.31 -4.55 11.48
CA TYR L 294 -90.18 -3.59 10.74
C TYR L 294 -91.59 -4.07 10.76
N ALA L 295 -91.79 -5.34 10.41
CA ALA L 295 -93.15 -5.91 10.40
C ALA L 295 -93.83 -5.85 11.78
N ASP L 296 -93.05 -6.17 12.82
CA ASP L 296 -93.52 -6.09 14.21
C ASP L 296 -94.09 -4.77 14.60
N GLU L 297 -93.40 -3.70 14.21
CA GLU L 297 -93.73 -2.38 14.66
C GLU L 297 -94.68 -1.60 13.74
N VAL L 298 -94.98 -2.14 12.55
CA VAL L 298 -95.71 -1.42 11.50
C VAL L 298 -96.96 -2.23 11.11
N GLU L 299 -98.13 -1.64 11.36
CA GLU L 299 -99.43 -2.22 10.96
C GLU L 299 -99.66 -1.84 9.50
N GLY L 300 -100.15 -2.72 8.61
CA GLY L 300 -100.16 -4.14 8.73
C GLY L 300 -99.19 -4.57 7.63
N ALA L 301 -97.91 -4.42 7.97
CA ALA L 301 -96.84 -5.15 7.31
C ALA L 301 -96.71 -6.48 8.03
N THR L 302 -96.53 -7.56 7.27
CA THR L 302 -96.35 -8.92 7.81
C THR L 302 -95.01 -9.54 7.44
N TYR L 303 -94.31 -10.14 8.41
CA TYR L 303 -93.05 -10.88 8.18
C TYR L 303 -93.39 -12.26 7.66
N HIS L 304 -92.54 -12.81 6.82
CA HIS L 304 -92.71 -14.15 6.22
C HIS L 304 -91.32 -14.79 6.13
N THR L 305 -91.24 -16.06 6.48
CA THR L 305 -90.02 -16.85 6.32
C THR L 305 -90.35 -18.07 5.47
N ASP L 306 -91.48 -18.01 4.77
CA ASP L 306 -92.21 -19.23 4.35
C ASP L 306 -91.80 -19.70 2.98
N GLY L 307 -91.96 -18.82 2.01
CA GLY L 307 -91.73 -19.14 0.60
C GLY L 307 -90.88 -18.02 0.05
N SER L 308 -91.37 -17.36 -0.98
CA SER L 308 -90.57 -16.37 -1.67
C SER L 308 -91.25 -15.01 -1.68
N ILE L 309 -90.46 -13.94 -1.61
CA ILE L 309 -90.95 -12.60 -1.92
C ILE L 309 -91.55 -12.53 -3.37
N TRP L 310 -91.04 -13.40 -4.26
CA TRP L 310 -91.51 -13.46 -5.65
C TRP L 310 -92.90 -14.15 -5.83
N ASP L 311 -93.43 -14.74 -4.77
CA ASP L 311 -94.78 -15.31 -4.80
C ASP L 311 -95.83 -14.21 -4.78
N LEU L 312 -95.44 -13.00 -4.37
CA LEU L 312 -96.29 -11.82 -4.51
C LEU L 312 -96.68 -11.51 -5.95
N LYS L 313 -97.81 -10.82 -6.03
CA LYS L 313 -98.47 -10.48 -7.26
C LYS L 313 -98.10 -9.04 -7.51
N CYS L 314 -97.28 -8.82 -8.51
CA CYS L 314 -96.83 -7.46 -8.85
C CYS L 314 -96.92 -7.19 -10.34
N ASP L 315 -96.75 -5.92 -10.68
CA ASP L 315 -96.54 -5.50 -12.07
C ASP L 315 -95.05 -5.54 -12.50
N ILE L 316 -94.16 -5.26 -11.54
CA ILE L 316 -92.74 -4.98 -11.76
C ILE L 316 -91.90 -5.60 -10.62
N ALA L 317 -90.90 -6.43 -10.97
CA ALA L 317 -89.88 -6.90 -10.02
C ALA L 317 -88.56 -6.10 -10.14
N LEU L 318 -88.04 -5.63 -8.99
CA LEU L 318 -86.72 -5.01 -8.89
C LEU L 318 -85.85 -5.81 -7.90
N PRO L 319 -85.21 -6.86 -8.40
CA PRO L 319 -84.32 -7.59 -7.48
C PRO L 319 -83.06 -6.78 -7.18
N CYS L 320 -82.93 -6.34 -5.91
CA CYS L 320 -81.77 -5.58 -5.41
C CYS L 320 -81.14 -6.16 -4.15
N ALA L 321 -81.15 -7.48 -4.02
CA ALA L 321 -80.52 -8.13 -2.85
C ALA L 321 -79.13 -8.63 -3.20
N THR L 322 -79.05 -9.67 -4.01
CA THR L 322 -77.76 -10.32 -4.36
C THR L 322 -77.87 -11.13 -5.64
N GLN L 323 -76.71 -11.61 -6.07
CA GLN L 323 -76.59 -12.49 -7.21
C GLN L 323 -77.35 -13.79 -7.00
N ASN L 324 -77.99 -14.27 -8.06
CA ASN L 324 -78.73 -15.54 -8.08
C ASN L 324 -79.95 -15.58 -7.14
N GLU L 325 -80.51 -14.44 -6.77
CA GLU L 325 -81.68 -14.41 -5.88
C GLU L 325 -83.02 -14.73 -6.57
N LEU L 326 -83.06 -14.58 -7.90
CA LEU L 326 -84.31 -14.81 -8.67
C LEU L 326 -84.11 -15.93 -9.68
N ASN L 327 -84.56 -17.13 -9.33
CA ASN L 327 -84.31 -18.34 -10.12
C ASN L 327 -85.40 -18.64 -11.14
N GLY L 328 -85.25 -19.76 -11.86
CA GLY L 328 -86.21 -20.24 -12.87
C GLY L 328 -87.64 -20.44 -12.36
N GLU L 329 -87.76 -21.04 -11.19
CA GLU L 329 -89.07 -21.31 -10.61
C GLU L 329 -89.74 -20.01 -10.19
N ASN L 330 -88.96 -19.16 -9.52
CA ASN L 330 -89.39 -17.79 -9.19
C ASN L 330 -89.91 -17.00 -10.42
N ALA L 331 -89.23 -17.13 -11.55
CA ALA L 331 -89.59 -16.37 -12.77
C ALA L 331 -90.91 -16.83 -13.34
N LYS L 332 -91.07 -18.16 -13.41
CA LYS L 332 -92.34 -18.85 -13.67
C LYS L 332 -93.50 -18.23 -12.87
N THR L 333 -93.26 -18.07 -11.57
CA THR L 333 -94.28 -17.60 -10.61
C THR L 333 -94.71 -16.11 -10.85
N LEU L 334 -93.71 -15.25 -11.05
CA LEU L 334 -93.95 -13.83 -11.34
C LEU L 334 -94.78 -13.73 -12.59
N ALA L 335 -94.36 -14.48 -13.62
CA ALA L 335 -95.05 -14.48 -14.91
C ALA L 335 -96.51 -14.93 -14.74
N ASP L 336 -96.71 -16.09 -14.09
CA ASP L 336 -98.09 -16.55 -13.74
C ASP L 336 -99.00 -15.46 -13.12
N ASN L 337 -98.44 -14.61 -12.24
CA ASN L 337 -99.24 -13.58 -11.55
C ASN L 337 -99.34 -12.23 -12.28
N GLY L 338 -98.86 -12.18 -13.52
CA GLY L 338 -98.99 -10.98 -14.35
C GLY L 338 -97.88 -9.95 -14.22
N CYS L 339 -96.69 -10.37 -13.76
CA CYS L 339 -95.49 -9.53 -13.78
C CYS L 339 -95.07 -9.26 -15.22
N ARG L 340 -94.99 -7.99 -15.59
CA ARG L 340 -94.67 -7.65 -16.97
C ARG L 340 -93.26 -7.09 -17.17
N PHE L 341 -92.62 -6.64 -16.10
CA PHE L 341 -91.33 -5.95 -16.19
C PHE L 341 -90.41 -6.39 -15.04
N VAL L 342 -89.13 -6.60 -15.35
CA VAL L 342 -88.08 -6.91 -14.38
C VAL L 342 -86.84 -6.05 -14.72
N ALA L 343 -86.33 -5.29 -13.75
CA ALA L 343 -85.03 -4.63 -13.91
C ALA L 343 -84.13 -4.83 -12.71
N GLU L 344 -82.85 -5.07 -12.98
CA GLU L 344 -81.89 -5.47 -11.94
C GLU L 344 -81.16 -4.30 -11.27
N GLY L 345 -81.30 -4.22 -9.95
CA GLY L 345 -80.57 -3.27 -9.14
C GLY L 345 -79.33 -3.92 -8.53
N ALA L 346 -79.44 -5.18 -8.17
CA ALA L 346 -78.28 -5.89 -7.65
C ALA L 346 -77.39 -6.31 -8.84
N ASN L 347 -76.33 -7.06 -8.51
CA ASN L 347 -75.41 -7.62 -9.47
C ASN L 347 -75.80 -9.06 -9.80
N MET L 348 -76.36 -9.23 -10.99
CA MET L 348 -76.73 -10.53 -11.57
C MET L 348 -77.76 -11.33 -10.76
N PRO L 349 -78.83 -10.66 -10.28
CA PRO L 349 -79.80 -11.36 -9.44
C PRO L 349 -80.54 -12.49 -10.13
N SER L 350 -80.95 -12.26 -11.37
CA SER L 350 -81.72 -13.24 -12.11
C SER L 350 -80.83 -14.34 -12.74
N THR L 351 -81.19 -15.61 -12.51
CA THR L 351 -80.39 -16.75 -13.02
C THR L 351 -80.53 -16.90 -14.55
N PRO L 352 -79.54 -17.54 -15.22
CA PRO L 352 -79.69 -17.83 -16.67
C PRO L 352 -81.05 -18.48 -17.00
N GLU L 353 -81.40 -19.51 -16.22
CA GLU L 353 -82.71 -20.18 -16.30
C GLU L 353 -83.84 -19.15 -16.30
N ALA L 354 -83.75 -18.21 -15.36
CA ALA L 354 -84.79 -17.21 -15.17
C ALA L 354 -84.93 -16.24 -16.32
N VAL L 355 -83.82 -15.91 -16.95
CA VAL L 355 -83.79 -14.97 -18.07
C VAL L 355 -84.38 -15.68 -19.32
N GLU L 356 -84.09 -16.97 -19.47
CA GLU L 356 -84.74 -17.76 -20.52
C GLU L 356 -86.26 -17.69 -20.28
N VAL L 357 -86.71 -17.94 -19.03
CA VAL L 357 -88.15 -17.86 -18.69
C VAL L 357 -88.81 -16.49 -19.00
N PHE L 358 -88.12 -15.37 -18.71
CA PHE L 358 -88.63 -14.02 -19.02
C PHE L 358 -88.84 -13.81 -20.53
N ARG L 359 -88.01 -14.48 -21.34
CA ARG L 359 -88.12 -14.41 -22.79
C ARG L 359 -89.32 -15.26 -23.28
N GLU L 360 -89.34 -16.54 -22.92
CA GLU L 360 -90.44 -17.47 -23.36
C GLU L 360 -91.83 -17.09 -22.84
N ARG L 361 -91.88 -16.42 -21.68
CA ARG L 361 -93.07 -15.68 -21.25
C ARG L 361 -92.88 -14.29 -21.86
N ASP L 362 -93.71 -13.28 -21.66
CA ASP L 362 -93.45 -12.00 -22.42
C ASP L 362 -93.00 -10.85 -21.50
N ILE L 363 -91.91 -11.10 -20.80
CA ILE L 363 -91.41 -10.20 -19.73
C ILE L 363 -90.26 -9.30 -20.23
N ARG L 364 -90.43 -8.00 -20.08
CA ARG L 364 -89.38 -7.07 -20.44
C ARG L 364 -88.30 -7.07 -19.37
N PHE L 365 -87.04 -7.12 -19.79
CA PHE L 365 -85.95 -7.36 -18.88
C PHE L 365 -84.80 -6.34 -18.98
N GLY L 366 -84.65 -5.55 -17.93
CA GLY L 366 -83.56 -4.60 -17.77
C GLY L 366 -82.38 -5.27 -17.05
N PRO L 367 -81.33 -5.63 -17.81
CA PRO L 367 -80.19 -6.26 -17.14
C PRO L 367 -79.43 -5.26 -16.26
N GLY L 368 -78.78 -5.80 -15.23
CA GLY L 368 -77.99 -5.05 -14.29
C GLY L 368 -76.94 -4.15 -14.92
N LYS L 369 -76.22 -4.67 -15.92
CA LYS L 369 -75.14 -3.85 -16.48
C LYS L 369 -75.66 -2.49 -17.02
N ALA L 370 -76.94 -2.43 -17.41
CA ALA L 370 -77.63 -1.14 -17.72
C ALA L 370 -78.40 -0.54 -16.53
N ALA L 371 -79.33 -1.30 -15.94
CA ALA L 371 -80.22 -0.75 -14.89
C ALA L 371 -79.52 -0.25 -13.61
N ASN L 372 -78.42 -0.91 -13.25
CA ASN L 372 -77.75 -0.55 -11.98
C ASN L 372 -76.55 0.38 -12.16
N ALA L 373 -76.41 0.93 -13.38
CA ALA L 373 -75.31 1.81 -13.77
C ALA L 373 -75.35 3.22 -13.18
N GLY L 374 -76.41 3.57 -12.45
CA GLY L 374 -76.57 4.86 -11.75
C GLY L 374 -75.42 5.34 -10.87
N GLY L 375 -74.82 4.42 -10.11
CA GLY L 375 -73.66 4.71 -9.23
C GLY L 375 -72.46 5.22 -10.03
N VAL L 376 -72.07 4.42 -11.02
CA VAL L 376 -70.96 4.76 -11.90
C VAL L 376 -71.21 6.01 -12.75
N ALA L 377 -72.42 6.19 -13.29
CA ALA L 377 -72.78 7.49 -13.87
C ALA L 377 -72.62 8.67 -12.90
N THR L 378 -73.10 8.55 -11.66
CA THR L 378 -72.95 9.63 -10.70
C THR L 378 -71.49 9.86 -10.29
N SER L 379 -70.65 8.84 -10.34
CA SER L 379 -69.21 9.02 -10.18
C SER L 379 -68.63 9.82 -11.33
N ALA L 380 -69.12 9.58 -12.54
CA ALA L 380 -68.76 10.43 -13.66
C ALA L 380 -69.27 11.87 -13.50
N LEU L 381 -70.45 12.03 -12.92
CA LEU L 381 -70.94 13.35 -12.61
C LEU L 381 -70.07 14.09 -11.58
N GLU L 382 -69.50 13.35 -10.61
CA GLU L 382 -68.56 13.95 -9.64
C GLU L 382 -67.27 14.43 -10.34
N MET L 383 -66.71 13.63 -11.25
CA MET L 383 -65.55 14.05 -12.05
C MET L 383 -65.82 15.37 -12.81
N GLN L 384 -67.02 15.44 -13.41
CA GLN L 384 -67.45 16.62 -14.17
C GLN L 384 -67.54 17.84 -13.28
N GLN L 385 -68.15 17.66 -12.10
CA GLN L 385 -68.27 18.73 -11.17
C GLN L 385 -66.88 19.19 -10.70
N ASN L 386 -65.95 18.25 -10.49
CA ASN L 386 -64.60 18.63 -10.11
C ASN L 386 -63.88 19.39 -11.22
N ALA L 387 -63.96 18.93 -12.48
CA ALA L 387 -63.29 19.66 -13.59
C ALA L 387 -63.74 21.09 -13.75
N SER L 388 -65.02 21.35 -13.45
CA SER L 388 -65.62 22.69 -13.49
C SER L 388 -65.48 23.45 -12.21
N ARG L 389 -64.90 22.84 -11.16
CA ARG L 389 -64.90 23.41 -9.81
C ARG L 389 -66.30 23.82 -9.33
N ASP L 390 -67.29 23.02 -9.72
CA ASP L 390 -68.68 23.34 -9.45
C ASP L 390 -69.22 22.37 -8.41
N SER L 391 -70.33 22.74 -7.80
CA SER L 391 -71.02 21.86 -6.88
C SER L 391 -72.53 21.98 -7.13
N TRP L 392 -73.13 20.94 -7.67
CA TRP L 392 -74.52 20.99 -8.09
C TRP L 392 -75.46 20.68 -6.92
N SER L 393 -76.67 21.23 -6.93
CA SER L 393 -77.72 20.82 -6.00
C SER L 393 -78.13 19.38 -6.26
N PHE L 394 -78.81 18.78 -5.28
CA PHE L 394 -79.53 17.47 -5.43
C PHE L 394 -80.49 17.39 -6.62
N GLU L 395 -81.28 18.44 -6.81
CA GLU L 395 -82.32 18.51 -7.88
C GLU L 395 -81.61 18.37 -9.21
N TYR L 396 -80.64 19.26 -9.47
CA TYR L 396 -79.94 19.31 -10.75
C TYR L 396 -79.28 17.96 -11.10
N THR L 397 -78.55 17.40 -10.13
CA THR L 397 -77.78 16.15 -10.31
C THR L 397 -78.69 14.98 -10.58
N ASP L 398 -79.74 14.88 -9.76
CA ASP L 398 -80.78 13.86 -9.95
C ASP L 398 -81.44 13.95 -11.34
N GLU L 399 -81.79 15.16 -11.78
CA GLU L 399 -82.31 15.35 -13.14
C GLU L 399 -81.33 14.86 -14.20
N ARG L 400 -80.06 15.22 -14.07
CA ARG L 400 -79.02 14.70 -14.96
C ARG L 400 -78.96 13.16 -14.98
N LEU L 401 -79.03 12.54 -13.81
CA LEU L 401 -78.96 11.10 -13.71
C LEU L 401 -80.12 10.48 -14.46
N GLN L 402 -81.31 11.03 -14.24
CA GLN L 402 -82.54 10.71 -15.01
C GLN L 402 -82.26 10.74 -16.51
N VAL L 403 -81.68 11.82 -17.01
CA VAL L 403 -81.37 11.92 -18.44
C VAL L 403 -80.45 10.75 -18.87
N ILE L 404 -79.41 10.49 -18.06
CA ILE L 404 -78.44 9.44 -18.40
C ILE L 404 -79.06 8.08 -18.51
N MET L 405 -79.90 7.74 -17.53
CA MET L 405 -80.50 6.43 -17.49
C MET L 405 -81.46 6.27 -18.67
N LYS L 406 -82.23 7.30 -18.99
CA LYS L 406 -83.03 7.33 -20.22
C LYS L 406 -82.17 7.10 -21.48
N ASN L 407 -81.07 7.83 -21.62
CA ASN L 407 -80.14 7.57 -22.75
C ASN L 407 -79.54 6.19 -22.78
N ILE L 408 -79.26 5.63 -21.62
CA ILE L 408 -78.80 4.24 -21.58
C ILE L 408 -79.91 3.32 -22.12
N PHE L 409 -81.16 3.55 -21.66
CA PHE L 409 -82.30 2.76 -22.16
C PHE L 409 -82.47 2.85 -23.66
N LYS L 410 -82.55 4.08 -24.17
CA LYS L 410 -82.63 4.36 -25.63
C LYS L 410 -81.52 3.64 -26.40
N THR L 411 -80.30 3.71 -25.87
CA THR L 411 -79.17 3.01 -26.48
C THR L 411 -79.37 1.48 -26.49
N CYS L 412 -79.88 0.91 -25.41
CA CYS L 412 -80.10 -0.54 -25.38
C CYS L 412 -81.25 -0.94 -26.34
N ALA L 413 -82.33 -0.17 -26.36
CA ALA L 413 -83.48 -0.49 -27.23
C ALA L 413 -83.19 -0.37 -28.75
N GLU L 414 -82.51 0.71 -29.15
CA GLU L 414 -82.20 0.95 -30.56
C GLU L 414 -81.18 -0.04 -31.07
N THR L 415 -80.17 -0.38 -30.28
CA THR L 415 -79.13 -1.23 -30.81
C THR L 415 -79.59 -2.69 -30.82
N ALA L 416 -80.38 -3.11 -29.83
CA ALA L 416 -81.04 -4.42 -29.91
C ALA L 416 -81.86 -4.57 -31.22
N ALA L 417 -82.59 -3.52 -31.59
CA ALA L 417 -83.44 -3.51 -32.79
C ALA L 417 -82.61 -3.47 -34.08
N GLU L 418 -81.65 -2.55 -34.17
CA GLU L 418 -80.67 -2.53 -35.27
C GLU L 418 -80.16 -3.93 -35.68
N TYR L 419 -79.98 -4.82 -34.69
CA TYR L 419 -79.53 -6.21 -34.93
C TYR L 419 -80.65 -7.30 -34.90
N GLY L 420 -81.91 -6.88 -35.05
CA GLY L 420 -83.02 -7.80 -35.17
C GLY L 420 -83.21 -8.67 -33.96
N HIS L 421 -83.19 -8.04 -32.78
CA HIS L 421 -83.47 -8.71 -31.48
C HIS L 421 -84.23 -7.68 -30.62
N GLU L 422 -85.36 -7.19 -31.11
CA GLU L 422 -85.75 -5.80 -30.85
C GLU L 422 -86.11 -5.31 -29.45
N ASN L 423 -86.51 -6.20 -28.55
CA ASN L 423 -86.69 -5.80 -27.12
C ASN L 423 -85.81 -6.57 -26.18
N ASP L 424 -84.74 -7.15 -26.71
CA ASP L 424 -83.82 -7.95 -25.93
C ASP L 424 -82.74 -6.93 -25.50
N TYR L 425 -82.97 -6.35 -24.32
CA TYR L 425 -82.10 -5.34 -23.80
C TYR L 425 -80.74 -5.88 -23.39
N VAL L 426 -80.64 -7.19 -23.09
CA VAL L 426 -79.33 -7.84 -22.82
C VAL L 426 -78.42 -7.69 -24.06
N VAL L 427 -78.96 -8.11 -25.21
CA VAL L 427 -78.26 -8.07 -26.49
C VAL L 427 -77.85 -6.63 -26.77
N GLY L 428 -78.81 -5.72 -26.57
CA GLY L 428 -78.61 -4.30 -26.78
C GLY L 428 -77.49 -3.67 -25.95
N ALA L 429 -77.50 -3.98 -24.65
CA ALA L 429 -76.54 -3.42 -23.71
C ALA L 429 -75.14 -3.97 -24.05
N ASN L 430 -75.09 -5.25 -24.36
CA ASN L 430 -73.84 -5.92 -24.69
C ASN L 430 -73.17 -5.40 -25.97
N ILE L 431 -73.94 -5.17 -27.04
CA ILE L 431 -73.40 -4.72 -28.32
C ILE L 431 -73.00 -3.24 -28.25
N ALA L 432 -73.89 -2.43 -27.70
CA ALA L 432 -73.64 -1.00 -27.55
C ALA L 432 -72.34 -0.69 -26.76
N GLY L 433 -72.14 -1.39 -25.64
CA GLY L 433 -70.95 -1.19 -24.78
C GLY L 433 -69.69 -1.57 -25.50
N PHE L 434 -69.73 -2.74 -26.14
CA PHE L 434 -68.67 -3.15 -27.02
C PHE L 434 -68.41 -2.16 -28.18
N LYS L 435 -69.45 -1.82 -28.96
CA LYS L 435 -69.25 -1.04 -30.21
C LYS L 435 -68.59 0.31 -29.93
N LYS L 436 -69.05 1.00 -28.91
CA LYS L 436 -68.49 2.32 -28.62
C LYS L 436 -66.97 2.28 -28.29
N VAL L 437 -66.54 1.23 -27.59
CA VAL L 437 -65.16 1.08 -27.20
C VAL L 437 -64.36 0.74 -28.46
N ALA L 438 -64.81 -0.22 -29.23
CA ALA L 438 -64.15 -0.56 -30.50
C ALA L 438 -64.01 0.61 -31.45
N ASP L 439 -65.08 1.39 -31.66
CA ASP L 439 -65.00 2.58 -32.50
C ASP L 439 -63.88 3.53 -32.07
N ALA L 440 -63.85 3.81 -30.77
CA ALA L 440 -62.85 4.69 -30.15
C ALA L 440 -61.42 4.12 -30.36
N MET L 441 -61.30 2.81 -30.18
CA MET L 441 -60.08 2.09 -30.39
C MET L 441 -59.61 2.10 -31.83
N LEU L 442 -60.50 1.92 -32.80
CA LEU L 442 -60.12 1.90 -34.23
C LEU L 442 -59.67 3.27 -34.70
N ALA L 443 -60.38 4.30 -34.26
CA ALA L 443 -60.00 5.68 -34.55
C ALA L 443 -58.61 6.11 -34.03
N GLN L 444 -58.23 5.62 -32.86
CA GLN L 444 -57.00 6.03 -32.15
C GLN L 444 -55.73 5.20 -32.48
N GLY L 445 -55.87 4.19 -33.32
CA GLY L 445 -54.74 3.50 -33.86
C GLY L 445 -54.24 2.40 -32.95
N VAL L 446 -53.19 1.73 -33.41
CA VAL L 446 -52.53 0.66 -32.66
C VAL L 446 -51.69 1.31 -31.58
N ILE L 447 -52.19 1.25 -30.37
CA ILE L 447 -51.55 1.74 -29.18
C ILE L 447 -51.76 0.61 -28.15
#